data_2Q4J
#
_entry.id   2Q4J
#
_cell.length_a   188.680
_cell.length_b   58.863
_cell.length_c   89.862
_cell.angle_alpha   90.000
_cell.angle_beta   100.400
_cell.angle_gamma   90.000
#
_symmetry.space_group_name_H-M   'C 1 2 1'
#
loop_
_entity.id
_entity.type
_entity.pdbx_description
1 polymer 'Probable UTP-glucose-1-phosphate uridylyltransferase 2'
2 water water
#
_entity_poly.entity_id   1
_entity_poly.type   'polypeptide(L)'
_entity_poly.pdbx_seq_one_letter_code
;MAATTENLPQLKSAVDGLTEMSESEKSGFISLVSRYLSGEAQHIEWSKIQTPTDEIVVPYEKMTPVSQDVAETKNLLDKL
VVLKLNGGLGTTMGCTGPKSVIEVRDGLTFLDLIVIQIENLNNKYGCKVPLVLMNSFNTHDDTHKIVEKYTNSNVDIHTF
NQSKYPRVVADEFVPWPSKGKTDKEGWYPPGHGDVFPALMNSGKLDTFLSQGKEYVFVANSDNLGAIVDLTILKHLIQNK
NEYCMEVTPKTLADVKGGTLISYEGKVQLLEIAQVPDEHVNEFKSIEKFKIFNTNNLWVNLKAIKKLVEADALKMEIIPN
PKEVDGVKVLQLETAAGAAIRFFDNAIGVNVPRSRFLPVKASSDLLLVQSDLYTLVDGFVTRNKARTNPSNPSIELGPEF
KKVATFLSRFKSIPSIVELDSLKVSGDVWFGSSIVLKGKVTVAAKSGVKLEIPDRAVVENKNINGPEDL
;
_entity_poly.pdbx_strand_id   A,B
#
# COMPACT_ATOMS: atom_id res chain seq x y z
N GLU A 6 -7.22 -24.17 32.46
CA GLU A 6 -7.09 -25.17 33.56
C GLU A 6 -8.08 -24.87 34.68
N ASN A 7 -9.20 -25.59 34.68
CA ASN A 7 -10.24 -25.43 35.69
C ASN A 7 -10.84 -24.03 35.62
N LEU A 8 -11.57 -23.60 36.64
CA LEU A 8 -12.17 -22.26 36.62
C LEU A 8 -12.75 -21.68 37.92
N PRO A 9 -13.30 -22.52 38.80
CA PRO A 9 -13.89 -22.02 40.05
C PRO A 9 -12.93 -21.31 41.01
N GLN A 10 -11.63 -21.57 40.86
CA GLN A 10 -10.64 -20.97 41.74
C GLN A 10 -10.81 -19.45 41.75
N LEU A 11 -10.40 -18.81 40.66
CA LEU A 11 -10.51 -17.35 40.55
C LEU A 11 -11.96 -16.95 40.82
N LYS A 12 -12.89 -17.85 40.55
CA LYS A 12 -14.29 -17.55 40.78
C LYS A 12 -14.62 -17.31 42.24
N SER A 13 -14.28 -18.25 43.11
CA SER A 13 -14.54 -18.08 44.54
C SER A 13 -13.70 -16.92 45.09
N ALA A 14 -12.52 -16.72 44.52
CA ALA A 14 -11.66 -15.64 44.98
C ALA A 14 -12.37 -14.30 44.78
N VAL A 15 -13.08 -14.16 43.67
CA VAL A 15 -13.81 -12.92 43.41
C VAL A 15 -15.09 -12.85 44.22
N ASP A 16 -15.95 -13.88 44.11
CA ASP A 16 -17.23 -13.89 44.84
C ASP A 16 -17.09 -13.50 46.33
N GLY A 17 -15.85 -13.56 46.82
CA GLY A 17 -15.56 -13.18 48.19
C GLY A 17 -15.30 -11.68 48.33
N LEU A 18 -15.30 -10.95 47.21
CA LEU A 18 -15.08 -9.51 47.23
C LEU A 18 -16.42 -8.85 47.51
N THR A 19 -16.63 -8.46 48.76
CA THR A 19 -17.88 -7.85 49.17
C THR A 19 -18.25 -6.60 48.40
N GLU A 20 -17.25 -5.85 47.95
CA GLU A 20 -17.53 -4.60 47.22
C GLU A 20 -18.35 -4.83 45.94
N MET A 21 -17.74 -5.44 44.94
CA MET A 21 -18.39 -5.70 43.66
C MET A 21 -19.85 -6.11 43.83
N SER A 22 -20.69 -5.66 42.92
CA SER A 22 -22.10 -6.02 42.93
C SER A 22 -22.20 -7.35 42.21
N GLU A 23 -23.42 -7.88 42.13
CA GLU A 23 -23.66 -9.14 41.47
C GLU A 23 -23.51 -8.96 39.96
N SER A 24 -23.84 -7.77 39.45
CA SER A 24 -23.72 -7.54 38.01
C SER A 24 -22.25 -7.34 37.64
N GLU A 25 -21.43 -6.97 38.62
CA GLU A 25 -20.01 -6.79 38.34
C GLU A 25 -19.20 -8.08 38.55
N LYS A 26 -19.50 -8.85 39.58
CA LYS A 26 -18.72 -10.06 39.83
C LYS A 26 -18.74 -11.11 38.72
N SER A 27 -19.93 -11.50 38.27
CA SER A 27 -20.03 -12.51 37.22
C SER A 27 -19.48 -11.93 35.91
N GLY A 28 -19.69 -10.64 35.68
CA GLY A 28 -19.18 -10.01 34.47
C GLY A 28 -17.67 -10.20 34.33
N PHE A 29 -16.92 -9.81 35.35
CA PHE A 29 -15.47 -9.96 35.32
C PHE A 29 -15.09 -11.37 34.89
N ILE A 30 -16.07 -12.25 34.93
CA ILE A 30 -15.87 -13.64 34.54
C ILE A 30 -15.69 -13.80 33.04
N SER A 31 -16.61 -13.22 32.27
CA SER A 31 -16.52 -13.32 30.82
C SER A 31 -15.10 -12.95 30.40
N LEU A 32 -14.63 -11.79 30.85
CA LEU A 32 -13.29 -11.33 30.51
C LEU A 32 -12.20 -12.30 30.96
N VAL A 33 -12.27 -12.75 32.20
CA VAL A 33 -11.27 -13.71 32.71
C VAL A 33 -11.48 -15.04 32.00
N SER A 34 -12.75 -15.42 31.84
CA SER A 34 -13.08 -16.66 31.16
C SER A 34 -12.44 -16.69 29.78
N ARG A 35 -12.75 -15.69 28.97
CA ARG A 35 -12.22 -15.59 27.62
C ARG A 35 -10.72 -15.41 27.61
N TYR A 36 -10.25 -14.32 28.23
CA TYR A 36 -8.81 -14.06 28.28
C TYR A 36 -8.05 -15.35 28.58
N LEU A 37 -8.63 -16.22 29.41
CA LEU A 37 -7.97 -17.47 29.73
C LEU A 37 -8.24 -18.55 28.67
N SER A 38 -9.27 -18.33 27.85
CA SER A 38 -9.63 -19.25 26.77
C SER A 38 -8.89 -18.91 25.47
N GLY A 39 -9.06 -17.68 25.02
CA GLY A 39 -8.46 -17.24 23.79
C GLY A 39 -9.55 -16.79 22.84
N ILE A 44 -8.40 -12.57 15.54
CA ILE A 44 -8.31 -12.02 14.17
C ILE A 44 -6.99 -12.35 13.47
N GLU A 45 -7.06 -13.36 12.60
CA GLU A 45 -5.92 -13.85 11.82
C GLU A 45 -5.59 -12.89 10.69
N TRP A 46 -4.30 -12.66 10.46
CA TRP A 46 -3.90 -11.74 9.41
C TRP A 46 -4.33 -12.08 7.99
N SER A 47 -4.10 -13.32 7.56
CA SER A 47 -4.46 -13.71 6.20
C SER A 47 -5.95 -13.69 5.83
N LYS A 48 -6.78 -13.02 6.63
CA LYS A 48 -8.22 -12.96 6.35
C LYS A 48 -8.82 -11.55 6.40
N ILE A 49 -7.98 -10.53 6.62
CA ILE A 49 -8.44 -9.15 6.70
C ILE A 49 -8.87 -8.58 5.34
N GLN A 50 -9.88 -7.71 5.36
CA GLN A 50 -10.39 -7.06 4.16
C GLN A 50 -10.80 -5.61 4.40
N THR A 51 -10.69 -4.78 3.37
CA THR A 51 -11.05 -3.36 3.44
C THR A 51 -12.53 -3.22 3.14
N PRO A 52 -13.29 -2.62 4.06
CA PRO A 52 -14.73 -2.43 3.84
C PRO A 52 -14.99 -1.56 2.62
N THR A 53 -16.25 -1.51 2.20
CA THR A 53 -16.64 -0.71 1.04
C THR A 53 -17.32 0.57 1.49
N ASP A 54 -17.77 1.38 0.52
CA ASP A 54 -18.47 2.60 0.86
C ASP A 54 -19.85 2.19 1.37
N GLU A 55 -20.31 1.01 0.96
CA GLU A 55 -21.61 0.50 1.37
C GLU A 55 -21.60 0.34 2.89
N ILE A 56 -20.40 0.16 3.45
CA ILE A 56 -20.23 0.01 4.88
C ILE A 56 -19.92 1.35 5.53
N VAL A 57 -18.94 2.06 4.99
CA VAL A 57 -18.59 3.36 5.52
C VAL A 57 -19.34 4.37 4.67
N VAL A 58 -20.33 5.02 5.26
CA VAL A 58 -21.15 5.98 4.53
C VAL A 58 -20.62 7.41 4.48
N PRO A 59 -20.41 7.95 3.27
CA PRO A 59 -19.92 9.32 3.12
C PRO A 59 -20.86 10.27 3.86
N TYR A 60 -20.31 11.00 4.83
CA TYR A 60 -21.12 11.95 5.57
C TYR A 60 -21.86 12.86 4.58
N GLU A 61 -21.09 13.60 3.78
CA GLU A 61 -21.62 14.53 2.78
C GLU A 61 -22.63 13.99 1.79
N LYS A 62 -22.93 12.69 1.86
CA LYS A 62 -23.90 12.14 0.92
C LYS A 62 -25.25 11.87 1.58
N MET A 63 -25.30 12.01 2.91
CA MET A 63 -26.53 11.76 3.65
C MET A 63 -27.55 12.89 3.55
N THR A 64 -28.83 12.53 3.65
CA THR A 64 -29.91 13.50 3.59
C THR A 64 -29.99 14.28 4.88
N PRO A 65 -29.90 15.62 4.79
CA PRO A 65 -29.98 16.38 6.04
C PRO A 65 -31.46 16.53 6.41
N VAL A 66 -31.72 17.15 7.56
CA VAL A 66 -33.11 17.35 7.96
C VAL A 66 -33.60 18.64 7.37
N SER A 67 -34.91 18.73 7.17
CA SER A 67 -35.47 19.94 6.63
C SER A 67 -35.56 20.95 7.78
N GLN A 68 -35.90 22.19 7.46
CA GLN A 68 -36.03 23.25 8.44
C GLN A 68 -37.25 23.00 9.33
N ASP A 69 -38.18 22.19 8.81
CA ASP A 69 -39.40 21.84 9.52
C ASP A 69 -39.05 21.29 10.90
N VAL A 70 -39.16 22.14 11.91
CA VAL A 70 -38.84 21.74 13.28
C VAL A 70 -39.58 20.50 13.76
N ALA A 71 -40.73 20.21 13.16
CA ALA A 71 -41.50 19.03 13.53
C ALA A 71 -40.66 17.78 13.26
N GLU A 72 -39.95 17.80 12.13
CA GLU A 72 -39.09 16.68 11.77
C GLU A 72 -37.93 16.58 12.74
N THR A 73 -37.34 17.73 13.08
CA THR A 73 -36.22 17.77 14.01
C THR A 73 -36.72 17.26 15.36
N LYS A 74 -37.86 17.77 15.80
CA LYS A 74 -38.43 17.35 17.07
C LYS A 74 -38.57 15.82 17.10
N ASN A 75 -39.24 15.27 16.08
CA ASN A 75 -39.44 13.83 16.00
C ASN A 75 -38.15 13.04 16.20
N LEU A 76 -37.08 13.46 15.53
CA LEU A 76 -35.79 12.78 15.65
C LEU A 76 -35.21 13.03 17.03
N LEU A 77 -35.07 14.29 17.38
CA LEU A 77 -34.52 14.63 18.69
C LEU A 77 -35.30 13.97 19.83
N ASP A 78 -36.51 13.49 19.53
CA ASP A 78 -37.34 12.80 20.51
C ASP A 78 -36.88 11.36 20.82
N LYS A 79 -36.20 10.76 19.86
CA LYS A 79 -35.72 9.38 20.01
C LYS A 79 -34.25 9.32 20.41
N LEU A 80 -33.67 10.46 20.74
CA LEU A 80 -32.24 10.50 21.07
C LEU A 80 -31.86 10.76 22.53
N VAL A 81 -30.82 10.06 23.01
CA VAL A 81 -30.34 10.31 24.36
C VAL A 81 -28.87 10.72 24.19
N VAL A 82 -28.39 11.61 25.04
CA VAL A 82 -27.00 12.04 24.98
C VAL A 82 -26.28 11.43 26.20
N LEU A 83 -25.29 10.59 25.93
CA LEU A 83 -24.51 9.92 26.96
C LEU A 83 -23.09 10.42 26.86
N LYS A 84 -22.43 10.61 27.99
CA LYS A 84 -21.05 11.02 27.97
C LYS A 84 -20.29 9.95 28.79
N LEU A 85 -19.13 9.51 28.31
CA LEU A 85 -18.31 8.53 29.05
C LEU A 85 -17.65 9.51 29.98
N ASN A 86 -17.88 9.34 31.27
CA ASN A 86 -17.33 10.27 32.26
C ASN A 86 -16.40 9.50 33.19
N GLY A 87 -15.82 8.43 32.64
CA GLY A 87 -14.89 7.60 33.41
C GLY A 87 -13.46 7.90 33.01
N GLY A 88 -12.84 8.85 33.70
CA GLY A 88 -11.45 9.20 33.41
C GLY A 88 -11.01 10.44 34.16
N LEU A 89 -9.86 10.35 34.83
CA LEU A 89 -9.31 11.49 35.56
C LEU A 89 -8.48 12.35 34.63
N GLY A 90 -8.03 13.51 35.11
CA GLY A 90 -7.22 14.37 34.28
C GLY A 90 -5.77 14.28 34.67
N THR A 91 -5.43 13.16 35.33
CA THR A 91 -4.07 12.96 35.80
C THR A 91 -3.03 13.09 34.67
N THR A 92 -3.38 12.68 33.46
CA THR A 92 -2.51 12.75 32.29
C THR A 92 -2.06 14.19 31.95
N MET A 93 -2.83 15.16 32.41
CA MET A 93 -2.56 16.57 32.16
C MET A 93 -2.18 17.30 33.45
N GLY A 94 -1.64 16.54 34.40
CA GLY A 94 -1.22 17.10 35.67
C GLY A 94 -2.33 17.80 36.42
N CYS A 95 -3.56 17.35 36.23
CA CYS A 95 -4.71 17.96 36.90
C CYS A 95 -5.48 16.96 37.75
N THR A 96 -5.94 17.40 38.92
CA THR A 96 -6.72 16.54 39.79
C THR A 96 -8.17 16.65 39.32
N GLY A 97 -8.97 15.62 39.55
CA GLY A 97 -10.37 15.66 39.13
C GLY A 97 -10.71 15.02 37.78
N PRO A 98 -12.02 14.94 37.45
CA PRO A 98 -12.46 14.35 36.18
C PRO A 98 -11.82 15.04 34.99
N LYS A 99 -11.58 14.28 33.93
CA LYS A 99 -11.00 14.83 32.73
C LYS A 99 -11.92 15.98 32.24
N SER A 100 -13.22 15.78 32.36
CA SER A 100 -14.20 16.79 31.92
C SER A 100 -14.29 18.06 32.77
N VAL A 101 -13.79 18.02 34.01
CA VAL A 101 -13.85 19.22 34.86
C VAL A 101 -12.77 20.23 34.52
N ILE A 102 -11.89 19.91 33.57
CA ILE A 102 -10.86 20.88 33.19
C ILE A 102 -11.59 22.05 32.53
N GLU A 103 -10.90 23.16 32.28
CA GLU A 103 -11.51 24.33 31.65
C GLU A 103 -11.08 24.45 30.20
N VAL A 104 -12.03 24.39 29.28
CA VAL A 104 -11.70 24.44 27.87
C VAL A 104 -11.32 25.84 27.40
N ARG A 105 -12.26 26.77 27.56
CA ARG A 105 -12.04 28.14 27.15
C ARG A 105 -13.01 29.01 27.95
N ASP A 106 -12.56 30.21 28.29
CA ASP A 106 -13.39 31.15 29.03
C ASP A 106 -13.98 30.65 30.35
N GLY A 107 -13.20 29.91 31.14
CA GLY A 107 -13.65 29.41 32.44
C GLY A 107 -14.69 28.29 32.49
N LEU A 108 -15.21 27.89 31.33
CA LEU A 108 -16.22 26.84 31.24
C LEU A 108 -15.56 25.46 31.10
N THR A 109 -16.06 24.46 31.82
CA THR A 109 -15.47 23.12 31.74
C THR A 109 -16.20 22.23 30.78
N PHE A 110 -15.59 21.08 30.50
CA PHE A 110 -16.20 20.14 29.59
C PHE A 110 -17.61 19.82 30.10
N LEU A 111 -17.78 19.52 31.38
CA LEU A 111 -19.14 19.24 31.80
C LEU A 111 -20.01 20.50 31.69
N ASP A 112 -19.36 21.67 31.81
CA ASP A 112 -20.07 22.94 31.69
C ASP A 112 -20.63 23.24 30.32
N LEU A 113 -19.85 22.99 29.25
CA LEU A 113 -20.34 23.22 27.89
C LEU A 113 -21.34 22.12 27.53
N ILE A 114 -21.09 20.93 28.06
CA ILE A 114 -21.98 19.84 27.76
C ILE A 114 -23.39 20.26 28.14
N VAL A 115 -23.59 20.69 29.39
CA VAL A 115 -24.92 21.09 29.80
C VAL A 115 -25.45 22.31 29.00
N ILE A 116 -24.53 23.06 28.40
CA ILE A 116 -24.91 24.23 27.61
C ILE A 116 -25.49 23.85 26.24
N GLN A 117 -24.74 23.12 25.43
CA GLN A 117 -25.17 22.70 24.09
C GLN A 117 -26.49 21.91 24.07
N ILE A 118 -26.64 20.93 24.94
CA ILE A 118 -27.88 20.18 24.93
C ILE A 118 -29.03 21.14 25.18
N GLU A 119 -28.82 22.10 26.08
CA GLU A 119 -29.87 23.08 26.36
C GLU A 119 -30.22 23.93 25.12
N ASN A 120 -29.24 24.30 24.30
CA ASN A 120 -29.50 25.10 23.10
C ASN A 120 -30.20 24.28 22.01
N LEU A 121 -30.01 22.97 22.04
CA LEU A 121 -30.66 22.10 21.07
C LEU A 121 -32.13 21.94 21.42
N ASN A 122 -32.42 21.85 22.73
CA ASN A 122 -33.79 21.70 23.18
C ASN A 122 -34.46 23.07 23.17
N ASN A 123 -33.65 24.13 23.31
CA ASN A 123 -34.16 25.50 23.32
C ASN A 123 -34.72 25.85 21.96
N LYS A 124 -33.98 25.45 20.94
CA LYS A 124 -34.32 25.71 19.56
C LYS A 124 -35.42 24.79 19.05
N TYR A 125 -35.64 23.65 19.71
CA TYR A 125 -36.67 22.74 19.22
C TYR A 125 -37.74 22.33 20.24
N GLY A 126 -37.61 22.80 21.48
CA GLY A 126 -38.61 22.48 22.48
C GLY A 126 -38.54 21.07 23.03
N CYS A 127 -37.84 20.15 22.36
CA CYS A 127 -37.75 18.79 22.89
C CYS A 127 -36.90 18.80 24.16
N LYS A 128 -36.76 17.64 24.82
CA LYS A 128 -35.97 17.55 26.04
C LYS A 128 -35.05 16.33 25.99
N VAL A 129 -34.02 16.45 25.18
CA VAL A 129 -33.03 15.39 25.03
C VAL A 129 -32.32 15.28 26.37
N PRO A 130 -32.24 14.06 26.93
CA PRO A 130 -31.58 13.81 28.22
C PRO A 130 -30.06 13.67 28.16
N LEU A 131 -29.39 14.04 29.25
CA LEU A 131 -27.93 13.89 29.31
C LEU A 131 -27.67 12.76 30.32
N VAL A 132 -26.96 11.74 29.91
CA VAL A 132 -26.62 10.65 30.84
C VAL A 132 -25.11 10.40 30.83
N LEU A 133 -24.45 10.68 31.96
CA LEU A 133 -23.00 10.52 32.12
C LEU A 133 -22.67 9.17 32.69
N MET A 134 -21.79 8.42 32.03
CA MET A 134 -21.32 7.12 32.53
C MET A 134 -20.13 7.38 33.45
N ASN A 135 -20.29 7.15 34.74
CA ASN A 135 -19.15 7.37 35.64
C ASN A 135 -18.47 6.08 35.99
N SER A 136 -17.48 6.23 36.87
CA SER A 136 -16.72 5.11 37.39
C SER A 136 -16.35 5.57 38.79
N PHE A 137 -15.72 4.69 39.57
CA PHE A 137 -15.35 5.05 40.92
C PHE A 137 -14.40 6.24 40.99
N ASN A 138 -13.65 6.52 39.92
CA ASN A 138 -12.75 7.68 39.94
C ASN A 138 -13.45 9.01 39.70
N THR A 139 -14.69 8.97 39.22
CA THR A 139 -15.34 10.25 38.94
C THR A 139 -16.81 10.34 39.37
N HIS A 140 -17.35 9.25 39.90
CA HIS A 140 -18.77 9.23 40.23
C HIS A 140 -19.24 10.21 41.29
N ASP A 141 -18.79 10.01 42.52
CA ASP A 141 -19.22 10.86 43.63
C ASP A 141 -18.89 12.34 43.43
N ASP A 142 -17.75 12.63 42.84
CA ASP A 142 -17.38 14.02 42.57
C ASP A 142 -18.32 14.62 41.56
N THR A 143 -18.69 13.82 40.58
CA THR A 143 -19.60 14.27 39.54
C THR A 143 -20.97 14.60 40.12
N HIS A 144 -21.49 13.69 40.92
CA HIS A 144 -22.78 13.84 41.56
C HIS A 144 -22.77 15.21 42.27
N LYS A 145 -21.66 15.52 42.93
CA LYS A 145 -21.57 16.80 43.63
C LYS A 145 -21.51 17.92 42.61
N ILE A 146 -20.65 17.79 41.60
CA ILE A 146 -20.56 18.86 40.63
C ILE A 146 -21.92 19.15 39.95
N VAL A 147 -22.56 18.13 39.39
CA VAL A 147 -23.80 18.37 38.64
C VAL A 147 -24.90 19.12 39.37
N GLU A 148 -24.79 19.30 40.68
CA GLU A 148 -25.82 20.07 41.37
C GLU A 148 -25.79 21.47 40.77
N LYS A 149 -24.65 21.84 40.15
CA LYS A 149 -24.54 23.18 39.57
C LYS A 149 -25.55 23.36 38.46
N TYR A 150 -26.09 22.24 37.97
CA TYR A 150 -27.10 22.25 36.91
C TYR A 150 -28.47 22.04 37.54
N THR A 151 -28.70 22.54 38.75
CA THR A 151 -30.01 22.29 39.35
C THR A 151 -31.15 22.96 38.58
N ASN A 152 -30.95 24.20 38.12
CA ASN A 152 -32.02 24.85 37.40
C ASN A 152 -31.93 24.76 35.88
N SER A 153 -30.85 24.14 35.40
CA SER A 153 -30.65 23.93 33.96
C SER A 153 -31.82 23.15 33.35
N ASN A 154 -32.13 23.43 32.09
CA ASN A 154 -33.24 22.78 31.39
C ASN A 154 -32.88 21.46 30.72
N VAL A 155 -32.24 20.57 31.47
CA VAL A 155 -31.85 19.26 30.97
C VAL A 155 -31.93 18.31 32.15
N ASP A 156 -32.37 17.07 31.91
CA ASP A 156 -32.46 16.06 32.95
C ASP A 156 -31.16 15.27 32.75
N ILE A 157 -30.22 15.49 33.65
CA ILE A 157 -28.93 14.83 33.58
C ILE A 157 -28.91 13.63 34.50
N HIS A 158 -28.74 12.44 33.94
CA HIS A 158 -28.67 11.24 34.76
C HIS A 158 -27.19 10.92 34.86
N THR A 159 -26.85 10.06 35.81
CA THR A 159 -25.47 9.64 35.97
C THR A 159 -25.60 8.22 36.47
N PHE A 160 -24.62 7.39 36.16
CA PHE A 160 -24.60 6.03 36.68
C PHE A 160 -23.13 5.64 36.76
N ASN A 161 -22.83 4.73 37.67
CA ASN A 161 -21.48 4.25 37.88
C ASN A 161 -21.28 2.95 37.10
N GLN A 162 -20.35 2.95 36.17
CA GLN A 162 -20.08 1.75 35.39
C GLN A 162 -19.62 0.64 36.34
N SER A 163 -19.23 -0.50 35.77
CA SER A 163 -18.77 -1.62 36.57
C SER A 163 -17.38 -1.35 37.16
N LYS A 164 -17.14 -1.87 38.35
CA LYS A 164 -15.83 -1.76 39.00
C LYS A 164 -15.29 -3.18 38.94
N TYR A 165 -14.05 -3.36 38.50
CA TYR A 165 -13.46 -4.70 38.44
C TYR A 165 -12.17 -4.78 39.22
N PRO A 166 -11.82 -5.96 39.75
CA PRO A 166 -10.57 -6.02 40.50
C PRO A 166 -9.38 -6.22 39.57
N ARG A 167 -8.33 -5.41 39.76
CA ARG A 167 -7.12 -5.60 38.98
C ARG A 167 -6.73 -7.07 39.30
N VAL A 168 -5.75 -7.60 38.58
CA VAL A 168 -5.31 -8.98 38.83
C VAL A 168 -3.80 -8.94 39.00
N VAL A 169 -3.28 -9.58 40.04
CA VAL A 169 -1.83 -9.62 40.26
C VAL A 169 -1.34 -10.77 39.39
N ALA A 170 -0.65 -10.42 38.31
CA ALA A 170 -0.15 -11.35 37.29
C ALA A 170 0.50 -12.65 37.75
N ASP A 171 1.53 -12.56 38.59
CA ASP A 171 2.21 -13.75 39.08
C ASP A 171 1.25 -14.82 39.62
N GLU A 172 0.63 -14.55 40.77
CA GLU A 172 -0.28 -15.49 41.40
C GLU A 172 -1.59 -15.55 40.64
N PHE A 173 -1.84 -14.50 39.87
CA PHE A 173 -3.06 -14.35 39.07
C PHE A 173 -4.35 -14.52 39.86
N VAL A 174 -4.47 -13.81 40.97
CA VAL A 174 -5.67 -13.82 41.80
C VAL A 174 -6.04 -12.34 41.97
N PRO A 175 -7.27 -12.04 42.41
CA PRO A 175 -7.67 -10.65 42.60
C PRO A 175 -6.79 -9.94 43.63
N TRP A 176 -6.37 -8.72 43.32
CA TRP A 176 -5.52 -7.98 44.24
C TRP A 176 -6.21 -7.60 45.59
N PRO A 177 -7.47 -7.11 45.57
CA PRO A 177 -8.15 -6.76 46.83
C PRO A 177 -8.22 -7.94 47.84
N SER A 178 -8.24 -9.17 47.30
CA SER A 178 -8.32 -10.38 48.14
C SER A 178 -7.09 -10.51 49.00
N LYS A 179 -5.97 -10.02 48.47
CA LYS A 179 -4.72 -10.06 49.21
C LYS A 179 -4.82 -8.89 50.17
N GLY A 180 -5.98 -8.22 50.15
CA GLY A 180 -6.24 -7.10 51.02
C GLY A 180 -6.14 -5.72 50.40
N LYS A 181 -5.93 -5.63 49.09
CA LYS A 181 -5.82 -4.32 48.44
C LYS A 181 -7.22 -3.85 48.08
N THR A 182 -7.95 -3.37 49.08
CA THR A 182 -9.33 -2.94 48.86
C THR A 182 -9.47 -1.44 48.64
N ASP A 183 -8.40 -0.68 48.87
CA ASP A 183 -8.44 0.77 48.65
C ASP A 183 -8.63 1.02 47.14
N LYS A 184 -8.58 2.29 46.71
CA LYS A 184 -8.78 2.60 45.30
C LYS A 184 -7.74 2.00 44.36
N GLU A 185 -6.54 1.75 44.85
CA GLU A 185 -5.51 1.18 44.00
C GLU A 185 -5.77 -0.29 43.64
N GLY A 186 -6.64 -0.95 44.40
CA GLY A 186 -6.91 -2.35 44.10
C GLY A 186 -7.84 -2.60 42.90
N TRP A 187 -8.50 -1.53 42.42
CA TRP A 187 -9.47 -1.60 41.35
C TRP A 187 -9.06 -0.90 40.06
N TYR A 188 -9.67 -1.28 38.92
CA TYR A 188 -9.34 -0.67 37.62
C TYR A 188 -10.55 -0.48 36.65
N PRO A 189 -10.70 0.72 36.05
CA PRO A 189 -11.79 0.99 35.11
C PRO A 189 -11.48 0.14 33.89
N PRO A 190 -12.26 -0.92 33.63
CA PRO A 190 -12.13 -1.90 32.53
C PRO A 190 -12.30 -1.39 31.08
N GLY A 191 -11.94 -0.15 30.80
CA GLY A 191 -12.04 0.36 29.43
C GLY A 191 -13.43 0.89 29.11
N HIS A 192 -13.55 1.64 28.03
CA HIS A 192 -14.84 2.17 27.68
C HIS A 192 -15.77 1.20 26.97
N GLY A 193 -15.24 0.03 26.61
CA GLY A 193 -16.08 -0.97 25.97
C GLY A 193 -17.21 -1.33 26.90
N ASP A 194 -16.96 -1.11 28.19
CA ASP A 194 -17.89 -1.37 29.29
C ASP A 194 -19.09 -0.41 29.29
N VAL A 195 -19.16 0.50 28.33
CA VAL A 195 -20.29 1.43 28.27
C VAL A 195 -21.63 0.72 28.03
N PHE A 196 -21.62 -0.36 27.26
CA PHE A 196 -22.88 -1.05 26.97
C PHE A 196 -23.46 -1.90 28.11
N PRO A 197 -22.68 -2.84 28.66
CA PRO A 197 -23.36 -3.58 29.74
C PRO A 197 -23.62 -2.67 30.95
N ALA A 198 -22.89 -1.56 31.05
CA ALA A 198 -23.10 -0.63 32.17
C ALA A 198 -24.35 0.23 31.99
N LEU A 199 -24.61 0.67 30.76
CA LEU A 199 -25.81 1.50 30.52
C LEU A 199 -27.04 0.66 30.86
N MET A 200 -26.97 -0.64 30.53
CA MET A 200 -28.07 -1.55 30.81
C MET A 200 -28.14 -1.96 32.28
N ASN A 201 -26.97 -2.15 32.89
CA ASN A 201 -26.91 -2.53 34.29
C ASN A 201 -27.48 -1.41 35.16
N SER A 202 -27.65 -0.23 34.55
CA SER A 202 -28.16 0.93 35.26
C SER A 202 -29.68 0.89 35.46
N GLY A 203 -30.38 0.28 34.52
CA GLY A 203 -31.82 0.25 34.59
C GLY A 203 -32.36 1.48 33.87
N LYS A 204 -31.46 2.34 33.39
CA LYS A 204 -31.85 3.58 32.70
C LYS A 204 -32.21 3.40 31.21
N LEU A 205 -31.63 2.41 30.55
CA LEU A 205 -31.93 2.18 29.15
C LEU A 205 -33.38 1.72 29.04
N ASP A 206 -33.74 0.73 29.84
CA ASP A 206 -35.11 0.23 29.83
C ASP A 206 -36.03 1.44 29.95
N THR A 207 -35.69 2.35 30.86
CA THR A 207 -36.48 3.56 31.06
C THR A 207 -36.57 4.29 29.72
N PHE A 208 -35.41 4.68 29.20
CA PHE A 208 -35.32 5.41 27.94
C PHE A 208 -36.06 4.71 26.82
N LEU A 209 -35.91 3.40 26.73
CA LEU A 209 -36.58 2.64 25.70
C LEU A 209 -38.08 2.93 25.73
N SER A 210 -38.71 2.70 26.88
CA SER A 210 -40.14 2.93 27.03
C SER A 210 -40.52 4.39 26.79
N GLN A 211 -39.54 5.28 26.91
CA GLN A 211 -39.79 6.71 26.73
C GLN A 211 -39.67 7.19 25.29
N GLY A 212 -39.81 6.28 24.33
CA GLY A 212 -39.71 6.66 22.94
C GLY A 212 -38.28 6.81 22.46
N LYS A 213 -37.33 6.71 23.38
CA LYS A 213 -35.92 6.82 23.04
C LYS A 213 -35.52 5.56 22.23
N GLU A 214 -34.82 5.75 21.12
CA GLU A 214 -34.42 4.64 20.26
C GLU A 214 -32.92 4.57 20.03
N TYR A 215 -32.25 5.72 20.11
CA TYR A 215 -30.81 5.78 19.89
C TYR A 215 -30.06 6.53 20.99
N VAL A 216 -28.75 6.34 20.98
CA VAL A 216 -27.87 7.04 21.91
C VAL A 216 -26.63 7.45 21.09
N PHE A 217 -26.19 8.67 21.30
CA PHE A 217 -24.99 9.20 20.63
C PHE A 217 -23.92 9.21 21.70
N VAL A 218 -22.86 8.43 21.48
CA VAL A 218 -21.76 8.28 22.42
C VAL A 218 -20.55 9.08 21.95
N ALA A 219 -19.83 9.63 22.92
CA ALA A 219 -18.61 10.39 22.63
C ALA A 219 -17.80 10.60 23.90
N ASN A 220 -16.53 10.87 23.71
CA ASN A 220 -15.65 11.14 24.86
C ASN A 220 -16.06 12.49 25.43
N SER A 221 -15.97 12.65 26.75
CA SER A 221 -16.34 13.91 27.36
C SER A 221 -15.43 15.03 26.88
N ASP A 222 -14.23 14.67 26.39
CA ASP A 222 -13.30 15.69 25.92
C ASP A 222 -13.19 15.91 24.42
N ASN A 223 -14.17 15.41 23.63
CA ASN A 223 -14.14 15.65 22.19
C ASN A 223 -15.12 16.80 21.97
N LEU A 224 -14.59 17.99 21.73
CA LEU A 224 -15.43 19.17 21.60
C LEU A 224 -16.31 19.14 20.36
N GLY A 225 -15.94 18.33 19.38
CA GLY A 225 -16.72 18.27 18.17
C GLY A 225 -17.87 17.29 18.23
N ALA A 226 -17.95 16.51 19.31
CA ALA A 226 -19.03 15.53 19.41
C ALA A 226 -20.37 16.22 19.62
N ILE A 227 -20.86 16.90 18.59
CA ILE A 227 -22.14 17.58 18.68
C ILE A 227 -23.21 16.77 17.98
N VAL A 228 -24.44 16.79 18.49
CA VAL A 228 -25.49 16.02 17.84
C VAL A 228 -25.72 16.39 16.38
N ASP A 229 -25.64 15.39 15.50
CA ASP A 229 -25.88 15.62 14.09
C ASP A 229 -27.21 14.98 13.68
N LEU A 230 -28.24 15.79 13.58
CA LEU A 230 -29.57 15.30 13.22
C LEU A 230 -29.56 14.45 11.95
N THR A 231 -28.69 14.78 11.01
CA THR A 231 -28.57 14.05 9.74
C THR A 231 -28.18 12.60 9.95
N ILE A 232 -27.13 12.40 10.74
CA ILE A 232 -26.64 11.06 11.03
C ILE A 232 -27.78 10.29 11.63
N LEU A 233 -28.50 10.92 12.57
CA LEU A 233 -29.62 10.25 13.21
C LEU A 233 -30.70 9.94 12.16
N LYS A 234 -31.10 10.94 11.37
CA LYS A 234 -32.12 10.66 10.36
C LYS A 234 -31.77 9.40 9.56
N HIS A 235 -30.56 9.35 9.03
CA HIS A 235 -30.09 8.23 8.23
C HIS A 235 -30.23 6.88 8.94
N LEU A 236 -29.80 6.82 10.20
CA LEU A 236 -29.89 5.56 10.94
C LEU A 236 -31.29 4.99 10.93
N ILE A 237 -32.29 5.85 11.05
CA ILE A 237 -33.66 5.38 11.05
C ILE A 237 -34.12 4.98 9.64
N GLN A 238 -33.41 5.44 8.61
CA GLN A 238 -33.76 5.11 7.23
C GLN A 238 -33.30 3.71 6.87
N ASN A 239 -31.99 3.46 6.99
CA ASN A 239 -31.44 2.15 6.65
C ASN A 239 -31.59 1.16 7.81
N LYS A 240 -32.12 1.62 8.93
CA LYS A 240 -32.30 0.76 10.11
C LYS A 240 -30.96 0.20 10.58
N ASN A 241 -29.98 1.08 10.74
CA ASN A 241 -28.66 0.66 11.18
C ASN A 241 -28.68 0.57 12.70
N GLU A 242 -28.26 -0.58 13.24
CA GLU A 242 -28.24 -0.74 14.69
C GLU A 242 -27.00 -0.09 15.28
N TYR A 243 -25.93 -0.01 14.51
CA TYR A 243 -24.70 0.63 14.99
C TYR A 243 -24.10 1.55 13.95
N CYS A 244 -23.67 2.73 14.39
CA CYS A 244 -23.07 3.68 13.47
C CYS A 244 -21.86 4.35 14.15
N MET A 245 -20.68 4.13 13.58
CA MET A 245 -19.44 4.70 14.08
C MET A 245 -18.95 5.85 13.22
N GLU A 246 -18.71 7.01 13.84
CA GLU A 246 -18.19 8.16 13.11
C GLU A 246 -16.70 7.93 12.96
N VAL A 247 -16.24 7.92 11.72
CA VAL A 247 -14.82 7.74 11.43
C VAL A 247 -14.39 8.92 10.56
N THR A 248 -13.08 9.20 10.53
CA THR A 248 -12.53 10.30 9.74
C THR A 248 -11.16 9.92 9.15
N PRO A 249 -10.77 10.54 8.03
CA PRO A 249 -9.46 10.19 7.44
C PRO A 249 -8.30 10.35 8.40
N LYS A 250 -7.41 9.36 8.37
CA LYS A 250 -6.24 9.33 9.23
C LYS A 250 -5.18 10.37 8.87
N THR A 251 -4.57 10.97 9.89
CA THR A 251 -3.51 11.93 9.69
C THR A 251 -2.29 11.39 10.44
N LEU A 252 -1.13 11.99 10.20
CA LEU A 252 0.10 11.56 10.83
C LEU A 252 0.01 11.48 12.35
N ALA A 253 -0.97 12.18 12.92
CA ALA A 253 -1.16 12.14 14.36
C ALA A 253 -2.03 10.96 14.72
N ASP A 254 -2.54 10.28 13.70
CA ASP A 254 -3.45 9.15 13.90
C ASP A 254 -2.95 7.84 13.25
N VAL A 255 -1.64 7.62 13.22
CA VAL A 255 -1.10 6.40 12.59
C VAL A 255 -1.56 5.07 13.17
N LYS A 256 -1.30 4.84 14.45
CA LYS A 256 -1.67 3.59 15.11
C LYS A 256 -3.12 3.54 15.60
N GLY A 257 -3.96 4.43 15.09
CA GLY A 257 -5.35 4.47 15.52
C GLY A 257 -6.18 3.32 14.97
N GLY A 258 -7.22 2.96 15.73
CA GLY A 258 -8.12 1.87 15.35
C GLY A 258 -8.92 2.21 14.10
N THR A 259 -9.03 1.25 13.19
CA THR A 259 -9.74 1.49 11.94
C THR A 259 -10.88 0.51 11.71
N LEU A 260 -11.61 0.72 10.60
CA LEU A 260 -12.75 -0.12 10.26
C LEU A 260 -12.40 -1.07 9.12
N ILE A 261 -12.77 -2.33 9.28
CA ILE A 261 -12.49 -3.35 8.29
C ILE A 261 -13.65 -4.33 8.17
N SER A 262 -13.72 -5.00 7.02
CA SER A 262 -14.73 -6.05 6.80
C SER A 262 -13.96 -7.35 7.07
N TYR A 263 -14.36 -8.05 8.12
CA TYR A 263 -13.73 -9.30 8.55
C TYR A 263 -14.78 -10.40 8.59
N GLU A 264 -14.64 -11.36 7.67
CA GLU A 264 -15.58 -12.47 7.54
C GLU A 264 -16.97 -11.91 7.27
N GLY A 265 -17.04 -11.09 6.23
CA GLY A 265 -18.30 -10.48 5.81
C GLY A 265 -19.06 -9.59 6.78
N LYS A 266 -18.38 -9.15 7.86
CA LYS A 266 -18.99 -8.30 8.90
C LYS A 266 -18.11 -7.05 9.19
N VAL A 267 -18.70 -5.93 9.59
CA VAL A 267 -17.90 -4.74 9.95
C VAL A 267 -17.24 -4.99 11.31
N GLN A 268 -16.03 -4.49 11.48
CA GLN A 268 -15.32 -4.64 12.73
C GLN A 268 -14.20 -3.63 12.87
N LEU A 269 -13.99 -3.22 14.11
CA LEU A 269 -12.95 -2.28 14.45
C LEU A 269 -11.72 -3.16 14.65
N LEU A 270 -10.55 -2.65 14.26
CA LEU A 270 -9.30 -3.35 14.39
C LEU A 270 -8.30 -2.40 15.08
N GLU A 271 -7.95 -2.71 16.34
CA GLU A 271 -6.98 -1.90 17.12
C GLU A 271 -5.60 -2.59 17.12
N ILE A 272 -4.59 -1.91 17.66
CA ILE A 272 -3.26 -2.51 17.74
C ILE A 272 -3.32 -3.74 18.63
N ALA A 273 -4.54 -4.06 19.06
CA ALA A 273 -4.78 -5.22 19.91
C ALA A 273 -5.36 -6.38 19.11
N GLN A 274 -4.84 -6.54 17.89
CA GLN A 274 -5.26 -7.61 16.99
C GLN A 274 -4.17 -7.91 15.94
N VAL A 275 -3.20 -7.00 15.83
CA VAL A 275 -2.12 -7.14 14.84
C VAL A 275 -0.76 -7.55 15.42
N PRO A 276 -0.17 -8.65 14.92
CA PRO A 276 1.13 -9.18 15.36
C PRO A 276 2.29 -8.23 15.05
N ASP A 277 3.40 -8.39 15.78
CA ASP A 277 4.57 -7.54 15.59
C ASP A 277 5.01 -7.54 14.13
N GLU A 278 5.10 -8.73 13.55
CA GLU A 278 5.54 -8.89 12.16
C GLU A 278 4.62 -8.18 11.17
N HIS A 279 3.51 -7.65 11.65
CA HIS A 279 2.58 -6.98 10.77
C HIS A 279 2.24 -5.54 11.07
N VAL A 280 2.72 -5.05 12.21
CA VAL A 280 2.46 -3.67 12.60
C VAL A 280 2.83 -2.68 11.49
N ASN A 281 3.90 -2.98 10.77
CA ASN A 281 4.33 -2.10 9.67
C ASN A 281 3.17 -1.88 8.69
N GLU A 282 2.63 -2.97 8.13
CA GLU A 282 1.51 -2.87 7.19
C GLU A 282 0.36 -2.21 7.92
N PHE A 283 0.12 -2.61 9.16
CA PHE A 283 -0.96 -2.04 9.95
C PHE A 283 -0.83 -0.51 9.98
N LYS A 284 0.39 -0.02 10.20
CA LYS A 284 0.63 1.42 10.28
C LYS A 284 0.68 2.11 8.92
N SER A 285 0.49 1.34 7.85
CA SER A 285 0.48 1.90 6.50
C SER A 285 -0.85 2.59 6.29
N ILE A 286 -0.84 3.92 6.24
CA ILE A 286 -2.07 4.68 6.07
C ILE A 286 -2.53 4.70 4.63
N GLU A 287 -1.79 4.02 3.77
CA GLU A 287 -2.16 3.91 2.37
C GLU A 287 -3.08 2.70 2.25
N LYS A 288 -2.97 1.80 3.23
CA LYS A 288 -3.78 0.58 3.27
C LYS A 288 -5.08 0.86 4.05
N PHE A 289 -4.91 1.39 5.26
CA PHE A 289 -6.03 1.71 6.16
C PHE A 289 -6.15 3.24 6.20
N LYS A 290 -7.28 3.73 5.69
CA LYS A 290 -7.50 5.18 5.55
C LYS A 290 -8.14 6.03 6.64
N ILE A 291 -9.07 5.47 7.41
CA ILE A 291 -9.78 6.23 8.44
C ILE A 291 -9.60 5.63 9.81
N PHE A 292 -10.01 6.38 10.85
CA PHE A 292 -9.92 5.85 12.20
C PHE A 292 -11.19 6.11 13.02
N ASN A 293 -11.23 5.55 14.22
CA ASN A 293 -12.38 5.67 15.10
C ASN A 293 -12.30 6.86 16.06
N THR A 294 -13.30 7.73 16.01
CA THR A 294 -13.36 8.90 16.87
C THR A 294 -13.96 8.49 18.24
N ASN A 295 -14.68 7.38 18.21
CA ASN A 295 -15.42 6.82 19.34
C ASN A 295 -16.83 7.42 19.27
N ASN A 296 -17.00 8.48 18.46
CA ASN A 296 -18.33 9.06 18.25
C ASN A 296 -19.19 7.87 17.73
N LEU A 297 -20.03 7.30 18.60
CA LEU A 297 -20.84 6.13 18.23
C LEU A 297 -22.33 6.34 18.44
N TRP A 298 -23.13 5.93 17.45
CA TRP A 298 -24.57 6.06 17.50
C TRP A 298 -25.07 4.63 17.59
N VAL A 299 -25.88 4.33 18.59
CA VAL A 299 -26.36 2.98 18.81
C VAL A 299 -27.86 2.90 19.15
N ASN A 300 -28.55 1.98 18.48
CA ASN A 300 -29.97 1.71 18.67
C ASN A 300 -30.15 1.10 20.06
N LEU A 301 -31.10 1.61 20.85
CA LEU A 301 -31.30 1.13 22.22
C LEU A 301 -31.79 -0.30 22.39
N LYS A 302 -32.87 -0.67 21.70
CA LYS A 302 -33.43 -2.03 21.81
C LYS A 302 -32.32 -3.04 21.47
N ALA A 303 -31.57 -2.74 20.41
CA ALA A 303 -30.46 -3.59 20.00
C ALA A 303 -29.46 -3.79 21.14
N ILE A 304 -29.29 -2.75 21.97
CA ILE A 304 -28.37 -2.89 23.10
C ILE A 304 -28.92 -3.89 24.11
N LYS A 305 -30.10 -3.57 24.63
CA LYS A 305 -30.77 -4.42 25.60
C LYS A 305 -30.76 -5.86 25.16
N LYS A 306 -31.16 -6.07 23.90
CA LYS A 306 -31.22 -7.42 23.36
C LYS A 306 -29.87 -8.14 23.46
N LEU A 307 -28.79 -7.47 23.03
CA LEU A 307 -27.48 -8.11 23.07
C LEU A 307 -26.92 -8.25 24.49
N VAL A 308 -27.22 -7.30 25.37
CA VAL A 308 -26.74 -7.41 26.75
C VAL A 308 -27.57 -8.48 27.47
N GLU A 309 -28.89 -8.43 27.32
CA GLU A 309 -29.71 -9.42 28.01
C GLU A 309 -29.49 -10.84 27.51
N ALA A 310 -29.03 -10.95 26.27
CA ALA A 310 -28.73 -12.25 25.65
C ALA A 310 -27.29 -12.63 25.92
N ASP A 311 -26.63 -11.86 26.79
CA ASP A 311 -25.23 -12.08 27.16
C ASP A 311 -24.43 -12.28 25.87
N ALA A 312 -24.76 -11.47 24.87
CA ALA A 312 -24.15 -11.53 23.55
C ALA A 312 -22.78 -10.90 23.38
N LEU A 313 -22.65 -9.62 23.76
CA LEU A 313 -21.37 -8.95 23.58
C LEU A 313 -20.20 -9.86 23.94
N LYS A 314 -19.15 -9.80 23.12
CA LYS A 314 -17.93 -10.60 23.34
C LYS A 314 -16.73 -9.86 22.80
N MET A 315 -16.50 -8.66 23.34
CA MET A 315 -15.38 -7.83 22.88
C MET A 315 -14.02 -8.42 23.18
N GLU A 316 -13.08 -8.20 22.26
CA GLU A 316 -11.73 -8.72 22.45
C GLU A 316 -11.18 -8.07 23.69
N ILE A 317 -10.63 -8.91 24.55
CA ILE A 317 -10.04 -8.46 25.78
C ILE A 317 -8.75 -7.69 25.51
N ILE A 318 -8.64 -6.52 26.12
CA ILE A 318 -7.47 -5.68 26.01
C ILE A 318 -6.72 -6.06 27.28
N PRO A 319 -5.78 -7.00 27.17
CA PRO A 319 -5.02 -7.42 28.35
C PRO A 319 -4.71 -6.30 29.33
N ASN A 320 -3.78 -5.44 28.94
CA ASN A 320 -3.34 -4.27 29.71
C ASN A 320 -2.71 -4.45 31.09
N PRO A 321 -1.39 -4.70 31.13
CA PRO A 321 -0.66 -4.87 32.39
C PRO A 321 -0.11 -3.53 32.89
N LYS A 322 -0.02 -3.37 34.22
CA LYS A 322 0.49 -2.14 34.83
C LYS A 322 1.27 -2.53 36.07
N GLU A 323 2.25 -1.71 36.47
CA GLU A 323 2.99 -2.01 37.68
C GLU A 323 2.51 -1.02 38.72
N VAL A 324 2.24 -1.52 39.93
CA VAL A 324 1.75 -0.67 41.00
C VAL A 324 2.49 -0.97 42.32
N ASP A 325 3.40 -0.07 42.69
CA ASP A 325 4.19 -0.21 43.92
C ASP A 325 5.10 -1.43 43.83
N GLY A 326 5.44 -1.81 42.60
CA GLY A 326 6.29 -2.96 42.38
C GLY A 326 5.48 -4.21 42.11
N VAL A 327 4.16 -4.10 42.29
CA VAL A 327 3.28 -5.23 42.05
C VAL A 327 2.80 -5.14 40.60
N LYS A 328 3.18 -6.13 39.80
CA LYS A 328 2.75 -6.18 38.40
C LYS A 328 1.31 -6.69 38.35
N VAL A 329 0.42 -5.86 37.81
CA VAL A 329 -0.98 -6.24 37.73
C VAL A 329 -1.52 -6.18 36.31
N LEU A 330 -2.71 -6.76 36.16
CA LEU A 330 -3.41 -6.83 34.89
C LEU A 330 -4.79 -6.20 34.99
N GLN A 331 -5.10 -5.29 34.05
CA GLN A 331 -6.40 -4.62 34.00
C GLN A 331 -7.06 -5.18 32.76
N LEU A 332 -8.09 -6.02 32.91
CA LEU A 332 -8.73 -6.59 31.71
C LEU A 332 -9.76 -5.62 31.16
N GLU A 333 -9.49 -5.07 29.98
CA GLU A 333 -10.40 -4.11 29.39
C GLU A 333 -10.88 -4.41 27.97
N THR A 334 -11.84 -3.59 27.53
CA THR A 334 -12.42 -3.69 26.20
C THR A 334 -12.77 -2.29 25.69
N ALA A 335 -12.93 -2.18 24.38
CA ALA A 335 -13.25 -0.90 23.71
C ALA A 335 -14.70 -0.86 23.24
N ALA A 336 -15.30 0.31 23.30
CA ALA A 336 -16.70 0.49 22.87
C ALA A 336 -16.87 0.26 21.36
N GLY A 337 -16.04 0.93 20.56
CA GLY A 337 -16.13 0.75 19.12
C GLY A 337 -16.14 -0.72 18.73
N ALA A 338 -15.73 -1.59 19.66
CA ALA A 338 -15.69 -3.02 19.38
C ALA A 338 -17.04 -3.73 19.33
N ALA A 339 -18.08 -3.11 19.87
CA ALA A 339 -19.42 -3.71 19.85
C ALA A 339 -20.05 -3.65 18.45
N ILE A 340 -19.44 -2.88 17.56
CA ILE A 340 -19.98 -2.69 16.21
C ILE A 340 -20.34 -3.95 15.42
N ARG A 341 -19.66 -5.07 15.68
CA ARG A 341 -19.94 -6.31 14.93
C ARG A 341 -21.22 -7.06 15.34
N PHE A 342 -21.63 -6.87 16.59
CA PHE A 342 -22.80 -7.55 17.13
C PHE A 342 -24.13 -6.91 16.75
N PHE A 343 -24.08 -5.78 16.05
CA PHE A 343 -25.31 -5.06 15.68
C PHE A 343 -25.76 -5.20 14.23
N ASP A 344 -27.06 -5.42 14.04
CA ASP A 344 -27.61 -5.60 12.70
C ASP A 344 -27.40 -4.33 11.88
N ASN A 345 -27.07 -4.52 10.60
CA ASN A 345 -26.86 -3.43 9.67
C ASN A 345 -25.98 -2.38 10.32
N ALA A 346 -24.91 -2.84 10.95
CA ALA A 346 -23.95 -1.99 11.62
C ALA A 346 -23.19 -1.25 10.52
N ILE A 347 -23.12 0.07 10.63
CA ILE A 347 -22.41 0.84 9.63
C ILE A 347 -21.38 1.73 10.33
N GLY A 348 -20.92 2.71 9.58
CA GLY A 348 -19.92 3.64 10.07
C GLY A 348 -20.09 4.77 9.09
N VAL A 349 -19.81 5.99 9.53
CA VAL A 349 -19.95 7.13 8.63
C VAL A 349 -18.66 7.94 8.67
N ASN A 350 -18.11 8.22 7.50
CA ASN A 350 -16.89 8.99 7.42
C ASN A 350 -17.25 10.48 7.33
N VAL A 351 -16.86 11.22 8.37
CA VAL A 351 -17.18 12.63 8.45
C VAL A 351 -15.98 13.58 8.54
N PRO A 352 -16.22 14.90 8.41
CA PRO A 352 -15.17 15.91 8.49
C PRO A 352 -14.57 15.86 9.90
N ARG A 353 -13.30 16.24 10.02
CA ARG A 353 -12.59 16.21 11.30
C ARG A 353 -13.07 17.22 12.34
N SER A 354 -13.90 18.17 11.93
CA SER A 354 -14.41 19.16 12.86
C SER A 354 -15.32 18.50 13.91
N ARG A 355 -15.40 17.17 13.86
CA ARG A 355 -16.20 16.41 14.82
C ARG A 355 -15.28 15.59 15.72
N PHE A 356 -13.98 15.71 15.49
CA PHE A 356 -13.00 14.99 16.32
C PHE A 356 -12.02 16.02 16.90
N LEU A 357 -12.52 16.89 17.78
CA LEU A 357 -11.65 17.89 18.39
C LEU A 357 -11.59 17.55 19.86
N PRO A 358 -10.68 16.64 20.23
CA PRO A 358 -10.56 16.25 21.64
C PRO A 358 -9.42 16.96 22.33
N VAL A 359 -9.46 16.96 23.65
CA VAL A 359 -8.41 17.57 24.47
C VAL A 359 -7.72 16.40 25.16
N LYS A 360 -6.48 16.09 24.77
CA LYS A 360 -5.78 15.00 25.43
C LYS A 360 -4.62 15.54 26.24
N ALA A 361 -4.06 16.66 25.78
CA ALA A 361 -2.95 17.31 26.47
C ALA A 361 -3.03 18.84 26.42
N SER A 362 -2.05 19.48 27.05
CA SER A 362 -1.98 20.92 27.10
C SER A 362 -1.78 21.53 25.72
N SER A 363 -1.17 20.75 24.83
CA SER A 363 -0.93 21.23 23.48
C SER A 363 -2.27 21.48 22.80
N ASP A 364 -3.31 20.73 23.21
CA ASP A 364 -4.64 20.92 22.60
C ASP A 364 -5.36 22.11 23.22
N LEU A 365 -5.02 22.41 24.47
CA LEU A 365 -5.61 23.57 25.14
C LEU A 365 -5.10 24.87 24.50
N LEU A 366 -3.87 24.83 23.99
CA LEU A 366 -3.29 26.00 23.35
C LEU A 366 -4.17 26.29 22.15
N LEU A 367 -4.50 25.22 21.44
CA LEU A 367 -5.35 25.30 20.26
C LEU A 367 -6.67 25.99 20.51
N VAL A 368 -7.51 25.35 21.32
CA VAL A 368 -8.86 25.86 21.61
C VAL A 368 -8.94 27.14 22.47
N GLN A 369 -7.85 27.48 23.14
CA GLN A 369 -7.83 28.69 23.95
C GLN A 369 -7.20 29.88 23.21
N SER A 370 -6.77 29.66 21.98
CA SER A 370 -6.14 30.72 21.19
C SER A 370 -7.15 31.50 20.34
N ASP A 371 -6.67 32.13 19.27
CA ASP A 371 -7.53 32.91 18.38
C ASP A 371 -8.02 32.04 17.22
N LEU A 372 -7.54 30.79 17.20
CA LEU A 372 -7.92 29.85 16.16
C LEU A 372 -9.37 29.38 16.38
N TYR A 373 -9.90 29.62 17.56
CA TYR A 373 -11.27 29.24 17.94
C TYR A 373 -11.94 30.27 18.86
N THR A 374 -13.27 30.20 18.93
CA THR A 374 -14.06 31.07 19.78
C THR A 374 -15.26 30.28 20.27
N LEU A 375 -15.84 30.74 21.37
CA LEU A 375 -17.02 30.10 21.92
C LEU A 375 -18.25 30.91 21.47
N VAL A 376 -19.13 30.24 20.72
CA VAL A 376 -20.34 30.86 20.20
C VAL A 376 -21.57 30.03 20.53
N ASP A 377 -22.14 30.26 21.71
CA ASP A 377 -23.31 29.50 22.17
C ASP A 377 -23.05 28.00 22.18
N GLY A 378 -22.20 27.56 23.11
CA GLY A 378 -21.88 26.14 23.19
C GLY A 378 -21.41 25.60 21.85
N PHE A 379 -20.23 26.03 21.42
CA PHE A 379 -19.71 25.60 20.13
C PHE A 379 -18.28 26.08 19.95
N VAL A 380 -17.31 25.17 20.07
CA VAL A 380 -15.91 25.55 19.89
C VAL A 380 -15.69 25.83 18.40
N THR A 381 -16.10 27.05 18.05
CA THR A 381 -16.08 27.62 16.70
C THR A 381 -14.70 27.96 16.15
N ARG A 382 -14.36 27.35 15.01
CA ARG A 382 -13.05 27.57 14.40
C ARG A 382 -13.04 28.85 13.56
N ASN A 383 -12.07 29.73 13.82
CA ASN A 383 -11.92 30.98 13.10
C ASN A 383 -11.89 30.75 11.58
N LYS A 384 -12.74 31.47 10.84
CA LYS A 384 -12.81 31.32 9.38
C LYS A 384 -11.60 31.94 8.67
N ALA A 385 -10.89 32.82 9.36
CA ALA A 385 -9.72 33.46 8.78
C ALA A 385 -8.66 32.41 8.47
N ARG A 386 -8.64 31.34 9.27
CA ARG A 386 -7.67 30.26 9.06
C ARG A 386 -7.73 29.75 7.64
N THR A 387 -6.77 30.16 6.83
CA THR A 387 -6.69 29.75 5.44
C THR A 387 -6.58 28.23 5.32
N ASN A 388 -5.40 27.70 5.61
CA ASN A 388 -5.17 26.26 5.53
C ASN A 388 -6.28 25.55 6.30
N PRO A 389 -6.81 24.45 5.74
CA PRO A 389 -7.88 23.68 6.38
C PRO A 389 -7.35 22.93 7.61
N SER A 390 -6.05 22.69 7.63
CA SER A 390 -5.41 21.96 8.72
C SER A 390 -5.00 22.82 9.91
N ASN A 391 -5.01 22.21 11.09
CA ASN A 391 -4.61 22.91 12.32
C ASN A 391 -3.12 22.75 12.51
N PRO A 392 -2.48 23.77 13.10
CA PRO A 392 -1.03 23.65 13.31
C PRO A 392 -0.71 22.53 14.30
N SER A 393 0.39 21.84 14.07
CA SER A 393 0.82 20.76 14.95
C SER A 393 1.48 21.47 16.13
N ILE A 394 1.52 20.81 17.29
CA ILE A 394 2.13 21.40 18.49
C ILE A 394 2.96 20.38 19.25
N GLU A 395 4.18 20.77 19.60
CA GLU A 395 5.10 19.88 20.30
C GLU A 395 5.76 20.45 21.58
N LEU A 396 4.98 20.67 22.63
CA LEU A 396 5.48 21.20 23.91
C LEU A 396 6.16 20.07 24.71
N GLY A 397 7.14 20.43 25.54
CA GLY A 397 7.84 19.45 26.36
C GLY A 397 7.19 19.20 27.72
N PRO A 398 7.76 18.34 28.58
CA PRO A 398 7.24 18.01 29.91
C PRO A 398 7.03 19.23 30.79
N GLU A 399 7.80 20.29 30.52
CA GLU A 399 7.67 21.54 31.27
C GLU A 399 6.24 22.09 31.15
N PHE A 400 5.56 21.74 30.05
CA PHE A 400 4.20 22.21 29.78
C PHE A 400 3.10 21.17 29.94
N LYS A 401 3.45 19.98 30.45
CA LYS A 401 2.50 18.88 30.61
C LYS A 401 1.40 19.13 31.65
N LYS A 402 1.78 19.72 32.77
CA LYS A 402 0.82 20.01 33.84
C LYS A 402 0.12 21.33 33.52
N VAL A 403 -1.18 21.25 33.28
CA VAL A 403 -1.97 22.44 32.95
C VAL A 403 -1.63 23.66 33.81
N ALA A 404 -1.44 23.44 35.11
CA ALA A 404 -1.10 24.58 35.98
C ALA A 404 0.15 25.28 35.47
N THR A 405 1.18 24.52 35.14
CA THR A 405 2.42 25.15 34.66
C THR A 405 2.21 25.70 33.27
N PHE A 406 1.39 25.00 32.49
CA PHE A 406 1.07 25.41 31.13
C PHE A 406 0.55 26.85 31.10
N LEU A 407 -0.51 27.09 31.87
CA LEU A 407 -1.13 28.40 31.93
C LEU A 407 -0.14 29.46 32.36
N SER A 408 0.64 29.14 33.39
CA SER A 408 1.63 30.10 33.89
C SER A 408 2.72 30.36 32.84
N ARG A 409 3.06 29.36 32.02
CA ARG A 409 4.09 29.59 31.01
C ARG A 409 3.57 30.38 29.80
N PHE A 410 2.34 30.89 29.92
CA PHE A 410 1.71 31.73 28.89
C PHE A 410 0.99 32.89 29.59
N LYS A 411 1.56 34.10 29.53
CA LYS A 411 0.88 35.22 30.18
C LYS A 411 -0.43 35.42 29.41
N SER A 412 -0.39 35.12 28.12
CA SER A 412 -1.57 35.18 27.26
C SER A 412 -1.31 34.14 26.16
N ILE A 413 -2.37 33.54 25.62
CA ILE A 413 -2.16 32.55 24.56
C ILE A 413 -1.88 33.27 23.24
N PRO A 414 -0.73 32.98 22.62
CA PRO A 414 -0.34 33.61 21.35
C PRO A 414 -1.27 33.29 20.19
N SER A 415 -1.37 34.24 19.26
CA SER A 415 -2.18 34.02 18.06
C SER A 415 -1.45 32.93 17.27
N ILE A 416 -2.20 31.97 16.73
CA ILE A 416 -1.61 30.87 15.96
C ILE A 416 -2.39 30.64 14.68
N VAL A 417 -3.42 31.45 14.47
CA VAL A 417 -4.25 31.31 13.28
C VAL A 417 -3.41 31.26 12.00
N GLU A 418 -2.24 31.86 12.03
CA GLU A 418 -1.35 31.82 10.86
C GLU A 418 -0.29 30.72 11.03
N LEU A 419 -0.10 30.28 12.26
CA LEU A 419 0.89 29.25 12.56
C LEU A 419 0.74 27.95 11.78
N ASP A 420 1.87 27.37 11.38
CA ASP A 420 1.88 26.10 10.67
C ASP A 420 2.42 25.04 11.60
N SER A 421 3.44 25.42 12.38
CA SER A 421 4.04 24.48 13.30
C SER A 421 4.83 25.17 14.40
N LEU A 422 4.82 24.54 15.58
CA LEU A 422 5.53 25.03 16.75
C LEU A 422 6.26 23.89 17.47
N LYS A 423 7.56 24.06 17.68
CA LYS A 423 8.32 23.09 18.46
C LYS A 423 8.69 23.83 19.75
N VAL A 424 8.45 23.20 20.91
CA VAL A 424 8.77 23.82 22.20
C VAL A 424 9.34 22.84 23.23
N SER A 425 10.61 23.02 23.57
CA SER A 425 11.25 22.17 24.56
C SER A 425 12.10 23.02 25.51
N GLY A 426 12.31 22.52 26.72
CA GLY A 426 13.09 23.25 27.70
C GLY A 426 12.33 24.23 28.57
N ASP A 427 13.06 24.94 29.42
CA ASP A 427 12.49 25.91 30.35
C ASP A 427 12.13 27.20 29.62
N VAL A 428 11.01 27.15 28.87
CA VAL A 428 10.53 28.29 28.11
C VAL A 428 9.27 28.95 28.69
N TRP A 429 9.22 30.29 28.64
CA TRP A 429 8.08 31.07 29.11
C TRP A 429 7.58 31.96 27.97
N PHE A 430 6.31 32.38 28.03
CA PHE A 430 5.72 33.20 26.98
C PHE A 430 5.02 34.46 27.47
N GLY A 431 5.44 35.62 26.93
CA GLY A 431 4.82 36.88 27.29
C GLY A 431 3.43 36.98 26.67
N SER A 432 2.87 38.19 26.66
CA SER A 432 1.53 38.42 26.12
C SER A 432 1.54 39.01 24.71
N SER A 433 0.39 38.87 24.04
CA SER A 433 0.18 39.37 22.69
C SER A 433 1.26 38.96 21.70
N ILE A 434 1.76 37.73 21.83
CA ILE A 434 2.78 37.24 20.91
C ILE A 434 2.06 36.67 19.71
N VAL A 435 2.70 36.70 18.54
CA VAL A 435 2.10 36.18 17.33
C VAL A 435 3.05 35.16 16.72
N LEU A 436 2.50 34.01 16.33
CA LEU A 436 3.29 32.92 15.75
C LEU A 436 2.83 32.59 14.34
N LYS A 437 3.78 32.53 13.40
CA LYS A 437 3.45 32.23 12.01
C LYS A 437 4.37 31.17 11.41
N GLY A 438 3.84 30.39 10.47
CA GLY A 438 4.62 29.36 9.81
C GLY A 438 5.20 28.32 10.73
N LYS A 439 6.49 28.06 10.57
CA LYS A 439 7.20 27.09 11.38
C LYS A 439 7.96 27.87 12.47
N VAL A 440 7.89 27.38 13.70
CA VAL A 440 8.55 28.03 14.83
C VAL A 440 9.05 27.02 15.85
N THR A 441 10.23 27.29 16.39
CA THR A 441 10.84 26.42 17.39
C THR A 441 11.32 27.27 18.58
N VAL A 442 11.36 26.66 19.75
CA VAL A 442 11.82 27.36 20.95
C VAL A 442 12.52 26.32 21.84
N ALA A 443 13.67 26.68 22.41
CA ALA A 443 14.41 25.75 23.25
C ALA A 443 15.58 26.38 24.01
N ALA A 444 15.59 26.19 25.32
CA ALA A 444 16.66 26.72 26.15
C ALA A 444 17.76 25.66 26.19
N LYS A 445 18.91 25.99 26.78
CA LYS A 445 20.00 25.01 26.86
C LYS A 445 20.26 24.56 28.30
N SER A 446 21.29 23.74 28.47
CA SER A 446 21.68 23.20 29.76
C SER A 446 21.66 24.27 30.86
N GLY A 447 20.71 24.14 31.80
CA GLY A 447 20.61 25.11 32.88
C GLY A 447 20.21 26.50 32.40
N VAL A 448 19.71 26.55 31.18
CA VAL A 448 19.28 27.80 30.58
C VAL A 448 17.78 27.94 30.73
N LYS A 449 17.32 29.19 30.78
CA LYS A 449 15.90 29.51 30.84
C LYS A 449 15.68 30.63 29.83
N LEU A 450 14.55 30.59 29.15
CA LEU A 450 14.19 31.60 28.17
C LEU A 450 12.85 32.20 28.51
N GLU A 451 12.59 33.39 28.00
CA GLU A 451 11.33 34.07 28.25
C GLU A 451 11.12 34.98 27.05
N ILE A 452 10.20 34.59 26.17
CA ILE A 452 9.90 35.38 24.97
C ILE A 452 9.01 36.55 25.37
N PRO A 453 9.52 37.78 25.21
CA PRO A 453 8.84 39.03 25.55
C PRO A 453 7.52 39.35 24.86
N ASP A 454 6.66 40.08 25.57
CA ASP A 454 5.37 40.48 25.06
C ASP A 454 5.54 41.22 23.74
N ARG A 455 4.52 41.14 22.89
CA ARG A 455 4.50 41.79 21.58
C ARG A 455 5.41 41.11 20.54
N ALA A 456 6.10 40.05 20.95
CA ALA A 456 6.98 39.35 20.01
C ALA A 456 6.21 38.74 18.84
N VAL A 457 6.79 38.87 17.65
CA VAL A 457 6.20 38.26 16.45
C VAL A 457 7.24 37.29 15.94
N VAL A 458 7.18 36.05 16.43
CA VAL A 458 8.12 35.01 16.04
C VAL A 458 7.66 34.42 14.72
N GLU A 459 8.52 34.54 13.71
CA GLU A 459 8.20 34.10 12.35
C GLU A 459 9.35 33.34 11.65
N ASN A 460 9.18 32.03 11.51
CA ASN A 460 10.16 31.16 10.88
C ASN A 460 11.49 31.24 11.61
N LYS A 461 11.55 30.59 12.77
CA LYS A 461 12.73 30.59 13.62
C LYS A 461 12.83 29.27 14.40
N ASN A 462 14.03 28.96 14.87
CA ASN A 462 14.29 27.76 15.66
C ASN A 462 15.10 28.15 16.90
N ILE A 463 14.50 29.00 17.74
CA ILE A 463 15.11 29.50 18.96
C ILE A 463 15.95 28.48 19.74
N ASN A 464 17.27 28.67 19.74
CA ASN A 464 18.16 27.75 20.44
C ASN A 464 18.93 28.37 21.59
N GLY A 465 18.75 29.67 21.81
CA GLY A 465 19.44 30.32 22.90
C GLY A 465 19.04 31.78 23.05
N PRO A 466 19.32 32.40 24.21
CA PRO A 466 18.98 33.80 24.45
C PRO A 466 19.60 34.63 23.35
N GLU A 467 20.64 34.06 22.74
CA GLU A 467 21.37 34.70 21.66
C GLU A 467 20.53 34.65 20.39
N ASP A 468 19.25 34.93 20.53
CA ASP A 468 18.31 34.95 19.40
C ASP A 468 17.17 35.93 19.66
N LEU A 469 17.50 37.11 20.19
CA LEU A 469 16.52 38.15 20.48
C LEU A 469 15.23 37.56 21.07
N LEU B 8 42.41 -5.91 -12.92
CA LEU B 8 43.89 -6.10 -12.93
C LEU B 8 44.52 -5.73 -14.28
N PRO B 9 45.76 -5.22 -14.25
CA PRO B 9 46.53 -4.83 -15.45
C PRO B 9 47.00 -6.02 -16.29
N GLN B 10 47.16 -7.18 -15.66
CA GLN B 10 47.60 -8.35 -16.38
C GLN B 10 46.40 -9.02 -17.05
N LEU B 11 45.21 -8.71 -16.54
CA LEU B 11 44.00 -9.26 -17.11
C LEU B 11 43.84 -8.55 -18.45
N LYS B 12 44.17 -7.26 -18.44
CA LYS B 12 44.09 -6.43 -19.65
C LYS B 12 45.20 -6.86 -20.59
N SER B 13 46.37 -7.13 -20.01
CA SER B 13 47.49 -7.55 -20.83
C SER B 13 47.01 -8.81 -21.58
N ALA B 14 46.23 -9.64 -20.87
CA ALA B 14 45.70 -10.88 -21.44
C ALA B 14 44.64 -10.58 -22.53
N VAL B 15 43.66 -9.76 -22.20
CA VAL B 15 42.65 -9.43 -23.18
C VAL B 15 43.30 -8.62 -24.31
N ASP B 16 44.48 -8.08 -24.05
CA ASP B 16 45.16 -7.32 -25.08
C ASP B 16 45.72 -8.29 -26.11
N GLY B 17 46.01 -9.50 -25.64
CA GLY B 17 46.53 -10.53 -26.52
C GLY B 17 45.44 -11.44 -27.07
N LEU B 18 44.24 -10.89 -27.23
CA LEU B 18 43.10 -11.65 -27.75
C LEU B 18 42.74 -11.20 -29.16
N THR B 19 43.42 -11.78 -30.15
CA THR B 19 43.22 -11.45 -31.54
C THR B 19 41.74 -11.38 -31.96
N GLU B 20 40.91 -12.19 -31.29
CA GLU B 20 39.48 -12.24 -31.58
C GLU B 20 38.65 -11.09 -31.00
N MET B 21 39.28 -10.03 -30.51
CA MET B 21 38.53 -8.90 -29.95
C MET B 21 38.91 -7.54 -30.53
N SER B 22 37.90 -6.77 -30.97
CA SER B 22 38.13 -5.44 -31.51
C SER B 22 38.64 -4.55 -30.37
N GLU B 23 39.39 -3.49 -30.70
CA GLU B 23 39.87 -2.60 -29.66
C GLU B 23 38.68 -2.13 -28.83
N SER B 24 37.56 -1.83 -29.50
CA SER B 24 36.36 -1.39 -28.80
C SER B 24 35.88 -2.47 -27.84
N GLU B 25 35.93 -3.73 -28.30
CA GLU B 25 35.50 -4.84 -27.47
C GLU B 25 36.46 -5.14 -26.33
N LYS B 26 37.76 -4.92 -26.54
CA LYS B 26 38.72 -5.16 -25.46
C LYS B 26 38.50 -4.14 -24.33
N SER B 27 38.46 -2.85 -24.71
CA SER B 27 38.22 -1.77 -23.74
C SER B 27 36.82 -1.91 -23.13
N GLY B 28 35.89 -2.45 -23.91
CA GLY B 28 34.54 -2.65 -23.40
C GLY B 28 34.52 -3.73 -22.32
N PHE B 29 35.26 -4.81 -22.57
CA PHE B 29 35.34 -5.91 -21.60
C PHE B 29 36.20 -5.48 -20.41
N ILE B 30 37.36 -4.90 -20.72
CA ILE B 30 38.27 -4.43 -19.68
C ILE B 30 37.58 -3.41 -18.77
N SER B 31 36.83 -2.49 -19.39
CA SER B 31 36.13 -1.47 -18.65
C SER B 31 35.15 -2.12 -17.68
N LEU B 32 34.49 -3.16 -18.16
CA LEU B 32 33.52 -3.90 -17.37
C LEU B 32 34.23 -4.70 -16.27
N VAL B 33 35.34 -5.33 -16.62
CA VAL B 33 36.09 -6.10 -15.63
C VAL B 33 36.58 -5.16 -14.54
N SER B 34 37.06 -3.98 -14.96
CA SER B 34 37.55 -2.97 -14.05
C SER B 34 36.47 -2.58 -13.06
N ARG B 35 35.26 -2.34 -13.56
CA ARG B 35 34.14 -1.96 -12.72
C ARG B 35 33.81 -3.09 -11.75
N TYR B 36 33.95 -4.32 -12.21
CA TYR B 36 33.64 -5.49 -11.39
C TYR B 36 34.58 -5.58 -10.19
N LEU B 37 35.56 -4.67 -10.13
CA LEU B 37 36.52 -4.66 -9.03
C LEU B 37 36.75 -3.25 -8.48
N ILE B 44 22.21 -1.37 -2.71
CA ILE B 44 21.62 -0.03 -2.70
C ILE B 44 21.35 0.39 -1.25
N GLU B 45 21.27 1.69 -1.00
CA GLU B 45 20.97 2.15 0.35
C GLU B 45 19.46 2.21 0.45
N TRP B 46 18.89 1.16 1.04
CA TRP B 46 17.45 1.07 1.17
C TRP B 46 16.86 2.38 1.66
N SER B 47 17.54 2.99 2.61
CA SER B 47 17.08 4.24 3.18
C SER B 47 16.92 5.36 2.16
N LYS B 48 17.67 5.30 1.06
CA LYS B 48 17.61 6.35 0.05
C LYS B 48 16.73 6.06 -1.15
N ILE B 49 15.74 5.20 -0.96
CA ILE B 49 14.81 4.81 -2.02
C ILE B 49 13.39 5.37 -1.87
N GLN B 50 12.83 5.89 -2.96
CA GLN B 50 11.45 6.39 -2.99
C GLN B 50 10.72 5.78 -4.17
N THR B 51 9.40 5.56 -4.03
CA THR B 51 8.60 5.02 -5.12
C THR B 51 8.28 6.18 -6.06
N PRO B 52 8.09 5.89 -7.35
CA PRO B 52 7.78 6.97 -8.29
C PRO B 52 6.33 7.45 -8.22
N THR B 53 6.13 8.70 -8.62
CA THR B 53 4.79 9.30 -8.68
C THR B 53 4.43 9.23 -10.16
N ASP B 54 3.27 9.72 -10.52
CA ASP B 54 2.87 9.70 -11.92
C ASP B 54 3.82 10.55 -12.75
N GLU B 55 4.62 11.38 -12.08
CA GLU B 55 5.62 12.19 -12.77
C GLU B 55 6.75 11.29 -13.26
N ILE B 56 7.12 10.32 -12.44
CA ILE B 56 8.23 9.41 -12.76
C ILE B 56 7.74 8.22 -13.59
N VAL B 57 6.62 7.66 -13.18
CA VAL B 57 6.01 6.54 -13.91
C VAL B 57 4.70 7.09 -14.44
N VAL B 58 4.70 7.40 -15.73
CA VAL B 58 3.52 7.99 -16.38
C VAL B 58 2.47 6.94 -16.75
N PRO B 59 1.26 7.02 -16.14
CA PRO B 59 0.23 6.04 -16.49
C PRO B 59 -0.10 6.12 -17.98
N TYR B 60 -0.18 4.97 -18.66
CA TYR B 60 -0.46 4.94 -20.09
C TYR B 60 -1.76 5.69 -20.43
N GLU B 61 -2.78 5.54 -19.59
CA GLU B 61 -4.07 6.19 -19.82
C GLU B 61 -3.99 7.70 -19.65
N LYS B 62 -2.92 8.17 -19.00
CA LYS B 62 -2.76 9.59 -18.77
C LYS B 62 -2.09 10.31 -19.93
N MET B 63 -1.30 9.60 -20.74
CA MET B 63 -0.63 10.27 -21.85
C MET B 63 -1.62 10.70 -22.92
N THR B 64 -1.27 11.74 -23.66
CA THR B 64 -2.12 12.26 -24.74
C THR B 64 -1.95 11.38 -25.98
N PRO B 65 -3.07 10.83 -26.50
CA PRO B 65 -2.97 9.97 -27.68
C PRO B 65 -2.87 10.73 -29.00
N VAL B 66 -2.49 10.01 -30.05
CA VAL B 66 -2.40 10.66 -31.34
C VAL B 66 -3.86 10.79 -31.82
N SER B 67 -4.11 11.76 -32.68
CA SER B 67 -5.45 12.01 -33.23
C SER B 67 -5.76 11.06 -34.39
N GLN B 68 -6.90 11.30 -35.04
CA GLN B 68 -7.33 10.49 -36.18
C GLN B 68 -6.78 10.97 -37.52
N ASP B 69 -5.97 12.03 -37.51
CA ASP B 69 -5.36 12.54 -38.76
C ASP B 69 -4.03 11.81 -38.92
N VAL B 70 -3.98 10.90 -39.90
CA VAL B 70 -2.79 10.07 -40.12
C VAL B 70 -1.50 10.87 -40.31
N ALA B 71 -1.63 12.13 -40.73
CA ALA B 71 -0.43 12.97 -40.87
C ALA B 71 0.38 12.98 -39.56
N GLU B 72 -0.30 13.04 -38.42
CA GLU B 72 0.39 13.03 -37.14
C GLU B 72 1.10 11.67 -36.98
N THR B 73 0.39 10.62 -37.36
CA THR B 73 0.96 9.28 -37.30
C THR B 73 2.18 9.19 -38.24
N LYS B 74 2.09 9.83 -39.41
CA LYS B 74 3.22 9.79 -40.35
C LYS B 74 4.45 10.50 -39.75
N ASN B 75 4.25 11.69 -39.20
CA ASN B 75 5.33 12.47 -38.59
C ASN B 75 6.03 11.60 -37.54
N LEU B 76 5.25 10.94 -36.67
CA LEU B 76 5.83 10.06 -35.65
C LEU B 76 6.57 8.88 -36.32
N LEU B 77 5.86 8.17 -37.20
CA LEU B 77 6.43 7.01 -37.89
C LEU B 77 7.82 7.19 -38.49
N ASP B 78 7.93 8.02 -39.53
CA ASP B 78 9.21 8.31 -40.19
C ASP B 78 10.35 8.68 -39.21
N LYS B 79 10.08 8.71 -37.90
CA LYS B 79 11.11 9.11 -36.94
C LYS B 79 11.85 8.09 -36.09
N LEU B 80 11.48 6.83 -36.15
CA LEU B 80 12.17 5.88 -35.28
C LEU B 80 12.64 4.61 -35.96
N VAL B 81 13.54 3.91 -35.26
CA VAL B 81 14.09 2.63 -35.71
C VAL B 81 13.52 1.57 -34.78
N VAL B 82 13.08 0.45 -35.38
CA VAL B 82 12.55 -0.67 -34.60
C VAL B 82 13.68 -1.68 -34.51
N LEU B 83 14.17 -1.90 -33.28
CA LEU B 83 15.25 -2.82 -32.97
C LEU B 83 14.77 -3.99 -32.11
N LYS B 84 15.10 -5.20 -32.55
CA LYS B 84 14.74 -6.38 -31.79
C LYS B 84 16.00 -7.03 -31.25
N LEU B 85 16.01 -7.31 -29.96
CA LEU B 85 17.14 -7.98 -29.31
C LEU B 85 17.03 -9.43 -29.82
N ASN B 86 18.08 -9.93 -30.47
CA ASN B 86 18.01 -11.24 -31.10
C ASN B 86 18.99 -12.29 -30.57
N GLY B 87 19.70 -11.96 -29.51
CA GLY B 87 20.65 -12.90 -28.95
C GLY B 87 19.96 -13.68 -27.85
N GLY B 88 19.56 -14.91 -28.18
CA GLY B 88 18.88 -15.76 -27.25
C GLY B 88 18.66 -17.05 -28.00
N LEU B 89 19.27 -18.14 -27.53
CA LEU B 89 19.12 -19.43 -28.19
C LEU B 89 17.87 -20.13 -27.67
N GLY B 90 17.41 -21.13 -28.41
CA GLY B 90 16.21 -21.86 -28.01
C GLY B 90 16.54 -22.97 -27.03
N THR B 91 17.73 -22.92 -26.45
CA THR B 91 18.13 -23.97 -25.50
C THR B 91 17.15 -24.09 -24.35
N THR B 92 16.66 -22.95 -23.87
CA THR B 92 15.73 -22.94 -22.76
C THR B 92 14.48 -23.77 -23.12
N MET B 93 13.97 -23.59 -24.33
CA MET B 93 12.80 -24.34 -24.78
C MET B 93 13.16 -25.57 -25.58
N GLY B 94 14.31 -26.18 -25.24
CA GLY B 94 14.75 -27.42 -25.89
C GLY B 94 15.03 -27.35 -27.37
N CYS B 95 15.64 -26.24 -27.80
CA CYS B 95 15.97 -25.99 -29.21
C CYS B 95 17.40 -25.45 -29.30
N THR B 96 17.98 -25.42 -30.50
CA THR B 96 19.37 -24.95 -30.60
C THR B 96 19.52 -23.48 -31.01
N GLY B 97 19.11 -23.17 -32.23
CA GLY B 97 19.24 -21.81 -32.74
C GLY B 97 18.64 -20.64 -31.97
N PRO B 98 18.61 -19.46 -32.61
CA PRO B 98 18.08 -18.21 -32.06
C PRO B 98 16.73 -18.47 -31.39
N LYS B 99 16.39 -17.68 -30.40
CA LYS B 99 15.15 -17.78 -29.65
C LYS B 99 14.01 -17.22 -30.49
N SER B 100 14.39 -16.78 -31.69
CA SER B 100 13.48 -16.18 -32.64
C SER B 100 12.95 -17.15 -33.70
N VAL B 101 13.75 -18.10 -34.19
CA VAL B 101 13.23 -18.98 -35.20
C VAL B 101 12.41 -20.12 -34.67
N ILE B 102 11.96 -20.02 -33.42
CA ILE B 102 11.08 -21.05 -32.92
C ILE B 102 9.77 -20.62 -33.53
N GLU B 103 8.91 -21.57 -33.86
CA GLU B 103 7.63 -21.24 -34.48
C GLU B 103 6.66 -20.69 -33.45
N VAL B 104 5.88 -19.69 -33.88
CA VAL B 104 4.87 -19.06 -33.05
C VAL B 104 3.52 -19.60 -33.51
N ARG B 105 3.17 -19.32 -34.78
CA ARG B 105 1.92 -19.82 -35.37
C ARG B 105 1.84 -19.75 -36.90
N ASP B 106 0.93 -20.57 -37.44
CA ASP B 106 0.68 -20.63 -38.88
C ASP B 106 1.92 -20.90 -39.72
N GLY B 107 2.95 -21.47 -39.10
CA GLY B 107 4.19 -21.77 -39.79
C GLY B 107 5.17 -20.61 -39.81
N LEU B 108 4.79 -19.47 -39.25
CA LEU B 108 5.65 -18.27 -39.21
C LEU B 108 6.23 -18.09 -37.80
N THR B 109 7.56 -18.08 -37.71
CA THR B 109 8.23 -17.90 -36.42
C THR B 109 8.18 -16.44 -35.96
N PHE B 110 8.87 -16.18 -34.86
CA PHE B 110 8.90 -14.82 -34.30
C PHE B 110 9.46 -13.82 -35.30
N LEU B 111 10.66 -14.08 -35.83
CA LEU B 111 11.29 -13.15 -36.76
C LEU B 111 10.37 -12.94 -37.97
N ASP B 112 9.71 -14.02 -38.41
CA ASP B 112 8.82 -13.87 -39.55
C ASP B 112 7.78 -12.80 -39.19
N LEU B 113 7.13 -12.96 -38.04
CA LEU B 113 6.13 -11.98 -37.61
C LEU B 113 6.77 -10.58 -37.57
N ILE B 114 7.96 -10.52 -37.01
CA ILE B 114 8.68 -9.25 -36.91
C ILE B 114 8.77 -8.49 -38.23
N VAL B 115 9.13 -9.19 -39.32
CA VAL B 115 9.25 -8.53 -40.62
C VAL B 115 7.91 -8.03 -41.14
N ILE B 116 6.90 -8.89 -41.03
CA ILE B 116 5.56 -8.55 -41.51
C ILE B 116 4.96 -7.32 -40.84
N GLN B 117 5.03 -7.28 -39.51
CA GLN B 117 4.47 -6.17 -38.76
C GLN B 117 4.99 -4.82 -39.20
N ILE B 118 6.24 -4.77 -39.63
CA ILE B 118 6.81 -3.49 -40.07
C ILE B 118 6.52 -3.30 -41.57
N GLU B 119 6.69 -4.35 -42.39
CA GLU B 119 6.42 -4.20 -43.80
C GLU B 119 4.99 -3.68 -44.00
N ASN B 120 4.06 -4.16 -43.18
CA ASN B 120 2.66 -3.73 -43.28
C ASN B 120 2.47 -2.29 -42.78
N LEU B 121 3.07 -2.00 -41.63
CA LEU B 121 3.02 -0.67 -41.03
C LEU B 121 3.30 0.43 -42.04
N ASN B 122 4.36 0.24 -42.82
CA ASN B 122 4.80 1.23 -43.82
C ASN B 122 3.78 1.41 -44.96
N ASN B 123 3.05 0.34 -45.24
CA ASN B 123 2.05 0.35 -46.30
C ASN B 123 0.83 1.09 -45.87
N LYS B 124 0.38 0.79 -44.67
CA LYS B 124 -0.80 1.43 -44.13
C LYS B 124 -0.59 2.90 -43.85
N TYR B 125 0.68 3.33 -43.72
CA TYR B 125 0.94 4.74 -43.41
C TYR B 125 1.86 5.58 -44.30
N GLY B 126 2.57 4.96 -45.24
CA GLY B 126 3.45 5.74 -46.09
C GLY B 126 4.76 6.20 -45.46
N CYS B 127 5.25 5.43 -44.50
CA CYS B 127 6.50 5.77 -43.84
C CYS B 127 7.60 4.79 -44.24
N LYS B 128 8.82 5.04 -43.76
CA LYS B 128 9.96 4.18 -44.08
C LYS B 128 10.68 3.71 -42.81
N VAL B 129 9.94 3.08 -41.91
CA VAL B 129 10.49 2.58 -40.66
C VAL B 129 11.48 1.43 -40.85
N PRO B 130 12.71 1.60 -40.35
CA PRO B 130 13.74 0.55 -40.49
C PRO B 130 13.56 -0.54 -39.44
N LEU B 131 14.10 -1.71 -39.75
CA LEU B 131 14.06 -2.84 -38.84
C LEU B 131 15.47 -3.40 -38.58
N VAL B 132 16.01 -3.17 -37.39
CA VAL B 132 17.32 -3.72 -37.03
C VAL B 132 17.13 -4.89 -36.09
N LEU B 133 17.79 -6.01 -36.41
CA LEU B 133 17.73 -7.23 -35.60
C LEU B 133 19.07 -7.36 -34.92
N MET B 134 19.19 -6.95 -33.66
CA MET B 134 20.48 -7.09 -33.03
C MET B 134 20.86 -8.56 -32.94
N ASN B 135 21.67 -9.01 -33.90
CA ASN B 135 22.18 -10.39 -33.92
C ASN B 135 23.28 -10.64 -32.88
N SER B 136 24.02 -11.73 -33.13
CA SER B 136 25.18 -12.21 -32.34
C SER B 136 25.83 -13.32 -33.18
N PHE B 137 27.04 -13.73 -32.82
CA PHE B 137 27.70 -14.80 -33.55
C PHE B 137 26.97 -16.16 -33.43
N ASN B 138 26.19 -16.31 -32.34
CA ASN B 138 25.46 -17.57 -32.09
C ASN B 138 24.10 -17.65 -32.76
N THR B 139 23.55 -16.48 -33.12
CA THR B 139 22.24 -16.41 -33.76
C THR B 139 22.33 -15.82 -35.17
N HIS B 140 23.54 -15.45 -35.59
CA HIS B 140 23.76 -14.86 -36.92
C HIS B 140 23.77 -15.98 -37.97
N ASP B 141 23.36 -17.15 -37.53
CA ASP B 141 23.35 -18.31 -38.38
C ASP B 141 21.94 -18.47 -38.93
N ASP B 142 21.03 -18.93 -38.10
CA ASP B 142 19.68 -19.15 -38.53
C ASP B 142 18.88 -17.88 -38.89
N THR B 143 19.25 -16.72 -38.32
CA THR B 143 18.53 -15.47 -38.61
C THR B 143 18.69 -14.95 -40.06
N HIS B 144 19.91 -14.91 -40.56
CA HIS B 144 20.04 -14.43 -41.91
C HIS B 144 19.35 -15.48 -42.76
N LYS B 145 19.46 -16.71 -42.29
CA LYS B 145 18.90 -17.86 -42.95
C LYS B 145 17.44 -17.67 -43.34
N ILE B 146 16.76 -16.72 -42.69
CA ILE B 146 15.35 -16.49 -43.00
C ILE B 146 14.98 -15.07 -43.35
N VAL B 147 15.93 -14.15 -43.27
CA VAL B 147 15.67 -12.77 -43.64
C VAL B 147 15.54 -12.73 -45.16
N GLU B 148 16.28 -13.62 -45.83
CA GLU B 148 16.29 -13.75 -47.29
C GLU B 148 14.94 -14.22 -47.82
N LYS B 149 14.15 -14.88 -46.96
CA LYS B 149 12.87 -15.41 -47.37
C LYS B 149 11.95 -14.35 -47.94
N TYR B 150 12.39 -13.10 -47.94
CA TYR B 150 11.57 -12.01 -48.47
C TYR B 150 12.32 -10.69 -48.52
N THR B 151 13.48 -10.72 -49.16
CA THR B 151 14.36 -9.58 -49.36
C THR B 151 13.74 -8.36 -50.05
N ASN B 152 12.62 -8.56 -50.73
CA ASN B 152 11.96 -7.46 -51.44
C ASN B 152 10.77 -6.85 -50.72
N SER B 153 10.67 -7.07 -49.41
CA SER B 153 9.55 -6.52 -48.65
C SER B 153 9.73 -5.01 -48.44
N ASN B 154 8.65 -4.31 -48.12
CA ASN B 154 8.75 -2.86 -47.90
C ASN B 154 9.22 -2.49 -46.49
N VAL B 155 10.46 -2.86 -46.21
CA VAL B 155 11.13 -2.57 -44.93
C VAL B 155 12.62 -2.89 -45.11
N ASP B 156 13.49 -1.95 -44.76
CA ASP B 156 14.93 -2.20 -44.85
C ASP B 156 15.29 -2.97 -43.57
N ILE B 157 15.72 -4.20 -43.73
CA ILE B 157 16.10 -5.05 -42.61
C ILE B 157 17.60 -4.92 -42.36
N HIS B 158 17.97 -4.19 -41.32
CA HIS B 158 19.38 -3.95 -40.97
C HIS B 158 19.88 -5.02 -40.03
N THR B 159 21.19 -5.11 -39.89
CA THR B 159 21.77 -6.12 -39.02
C THR B 159 23.12 -5.72 -38.43
N PHE B 160 23.41 -6.25 -37.25
CA PHE B 160 24.71 -6.05 -36.60
C PHE B 160 24.91 -7.09 -35.50
N ASN B 161 26.17 -7.40 -35.21
CA ASN B 161 26.51 -8.39 -34.19
C ASN B 161 26.90 -7.73 -32.88
N GLN B 162 26.36 -8.21 -31.76
CA GLN B 162 26.68 -7.63 -30.45
C GLN B 162 28.10 -8.09 -30.07
N SER B 163 28.63 -7.53 -28.98
CA SER B 163 29.99 -7.85 -28.50
C SER B 163 30.31 -9.31 -28.17
N LYS B 164 31.60 -9.59 -27.96
CA LYS B 164 32.07 -10.93 -27.62
C LYS B 164 33.07 -10.78 -26.46
N TYR B 165 32.80 -11.48 -25.36
CA TYR B 165 33.63 -11.44 -24.16
C TYR B 165 34.03 -12.85 -23.66
N PRO B 166 35.28 -13.02 -23.22
CA PRO B 166 35.67 -14.37 -22.76
C PRO B 166 34.94 -14.75 -21.47
N ARG B 167 34.39 -15.96 -21.43
CA ARG B 167 33.68 -16.46 -20.25
C ARG B 167 34.72 -16.91 -19.24
N VAL B 168 35.42 -15.93 -18.69
CA VAL B 168 36.51 -16.12 -17.73
C VAL B 168 36.45 -17.36 -16.83
N VAL B 169 37.55 -18.10 -16.77
CA VAL B 169 37.62 -19.30 -15.94
C VAL B 169 37.46 -18.96 -14.45
N ALA B 170 36.50 -19.61 -13.82
CA ALA B 170 36.18 -19.36 -12.40
C ALA B 170 37.35 -19.02 -11.47
N ASP B 171 37.88 -20.03 -10.79
CA ASP B 171 38.97 -19.87 -9.84
C ASP B 171 40.23 -19.17 -10.34
N GLU B 172 40.73 -19.58 -11.50
CA GLU B 172 41.94 -18.97 -12.04
C GLU B 172 41.67 -17.50 -12.33
N PHE B 173 40.45 -17.24 -12.79
CA PHE B 173 39.97 -15.92 -13.16
C PHE B 173 40.76 -15.44 -14.39
N VAL B 174 40.83 -16.29 -15.40
CA VAL B 174 41.52 -15.95 -16.62
C VAL B 174 40.64 -16.20 -17.84
N PRO B 175 40.85 -15.42 -18.91
CA PRO B 175 40.03 -15.62 -20.11
C PRO B 175 40.25 -17.03 -20.64
N TRP B 176 39.18 -17.80 -20.75
CA TRP B 176 39.28 -19.18 -21.25
C TRP B 176 40.02 -19.18 -22.61
N PRO B 177 39.66 -18.25 -23.51
CA PRO B 177 40.36 -18.24 -24.80
C PRO B 177 41.88 -18.07 -24.62
N SER B 178 42.29 -17.43 -23.53
CA SER B 178 43.72 -17.23 -23.27
C SER B 178 44.36 -18.61 -23.06
N LYS B 179 43.63 -19.50 -22.38
CA LYS B 179 44.12 -20.84 -22.13
C LYS B 179 43.96 -21.73 -23.36
N GLY B 180 43.56 -21.10 -24.47
CA GLY B 180 43.39 -21.82 -25.73
C GLY B 180 42.00 -22.32 -26.04
N LYS B 181 41.03 -21.98 -25.19
CA LYS B 181 39.65 -22.41 -25.40
C LYS B 181 38.92 -21.42 -26.30
N THR B 182 39.61 -20.94 -27.34
CA THR B 182 39.02 -19.97 -28.26
C THR B 182 37.86 -20.52 -29.10
N ASP B 183 37.44 -21.74 -28.80
CA ASP B 183 36.32 -22.35 -29.55
C ASP B 183 35.01 -21.68 -29.10
N LYS B 184 33.89 -22.01 -29.77
CA LYS B 184 32.63 -21.40 -29.38
C LYS B 184 32.05 -22.00 -28.11
N GLU B 185 32.83 -21.89 -27.04
CA GLU B 185 32.45 -22.38 -25.73
C GLU B 185 33.06 -21.48 -24.66
N GLY B 186 34.05 -20.68 -25.05
CA GLY B 186 34.71 -19.80 -24.11
C GLY B 186 34.31 -18.34 -24.26
N TRP B 187 33.39 -18.07 -25.20
CA TRP B 187 32.91 -16.72 -25.48
C TRP B 187 31.44 -16.51 -25.10
N TYR B 188 31.03 -15.24 -25.02
CA TYR B 188 29.63 -14.91 -24.71
C TYR B 188 29.20 -13.50 -25.03
N PRO B 189 27.89 -13.30 -25.31
CA PRO B 189 27.33 -11.98 -25.62
C PRO B 189 27.08 -11.37 -24.24
N PRO B 190 27.67 -10.19 -23.97
CA PRO B 190 27.51 -9.57 -22.66
C PRO B 190 26.19 -8.86 -22.33
N GLY B 191 25.09 -9.61 -22.45
CA GLY B 191 23.77 -9.11 -22.12
C GLY B 191 23.10 -8.21 -23.14
N HIS B 192 21.86 -7.81 -22.84
CA HIS B 192 21.15 -6.93 -23.77
C HIS B 192 21.45 -5.42 -23.71
N GLY B 193 22.08 -4.97 -22.62
CA GLY B 193 22.46 -3.56 -22.50
C GLY B 193 23.62 -3.23 -23.41
N ASP B 194 24.22 -4.27 -23.98
CA ASP B 194 25.35 -4.13 -24.92
C ASP B 194 24.78 -3.43 -26.18
N VAL B 195 23.47 -3.27 -26.24
CA VAL B 195 22.87 -2.65 -27.40
C VAL B 195 23.46 -1.23 -27.65
N PHE B 196 23.86 -0.56 -26.58
CA PHE B 196 24.42 0.77 -26.69
C PHE B 196 25.82 0.80 -27.30
N PRO B 197 26.79 0.13 -26.67
CA PRO B 197 28.08 0.22 -27.35
C PRO B 197 28.02 -0.50 -28.71
N ALA B 198 27.22 -1.55 -28.79
CA ALA B 198 27.10 -2.31 -30.05
C ALA B 198 26.47 -1.52 -31.19
N LEU B 199 25.34 -0.87 -30.94
CA LEU B 199 24.72 -0.08 -32.01
C LEU B 199 25.73 0.96 -32.49
N MET B 200 26.63 1.35 -31.59
CA MET B 200 27.67 2.32 -31.93
C MET B 200 28.84 1.65 -32.68
N ASN B 201 29.43 0.63 -32.08
CA ASN B 201 30.58 -0.08 -32.69
C ASN B 201 30.16 -0.68 -34.04
N SER B 202 28.85 -0.77 -34.26
CA SER B 202 28.31 -1.34 -35.49
C SER B 202 28.22 -0.40 -36.69
N GLY B 203 28.11 0.90 -36.46
CA GLY B 203 27.99 1.88 -37.54
C GLY B 203 26.56 2.22 -37.96
N LYS B 204 25.55 1.68 -37.26
CA LYS B 204 24.16 1.97 -37.65
C LYS B 204 23.56 3.18 -36.95
N LEU B 205 23.93 3.38 -35.69
CA LEU B 205 23.44 4.54 -34.93
C LEU B 205 23.69 5.84 -35.72
N ASP B 206 24.93 6.03 -36.17
CA ASP B 206 25.26 7.23 -36.92
C ASP B 206 24.49 7.22 -38.24
N THR B 207 24.32 6.04 -38.82
CA THR B 207 23.57 5.88 -40.06
C THR B 207 22.11 6.34 -39.84
N PHE B 208 21.54 6.04 -38.66
CA PHE B 208 20.14 6.42 -38.38
C PHE B 208 20.01 7.89 -38.04
N LEU B 209 21.03 8.41 -37.37
CA LEU B 209 21.05 9.83 -37.06
C LEU B 209 21.09 10.56 -38.41
N SER B 210 21.96 10.11 -39.31
CA SER B 210 22.05 10.74 -40.64
C SER B 210 20.78 10.42 -41.41
N GLN B 211 20.19 9.25 -41.14
CA GLN B 211 18.95 8.86 -41.80
C GLN B 211 17.77 9.54 -41.09
N GLY B 212 18.06 10.66 -40.41
CA GLY B 212 17.01 11.43 -39.76
C GLY B 212 16.18 10.71 -38.71
N LYS B 213 16.65 9.57 -38.23
CA LYS B 213 15.90 8.86 -37.19
C LYS B 213 16.09 9.56 -35.86
N GLU B 214 15.12 9.43 -34.97
CA GLU B 214 15.19 10.10 -33.66
C GLU B 214 15.26 9.15 -32.47
N TYR B 215 14.45 8.10 -32.52
CA TYR B 215 14.35 7.11 -31.42
C TYR B 215 14.51 5.68 -31.92
N VAL B 216 15.05 4.80 -31.07
CA VAL B 216 15.15 3.39 -31.44
C VAL B 216 14.31 2.63 -30.41
N PHE B 217 13.33 1.84 -30.86
CA PHE B 217 12.51 1.06 -29.92
C PHE B 217 13.14 -0.34 -29.85
N VAL B 218 13.71 -0.65 -28.69
CA VAL B 218 14.39 -1.91 -28.42
C VAL B 218 13.49 -2.83 -27.59
N ALA B 219 13.09 -3.95 -28.18
CA ALA B 219 12.26 -4.89 -27.43
C ALA B 219 12.75 -6.31 -27.75
N ASN B 220 12.47 -7.26 -26.86
CA ASN B 220 12.84 -8.65 -27.12
C ASN B 220 11.97 -9.14 -28.31
N SER B 221 12.61 -9.68 -29.36
CA SER B 221 11.89 -10.16 -30.55
C SER B 221 10.91 -11.30 -30.22
N ASP B 222 11.10 -11.90 -29.04
CA ASP B 222 10.26 -13.00 -28.60
C ASP B 222 9.05 -12.49 -27.82
N ASN B 223 8.98 -11.17 -27.57
CA ASN B 223 7.83 -10.63 -26.88
C ASN B 223 6.84 -10.23 -27.99
N LEU B 224 5.79 -11.04 -28.13
CA LEU B 224 4.79 -10.83 -29.18
C LEU B 224 3.86 -9.66 -28.94
N GLY B 225 4.02 -9.00 -27.80
CA GLY B 225 3.18 -7.85 -27.51
C GLY B 225 3.89 -6.52 -27.71
N ALA B 226 5.18 -6.56 -28.03
CA ALA B 226 5.96 -5.32 -28.22
C ALA B 226 5.84 -4.79 -29.65
N ILE B 227 4.68 -4.22 -29.98
CA ILE B 227 4.48 -3.70 -31.30
C ILE B 227 4.54 -2.19 -31.19
N VAL B 228 4.86 -1.50 -32.27
CA VAL B 228 4.92 -0.04 -32.17
C VAL B 228 3.68 0.57 -31.54
N ASP B 229 3.87 1.60 -30.70
CA ASP B 229 2.76 2.29 -30.01
C ASP B 229 2.85 3.81 -30.23
N LEU B 230 1.90 4.37 -30.95
CA LEU B 230 1.95 5.81 -31.25
C LEU B 230 1.78 6.79 -30.10
N THR B 231 0.91 6.46 -29.14
CA THR B 231 0.74 7.35 -28.00
C THR B 231 2.11 7.54 -27.33
N ILE B 232 2.77 6.43 -26.98
CA ILE B 232 4.08 6.51 -26.34
C ILE B 232 5.05 7.34 -27.19
N LEU B 233 5.16 7.01 -28.47
CA LEU B 233 6.10 7.74 -29.32
C LEU B 233 5.75 9.23 -29.30
N LYS B 234 4.46 9.55 -29.43
CA LYS B 234 4.04 10.93 -29.39
C LYS B 234 4.52 11.54 -28.07
N HIS B 235 4.44 10.79 -26.97
CA HIS B 235 4.88 11.36 -25.70
C HIS B 235 6.39 11.73 -25.67
N LEU B 236 7.25 10.90 -26.27
CA LEU B 236 8.70 11.21 -26.27
C LEU B 236 9.01 12.29 -27.30
N ILE B 237 8.24 12.32 -28.37
CA ILE B 237 8.49 13.36 -29.38
C ILE B 237 8.17 14.72 -28.79
N GLN B 238 7.08 14.81 -28.04
CA GLN B 238 6.70 16.09 -27.46
C GLN B 238 7.60 16.51 -26.31
N ASN B 239 7.98 15.53 -25.50
CA ASN B 239 8.76 15.77 -24.31
C ASN B 239 10.27 15.58 -24.37
N LYS B 240 10.79 15.14 -25.50
CA LYS B 240 12.22 14.90 -25.65
C LYS B 240 12.81 14.05 -24.50
N ASN B 241 12.09 13.01 -24.08
CA ASN B 241 12.60 12.13 -23.03
C ASN B 241 13.84 11.45 -23.60
N GLU B 242 14.84 11.20 -22.77
CA GLU B 242 16.01 10.52 -23.31
C GLU B 242 15.84 9.01 -23.08
N TYR B 243 14.71 8.61 -22.50
CA TYR B 243 14.53 7.19 -22.24
C TYR B 243 13.13 6.93 -21.71
N CYS B 244 12.46 5.94 -22.30
CA CYS B 244 11.13 5.56 -21.84
C CYS B 244 11.11 4.05 -21.62
N MET B 245 10.77 3.64 -20.40
CA MET B 245 10.69 2.22 -20.06
C MET B 245 9.25 1.85 -19.77
N GLU B 246 8.71 0.92 -20.54
CA GLU B 246 7.35 0.45 -20.28
C GLU B 246 7.48 -0.54 -19.10
N VAL B 247 6.64 -0.34 -18.08
CA VAL B 247 6.60 -1.24 -16.94
C VAL B 247 5.14 -1.70 -16.89
N THR B 248 4.87 -2.83 -16.26
CA THR B 248 3.47 -3.30 -16.19
C THR B 248 3.27 -3.72 -14.72
N PRO B 249 2.03 -3.61 -14.20
CA PRO B 249 1.76 -3.97 -12.80
C PRO B 249 2.18 -5.34 -12.30
N LYS B 250 2.83 -5.35 -11.16
CA LYS B 250 3.25 -6.61 -10.57
C LYS B 250 2.07 -7.50 -10.17
N THR B 251 2.12 -8.77 -10.56
CA THR B 251 1.11 -9.78 -10.18
C THR B 251 1.91 -10.78 -9.35
N LEU B 252 1.25 -11.72 -8.64
CA LEU B 252 2.03 -12.66 -7.83
C LEU B 252 3.07 -13.40 -8.66
N ALA B 253 2.85 -13.47 -9.97
CA ALA B 253 3.77 -14.13 -10.88
C ALA B 253 4.97 -13.25 -11.22
N ASP B 254 4.92 -11.99 -10.83
CA ASP B 254 5.98 -11.05 -11.18
C ASP B 254 6.53 -10.34 -9.94
N VAL B 255 6.28 -10.93 -8.78
CA VAL B 255 6.70 -10.33 -7.53
C VAL B 255 8.18 -9.91 -7.53
N LYS B 256 9.06 -10.79 -8.00
CA LYS B 256 10.50 -10.49 -8.03
C LYS B 256 10.98 -9.63 -9.21
N GLY B 257 10.07 -9.18 -10.06
CA GLY B 257 10.48 -8.37 -11.20
C GLY B 257 11.19 -7.07 -10.84
N GLY B 258 12.13 -6.64 -11.68
CA GLY B 258 12.85 -5.39 -11.44
C GLY B 258 11.83 -4.25 -11.51
N THR B 259 11.99 -3.25 -10.65
CA THR B 259 11.02 -2.16 -10.60
C THR B 259 11.71 -0.80 -10.71
N LEU B 260 10.92 0.24 -10.91
CA LEU B 260 11.46 1.58 -11.02
C LEU B 260 11.08 2.41 -9.81
N ILE B 261 12.08 3.07 -9.24
CA ILE B 261 11.87 3.90 -8.08
C ILE B 261 12.70 5.14 -8.35
N SER B 262 12.69 6.10 -7.44
CA SER B 262 13.54 7.29 -7.57
C SER B 262 14.69 7.09 -6.62
N TYR B 263 15.88 7.47 -7.05
CA TYR B 263 17.07 7.30 -6.21
C TYR B 263 18.17 8.31 -6.57
N GLU B 264 18.81 8.83 -5.54
CA GLU B 264 19.90 9.82 -5.65
C GLU B 264 19.74 10.75 -6.83
N GLY B 265 18.53 11.25 -7.05
CA GLY B 265 18.31 12.18 -8.16
C GLY B 265 17.91 11.60 -9.49
N LYS B 266 17.65 10.30 -9.54
CA LYS B 266 17.22 9.69 -10.79
C LYS B 266 16.40 8.40 -10.70
N VAL B 267 15.31 8.36 -11.46
CA VAL B 267 14.46 7.18 -11.52
C VAL B 267 15.38 6.14 -12.17
N GLN B 268 15.54 5.01 -11.49
CA GLN B 268 16.43 3.95 -11.97
C GLN B 268 15.75 2.60 -11.77
N LEU B 269 16.31 1.59 -12.42
CA LEU B 269 15.82 0.22 -12.29
C LEU B 269 16.33 -0.29 -10.97
N LEU B 270 15.53 -1.13 -10.30
CA LEU B 270 15.91 -1.78 -9.04
C LEU B 270 15.56 -3.26 -9.15
N GLU B 271 16.60 -4.09 -9.25
CA GLU B 271 16.44 -5.54 -9.34
C GLU B 271 16.60 -6.03 -7.92
N ILE B 272 16.19 -7.27 -7.67
CA ILE B 272 16.27 -7.84 -6.35
C ILE B 272 17.70 -8.13 -5.89
N ALA B 273 18.58 -8.47 -6.83
CA ALA B 273 19.98 -8.77 -6.46
C ALA B 273 20.72 -7.58 -5.82
N GLN B 274 20.26 -6.36 -6.08
CA GLN B 274 20.92 -5.18 -5.50
C GLN B 274 20.42 -4.86 -4.10
N VAL B 275 19.44 -5.62 -3.64
CA VAL B 275 18.86 -5.43 -2.32
C VAL B 275 19.46 -6.42 -1.31
N PRO B 276 20.09 -5.91 -0.24
CA PRO B 276 20.68 -6.81 0.78
C PRO B 276 19.59 -7.74 1.32
N ASP B 277 19.95 -8.96 1.72
CA ASP B 277 18.93 -9.88 2.23
C ASP B 277 18.02 -9.20 3.24
N GLU B 278 18.57 -8.25 3.97
CA GLU B 278 17.84 -7.49 4.99
C GLU B 278 16.57 -6.76 4.52
N HIS B 279 16.31 -6.72 3.21
CA HIS B 279 15.11 -6.04 2.70
C HIS B 279 14.42 -6.70 1.51
N VAL B 280 14.80 -7.94 1.18
CA VAL B 280 14.17 -8.62 0.05
C VAL B 280 12.66 -8.71 0.27
N ASN B 281 12.27 -8.71 1.54
CA ASN B 281 10.87 -8.80 1.90
C ASN B 281 10.11 -7.53 1.50
N GLU B 282 10.74 -6.38 1.65
CA GLU B 282 10.09 -5.15 1.24
C GLU B 282 10.02 -5.13 -0.30
N PHE B 283 11.09 -5.59 -0.94
CA PHE B 283 11.17 -5.61 -2.41
C PHE B 283 10.04 -6.45 -3.03
N LYS B 284 9.82 -7.65 -2.49
CA LYS B 284 8.78 -8.55 -3.01
C LYS B 284 7.35 -8.13 -2.69
N SER B 285 7.20 -7.00 -2.02
CA SER B 285 5.87 -6.51 -1.68
C SER B 285 5.27 -5.81 -2.89
N ILE B 286 4.29 -6.45 -3.54
CA ILE B 286 3.65 -5.86 -4.71
C ILE B 286 2.68 -4.76 -4.32
N GLU B 287 2.51 -4.55 -3.01
CA GLU B 287 1.66 -3.48 -2.52
C GLU B 287 2.52 -2.23 -2.45
N LYS B 288 3.84 -2.42 -2.37
CA LYS B 288 4.81 -1.32 -2.26
C LYS B 288 5.45 -0.93 -3.60
N PHE B 289 5.82 -1.96 -4.35
CA PHE B 289 6.45 -1.83 -5.66
C PHE B 289 5.47 -2.61 -6.55
N LYS B 290 4.64 -1.85 -7.25
CA LYS B 290 3.54 -2.42 -8.04
C LYS B 290 3.77 -2.45 -9.51
N ILE B 291 5.04 -2.42 -9.93
CA ILE B 291 5.38 -2.37 -11.35
C ILE B 291 6.69 -3.05 -11.71
N PHE B 292 6.77 -3.63 -12.91
CA PHE B 292 8.02 -4.23 -13.35
C PHE B 292 8.40 -3.96 -14.81
N ASN B 293 9.72 -3.95 -15.04
CA ASN B 293 10.29 -3.71 -16.38
C ASN B 293 9.87 -4.79 -17.37
N THR B 294 9.21 -4.38 -18.46
CA THR B 294 8.74 -5.32 -19.47
C THR B 294 9.84 -5.65 -20.47
N ASN B 295 11.00 -5.05 -20.29
CA ASN B 295 12.08 -5.26 -21.26
C ASN B 295 11.81 -4.48 -22.57
N ASN B 296 10.69 -3.75 -22.67
CA ASN B 296 10.40 -2.90 -23.86
C ASN B 296 11.11 -1.58 -23.48
N LEU B 297 11.72 -0.88 -24.44
CA LEU B 297 12.47 0.34 -24.14
C LEU B 297 12.73 1.20 -25.40
N TRP B 298 12.57 2.52 -25.28
CA TRP B 298 12.77 3.43 -26.43
C TRP B 298 13.81 4.53 -26.05
N VAL B 299 15.03 4.39 -26.59
CA VAL B 299 16.13 5.27 -26.24
C VAL B 299 16.63 6.37 -27.23
N ASN B 300 16.87 7.57 -26.69
CA ASN B 300 17.37 8.72 -27.44
C ASN B 300 18.64 8.30 -28.18
N LEU B 301 18.62 8.35 -29.50
CA LEU B 301 19.81 7.93 -30.25
C LEU B 301 21.02 8.83 -30.01
N LYS B 302 20.80 10.14 -30.01
CA LYS B 302 21.89 11.11 -29.77
C LYS B 302 22.50 10.85 -28.39
N ALA B 303 21.66 10.51 -27.42
CA ALA B 303 22.13 10.25 -26.07
C ALA B 303 22.96 8.97 -25.92
N ILE B 304 22.53 7.88 -26.55
CA ILE B 304 23.27 6.62 -26.50
C ILE B 304 24.74 6.87 -26.82
N LYS B 305 25.02 7.39 -28.01
CA LYS B 305 26.41 7.66 -28.45
C LYS B 305 27.23 8.59 -27.54
N LYS B 306 26.58 9.64 -27.04
CA LYS B 306 27.26 10.61 -26.17
C LYS B 306 27.58 9.96 -24.80
N LEU B 307 26.70 9.05 -24.37
CA LEU B 307 26.88 8.39 -23.08
C LEU B 307 27.80 7.19 -23.24
N VAL B 308 27.77 6.56 -24.42
CA VAL B 308 28.61 5.40 -24.74
C VAL B 308 30.02 5.84 -25.19
N GLU B 309 30.09 6.88 -26.03
CA GLU B 309 31.39 7.34 -26.48
C GLU B 309 32.14 7.98 -25.29
N ALA B 310 31.40 8.63 -24.39
CA ALA B 310 32.04 9.26 -23.24
C ALA B 310 32.13 8.29 -22.06
N ASP B 311 31.96 7.00 -22.35
CA ASP B 311 32.02 5.95 -21.34
C ASP B 311 31.22 6.35 -20.11
N ALA B 312 29.97 6.76 -20.36
CA ALA B 312 29.10 7.20 -19.28
C ALA B 312 28.23 6.06 -18.74
N LEU B 313 28.20 4.94 -19.46
CA LEU B 313 27.39 3.78 -19.05
C LEU B 313 28.06 2.92 -17.96
N LYS B 314 27.40 2.74 -16.83
CA LYS B 314 28.02 1.95 -15.76
C LYS B 314 26.99 1.05 -15.11
N MET B 315 26.32 0.24 -15.93
CA MET B 315 25.29 -0.66 -15.41
C MET B 315 25.83 -1.69 -14.45
N GLU B 316 24.95 -2.11 -13.54
CA GLU B 316 25.28 -3.14 -12.56
C GLU B 316 25.83 -4.36 -13.26
N ILE B 317 26.80 -4.99 -12.64
CA ILE B 317 27.39 -6.17 -13.22
C ILE B 317 26.55 -7.38 -12.83
N ILE B 318 26.20 -8.18 -13.83
CA ILE B 318 25.42 -9.38 -13.59
C ILE B 318 26.38 -10.54 -13.80
N PRO B 319 26.97 -11.06 -12.71
CA PRO B 319 27.92 -12.17 -12.79
C PRO B 319 27.14 -13.47 -12.96
N ASN B 320 26.86 -13.80 -14.22
CA ASN B 320 26.10 -14.97 -14.62
C ASN B 320 27.00 -16.22 -14.74
N PRO B 321 26.89 -17.13 -13.76
CA PRO B 321 27.64 -18.38 -13.66
C PRO B 321 27.23 -19.45 -14.68
N LYS B 322 28.22 -20.19 -15.14
CA LYS B 322 27.97 -21.25 -16.11
C LYS B 322 28.95 -22.40 -15.91
N GLU B 323 28.62 -23.55 -16.47
CA GLU B 323 29.48 -24.72 -16.39
C GLU B 323 29.57 -25.32 -17.78
N VAL B 324 30.73 -25.19 -18.41
CA VAL B 324 30.94 -25.71 -19.75
C VAL B 324 32.10 -26.71 -19.74
N ASP B 325 31.91 -27.83 -20.42
CA ASP B 325 32.94 -28.86 -20.48
C ASP B 325 33.50 -29.21 -19.09
N GLY B 326 32.71 -28.95 -18.05
CA GLY B 326 33.14 -29.23 -16.69
C GLY B 326 34.00 -28.14 -16.08
N VAL B 327 33.93 -26.94 -16.66
CA VAL B 327 34.72 -25.80 -16.17
C VAL B 327 33.82 -24.60 -15.85
N LYS B 328 33.70 -24.26 -14.57
CA LYS B 328 32.88 -23.13 -14.18
C LYS B 328 33.57 -21.89 -14.73
N VAL B 329 32.77 -20.90 -15.13
CA VAL B 329 33.31 -19.66 -15.66
C VAL B 329 32.50 -18.44 -15.19
N LEU B 330 33.02 -17.26 -15.48
CA LEU B 330 32.36 -16.00 -15.12
C LEU B 330 31.98 -15.24 -16.39
N GLN B 331 30.80 -14.64 -16.35
CA GLN B 331 30.28 -13.83 -17.45
C GLN B 331 29.79 -12.52 -16.87
N LEU B 332 30.38 -11.42 -17.29
CA LEU B 332 29.95 -10.12 -16.78
C LEU B 332 29.03 -9.56 -17.85
N GLU B 333 27.76 -9.45 -17.51
CA GLU B 333 26.74 -8.98 -18.43
C GLU B 333 26.13 -7.69 -17.94
N THR B 334 25.40 -7.01 -18.83
CA THR B 334 24.70 -5.79 -18.45
C THR B 334 23.31 -5.83 -19.05
N ALA B 335 22.39 -5.11 -18.40
CA ALA B 335 20.98 -5.07 -18.83
C ALA B 335 20.59 -3.70 -19.40
N ALA B 336 19.90 -3.73 -20.54
CA ALA B 336 19.49 -2.50 -21.19
C ALA B 336 18.70 -1.60 -20.23
N GLY B 337 17.72 -2.18 -19.54
CA GLY B 337 16.90 -1.38 -18.63
C GLY B 337 17.72 -0.62 -17.59
N ALA B 338 18.83 -1.22 -17.15
CA ALA B 338 19.67 -0.58 -16.15
C ALA B 338 20.24 0.72 -16.70
N ALA B 339 20.23 0.84 -18.03
CA ALA B 339 20.75 2.07 -18.63
C ALA B 339 19.94 3.31 -18.26
N ILE B 340 18.70 3.14 -17.83
CA ILE B 340 17.83 4.28 -17.53
C ILE B 340 18.38 5.35 -16.57
N ARG B 341 19.27 4.94 -15.67
CA ARG B 341 19.77 5.90 -14.70
C ARG B 341 20.76 6.91 -15.27
N PHE B 342 21.33 6.57 -16.42
CA PHE B 342 22.32 7.42 -17.07
C PHE B 342 21.67 8.46 -17.97
N PHE B 343 20.35 8.39 -18.09
CA PHE B 343 19.60 9.31 -18.95
C PHE B 343 18.80 10.37 -18.20
N ASP B 344 18.64 11.51 -18.85
CA ASP B 344 17.90 12.64 -18.31
C ASP B 344 16.51 12.72 -18.96
N ASN B 345 15.56 13.31 -18.22
CA ASN B 345 14.18 13.45 -18.70
C ASN B 345 13.58 12.08 -19.08
N ALA B 346 14.18 11.01 -18.59
CA ALA B 346 13.70 9.66 -18.90
C ALA B 346 12.38 9.41 -18.12
N ILE B 347 11.75 8.29 -18.41
CA ILE B 347 10.54 7.93 -17.73
C ILE B 347 10.30 6.43 -17.76
N GLY B 348 9.50 5.99 -16.79
CA GLY B 348 9.05 4.62 -16.78
C GLY B 348 7.60 4.87 -17.17
N VAL B 349 7.04 4.11 -18.12
CA VAL B 349 5.62 4.27 -18.45
C VAL B 349 4.95 2.96 -18.04
N ASN B 350 3.94 3.06 -17.17
CA ASN B 350 3.29 1.85 -16.66
C ASN B 350 2.26 1.37 -17.67
N VAL B 351 2.59 0.27 -18.36
CA VAL B 351 1.74 -0.30 -19.42
C VAL B 351 1.01 -1.61 -19.07
N PRO B 352 -0.25 -1.76 -19.54
CA PRO B 352 -1.01 -2.99 -19.30
C PRO B 352 -0.22 -4.17 -19.82
N ARG B 353 -0.32 -5.30 -19.12
CA ARG B 353 0.43 -6.49 -19.51
C ARG B 353 0.13 -6.86 -20.95
N SER B 354 -0.91 -6.25 -21.51
CA SER B 354 -1.23 -6.49 -22.89
C SER B 354 0.06 -6.35 -23.72
N ARG B 355 0.80 -5.27 -23.49
CA ARG B 355 2.05 -5.11 -24.24
C ARG B 355 3.16 -6.00 -23.68
N PHE B 356 2.76 -6.94 -22.80
CA PHE B 356 3.68 -7.91 -22.21
C PHE B 356 3.15 -9.34 -22.40
N LEU B 357 3.57 -9.97 -23.49
CA LEU B 357 3.15 -11.32 -23.84
C LEU B 357 4.40 -12.09 -24.31
N PRO B 358 5.26 -12.53 -23.35
CA PRO B 358 6.45 -13.26 -23.76
C PRO B 358 6.21 -14.76 -23.97
N VAL B 359 7.10 -15.37 -24.72
CA VAL B 359 7.07 -16.80 -24.98
C VAL B 359 8.46 -17.28 -24.57
N LYS B 360 8.58 -17.77 -23.35
CA LYS B 360 9.87 -18.26 -22.83
C LYS B 360 9.91 -19.75 -22.60
N ALA B 361 8.72 -20.36 -22.51
CA ALA B 361 8.61 -21.81 -22.28
C ALA B 361 7.40 -22.33 -23.05
N SER B 362 7.34 -23.65 -23.21
CA SER B 362 6.24 -24.27 -23.98
C SER B 362 4.84 -23.90 -23.52
N SER B 363 4.68 -23.64 -22.22
CA SER B 363 3.37 -23.26 -21.70
C SER B 363 2.92 -21.96 -22.37
N ASP B 364 3.88 -21.15 -22.85
CA ASP B 364 3.51 -19.89 -23.49
C ASP B 364 2.95 -20.18 -24.90
N LEU B 365 3.64 -21.04 -25.62
CA LEU B 365 3.16 -21.47 -26.95
C LEU B 365 1.79 -22.11 -26.78
N LEU B 366 1.64 -22.93 -25.76
CA LEU B 366 0.34 -23.56 -25.51
C LEU B 366 -0.71 -22.44 -25.40
N LEU B 367 -0.27 -21.22 -25.09
CA LEU B 367 -1.19 -20.10 -24.97
C LEU B 367 -1.55 -19.46 -26.31
N VAL B 368 -0.54 -19.22 -27.14
CA VAL B 368 -0.78 -18.52 -28.39
C VAL B 368 -1.01 -19.43 -29.61
N GLN B 369 -1.06 -20.72 -29.38
CA GLN B 369 -1.30 -21.66 -30.49
C GLN B 369 -2.71 -22.21 -30.34
N SER B 370 -3.35 -21.88 -29.22
CA SER B 370 -4.72 -22.35 -28.95
C SER B 370 -5.70 -21.43 -29.68
N ASP B 371 -6.93 -21.39 -29.17
CA ASP B 371 -7.99 -20.55 -29.73
C ASP B 371 -8.14 -19.25 -28.94
N LEU B 372 -7.04 -18.81 -28.33
CA LEU B 372 -7.03 -17.54 -27.58
C LEU B 372 -6.57 -16.40 -28.48
N TYR B 373 -5.76 -16.71 -29.50
CA TYR B 373 -5.22 -15.73 -30.47
C TYR B 373 -5.37 -16.18 -31.94
N THR B 374 -5.30 -15.19 -32.83
CA THR B 374 -5.33 -15.42 -34.27
C THR B 374 -4.20 -14.54 -34.78
N LEU B 375 -3.65 -14.85 -35.95
CA LEU B 375 -2.62 -14.02 -36.53
C LEU B 375 -3.36 -13.13 -37.51
N VAL B 376 -3.25 -11.80 -37.34
CA VAL B 376 -3.91 -10.85 -38.23
C VAL B 376 -2.91 -9.85 -38.77
N ASP B 377 -2.56 -10.02 -40.04
CA ASP B 377 -1.61 -9.14 -40.69
C ASP B 377 -0.33 -9.11 -39.84
N GLY B 378 0.02 -10.27 -39.29
CA GLY B 378 1.23 -10.36 -38.49
C GLY B 378 1.09 -9.99 -37.03
N PHE B 379 -0.15 -9.88 -36.56
CA PHE B 379 -0.44 -9.54 -35.17
C PHE B 379 -1.00 -10.70 -34.34
N VAL B 380 -0.41 -10.95 -33.18
CA VAL B 380 -0.91 -11.97 -32.27
C VAL B 380 -1.88 -11.15 -31.38
N THR B 381 -3.12 -11.03 -31.83
CA THR B 381 -4.15 -10.26 -31.15
C THR B 381 -5.13 -11.19 -30.44
N ARG B 382 -5.44 -10.86 -29.19
CA ARG B 382 -6.33 -11.65 -28.36
C ARG B 382 -7.68 -11.94 -29.02
N ASN B 383 -8.24 -13.08 -28.66
CA ASN B 383 -9.53 -13.52 -29.21
C ASN B 383 -10.66 -12.67 -28.59
N LYS B 384 -11.59 -12.20 -29.42
CA LYS B 384 -12.72 -11.41 -28.89
C LYS B 384 -13.60 -12.19 -27.91
N ALA B 385 -13.67 -13.51 -28.07
CA ALA B 385 -14.47 -14.32 -27.14
C ALA B 385 -13.87 -14.21 -25.73
N ARG B 386 -12.54 -14.32 -25.65
CA ARG B 386 -11.89 -14.22 -24.34
C ARG B 386 -11.98 -12.74 -23.94
N THR B 387 -12.84 -12.45 -22.97
CA THR B 387 -13.08 -11.09 -22.51
C THR B 387 -12.46 -10.73 -21.17
N ASN B 388 -12.01 -11.73 -20.40
CA ASN B 388 -11.30 -11.49 -19.15
C ASN B 388 -9.90 -11.27 -19.78
N PRO B 389 -9.29 -10.10 -19.56
CA PRO B 389 -7.98 -9.73 -20.11
C PRO B 389 -6.78 -10.50 -19.56
N SER B 390 -7.00 -11.28 -18.51
CA SER B 390 -5.93 -12.06 -17.90
C SER B 390 -5.86 -13.40 -18.61
N ASN B 391 -4.69 -14.03 -18.59
CA ASN B 391 -4.56 -15.35 -19.21
C ASN B 391 -4.57 -16.46 -18.16
N PRO B 392 -5.01 -17.66 -18.55
CA PRO B 392 -5.00 -18.72 -17.55
C PRO B 392 -3.54 -19.02 -17.25
N SER B 393 -3.28 -19.66 -16.12
CA SER B 393 -1.90 -20.04 -15.78
C SER B 393 -1.64 -21.37 -16.46
N ILE B 394 -0.47 -21.51 -17.07
CA ILE B 394 -0.18 -22.78 -17.72
C ILE B 394 1.09 -23.37 -17.17
N GLU B 395 0.95 -24.50 -16.47
CA GLU B 395 2.13 -25.16 -15.94
C GLU B 395 2.13 -26.61 -16.43
N LEU B 396 3.23 -27.02 -17.06
CA LEU B 396 3.36 -28.37 -17.61
C LEU B 396 4.60 -29.01 -17.00
N GLY B 397 4.59 -30.34 -16.88
CA GLY B 397 5.75 -31.03 -16.32
C GLY B 397 6.93 -30.91 -17.28
N PRO B 398 8.17 -31.19 -16.85
CA PRO B 398 9.29 -31.05 -17.80
C PRO B 398 9.23 -31.96 -19.02
N GLU B 399 8.24 -32.86 -19.06
CA GLU B 399 8.01 -33.72 -20.21
C GLU B 399 7.65 -32.83 -21.42
N PHE B 400 7.13 -31.62 -21.12
CA PHE B 400 6.69 -30.63 -22.14
C PHE B 400 7.69 -29.54 -22.46
N LYS B 401 8.86 -29.61 -21.82
CA LYS B 401 9.91 -28.58 -21.98
C LYS B 401 10.33 -28.28 -23.42
N LYS B 402 10.83 -29.28 -24.13
CA LYS B 402 11.27 -29.06 -25.50
C LYS B 402 10.05 -28.81 -26.36
N VAL B 403 10.21 -28.01 -27.40
CA VAL B 403 9.05 -27.72 -28.27
C VAL B 403 8.58 -28.95 -29.01
N ALA B 404 9.53 -29.81 -29.41
CA ALA B 404 9.15 -31.02 -30.12
C ALA B 404 8.27 -31.92 -29.26
N THR B 405 8.59 -31.99 -27.96
CA THR B 405 7.86 -32.87 -27.06
C THR B 405 6.53 -32.30 -26.62
N PHE B 406 6.51 -31.00 -26.34
CA PHE B 406 5.27 -30.30 -25.96
C PHE B 406 4.20 -30.44 -27.06
N LEU B 407 4.62 -30.38 -28.31
CA LEU B 407 3.68 -30.50 -29.42
C LEU B 407 3.13 -31.94 -29.58
N SER B 408 4.01 -32.94 -29.48
CA SER B 408 3.53 -34.31 -29.61
C SER B 408 2.56 -34.72 -28.48
N ARG B 409 2.72 -34.16 -27.30
CA ARG B 409 1.85 -34.54 -26.21
C ARG B 409 0.42 -34.00 -26.32
N PHE B 410 0.18 -33.20 -27.36
CA PHE B 410 -1.13 -32.65 -27.66
C PHE B 410 -1.38 -33.04 -29.09
N LYS B 411 -2.46 -33.74 -29.36
CA LYS B 411 -2.73 -34.14 -30.74
C LYS B 411 -3.36 -32.95 -31.44
N SER B 412 -3.77 -31.97 -30.64
CA SER B 412 -4.35 -30.71 -31.10
C SER B 412 -4.28 -29.78 -29.88
N ILE B 413 -4.15 -28.48 -30.10
CA ILE B 413 -4.11 -27.57 -28.93
C ILE B 413 -5.56 -27.43 -28.40
N PRO B 414 -5.81 -27.79 -27.13
CA PRO B 414 -7.16 -27.70 -26.55
C PRO B 414 -7.70 -26.28 -26.46
N SER B 415 -9.01 -26.16 -26.28
CA SER B 415 -9.68 -24.85 -26.18
C SER B 415 -9.60 -24.36 -24.74
N ILE B 416 -8.92 -23.22 -24.54
CA ILE B 416 -8.70 -22.66 -23.21
C ILE B 416 -9.35 -21.29 -22.98
N VAL B 417 -10.23 -20.88 -23.89
CA VAL B 417 -10.89 -19.58 -23.74
C VAL B 417 -11.66 -19.49 -22.42
N GLU B 418 -12.13 -20.62 -21.89
CA GLU B 418 -12.81 -20.60 -20.58
C GLU B 418 -11.96 -21.23 -19.46
N LEU B 419 -10.67 -21.43 -19.73
CA LEU B 419 -9.76 -21.99 -18.73
C LEU B 419 -9.27 -20.95 -17.74
N ASP B 420 -9.09 -21.36 -16.48
CA ASP B 420 -8.54 -20.45 -15.49
C ASP B 420 -7.08 -20.87 -15.21
N SER B 421 -6.81 -22.17 -15.21
CA SER B 421 -5.45 -22.66 -15.02
C SER B 421 -5.33 -24.10 -15.48
N LEU B 422 -4.12 -24.47 -15.95
CA LEU B 422 -3.88 -25.83 -16.38
C LEU B 422 -2.52 -26.24 -15.87
N LYS B 423 -2.50 -27.26 -15.02
CA LYS B 423 -1.23 -27.75 -14.53
C LYS B 423 -1.15 -29.21 -14.97
N VAL B 424 0.00 -29.60 -15.52
CA VAL B 424 0.17 -30.97 -15.96
C VAL B 424 1.46 -31.49 -15.34
N SER B 425 1.33 -32.47 -14.44
CA SER B 425 2.52 -33.02 -13.81
C SER B 425 2.61 -34.51 -14.14
N GLY B 426 3.84 -34.98 -14.40
CA GLY B 426 4.05 -36.37 -14.74
C GLY B 426 3.77 -36.75 -16.21
N ASP B 427 3.97 -38.03 -16.54
CA ASP B 427 3.78 -38.56 -17.90
C ASP B 427 2.34 -38.52 -18.39
N VAL B 428 1.90 -37.29 -18.67
CA VAL B 428 0.55 -37.00 -19.12
C VAL B 428 0.45 -36.80 -20.64
N TRP B 429 -0.46 -37.52 -21.29
CA TRP B 429 -0.64 -37.35 -22.73
C TRP B 429 -2.10 -36.89 -22.99
N PHE B 430 -2.30 -35.85 -23.80
CA PHE B 430 -3.65 -35.34 -24.11
C PHE B 430 -4.13 -35.67 -25.50
N GLY B 431 -5.42 -35.96 -25.60
CA GLY B 431 -5.99 -36.29 -26.90
C GLY B 431 -6.41 -35.03 -27.66
N SER B 432 -7.15 -35.20 -28.75
CA SER B 432 -7.57 -34.08 -29.60
C SER B 432 -8.98 -33.54 -29.32
N SER B 433 -9.25 -32.33 -29.82
CA SER B 433 -10.55 -31.70 -29.65
C SER B 433 -11.05 -31.57 -28.21
N ILE B 434 -10.15 -31.38 -27.26
CA ILE B 434 -10.52 -31.28 -25.85
C ILE B 434 -10.92 -29.87 -25.38
N VAL B 435 -11.60 -29.78 -24.24
CA VAL B 435 -12.02 -28.50 -23.64
C VAL B 435 -11.69 -28.45 -22.13
N LEU B 436 -10.90 -27.45 -21.71
CA LEU B 436 -10.51 -27.26 -20.31
C LEU B 436 -11.13 -25.98 -19.67
N LYS B 437 -11.89 -26.17 -18.60
CA LYS B 437 -12.56 -25.08 -17.88
C LYS B 437 -12.18 -24.96 -16.38
N GLY B 438 -12.11 -23.72 -15.89
CA GLY B 438 -11.83 -23.47 -14.49
C GLY B 438 -10.44 -23.77 -13.99
N LYS B 439 -10.37 -24.60 -12.95
CA LYS B 439 -9.08 -24.99 -12.39
C LYS B 439 -8.98 -26.47 -12.74
N VAL B 440 -7.92 -26.80 -13.47
CA VAL B 440 -7.73 -28.17 -13.93
C VAL B 440 -6.34 -28.70 -13.69
N THR B 441 -6.27 -29.91 -13.16
CA THR B 441 -4.94 -30.51 -12.97
C THR B 441 -4.97 -31.93 -13.50
N VAL B 442 -3.84 -32.33 -14.06
CA VAL B 442 -3.67 -33.68 -14.58
C VAL B 442 -2.33 -34.12 -14.03
N ALA B 443 -2.37 -35.09 -13.13
CA ALA B 443 -1.13 -35.55 -12.52
C ALA B 443 -0.97 -37.05 -12.65
N ALA B 444 -0.13 -37.48 -13.59
CA ALA B 444 0.10 -38.91 -13.72
C ALA B 444 1.27 -39.25 -12.81
N LYS B 445 1.04 -40.14 -11.84
CA LYS B 445 2.09 -40.53 -10.89
C LYS B 445 3.25 -41.22 -11.59
N SER B 446 4.33 -41.41 -10.86
CA SER B 446 5.50 -42.08 -11.41
C SER B 446 5.13 -43.36 -12.16
N GLY B 447 5.90 -43.70 -13.18
CA GLY B 447 5.64 -44.90 -13.95
C GLY B 447 4.23 -45.03 -14.51
N VAL B 448 3.41 -44.01 -14.31
CA VAL B 448 2.04 -44.03 -14.77
C VAL B 448 1.85 -43.13 -15.96
N LYS B 449 1.43 -43.71 -17.06
CA LYS B 449 1.18 -42.93 -18.25
C LYS B 449 -0.30 -42.62 -18.21
N LEU B 450 -0.66 -41.34 -18.34
CA LEU B 450 -2.05 -40.92 -18.28
C LEU B 450 -2.49 -40.23 -19.56
N GLU B 451 -3.41 -40.85 -20.29
CA GLU B 451 -3.89 -40.31 -21.57
C GLU B 451 -5.32 -39.80 -21.49
N ILE B 452 -5.49 -38.50 -21.75
CA ILE B 452 -6.79 -37.86 -21.74
C ILE B 452 -7.40 -38.09 -23.10
N PRO B 453 -8.68 -38.53 -23.14
CA PRO B 453 -9.39 -38.80 -24.39
C PRO B 453 -9.78 -37.58 -25.24
N ASP B 454 -9.73 -37.78 -26.56
CA ASP B 454 -10.08 -36.80 -27.57
C ASP B 454 -11.56 -36.43 -27.48
N ARG B 455 -11.85 -35.13 -27.57
CA ARG B 455 -13.19 -34.54 -27.52
C ARG B 455 -13.74 -34.36 -26.10
N ALA B 456 -12.97 -34.77 -25.11
CA ALA B 456 -13.36 -34.65 -23.72
C ALA B 456 -13.60 -33.20 -23.30
N VAL B 457 -14.19 -33.04 -22.12
CA VAL B 457 -14.42 -31.74 -21.49
C VAL B 457 -13.97 -31.86 -20.05
N VAL B 458 -12.81 -31.30 -19.74
CA VAL B 458 -12.26 -31.36 -18.39
C VAL B 458 -12.48 -30.02 -17.72
N GLU B 459 -13.55 -29.93 -16.94
CA GLU B 459 -13.90 -28.68 -16.26
C GLU B 459 -13.78 -28.78 -14.76
N ASN B 460 -13.05 -27.84 -14.16
CA ASN B 460 -12.86 -27.83 -12.71
C ASN B 460 -12.76 -29.26 -12.27
N LYS B 461 -11.76 -29.93 -12.82
CA LYS B 461 -11.52 -31.34 -12.53
C LYS B 461 -10.05 -31.58 -12.25
N ASN B 462 -9.80 -32.32 -11.17
CA ASN B 462 -8.46 -32.68 -10.76
C ASN B 462 -8.31 -34.15 -10.96
N ILE B 463 -7.53 -34.51 -11.98
CA ILE B 463 -7.26 -35.89 -12.32
C ILE B 463 -6.01 -36.36 -11.58
N ASN B 464 -6.10 -37.54 -10.97
CA ASN B 464 -4.99 -38.07 -10.21
C ASN B 464 -4.54 -39.39 -10.83
N GLY B 465 -4.99 -39.63 -12.06
CA GLY B 465 -4.62 -40.86 -12.76
C GLY B 465 -5.83 -41.60 -13.29
N PRO B 466 -5.63 -42.82 -13.82
CA PRO B 466 -6.73 -43.63 -14.37
C PRO B 466 -8.00 -43.49 -13.54
N GLU B 467 -7.84 -43.50 -12.23
CA GLU B 467 -8.94 -43.34 -11.28
C GLU B 467 -9.98 -42.34 -11.78
N ASP B 468 -9.49 -41.18 -12.18
CA ASP B 468 -10.33 -40.10 -12.68
C ASP B 468 -10.61 -40.26 -14.17
N GLU A 6 -3.73 -19.72 37.75
CA GLU A 6 -4.30 -20.08 36.42
C GLU A 6 -5.69 -20.71 36.59
N ASN A 7 -6.26 -21.16 35.48
CA ASN A 7 -7.58 -21.77 35.49
C ASN A 7 -8.62 -20.71 35.85
N LEU A 8 -9.82 -21.14 36.20
CA LEU A 8 -10.88 -20.20 36.55
C LEU A 8 -11.68 -20.51 37.82
N PRO A 9 -11.87 -21.81 38.15
CA PRO A 9 -12.63 -22.16 39.34
C PRO A 9 -12.19 -21.41 40.60
N GLN A 10 -10.89 -21.45 40.89
CA GLN A 10 -10.33 -20.78 42.05
C GLN A 10 -10.65 -19.28 41.99
N LEU A 11 -10.12 -18.61 40.96
CA LEU A 11 -10.34 -17.18 40.76
C LEU A 11 -11.83 -16.86 40.77
N LYS A 12 -12.62 -17.72 40.14
CA LYS A 12 -14.06 -17.49 40.07
C LYS A 12 -14.69 -17.45 41.45
N SER A 13 -14.37 -18.43 42.29
CA SER A 13 -14.94 -18.43 43.63
C SER A 13 -14.33 -17.26 44.43
N ALA A 14 -13.10 -16.88 44.08
CA ALA A 14 -12.41 -15.77 44.76
C ALA A 14 -13.07 -14.44 44.38
N VAL A 15 -13.31 -14.25 43.09
CA VAL A 15 -13.97 -13.04 42.63
C VAL A 15 -15.38 -13.11 43.20
N ASP A 16 -15.87 -14.33 43.32
CA ASP A 16 -17.20 -14.58 43.81
C ASP A 16 -17.54 -14.06 45.19
N GLY A 17 -16.53 -13.72 45.99
CA GLY A 17 -16.81 -13.21 47.33
C GLY A 17 -16.50 -11.72 47.48
N LEU A 18 -15.97 -11.12 46.42
CA LEU A 18 -15.64 -9.70 46.44
C LEU A 18 -16.95 -8.97 46.66
N THR A 19 -17.33 -8.95 47.93
CA THR A 19 -18.55 -8.34 48.44
C THR A 19 -18.75 -6.92 47.93
N GLU A 20 -17.67 -6.32 47.44
CA GLU A 20 -17.76 -4.98 46.90
C GLU A 20 -18.43 -5.01 45.53
N MET A 21 -18.38 -6.17 44.86
CA MET A 21 -18.96 -6.30 43.53
C MET A 21 -20.40 -6.84 43.46
N SER A 22 -21.13 -6.40 42.43
CA SER A 22 -22.49 -6.84 42.19
C SER A 22 -22.41 -8.12 41.35
N GLU A 23 -23.50 -8.88 41.33
CA GLU A 23 -23.55 -10.14 40.58
C GLU A 23 -23.23 -9.89 39.12
N SER A 24 -23.81 -8.83 38.57
CA SER A 24 -23.59 -8.48 37.18
C SER A 24 -22.11 -8.16 36.94
N GLU A 25 -21.49 -7.44 37.88
CA GLU A 25 -20.07 -7.14 37.76
C GLU A 25 -19.25 -8.43 37.93
N LYS A 26 -19.45 -9.15 39.03
CA LYS A 26 -18.69 -10.39 39.24
C LYS A 26 -18.79 -11.30 38.00
N SER A 27 -20.00 -11.40 37.47
CA SER A 27 -20.27 -12.20 36.26
C SER A 27 -19.57 -11.63 35.02
N GLY A 28 -19.51 -10.30 34.96
CA GLY A 28 -18.87 -9.62 33.83
C GLY A 28 -17.36 -9.79 33.85
N PHE A 29 -16.76 -9.72 35.04
CA PHE A 29 -15.31 -9.87 35.19
C PHE A 29 -14.88 -11.31 34.91
N ILE A 30 -15.63 -12.25 35.47
CA ILE A 30 -15.32 -13.66 35.25
C ILE A 30 -15.44 -13.98 33.76
N SER A 31 -16.38 -13.34 33.09
CA SER A 31 -16.55 -13.57 31.66
C SER A 31 -15.27 -13.11 30.93
N LEU A 32 -14.71 -11.98 31.37
CA LEU A 32 -13.49 -11.47 30.73
C LEU A 32 -12.27 -12.34 31.06
N VAL A 33 -12.22 -12.88 32.27
CA VAL A 33 -11.10 -13.74 32.68
C VAL A 33 -11.11 -15.03 31.84
N SER A 34 -12.30 -15.44 31.40
CA SER A 34 -12.48 -16.63 30.56
C SER A 34 -11.84 -16.46 29.20
N ARG A 35 -12.42 -15.56 28.40
CA ARG A 35 -11.93 -15.30 27.06
C ARG A 35 -10.43 -15.03 27.07
N TYR A 36 -10.00 -14.12 27.95
CA TYR A 36 -8.59 -13.79 28.03
C TYR A 36 -7.71 -15.04 28.22
N LEU A 37 -8.18 -15.96 29.06
CA LEU A 37 -7.43 -17.17 29.34
C LEU A 37 -7.64 -18.26 28.27
N SER A 38 -8.89 -18.40 27.80
CA SER A 38 -9.23 -19.37 26.77
C SER A 38 -8.72 -18.93 25.40
N GLY A 39 -9.25 -17.82 24.91
CA GLY A 39 -8.86 -17.29 23.62
C GLY A 39 -10.07 -16.82 22.84
N ILE A 44 -7.24 -12.60 15.67
CA ILE A 44 -7.45 -12.16 14.29
C ILE A 44 -6.35 -12.68 13.37
N GLU A 45 -6.73 -13.57 12.46
CA GLU A 45 -5.80 -14.13 11.50
C GLU A 45 -5.51 -13.05 10.46
N TRP A 46 -4.34 -12.43 10.56
CA TRP A 46 -3.98 -11.36 9.63
C TRP A 46 -4.28 -11.70 8.18
N SER A 47 -4.03 -12.94 7.79
CA SER A 47 -4.27 -13.36 6.40
C SER A 47 -5.74 -13.49 6.02
N LYS A 48 -6.63 -13.52 7.00
CA LYS A 48 -8.06 -13.62 6.71
C LYS A 48 -8.73 -12.24 6.73
N ILE A 49 -7.92 -11.19 6.93
CA ILE A 49 -8.40 -9.82 7.00
C ILE A 49 -8.64 -9.16 5.64
N GLN A 50 -9.74 -8.42 5.52
CA GLN A 50 -10.08 -7.72 4.28
C GLN A 50 -10.26 -6.23 4.55
N THR A 51 -9.68 -5.39 3.68
CA THR A 51 -9.81 -3.93 3.83
C THR A 51 -11.26 -3.54 3.59
N PRO A 52 -11.67 -2.37 4.09
CA PRO A 52 -13.05 -1.90 3.93
C PRO A 52 -13.39 -1.35 2.56
N THR A 53 -14.68 -1.26 2.27
CA THR A 53 -15.17 -0.75 0.99
C THR A 53 -16.31 0.25 1.21
N ASP A 54 -17.08 0.48 0.16
CA ASP A 54 -18.21 1.40 0.22
C ASP A 54 -19.43 0.72 0.83
N GLU A 55 -19.36 -0.60 1.01
CA GLU A 55 -20.48 -1.33 1.62
C GLU A 55 -20.49 -1.14 3.13
N ILE A 56 -19.30 -1.00 3.70
CA ILE A 56 -19.12 -0.84 5.14
C ILE A 56 -18.96 0.63 5.53
N VAL A 57 -17.87 1.23 5.06
CA VAL A 57 -17.57 2.61 5.36
C VAL A 57 -18.23 3.54 4.34
N VAL A 58 -19.28 4.23 4.77
CA VAL A 58 -20.03 5.15 3.92
C VAL A 58 -19.47 6.58 4.01
N PRO A 59 -19.07 7.18 2.87
CA PRO A 59 -18.55 8.55 2.94
C PRO A 59 -19.69 9.41 3.47
N TYR A 60 -19.37 10.39 4.31
CA TYR A 60 -20.39 11.26 4.88
C TYR A 60 -21.14 12.03 3.79
N GLU A 61 -20.39 12.46 2.78
CA GLU A 61 -20.96 13.24 1.68
C GLU A 61 -22.07 12.47 0.93
N LYS A 62 -21.90 11.16 0.79
CA LYS A 62 -22.87 10.31 0.10
C LYS A 62 -24.22 10.21 0.80
N MET A 63 -24.21 10.14 2.12
CA MET A 63 -25.44 10.03 2.89
C MET A 63 -26.38 11.18 2.53
N THR A 64 -27.68 10.88 2.51
CA THR A 64 -28.71 11.86 2.17
C THR A 64 -28.71 13.03 3.15
N PRO A 65 -29.11 14.22 2.69
CA PRO A 65 -29.16 15.42 3.54
C PRO A 65 -30.43 15.49 4.37
N VAL A 66 -30.37 16.19 5.51
CA VAL A 66 -31.55 16.31 6.37
C VAL A 66 -32.56 17.28 5.78
N SER A 67 -33.82 17.03 6.10
CA SER A 67 -34.92 17.84 5.61
C SER A 67 -34.78 19.30 5.99
N GLN A 68 -35.59 20.14 5.35
CA GLN A 68 -35.61 21.57 5.58
C GLN A 68 -36.82 21.83 6.47
N ASP A 69 -37.58 20.76 6.74
CA ASP A 69 -38.77 20.85 7.57
C ASP A 69 -38.49 20.47 9.02
N VAL A 70 -38.66 21.45 9.91
CA VAL A 70 -38.41 21.28 11.34
C VAL A 70 -38.99 20.04 11.98
N ALA A 71 -40.27 19.76 11.71
CA ALA A 71 -40.94 18.61 12.30
C ALA A 71 -40.16 17.30 12.14
N GLU A 72 -39.42 17.17 11.03
CA GLU A 72 -38.62 15.98 10.76
C GLU A 72 -37.21 16.21 11.30
N THR A 73 -36.69 17.40 11.02
CA THR A 73 -35.37 17.77 11.48
C THR A 73 -35.35 17.54 12.99
N LYS A 74 -36.38 18.02 13.67
CA LYS A 74 -36.48 17.84 15.10
C LYS A 74 -36.89 16.41 15.42
N ASN A 75 -37.81 15.84 14.64
CA ASN A 75 -38.26 14.48 14.91
C ASN A 75 -37.07 13.54 15.09
N LEU A 76 -35.97 13.80 14.39
CA LEU A 76 -34.78 12.97 14.53
C LEU A 76 -34.30 13.19 15.97
N LEU A 77 -34.05 14.43 16.31
CA LEU A 77 -33.56 14.80 17.64
C LEU A 77 -34.40 14.19 18.76
N ASP A 78 -35.65 13.88 18.46
CA ASP A 78 -36.54 13.30 19.47
C ASP A 78 -36.29 11.83 19.79
N LYS A 79 -35.51 11.15 18.95
CA LYS A 79 -35.24 9.73 19.19
C LYS A 79 -33.81 9.50 19.66
N LEU A 80 -33.15 10.54 20.15
CA LEU A 80 -31.74 10.45 20.56
C LEU A 80 -31.32 10.90 21.98
N VAL A 81 -30.64 10.02 22.73
CA VAL A 81 -30.14 10.40 24.05
C VAL A 81 -28.65 10.70 23.82
N VAL A 82 -28.09 11.73 24.47
CA VAL A 82 -26.67 12.04 24.28
C VAL A 82 -25.86 11.55 25.49
N LEU A 83 -24.88 10.66 25.27
CA LEU A 83 -24.06 10.11 26.37
C LEU A 83 -22.58 10.44 26.18
N LYS A 84 -21.95 10.95 27.24
CA LYS A 84 -20.51 11.27 27.20
C LYS A 84 -19.77 10.38 28.20
N LEU A 85 -18.67 9.76 27.76
CA LEU A 85 -17.86 8.90 28.66
C LEU A 85 -17.25 9.85 29.68
N ASN A 86 -17.39 9.50 30.96
CA ASN A 86 -16.90 10.38 32.04
C ASN A 86 -16.16 9.65 33.17
N GLY A 87 -15.48 8.56 32.85
CA GLY A 87 -14.75 7.83 33.89
C GLY A 87 -13.29 8.25 34.02
N GLY A 88 -12.83 9.08 33.08
CA GLY A 88 -11.43 9.50 33.10
C GLY A 88 -11.13 10.61 34.11
N LEU A 89 -10.03 10.46 34.84
CA LEU A 89 -9.61 11.46 35.83
C LEU A 89 -8.78 12.57 35.21
N GLY A 90 -8.69 13.70 35.90
CA GLY A 90 -7.95 14.84 35.37
C GLY A 90 -6.53 14.94 35.88
N THR A 91 -6.08 13.88 36.53
CA THR A 91 -4.73 13.82 37.08
C THR A 91 -3.69 13.73 35.98
N THR A 92 -4.08 13.15 34.85
CA THR A 92 -3.22 12.96 33.68
C THR A 92 -2.48 14.23 33.28
N MET A 93 -3.23 15.32 33.17
CA MET A 93 -2.73 16.64 32.78
C MET A 93 -2.48 17.56 33.99
N GLY A 94 -2.20 16.95 35.14
CA GLY A 94 -1.92 17.72 36.34
C GLY A 94 -3.13 18.38 36.99
N CYS A 95 -4.27 17.71 36.96
CA CYS A 95 -5.49 18.28 37.53
C CYS A 95 -6.22 17.30 38.44
N THR A 96 -7.00 17.84 39.37
CA THR A 96 -7.77 17.02 40.29
C THR A 96 -9.19 16.83 39.75
N GLY A 97 -9.79 15.69 40.05
CA GLY A 97 -11.14 15.41 39.57
C GLY A 97 -11.23 14.86 38.14
N PRO A 98 -12.45 14.82 37.56
CA PRO A 98 -12.67 14.32 36.19
C PRO A 98 -11.91 15.13 35.13
N LYS A 99 -11.45 14.45 34.08
CA LYS A 99 -10.74 15.10 32.98
C LYS A 99 -11.68 16.15 32.34
N SER A 100 -12.98 15.86 32.38
CA SER A 100 -14.02 16.74 31.79
C SER A 100 -14.17 18.12 32.42
N VAL A 101 -13.61 18.33 33.61
CA VAL A 101 -13.73 19.66 34.21
C VAL A 101 -12.48 20.51 34.03
N ILE A 102 -11.63 20.10 33.10
CA ILE A 102 -10.46 20.90 32.79
C ILE A 102 -11.02 22.03 31.92
N GLU A 103 -10.65 23.27 32.22
CA GLU A 103 -11.11 24.42 31.45
C GLU A 103 -10.59 24.34 30.05
N VAL A 104 -11.48 24.39 29.06
CA VAL A 104 -11.03 24.28 27.68
C VAL A 104 -10.93 25.62 26.94
N ARG A 105 -11.95 26.45 27.07
CA ARG A 105 -11.94 27.73 26.38
C ARG A 105 -12.83 28.78 27.02
N ASP A 106 -12.36 30.02 26.96
CA ASP A 106 -13.08 31.15 27.53
C ASP A 106 -13.58 30.87 28.93
N GLY A 107 -12.83 30.06 29.68
CA GLY A 107 -13.24 29.74 31.04
C GLY A 107 -14.29 28.64 31.20
N LEU A 108 -14.61 27.95 30.11
CA LEU A 108 -15.64 26.91 30.16
C LEU A 108 -15.06 25.49 30.14
N THR A 109 -15.66 24.58 30.89
CA THR A 109 -15.18 23.19 30.95
C THR A 109 -15.80 22.35 29.84
N PHE A 110 -15.59 21.04 29.89
CA PHE A 110 -16.15 20.17 28.89
C PHE A 110 -17.64 19.96 29.20
N LEU A 111 -17.94 19.62 30.45
CA LEU A 111 -19.30 19.39 30.89
C LEU A 111 -20.15 20.66 30.73
N ASP A 112 -19.60 21.80 31.14
CA ASP A 112 -20.34 23.05 30.96
C ASP A 112 -20.72 23.19 29.49
N LEU A 113 -19.74 23.00 28.59
CA LEU A 113 -20.02 23.12 27.15
C LEU A 113 -21.07 22.10 26.66
N ILE A 114 -21.00 20.90 27.21
CA ILE A 114 -21.93 19.83 26.88
C ILE A 114 -23.38 20.18 27.29
N VAL A 115 -23.55 20.68 28.51
CA VAL A 115 -24.85 21.04 29.06
C VAL A 115 -25.45 22.20 28.25
N ILE A 116 -24.59 23.14 27.89
CA ILE A 116 -24.99 24.30 27.10
C ILE A 116 -25.51 23.87 25.73
N GLN A 117 -24.72 23.08 25.00
CA GLN A 117 -25.11 22.60 23.67
C GLN A 117 -26.44 21.83 23.68
N ILE A 118 -26.67 21.01 24.70
CA ILE A 118 -27.90 20.24 24.78
C ILE A 118 -29.04 21.14 25.22
N GLU A 119 -28.77 22.02 26.18
CA GLU A 119 -29.77 22.94 26.68
C GLU A 119 -30.31 23.86 25.56
N ASN A 120 -29.42 24.31 24.67
CA ASN A 120 -29.83 25.19 23.57
C ASN A 120 -30.49 24.37 22.47
N LEU A 121 -29.96 23.16 22.27
CA LEU A 121 -30.49 22.27 21.26
C LEU A 121 -31.97 21.98 21.55
N ASN A 122 -32.30 21.82 22.83
CA ASN A 122 -33.68 21.54 23.20
C ASN A 122 -34.50 22.80 22.94
N ASN A 123 -33.84 23.95 22.90
CA ASN A 123 -34.55 25.18 22.64
C ASN A 123 -34.71 25.41 21.15
N LYS A 124 -33.58 25.53 20.46
CA LYS A 124 -33.59 25.76 19.03
C LYS A 124 -34.61 24.86 18.36
N TYR A 125 -34.90 23.71 18.97
CA TYR A 125 -35.86 22.77 18.39
C TYR A 125 -37.07 22.36 19.21
N GLY A 126 -37.10 22.72 20.49
CA GLY A 126 -38.26 22.37 21.32
C GLY A 126 -38.29 20.92 21.74
N CYS A 127 -37.15 20.25 21.60
CA CYS A 127 -37.03 18.85 21.98
C CYS A 127 -36.54 18.73 23.44
N LYS A 128 -36.46 17.51 23.95
CA LYS A 128 -36.00 17.26 25.31
C LYS A 128 -34.90 16.19 25.35
N VAL A 129 -33.80 16.50 24.67
CA VAL A 129 -32.66 15.60 24.60
C VAL A 129 -32.00 15.52 25.98
N PRO A 130 -31.93 14.30 26.54
CA PRO A 130 -31.32 14.07 27.86
C PRO A 130 -29.82 13.85 27.78
N LEU A 131 -29.11 14.21 28.85
CA LEU A 131 -27.65 14.02 28.92
C LEU A 131 -27.41 12.86 29.86
N VAL A 132 -26.54 11.93 29.48
CA VAL A 132 -26.20 10.83 30.38
C VAL A 132 -24.69 10.65 30.39
N LEU A 133 -24.08 10.91 31.54
CA LEU A 133 -22.63 10.77 31.70
C LEU A 133 -22.32 9.42 32.31
N MET A 134 -21.52 8.61 31.62
CA MET A 134 -21.10 7.32 32.17
C MET A 134 -19.89 7.63 33.09
N ASN A 135 -20.05 7.47 34.40
CA ASN A 135 -18.93 7.75 35.31
C ASN A 135 -18.31 6.45 35.79
N SER A 136 -17.25 6.58 36.60
CA SER A 136 -16.59 5.43 37.20
C SER A 136 -16.32 5.78 38.67
N PHE A 137 -16.00 4.78 39.49
CA PHE A 137 -15.73 5.01 40.89
C PHE A 137 -14.67 6.08 41.09
N ASN A 138 -13.87 6.37 40.05
CA ASN A 138 -12.85 7.41 40.17
C ASN A 138 -13.40 8.82 39.94
N THR A 139 -14.51 8.91 39.22
CA THR A 139 -15.10 10.24 38.93
C THR A 139 -16.54 10.38 39.41
N HIS A 140 -17.09 9.34 40.00
CA HIS A 140 -18.49 9.35 40.37
C HIS A 140 -18.84 10.22 41.57
N ASP A 141 -18.02 10.17 42.62
CA ASP A 141 -18.29 10.97 43.81
C ASP A 141 -18.30 12.47 43.48
N ASP A 142 -17.35 12.92 42.67
CA ASP A 142 -17.30 14.35 42.31
C ASP A 142 -18.40 14.76 41.33
N THR A 143 -18.51 14.05 40.22
CA THR A 143 -19.53 14.41 39.23
C THR A 143 -20.91 14.57 39.87
N HIS A 144 -21.25 13.68 40.78
CA HIS A 144 -22.54 13.68 41.46
C HIS A 144 -22.76 15.04 42.13
N LYS A 145 -21.77 15.52 42.89
CA LYS A 145 -21.92 16.81 43.57
C LYS A 145 -21.79 17.95 42.58
N ILE A 146 -20.83 17.87 41.67
CA ILE A 146 -20.67 18.93 40.69
C ILE A 146 -21.93 19.19 39.84
N VAL A 147 -22.62 18.13 39.42
CA VAL A 147 -23.77 18.36 38.54
C VAL A 147 -24.93 19.14 39.16
N GLU A 148 -24.93 19.32 40.48
CA GLU A 148 -25.99 20.10 41.10
C GLU A 148 -26.00 21.49 40.45
N LYS A 149 -24.82 21.95 40.02
CA LYS A 149 -24.72 23.29 39.43
C LYS A 149 -25.62 23.46 38.24
N TYR A 150 -26.08 22.34 37.67
CA TYR A 150 -26.95 22.37 36.51
C TYR A 150 -28.42 22.24 36.91
N THR A 151 -28.71 22.35 38.20
CA THR A 151 -30.07 22.16 38.70
C THR A 151 -31.16 22.92 37.91
N ASN A 152 -30.93 24.21 37.63
CA ASN A 152 -31.94 24.99 36.91
C ASN A 152 -31.77 25.02 35.40
N SER A 153 -30.84 24.22 34.88
CA SER A 153 -30.57 24.12 33.46
C SER A 153 -31.67 23.34 32.73
N ASN A 154 -31.87 23.65 31.45
CA ASN A 154 -32.91 22.98 30.68
C ASN A 154 -32.45 21.67 29.99
N VAL A 155 -32.07 20.70 30.81
CA VAL A 155 -31.64 19.39 30.32
C VAL A 155 -31.66 18.39 31.49
N ASP A 156 -32.22 17.20 31.25
CA ASP A 156 -32.28 16.19 32.30
C ASP A 156 -30.91 15.51 32.28
N ILE A 157 -30.22 15.51 33.42
CA ILE A 157 -28.90 14.91 33.50
C ILE A 157 -28.90 13.71 34.41
N HIS A 158 -28.67 12.54 33.83
CA HIS A 158 -28.61 11.29 34.59
C HIS A 158 -27.13 10.96 34.68
N THR A 159 -26.78 10.16 35.66
CA THR A 159 -25.39 9.72 35.80
C THR A 159 -25.52 8.28 36.25
N PHE A 160 -24.51 7.47 35.92
CA PHE A 160 -24.46 6.10 36.37
C PHE A 160 -23.00 5.72 36.46
N ASN A 161 -22.66 4.97 37.50
CA ASN A 161 -21.30 4.53 37.73
C ASN A 161 -21.12 3.13 37.15
N GLN A 162 -20.28 3.01 36.11
CA GLN A 162 -20.06 1.70 35.49
C GLN A 162 -19.49 0.70 36.51
N SER A 163 -19.24 -0.52 36.03
CA SER A 163 -18.72 -1.62 36.87
C SER A 163 -17.34 -1.35 37.51
N LYS A 164 -17.00 -2.14 38.52
CA LYS A 164 -15.69 -2.03 39.18
C LYS A 164 -15.02 -3.40 39.27
N TYR A 165 -14.14 -3.69 38.32
CA TYR A 165 -13.42 -4.98 38.28
C TYR A 165 -12.13 -4.91 39.09
N PRO A 166 -11.58 -6.07 39.49
CA PRO A 166 -10.34 -6.14 40.26
C PRO A 166 -9.08 -6.23 39.38
N ARG A 167 -8.08 -5.45 39.78
CA ARG A 167 -6.77 -5.48 39.11
C ARG A 167 -6.09 -6.83 39.40
N VAL A 168 -5.39 -7.37 38.38
CA VAL A 168 -4.70 -8.65 38.51
C VAL A 168 -3.23 -8.46 38.83
N VAL A 169 -2.80 -8.91 39.99
CA VAL A 169 -1.39 -8.82 40.40
C VAL A 169 -0.64 -9.77 39.46
N ALA A 170 0.10 -9.24 38.50
CA ALA A 170 0.79 -10.09 37.54
C ALA A 170 1.81 -11.05 38.17
N ASP A 171 1.35 -12.20 38.66
CA ASP A 171 2.24 -13.18 39.25
C ASP A 171 1.49 -14.47 39.59
N GLU A 172 0.54 -14.39 40.52
CA GLU A 172 -0.22 -15.57 40.93
C GLU A 172 -1.64 -15.54 40.40
N PHE A 173 -1.98 -14.49 39.66
CA PHE A 173 -3.33 -14.32 39.12
C PHE A 173 -4.39 -14.43 40.22
N VAL A 174 -4.27 -13.57 41.23
CA VAL A 174 -5.21 -13.50 42.35
C VAL A 174 -5.62 -12.02 42.41
N PRO A 175 -6.87 -11.73 42.83
CA PRO A 175 -7.30 -10.33 42.90
C PRO A 175 -6.52 -9.55 43.96
N TRP A 176 -6.00 -8.36 43.61
CA TRP A 176 -5.26 -7.58 44.61
C TRP A 176 -6.14 -7.33 45.87
N PRO A 177 -7.44 -6.95 45.69
CA PRO A 177 -8.32 -6.72 46.85
C PRO A 177 -8.66 -8.03 47.61
N SER A 178 -8.71 -9.17 46.90
CA SER A 178 -8.98 -10.50 47.51
C SER A 178 -7.86 -10.77 48.51
N LYS A 179 -6.78 -9.99 48.41
CA LYS A 179 -5.65 -10.15 49.30
C LYS A 179 -5.59 -9.04 50.36
N GLY A 180 -6.40 -7.99 50.20
CA GLY A 180 -6.40 -6.90 51.17
C GLY A 180 -6.21 -5.50 50.61
N LYS A 181 -5.82 -5.38 49.34
CA LYS A 181 -5.63 -4.07 48.72
C LYS A 181 -7.01 -3.63 48.23
N THR A 182 -7.92 -3.51 49.17
CA THR A 182 -9.30 -3.16 48.88
C THR A 182 -9.59 -1.67 48.83
N ASP A 183 -8.57 -0.83 48.92
CA ASP A 183 -8.81 0.61 48.82
C ASP A 183 -9.09 0.92 47.34
N LYS A 184 -9.05 2.18 46.92
CA LYS A 184 -9.35 2.52 45.52
C LYS A 184 -8.41 1.93 44.46
N GLU A 185 -7.11 1.89 44.70
CA GLU A 185 -6.18 1.33 43.70
C GLU A 185 -6.26 -0.20 43.51
N GLY A 186 -7.23 -0.85 44.15
CA GLY A 186 -7.34 -2.30 43.99
C GLY A 186 -8.19 -2.81 42.82
N TRP A 187 -8.78 -1.88 42.07
CA TRP A 187 -9.68 -2.21 40.98
C TRP A 187 -9.48 -1.28 39.78
N TYR A 188 -10.34 -1.46 38.75
CA TYR A 188 -10.32 -0.62 37.53
C TYR A 188 -11.68 -0.71 36.82
N PRO A 189 -12.14 0.40 36.18
CA PRO A 189 -13.41 0.40 35.45
C PRO A 189 -12.94 -0.04 34.05
N PRO A 190 -13.55 -1.10 33.49
CA PRO A 190 -13.25 -1.70 32.19
C PRO A 190 -13.49 -1.00 30.88
N GLY A 191 -12.58 -0.08 30.55
CA GLY A 191 -12.64 0.65 29.28
C GLY A 191 -14.03 1.15 28.94
N HIS A 192 -14.25 1.56 27.70
CA HIS A 192 -15.59 2.02 27.39
C HIS A 192 -16.54 0.89 27.01
N GLY A 193 -16.03 -0.23 26.50
CA GLY A 193 -16.93 -1.34 26.15
C GLY A 193 -18.01 -1.53 27.22
N ASP A 194 -17.61 -1.36 28.48
CA ASP A 194 -18.52 -1.51 29.64
C ASP A 194 -19.74 -0.58 29.54
N VAL A 195 -19.62 0.47 28.75
CA VAL A 195 -20.72 1.42 28.58
C VAL A 195 -22.05 0.72 28.23
N PHE A 196 -21.98 -0.47 27.64
CA PHE A 196 -23.21 -1.18 27.26
C PHE A 196 -23.90 -1.92 28.41
N PRO A 197 -23.21 -2.89 29.05
CA PRO A 197 -23.84 -3.61 30.15
C PRO A 197 -24.19 -2.67 31.31
N ALA A 198 -23.35 -1.65 31.53
CA ALA A 198 -23.63 -0.70 32.61
C ALA A 198 -24.88 0.13 32.26
N LEU A 199 -24.81 0.91 31.18
CA LEU A 199 -25.97 1.72 30.77
C LEU A 199 -27.20 0.83 30.88
N MET A 200 -26.97 -0.45 30.59
CA MET A 200 -28.00 -1.47 30.62
C MET A 200 -28.38 -1.93 32.03
N ASN A 201 -27.37 -2.26 32.85
CA ASN A 201 -27.61 -2.74 34.20
C ASN A 201 -27.79 -1.62 35.23
N SER A 202 -27.50 -0.39 34.82
CA SER A 202 -27.61 0.76 35.71
C SER A 202 -29.03 1.29 35.77
N GLY A 203 -29.87 0.80 34.85
CA GLY A 203 -31.25 1.26 34.77
C GLY A 203 -31.35 2.38 33.74
N LYS A 204 -30.23 2.98 33.39
CA LYS A 204 -30.27 4.08 32.44
C LYS A 204 -30.76 3.63 31.06
N LEU A 205 -30.58 2.36 30.75
CA LEU A 205 -31.03 1.83 29.46
C LEU A 205 -32.57 1.76 29.45
N ASP A 206 -33.13 1.04 30.42
CA ASP A 206 -34.58 0.92 30.50
C ASP A 206 -35.24 2.26 30.78
N THR A 207 -34.59 3.08 31.59
CA THR A 207 -35.12 4.40 31.92
C THR A 207 -35.24 5.27 30.68
N PHE A 208 -34.39 5.04 29.69
CA PHE A 208 -34.47 5.81 28.46
C PHE A 208 -35.46 5.27 27.45
N LEU A 209 -35.60 3.95 27.41
CA LEU A 209 -36.55 3.33 26.48
C LEU A 209 -37.95 3.63 27.00
N SER A 210 -38.04 3.88 28.30
CA SER A 210 -39.32 4.20 28.92
C SER A 210 -39.72 5.64 28.61
N GLN A 211 -38.77 6.43 28.12
CA GLN A 211 -39.04 7.83 27.79
C GLN A 211 -39.22 8.01 26.30
N GLY A 212 -39.28 6.89 25.57
CA GLY A 212 -39.45 6.96 24.12
C GLY A 212 -38.18 7.14 23.31
N LYS A 213 -37.02 6.97 23.94
CA LYS A 213 -35.77 7.13 23.20
C LYS A 213 -35.50 5.88 22.36
N GLU A 214 -34.82 6.06 21.23
CA GLU A 214 -34.54 4.94 20.34
C GLU A 214 -33.05 4.72 20.12
N TYR A 215 -32.27 5.81 20.20
CA TYR A 215 -30.84 5.72 19.99
C TYR A 215 -30.08 6.45 21.07
N VAL A 216 -28.79 6.18 21.13
CA VAL A 216 -27.92 6.88 22.06
C VAL A 216 -26.62 7.22 21.32
N PHE A 217 -26.29 8.52 21.30
CA PHE A 217 -25.08 9.03 20.68
C PHE A 217 -24.08 9.16 21.81
N VAL A 218 -23.11 8.25 21.85
CA VAL A 218 -22.08 8.21 22.88
C VAL A 218 -20.73 8.57 22.28
N ALA A 219 -20.00 9.46 22.94
CA ALA A 219 -18.68 9.89 22.50
C ALA A 219 -17.87 10.33 23.72
N ASN A 220 -16.58 10.64 23.52
CA ASN A 220 -15.74 11.09 24.65
C ASN A 220 -16.18 12.44 25.20
N SER A 221 -16.14 12.62 26.52
CA SER A 221 -16.58 13.91 27.08
C SER A 221 -15.65 15.05 26.64
N ASP A 222 -14.39 14.74 26.30
CA ASP A 222 -13.47 15.79 25.86
C ASP A 222 -13.29 15.95 24.36
N ASN A 223 -14.21 15.39 23.54
CA ASN A 223 -14.12 15.60 22.10
C ASN A 223 -15.04 16.77 21.85
N LEU A 224 -14.46 17.95 21.68
CA LEU A 224 -15.27 19.15 21.52
C LEU A 224 -16.05 19.12 20.23
N GLY A 225 -15.76 18.17 19.35
CA GLY A 225 -16.47 18.10 18.10
C GLY A 225 -17.65 17.15 18.11
N ALA A 226 -17.78 16.39 19.19
CA ALA A 226 -18.88 15.43 19.29
C ALA A 226 -20.22 16.14 19.43
N ILE A 227 -20.68 16.73 18.34
CA ILE A 227 -21.96 17.42 18.34
C ILE A 227 -22.99 16.65 17.55
N VAL A 228 -24.26 16.82 17.89
CA VAL A 228 -25.33 16.13 17.19
C VAL A 228 -25.27 16.34 15.69
N ASP A 229 -25.46 15.25 14.94
CA ASP A 229 -25.47 15.32 13.48
C ASP A 229 -26.70 14.55 13.01
N LEU A 230 -27.75 15.27 12.61
CA LEU A 230 -28.99 14.61 12.19
C LEU A 230 -28.93 13.97 10.80
N THR A 231 -27.85 14.22 10.06
CA THR A 231 -27.66 13.61 8.74
C THR A 231 -27.32 12.15 8.97
N ILE A 232 -26.34 11.93 9.85
CA ILE A 232 -25.91 10.57 10.18
C ILE A 232 -27.06 9.79 10.79
N LEU A 233 -27.75 10.41 11.74
CA LEU A 233 -28.86 9.75 12.42
C LEU A 233 -30.00 9.36 11.48
N LYS A 234 -30.36 10.29 10.59
CA LYS A 234 -31.44 10.04 9.65
C LYS A 234 -31.13 8.79 8.83
N HIS A 235 -29.87 8.64 8.50
CA HIS A 235 -29.41 7.52 7.71
C HIS A 235 -29.66 6.20 8.45
N LEU A 236 -29.32 6.16 9.73
CA LEU A 236 -29.51 4.94 10.52
C LEU A 236 -31.02 4.73 10.73
N ILE A 237 -31.73 5.83 10.92
CA ILE A 237 -33.18 5.73 11.11
C ILE A 237 -33.83 5.17 9.86
N GLN A 238 -33.45 5.72 8.70
CA GLN A 238 -34.02 5.27 7.43
C GLN A 238 -33.46 3.95 6.92
N ASN A 239 -32.17 3.71 7.14
CA ASN A 239 -31.54 2.48 6.66
C ASN A 239 -31.54 1.35 7.69
N LYS A 240 -32.30 1.52 8.76
CA LYS A 240 -32.41 0.52 9.83
C LYS A 240 -31.06 0.17 10.46
N ASN A 241 -30.21 1.17 10.61
CA ASN A 241 -28.90 0.94 11.20
C ASN A 241 -29.03 1.04 12.71
N GLU A 242 -28.67 -0.04 13.39
CA GLU A 242 -28.77 -0.11 14.83
C GLU A 242 -27.46 0.24 15.51
N TYR A 243 -26.47 0.65 14.72
CA TYR A 243 -25.17 1.03 15.27
C TYR A 243 -24.33 1.66 14.18
N CYS A 244 -23.66 2.75 14.53
CA CYS A 244 -22.82 3.40 13.54
C CYS A 244 -21.62 4.09 14.18
N MET A 245 -20.44 3.77 13.66
CA MET A 245 -19.22 4.35 14.15
C MET A 245 -18.74 5.46 13.22
N GLU A 246 -18.47 6.65 13.76
CA GLU A 246 -17.97 7.73 12.91
C GLU A 246 -16.46 7.53 12.83
N VAL A 247 -15.96 7.52 11.61
CA VAL A 247 -14.53 7.37 11.36
C VAL A 247 -14.08 8.63 10.64
N THR A 248 -12.78 8.74 10.37
CA THR A 248 -12.24 9.94 9.69
C THR A 248 -10.84 9.63 9.15
N PRO A 249 -10.48 10.21 8.00
CA PRO A 249 -9.17 9.98 7.36
C PRO A 249 -7.95 9.94 8.25
N LYS A 250 -7.12 8.94 8.01
CA LYS A 250 -5.87 8.79 8.75
C LYS A 250 -4.73 9.61 8.14
N THR A 251 -4.11 10.45 8.97
CA THR A 251 -2.96 11.24 8.56
C THR A 251 -1.76 10.57 9.22
N LEU A 252 -0.56 10.97 8.84
CA LEU A 252 0.64 10.37 9.42
C LEU A 252 0.60 10.43 10.94
N ALA A 253 -0.21 11.35 11.47
CA ALA A 253 -0.34 11.51 12.91
C ALA A 253 -1.34 10.53 13.55
N ASP A 254 -2.09 9.81 12.72
CA ASP A 254 -3.09 8.86 13.23
C ASP A 254 -2.80 7.38 12.92
N VAL A 255 -1.61 7.08 12.44
CA VAL A 255 -1.25 5.72 12.07
C VAL A 255 -1.51 4.60 13.07
N LYS A 256 -1.75 4.95 14.32
CA LYS A 256 -2.01 3.95 15.36
C LYS A 256 -3.49 3.91 15.77
N GLY A 257 -4.30 4.81 15.21
CA GLY A 257 -5.71 4.86 15.55
C GLY A 257 -6.53 3.71 15.00
N GLY A 258 -7.53 3.29 15.79
CA GLY A 258 -8.41 2.20 15.40
C GLY A 258 -9.16 2.44 14.11
N THR A 259 -9.22 1.42 13.27
CA THR A 259 -9.87 1.56 11.98
C THR A 259 -10.93 0.50 11.76
N LEU A 260 -11.74 0.69 10.72
CA LEU A 260 -12.82 -0.26 10.41
C LEU A 260 -12.40 -1.16 9.26
N ILE A 261 -12.63 -2.46 9.45
CA ILE A 261 -12.28 -3.46 8.44
C ILE A 261 -13.42 -4.40 8.16
N SER A 262 -13.17 -5.29 7.20
CA SER A 262 -14.11 -6.32 6.79
C SER A 262 -13.54 -7.65 7.28
N TYR A 263 -14.29 -8.35 8.14
CA TYR A 263 -13.83 -9.62 8.71
C TYR A 263 -14.96 -10.63 8.87
N GLU A 264 -14.81 -11.78 8.23
CA GLU A 264 -15.82 -12.85 8.29
C GLU A 264 -17.26 -12.41 8.04
N GLY A 265 -17.45 -11.44 7.13
CA GLY A 265 -18.79 -10.96 6.82
C GLY A 265 -19.38 -9.89 7.72
N LYS A 266 -18.60 -9.43 8.70
CA LYS A 266 -19.08 -8.42 9.63
C LYS A 266 -18.22 -7.14 9.69
N VAL A 267 -18.84 -6.04 10.12
CA VAL A 267 -18.14 -4.77 10.28
C VAL A 267 -17.40 -4.94 11.60
N GLN A 268 -16.11 -4.64 11.59
CA GLN A 268 -15.31 -4.80 12.77
C GLN A 268 -14.25 -3.74 12.93
N LEU A 269 -13.96 -3.42 14.20
CA LEU A 269 -12.94 -2.44 14.50
C LEU A 269 -11.64 -3.22 14.67
N LEU A 270 -10.56 -2.69 14.09
CA LEU A 270 -9.24 -3.29 14.18
C LEU A 270 -8.32 -2.26 14.84
N GLU A 271 -7.67 -2.68 15.93
CA GLU A 271 -6.73 -1.85 16.72
C GLU A 271 -5.32 -2.49 16.70
N ILE A 272 -4.27 -1.74 17.01
CA ILE A 272 -2.91 -2.31 16.98
C ILE A 272 -2.66 -3.49 17.92
N ALA A 273 -3.45 -3.61 18.97
CA ALA A 273 -3.27 -4.71 19.92
C ALA A 273 -3.55 -6.09 19.29
N GLN A 274 -4.42 -6.13 18.29
CA GLN A 274 -4.74 -7.41 17.65
C GLN A 274 -3.78 -7.73 16.51
N VAL A 275 -2.91 -6.78 16.16
CA VAL A 275 -1.96 -6.95 15.05
C VAL A 275 -0.61 -7.53 15.48
N PRO A 276 -0.21 -8.67 14.90
CA PRO A 276 1.07 -9.31 15.23
C PRO A 276 2.28 -8.40 15.01
N ASP A 277 3.35 -8.68 15.74
CA ASP A 277 4.58 -7.89 15.65
C ASP A 277 5.02 -7.67 14.21
N GLU A 278 5.03 -8.76 13.43
CA GLU A 278 5.46 -8.68 12.04
C GLU A 278 4.46 -7.97 11.14
N HIS A 279 3.37 -7.48 11.72
CA HIS A 279 2.34 -6.83 10.92
C HIS A 279 2.06 -5.37 11.20
N VAL A 280 2.44 -4.90 12.39
CA VAL A 280 2.21 -3.50 12.76
C VAL A 280 2.63 -2.62 11.61
N ASN A 281 3.63 -3.08 10.87
CA ASN A 281 4.14 -2.36 9.71
C ASN A 281 3.03 -2.03 8.70
N GLU A 282 2.31 -3.04 8.22
CA GLU A 282 1.23 -2.82 7.26
C GLU A 282 0.11 -2.00 7.90
N PHE A 283 -0.20 -2.30 9.15
CA PHE A 283 -1.26 -1.58 9.89
C PHE A 283 -1.06 -0.07 9.90
N LYS A 284 0.17 0.37 10.11
CA LYS A 284 0.49 1.80 10.18
C LYS A 284 0.56 2.52 8.84
N SER A 285 0.05 1.89 7.78
CA SER A 285 0.05 2.50 6.45
C SER A 285 -1.31 3.10 6.13
N ILE A 286 -1.33 4.37 5.73
CA ILE A 286 -2.59 5.04 5.43
C ILE A 286 -3.15 4.61 4.07
N GLU A 287 -2.29 4.33 3.11
CA GLU A 287 -2.79 3.88 1.81
C GLU A 287 -3.56 2.58 2.01
N LYS A 288 -3.19 1.84 3.04
CA LYS A 288 -3.84 0.59 3.39
C LYS A 288 -5.15 0.89 4.13
N PHE A 289 -4.99 1.32 5.38
CA PHE A 289 -6.12 1.65 6.27
C PHE A 289 -6.23 3.16 6.24
N LYS A 290 -7.34 3.65 5.71
CA LYS A 290 -7.55 5.09 5.52
C LYS A 290 -8.27 5.96 6.54
N ILE A 291 -8.94 5.37 7.54
CA ILE A 291 -9.67 6.16 8.51
C ILE A 291 -9.61 5.60 9.92
N PHE A 292 -10.03 6.41 10.90
CA PHE A 292 -10.05 5.92 12.28
C PHE A 292 -11.28 6.35 13.08
N ASN A 293 -11.51 5.64 14.20
CA ASN A 293 -12.64 5.84 15.10
C ASN A 293 -12.55 7.02 16.10
N THR A 294 -13.49 7.95 16.00
CA THR A 294 -13.56 9.13 16.88
C THR A 294 -14.16 8.80 18.27
N ASN A 295 -14.85 7.65 18.35
CA ASN A 295 -15.57 7.20 19.55
C ASN A 295 -16.94 7.90 19.64
N ASN A 296 -17.32 8.56 18.56
CA ASN A 296 -18.62 9.17 18.43
C ASN A 296 -19.46 8.00 17.85
N LEU A 297 -20.19 7.30 18.71
CA LEU A 297 -20.98 6.14 18.29
C LEU A 297 -22.46 6.40 18.49
N TRP A 298 -23.26 6.06 17.47
CA TRP A 298 -24.69 6.23 17.49
C TRP A 298 -25.22 4.82 17.49
N VAL A 299 -25.85 4.42 18.60
CA VAL A 299 -26.34 3.06 18.77
C VAL A 299 -27.82 2.99 19.14
N ASN A 300 -28.52 2.00 18.57
CA ASN A 300 -29.94 1.74 18.80
C ASN A 300 -30.08 1.13 20.19
N LEU A 301 -30.91 1.75 21.04
CA LEU A 301 -31.10 1.29 22.42
C LEU A 301 -31.76 -0.07 22.62
N LYS A 302 -32.70 -0.43 21.75
CA LYS A 302 -33.39 -1.72 21.85
C LYS A 302 -32.38 -2.83 21.51
N ALA A 303 -31.55 -2.56 20.50
CA ALA A 303 -30.54 -3.51 20.08
C ALA A 303 -29.53 -3.72 21.21
N ILE A 304 -29.31 -2.68 22.02
CA ILE A 304 -28.38 -2.83 23.13
C ILE A 304 -28.92 -3.85 24.12
N LYS A 305 -30.11 -3.56 24.65
CA LYS A 305 -30.77 -4.42 25.61
C LYS A 305 -30.75 -5.86 25.17
N LYS A 306 -31.12 -6.09 23.91
CA LYS A 306 -31.16 -7.44 23.39
C LYS A 306 -29.82 -8.16 23.46
N LEU A 307 -28.74 -7.48 23.05
CA LEU A 307 -27.42 -8.11 23.07
C LEU A 307 -26.79 -8.30 24.46
N VAL A 308 -27.00 -7.34 25.38
CA VAL A 308 -26.45 -7.52 26.72
C VAL A 308 -27.28 -8.59 27.45
N GLU A 309 -28.60 -8.55 27.29
CA GLU A 309 -29.44 -9.56 27.95
C GLU A 309 -29.13 -10.99 27.52
N ALA A 310 -28.65 -11.13 26.28
CA ALA A 310 -28.28 -12.43 25.70
C ALA A 310 -26.79 -12.68 25.87
N ASP A 311 -26.12 -11.77 26.57
CA ASP A 311 -24.69 -11.83 26.81
C ASP A 311 -23.98 -12.08 25.47
N ALA A 312 -24.32 -11.27 24.48
CA ALA A 312 -23.78 -11.42 23.14
C ALA A 312 -22.61 -10.50 22.80
N LEU A 313 -22.34 -9.53 23.66
CA LEU A 313 -21.27 -8.57 23.39
C LEU A 313 -19.90 -9.00 23.91
N LYS A 314 -19.15 -9.69 23.05
CA LYS A 314 -17.82 -10.14 23.46
C LYS A 314 -16.69 -9.65 22.61
N MET A 315 -16.24 -8.45 22.96
CA MET A 315 -15.16 -7.79 22.25
C MET A 315 -13.83 -8.24 22.81
N GLU A 316 -12.77 -7.92 22.09
CA GLU A 316 -11.43 -8.28 22.49
C GLU A 316 -11.18 -7.69 23.86
N ILE A 317 -10.38 -8.39 24.65
CA ILE A 317 -10.04 -7.95 25.99
C ILE A 317 -8.52 -7.72 26.02
N ILE A 318 -8.12 -6.48 26.29
CA ILE A 318 -6.72 -6.10 26.38
C ILE A 318 -6.34 -6.11 27.87
N PRO A 319 -5.12 -6.54 28.19
CA PRO A 319 -4.67 -6.58 29.59
C PRO A 319 -4.41 -5.23 30.26
N ASN A 320 -3.85 -4.30 29.50
CA ASN A 320 -3.50 -2.95 29.97
C ASN A 320 -2.76 -3.08 31.29
N PRO A 321 -1.53 -3.62 31.24
CA PRO A 321 -0.67 -3.80 32.42
C PRO A 321 -0.28 -2.47 33.04
N LYS A 322 -0.20 -2.42 34.36
CA LYS A 322 0.17 -1.21 35.07
C LYS A 322 1.08 -1.61 36.22
N GLU A 323 1.77 -0.63 36.80
CA GLU A 323 2.65 -0.88 37.93
C GLU A 323 2.19 0.08 39.03
N VAL A 324 1.55 -0.48 40.06
CA VAL A 324 1.04 0.32 41.16
C VAL A 324 1.77 -0.07 42.44
N ASP A 325 2.51 0.88 43.02
CA ASP A 325 3.28 0.65 44.23
C ASP A 325 4.29 -0.49 44.02
N GLY A 326 4.97 -0.48 42.88
CA GLY A 326 5.95 -1.51 42.58
C GLY A 326 5.31 -2.86 42.28
N VAL A 327 3.99 -2.86 42.18
CA VAL A 327 3.25 -4.08 41.90
C VAL A 327 2.64 -3.95 40.50
N LYS A 328 3.00 -4.84 39.59
CA LYS A 328 2.45 -4.74 38.24
C LYS A 328 1.08 -5.38 38.23
N VAL A 329 0.05 -4.57 37.97
CA VAL A 329 -1.31 -5.09 37.92
C VAL A 329 -1.83 -5.08 36.50
N LEU A 330 -2.74 -6.02 36.23
CA LEU A 330 -3.39 -6.20 34.93
C LEU A 330 -4.82 -5.68 35.03
N GLN A 331 -5.31 -5.09 33.94
CA GLN A 331 -6.65 -4.50 33.89
C GLN A 331 -7.43 -4.84 32.62
N LEU A 332 -7.75 -6.12 32.38
CA LEU A 332 -8.47 -6.49 31.16
C LEU A 332 -9.69 -5.60 30.89
N GLU A 333 -9.72 -4.96 29.72
CA GLU A 333 -10.81 -4.07 29.35
C GLU A 333 -11.41 -4.35 27.97
N THR A 334 -12.47 -3.60 27.64
CA THR A 334 -13.10 -3.69 26.32
C THR A 334 -13.42 -2.29 25.81
N ALA A 335 -13.60 -2.18 24.51
CA ALA A 335 -13.86 -0.89 23.84
C ALA A 335 -15.22 -0.81 23.18
N ALA A 336 -15.99 0.24 23.50
CA ALA A 336 -17.31 0.43 22.90
C ALA A 336 -17.31 0.27 21.37
N GLY A 337 -16.18 0.55 20.72
CA GLY A 337 -16.11 0.40 19.27
C GLY A 337 -15.94 -1.04 18.80
N ALA A 338 -15.33 -1.89 19.62
CA ALA A 338 -15.13 -3.28 19.20
C ALA A 338 -16.46 -4.02 19.21
N ALA A 339 -17.46 -3.42 19.83
CA ALA A 339 -18.76 -4.07 19.87
C ALA A 339 -19.51 -3.96 18.53
N ILE A 340 -18.92 -3.20 17.60
CA ILE A 340 -19.57 -2.97 16.30
C ILE A 340 -19.93 -4.23 15.51
N ARG A 341 -19.11 -5.27 15.63
CA ARG A 341 -19.33 -6.51 14.88
C ARG A 341 -20.49 -7.34 15.36
N PHE A 342 -21.30 -6.79 16.27
CA PHE A 342 -22.42 -7.54 16.81
C PHE A 342 -23.78 -6.95 16.49
N PHE A 343 -23.82 -5.72 16.02
CA PHE A 343 -25.09 -5.05 15.72
C PHE A 343 -25.57 -5.21 14.28
N ASP A 344 -26.88 -5.16 14.10
CA ASP A 344 -27.47 -5.32 12.79
C ASP A 344 -27.49 -4.01 12.02
N ASN A 345 -27.15 -4.12 10.74
CA ASN A 345 -27.11 -2.98 9.82
C ASN A 345 -26.10 -1.93 10.25
N ALA A 346 -25.20 -2.33 11.14
CA ALA A 346 -24.16 -1.44 11.66
C ALA A 346 -23.31 -0.93 10.48
N ILE A 347 -22.87 0.31 10.60
CA ILE A 347 -22.07 0.94 9.57
C ILE A 347 -21.12 1.96 10.19
N GLY A 348 -20.24 2.48 9.35
CA GLY A 348 -19.30 3.50 9.77
C GLY A 348 -19.53 4.66 8.82
N VAL A 349 -19.25 5.87 9.27
CA VAL A 349 -19.40 7.04 8.42
C VAL A 349 -18.08 7.83 8.40
N ASN A 350 -17.53 8.00 7.21
CA ASN A 350 -16.29 8.74 7.06
C ASN A 350 -16.72 10.22 7.16
N VAL A 351 -16.39 10.86 8.28
CA VAL A 351 -16.76 12.24 8.56
C VAL A 351 -15.63 13.27 8.51
N PRO A 352 -15.99 14.56 8.40
CA PRO A 352 -15.02 15.66 8.36
C PRO A 352 -14.38 15.71 9.76
N ARG A 353 -13.08 15.99 9.84
CA ARG A 353 -12.37 16.02 11.12
C ARG A 353 -12.93 17.02 12.11
N SER A 354 -13.76 17.93 11.64
CA SER A 354 -14.36 18.91 12.53
C SER A 354 -15.12 18.17 13.65
N ARG A 355 -15.58 16.94 13.37
CA ARG A 355 -16.30 16.14 14.36
C ARG A 355 -15.30 15.50 15.32
N PHE A 356 -14.01 15.67 15.06
CA PHE A 356 -12.99 15.10 15.93
C PHE A 356 -12.00 16.18 16.38
N LEU A 357 -12.27 16.75 17.55
CA LEU A 357 -11.40 17.78 18.12
C LEU A 357 -11.22 17.41 19.58
N PRO A 358 -10.25 16.52 19.87
CA PRO A 358 -10.00 16.09 21.24
C PRO A 358 -9.11 17.08 21.97
N VAL A 359 -9.20 17.07 23.28
CA VAL A 359 -8.39 17.90 24.15
C VAL A 359 -7.86 16.90 25.18
N LYS A 360 -6.77 16.22 24.84
CA LYS A 360 -6.19 15.22 25.74
C LYS A 360 -4.78 15.56 26.21
N ALA A 361 -4.37 16.82 26.02
CA ALA A 361 -3.06 17.29 26.46
C ALA A 361 -2.95 18.83 26.36
N SER A 362 -1.85 19.36 26.90
CA SER A 362 -1.61 20.79 26.90
C SER A 362 -1.59 21.42 25.52
N SER A 363 -0.96 20.73 24.57
CA SER A 363 -0.88 21.26 23.21
C SER A 363 -2.27 21.47 22.62
N ASP A 364 -3.27 20.70 23.08
CA ASP A 364 -4.63 20.86 22.54
C ASP A 364 -5.33 22.08 23.17
N LEU A 365 -4.99 22.37 24.43
CA LEU A 365 -5.56 23.54 25.09
C LEU A 365 -5.03 24.82 24.44
N LEU A 366 -3.78 24.78 23.95
CA LEU A 366 -3.20 25.94 23.30
C LEU A 366 -4.01 26.18 22.04
N LEU A 367 -4.31 25.09 21.36
CA LEU A 367 -5.10 25.13 20.14
C LEU A 367 -6.44 25.81 20.34
N VAL A 368 -7.27 25.23 21.20
CA VAL A 368 -8.62 25.75 21.43
C VAL A 368 -8.73 27.05 22.23
N GLN A 369 -7.67 27.39 22.95
CA GLN A 369 -7.68 28.63 23.71
C GLN A 369 -7.07 29.79 22.93
N SER A 370 -6.67 29.51 21.69
CA SER A 370 -6.05 30.50 20.83
C SER A 370 -7.07 31.24 19.95
N ASP A 371 -6.58 31.77 18.82
CA ASP A 371 -7.42 32.50 17.87
C ASP A 371 -7.66 31.64 16.62
N LEU A 372 -7.03 30.48 16.61
CA LEU A 372 -7.17 29.53 15.53
C LEU A 372 -8.57 28.93 15.68
N TYR A 373 -9.16 29.17 16.84
CA TYR A 373 -10.48 28.67 17.15
C TYR A 373 -11.26 29.76 17.87
N THR A 374 -12.56 29.56 17.98
CA THR A 374 -13.45 30.48 18.68
C THR A 374 -14.67 29.70 19.16
N LEU A 375 -15.37 30.25 20.14
CA LEU A 375 -16.55 29.62 20.71
C LEU A 375 -17.80 30.37 20.24
N VAL A 376 -18.80 29.62 19.78
CA VAL A 376 -20.07 30.20 19.29
C VAL A 376 -21.25 29.34 19.74
N ASP A 377 -22.13 29.93 20.56
CA ASP A 377 -23.30 29.22 21.09
C ASP A 377 -22.88 27.98 21.89
N GLY A 378 -21.57 27.82 22.08
CA GLY A 378 -21.09 26.68 22.83
C GLY A 378 -20.16 25.76 22.06
N PHE A 379 -20.09 25.95 20.75
CA PHE A 379 -19.23 25.12 19.94
C PHE A 379 -17.88 25.78 19.70
N VAL A 380 -16.82 24.99 19.88
CA VAL A 380 -15.46 25.46 19.65
C VAL A 380 -15.29 25.51 18.14
N THR A 381 -15.68 26.66 17.59
CA THR A 381 -15.67 26.90 16.16
C THR A 381 -14.37 27.47 15.59
N ARG A 382 -13.80 26.76 14.61
CA ARG A 382 -12.56 27.20 14.01
C ARG A 382 -12.65 28.60 13.40
N ASN A 383 -11.58 29.38 13.56
CA ASN A 383 -11.54 30.74 13.03
C ASN A 383 -11.72 30.70 11.52
N LYS A 384 -12.68 31.47 11.01
CA LYS A 384 -12.98 31.51 9.59
C LYS A 384 -11.89 32.18 8.75
N ALA A 385 -11.08 33.00 9.39
CA ALA A 385 -10.00 33.69 8.70
C ALA A 385 -8.91 32.68 8.39
N ARG A 386 -9.07 31.46 8.92
CA ARG A 386 -8.08 30.40 8.69
C ARG A 386 -7.88 30.20 7.18
N THR A 387 -6.70 29.73 6.84
CA THR A 387 -6.31 29.51 5.45
C THR A 387 -6.14 28.03 5.14
N ASN A 388 -5.57 27.29 6.09
CA ASN A 388 -5.33 25.88 5.91
C ASN A 388 -6.40 25.07 6.63
N PRO A 389 -6.85 23.96 6.02
CA PRO A 389 -7.89 23.10 6.61
C PRO A 389 -7.36 22.33 7.83
N SER A 390 -6.04 22.17 7.89
CA SER A 390 -5.39 21.44 8.98
C SER A 390 -4.95 22.37 10.12
N ASN A 391 -5.04 21.87 11.35
CA ASN A 391 -4.61 22.65 12.51
C ASN A 391 -3.09 22.64 12.55
N PRO A 392 -2.49 23.70 13.12
CA PRO A 392 -1.03 23.73 13.20
C PRO A 392 -0.47 22.59 14.06
N SER A 393 0.79 22.26 13.81
CA SER A 393 1.48 21.22 14.55
C SER A 393 1.99 21.87 15.84
N ILE A 394 1.55 21.37 17.00
CA ILE A 394 2.00 21.95 18.28
C ILE A 394 2.50 20.89 19.25
N GLU A 395 3.80 20.91 19.53
CA GLU A 395 4.46 19.98 20.45
C GLU A 395 5.17 20.78 21.56
N LEU A 396 4.94 20.38 22.81
CA LEU A 396 5.53 21.04 23.98
C LEU A 396 6.26 20.01 24.86
N GLY A 397 7.30 20.44 25.56
CA GLY A 397 8.04 19.53 26.43
C GLY A 397 7.35 19.26 27.78
N PRO A 398 7.96 18.40 28.64
CA PRO A 398 7.43 18.04 29.96
C PRO A 398 7.23 19.27 30.84
N GLU A 399 8.03 20.30 30.61
CA GLU A 399 7.92 21.55 31.37
C GLU A 399 6.53 22.18 31.17
N PHE A 400 5.83 21.76 30.10
CA PHE A 400 4.50 22.26 29.77
C PHE A 400 3.37 21.24 29.96
N LYS A 401 3.68 20.08 30.54
CA LYS A 401 2.69 19.00 30.72
C LYS A 401 1.53 19.24 31.71
N LYS A 402 1.82 19.89 32.83
CA LYS A 402 0.79 20.19 33.84
C LYS A 402 -0.02 21.43 33.43
N VAL A 403 -1.34 21.33 33.47
CA VAL A 403 -2.20 22.45 33.09
C VAL A 403 -1.79 23.77 33.75
N ALA A 404 -1.76 23.80 35.08
CA ALA A 404 -1.41 25.02 35.79
C ALA A 404 -0.06 25.58 35.33
N THR A 405 0.89 24.69 35.08
CA THR A 405 2.22 25.12 34.66
C THR A 405 2.18 25.60 33.23
N PHE A 406 1.28 25.00 32.45
CA PHE A 406 1.09 25.37 31.06
C PHE A 406 0.61 26.82 30.99
N LEU A 407 -0.46 27.11 31.72
CA LEU A 407 -1.02 28.45 31.73
C LEU A 407 0.00 29.44 32.26
N SER A 408 0.98 28.96 33.03
CA SER A 408 2.00 29.85 33.58
C SER A 408 3.11 30.16 32.55
N ARG A 409 3.29 29.30 31.56
CA ARG A 409 4.33 29.55 30.58
C ARG A 409 3.90 30.38 29.36
N PHE A 410 2.65 30.84 29.37
CA PHE A 410 2.10 31.69 28.30
C PHE A 410 1.37 32.89 28.88
N LYS A 411 1.99 34.06 28.83
CA LYS A 411 1.36 35.26 29.40
C LYS A 411 -0.10 35.33 28.95
N SER A 412 -0.32 35.06 27.68
CA SER A 412 -1.65 35.00 27.08
C SER A 412 -1.44 33.97 25.99
N ILE A 413 -2.51 33.34 25.51
CA ILE A 413 -2.31 32.34 24.47
C ILE A 413 -1.95 33.10 23.19
N PRO A 414 -0.79 32.77 22.57
CA PRO A 414 -0.37 33.45 21.35
C PRO A 414 -1.30 33.21 20.17
N SER A 415 -1.35 34.18 19.26
CA SER A 415 -2.16 34.03 18.05
C SER A 415 -1.45 32.93 17.25
N ILE A 416 -2.21 31.97 16.73
CA ILE A 416 -1.64 30.88 15.95
C ILE A 416 -2.41 30.66 14.65
N VAL A 417 -3.35 31.57 14.36
CA VAL A 417 -4.14 31.47 13.15
C VAL A 417 -3.25 31.33 11.93
N GLU A 418 -2.12 32.04 11.94
CA GLU A 418 -1.19 31.95 10.82
C GLU A 418 -0.05 30.96 11.11
N LEU A 419 -0.25 30.14 12.14
CA LEU A 419 0.77 29.16 12.51
C LEU A 419 0.64 27.85 11.75
N ASP A 420 1.79 27.32 11.34
CA ASP A 420 1.83 26.04 10.64
C ASP A 420 2.47 25.02 11.56
N SER A 421 3.49 25.45 12.29
CA SER A 421 4.17 24.56 13.19
C SER A 421 4.87 25.26 14.36
N LEU A 422 4.80 24.61 15.51
CA LEU A 422 5.40 25.09 16.75
C LEU A 422 5.88 23.93 17.61
N LYS A 423 7.17 23.92 17.94
CA LYS A 423 7.71 22.92 18.85
C LYS A 423 8.51 23.62 19.96
N VAL A 424 8.20 23.32 21.22
CA VAL A 424 8.90 23.93 22.34
C VAL A 424 9.56 22.93 23.28
N SER A 425 10.86 23.08 23.48
CA SER A 425 11.60 22.20 24.38
C SER A 425 12.42 23.02 25.39
N GLY A 426 12.71 22.42 26.53
CA GLY A 426 13.50 23.12 27.54
C GLY A 426 12.75 24.07 28.45
N ASP A 427 13.51 24.77 29.29
CA ASP A 427 12.96 25.71 30.27
C ASP A 427 12.77 27.12 29.71
N VAL A 428 11.81 27.22 28.78
CA VAL A 428 11.52 28.48 28.13
C VAL A 428 10.15 29.02 28.51
N TRP A 429 10.03 30.36 28.49
CA TRP A 429 8.80 31.07 28.81
C TRP A 429 8.44 32.01 27.64
N PHE A 430 7.14 32.25 27.42
CA PHE A 430 6.66 33.15 26.34
C PHE A 430 5.81 34.30 26.93
N GLY A 431 6.00 35.52 26.42
CA GLY A 431 5.21 36.67 26.86
C GLY A 431 3.79 36.72 26.30
N SER A 432 3.18 37.91 26.20
CA SER A 432 1.81 38.02 25.69
C SER A 432 1.65 38.81 24.40
N SER A 433 0.49 38.65 23.77
CA SER A 433 0.16 39.31 22.51
C SER A 433 1.23 38.98 21.50
N ILE A 434 1.67 37.73 21.51
CA ILE A 434 2.69 37.26 20.59
C ILE A 434 1.96 36.67 19.38
N VAL A 435 2.68 36.50 18.28
CA VAL A 435 2.08 35.95 17.07
C VAL A 435 3.00 34.89 16.50
N LEU A 436 2.41 33.78 16.06
CA LEU A 436 3.19 32.65 15.53
C LEU A 436 2.79 32.24 14.10
N LYS A 437 3.80 31.96 13.28
CA LYS A 437 3.58 31.57 11.88
C LYS A 437 4.76 30.68 11.43
N GLY A 438 4.48 29.71 10.56
CA GLY A 438 5.52 28.81 10.06
C GLY A 438 6.00 27.68 10.98
N LYS A 439 7.14 27.10 10.64
CA LYS A 439 7.76 26.04 11.43
C LYS A 439 8.64 26.76 12.47
N VAL A 440 8.79 26.18 13.65
CA VAL A 440 9.61 26.79 14.69
C VAL A 440 10.13 25.79 15.73
N THR A 441 11.37 25.99 16.17
CA THR A 441 11.97 25.14 17.19
C THR A 441 12.75 25.96 18.21
N VAL A 442 12.53 25.66 19.49
CA VAL A 442 13.21 26.35 20.58
C VAL A 442 13.78 25.34 21.57
N ALA A 443 15.10 25.38 21.76
CA ALA A 443 15.73 24.44 22.68
C ALA A 443 16.61 25.09 23.75
N ALA A 444 16.05 25.24 24.94
CA ALA A 444 16.79 25.83 26.04
C ALA A 444 17.71 24.73 26.57
N LYS A 445 19.02 24.94 26.47
CA LYS A 445 19.97 23.94 26.96
C LYS A 445 19.81 23.71 28.48
N SER A 446 20.54 22.71 29.00
CA SER A 446 20.45 22.38 30.42
C SER A 446 20.77 23.52 31.40
N GLY A 447 19.80 23.85 32.25
CA GLY A 447 19.99 24.92 33.20
C GLY A 447 19.93 26.29 32.54
N VAL A 448 19.26 26.33 31.41
CA VAL A 448 19.12 27.58 30.68
C VAL A 448 17.64 27.93 30.56
N LYS A 449 17.27 29.11 31.06
CA LYS A 449 15.88 29.57 30.97
C LYS A 449 15.81 30.64 29.89
N LEU A 450 14.77 30.58 29.07
CA LEU A 450 14.61 31.54 27.98
C LEU A 450 13.23 32.20 28.00
N GLU A 451 13.22 33.52 27.91
CA GLU A 451 11.96 34.26 27.89
C GLU A 451 11.71 34.93 26.54
N ILE A 452 10.44 35.20 26.27
CA ILE A 452 10.02 35.86 25.03
C ILE A 452 8.95 36.86 25.42
N PRO A 453 9.31 38.17 25.52
CA PRO A 453 8.41 39.26 25.89
C PRO A 453 7.18 39.51 25.00
N ASP A 454 6.25 40.31 25.53
CA ASP A 454 5.04 40.66 24.81
C ASP A 454 5.39 41.14 23.41
N ARG A 455 4.42 41.02 22.51
CA ARG A 455 4.55 41.46 21.13
C ARG A 455 5.59 40.68 20.31
N ALA A 456 6.23 39.69 20.91
CA ALA A 456 7.22 38.88 20.19
C ALA A 456 6.52 38.11 19.07
N VAL A 457 7.30 37.66 18.09
CA VAL A 457 6.75 36.91 16.95
C VAL A 457 7.88 36.23 16.18
N VAL A 458 7.74 34.92 15.99
CA VAL A 458 8.71 34.08 15.30
C VAL A 458 8.09 33.58 13.99
N GLU A 459 8.65 34.01 12.85
CA GLU A 459 8.13 33.62 11.52
C GLU A 459 9.02 32.60 10.80
N ASN A 460 8.75 31.31 11.03
CA ASN A 460 9.53 30.22 10.46
C ASN A 460 10.95 30.47 10.89
N LYS A 461 11.17 30.44 12.20
CA LYS A 461 12.47 30.70 12.81
C LYS A 461 12.78 29.79 13.99
N ASN A 462 14.06 29.52 14.20
CA ASN A 462 14.52 28.68 15.31
C ASN A 462 15.14 29.57 16.40
N ILE A 463 15.12 29.09 17.64
CA ILE A 463 15.68 29.87 18.74
C ILE A 463 16.30 28.99 19.82
N ASN A 464 17.63 28.93 19.81
CA ASN A 464 18.39 28.13 20.76
C ASN A 464 18.93 28.94 21.93
N GLY A 465 18.33 30.11 22.18
CA GLY A 465 18.78 30.94 23.27
C GLY A 465 18.68 32.42 22.96
N PRO A 466 19.15 33.29 23.87
CA PRO A 466 19.11 34.73 23.67
C PRO A 466 19.80 35.11 22.37
N GLU A 467 20.94 34.44 22.10
CA GLU A 467 21.72 34.67 20.90
C GLU A 467 20.86 34.64 19.64
N ASP A 468 19.76 33.89 19.70
CA ASP A 468 18.86 33.81 18.55
C ASP A 468 17.74 34.84 18.65
N LEU A 469 17.49 35.34 19.87
CA LEU A 469 16.45 36.35 20.09
C LEU A 469 15.13 36.01 19.42
N LEU B 8 42.68 -5.73 -13.67
CA LEU B 8 44.12 -6.07 -13.49
C LEU B 8 44.90 -5.83 -14.79
N PRO B 9 46.22 -5.57 -14.66
CA PRO B 9 47.13 -5.31 -15.79
C PRO B 9 47.30 -6.51 -16.71
N GLN B 10 47.45 -7.70 -16.13
CA GLN B 10 47.63 -8.89 -16.94
C GLN B 10 46.31 -9.48 -17.42
N LEU B 11 45.20 -9.00 -16.86
CA LEU B 11 43.89 -9.45 -17.32
C LEU B 11 43.79 -8.76 -18.68
N LYS B 12 44.30 -7.53 -18.72
CA LYS B 12 44.30 -6.73 -19.94
C LYS B 12 45.30 -7.21 -20.99
N SER B 13 46.40 -7.82 -20.57
CA SER B 13 47.38 -8.30 -21.55
C SER B 13 46.86 -9.56 -22.21
N ALA B 14 46.12 -10.35 -21.44
CA ALA B 14 45.52 -11.59 -21.92
C ALA B 14 44.49 -11.19 -22.98
N VAL B 15 43.68 -10.20 -22.63
CA VAL B 15 42.67 -9.73 -23.56
C VAL B 15 43.31 -9.14 -24.82
N ASP B 16 44.33 -8.28 -24.65
CA ASP B 16 44.98 -7.69 -25.82
C ASP B 16 45.53 -8.73 -26.79
N GLY B 17 45.76 -9.93 -26.27
CA GLY B 17 46.26 -11.02 -27.11
C GLY B 17 45.17 -11.76 -27.90
N LEU B 18 43.89 -11.48 -27.61
CA LEU B 18 42.80 -12.16 -28.29
C LEU B 18 42.43 -11.48 -29.61
N THR B 19 43.04 -11.94 -30.71
CA THR B 19 42.79 -11.37 -32.02
C THR B 19 41.33 -11.46 -32.48
N GLU B 20 40.59 -12.43 -31.93
CA GLU B 20 39.19 -12.61 -32.31
C GLU B 20 38.31 -11.43 -31.90
N MET B 21 38.81 -10.59 -30.99
CA MET B 21 38.05 -9.43 -30.53
C MET B 21 38.55 -8.17 -31.25
N SER B 22 37.63 -7.26 -31.58
CA SER B 22 38.01 -6.01 -32.22
C SER B 22 38.53 -5.10 -31.10
N GLU B 23 39.14 -3.98 -31.45
CA GLU B 23 39.66 -3.08 -30.42
C GLU B 23 38.58 -2.51 -29.49
N SER B 24 37.42 -2.18 -30.06
CA SER B 24 36.32 -1.65 -29.26
C SER B 24 35.83 -2.67 -28.24
N GLU B 25 35.75 -3.94 -28.66
CA GLU B 25 35.28 -5.00 -27.78
C GLU B 25 36.29 -5.26 -26.67
N LYS B 26 37.58 -5.28 -27.02
CA LYS B 26 38.62 -5.50 -26.02
C LYS B 26 38.50 -4.42 -24.94
N SER B 27 38.32 -3.19 -25.39
CA SER B 27 38.19 -2.03 -24.51
C SER B 27 36.93 -2.09 -23.63
N GLY B 28 35.80 -2.45 -24.24
CA GLY B 28 34.56 -2.56 -23.50
C GLY B 28 34.63 -3.63 -22.41
N PHE B 29 35.24 -4.76 -22.73
CA PHE B 29 35.37 -5.85 -21.76
C PHE B 29 36.23 -5.39 -20.58
N ILE B 30 37.43 -4.89 -20.90
CA ILE B 30 38.33 -4.41 -19.86
C ILE B 30 37.61 -3.36 -19.00
N SER B 31 36.94 -2.45 -19.67
CA SER B 31 36.19 -1.38 -19.01
C SER B 31 35.25 -1.98 -17.99
N LEU B 32 34.51 -2.98 -18.43
CA LEU B 32 33.55 -3.66 -17.58
C LEU B 32 34.28 -4.29 -16.39
N VAL B 33 35.26 -5.14 -16.68
CA VAL B 33 36.03 -5.80 -15.63
C VAL B 33 36.58 -4.76 -14.66
N SER B 34 37.12 -3.67 -15.21
CA SER B 34 37.66 -2.59 -14.39
C SER B 34 36.69 -2.21 -13.28
N ARG B 35 35.41 -2.10 -13.65
CA ARG B 35 34.36 -1.74 -12.69
C ARG B 35 34.06 -2.89 -11.74
N TYR B 36 34.07 -4.11 -12.29
CA TYR B 36 33.78 -5.28 -11.49
C TYR B 36 34.75 -5.42 -10.32
N LEU B 37 35.83 -4.64 -10.37
CA LEU B 37 36.85 -4.66 -9.32
C LEU B 37 37.34 -3.25 -8.97
N ILE B 44 22.01 -1.50 -2.95
CA ILE B 44 21.53 -0.12 -2.95
C ILE B 44 21.32 0.32 -1.49
N GLU B 45 21.22 1.62 -1.25
CA GLU B 45 20.99 2.10 0.11
C GLU B 45 19.49 2.15 0.29
N TRP B 46 18.93 1.07 0.82
CA TRP B 46 17.49 0.98 1.01
C TRP B 46 16.94 2.28 1.54
N SER B 47 17.67 2.88 2.48
CA SER B 47 17.23 4.12 3.09
C SER B 47 17.10 5.26 2.09
N LYS B 48 17.88 5.21 1.00
CA LYS B 48 17.85 6.27 -0.02
C LYS B 48 16.79 6.00 -1.08
N ILE B 49 16.29 4.78 -1.11
CA ILE B 49 15.27 4.40 -2.08
C ILE B 49 14.07 5.31 -1.91
N GLN B 50 13.36 5.54 -3.01
CA GLN B 50 12.17 6.39 -3.04
C GLN B 50 11.17 5.90 -4.09
N THR B 51 9.88 5.88 -3.75
CA THR B 51 8.85 5.47 -4.69
C THR B 51 8.69 6.53 -5.80
N PRO B 52 8.76 6.12 -7.08
CA PRO B 52 8.62 7.14 -8.13
C PRO B 52 7.22 7.72 -8.20
N THR B 53 7.10 9.00 -8.57
CA THR B 53 5.80 9.65 -8.72
C THR B 53 5.13 9.32 -10.05
N ASP B 54 3.90 9.81 -10.22
CA ASP B 54 3.13 9.62 -11.44
C ASP B 54 3.58 10.48 -12.60
N GLU B 55 4.50 11.41 -12.35
CA GLU B 55 5.01 12.26 -13.40
C GLU B 55 6.28 11.63 -14.00
N ILE B 56 6.86 10.63 -13.31
CA ILE B 56 8.07 9.95 -13.79
C ILE B 56 7.77 8.49 -14.24
N VAL B 57 6.57 8.02 -13.89
CA VAL B 57 6.07 6.69 -14.27
C VAL B 57 4.57 6.87 -14.49
N VAL B 58 4.27 7.81 -15.39
CA VAL B 58 2.92 8.19 -15.78
C VAL B 58 2.11 7.03 -16.40
N PRO B 59 0.80 6.98 -16.11
CA PRO B 59 -0.09 5.94 -16.63
C PRO B 59 -0.31 6.11 -18.14
N TYR B 60 -0.38 5.00 -18.86
CA TYR B 60 -0.59 5.07 -20.30
C TYR B 60 -1.87 5.85 -20.66
N GLU B 61 -2.98 5.51 -19.99
CA GLU B 61 -4.29 6.12 -20.26
C GLU B 61 -4.37 7.63 -20.08
N LYS B 62 -3.25 8.27 -19.76
CA LYS B 62 -3.24 9.71 -19.56
C LYS B 62 -2.30 10.41 -20.53
N MET B 63 -1.34 9.67 -21.06
CA MET B 63 -0.39 10.25 -21.99
C MET B 63 -1.18 10.92 -23.09
N THR B 64 -0.85 12.17 -23.41
CA THR B 64 -1.53 12.90 -24.47
C THR B 64 -1.74 11.94 -25.63
N PRO B 65 -2.97 11.47 -25.81
CA PRO B 65 -3.10 10.55 -26.94
C PRO B 65 -2.93 11.20 -28.31
N VAL B 66 -2.53 10.40 -29.28
CA VAL B 66 -2.36 10.93 -30.61
C VAL B 66 -3.75 11.07 -31.22
N SER B 67 -3.89 11.97 -32.18
CA SER B 67 -5.17 12.19 -32.85
C SER B 67 -5.40 11.12 -33.91
N GLN B 68 -6.50 11.28 -34.64
CA GLN B 68 -6.87 10.38 -35.71
C GLN B 68 -6.35 10.87 -37.08
N ASP B 69 -5.42 11.84 -37.11
CA ASP B 69 -4.93 12.33 -38.41
C ASP B 69 -3.85 11.39 -39.00
N VAL B 70 -4.01 11.01 -40.26
CA VAL B 70 -3.06 10.08 -40.89
C VAL B 70 -1.71 10.74 -41.08
N ALA B 71 -1.72 12.05 -41.21
CA ALA B 71 -0.49 12.81 -41.33
C ALA B 71 0.31 12.82 -39.99
N GLU B 72 -0.37 12.92 -38.85
CA GLU B 72 0.33 12.93 -37.57
C GLU B 72 1.01 11.56 -37.33
N THR B 73 0.24 10.50 -37.52
CA THR B 73 0.79 9.15 -37.35
C THR B 73 1.99 8.93 -38.29
N LYS B 74 1.81 9.28 -39.56
CA LYS B 74 2.90 9.10 -40.53
C LYS B 74 4.09 9.93 -40.06
N ASN B 75 3.83 11.18 -39.64
CA ASN B 75 4.90 12.05 -39.14
C ASN B 75 5.71 11.44 -37.98
N LEU B 76 5.03 11.00 -36.93
CA LEU B 76 5.72 10.39 -35.79
C LEU B 76 6.57 9.16 -36.17
N LEU B 77 6.02 8.29 -37.02
CA LEU B 77 6.74 7.08 -37.43
C LEU B 77 8.02 7.36 -38.21
N ASP B 78 8.08 8.49 -38.94
CA ASP B 78 9.27 8.82 -39.73
C ASP B 78 10.51 9.08 -38.82
N LYS B 79 10.28 9.16 -37.51
CA LYS B 79 11.38 9.43 -36.59
C LYS B 79 11.80 8.16 -35.87
N LEU B 80 10.98 7.15 -36.05
CA LEU B 80 11.18 5.88 -35.36
C LEU B 80 11.98 4.79 -36.07
N VAL B 81 12.74 4.04 -35.27
CA VAL B 81 13.50 2.89 -35.75
C VAL B 81 13.09 1.75 -34.81
N VAL B 82 12.88 0.56 -35.36
CA VAL B 82 12.52 -0.59 -34.52
C VAL B 82 13.73 -1.52 -34.42
N LEU B 83 14.09 -1.88 -33.18
CA LEU B 83 15.19 -2.77 -32.88
C LEU B 83 14.69 -4.00 -32.09
N LYS B 84 15.13 -5.18 -32.52
CA LYS B 84 14.76 -6.41 -31.84
C LYS B 84 16.01 -7.13 -31.38
N LEU B 85 16.01 -7.50 -30.09
CA LEU B 85 17.14 -8.23 -29.49
C LEU B 85 17.06 -9.67 -30.02
N ASN B 86 18.12 -10.12 -30.68
CA ASN B 86 18.12 -11.45 -31.30
C ASN B 86 19.45 -12.20 -31.11
N GLY B 87 20.06 -12.06 -29.94
CA GLY B 87 21.34 -12.70 -29.70
C GLY B 87 21.24 -14.06 -29.06
N GLY B 88 20.03 -14.44 -28.66
CA GLY B 88 19.82 -15.72 -28.01
C GLY B 88 19.35 -16.86 -28.90
N LEU B 89 19.74 -18.08 -28.55
CA LEU B 89 19.37 -19.29 -29.29
C LEU B 89 18.10 -19.93 -28.72
N GLY B 90 17.54 -20.90 -29.45
CA GLY B 90 16.34 -21.56 -28.97
C GLY B 90 16.66 -22.81 -28.19
N THR B 91 17.92 -22.95 -27.78
CA THR B 91 18.35 -24.14 -27.04
C THR B 91 17.47 -24.55 -25.84
N THR B 92 17.12 -23.60 -24.98
CA THR B 92 16.28 -23.88 -23.82
C THR B 92 14.96 -24.53 -24.24
N MET B 93 14.29 -23.94 -25.23
CA MET B 93 13.02 -24.51 -25.69
C MET B 93 13.33 -25.76 -26.51
N GLY B 94 14.58 -26.21 -26.41
CA GLY B 94 15.01 -27.40 -27.13
C GLY B 94 15.05 -27.27 -28.65
N CYS B 95 15.39 -26.08 -29.15
CA CYS B 95 15.47 -25.82 -30.59
C CYS B 95 16.89 -25.35 -30.94
N THR B 96 17.33 -25.72 -32.13
CA THR B 96 18.68 -25.41 -32.61
C THR B 96 19.16 -23.96 -32.70
N GLY B 97 18.83 -23.29 -33.80
CA GLY B 97 19.27 -21.93 -34.02
C GLY B 97 18.69 -20.85 -33.12
N PRO B 98 18.54 -19.61 -33.63
CA PRO B 98 17.98 -18.49 -32.87
C PRO B 98 16.59 -18.83 -32.34
N LYS B 99 16.29 -18.42 -31.11
CA LYS B 99 14.96 -18.70 -30.52
C LYS B 99 13.86 -18.07 -31.38
N SER B 100 14.18 -16.91 -31.95
CA SER B 100 13.28 -16.16 -32.80
C SER B 100 12.80 -16.95 -34.02
N VAL B 101 13.36 -18.14 -34.27
CA VAL B 101 12.92 -18.90 -35.43
C VAL B 101 12.06 -20.11 -35.06
N ILE B 102 11.68 -20.18 -33.78
CA ILE B 102 10.76 -21.23 -33.33
C ILE B 102 9.40 -20.76 -33.83
N GLU B 103 8.54 -21.67 -34.29
CA GLU B 103 7.22 -21.29 -34.77
C GLU B 103 6.32 -20.78 -33.65
N VAL B 104 5.82 -19.57 -33.85
CA VAL B 104 4.91 -18.94 -32.91
C VAL B 104 3.52 -19.49 -33.21
N ARG B 105 3.08 -19.29 -34.45
CA ARG B 105 1.77 -19.76 -34.87
C ARG B 105 1.55 -19.77 -36.38
N ASP B 106 0.70 -20.70 -36.81
CA ASP B 106 0.32 -20.84 -38.22
C ASP B 106 1.45 -20.76 -39.21
N GLY B 107 2.52 -21.51 -38.92
CA GLY B 107 3.67 -21.53 -39.79
C GLY B 107 4.46 -20.23 -39.75
N LEU B 108 4.14 -19.36 -38.80
CA LEU B 108 4.88 -18.09 -38.71
C LEU B 108 5.66 -17.97 -37.39
N THR B 109 6.97 -17.82 -37.53
CA THR B 109 7.89 -17.68 -36.41
C THR B 109 7.81 -16.27 -35.85
N PHE B 110 8.60 -16.04 -34.81
CA PHE B 110 8.68 -14.73 -34.17
C PHE B 110 9.15 -13.72 -35.19
N LEU B 111 10.35 -13.94 -35.74
CA LEU B 111 10.93 -13.04 -36.72
C LEU B 111 9.97 -12.86 -37.90
N ASP B 112 9.27 -13.94 -38.26
CA ASP B 112 8.31 -13.87 -39.35
C ASP B 112 7.29 -12.77 -39.06
N LEU B 113 6.71 -12.81 -37.86
CA LEU B 113 5.71 -11.81 -37.50
C LEU B 113 6.35 -10.44 -37.46
N ILE B 114 7.61 -10.42 -37.03
CA ILE B 114 8.35 -9.17 -36.97
C ILE B 114 8.28 -8.41 -38.29
N VAL B 115 8.84 -9.02 -39.33
CA VAL B 115 8.86 -8.37 -40.65
C VAL B 115 7.46 -8.10 -41.21
N ILE B 116 6.52 -8.99 -40.95
CA ILE B 116 5.18 -8.81 -41.48
C ILE B 116 4.53 -7.53 -40.98
N GLN B 117 4.86 -7.15 -39.75
CA GLN B 117 4.30 -5.94 -39.15
C GLN B 117 4.97 -4.67 -39.64
N ILE B 118 6.31 -4.63 -39.60
CA ILE B 118 7.01 -3.42 -40.03
C ILE B 118 6.57 -3.12 -41.48
N GLU B 119 6.45 -4.16 -42.31
CA GLU B 119 5.99 -3.98 -43.69
C GLU B 119 4.55 -3.42 -43.69
N ASN B 120 3.66 -3.98 -42.88
CA ASN B 120 2.29 -3.48 -42.87
C ASN B 120 2.24 -2.03 -42.45
N LEU B 121 3.05 -1.68 -41.46
CA LEU B 121 3.14 -0.30 -41.02
C LEU B 121 3.58 0.58 -42.20
N ASN B 122 4.62 0.13 -42.90
CA ASN B 122 5.14 0.88 -44.05
C ASN B 122 4.11 1.06 -45.16
N ASN B 123 3.37 0.00 -45.46
CA ASN B 123 2.37 0.05 -46.51
C ASN B 123 1.18 0.89 -46.10
N LYS B 124 0.76 0.75 -44.85
CA LYS B 124 -0.41 1.50 -44.37
C LYS B 124 -0.23 3.01 -44.34
N TYR B 125 1.01 3.47 -44.16
CA TYR B 125 1.27 4.90 -44.08
C TYR B 125 2.24 5.43 -45.14
N GLY B 126 2.93 4.53 -45.82
CA GLY B 126 3.88 4.96 -46.85
C GLY B 126 5.16 5.49 -46.21
N CYS B 127 5.41 5.08 -44.97
CA CYS B 127 6.62 5.49 -44.26
C CYS B 127 7.70 4.45 -44.55
N LYS B 128 8.90 4.71 -44.03
CA LYS B 128 10.03 3.81 -44.21
C LYS B 128 10.67 3.50 -42.87
N VAL B 129 9.99 2.70 -42.04
CA VAL B 129 10.50 2.35 -40.74
C VAL B 129 11.50 1.19 -40.85
N PRO B 130 12.79 1.44 -40.55
CA PRO B 130 13.74 0.33 -40.63
C PRO B 130 13.65 -0.60 -39.44
N LEU B 131 14.06 -1.85 -39.68
CA LEU B 131 14.11 -2.86 -38.64
C LEU B 131 15.60 -3.12 -38.38
N VAL B 132 15.96 -3.27 -37.11
CA VAL B 132 17.33 -3.57 -36.72
C VAL B 132 17.29 -4.82 -35.86
N LEU B 133 18.02 -5.84 -36.29
CA LEU B 133 18.10 -7.10 -35.56
C LEU B 133 19.50 -7.17 -34.96
N MET B 134 19.56 -7.12 -33.63
CA MET B 134 20.82 -7.22 -32.93
C MET B 134 21.02 -8.70 -32.73
N ASN B 135 21.91 -9.29 -33.53
CA ASN B 135 22.21 -10.71 -33.40
C ASN B 135 23.43 -10.94 -32.50
N SER B 136 23.99 -12.15 -32.59
CA SER B 136 25.19 -12.54 -31.84
C SER B 136 25.90 -13.64 -32.64
N PHE B 137 27.16 -13.93 -32.32
CA PHE B 137 27.86 -14.99 -33.03
C PHE B 137 27.08 -16.31 -32.90
N ASN B 138 26.15 -16.36 -31.94
CA ASN B 138 25.39 -17.60 -31.77
C ASN B 138 24.16 -17.65 -32.64
N THR B 139 23.64 -16.49 -33.01
CA THR B 139 22.42 -16.40 -33.83
C THR B 139 22.53 -15.69 -35.18
N HIS B 140 23.69 -15.10 -35.49
CA HIS B 140 23.78 -14.35 -36.75
C HIS B 140 23.62 -15.27 -37.95
N ASP B 141 24.60 -16.17 -38.10
CA ASP B 141 24.62 -17.14 -39.18
C ASP B 141 23.23 -17.54 -39.64
N ASP B 142 22.42 -18.14 -38.76
CA ASP B 142 21.07 -18.53 -39.15
C ASP B 142 20.30 -17.30 -39.56
N THR B 143 20.46 -16.22 -38.81
CA THR B 143 19.80 -14.97 -39.11
C THR B 143 20.22 -14.48 -40.50
N HIS B 144 21.52 -14.27 -40.72
CA HIS B 144 21.98 -13.76 -42.02
C HIS B 144 21.50 -14.68 -43.14
N LYS B 145 21.44 -15.97 -42.86
CA LYS B 145 20.94 -16.91 -43.84
C LYS B 145 19.42 -16.69 -44.02
N ILE B 146 18.69 -16.59 -42.93
CA ILE B 146 17.24 -16.38 -42.98
C ILE B 146 16.83 -15.02 -43.55
N VAL B 147 17.52 -13.94 -43.15
CA VAL B 147 17.14 -12.61 -43.62
C VAL B 147 17.03 -12.49 -45.13
N GLU B 148 17.51 -13.52 -45.82
CA GLU B 148 17.44 -13.55 -47.26
C GLU B 148 16.04 -13.99 -47.72
N LYS B 149 15.32 -14.71 -46.86
CA LYS B 149 13.98 -15.18 -47.22
C LYS B 149 12.99 -14.04 -47.43
N TYR B 150 13.37 -12.82 -47.07
CA TYR B 150 12.48 -11.68 -47.25
C TYR B 150 13.03 -10.57 -48.14
N THR B 151 13.89 -10.96 -49.06
CA THR B 151 14.49 -10.03 -50.03
C THR B 151 13.42 -9.17 -50.68
N ASN B 152 12.23 -9.73 -50.81
CA ASN B 152 11.10 -9.05 -51.43
C ASN B 152 10.34 -8.19 -50.45
N SER B 153 10.26 -8.62 -49.19
CA SER B 153 9.54 -7.88 -48.18
C SER B 153 9.82 -6.37 -48.26
N ASN B 154 8.78 -5.59 -48.01
CA ASN B 154 8.88 -4.15 -48.06
C ASN B 154 9.32 -3.46 -46.75
N VAL B 155 10.54 -3.77 -46.34
CA VAL B 155 11.15 -3.18 -45.16
C VAL B 155 12.64 -3.42 -45.33
N ASP B 156 13.44 -2.48 -44.84
CA ASP B 156 14.88 -2.59 -44.91
C ASP B 156 15.31 -3.20 -43.59
N ILE B 157 15.73 -4.45 -43.66
CA ILE B 157 16.17 -5.19 -42.49
C ILE B 157 17.67 -5.00 -42.31
N HIS B 158 18.04 -4.38 -41.20
CA HIS B 158 19.45 -4.12 -40.88
C HIS B 158 19.83 -5.16 -39.84
N THR B 159 21.10 -5.49 -39.78
CA THR B 159 21.56 -6.46 -38.79
C THR B 159 22.95 -6.10 -38.32
N PHE B 160 23.28 -6.45 -37.09
CA PHE B 160 24.62 -6.25 -36.57
C PHE B 160 24.88 -7.26 -35.47
N ASN B 161 26.15 -7.55 -35.23
CA ASN B 161 26.53 -8.52 -34.19
C ASN B 161 26.98 -7.75 -32.95
N GLN B 162 26.31 -7.97 -31.81
CA GLN B 162 26.71 -7.29 -30.58
C GLN B 162 28.10 -7.80 -30.23
N SER B 163 28.73 -7.22 -29.21
CA SER B 163 30.07 -7.62 -28.81
C SER B 163 30.19 -9.14 -28.66
N LYS B 164 31.43 -9.61 -28.57
CA LYS B 164 31.70 -11.04 -28.34
C LYS B 164 32.79 -11.08 -27.28
N TYR B 165 32.48 -11.65 -26.11
CA TYR B 165 33.44 -11.68 -25.01
C TYR B 165 33.91 -13.09 -24.73
N PRO B 166 34.96 -13.23 -23.89
CA PRO B 166 35.51 -14.55 -23.54
C PRO B 166 34.90 -15.17 -22.30
N ARG B 167 34.60 -16.45 -22.36
CA ARG B 167 34.09 -17.10 -21.18
C ARG B 167 35.29 -17.12 -20.26
N VAL B 168 35.04 -17.26 -18.96
CA VAL B 168 36.14 -17.26 -18.01
C VAL B 168 36.10 -18.39 -16.99
N VAL B 169 37.17 -19.17 -16.95
CA VAL B 169 37.30 -20.30 -16.04
C VAL B 169 36.75 -20.02 -14.64
N ALA B 170 35.78 -20.83 -14.22
CA ALA B 170 35.11 -20.69 -12.93
C ALA B 170 35.94 -20.22 -11.76
N ASP B 171 36.98 -20.99 -11.43
CA ASP B 171 37.83 -20.69 -10.30
C ASP B 171 39.19 -20.07 -10.61
N GLU B 172 39.70 -20.32 -11.82
CA GLU B 172 41.00 -19.77 -12.18
C GLU B 172 40.85 -18.27 -12.41
N PHE B 173 39.66 -17.88 -12.86
CA PHE B 173 39.35 -16.49 -13.16
C PHE B 173 40.30 -15.98 -14.24
N VAL B 174 40.37 -16.70 -15.35
CA VAL B 174 41.22 -16.31 -16.47
C VAL B 174 40.46 -16.54 -17.78
N PRO B 175 40.69 -15.66 -18.77
CA PRO B 175 39.99 -15.84 -20.06
C PRO B 175 40.19 -17.25 -20.58
N TRP B 176 39.11 -17.96 -20.88
CA TRP B 176 39.20 -19.31 -21.40
C TRP B 176 39.96 -19.28 -22.72
N PRO B 177 39.64 -18.31 -23.61
CA PRO B 177 40.38 -18.26 -24.88
C PRO B 177 41.89 -18.10 -24.62
N SER B 178 42.25 -17.62 -23.43
CA SER B 178 43.65 -17.46 -23.06
C SER B 178 44.23 -18.82 -22.67
N LYS B 179 43.42 -19.86 -22.78
CA LYS B 179 43.83 -21.23 -22.45
C LYS B 179 43.70 -22.11 -23.69
N GLY B 180 43.15 -21.54 -24.77
CA GLY B 180 42.97 -22.30 -25.99
C GLY B 180 41.54 -22.63 -26.40
N LYS B 181 40.56 -22.28 -25.55
CA LYS B 181 39.16 -22.56 -25.90
C LYS B 181 38.68 -21.41 -26.77
N THR B 182 38.78 -21.58 -28.09
CA THR B 182 38.40 -20.53 -29.02
C THR B 182 37.14 -20.79 -29.84
N ASP B 183 36.65 -22.03 -29.84
CA ASP B 183 35.43 -22.31 -30.58
C ASP B 183 34.30 -21.65 -29.81
N LYS B 184 33.05 -21.89 -30.23
CA LYS B 184 31.89 -21.27 -29.60
C LYS B 184 31.94 -21.10 -28.09
N GLU B 185 31.98 -22.20 -27.34
CA GLU B 185 32.01 -22.13 -25.88
C GLU B 185 33.10 -21.21 -25.31
N GLY B 186 34.02 -20.76 -26.14
CA GLY B 186 35.05 -19.86 -25.66
C GLY B 186 34.52 -18.44 -25.83
N TRP B 187 33.21 -18.32 -26.01
CA TRP B 187 32.60 -17.00 -26.23
C TRP B 187 31.14 -16.92 -25.87
N TYR B 188 30.74 -15.76 -25.36
CA TYR B 188 29.34 -15.53 -25.00
C TYR B 188 29.03 -14.10 -25.42
N PRO B 189 27.78 -13.84 -25.84
CA PRO B 189 27.33 -12.50 -26.26
C PRO B 189 26.94 -11.77 -24.97
N PRO B 190 27.56 -10.61 -24.72
CA PRO B 190 27.31 -9.82 -23.50
C PRO B 190 25.93 -9.29 -23.10
N GLY B 191 24.92 -10.17 -23.05
CA GLY B 191 23.58 -9.74 -22.63
C GLY B 191 23.00 -8.66 -23.50
N HIS B 192 21.84 -8.14 -23.16
CA HIS B 192 21.30 -7.10 -24.02
C HIS B 192 21.64 -5.66 -23.62
N GLY B 193 22.33 -5.48 -22.48
CA GLY B 193 22.73 -4.15 -22.05
C GLY B 193 23.77 -3.58 -23.01
N ASP B 194 24.47 -4.49 -23.70
CA ASP B 194 25.51 -4.13 -24.66
C ASP B 194 24.90 -3.54 -25.97
N VAL B 195 23.58 -3.46 -26.04
CA VAL B 195 22.95 -2.93 -27.25
C VAL B 195 23.41 -1.51 -27.57
N PHE B 196 23.70 -0.72 -26.54
CA PHE B 196 24.11 0.66 -26.75
C PHE B 196 25.48 0.80 -27.40
N PRO B 197 26.52 0.12 -26.86
CA PRO B 197 27.82 0.25 -27.53
C PRO B 197 27.87 -0.49 -28.88
N ALA B 198 27.21 -1.63 -28.97
CA ALA B 198 27.22 -2.39 -30.23
C ALA B 198 26.50 -1.63 -31.36
N LEU B 199 25.41 -0.93 -31.04
CA LEU B 199 24.75 -0.16 -32.08
C LEU B 199 25.74 0.91 -32.53
N MET B 200 26.53 1.42 -31.58
CA MET B 200 27.53 2.43 -31.93
C MET B 200 28.65 1.82 -32.79
N ASN B 201 29.32 0.79 -32.28
CA ASN B 201 30.43 0.16 -32.99
C ASN B 201 29.98 -0.33 -34.37
N SER B 202 28.67 -0.53 -34.52
CA SER B 202 28.12 -1.03 -35.77
C SER B 202 28.12 0.03 -36.88
N GLY B 203 27.93 1.30 -36.47
CA GLY B 203 27.85 2.39 -37.42
C GLY B 203 26.40 2.57 -37.89
N LYS B 204 25.44 2.11 -37.09
CA LYS B 204 24.02 2.24 -37.47
C LYS B 204 23.37 3.44 -36.83
N LEU B 205 23.64 3.64 -35.53
CA LEU B 205 23.13 4.79 -34.77
C LEU B 205 23.43 6.09 -35.57
N ASP B 206 24.72 6.45 -35.68
CA ASP B 206 25.08 7.66 -36.42
C ASP B 206 24.39 7.64 -37.79
N THR B 207 24.22 6.44 -38.34
CA THR B 207 23.56 6.24 -39.63
C THR B 207 22.07 6.62 -39.58
N PHE B 208 21.30 5.89 -38.77
CA PHE B 208 19.86 6.18 -38.68
C PHE B 208 19.69 7.68 -38.49
N LEU B 209 20.52 8.26 -37.62
CA LEU B 209 20.49 9.69 -37.39
C LEU B 209 20.59 10.46 -38.73
N SER B 210 21.55 10.09 -39.56
CA SER B 210 21.69 10.77 -40.87
C SER B 210 20.40 10.68 -41.68
N GLN B 211 19.42 9.89 -41.22
CA GLN B 211 18.17 9.79 -41.97
C GLN B 211 16.96 10.35 -41.22
N GLY B 212 17.17 11.39 -40.43
CA GLY B 212 16.09 12.00 -39.68
C GLY B 212 15.47 11.11 -38.63
N LYS B 213 15.95 9.87 -38.50
CA LYS B 213 15.37 8.99 -37.49
C LYS B 213 15.89 9.52 -36.16
N GLU B 214 14.95 9.68 -35.23
CA GLU B 214 15.20 10.22 -33.90
C GLU B 214 15.06 9.25 -32.74
N TYR B 215 14.29 8.17 -32.91
CA TYR B 215 14.06 7.18 -31.85
C TYR B 215 14.19 5.71 -32.23
N VAL B 216 14.49 4.88 -31.25
CA VAL B 216 14.55 3.45 -31.48
C VAL B 216 13.68 2.82 -30.41
N PHE B 217 12.87 1.84 -30.82
CA PHE B 217 11.99 1.08 -29.92
C PHE B 217 12.69 -0.29 -29.88
N VAL B 218 13.07 -0.70 -28.68
CA VAL B 218 13.81 -1.94 -28.41
C VAL B 218 12.92 -3.07 -27.89
N ALA B 219 13.17 -4.28 -28.36
CA ALA B 219 12.44 -5.42 -27.81
C ALA B 219 13.08 -6.76 -28.15
N ASN B 220 12.82 -7.78 -27.33
CA ASN B 220 13.33 -9.11 -27.59
C ASN B 220 12.44 -9.61 -28.73
N SER B 221 12.96 -10.52 -29.54
CA SER B 221 12.19 -11.06 -30.66
C SER B 221 10.92 -11.83 -30.20
N ASP B 222 11.00 -12.43 -29.02
CA ASP B 222 9.91 -13.24 -28.46
C ASP B 222 8.88 -12.44 -27.68
N ASN B 223 8.79 -11.12 -27.95
CA ASN B 223 7.83 -10.26 -27.29
C ASN B 223 6.62 -9.91 -28.19
N LEU B 224 5.54 -10.70 -28.09
CA LEU B 224 4.33 -10.48 -28.89
C LEU B 224 3.64 -9.19 -28.47
N GLY B 225 3.86 -8.80 -27.22
CA GLY B 225 3.26 -7.58 -26.69
C GLY B 225 4.10 -6.35 -26.99
N ALA B 226 5.28 -6.53 -27.61
CA ALA B 226 6.17 -5.40 -27.91
C ALA B 226 5.81 -4.75 -29.25
N ILE B 227 4.60 -4.18 -29.31
CA ILE B 227 4.13 -3.54 -30.52
C ILE B 227 4.49 -2.04 -30.50
N VAL B 228 4.77 -1.48 -31.67
CA VAL B 228 5.06 -0.04 -31.70
C VAL B 228 3.83 0.66 -31.17
N ASP B 229 4.01 1.68 -30.34
CA ASP B 229 2.86 2.42 -29.79
C ASP B 229 3.04 3.93 -30.01
N LEU B 230 2.11 4.54 -30.74
CA LEU B 230 2.19 5.96 -31.03
C LEU B 230 1.98 6.87 -29.84
N THR B 231 1.10 6.49 -28.92
CA THR B 231 0.88 7.32 -27.73
C THR B 231 2.21 7.51 -26.98
N ILE B 232 2.91 6.41 -26.71
CA ILE B 232 4.19 6.49 -26.01
C ILE B 232 5.24 7.34 -26.72
N LEU B 233 5.48 7.03 -28.00
CA LEU B 233 6.47 7.76 -28.78
C LEU B 233 6.12 9.24 -28.83
N LYS B 234 4.87 9.58 -29.17
CA LYS B 234 4.45 10.97 -29.21
C LYS B 234 4.77 11.66 -27.87
N HIS B 235 4.34 11.07 -26.76
CA HIS B 235 4.57 11.71 -25.46
C HIS B 235 6.06 12.08 -25.30
N LEU B 236 6.94 11.21 -25.80
CA LEU B 236 8.38 11.44 -25.71
C LEU B 236 8.77 12.65 -26.55
N ILE B 237 8.30 12.73 -27.79
CA ILE B 237 8.65 13.90 -28.60
C ILE B 237 7.99 15.18 -28.09
N GLN B 238 6.81 15.03 -27.48
CA GLN B 238 6.06 16.17 -26.95
C GLN B 238 6.68 16.73 -25.67
N ASN B 239 7.34 15.85 -24.92
CA ASN B 239 7.94 16.21 -23.66
C ASN B 239 9.45 16.10 -23.61
N LYS B 240 10.08 15.81 -24.74
CA LYS B 240 11.54 15.71 -24.78
C LYS B 240 12.08 14.56 -23.95
N ASN B 241 11.32 13.48 -23.84
CA ASN B 241 11.75 12.32 -23.09
C ASN B 241 12.82 11.61 -23.94
N GLU B 242 14.04 11.50 -23.42
CA GLU B 242 15.13 10.89 -24.20
C GLU B 242 15.23 9.36 -23.96
N TYR B 243 14.57 8.88 -22.90
CA TYR B 243 14.54 7.44 -22.57
C TYR B 243 13.22 7.12 -21.89
N CYS B 244 12.63 5.98 -22.26
CA CYS B 244 11.38 5.59 -21.65
C CYS B 244 11.33 4.06 -21.54
N MET B 245 10.96 3.57 -20.36
CA MET B 245 10.84 2.14 -20.09
C MET B 245 9.37 1.80 -19.94
N GLU B 246 8.87 0.91 -20.80
CA GLU B 246 7.48 0.48 -20.65
C GLU B 246 7.40 -0.42 -19.42
N VAL B 247 6.42 -0.14 -18.54
CA VAL B 247 6.21 -0.95 -17.35
C VAL B 247 4.74 -1.41 -17.36
N THR B 248 4.45 -2.48 -16.63
CA THR B 248 3.10 -3.03 -16.56
C THR B 248 2.91 -3.57 -15.12
N PRO B 249 1.68 -3.50 -14.57
CA PRO B 249 1.37 -3.96 -13.21
C PRO B 249 1.92 -5.30 -12.76
N LYS B 250 2.51 -5.32 -11.56
CA LYS B 250 3.05 -6.56 -10.98
C LYS B 250 1.90 -7.46 -10.50
N THR B 251 1.96 -8.75 -10.86
CA THR B 251 0.97 -9.75 -10.42
C THR B 251 1.76 -10.75 -9.58
N LEU B 252 1.09 -11.65 -8.84
CA LEU B 252 1.84 -12.60 -8.03
C LEU B 252 2.89 -13.36 -8.84
N ALA B 253 2.70 -13.39 -10.16
CA ALA B 253 3.65 -14.07 -11.03
C ALA B 253 4.86 -13.22 -11.37
N ASP B 254 4.85 -11.96 -10.97
CA ASP B 254 5.96 -11.05 -11.32
C ASP B 254 6.50 -10.29 -10.11
N VAL B 255 6.61 -10.97 -8.96
CA VAL B 255 7.05 -10.28 -7.75
C VAL B 255 8.56 -9.96 -7.61
N LYS B 256 9.43 -10.84 -8.13
CA LYS B 256 10.87 -10.61 -8.03
C LYS B 256 11.50 -9.78 -9.17
N GLY B 257 10.67 -9.39 -10.13
CA GLY B 257 11.17 -8.64 -11.29
C GLY B 257 11.79 -7.27 -11.00
N GLY B 258 12.80 -6.92 -11.79
CA GLY B 258 13.46 -5.63 -11.62
C GLY B 258 12.43 -4.54 -11.66
N THR B 259 12.56 -3.59 -10.74
CA THR B 259 11.57 -2.56 -10.59
C THR B 259 12.18 -1.17 -10.60
N LEU B 260 11.35 -0.14 -10.76
CA LEU B 260 11.88 1.22 -10.81
C LEU B 260 11.68 1.88 -9.49
N ILE B 261 12.67 2.70 -9.14
CA ILE B 261 12.69 3.48 -7.92
C ILE B 261 13.43 4.75 -8.29
N SER B 262 13.43 5.71 -7.36
CA SER B 262 14.17 6.94 -7.51
C SER B 262 15.30 6.70 -6.52
N TYR B 263 16.51 7.11 -6.87
CA TYR B 263 17.69 6.98 -6.01
C TYR B 263 18.74 8.04 -6.40
N GLU B 264 18.64 9.18 -5.73
CA GLU B 264 19.51 10.34 -5.93
C GLU B 264 18.92 11.26 -7.00
N GLY B 265 17.59 11.37 -6.99
CA GLY B 265 16.93 12.23 -7.95
C GLY B 265 16.89 11.68 -9.36
N LYS B 266 17.32 10.42 -9.52
CA LYS B 266 17.32 9.79 -10.83
C LYS B 266 16.52 8.48 -10.87
N VAL B 267 15.86 8.23 -11.98
CA VAL B 267 15.07 7.01 -12.08
C VAL B 267 16.06 5.89 -12.35
N GLN B 268 15.96 4.83 -11.56
CA GLN B 268 16.90 3.72 -11.69
C GLN B 268 16.18 2.38 -11.72
N LEU B 269 16.74 1.47 -12.51
CA LEU B 269 16.21 0.11 -12.61
C LEU B 269 16.75 -0.69 -11.42
N LEU B 270 15.90 -1.03 -10.44
CA LEU B 270 16.34 -1.80 -9.27
C LEU B 270 15.86 -3.26 -9.30
N GLU B 271 16.83 -4.19 -9.27
CA GLU B 271 16.56 -5.63 -9.28
C GLU B 271 16.82 -6.14 -7.86
N ILE B 272 16.42 -7.38 -7.61
CA ILE B 272 16.60 -7.95 -6.28
C ILE B 272 18.09 -8.23 -5.98
N ALA B 273 18.89 -8.46 -7.03
CA ALA B 273 20.33 -8.69 -6.80
C ALA B 273 20.96 -7.59 -5.94
N GLN B 274 20.31 -6.43 -5.86
CA GLN B 274 20.85 -5.32 -5.08
C GLN B 274 20.03 -4.97 -3.83
N VAL B 275 19.10 -5.85 -3.44
CA VAL B 275 18.27 -5.59 -2.26
C VAL B 275 18.71 -6.41 -1.04
N PRO B 276 19.12 -5.74 0.05
CA PRO B 276 19.53 -6.51 1.24
C PRO B 276 18.49 -7.57 1.62
N ASP B 277 18.95 -8.74 2.05
CA ASP B 277 18.05 -9.84 2.41
C ASP B 277 16.91 -9.41 3.28
N GLU B 278 17.23 -8.52 4.22
CA GLU B 278 16.27 -7.99 5.19
C GLU B 278 15.19 -7.10 4.58
N HIS B 279 15.41 -6.63 3.35
CA HIS B 279 14.47 -5.75 2.65
C HIS B 279 13.78 -6.37 1.42
N VAL B 280 14.18 -7.58 1.05
CA VAL B 280 13.53 -8.21 -0.12
C VAL B 280 12.04 -8.38 0.16
N ASN B 281 11.71 -8.60 1.44
CA ASN B 281 10.32 -8.79 1.85
C ASN B 281 9.44 -7.68 1.27
N GLU B 282 9.82 -6.43 1.54
CA GLU B 282 9.07 -5.29 1.03
C GLU B 282 9.18 -5.24 -0.48
N PHE B 283 10.32 -5.69 -0.99
CA PHE B 283 10.58 -5.69 -2.43
C PHE B 283 9.67 -6.69 -3.13
N LYS B 284 8.96 -7.50 -2.37
CA LYS B 284 8.05 -8.47 -2.95
C LYS B 284 6.59 -8.04 -2.78
N SER B 285 6.39 -6.98 -2.01
CA SER B 285 5.05 -6.46 -1.79
C SER B 285 4.59 -5.70 -3.03
N ILE B 286 3.72 -6.31 -3.83
CA ILE B 286 3.23 -5.65 -5.04
C ILE B 286 2.35 -4.47 -4.68
N GLU B 287 2.12 -4.28 -3.38
CA GLU B 287 1.34 -3.15 -2.91
C GLU B 287 2.34 -1.98 -2.82
N LYS B 288 3.57 -2.30 -2.43
CA LYS B 288 4.64 -1.30 -2.28
C LYS B 288 5.29 -0.94 -3.63
N PHE B 289 5.35 -1.93 -4.52
CA PHE B 289 5.94 -1.77 -5.84
C PHE B 289 4.89 -2.38 -6.78
N LYS B 290 4.26 -1.51 -7.57
CA LYS B 290 3.15 -1.94 -8.42
C LYS B 290 3.41 -1.98 -9.90
N ILE B 291 4.68 -1.96 -10.27
CA ILE B 291 5.12 -1.95 -11.64
C ILE B 291 6.36 -2.78 -11.90
N PHE B 292 6.46 -3.40 -13.07
CA PHE B 292 7.68 -4.11 -13.37
C PHE B 292 8.21 -3.86 -14.78
N ASN B 293 9.54 -3.83 -14.89
CA ASN B 293 10.20 -3.63 -16.19
C ASN B 293 9.89 -4.80 -17.12
N THR B 294 9.36 -4.49 -18.30
CA THR B 294 8.98 -5.49 -19.31
C THR B 294 10.14 -5.75 -20.27
N ASN B 295 11.10 -4.83 -20.25
CA ASN B 295 12.26 -4.82 -21.15
C ASN B 295 11.96 -4.22 -22.55
N ASN B 296 10.81 -3.55 -22.69
CA ASN B 296 10.45 -2.84 -23.94
C ASN B 296 10.92 -1.40 -23.63
N LEU B 297 12.00 -1.00 -24.30
CA LEU B 297 12.64 0.30 -24.08
C LEU B 297 12.68 1.21 -25.31
N TRP B 298 12.39 2.49 -25.09
CA TRP B 298 12.38 3.49 -26.16
C TRP B 298 13.59 4.36 -25.90
N VAL B 299 14.38 4.64 -26.94
CA VAL B 299 15.57 5.43 -26.69
C VAL B 299 15.94 6.40 -27.82
N ASN B 300 16.36 7.59 -27.40
CA ASN B 300 16.76 8.66 -28.31
C ASN B 300 18.16 8.36 -28.87
N LEU B 301 18.30 8.35 -30.19
CA LEU B 301 19.60 8.02 -30.78
C LEU B 301 20.72 8.99 -30.41
N LYS B 302 20.47 10.30 -30.53
CA LYS B 302 21.49 11.29 -30.17
C LYS B 302 21.99 11.03 -28.74
N ALA B 303 21.04 10.83 -27.82
CA ALA B 303 21.43 10.53 -26.44
C ALA B 303 22.34 9.29 -26.40
N ILE B 304 21.99 8.24 -27.15
CA ILE B 304 22.86 7.07 -27.15
C ILE B 304 24.20 7.46 -27.70
N LYS B 305 24.21 8.33 -28.69
CA LYS B 305 25.50 8.74 -29.27
C LYS B 305 26.38 9.46 -28.25
N LYS B 306 25.87 10.57 -27.74
CA LYS B 306 26.60 11.42 -26.78
C LYS B 306 27.00 10.65 -25.51
N LEU B 307 26.10 9.82 -24.98
CA LEU B 307 26.35 9.07 -23.77
C LEU B 307 27.35 7.93 -23.92
N VAL B 308 27.34 7.27 -25.07
CA VAL B 308 28.27 6.19 -25.34
C VAL B 308 29.67 6.76 -25.60
N GLU B 309 29.76 7.71 -26.52
CA GLU B 309 31.04 8.34 -26.84
C GLU B 309 31.71 9.01 -25.62
N ALA B 310 30.93 9.25 -24.56
CA ALA B 310 31.46 9.91 -23.36
C ALA B 310 31.80 8.89 -22.28
N ASP B 311 31.61 7.60 -22.62
CA ASP B 311 31.90 6.49 -21.69
C ASP B 311 31.12 6.69 -20.39
N ALA B 312 29.83 7.00 -20.53
CA ALA B 312 28.99 7.27 -19.38
C ALA B 312 28.11 6.13 -18.85
N LEU B 313 27.94 5.06 -19.62
CA LEU B 313 27.07 3.94 -19.18
C LEU B 313 27.74 2.86 -18.33
N LYS B 314 27.46 2.86 -17.04
CA LYS B 314 28.02 1.86 -16.14
C LYS B 314 26.90 1.14 -15.40
N MET B 315 26.61 -0.09 -15.85
CA MET B 315 25.54 -0.88 -15.25
C MET B 315 26.02 -1.96 -14.30
N GLU B 316 25.11 -2.37 -13.42
CA GLU B 316 25.39 -3.44 -12.47
C GLU B 316 25.91 -4.62 -13.23
N ILE B 317 26.90 -5.30 -12.65
CA ILE B 317 27.41 -6.46 -13.33
C ILE B 317 26.53 -7.64 -12.97
N ILE B 318 26.17 -8.42 -13.98
CA ILE B 318 25.35 -9.59 -13.75
C ILE B 318 26.22 -10.81 -14.01
N PRO B 319 26.92 -11.29 -12.96
CA PRO B 319 27.78 -12.46 -13.11
C PRO B 319 26.91 -13.69 -13.32
N ASN B 320 26.81 -14.10 -14.57
CA ASN B 320 25.98 -15.24 -14.96
C ASN B 320 26.85 -16.51 -15.05
N PRO B 321 26.90 -17.30 -13.96
CA PRO B 321 27.67 -18.54 -13.86
C PRO B 321 27.18 -19.62 -14.82
N LYS B 322 28.12 -20.40 -15.34
CA LYS B 322 27.79 -21.47 -16.27
C LYS B 322 28.58 -22.74 -15.95
N GLU B 323 28.46 -23.72 -16.84
CA GLU B 323 29.15 -25.00 -16.68
C GLU B 323 28.79 -25.95 -17.80
N VAL B 324 29.61 -25.99 -18.85
CA VAL B 324 29.36 -26.88 -19.97
C VAL B 324 30.51 -27.87 -20.06
N ASP B 325 30.18 -29.16 -20.19
CA ASP B 325 31.18 -30.22 -20.28
C ASP B 325 31.79 -30.53 -18.91
N GLY B 326 31.65 -29.59 -17.99
CA GLY B 326 32.20 -29.79 -16.66
C GLY B 326 33.18 -28.70 -16.25
N VAL B 327 33.13 -27.58 -16.94
CA VAL B 327 34.03 -26.47 -16.64
C VAL B 327 33.22 -25.20 -16.30
N LYS B 328 32.92 -25.01 -15.02
CA LYS B 328 32.18 -23.82 -14.63
C LYS B 328 32.98 -22.63 -15.13
N VAL B 329 32.28 -21.57 -15.52
CA VAL B 329 32.91 -20.36 -16.01
C VAL B 329 32.08 -19.18 -15.55
N LEU B 330 32.49 -17.98 -15.99
CA LEU B 330 31.80 -16.76 -15.64
C LEU B 330 31.51 -15.97 -16.91
N GLN B 331 30.32 -15.39 -16.97
CA GLN B 331 29.91 -14.57 -18.10
C GLN B 331 29.59 -13.21 -17.53
N LEU B 332 30.24 -12.16 -18.04
CA LEU B 332 29.95 -10.84 -17.52
C LEU B 332 29.25 -9.96 -18.54
N GLU B 333 28.05 -9.51 -18.16
CA GLU B 333 27.21 -8.69 -19.03
C GLU B 333 26.46 -7.67 -18.19
N THR B 334 25.55 -6.95 -18.84
CA THR B 334 24.69 -5.97 -18.17
C THR B 334 23.30 -5.98 -18.80
N ALA B 335 22.40 -5.19 -18.22
CA ALA B 335 21.02 -5.10 -18.67
C ALA B 335 20.76 -3.71 -19.26
N ALA B 336 20.10 -3.67 -20.42
CA ALA B 336 19.82 -2.38 -21.08
C ALA B 336 19.07 -1.38 -20.18
N GLY B 337 17.93 -1.81 -19.64
CA GLY B 337 17.13 -0.91 -18.80
C GLY B 337 17.99 -0.37 -17.65
N ALA B 338 19.10 -1.05 -17.39
CA ALA B 338 20.00 -0.64 -16.31
C ALA B 338 20.78 0.62 -16.63
N ALA B 339 20.32 1.42 -17.57
CA ALA B 339 21.01 2.67 -17.88
C ALA B 339 20.03 3.82 -17.97
N ILE B 340 18.75 3.56 -17.72
CA ILE B 340 17.76 4.61 -17.83
C ILE B 340 18.20 5.84 -17.01
N ARG B 341 18.98 5.57 -15.95
CA ARG B 341 19.46 6.64 -15.08
C ARG B 341 20.53 7.54 -15.72
N PHE B 342 20.82 7.34 -17.02
CA PHE B 342 21.85 8.15 -17.68
C PHE B 342 21.27 9.14 -18.70
N PHE B 343 19.96 9.09 -18.89
CA PHE B 343 19.27 9.92 -19.87
C PHE B 343 18.45 11.06 -19.28
N ASP B 344 18.49 12.21 -19.96
CA ASP B 344 17.78 13.39 -19.47
C ASP B 344 16.26 13.15 -19.39
N ASN B 345 15.66 13.49 -18.24
CA ASN B 345 14.22 13.35 -17.97
C ASN B 345 13.69 11.93 -18.22
N ALA B 346 14.46 10.95 -17.76
CA ALA B 346 14.09 9.53 -17.93
C ALA B 346 12.82 9.19 -17.13
N ILE B 347 12.03 8.26 -17.65
CA ILE B 347 10.80 7.87 -16.99
C ILE B 347 10.38 6.46 -17.41
N GLY B 348 9.39 5.93 -16.67
CA GLY B 348 8.81 4.67 -17.03
C GLY B 348 7.45 5.03 -17.67
N VAL B 349 6.77 4.06 -18.27
CA VAL B 349 5.42 4.25 -18.82
C VAL B 349 4.66 2.93 -18.56
N ASN B 350 3.68 2.96 -17.65
CA ASN B 350 2.90 1.76 -17.26
C ASN B 350 1.71 1.54 -18.21
N VAL B 351 1.79 0.47 -19.01
CA VAL B 351 0.78 0.10 -19.99
C VAL B 351 0.07 -1.23 -19.65
N PRO B 352 -0.99 -1.57 -20.38
CA PRO B 352 -1.73 -2.82 -20.17
C PRO B 352 -0.81 -4.01 -20.35
N ARG B 353 -1.17 -5.14 -19.71
CA ARG B 353 -0.40 -6.36 -19.77
C ARG B 353 -0.32 -6.89 -21.21
N SER B 354 -1.19 -6.40 -22.07
CA SER B 354 -1.12 -6.88 -23.43
C SER B 354 0.26 -6.59 -24.06
N ARG B 355 1.04 -5.71 -23.43
CA ARG B 355 2.36 -5.41 -23.96
C ARG B 355 3.45 -6.31 -23.36
N PHE B 356 3.08 -7.21 -22.45
CA PHE B 356 4.05 -8.15 -21.87
C PHE B 356 3.60 -9.61 -22.03
N LEU B 357 3.94 -10.21 -23.16
CA LEU B 357 3.57 -11.60 -23.46
C LEU B 357 4.89 -12.27 -23.85
N PRO B 358 5.73 -12.61 -22.86
CA PRO B 358 6.99 -13.25 -23.19
C PRO B 358 6.77 -14.73 -23.48
N VAL B 359 7.73 -15.32 -24.18
CA VAL B 359 7.64 -16.74 -24.48
C VAL B 359 8.73 -17.41 -23.67
N LYS B 360 8.63 -17.26 -22.35
CA LYS B 360 9.62 -17.86 -21.47
C LYS B 360 9.77 -19.33 -21.82
N ALA B 361 8.71 -20.10 -21.59
CA ALA B 361 8.76 -21.54 -21.86
C ALA B 361 7.55 -22.08 -22.63
N SER B 362 7.60 -23.38 -22.91
CA SER B 362 6.57 -24.07 -23.67
C SER B 362 5.17 -23.87 -23.08
N SER B 363 5.11 -23.52 -21.79
CA SER B 363 3.83 -23.31 -21.14
C SER B 363 3.23 -22.02 -21.68
N ASP B 364 4.09 -21.06 -22.07
CA ASP B 364 3.61 -19.80 -22.62
C ASP B 364 3.21 -20.04 -24.08
N LEU B 365 3.99 -20.89 -24.74
CA LEU B 365 3.73 -21.27 -26.13
C LEU B 365 2.30 -21.80 -26.29
N LEU B 366 1.88 -22.65 -25.33
CA LEU B 366 0.52 -23.21 -25.35
C LEU B 366 -0.51 -22.07 -25.35
N LEU B 367 -0.33 -21.12 -24.45
CA LEU B 367 -1.26 -19.99 -24.39
C LEU B 367 -1.32 -19.37 -25.77
N VAL B 368 -0.13 -19.25 -26.35
CA VAL B 368 0.06 -18.64 -27.64
C VAL B 368 -0.63 -19.34 -28.80
N GLN B 369 -0.64 -20.66 -28.77
CA GLN B 369 -1.30 -21.44 -29.82
C GLN B 369 -2.74 -21.78 -29.45
N SER B 370 -3.22 -21.33 -28.29
CA SER B 370 -4.58 -21.65 -27.83
C SER B 370 -5.70 -20.75 -28.37
N ASP B 371 -6.95 -21.17 -28.14
CA ASP B 371 -8.11 -20.38 -28.58
C ASP B 371 -8.26 -19.06 -27.83
N LEU B 372 -7.13 -18.47 -27.48
CA LEU B 372 -7.10 -17.18 -26.81
C LEU B 372 -6.74 -16.15 -27.87
N TYR B 373 -5.94 -16.56 -28.84
CA TYR B 373 -5.53 -15.65 -29.90
C TYR B 373 -5.72 -16.26 -31.29
N THR B 374 -5.32 -15.47 -32.28
CA THR B 374 -5.33 -15.80 -33.69
C THR B 374 -4.54 -14.66 -34.30
N LEU B 375 -4.08 -14.83 -35.53
CA LEU B 375 -3.32 -13.77 -36.17
C LEU B 375 -4.31 -12.79 -36.80
N VAL B 376 -3.97 -11.52 -36.74
CA VAL B 376 -4.77 -10.43 -37.32
C VAL B 376 -3.76 -9.33 -37.63
N ASP B 377 -3.61 -9.02 -38.93
CA ASP B 377 -2.66 -8.01 -39.40
C ASP B 377 -1.22 -8.31 -38.98
N GLY B 378 -0.83 -9.57 -38.99
CA GLY B 378 0.53 -9.90 -38.59
C GLY B 378 0.70 -9.94 -37.09
N PHE B 379 -0.27 -9.41 -36.34
CA PHE B 379 -0.20 -9.42 -34.86
C PHE B 379 -0.89 -10.70 -34.34
N VAL B 380 -0.25 -11.42 -33.43
CA VAL B 380 -0.90 -12.59 -32.83
C VAL B 380 -1.99 -11.96 -31.97
N THR B 381 -3.11 -11.56 -32.60
CA THR B 381 -4.18 -10.88 -31.88
C THR B 381 -5.15 -11.77 -31.14
N ARG B 382 -5.38 -11.37 -29.90
CA ARG B 382 -6.23 -12.05 -28.94
C ARG B 382 -7.71 -12.14 -29.33
N ASN B 383 -8.25 -13.35 -29.20
CA ASN B 383 -9.65 -13.67 -29.48
C ASN B 383 -10.56 -12.73 -28.67
N LYS B 384 -11.58 -12.16 -29.32
CA LYS B 384 -12.53 -11.28 -28.62
C LYS B 384 -13.47 -12.05 -27.70
N ALA B 385 -13.63 -13.34 -27.94
CA ALA B 385 -14.50 -14.14 -27.07
C ALA B 385 -14.02 -14.04 -25.63
N ARG B 386 -12.70 -13.96 -25.43
CA ARG B 386 -12.17 -13.88 -24.07
C ARG B 386 -12.10 -12.40 -23.64
N THR B 387 -13.17 -11.95 -23.00
CA THR B 387 -13.30 -10.57 -22.55
C THR B 387 -12.63 -10.38 -21.19
N ASN B 388 -12.19 -11.48 -20.58
CA ASN B 388 -11.43 -11.44 -19.34
C ASN B 388 -10.00 -11.34 -19.92
N PRO B 389 -9.37 -10.15 -19.83
CA PRO B 389 -8.02 -9.80 -20.33
C PRO B 389 -6.83 -10.53 -19.72
N SER B 390 -7.08 -11.28 -18.65
CA SER B 390 -5.99 -12.01 -17.99
C SER B 390 -5.89 -13.40 -18.56
N ASN B 391 -4.69 -13.99 -18.47
CA ASN B 391 -4.52 -15.35 -18.97
C ASN B 391 -4.53 -16.39 -17.86
N PRO B 392 -4.92 -17.61 -18.18
CA PRO B 392 -4.93 -18.65 -17.16
C PRO B 392 -3.45 -18.85 -16.88
N SER B 393 -3.10 -19.26 -15.67
CA SER B 393 -1.72 -19.55 -15.35
C SER B 393 -1.63 -21.03 -15.68
N ILE B 394 -0.70 -21.45 -16.55
CA ILE B 394 -0.63 -22.87 -16.92
C ILE B 394 0.79 -23.37 -16.72
N GLU B 395 0.94 -24.67 -16.52
CA GLU B 395 2.29 -25.23 -16.35
C GLU B 395 2.34 -26.54 -17.15
N LEU B 396 3.53 -26.92 -17.60
CA LEU B 396 3.67 -28.16 -18.37
C LEU B 396 4.88 -28.94 -17.87
N GLY B 397 4.65 -30.15 -17.36
CA GLY B 397 5.77 -30.94 -16.85
C GLY B 397 7.00 -30.87 -17.74
N PRO B 398 8.21 -31.18 -17.23
CA PRO B 398 9.35 -31.09 -18.14
C PRO B 398 9.29 -32.04 -19.33
N GLU B 399 8.27 -32.89 -19.35
CA GLU B 399 8.02 -33.80 -20.48
C GLU B 399 7.54 -32.94 -21.65
N PHE B 400 7.16 -31.68 -21.34
CA PHE B 400 6.66 -30.70 -22.32
C PHE B 400 7.65 -29.59 -22.63
N LYS B 401 8.80 -29.60 -21.95
CA LYS B 401 9.84 -28.55 -22.09
C LYS B 401 10.37 -28.29 -23.50
N LYS B 402 10.65 -29.35 -24.25
CA LYS B 402 11.18 -29.18 -25.60
C LYS B 402 10.05 -28.91 -26.56
N VAL B 403 10.30 -28.07 -27.55
CA VAL B 403 9.25 -27.75 -28.51
C VAL B 403 8.68 -28.93 -29.28
N ALA B 404 9.55 -29.77 -29.85
CA ALA B 404 9.07 -30.92 -30.63
C ALA B 404 8.27 -31.92 -29.79
N THR B 405 8.54 -31.97 -28.48
CA THR B 405 7.82 -32.93 -27.66
C THR B 405 6.48 -32.33 -27.31
N PHE B 406 6.44 -31.00 -27.31
CA PHE B 406 5.22 -30.25 -27.03
C PHE B 406 4.16 -30.52 -28.13
N LEU B 407 4.54 -30.25 -29.38
CA LEU B 407 3.62 -30.43 -30.51
C LEU B 407 3.05 -31.84 -30.59
N SER B 408 3.83 -32.82 -30.17
CA SER B 408 3.40 -34.21 -30.23
C SER B 408 2.44 -34.60 -29.10
N ARG B 409 2.70 -34.10 -27.90
CA ARG B 409 1.85 -34.45 -26.77
C ARG B 409 0.46 -33.84 -26.82
N PHE B 410 0.23 -32.96 -27.79
CA PHE B 410 -1.08 -32.32 -28.00
C PHE B 410 -1.57 -32.58 -29.40
N LYS B 411 -2.40 -33.61 -29.58
CA LYS B 411 -2.89 -33.96 -30.91
C LYS B 411 -3.53 -32.71 -31.54
N SER B 412 -4.33 -31.98 -30.75
CA SER B 412 -4.89 -30.73 -31.20
C SER B 412 -4.62 -29.76 -30.03
N ILE B 413 -4.72 -28.46 -30.25
CA ILE B 413 -4.46 -27.54 -29.15
C ILE B 413 -5.76 -27.35 -28.34
N PRO B 414 -5.74 -27.69 -27.04
CA PRO B 414 -6.85 -27.60 -26.07
C PRO B 414 -7.58 -26.26 -26.06
N SER B 415 -8.91 -26.30 -25.87
CA SER B 415 -9.68 -25.04 -25.82
C SER B 415 -9.70 -24.59 -24.38
N ILE B 416 -9.19 -23.37 -24.17
CA ILE B 416 -9.07 -22.78 -22.83
C ILE B 416 -9.70 -21.38 -22.71
N VAL B 417 -10.93 -21.22 -23.21
CA VAL B 417 -11.60 -19.93 -23.12
C VAL B 417 -12.10 -19.74 -21.69
N GLU B 418 -12.53 -20.83 -21.08
CA GLU B 418 -13.03 -20.79 -19.72
C GLU B 418 -12.05 -21.32 -18.67
N LEU B 419 -10.79 -21.54 -19.06
CA LEU B 419 -9.77 -22.02 -18.11
C LEU B 419 -9.43 -20.90 -17.13
N ASP B 420 -8.80 -21.27 -16.01
CA ASP B 420 -8.33 -20.29 -15.02
C ASP B 420 -6.89 -20.66 -14.71
N SER B 421 -6.68 -21.88 -14.22
CA SER B 421 -5.32 -22.30 -13.92
C SER B 421 -5.21 -23.77 -14.25
N LEU B 422 -4.02 -24.17 -14.72
CA LEU B 422 -3.80 -25.54 -15.11
C LEU B 422 -2.39 -25.99 -14.81
N LYS B 423 -2.29 -27.17 -14.22
CA LYS B 423 -1.00 -27.79 -13.91
C LYS B 423 -0.97 -29.25 -14.41
N VAL B 424 0.05 -29.58 -15.21
CA VAL B 424 0.18 -30.94 -15.75
C VAL B 424 1.54 -31.56 -15.45
N SER B 425 1.54 -32.81 -14.97
CA SER B 425 2.79 -33.49 -14.67
C SER B 425 2.75 -34.98 -15.08
N GLY B 426 3.93 -35.60 -15.09
CA GLY B 426 4.00 -36.98 -15.49
C GLY B 426 3.79 -37.16 -16.99
N ASP B 427 3.73 -38.41 -17.42
CA ASP B 427 3.54 -38.74 -18.81
C ASP B 427 2.09 -38.59 -19.19
N VAL B 428 1.75 -37.39 -19.66
CA VAL B 428 0.37 -37.05 -20.05
C VAL B 428 0.17 -36.71 -21.53
N TRP B 429 -0.65 -37.50 -22.22
CA TRP B 429 -0.94 -37.26 -23.64
C TRP B 429 -2.36 -36.72 -23.86
N PHE B 430 -2.50 -35.80 -24.82
CA PHE B 430 -3.80 -35.23 -25.13
C PHE B 430 -4.23 -35.59 -26.56
N GLY B 431 -5.51 -35.90 -26.71
CA GLY B 431 -6.08 -36.19 -28.00
C GLY B 431 -6.52 -34.88 -28.65
N SER B 432 -7.39 -35.01 -29.66
CA SER B 432 -7.92 -33.87 -30.40
C SER B 432 -9.22 -33.35 -29.79
N SER B 433 -9.57 -32.13 -30.21
CA SER B 433 -10.78 -31.43 -29.78
C SER B 433 -11.08 -31.44 -28.29
N ILE B 434 -10.04 -31.36 -27.45
CA ILE B 434 -10.29 -31.36 -26.01
C ILE B 434 -10.68 -29.97 -25.52
N VAL B 435 -11.57 -29.90 -24.52
CA VAL B 435 -11.99 -28.62 -23.94
C VAL B 435 -11.64 -28.56 -22.46
N LEU B 436 -10.91 -27.51 -22.07
CA LEU B 436 -10.48 -27.27 -20.70
C LEU B 436 -11.15 -25.98 -20.18
N LYS B 437 -11.73 -26.06 -18.98
CA LYS B 437 -12.42 -24.94 -18.35
C LYS B 437 -12.17 -24.90 -16.84
N GLY B 438 -12.16 -23.69 -16.28
CA GLY B 438 -11.95 -23.55 -14.84
C GLY B 438 -10.54 -23.85 -14.42
N LYS B 439 -10.40 -24.49 -13.26
CA LYS B 439 -9.10 -24.86 -12.74
C LYS B 439 -8.97 -26.39 -12.82
N VAL B 440 -7.92 -26.86 -13.48
CA VAL B 440 -7.67 -28.30 -13.69
C VAL B 440 -6.26 -28.64 -13.25
N THR B 441 -6.06 -29.87 -12.76
CA THR B 441 -4.71 -30.29 -12.34
C THR B 441 -4.47 -31.75 -12.69
N VAL B 442 -3.91 -32.01 -13.87
CA VAL B 442 -3.69 -33.39 -14.26
C VAL B 442 -2.33 -33.87 -13.77
N ALA B 443 -2.36 -34.89 -12.93
CA ALA B 443 -1.11 -35.40 -12.39
C ALA B 443 -0.96 -36.89 -12.55
N ALA B 444 -0.03 -37.32 -13.40
CA ALA B 444 0.18 -38.74 -13.55
C ALA B 444 1.31 -39.13 -12.60
N LYS B 445 1.10 -40.15 -11.78
CA LYS B 445 2.12 -40.59 -10.85
C LYS B 445 3.23 -41.34 -11.57
N SER B 446 4.31 -41.62 -10.85
CA SER B 446 5.44 -42.34 -11.41
C SER B 446 5.01 -43.63 -12.13
N GLY B 447 5.58 -43.88 -13.30
CA GLY B 447 5.26 -45.08 -14.06
C GLY B 447 3.87 -45.18 -14.66
N VAL B 448 3.19 -44.05 -14.76
CA VAL B 448 1.83 -44.02 -15.30
C VAL B 448 1.70 -43.22 -16.57
N LYS B 449 1.22 -43.86 -17.62
CA LYS B 449 0.99 -43.18 -18.88
C LYS B 449 -0.47 -42.76 -18.80
N LEU B 450 -0.75 -41.46 -18.83
CA LEU B 450 -2.12 -40.97 -18.75
C LEU B 450 -2.54 -40.23 -20.02
N GLU B 451 -3.52 -40.78 -20.75
CA GLU B 451 -3.98 -40.19 -22.00
C GLU B 451 -5.39 -39.63 -21.95
N ILE B 452 -5.55 -38.35 -22.30
CA ILE B 452 -6.84 -37.69 -22.34
C ILE B 452 -7.42 -37.96 -23.74
N PRO B 453 -8.62 -38.56 -23.79
CA PRO B 453 -9.24 -38.88 -25.10
C PRO B 453 -9.78 -37.71 -25.92
N ASP B 454 -9.79 -37.88 -27.23
CA ASP B 454 -10.29 -36.86 -28.14
C ASP B 454 -11.67 -36.39 -27.68
N ARG B 455 -11.93 -35.11 -27.88
CA ARG B 455 -13.22 -34.48 -27.53
C ARG B 455 -13.55 -34.51 -26.04
N ALA B 456 -12.56 -34.72 -25.19
CA ALA B 456 -12.84 -34.73 -23.77
C ALA B 456 -13.09 -33.32 -23.24
N VAL B 457 -13.99 -33.19 -22.26
CA VAL B 457 -14.24 -31.90 -21.62
C VAL B 457 -13.78 -32.07 -20.18
N VAL B 458 -12.98 -31.13 -19.69
CA VAL B 458 -12.48 -31.19 -18.31
C VAL B 458 -12.64 -29.84 -17.67
N GLU B 459 -13.48 -29.78 -16.62
CA GLU B 459 -13.73 -28.51 -15.95
C GLU B 459 -13.70 -28.61 -14.44
N ASN B 460 -12.91 -27.74 -13.82
CA ASN B 460 -12.78 -27.71 -12.36
C ASN B 460 -12.76 -29.14 -11.88
N LYS B 461 -11.74 -29.86 -12.36
CA LYS B 461 -11.57 -31.27 -12.02
C LYS B 461 -10.09 -31.65 -12.04
N ASN B 462 -9.76 -32.71 -11.32
CA ASN B 462 -8.39 -33.19 -11.27
C ASN B 462 -8.35 -34.60 -11.82
N ILE B 463 -7.49 -34.81 -12.81
CA ILE B 463 -7.33 -36.13 -13.41
C ILE B 463 -6.02 -36.66 -12.89
N ASN B 464 -6.08 -37.61 -11.95
CA ASN B 464 -4.88 -38.19 -11.35
C ASN B 464 -4.52 -39.55 -11.87
N GLY B 465 -5.19 -39.96 -12.94
CA GLY B 465 -4.95 -41.25 -13.54
C GLY B 465 -6.20 -41.61 -14.31
N PRO B 466 -6.14 -42.59 -15.20
CA PRO B 466 -7.30 -43.02 -16.00
C PRO B 466 -8.56 -43.12 -15.16
N GLU B 467 -8.38 -43.49 -13.90
CA GLU B 467 -9.46 -43.63 -12.93
C GLU B 467 -10.37 -42.40 -12.96
N ASP B 468 -9.78 -41.24 -13.24
CA ASP B 468 -10.51 -39.98 -13.31
C ASP B 468 -10.81 -39.63 -14.77
N GLU A 6 -6.50 -21.02 33.88
CA GLU A 6 -6.62 -22.32 34.60
C GLU A 6 -7.94 -22.47 35.35
N ASN A 7 -9.00 -22.76 34.59
CA ASN A 7 -10.36 -22.96 35.10
C ASN A 7 -11.10 -21.69 35.58
N LEU A 8 -12.43 -21.81 35.72
CA LEU A 8 -13.28 -20.69 36.12
C LEU A 8 -13.77 -20.65 37.57
N PRO A 9 -14.08 -21.83 38.16
CA PRO A 9 -14.56 -21.89 39.55
C PRO A 9 -13.67 -21.21 40.58
N GLN A 10 -12.49 -21.79 40.82
CA GLN A 10 -11.58 -21.25 41.81
C GLN A 10 -11.38 -19.74 41.65
N LEU A 11 -10.97 -19.33 40.45
CA LEU A 11 -10.75 -17.92 40.22
C LEU A 11 -12.01 -17.16 40.57
N LYS A 12 -13.16 -17.79 40.33
CA LYS A 12 -14.44 -17.16 40.61
C LYS A 12 -14.85 -17.16 42.08
N SER A 13 -14.37 -18.12 42.85
CA SER A 13 -14.72 -18.15 44.27
C SER A 13 -14.06 -16.93 44.95
N ALA A 14 -12.82 -16.64 44.60
CA ALA A 14 -12.11 -15.50 45.18
C ALA A 14 -12.82 -14.19 44.85
N VAL A 15 -13.27 -14.05 43.61
CA VAL A 15 -14.00 -12.85 43.20
C VAL A 15 -15.34 -12.77 43.93
N ASP A 16 -16.07 -13.88 43.96
CA ASP A 16 -17.38 -13.91 44.64
C ASP A 16 -17.20 -13.57 46.12
N GLY A 17 -15.96 -13.72 46.59
CA GLY A 17 -15.63 -13.39 47.96
C GLY A 17 -15.34 -11.90 48.15
N LEU A 18 -15.34 -11.14 47.06
CA LEU A 18 -15.05 -9.71 47.14
C LEU A 18 -16.36 -9.00 47.41
N THR A 19 -16.58 -8.68 48.68
CA THR A 19 -17.80 -8.03 49.12
C THR A 19 -18.04 -6.64 48.54
N GLU A 20 -16.96 -5.93 48.23
CA GLU A 20 -17.10 -4.59 47.68
C GLU A 20 -17.80 -4.65 46.32
N MET A 21 -17.79 -5.85 45.75
CA MET A 21 -18.40 -6.10 44.45
C MET A 21 -19.81 -6.66 44.58
N SER A 22 -20.64 -6.34 43.59
CA SER A 22 -22.01 -6.83 43.50
C SER A 22 -21.92 -8.10 42.62
N GLU A 23 -22.96 -8.94 42.65
CA GLU A 23 -22.95 -10.17 41.88
C GLU A 23 -22.80 -9.94 40.37
N SER A 24 -23.38 -8.85 39.88
CA SER A 24 -23.27 -8.50 38.47
C SER A 24 -21.81 -8.32 38.04
N GLU A 25 -21.05 -7.54 38.84
CA GLU A 25 -19.65 -7.28 38.50
C GLU A 25 -18.84 -8.55 38.59
N LYS A 26 -19.22 -9.43 39.53
CA LYS A 26 -18.50 -10.68 39.65
C LYS A 26 -18.79 -11.44 38.37
N SER A 27 -20.07 -11.48 38.00
CA SER A 27 -20.51 -12.15 36.79
C SER A 27 -19.80 -11.54 35.58
N GLY A 28 -20.04 -10.24 35.35
CA GLY A 28 -19.42 -9.53 34.24
C GLY A 28 -17.91 -9.69 34.16
N PHE A 29 -17.23 -9.57 35.30
CA PHE A 29 -15.78 -9.71 35.35
C PHE A 29 -15.38 -11.14 35.01
N ILE A 30 -15.73 -12.08 35.87
CA ILE A 30 -15.37 -13.47 35.64
C ILE A 30 -15.66 -13.85 34.18
N SER A 31 -16.61 -13.16 33.57
CA SER A 31 -16.93 -13.45 32.18
C SER A 31 -15.79 -13.00 31.28
N LEU A 32 -15.07 -11.97 31.69
CA LEU A 32 -13.95 -11.48 30.90
C LEU A 32 -12.73 -12.38 31.11
N VAL A 33 -12.45 -12.72 32.35
CA VAL A 33 -11.29 -13.57 32.66
C VAL A 33 -11.40 -14.89 31.89
N SER A 34 -12.59 -15.50 31.95
CA SER A 34 -12.82 -16.77 31.28
C SER A 34 -12.43 -16.74 29.80
N ARG A 35 -13.10 -15.89 29.04
CA ARG A 35 -12.86 -15.75 27.61
C ARG A 35 -11.44 -15.33 27.36
N TYR A 36 -10.86 -14.69 28.37
CA TYR A 36 -9.49 -14.23 28.31
C TYR A 36 -8.58 -15.44 28.30
N LEU A 37 -8.55 -16.14 29.42
CA LEU A 37 -7.73 -17.32 29.57
C LEU A 37 -7.83 -18.18 28.30
N SER A 38 -8.93 -18.00 27.56
CA SER A 38 -9.14 -18.69 26.28
C SER A 38 -8.14 -18.09 25.27
N GLY A 39 -8.68 -17.25 24.39
CA GLY A 39 -7.86 -16.62 23.37
C GLY A 39 -8.71 -15.76 22.45
N ILE A 44 -7.03 -12.63 15.62
CA ILE A 44 -7.33 -12.18 14.26
C ILE A 44 -6.23 -12.62 13.28
N GLU A 45 -6.61 -13.48 12.34
CA GLU A 45 -5.67 -13.96 11.32
C GLU A 45 -5.48 -12.81 10.32
N TRP A 46 -4.26 -12.29 10.25
CA TRP A 46 -3.96 -11.19 9.36
C TRP A 46 -4.37 -11.45 7.91
N SER A 47 -4.17 -12.66 7.43
CA SER A 47 -4.50 -13.02 6.05
C SER A 47 -6.00 -13.02 5.72
N LYS A 48 -6.84 -13.12 6.75
CA LYS A 48 -8.30 -13.14 6.53
C LYS A 48 -8.92 -11.74 6.63
N ILE A 49 -8.06 -10.72 6.67
CA ILE A 49 -8.50 -9.33 6.76
C ILE A 49 -8.85 -8.76 5.39
N GLN A 50 -9.91 -7.94 5.35
CA GLN A 50 -10.33 -7.30 4.11
C GLN A 50 -10.56 -5.81 4.34
N THR A 51 -10.03 -4.98 3.44
CA THR A 51 -10.18 -3.53 3.53
C THR A 51 -11.63 -3.17 3.27
N PRO A 52 -12.18 -2.23 4.05
CA PRO A 52 -13.57 -1.83 3.86
C PRO A 52 -13.76 -0.99 2.60
N THR A 53 -15.03 -0.81 2.22
CA THR A 53 -15.37 -0.02 1.06
C THR A 53 -16.50 0.93 1.40
N ASP A 54 -16.95 1.69 0.40
CA ASP A 54 -18.04 2.63 0.60
C ASP A 54 -19.25 1.85 1.14
N GLU A 55 -19.24 0.54 0.90
CA GLU A 55 -20.31 -0.35 1.34
C GLU A 55 -20.43 -0.42 2.87
N ILE A 56 -19.30 -0.61 3.53
CA ILE A 56 -19.26 -0.71 4.99
C ILE A 56 -19.02 0.68 5.56
N VAL A 57 -18.07 1.39 4.98
CA VAL A 57 -17.76 2.74 5.42
C VAL A 57 -18.42 3.74 4.45
N VAL A 58 -19.57 4.28 4.85
CA VAL A 58 -20.34 5.23 4.04
C VAL A 58 -19.77 6.66 4.05
N PRO A 59 -19.46 7.22 2.86
CA PRO A 59 -18.93 8.58 2.82
C PRO A 59 -19.98 9.52 3.37
N TYR A 60 -19.58 10.37 4.33
CA TYR A 60 -20.51 11.30 4.94
C TYR A 60 -21.23 12.12 3.85
N GLU A 61 -20.50 12.45 2.79
CA GLU A 61 -21.04 13.22 1.68
C GLU A 61 -22.19 12.50 0.98
N LYS A 62 -22.08 11.18 0.85
CA LYS A 62 -23.12 10.37 0.19
C LYS A 62 -24.46 10.38 0.90
N MET A 63 -24.45 10.29 2.22
CA MET A 63 -25.68 10.29 2.99
C MET A 63 -26.59 11.45 2.62
N THR A 64 -27.89 11.25 2.79
CA THR A 64 -28.92 12.22 2.46
C THR A 64 -29.18 13.22 3.58
N PRO A 65 -28.87 14.50 3.36
CA PRO A 65 -29.10 15.51 4.41
C PRO A 65 -30.57 15.70 4.75
N VAL A 66 -30.84 16.36 5.88
CA VAL A 66 -32.19 16.64 6.31
C VAL A 66 -32.73 17.73 5.39
N SER A 67 -34.04 17.79 5.24
CA SER A 67 -34.65 18.79 4.37
C SER A 67 -34.74 20.16 5.04
N GLN A 68 -35.22 21.14 4.28
CA GLN A 68 -35.37 22.51 4.78
C GLN A 68 -36.49 22.60 5.80
N ASP A 69 -37.29 21.54 5.89
CA ASP A 69 -38.42 21.52 6.83
C ASP A 69 -37.99 21.27 8.27
N VAL A 70 -38.18 22.29 9.11
CA VAL A 70 -37.82 22.19 10.52
C VAL A 70 -38.86 21.39 11.29
N ALA A 71 -39.10 20.18 10.80
CA ALA A 71 -40.05 19.26 11.42
C ALA A 71 -39.42 17.87 11.44
N GLU A 72 -38.59 17.58 10.44
CA GLU A 72 -37.91 16.29 10.37
C GLU A 72 -36.80 16.27 11.41
N THR A 73 -36.16 17.41 11.58
CA THR A 73 -35.09 17.55 12.55
C THR A 73 -35.64 17.26 13.94
N LYS A 74 -36.69 17.98 14.31
CA LYS A 74 -37.35 17.82 15.60
C LYS A 74 -37.70 16.36 15.84
N ASN A 75 -38.27 15.69 14.85
CA ASN A 75 -38.62 14.29 15.02
C ASN A 75 -37.39 13.40 15.19
N LEU A 76 -36.28 13.79 14.55
CA LEU A 76 -35.04 13.04 14.65
C LEU A 76 -34.49 13.27 16.06
N LEU A 77 -34.20 14.53 16.38
CA LEU A 77 -33.66 14.88 17.69
C LEU A 77 -34.34 14.17 18.83
N ASP A 78 -35.67 14.19 18.86
CA ASP A 78 -36.38 13.52 19.95
C ASP A 78 -36.19 11.99 20.00
N LYS A 79 -35.34 11.44 19.13
CA LYS A 79 -35.10 10.00 19.13
C LYS A 79 -33.75 9.58 19.76
N LEU A 80 -32.77 10.47 19.72
CA LEU A 80 -31.42 10.17 20.22
C LEU A 80 -31.01 10.73 21.59
N VAL A 81 -30.29 9.91 22.35
CA VAL A 81 -29.78 10.31 23.66
C VAL A 81 -28.30 10.65 23.47
N VAL A 82 -27.80 11.68 24.14
CA VAL A 82 -26.39 12.05 24.00
C VAL A 82 -25.61 11.57 25.23
N LEU A 83 -24.62 10.70 25.01
CA LEU A 83 -23.81 10.14 26.10
C LEU A 83 -22.35 10.53 25.97
N LYS A 84 -21.75 10.96 27.08
CA LYS A 84 -20.33 11.33 27.10
C LYS A 84 -19.55 10.45 28.09
N LEU A 85 -18.45 9.87 27.62
CA LEU A 85 -17.61 9.03 28.49
C LEU A 85 -16.97 9.97 29.52
N ASN A 86 -17.23 9.69 30.79
CA ASN A 86 -16.75 10.55 31.88
C ASN A 86 -15.88 9.75 32.85
N GLY A 87 -14.83 9.11 32.30
CA GLY A 87 -13.97 8.29 33.15
C GLY A 87 -12.48 8.59 33.25
N GLY A 88 -11.99 9.53 32.45
CA GLY A 88 -10.58 9.83 32.53
C GLY A 88 -10.30 10.89 33.58
N LEU A 89 -9.14 10.77 34.24
CA LEU A 89 -8.75 11.71 35.26
C LEU A 89 -7.89 12.86 34.69
N GLY A 90 -7.82 13.97 35.42
CA GLY A 90 -7.03 15.11 34.96
C GLY A 90 -5.56 14.89 35.25
N THR A 91 -5.23 13.70 35.74
CA THR A 91 -3.84 13.38 36.08
C THR A 91 -2.90 13.34 34.85
N THR A 92 -3.45 13.00 33.68
CA THR A 92 -2.67 12.95 32.43
C THR A 92 -2.20 14.37 32.12
N MET A 93 -2.94 15.34 32.66
CA MET A 93 -2.67 16.76 32.43
C MET A 93 -2.36 17.51 33.74
N GLY A 94 -2.00 16.75 34.77
CA GLY A 94 -1.62 17.33 36.05
C GLY A 94 -2.75 17.98 36.85
N CYS A 95 -3.98 17.51 36.66
CA CYS A 95 -5.12 18.09 37.36
C CYS A 95 -5.87 17.04 38.18
N THR A 96 -6.51 17.49 39.25
CA THR A 96 -7.29 16.60 40.10
C THR A 96 -8.73 16.57 39.56
N GLY A 97 -9.44 15.48 39.83
CA GLY A 97 -10.81 15.35 39.36
C GLY A 97 -10.99 14.78 37.94
N PRO A 98 -12.25 14.67 37.48
CA PRO A 98 -12.57 14.15 36.15
C PRO A 98 -11.89 14.94 35.03
N LYS A 99 -11.59 14.26 33.94
CA LYS A 99 -10.96 14.86 32.78
C LYS A 99 -11.85 16.01 32.25
N SER A 100 -13.16 15.86 32.38
CA SER A 100 -14.11 16.88 31.90
C SER A 100 -14.25 18.12 32.77
N VAL A 101 -13.75 18.09 34.01
CA VAL A 101 -13.87 19.25 34.89
C VAL A 101 -12.82 20.34 34.58
N ILE A 102 -11.95 20.11 33.60
CA ILE A 102 -10.97 21.15 33.26
C ILE A 102 -11.66 22.18 32.34
N GLU A 103 -11.24 23.44 32.40
CA GLU A 103 -11.86 24.48 31.56
C GLU A 103 -11.27 24.47 30.15
N VAL A 104 -12.13 24.54 29.14
CA VAL A 104 -11.64 24.51 27.77
C VAL A 104 -11.25 25.90 27.29
N ARG A 105 -12.20 26.82 27.37
CA ARG A 105 -11.99 28.19 26.94
C ARG A 105 -13.04 29.04 27.67
N ASP A 106 -12.79 30.35 27.75
CA ASP A 106 -13.72 31.26 28.38
C ASP A 106 -14.24 30.85 29.76
N GLY A 107 -13.39 30.17 30.53
CA GLY A 107 -13.74 29.74 31.89
C GLY A 107 -14.86 28.71 32.07
N LEU A 108 -15.02 27.81 31.12
CA LEU A 108 -16.07 26.79 31.17
C LEU A 108 -15.52 25.37 30.98
N THR A 109 -15.96 24.43 31.81
CA THR A 109 -15.46 23.05 31.74
C THR A 109 -16.12 22.28 30.61
N PHE A 110 -15.57 21.11 30.30
CA PHE A 110 -16.12 20.28 29.24
C PHE A 110 -17.61 20.05 29.52
N LEU A 111 -17.92 19.59 30.73
CA LEU A 111 -19.31 19.34 31.10
C LEU A 111 -20.13 20.62 30.94
N ASP A 112 -19.57 21.76 31.36
CA ASP A 112 -20.28 23.02 31.20
C ASP A 112 -20.76 23.17 29.77
N LEU A 113 -19.85 23.05 28.80
CA LEU A 113 -20.26 23.19 27.40
C LEU A 113 -21.31 22.13 27.04
N ILE A 114 -21.08 20.92 27.51
CA ILE A 114 -21.98 19.82 27.25
C ILE A 114 -23.42 20.20 27.66
N VAL A 115 -23.59 20.70 28.86
CA VAL A 115 -24.91 21.09 29.36
C VAL A 115 -25.50 22.24 28.51
N ILE A 116 -24.63 23.13 28.07
CA ILE A 116 -25.03 24.27 27.25
C ILE A 116 -25.53 23.85 25.86
N GLN A 117 -24.71 23.12 25.10
CA GLN A 117 -25.09 22.66 23.76
C GLN A 117 -26.42 21.90 23.74
N ILE A 118 -26.63 21.06 24.73
CA ILE A 118 -27.85 20.28 24.81
C ILE A 118 -29.02 21.18 25.21
N GLU A 119 -28.78 22.06 26.17
CA GLU A 119 -29.82 22.97 26.62
C GLU A 119 -30.32 23.88 25.47
N ASN A 120 -29.40 24.30 24.60
CA ASN A 120 -29.76 25.17 23.47
C ASN A 120 -30.38 24.34 22.35
N LEU A 121 -29.84 23.13 22.17
CA LEU A 121 -30.35 22.25 21.15
C LEU A 121 -31.84 22.06 21.38
N ASN A 122 -32.22 21.97 22.65
CA ASN A 122 -33.61 21.80 23.03
C ASN A 122 -34.34 23.13 22.88
N ASN A 123 -33.56 24.20 22.80
CA ASN A 123 -34.11 25.56 22.65
C ASN A 123 -34.25 25.92 21.17
N LYS A 124 -33.30 25.47 20.36
CA LYS A 124 -33.32 25.76 18.94
C LYS A 124 -34.35 24.89 18.24
N TYR A 125 -34.72 23.77 18.89
CA TYR A 125 -35.68 22.86 18.29
C TYR A 125 -36.87 22.38 19.12
N GLY A 126 -36.97 22.85 20.37
CA GLY A 126 -38.09 22.45 21.20
C GLY A 126 -38.06 20.98 21.57
N CYS A 127 -36.94 20.33 21.31
CA CYS A 127 -36.76 18.92 21.64
C CYS A 127 -36.28 18.81 23.09
N LYS A 128 -36.13 17.58 23.58
CA LYS A 128 -35.67 17.39 24.94
C LYS A 128 -34.47 16.43 24.98
N VAL A 129 -33.45 16.70 24.16
CA VAL A 129 -32.25 15.87 24.10
C VAL A 129 -31.61 15.76 25.49
N PRO A 130 -31.57 14.53 26.03
CA PRO A 130 -30.99 14.28 27.35
C PRO A 130 -29.52 13.94 27.29
N LEU A 131 -28.86 14.12 28.43
CA LEU A 131 -27.43 13.80 28.57
C LEU A 131 -27.30 12.80 29.71
N VAL A 132 -26.51 11.75 29.49
CA VAL A 132 -26.30 10.80 30.58
C VAL A 132 -24.79 10.79 30.89
N LEU A 133 -24.46 10.57 32.16
CA LEU A 133 -23.06 10.55 32.55
C LEU A 133 -22.67 9.23 33.15
N MET A 134 -21.80 8.51 32.47
CA MET A 134 -21.28 7.24 32.98
C MET A 134 -20.00 7.67 33.65
N ASN A 135 -19.91 7.45 34.94
CA ASN A 135 -18.71 7.83 35.67
C ASN A 135 -18.13 6.57 36.26
N SER A 136 -16.82 6.56 36.52
CA SER A 136 -16.21 5.38 37.13
C SER A 136 -16.38 5.55 38.66
N PHE A 137 -15.68 4.73 39.44
CA PHE A 137 -15.77 4.83 40.89
C PHE A 137 -14.76 5.85 41.41
N ASN A 138 -13.86 6.32 40.53
CA ASN A 138 -12.88 7.33 40.94
C ASN A 138 -13.49 8.71 40.62
N THR A 139 -14.67 8.73 40.03
CA THR A 139 -15.28 10.02 39.67
C THR A 139 -16.77 10.19 39.92
N HIS A 140 -17.51 9.10 40.06
CA HIS A 140 -18.95 9.18 40.21
C HIS A 140 -19.42 10.17 41.28
N ASP A 141 -18.86 10.05 42.49
CA ASP A 141 -19.28 10.91 43.58
C ASP A 141 -18.96 12.39 43.37
N ASP A 142 -17.76 12.69 42.89
CA ASP A 142 -17.41 14.09 42.65
C ASP A 142 -18.30 14.67 41.57
N THR A 143 -18.78 13.80 40.70
CA THR A 143 -19.65 14.22 39.62
C THR A 143 -21.04 14.50 40.16
N HIS A 144 -21.50 13.63 41.04
CA HIS A 144 -22.80 13.73 41.67
C HIS A 144 -22.92 15.11 42.32
N LYS A 145 -21.87 15.55 43.02
CA LYS A 145 -21.93 16.86 43.67
C LYS A 145 -21.82 17.98 42.65
N ILE A 146 -20.80 17.95 41.81
CA ILE A 146 -20.65 19.00 40.82
C ILE A 146 -21.90 19.21 39.94
N VAL A 147 -22.58 18.14 39.52
CA VAL A 147 -23.72 18.36 38.64
C VAL A 147 -24.89 19.13 39.23
N GLU A 148 -24.90 19.33 40.54
CA GLU A 148 -25.98 20.11 41.15
C GLU A 148 -25.95 21.50 40.52
N LYS A 149 -24.76 21.95 40.10
CA LYS A 149 -24.65 23.30 39.53
C LYS A 149 -25.58 23.48 38.36
N TYR A 150 -26.05 22.36 37.81
CA TYR A 150 -26.97 22.38 36.68
C TYR A 150 -28.40 22.23 37.17
N THR A 151 -28.64 22.43 38.47
CA THR A 151 -29.99 22.23 39.00
C THR A 151 -31.08 22.93 38.18
N ASN A 152 -30.93 24.23 37.92
CA ASN A 152 -31.95 24.94 37.16
C ASN A 152 -31.80 24.87 35.65
N SER A 153 -30.76 24.17 35.20
CA SER A 153 -30.51 23.96 33.77
C SER A 153 -31.69 23.20 33.13
N ASN A 154 -31.97 23.50 31.87
CA ASN A 154 -33.07 22.85 31.18
C ASN A 154 -32.73 21.52 30.51
N VAL A 155 -32.19 20.60 31.30
CA VAL A 155 -31.81 19.28 30.83
C VAL A 155 -31.85 18.34 32.04
N ASP A 156 -32.34 17.11 31.83
CA ASP A 156 -32.39 16.13 32.88
C ASP A 156 -31.11 15.31 32.70
N ILE A 157 -30.09 15.67 33.47
CA ILE A 157 -28.80 15.00 33.40
C ILE A 157 -28.82 13.77 34.27
N HIS A 158 -28.53 12.61 33.68
CA HIS A 158 -28.50 11.37 34.43
C HIS A 158 -27.04 11.03 34.67
N THR A 159 -26.80 10.18 35.67
CA THR A 159 -25.43 9.75 35.98
C THR A 159 -25.53 8.35 36.58
N PHE A 160 -24.59 7.48 36.23
CA PHE A 160 -24.54 6.15 36.83
C PHE A 160 -23.07 5.74 36.95
N ASN A 161 -22.81 4.70 37.72
CA ASN A 161 -21.46 4.20 37.91
C ASN A 161 -21.27 2.97 37.03
N GLN A 162 -20.22 2.96 36.21
CA GLN A 162 -20.00 1.79 35.36
C GLN A 162 -19.42 0.68 36.23
N SER A 163 -19.09 -0.44 35.60
CA SER A 163 -18.55 -1.60 36.30
C SER A 163 -17.24 -1.29 37.01
N LYS A 164 -17.05 -1.90 38.18
CA LYS A 164 -15.83 -1.78 38.98
C LYS A 164 -15.25 -3.19 39.10
N TYR A 165 -14.23 -3.50 38.31
CA TYR A 165 -13.62 -4.84 38.37
C TYR A 165 -12.29 -4.78 39.10
N PRO A 166 -12.02 -5.74 39.99
CA PRO A 166 -10.75 -5.77 40.76
C PRO A 166 -9.42 -5.90 39.99
N ARG A 167 -8.42 -5.08 40.36
CA ARG A 167 -7.11 -5.23 39.73
C ARG A 167 -6.60 -6.61 40.22
N VAL A 168 -5.71 -7.23 39.44
CA VAL A 168 -5.23 -8.56 39.78
C VAL A 168 -3.70 -8.60 39.78
N VAL A 169 -3.11 -9.53 40.54
CA VAL A 169 -1.64 -9.63 40.58
C VAL A 169 -1.17 -10.42 39.36
N ALA A 170 -0.23 -9.87 38.60
CA ALA A 170 0.22 -10.51 37.35
C ALA A 170 0.86 -11.89 37.46
N ASP A 171 1.89 -12.03 38.30
CA ASP A 171 2.55 -13.31 38.45
C ASP A 171 1.69 -14.34 39.19
N GLU A 172 0.99 -13.93 40.25
CA GLU A 172 0.16 -14.84 41.03
C GLU A 172 -1.24 -15.06 40.46
N PHE A 173 -1.67 -14.11 39.62
CA PHE A 173 -2.99 -14.11 39.01
C PHE A 173 -4.09 -14.29 40.05
N VAL A 174 -4.10 -13.41 41.06
CA VAL A 174 -5.11 -13.41 42.13
C VAL A 174 -5.60 -11.95 42.20
N PRO A 175 -6.87 -11.73 42.59
CA PRO A 175 -7.38 -10.36 42.67
C PRO A 175 -6.63 -9.56 43.75
N TRP A 176 -5.96 -8.47 43.37
CA TRP A 176 -5.24 -7.69 44.36
C TRP A 176 -6.13 -7.47 45.62
N PRO A 177 -7.44 -7.18 45.43
CA PRO A 177 -8.30 -6.99 46.63
C PRO A 177 -8.38 -8.29 47.47
N SER A 178 -8.28 -9.45 46.81
CA SER A 178 -8.32 -10.76 47.48
C SER A 178 -7.09 -10.90 48.38
N LYS A 179 -6.10 -10.03 48.18
CA LYS A 179 -4.90 -10.04 49.01
C LYS A 179 -4.99 -8.90 50.02
N GLY A 180 -6.14 -8.22 50.04
CA GLY A 180 -6.34 -7.13 50.98
C GLY A 180 -6.19 -5.72 50.45
N LYS A 181 -5.85 -5.57 49.16
CA LYS A 181 -5.70 -4.23 48.58
C LYS A 181 -7.10 -3.85 48.08
N THR A 182 -7.93 -3.46 49.04
CA THR A 182 -9.33 -3.12 48.75
C THR A 182 -9.61 -1.65 48.52
N ASP A 183 -8.60 -0.80 48.62
CA ASP A 183 -8.83 0.64 48.39
C ASP A 183 -8.68 0.93 46.89
N LYS A 184 -8.93 2.17 46.48
CA LYS A 184 -8.88 2.56 45.07
C LYS A 184 -7.66 2.07 44.30
N GLU A 185 -6.60 1.72 45.01
CA GLU A 185 -5.40 1.21 44.34
C GLU A 185 -5.59 -0.21 43.79
N GLY A 186 -6.51 -0.96 44.39
CA GLY A 186 -6.73 -2.32 43.91
C GLY A 186 -7.84 -2.49 42.89
N TRP A 187 -8.56 -1.41 42.60
CA TRP A 187 -9.69 -1.46 41.67
C TRP A 187 -9.46 -0.57 40.45
N TYR A 188 -10.05 -0.97 39.31
CA TYR A 188 -9.92 -0.17 38.07
C TYR A 188 -11.21 -0.26 37.23
N PRO A 189 -11.48 0.77 36.37
CA PRO A 189 -12.66 0.82 35.47
C PRO A 189 -12.30 -0.09 34.30
N PRO A 190 -13.13 -1.09 33.96
CA PRO A 190 -12.74 -1.95 32.84
C PRO A 190 -13.10 -1.55 31.41
N GLY A 191 -13.01 -0.26 31.16
CA GLY A 191 -13.25 0.24 29.81
C GLY A 191 -14.64 0.64 29.37
N HIS A 192 -14.67 1.58 28.43
CA HIS A 192 -15.92 2.05 27.88
C HIS A 192 -16.56 0.92 27.09
N GLY A 193 -15.81 -0.15 26.78
CA GLY A 193 -16.45 -1.26 26.09
C GLY A 193 -17.55 -1.72 27.03
N ASP A 194 -17.40 -1.31 28.29
CA ASP A 194 -18.34 -1.63 29.36
C ASP A 194 -19.49 -0.61 29.45
N VAL A 195 -19.43 0.44 28.64
CA VAL A 195 -20.50 1.44 28.65
C VAL A 195 -21.85 0.85 28.21
N PHE A 196 -21.82 -0.27 27.50
CA PHE A 196 -23.08 -0.89 27.05
C PHE A 196 -23.80 -1.67 28.16
N PRO A 197 -23.13 -2.68 28.75
CA PRO A 197 -23.87 -3.37 29.80
C PRO A 197 -24.08 -2.45 31.01
N ALA A 198 -23.15 -1.52 31.24
CA ALA A 198 -23.30 -0.61 32.39
C ALA A 198 -24.47 0.34 32.17
N LEU A 199 -24.90 0.50 30.91
CA LEU A 199 -26.04 1.37 30.62
C LEU A 199 -27.35 0.61 30.83
N MET A 200 -27.31 -0.71 30.63
CA MET A 200 -28.48 -1.55 30.83
C MET A 200 -28.53 -1.95 32.30
N ASN A 201 -27.37 -2.33 32.82
CA ASN A 201 -27.23 -2.77 34.19
C ASN A 201 -27.54 -1.64 35.18
N SER A 202 -27.63 -0.41 34.66
CA SER A 202 -27.91 0.74 35.52
C SER A 202 -29.40 1.00 35.61
N GLY A 203 -30.18 0.28 34.82
CA GLY A 203 -31.62 0.49 34.81
C GLY A 203 -31.98 1.62 33.85
N LYS A 204 -30.98 2.44 33.53
CA LYS A 204 -31.17 3.57 32.62
C LYS A 204 -31.63 3.17 31.22
N LEU A 205 -30.97 2.17 30.65
CA LEU A 205 -31.32 1.70 29.31
C LEU A 205 -32.84 1.47 29.19
N ASP A 206 -33.37 0.58 30.02
CA ASP A 206 -34.79 0.30 30.00
C ASP A 206 -35.59 1.60 30.18
N THR A 207 -35.11 2.47 31.05
CA THR A 207 -35.76 3.75 31.31
C THR A 207 -35.97 4.50 30.01
N PHE A 208 -34.87 4.99 29.43
CA PHE A 208 -34.92 5.74 28.18
C PHE A 208 -35.75 5.02 27.14
N LEU A 209 -35.69 3.69 27.18
CA LEU A 209 -36.43 2.86 26.24
C LEU A 209 -37.93 3.07 26.37
N SER A 210 -38.44 2.87 27.59
CA SER A 210 -39.86 3.03 27.85
C SER A 210 -40.36 4.39 27.35
N GLN A 211 -39.49 5.39 27.39
CA GLN A 211 -39.87 6.72 26.97
C GLN A 211 -39.88 6.92 25.46
N GLY A 212 -39.38 5.94 24.71
CA GLY A 212 -39.38 6.07 23.27
C GLY A 212 -38.08 6.55 22.62
N LYS A 213 -36.99 6.56 23.36
CA LYS A 213 -35.70 6.96 22.78
C LYS A 213 -35.28 5.80 21.86
N GLU A 214 -34.58 6.11 20.76
CA GLU A 214 -34.17 5.05 19.83
C GLU A 214 -32.71 4.66 19.81
N TYR A 215 -31.82 5.64 19.66
CA TYR A 215 -30.37 5.38 19.61
C TYR A 215 -29.66 6.22 20.67
N VAL A 216 -28.34 6.05 20.73
CA VAL A 216 -27.48 6.84 21.62
C VAL A 216 -26.23 7.25 20.83
N PHE A 217 -25.79 8.48 21.01
CA PHE A 217 -24.58 9.00 20.33
C PHE A 217 -23.48 9.04 21.37
N VAL A 218 -22.59 8.05 21.34
CA VAL A 218 -21.49 7.94 22.29
C VAL A 218 -20.23 8.61 21.76
N ALA A 219 -19.61 9.44 22.59
CA ALA A 219 -18.35 10.11 22.22
C ALA A 219 -17.53 10.45 23.47
N ASN A 220 -16.21 10.58 23.32
CA ASN A 220 -15.38 10.97 24.47
C ASN A 220 -15.81 12.39 24.88
N SER A 221 -16.06 12.66 26.17
CA SER A 221 -16.49 13.99 26.55
C SER A 221 -15.40 15.05 26.35
N ASP A 222 -14.23 14.61 25.89
CA ASP A 222 -13.13 15.51 25.61
C ASP A 222 -12.98 15.74 24.11
N ASN A 223 -14.01 15.36 23.33
CA ASN A 223 -13.96 15.58 21.89
C ASN A 223 -14.82 16.79 21.56
N LEU A 224 -14.15 17.90 21.25
CA LEU A 224 -14.82 19.15 20.94
C LEU A 224 -15.50 19.16 19.56
N GLY A 225 -15.39 18.06 18.81
CA GLY A 225 -16.00 18.00 17.50
C GLY A 225 -17.18 17.04 17.41
N ALA A 226 -17.48 16.39 18.53
CA ALA A 226 -18.57 15.41 18.59
C ALA A 226 -19.90 16.08 18.94
N ILE A 227 -20.51 16.70 17.94
CA ILE A 227 -21.80 17.35 18.14
C ILE A 227 -22.88 16.57 17.39
N VAL A 228 -24.12 16.74 17.82
CA VAL A 228 -25.23 16.06 17.19
C VAL A 228 -25.19 16.22 15.68
N ASP A 229 -25.40 15.11 14.96
CA ASP A 229 -25.41 15.15 13.51
C ASP A 229 -26.72 14.57 12.97
N LEU A 230 -27.50 15.43 12.31
CA LEU A 230 -28.79 14.99 11.76
C LEU A 230 -28.60 14.06 10.56
N THR A 231 -27.68 14.39 9.67
CA THR A 231 -27.42 13.55 8.48
C THR A 231 -27.22 12.10 8.89
N ILE A 232 -26.33 11.88 9.85
CA ILE A 232 -26.02 10.53 10.31
C ILE A 232 -27.22 9.82 10.90
N LEU A 233 -27.82 10.40 11.92
CA LEU A 233 -28.98 9.77 12.56
C LEU A 233 -30.05 9.48 11.51
N LYS A 234 -30.10 10.33 10.50
CA LYS A 234 -31.06 10.18 9.42
C LYS A 234 -30.78 8.89 8.68
N HIS A 235 -29.53 8.71 8.30
CA HIS A 235 -29.11 7.55 7.56
C HIS A 235 -29.31 6.23 8.30
N LEU A 236 -29.28 6.27 9.63
CA LEU A 236 -29.45 5.06 10.45
C LEU A 236 -30.94 4.72 10.60
N ILE A 237 -31.76 5.73 10.82
CA ILE A 237 -33.19 5.48 10.97
C ILE A 237 -33.76 4.93 9.67
N GLN A 238 -33.43 5.58 8.55
CA GLN A 238 -33.93 5.18 7.24
C GLN A 238 -33.36 3.86 6.74
N ASN A 239 -32.11 3.57 7.10
CA ASN A 239 -31.49 2.33 6.65
C ASN A 239 -31.43 1.25 7.74
N LYS A 240 -32.08 1.52 8.88
CA LYS A 240 -32.09 0.59 10.01
C LYS A 240 -30.71 0.06 10.43
N ASN A 241 -29.71 0.94 10.51
CA ASN A 241 -28.37 0.51 10.91
C ASN A 241 -28.38 0.37 12.44
N GLU A 242 -27.86 -0.74 12.97
CA GLU A 242 -27.85 -0.91 14.43
C GLU A 242 -26.58 -0.33 15.07
N TYR A 243 -25.52 -0.14 14.29
CA TYR A 243 -24.26 0.42 14.83
C TYR A 243 -23.50 1.19 13.74
N CYS A 244 -23.03 2.39 14.07
CA CYS A 244 -22.27 3.19 13.11
C CYS A 244 -21.06 3.81 13.82
N MET A 245 -19.88 3.37 13.40
CA MET A 245 -18.65 3.90 13.95
C MET A 245 -18.17 5.03 13.03
N GLU A 246 -17.72 6.13 13.61
CA GLU A 246 -17.21 7.24 12.84
C GLU A 246 -15.72 7.07 12.69
N VAL A 247 -15.25 7.08 11.44
CA VAL A 247 -13.81 6.96 11.22
C VAL A 247 -13.37 8.12 10.36
N THR A 248 -12.07 8.31 10.30
CA THR A 248 -11.50 9.39 9.52
C THR A 248 -10.20 8.96 8.87
N PRO A 249 -9.77 9.71 7.84
CA PRO A 249 -8.53 9.34 7.17
C PRO A 249 -7.32 9.37 8.04
N LYS A 250 -6.54 8.31 7.96
CA LYS A 250 -5.31 8.24 8.71
C LYS A 250 -4.23 9.08 8.02
N THR A 251 -3.45 9.80 8.82
CA THR A 251 -2.34 10.59 8.32
C THR A 251 -1.13 9.80 8.76
N LEU A 252 0.02 10.45 8.88
CA LEU A 252 1.21 9.73 9.31
C LEU A 252 1.35 9.84 10.83
N ALA A 253 0.37 10.49 11.45
CA ALA A 253 0.36 10.67 12.90
C ALA A 253 -0.65 9.74 13.60
N ASP A 254 -1.49 9.07 12.81
CA ASP A 254 -2.52 8.18 13.36
C ASP A 254 -2.32 6.71 12.96
N VAL A 255 -1.28 6.45 12.19
CA VAL A 255 -0.97 5.12 11.69
C VAL A 255 -1.24 3.96 12.66
N LYS A 256 -1.00 4.19 13.96
CA LYS A 256 -1.20 3.13 14.94
C LYS A 256 -2.65 3.01 15.40
N GLY A 257 -3.48 3.96 15.00
CA GLY A 257 -4.90 3.94 15.39
C GLY A 257 -5.70 2.75 14.89
N GLY A 258 -6.71 2.37 15.66
CA GLY A 258 -7.56 1.23 15.36
C GLY A 258 -8.22 1.39 14.00
N THR A 259 -8.56 0.28 13.33
CA THR A 259 -9.16 0.39 12.00
C THR A 259 -10.39 -0.49 11.80
N LEU A 260 -11.17 -0.20 10.77
CA LEU A 260 -12.34 -1.03 10.46
C LEU A 260 -11.92 -1.98 9.35
N ILE A 261 -12.23 -3.26 9.50
CA ILE A 261 -11.88 -4.25 8.49
C ILE A 261 -13.06 -5.17 8.27
N SER A 262 -12.99 -5.94 7.18
CA SER A 262 -14.03 -6.91 6.91
C SER A 262 -13.34 -8.21 7.34
N TYR A 263 -13.91 -8.85 8.36
CA TYR A 263 -13.37 -10.08 8.92
C TYR A 263 -14.49 -11.07 9.14
N GLU A 264 -14.43 -12.20 8.44
CA GLU A 264 -15.45 -13.23 8.53
C GLU A 264 -16.89 -12.72 8.34
N GLY A 265 -17.08 -11.90 7.30
CA GLY A 265 -18.39 -11.38 6.98
C GLY A 265 -18.99 -10.30 7.86
N LYS A 266 -18.18 -9.69 8.74
CA LYS A 266 -18.73 -8.67 9.62
C LYS A 266 -17.80 -7.44 9.70
N VAL A 267 -18.37 -6.24 9.81
CA VAL A 267 -17.53 -5.06 9.99
C VAL A 267 -17.00 -5.19 11.41
N GLN A 268 -15.70 -4.97 11.58
CA GLN A 268 -15.11 -5.10 12.89
C GLN A 268 -14.09 -4.00 13.12
N LEU A 269 -13.68 -3.88 14.39
CA LEU A 269 -12.67 -2.93 14.79
C LEU A 269 -11.35 -3.69 14.97
N LEU A 270 -10.28 -3.20 14.34
CA LEU A 270 -8.95 -3.82 14.45
C LEU A 270 -7.96 -2.81 15.02
N GLU A 271 -7.67 -2.94 16.31
CA GLU A 271 -6.73 -2.06 17.02
C GLU A 271 -5.33 -2.68 17.04
N ILE A 272 -4.29 -1.88 17.30
CA ILE A 272 -2.94 -2.45 17.34
C ILE A 272 -2.83 -3.51 18.40
N ALA A 273 -3.77 -3.52 19.33
CA ALA A 273 -3.74 -4.53 20.38
C ALA A 273 -3.80 -5.93 19.77
N GLN A 274 -4.49 -6.07 18.63
CA GLN A 274 -4.63 -7.37 18.00
C GLN A 274 -3.67 -7.65 16.84
N VAL A 275 -2.91 -6.65 16.42
CA VAL A 275 -1.99 -6.82 15.29
C VAL A 275 -0.71 -7.56 15.65
N PRO A 276 -0.31 -8.56 14.85
CA PRO A 276 0.91 -9.34 15.11
C PRO A 276 2.18 -8.51 14.98
N ASP A 277 3.24 -8.95 15.66
CA ASP A 277 4.52 -8.26 15.63
C ASP A 277 4.99 -7.98 14.21
N GLU A 278 4.99 -9.01 13.37
CA GLU A 278 5.44 -8.87 11.99
C GLU A 278 4.47 -8.11 11.09
N HIS A 279 3.43 -7.52 11.68
CA HIS A 279 2.45 -6.82 10.87
C HIS A 279 2.19 -5.37 11.18
N VAL A 280 2.72 -4.89 12.30
CA VAL A 280 2.51 -3.50 12.69
C VAL A 280 2.84 -2.50 11.58
N ASN A 281 4.03 -2.58 11.01
CA ASN A 281 4.39 -1.66 9.95
C ASN A 281 3.35 -1.69 8.81
N GLU A 282 2.81 -2.88 8.54
CA GLU A 282 1.79 -3.02 7.51
C GLU A 282 0.52 -2.39 8.05
N PHE A 283 0.22 -2.66 9.31
CA PHE A 283 -0.95 -2.07 9.95
C PHE A 283 -0.85 -0.55 9.88
N LYS A 284 0.36 -0.03 10.15
CA LYS A 284 0.59 1.42 10.15
C LYS A 284 0.62 2.04 8.76
N SER A 285 0.50 1.20 7.74
CA SER A 285 0.47 1.68 6.35
C SER A 285 -0.85 2.42 6.16
N ILE A 286 -0.78 3.74 5.96
CA ILE A 286 -2.00 4.51 5.79
C ILE A 286 -2.61 4.44 4.40
N GLU A 287 -2.05 3.58 3.57
CA GLU A 287 -2.58 3.34 2.23
C GLU A 287 -3.25 1.97 2.30
N LYS A 288 -2.74 1.12 3.19
CA LYS A 288 -3.26 -0.22 3.40
C LYS A 288 -4.52 -0.06 4.26
N PHE A 289 -4.36 0.68 5.36
CA PHE A 289 -5.45 0.95 6.29
C PHE A 289 -5.50 2.47 6.35
N LYS A 290 -6.42 3.05 5.59
CA LYS A 290 -6.54 4.49 5.44
C LYS A 290 -7.43 5.23 6.42
N ILE A 291 -8.02 4.53 7.37
CA ILE A 291 -8.90 5.21 8.31
C ILE A 291 -8.72 4.69 9.72
N PHE A 292 -9.18 5.48 10.68
CA PHE A 292 -9.07 5.07 12.08
C PHE A 292 -10.27 5.52 12.89
N ASN A 293 -10.63 4.65 13.84
CA ASN A 293 -11.73 4.81 14.78
C ASN A 293 -11.59 6.11 15.62
N THR A 294 -12.52 7.05 15.44
CA THR A 294 -12.50 8.32 16.17
C THR A 294 -13.05 8.09 17.56
N ASN A 295 -13.67 6.93 17.71
CA ASN A 295 -14.36 6.49 18.89
C ASN A 295 -15.71 7.19 19.00
N ASN A 296 -16.14 7.80 17.90
CA ASN A 296 -17.47 8.43 17.82
C ASN A 296 -18.42 7.35 17.24
N LEU A 297 -19.19 6.73 18.13
CA LEU A 297 -20.13 5.64 17.79
C LEU A 297 -21.59 6.04 17.85
N TRP A 298 -22.43 5.40 17.02
CA TRP A 298 -23.87 5.67 16.99
C TRP A 298 -24.48 4.29 17.13
N VAL A 299 -25.25 4.09 18.19
CA VAL A 299 -25.86 2.77 18.49
C VAL A 299 -27.34 2.81 18.82
N ASN A 300 -28.05 1.72 18.51
CA ASN A 300 -29.49 1.59 18.79
C ASN A 300 -29.75 0.86 20.13
N LEU A 301 -30.48 1.52 21.03
CA LEU A 301 -30.82 0.96 22.35
C LEU A 301 -31.43 -0.44 22.36
N LYS A 302 -32.49 -0.63 21.58
CA LYS A 302 -33.18 -1.93 21.53
C LYS A 302 -32.15 -3.05 21.28
N ALA A 303 -31.24 -2.80 20.34
CA ALA A 303 -30.19 -3.77 20.03
C ALA A 303 -29.25 -3.94 21.23
N ILE A 304 -29.00 -2.85 21.96
CA ILE A 304 -28.12 -2.95 23.13
C ILE A 304 -28.75 -3.89 24.15
N LYS A 305 -30.01 -3.61 24.49
CA LYS A 305 -30.72 -4.43 25.46
C LYS A 305 -30.67 -5.90 25.12
N LYS A 306 -31.01 -6.21 23.88
CA LYS A 306 -31.02 -7.60 23.44
C LYS A 306 -29.66 -8.26 23.66
N LEU A 307 -28.62 -7.70 23.02
CA LEU A 307 -27.27 -8.28 23.12
C LEU A 307 -26.74 -8.40 24.55
N VAL A 308 -27.06 -7.43 25.42
CA VAL A 308 -26.59 -7.55 26.80
C VAL A 308 -27.45 -8.61 27.51
N GLU A 309 -28.78 -8.55 27.32
CA GLU A 309 -29.62 -9.54 27.97
C GLU A 309 -29.39 -10.96 27.46
N ALA A 310 -28.75 -11.07 26.29
CA ALA A 310 -28.43 -12.35 25.67
C ALA A 310 -26.93 -12.64 25.79
N ASP A 311 -26.26 -11.84 26.61
CA ASP A 311 -24.81 -11.95 26.82
C ASP A 311 -24.13 -12.12 25.47
N ALA A 312 -24.54 -11.30 24.51
CA ALA A 312 -24.00 -11.38 23.17
C ALA A 312 -22.73 -10.58 22.93
N LEU A 313 -22.28 -9.83 23.93
CA LEU A 313 -21.07 -9.05 23.73
C LEU A 313 -19.79 -9.81 24.10
N LYS A 314 -18.92 -9.97 23.12
CA LYS A 314 -17.65 -10.65 23.31
C LYS A 314 -16.59 -9.79 22.66
N MET A 315 -16.61 -8.52 23.01
CA MET A 315 -15.66 -7.59 22.44
C MET A 315 -14.26 -8.06 22.74
N GLU A 316 -13.33 -7.70 21.85
CA GLU A 316 -11.94 -8.08 22.02
C GLU A 316 -11.45 -7.71 23.40
N ILE A 317 -10.78 -8.66 24.06
CA ILE A 317 -10.25 -8.42 25.38
C ILE A 317 -8.92 -7.67 25.27
N ILE A 318 -8.81 -6.57 26.01
CA ILE A 318 -7.64 -5.73 26.00
C ILE A 318 -6.99 -5.82 27.38
N PRO A 319 -5.98 -6.66 27.54
CA PRO A 319 -5.31 -6.81 28.84
C PRO A 319 -5.07 -5.51 29.61
N ASN A 320 -3.92 -4.90 29.33
CA ASN A 320 -3.45 -3.65 29.94
C ASN A 320 -2.77 -3.81 31.29
N PRO A 321 -1.55 -4.34 31.28
CA PRO A 321 -0.77 -4.54 32.51
C PRO A 321 -0.19 -3.22 33.02
N LYS A 322 -0.45 -2.90 34.28
CA LYS A 322 0.04 -1.68 34.90
C LYS A 322 1.04 -2.03 35.99
N GLU A 323 1.58 -1.00 36.63
CA GLU A 323 2.53 -1.19 37.72
C GLU A 323 2.16 -0.19 38.79
N VAL A 324 1.71 -0.69 39.94
CA VAL A 324 1.29 0.16 41.05
C VAL A 324 2.05 -0.21 42.32
N ASP A 325 2.82 0.73 42.85
CA ASP A 325 3.62 0.52 44.05
C ASP A 325 4.56 -0.69 43.86
N GLY A 326 5.19 -0.75 42.70
CA GLY A 326 6.10 -1.84 42.40
C GLY A 326 5.39 -3.18 42.22
N VAL A 327 4.05 -3.14 42.23
CA VAL A 327 3.25 -4.33 42.08
C VAL A 327 2.70 -4.36 40.65
N LYS A 328 3.12 -5.35 39.88
CA LYS A 328 2.65 -5.47 38.51
C LYS A 328 1.25 -6.11 38.49
N VAL A 329 0.33 -5.51 37.73
CA VAL A 329 -1.03 -6.03 37.64
C VAL A 329 -1.61 -5.89 36.24
N LEU A 330 -2.75 -6.55 36.02
CA LEU A 330 -3.47 -6.52 34.75
C LEU A 330 -4.83 -5.89 34.97
N GLN A 331 -5.27 -5.07 34.01
CA GLN A 331 -6.57 -4.38 34.08
C GLN A 331 -7.41 -4.75 32.88
N LEU A 332 -7.79 -6.02 32.73
CA LEU A 332 -8.56 -6.46 31.55
C LEU A 332 -9.75 -5.54 31.25
N GLU A 333 -9.82 -5.07 30.02
CA GLU A 333 -10.87 -4.16 29.59
C GLU A 333 -11.37 -4.43 28.17
N THR A 334 -12.42 -3.69 27.78
CA THR A 334 -12.96 -3.79 26.42
C THR A 334 -13.23 -2.40 25.86
N ALA A 335 -13.31 -2.32 24.53
CA ALA A 335 -13.54 -1.07 23.81
C ALA A 335 -14.94 -0.98 23.24
N ALA A 336 -15.55 0.20 23.35
CA ALA A 336 -16.90 0.43 22.85
C ALA A 336 -16.97 0.29 21.32
N GLY A 337 -15.83 0.46 20.66
CA GLY A 337 -15.81 0.32 19.21
C GLY A 337 -15.70 -1.14 18.79
N ALA A 338 -15.15 -1.98 19.67
CA ALA A 338 -14.98 -3.39 19.31
C ALA A 338 -16.32 -4.11 19.29
N ALA A 339 -17.34 -3.50 19.88
CA ALA A 339 -18.66 -4.14 19.88
C ALA A 339 -19.32 -4.05 18.51
N ILE A 340 -18.70 -3.32 17.58
CA ILE A 340 -19.30 -3.13 16.26
C ILE A 340 -19.75 -4.42 15.58
N ARG A 341 -18.85 -5.40 15.53
CA ARG A 341 -19.13 -6.67 14.84
C ARG A 341 -20.30 -7.47 15.36
N PHE A 342 -20.91 -7.02 16.47
CA PHE A 342 -22.03 -7.75 17.06
C PHE A 342 -23.38 -7.22 16.62
N PHE A 343 -23.41 -6.04 16.05
CA PHE A 343 -24.68 -5.45 15.64
C PHE A 343 -25.04 -5.77 14.19
N ASP A 344 -26.33 -5.69 13.90
CA ASP A 344 -26.87 -5.96 12.57
C ASP A 344 -26.70 -4.73 11.69
N ASN A 345 -26.40 -4.94 10.40
CA ASN A 345 -26.19 -3.84 9.45
C ASN A 345 -25.34 -2.74 10.09
N ALA A 346 -24.15 -3.12 10.54
CA ALA A 346 -23.20 -2.22 11.18
C ALA A 346 -22.29 -1.60 10.10
N ILE A 347 -21.92 -0.35 10.30
CA ILE A 347 -21.07 0.29 9.34
C ILE A 347 -20.15 1.30 9.94
N GLY A 348 -19.35 1.88 9.07
CA GLY A 348 -18.47 2.94 9.48
C GLY A 348 -18.88 4.07 8.57
N VAL A 349 -18.57 5.30 8.98
CA VAL A 349 -18.83 6.45 8.14
C VAL A 349 -17.57 7.29 8.19
N ASN A 350 -16.93 7.44 7.04
CA ASN A 350 -15.71 8.21 6.92
C ASN A 350 -16.07 9.69 6.97
N VAL A 351 -15.81 10.33 8.12
CA VAL A 351 -16.17 11.72 8.33
C VAL A 351 -15.05 12.77 8.29
N PRO A 352 -15.42 14.05 8.12
CA PRO A 352 -14.45 15.15 8.07
C PRO A 352 -13.80 15.26 9.45
N ARG A 353 -12.49 15.52 9.49
CA ARG A 353 -11.79 15.63 10.78
C ARG A 353 -12.41 16.65 11.70
N SER A 354 -13.36 17.43 11.18
CA SER A 354 -14.01 18.41 12.04
C SER A 354 -14.86 17.69 13.12
N ARG A 355 -15.23 16.43 12.87
CA ARG A 355 -16.02 15.68 13.88
C ARG A 355 -15.02 15.12 14.91
N PHE A 356 -13.76 15.53 14.80
CA PHE A 356 -12.74 15.05 15.72
C PHE A 356 -11.79 16.17 16.12
N LEU A 357 -11.98 16.66 17.34
CA LEU A 357 -11.14 17.70 17.90
C LEU A 357 -11.13 17.45 19.40
N PRO A 358 -10.28 16.52 19.86
CA PRO A 358 -10.19 16.19 21.28
C PRO A 358 -9.20 17.09 22.00
N VAL A 359 -9.27 17.07 23.32
CA VAL A 359 -8.38 17.85 24.18
C VAL A 359 -7.81 16.80 25.15
N LYS A 360 -6.67 16.20 24.82
CA LYS A 360 -6.08 15.18 25.67
C LYS A 360 -4.69 15.54 26.21
N ALA A 361 -4.28 16.79 26.05
CA ALA A 361 -2.98 17.26 26.56
C ALA A 361 -2.81 18.79 26.50
N SER A 362 -1.62 19.25 26.91
CA SER A 362 -1.27 20.66 26.92
C SER A 362 -1.47 21.35 25.58
N SER A 363 -0.85 20.79 24.55
CA SER A 363 -0.90 21.35 23.21
C SER A 363 -2.31 21.52 22.64
N ASP A 364 -3.28 20.72 23.11
CA ASP A 364 -4.65 20.86 22.59
C ASP A 364 -5.35 22.08 23.20
N LEU A 365 -5.02 22.38 24.45
CA LEU A 365 -5.59 23.56 25.11
C LEU A 365 -5.05 24.84 24.47
N LEU A 366 -3.81 24.80 23.98
CA LEU A 366 -3.22 25.96 23.34
C LEU A 366 -3.97 26.17 22.04
N LEU A 367 -4.30 25.06 21.40
CA LEU A 367 -5.03 25.08 20.15
C LEU A 367 -6.37 25.77 20.29
N VAL A 368 -7.20 25.25 21.21
CA VAL A 368 -8.56 25.78 21.39
C VAL A 368 -8.71 27.05 22.24
N GLN A 369 -7.66 27.41 22.97
CA GLN A 369 -7.72 28.63 23.78
C GLN A 369 -7.12 29.82 23.03
N SER A 370 -6.68 29.58 21.81
CA SER A 370 -6.06 30.62 21.00
C SER A 370 -7.10 31.38 20.16
N ASP A 371 -6.63 32.10 19.14
CA ASP A 371 -7.51 32.87 18.26
C ASP A 371 -7.98 31.99 17.09
N LEU A 372 -7.49 30.75 17.09
CA LEU A 372 -7.86 29.79 16.04
C LEU A 372 -9.31 29.31 16.26
N TYR A 373 -9.83 29.54 17.45
CA TYR A 373 -11.19 29.14 17.83
C TYR A 373 -11.87 30.19 18.74
N THR A 374 -13.19 30.10 18.82
CA THR A 374 -13.98 30.96 19.66
C THR A 374 -15.23 30.20 20.12
N LEU A 375 -15.86 30.67 21.18
CA LEU A 375 -17.06 30.05 21.68
C LEU A 375 -18.27 30.71 21.00
N VAL A 376 -19.17 29.88 20.49
CA VAL A 376 -20.39 30.34 19.81
C VAL A 376 -21.56 29.42 20.17
N ASP A 377 -22.55 29.96 20.88
CA ASP A 377 -23.72 29.20 21.29
C ASP A 377 -23.31 27.94 22.08
N GLY A 378 -22.31 28.08 22.93
CA GLY A 378 -21.85 26.95 23.72
C GLY A 378 -21.03 25.96 22.91
N PHE A 379 -20.61 26.35 21.72
CA PHE A 379 -19.80 25.45 20.90
C PHE A 379 -18.46 26.04 20.54
N VAL A 380 -17.43 25.19 20.49
CA VAL A 380 -16.09 25.61 20.15
C VAL A 380 -16.07 25.72 18.62
N THR A 381 -15.88 26.94 18.13
CA THR A 381 -15.92 27.21 16.69
C THR A 381 -14.62 27.74 16.10
N ARG A 382 -14.18 27.12 15.02
CA ARG A 382 -12.93 27.48 14.35
C ARG A 382 -13.02 28.84 13.66
N ASN A 383 -11.88 29.52 13.57
CA ASN A 383 -11.81 30.84 12.93
C ASN A 383 -11.93 30.70 11.41
N LYS A 384 -12.90 31.37 10.82
CA LYS A 384 -13.13 31.31 9.38
C LYS A 384 -12.00 31.95 8.55
N ALA A 385 -11.10 32.64 9.24
CA ALA A 385 -9.98 33.30 8.57
C ALA A 385 -8.87 32.28 8.34
N ARG A 386 -8.87 31.21 9.15
CA ARG A 386 -7.84 30.18 9.03
C ARG A 386 -7.77 29.69 7.59
N THR A 387 -6.77 30.18 6.87
CA THR A 387 -6.54 29.81 5.48
C THR A 387 -6.44 28.28 5.34
N ASN A 388 -5.27 27.74 5.61
CA ASN A 388 -5.05 26.31 5.50
C ASN A 388 -6.15 25.58 6.26
N PRO A 389 -6.74 24.54 5.65
CA PRO A 389 -7.81 23.75 6.27
C PRO A 389 -7.30 22.91 7.45
N SER A 390 -5.98 22.77 7.53
CA SER A 390 -5.36 21.97 8.60
C SER A 390 -5.06 22.74 9.89
N ASN A 391 -5.24 22.06 11.01
CA ASN A 391 -4.96 22.64 12.31
C ASN A 391 -3.46 22.70 12.52
N PRO A 392 -2.98 23.79 13.14
CA PRO A 392 -1.53 23.89 13.36
C PRO A 392 -1.01 22.76 14.25
N SER A 393 0.17 22.25 13.92
CA SER A 393 0.78 21.19 14.69
C SER A 393 1.50 21.85 15.87
N ILE A 394 1.22 21.37 17.08
CA ILE A 394 1.83 21.95 18.29
C ILE A 394 2.43 20.90 19.21
N GLU A 395 3.73 21.01 19.43
CA GLU A 395 4.49 20.09 20.29
C GLU A 395 5.16 20.85 21.44
N LEU A 396 4.84 20.47 22.68
CA LEU A 396 5.40 21.09 23.89
C LEU A 396 6.04 20.01 24.76
N GLY A 397 7.14 20.36 25.44
CA GLY A 397 7.82 19.42 26.31
C GLY A 397 7.11 19.23 27.65
N PRO A 398 7.53 18.26 28.48
CA PRO A 398 6.92 17.99 29.79
C PRO A 398 6.88 19.19 30.73
N GLU A 399 7.76 20.16 30.52
CA GLU A 399 7.76 21.38 31.33
C GLU A 399 6.36 22.04 31.22
N PHE A 400 5.60 21.61 30.20
CA PHE A 400 4.26 22.14 29.94
C PHE A 400 3.07 21.18 30.18
N LYS A 401 3.33 19.94 30.62
CA LYS A 401 2.25 18.96 30.84
C LYS A 401 1.13 19.36 31.79
N LYS A 402 1.49 19.80 32.99
CA LYS A 402 0.53 20.21 34.00
C LYS A 402 -0.24 21.45 33.53
N VAL A 403 -1.56 21.38 33.55
CA VAL A 403 -2.38 22.51 33.10
C VAL A 403 -1.95 23.84 33.76
N ALA A 404 -1.87 23.85 35.08
CA ALA A 404 -1.51 25.06 35.80
C ALA A 404 -0.15 25.60 35.35
N THR A 405 0.80 24.71 35.15
CA THR A 405 2.14 25.12 34.74
C THR A 405 2.10 25.62 33.30
N PHE A 406 1.22 25.00 32.52
CA PHE A 406 1.04 25.37 31.12
C PHE A 406 0.56 26.82 31.04
N LEU A 407 -0.51 27.11 31.79
CA LEU A 407 -1.07 28.45 31.79
C LEU A 407 -0.05 29.44 32.33
N SER A 408 0.92 28.95 33.11
CA SER A 408 1.93 29.84 33.67
C SER A 408 3.04 30.16 32.65
N ARG A 409 3.22 29.30 31.65
CA ARG A 409 4.27 29.57 30.66
C ARG A 409 3.83 30.38 29.44
N PHE A 410 2.57 30.82 29.45
CA PHE A 410 2.00 31.67 28.38
C PHE A 410 1.30 32.87 29.02
N LYS A 411 1.92 34.04 28.99
CA LYS A 411 1.27 35.20 29.61
C LYS A 411 -0.16 35.31 29.09
N SER A 412 -0.33 35.06 27.79
CA SER A 412 -1.62 35.05 27.13
C SER A 412 -1.40 34.00 26.03
N ILE A 413 -2.48 33.38 25.55
CA ILE A 413 -2.27 32.38 24.50
C ILE A 413 -1.94 33.13 23.22
N PRO A 414 -0.79 32.79 22.60
CA PRO A 414 -0.37 33.46 21.36
C PRO A 414 -1.31 33.23 20.19
N SER A 415 -1.36 34.20 19.28
CA SER A 415 -2.18 34.03 18.08
C SER A 415 -1.48 32.94 17.28
N ILE A 416 -2.23 31.97 16.76
CA ILE A 416 -1.67 30.87 15.97
C ILE A 416 -2.45 30.65 14.68
N VAL A 417 -3.37 31.57 14.40
CA VAL A 417 -4.18 31.46 13.20
C VAL A 417 -3.28 31.34 11.96
N GLU A 418 -2.14 32.03 11.98
CA GLU A 418 -1.22 31.95 10.87
C GLU A 418 -0.08 30.96 11.14
N LEU A 419 -0.28 30.12 12.16
CA LEU A 419 0.73 29.15 12.53
C LEU A 419 0.62 27.84 11.76
N ASP A 420 1.77 27.30 11.36
CA ASP A 420 1.82 26.02 10.65
C ASP A 420 2.49 25.02 11.55
N SER A 421 3.51 25.47 12.27
CA SER A 421 4.24 24.58 13.15
C SER A 421 4.91 25.29 14.32
N LEU A 422 4.86 24.62 15.47
CA LEU A 422 5.45 25.11 16.71
C LEU A 422 5.92 23.96 17.61
N LYS A 423 7.22 23.96 17.94
CA LYS A 423 7.74 22.97 18.88
C LYS A 423 8.55 23.71 19.96
N VAL A 424 8.44 23.25 21.21
CA VAL A 424 9.15 23.88 22.33
C VAL A 424 9.81 22.85 23.27
N SER A 425 11.07 23.07 23.62
CA SER A 425 11.76 22.15 24.52
C SER A 425 12.60 22.85 25.58
N GLY A 426 12.35 22.55 26.84
CA GLY A 426 13.11 23.18 27.91
C GLY A 426 12.37 24.23 28.71
N ASP A 427 13.12 24.95 29.53
CA ASP A 427 12.57 25.98 30.42
C ASP A 427 12.23 27.25 29.62
N VAL A 428 11.13 27.19 28.87
CA VAL A 428 10.67 28.30 28.04
C VAL A 428 9.42 28.99 28.59
N TRP A 429 9.42 30.34 28.58
CA TRP A 429 8.29 31.15 29.03
C TRP A 429 7.90 32.13 27.92
N PHE A 430 6.60 32.30 27.69
CA PHE A 430 6.08 33.21 26.65
C PHE A 430 5.36 34.42 27.24
N GLY A 431 5.71 35.63 26.77
CA GLY A 431 5.04 36.83 27.24
C GLY A 431 3.62 36.89 26.70
N SER A 432 2.99 38.08 26.76
CA SER A 432 1.62 38.25 26.30
C SER A 432 1.53 38.92 24.93
N SER A 433 0.39 38.72 24.28
CA SER A 433 0.11 39.29 22.95
C SER A 433 1.14 38.90 21.90
N ILE A 434 1.76 37.74 22.07
CA ILE A 434 2.76 37.25 21.11
C ILE A 434 2.05 36.68 19.90
N VAL A 435 2.67 36.77 18.74
CA VAL A 435 2.08 36.22 17.53
C VAL A 435 3.05 35.23 16.91
N LEU A 436 2.51 34.08 16.49
CA LEU A 436 3.32 33.01 15.91
C LEU A 436 2.84 32.65 14.50
N LYS A 437 3.76 32.58 13.55
CA LYS A 437 3.40 32.26 12.16
C LYS A 437 4.34 31.25 11.51
N GLY A 438 3.80 30.48 10.57
CA GLY A 438 4.59 29.50 9.85
C GLY A 438 5.20 28.44 10.75
N LYS A 439 6.50 28.24 10.61
CA LYS A 439 7.22 27.25 11.41
C LYS A 439 8.01 28.00 12.48
N VAL A 440 7.84 27.58 13.73
CA VAL A 440 8.53 28.20 14.86
C VAL A 440 9.09 27.14 15.80
N THR A 441 10.33 27.36 16.24
CA THR A 441 10.97 26.44 17.14
C THR A 441 11.69 27.20 18.26
N VAL A 442 11.38 26.82 19.50
CA VAL A 442 12.00 27.42 20.67
C VAL A 442 12.61 26.26 21.46
N ALA A 443 13.93 26.30 21.65
CA ALA A 443 14.61 25.23 22.37
C ALA A 443 15.66 25.70 23.36
N ALA A 444 15.30 25.71 24.65
CA ALA A 444 16.24 26.14 25.70
C ALA A 444 17.13 24.96 26.10
N LYS A 445 18.44 25.13 25.97
CA LYS A 445 19.37 24.05 26.33
C LYS A 445 19.32 23.68 27.81
N SER A 446 20.03 22.60 28.15
CA SER A 446 20.09 22.11 29.52
C SER A 446 20.51 23.19 30.51
N GLY A 447 19.74 23.32 31.59
CA GLY A 447 20.03 24.29 32.64
C GLY A 447 20.03 25.74 32.19
N VAL A 448 19.06 26.13 31.38
CA VAL A 448 19.00 27.51 30.90
C VAL A 448 17.53 27.93 30.76
N LYS A 449 17.20 29.14 31.20
CA LYS A 449 15.83 29.64 31.07
C LYS A 449 15.77 30.68 29.95
N LEU A 450 14.68 30.66 29.18
CA LEU A 450 14.52 31.57 28.06
C LEU A 450 13.11 32.15 28.03
N GLU A 451 13.02 33.47 27.91
CA GLU A 451 11.73 34.15 27.85
C GLU A 451 11.47 34.75 26.47
N ILE A 452 10.22 34.68 26.03
CA ILE A 452 9.80 35.26 24.75
C ILE A 452 9.03 36.53 25.13
N PRO A 453 9.42 37.68 24.57
CA PRO A 453 8.83 39.00 24.82
C PRO A 453 7.37 39.28 24.42
N ASP A 454 6.72 40.10 25.25
CA ASP A 454 5.34 40.49 25.00
C ASP A 454 5.27 41.16 23.64
N ARG A 455 4.23 40.82 22.89
CA ARG A 455 3.97 41.35 21.55
C ARG A 455 5.07 40.99 20.53
N ALA A 456 5.85 39.96 20.82
CA ALA A 456 6.87 39.54 19.88
C ALA A 456 6.21 38.82 18.71
N VAL A 457 6.79 38.94 17.52
CA VAL A 457 6.27 38.23 16.37
C VAL A 457 7.31 37.19 16.00
N VAL A 458 6.89 35.93 15.96
CA VAL A 458 7.81 34.82 15.64
C VAL A 458 7.23 34.09 14.44
N GLU A 459 8.07 33.85 13.44
CA GLU A 459 7.65 33.18 12.19
C GLU A 459 8.85 32.55 11.47
N ASN A 460 8.68 31.34 10.94
CA ASN A 460 9.76 30.64 10.23
C ASN A 460 11.08 31.03 10.88
N LYS A 461 11.20 30.72 12.18
CA LYS A 461 12.39 31.08 12.93
C LYS A 461 12.82 30.07 14.00
N ASN A 462 14.13 30.00 14.24
CA ASN A 462 14.70 29.12 15.26
C ASN A 462 15.27 29.92 16.42
N ILE A 463 14.77 29.65 17.62
CA ILE A 463 15.23 30.33 18.82
C ILE A 463 15.92 29.30 19.70
N ASN A 464 17.22 29.15 19.50
CA ASN A 464 18.01 28.18 20.23
C ASN A 464 18.67 28.74 21.47
N GLY A 465 18.34 29.99 21.81
CA GLY A 465 18.92 30.61 22.98
C GLY A 465 18.62 32.10 23.04
N PRO A 466 18.92 32.76 24.17
CA PRO A 466 18.69 34.20 24.34
C PRO A 466 19.40 34.89 23.20
N GLU A 467 20.39 34.19 22.67
CA GLU A 467 21.21 34.66 21.58
C GLU A 467 20.46 34.58 20.25
N ASP A 468 19.14 34.78 20.31
CA ASP A 468 18.31 34.77 19.11
C ASP A 468 17.15 35.76 19.20
N LEU A 469 17.27 36.73 20.10
CA LEU A 469 16.24 37.76 20.29
C LEU A 469 14.82 37.20 20.23
N LEU B 8 43.16 -8.47 -10.41
CA LEU B 8 44.52 -8.44 -11.02
C LEU B 8 44.48 -7.81 -12.40
N PRO B 9 44.64 -6.47 -12.47
CA PRO B 9 44.61 -5.69 -13.72
C PRO B 9 45.32 -6.35 -14.92
N GLN B 10 46.35 -7.15 -14.64
CA GLN B 10 47.12 -7.83 -15.69
C GLN B 10 46.21 -8.63 -16.62
N LEU B 11 44.90 -8.59 -16.36
CA LEU B 11 43.92 -9.28 -17.19
C LEU B 11 43.87 -8.51 -18.52
N LYS B 12 44.23 -7.24 -18.45
CA LYS B 12 44.24 -6.37 -19.62
C LYS B 12 45.29 -6.82 -20.62
N SER B 13 46.45 -7.20 -20.11
CA SER B 13 47.51 -7.66 -20.99
C SER B 13 47.00 -8.91 -21.69
N ALA B 14 46.27 -9.74 -20.94
CA ALA B 14 45.70 -10.97 -21.48
C ALA B 14 44.65 -10.61 -22.54
N VAL B 15 43.80 -9.64 -22.22
CA VAL B 15 42.79 -9.23 -23.17
C VAL B 15 43.41 -8.61 -24.42
N ASP B 16 44.55 -7.94 -24.28
CA ASP B 16 45.15 -7.33 -25.47
C ASP B 16 45.67 -8.38 -26.44
N GLY B 17 45.93 -9.58 -25.93
CA GLY B 17 46.41 -10.65 -26.79
C GLY B 17 45.31 -11.30 -27.63
N LEU B 18 44.06 -11.24 -27.13
CA LEU B 18 42.94 -11.85 -27.83
C LEU B 18 42.67 -11.14 -29.14
N THR B 19 43.34 -11.62 -30.19
CA THR B 19 43.22 -11.07 -31.52
C THR B 19 41.83 -11.26 -32.13
N GLU B 20 41.08 -12.23 -31.62
CA GLU B 20 39.73 -12.51 -32.11
C GLU B 20 38.77 -11.36 -31.83
N MET B 21 39.00 -10.66 -30.73
CA MET B 21 38.16 -9.52 -30.37
C MET B 21 38.56 -8.31 -31.21
N SER B 22 37.58 -7.46 -31.54
CA SER B 22 37.84 -6.25 -32.29
C SER B 22 38.41 -5.24 -31.31
N GLU B 23 38.94 -4.14 -31.81
CA GLU B 23 39.49 -3.10 -30.94
C GLU B 23 38.40 -2.63 -29.97
N SER B 24 37.22 -2.37 -30.54
CA SER B 24 36.06 -1.96 -29.77
C SER B 24 35.74 -2.92 -28.62
N GLU B 25 35.69 -4.21 -28.92
CA GLU B 25 35.39 -5.19 -27.87
C GLU B 25 36.36 -5.08 -26.73
N LYS B 26 37.66 -5.12 -27.02
CA LYS B 26 38.66 -5.01 -25.96
C LYS B 26 38.38 -3.84 -25.02
N SER B 27 38.15 -2.66 -25.59
CA SER B 27 37.87 -1.45 -24.83
C SER B 27 36.63 -1.64 -23.94
N GLY B 28 35.56 -2.15 -24.52
CA GLY B 28 34.34 -2.37 -23.75
C GLY B 28 34.56 -3.37 -22.62
N PHE B 29 35.15 -4.52 -22.95
CA PHE B 29 35.39 -5.57 -21.97
C PHE B 29 36.34 -5.09 -20.86
N ILE B 30 37.53 -4.64 -21.23
CA ILE B 30 38.48 -4.15 -20.24
C ILE B 30 37.76 -3.31 -19.19
N SER B 31 37.01 -2.32 -19.68
CA SER B 31 36.24 -1.42 -18.84
C SER B 31 35.30 -2.15 -17.91
N LEU B 32 34.55 -3.09 -18.48
CA LEU B 32 33.59 -3.87 -17.72
C LEU B 32 34.31 -4.67 -16.62
N VAL B 33 35.52 -5.13 -16.92
CA VAL B 33 36.29 -5.88 -15.94
C VAL B 33 36.77 -4.91 -14.87
N SER B 34 37.00 -3.66 -15.27
CA SER B 34 37.44 -2.62 -14.35
C SER B 34 36.32 -2.28 -13.36
N ARG B 35 35.09 -2.21 -13.85
CA ARG B 35 33.95 -1.89 -13.01
C ARG B 35 33.83 -2.95 -11.93
N TYR B 36 33.92 -4.21 -12.34
CA TYR B 36 33.79 -5.35 -11.45
C TYR B 36 34.82 -5.30 -10.32
N LEU B 37 35.75 -4.36 -10.41
CA LEU B 37 36.80 -4.19 -9.41
C LEU B 37 37.17 -2.72 -9.20
N ILE B 44 23.56 -0.22 -1.79
CA ILE B 44 22.47 0.74 -2.01
C ILE B 44 21.68 0.97 -0.73
N GLU B 45 21.61 2.24 -0.30
CA GLU B 45 20.89 2.61 0.91
C GLU B 45 19.40 2.40 0.67
N TRP B 46 18.75 1.66 1.56
CA TRP B 46 17.33 1.39 1.42
C TRP B 46 16.46 2.58 1.80
N SER B 47 16.83 3.30 2.86
CA SER B 47 16.04 4.45 3.30
C SER B 47 16.06 5.58 2.26
N LYS B 48 16.97 5.50 1.29
CA LYS B 48 17.06 6.55 0.26
C LYS B 48 16.24 6.29 -0.98
N ILE B 49 15.67 5.09 -1.05
CA ILE B 49 14.84 4.73 -2.19
C ILE B 49 13.41 5.22 -2.04
N GLN B 50 12.99 6.11 -2.94
CA GLN B 50 11.62 6.60 -2.93
C GLN B 50 10.85 5.78 -3.97
N THR B 51 9.63 5.41 -3.61
CA THR B 51 8.77 4.66 -4.50
C THR B 51 8.37 5.62 -5.61
N PRO B 52 7.85 5.09 -6.72
CA PRO B 52 7.39 5.82 -7.92
C PRO B 52 6.09 6.61 -7.70
N THR B 53 5.93 7.68 -8.49
CA THR B 53 4.73 8.52 -8.48
C THR B 53 4.49 8.90 -9.93
N ASP B 54 3.28 9.35 -10.24
CA ASP B 54 2.93 9.74 -11.60
C ASP B 54 3.95 10.66 -12.27
N GLU B 55 4.69 11.42 -11.48
CA GLU B 55 5.70 12.31 -12.04
C GLU B 55 6.56 11.57 -13.04
N ILE B 56 7.25 10.55 -12.56
CA ILE B 56 8.15 9.77 -13.39
C ILE B 56 7.41 8.60 -14.03
N VAL B 57 7.43 7.44 -13.38
CA VAL B 57 6.74 6.27 -13.93
C VAL B 57 5.37 6.80 -14.20
N VAL B 58 5.04 7.00 -15.47
CA VAL B 58 3.73 7.58 -15.80
C VAL B 58 2.68 6.56 -16.27
N PRO B 59 1.43 6.74 -15.81
CA PRO B 59 0.38 5.82 -16.22
C PRO B 59 0.11 6.03 -17.72
N TYR B 60 0.03 4.95 -18.48
CA TYR B 60 -0.18 5.03 -19.91
C TYR B 60 -1.46 5.79 -20.21
N GLU B 61 -2.43 5.61 -19.31
CA GLU B 61 -3.74 6.23 -19.44
C GLU B 61 -3.77 7.75 -19.29
N LYS B 62 -2.65 8.32 -18.89
CA LYS B 62 -2.58 9.76 -18.73
C LYS B 62 -1.87 10.46 -19.89
N MET B 63 -1.32 9.68 -20.83
CA MET B 63 -0.64 10.28 -21.97
C MET B 63 -1.65 10.62 -23.06
N THR B 64 -1.38 11.66 -23.83
CA THR B 64 -2.30 12.05 -24.90
C THR B 64 -2.13 11.16 -26.12
N PRO B 65 -3.22 10.54 -26.59
CA PRO B 65 -3.07 9.68 -27.76
C PRO B 65 -2.98 10.44 -29.07
N VAL B 66 -2.61 9.73 -30.12
CA VAL B 66 -2.50 10.38 -31.41
C VAL B 66 -3.90 10.81 -31.86
N SER B 67 -3.96 11.92 -32.59
CA SER B 67 -5.21 12.46 -33.12
C SER B 67 -5.70 11.54 -34.24
N GLN B 68 -6.81 11.91 -34.87
CA GLN B 68 -7.33 11.11 -35.98
C GLN B 68 -6.62 11.46 -37.27
N ASP B 69 -5.91 12.59 -37.26
CA ASP B 69 -5.19 13.04 -38.48
C ASP B 69 -3.96 12.14 -38.58
N VAL B 70 -3.86 11.36 -39.66
CA VAL B 70 -2.74 10.41 -39.78
C VAL B 70 -1.40 11.08 -40.05
N ALA B 71 -1.42 12.42 -40.18
CA ALA B 71 -0.17 13.15 -40.43
C ALA B 71 0.81 13.08 -39.26
N GLU B 72 0.26 13.06 -38.05
CA GLU B 72 1.08 13.01 -36.84
C GLU B 72 1.78 11.65 -36.66
N THR B 73 1.03 10.57 -36.82
CA THR B 73 1.61 9.23 -36.68
C THR B 73 2.74 9.01 -37.70
N LYS B 74 2.49 9.31 -38.96
CA LYS B 74 3.49 9.15 -40.03
C LYS B 74 4.74 9.99 -39.72
N ASN B 75 4.52 11.25 -39.38
CA ASN B 75 5.61 12.17 -39.05
C ASN B 75 6.31 11.59 -37.82
N LEU B 76 5.53 10.96 -36.92
CA LEU B 76 6.10 10.35 -35.71
C LEU B 76 6.87 9.06 -36.02
N LEU B 77 6.33 8.25 -36.93
CA LEU B 77 6.99 7.00 -37.31
C LEU B 77 8.24 7.27 -38.14
N ASP B 78 8.30 8.45 -38.78
CA ASP B 78 9.48 8.78 -39.60
C ASP B 78 10.74 8.93 -38.72
N LYS B 79 10.54 9.25 -37.45
CA LYS B 79 11.67 9.48 -36.55
C LYS B 79 12.08 8.18 -35.85
N LEU B 80 11.19 7.21 -35.94
CA LEU B 80 11.37 5.92 -35.27
C LEU B 80 12.19 4.83 -35.94
N VAL B 81 12.96 4.10 -35.12
CA VAL B 81 13.72 2.95 -35.56
C VAL B 81 13.26 1.78 -34.67
N VAL B 82 13.06 0.59 -35.26
CA VAL B 82 12.65 -0.58 -34.48
C VAL B 82 13.81 -1.59 -34.45
N LEU B 83 14.29 -1.94 -33.25
CA LEU B 83 15.39 -2.88 -33.05
C LEU B 83 14.98 -4.03 -32.12
N LYS B 84 14.86 -5.26 -32.64
CA LYS B 84 14.49 -6.36 -31.76
C LYS B 84 15.75 -7.09 -31.34
N LEU B 85 15.68 -7.80 -30.21
CA LEU B 85 16.81 -8.58 -29.71
C LEU B 85 16.77 -10.01 -30.28
N ASN B 86 17.94 -10.54 -30.64
CA ASN B 86 18.04 -11.85 -31.28
C ASN B 86 19.39 -12.50 -30.94
N GLY B 87 19.99 -12.09 -29.84
CA GLY B 87 21.31 -12.60 -29.46
C GLY B 87 21.34 -14.02 -28.95
N GLY B 88 20.22 -14.46 -28.38
CA GLY B 88 20.13 -15.80 -27.83
C GLY B 88 19.57 -16.82 -28.81
N LEU B 89 19.88 -18.10 -28.56
CA LEU B 89 19.43 -19.21 -29.39
C LEU B 89 18.19 -19.84 -28.77
N GLY B 90 17.62 -20.85 -29.44
CA GLY B 90 16.43 -21.48 -28.90
C GLY B 90 16.74 -22.80 -28.23
N THR B 91 17.99 -23.01 -27.82
CA THR B 91 18.38 -24.26 -27.18
C THR B 91 17.55 -24.66 -25.94
N THR B 92 17.19 -23.68 -25.11
CA THR B 92 16.38 -23.95 -23.91
C THR B 92 15.05 -24.62 -24.26
N MET B 93 14.39 -24.13 -25.31
CA MET B 93 13.11 -24.71 -25.73
C MET B 93 13.38 -25.91 -26.64
N GLY B 94 14.60 -26.45 -26.54
CA GLY B 94 14.98 -27.61 -27.34
C GLY B 94 15.04 -27.38 -28.85
N CYS B 95 15.36 -26.16 -29.27
CA CYS B 95 15.47 -25.83 -30.67
C CYS B 95 16.87 -25.29 -30.96
N THR B 96 17.36 -25.57 -32.17
CA THR B 96 18.69 -25.11 -32.58
C THR B 96 18.73 -23.60 -32.73
N GLY B 97 19.32 -23.15 -33.83
CA GLY B 97 19.47 -21.75 -34.17
C GLY B 97 18.81 -20.63 -33.37
N PRO B 98 18.65 -19.46 -34.00
CA PRO B 98 18.03 -18.31 -33.34
C PRO B 98 16.70 -18.74 -32.76
N LYS B 99 16.39 -18.28 -31.55
CA LYS B 99 15.09 -18.65 -31.01
C LYS B 99 14.04 -17.83 -31.76
N SER B 100 14.49 -16.73 -32.37
CA SER B 100 13.58 -15.89 -33.13
C SER B 100 12.99 -16.68 -34.31
N VAL B 101 13.56 -17.84 -34.65
CA VAL B 101 13.02 -18.60 -35.78
C VAL B 101 12.19 -19.80 -35.37
N ILE B 102 11.81 -19.84 -34.10
CA ILE B 102 10.91 -20.88 -33.60
C ILE B 102 9.51 -20.48 -34.10
N GLU B 103 8.66 -21.46 -34.41
CA GLU B 103 7.30 -21.18 -34.86
C GLU B 103 6.39 -20.69 -33.74
N VAL B 104 5.51 -19.76 -34.11
CA VAL B 104 4.57 -19.14 -33.20
C VAL B 104 3.14 -19.49 -33.59
N ARG B 105 2.67 -18.97 -34.73
CA ARG B 105 1.31 -19.21 -35.23
C ARG B 105 1.33 -19.46 -36.72
N ASP B 106 0.51 -20.43 -37.14
CA ASP B 106 0.40 -20.79 -38.55
C ASP B 106 1.78 -21.08 -39.09
N GLY B 107 2.59 -21.76 -38.28
CA GLY B 107 3.95 -22.09 -38.69
C GLY B 107 4.82 -20.87 -38.97
N LEU B 108 4.39 -19.68 -38.56
CA LEU B 108 5.18 -18.47 -38.83
C LEU B 108 6.17 -18.21 -37.69
N THR B 109 7.26 -17.51 -38.02
CA THR B 109 8.29 -17.19 -37.04
C THR B 109 8.16 -15.76 -36.49
N PHE B 110 8.73 -15.54 -35.31
CA PHE B 110 8.72 -14.21 -34.70
C PHE B 110 9.35 -13.27 -35.73
N LEU B 111 10.35 -13.77 -36.46
CA LEU B 111 11.02 -12.96 -37.48
C LEU B 111 10.10 -12.64 -38.68
N ASP B 112 9.02 -13.43 -38.87
CA ASP B 112 8.07 -13.19 -39.96
C ASP B 112 7.00 -12.16 -39.58
N LEU B 113 6.56 -12.20 -38.32
CA LEU B 113 5.52 -11.29 -37.84
C LEU B 113 6.05 -9.84 -37.68
N ILE B 114 7.29 -9.72 -37.23
CA ILE B 114 7.90 -8.41 -37.06
C ILE B 114 8.10 -7.69 -38.40
N VAL B 115 8.38 -8.46 -39.45
CA VAL B 115 8.57 -7.88 -40.79
C VAL B 115 7.26 -7.38 -41.41
N ILE B 116 6.21 -8.18 -41.33
CA ILE B 116 4.91 -7.82 -41.88
C ILE B 116 4.31 -6.67 -41.11
N GLN B 117 4.40 -6.76 -39.79
CA GLN B 117 3.86 -5.72 -38.93
C GLN B 117 4.57 -4.41 -39.27
N ILE B 118 5.77 -4.50 -39.83
CA ILE B 118 6.48 -3.26 -40.18
C ILE B 118 6.20 -2.89 -41.63
N GLU B 119 6.33 -3.88 -42.53
CA GLU B 119 6.04 -3.69 -43.94
C GLU B 119 4.69 -2.97 -44.13
N ASN B 120 3.71 -3.25 -43.27
CA ASN B 120 2.41 -2.58 -43.38
C ASN B 120 2.52 -1.09 -43.02
N LEU B 121 3.44 -0.73 -42.11
CA LEU B 121 3.62 0.68 -41.77
C LEU B 121 4.23 1.30 -43.01
N ASN B 122 4.99 0.49 -43.77
CA ASN B 122 5.58 1.00 -44.99
C ASN B 122 4.61 0.77 -46.15
N ASN B 123 3.56 -0.01 -45.89
CA ASN B 123 2.54 -0.29 -46.91
C ASN B 123 1.27 0.56 -46.73
N LYS B 124 1.14 1.26 -45.60
CA LYS B 124 -0.05 2.10 -45.37
C LYS B 124 0.16 3.57 -45.02
N TYR B 125 1.27 3.92 -44.37
CA TYR B 125 1.50 5.31 -43.97
C TYR B 125 2.56 6.11 -44.76
N GLY B 126 3.23 5.44 -45.69
CA GLY B 126 4.24 6.13 -46.50
C GLY B 126 5.59 6.20 -45.83
N CYS B 127 5.61 5.85 -44.55
CA CYS B 127 6.84 5.88 -43.78
C CYS B 127 7.60 4.63 -44.16
N LYS B 128 8.92 4.65 -43.96
CA LYS B 128 9.78 3.53 -44.28
C LYS B 128 10.56 3.14 -43.02
N VAL B 129 9.87 2.55 -42.04
CA VAL B 129 10.54 2.14 -40.80
C VAL B 129 11.39 0.88 -41.05
N PRO B 130 12.71 0.96 -40.76
CA PRO B 130 13.64 -0.17 -40.94
C PRO B 130 13.53 -1.20 -39.82
N LEU B 131 14.47 -2.13 -39.79
CA LEU B 131 14.50 -3.14 -38.74
C LEU B 131 15.93 -3.54 -38.35
N VAL B 132 16.27 -3.31 -37.09
CA VAL B 132 17.59 -3.71 -36.59
C VAL B 132 17.38 -4.97 -35.78
N LEU B 133 18.15 -6.00 -36.12
CA LEU B 133 18.11 -7.26 -35.39
C LEU B 133 19.52 -7.36 -34.83
N MET B 134 19.61 -7.28 -33.50
CA MET B 134 20.89 -7.44 -32.82
C MET B 134 20.83 -8.89 -32.37
N ASN B 135 21.84 -9.67 -32.79
CA ASN B 135 21.96 -11.09 -32.44
C ASN B 135 23.42 -11.42 -32.27
N SER B 136 23.72 -12.45 -31.48
CA SER B 136 25.10 -12.88 -31.24
C SER B 136 25.73 -13.60 -32.43
N PHE B 137 27.06 -13.77 -32.36
CA PHE B 137 27.83 -14.46 -33.42
C PHE B 137 27.24 -15.83 -33.85
N ASN B 138 26.57 -16.49 -32.90
CA ASN B 138 25.92 -17.80 -33.08
C ASN B 138 24.69 -17.69 -34.00
N THR B 139 23.98 -16.56 -33.87
CA THR B 139 22.77 -16.28 -34.65
C THR B 139 23.00 -15.21 -35.72
N HIS B 140 24.22 -14.72 -35.88
CA HIS B 140 24.44 -13.65 -36.86
C HIS B 140 24.53 -14.22 -38.25
N ASP B 141 25.44 -15.17 -38.41
CA ASP B 141 25.63 -15.87 -39.67
C ASP B 141 24.30 -16.42 -40.19
N ASP B 142 23.60 -17.16 -39.33
CA ASP B 142 22.31 -17.74 -39.67
C ASP B 142 21.32 -16.64 -40.04
N THR B 143 21.09 -15.72 -39.10
CA THR B 143 20.15 -14.62 -39.32
C THR B 143 20.43 -13.89 -40.62
N HIS B 144 21.71 -13.62 -40.86
CA HIS B 144 22.09 -12.91 -42.08
C HIS B 144 21.62 -13.71 -43.30
N LYS B 145 21.73 -15.03 -43.20
CA LYS B 145 21.30 -15.92 -44.28
C LYS B 145 19.77 -15.99 -44.33
N ILE B 146 19.15 -16.18 -43.17
CA ILE B 146 17.71 -16.30 -43.07
C ILE B 146 16.94 -15.06 -43.56
N VAL B 147 17.47 -13.86 -43.32
CA VAL B 147 16.74 -12.65 -43.73
C VAL B 147 16.56 -12.45 -45.24
N GLU B 148 17.39 -13.10 -46.04
CA GLU B 148 17.26 -12.96 -47.48
C GLU B 148 15.84 -13.24 -47.94
N LYS B 149 15.12 -14.08 -47.20
CA LYS B 149 13.75 -14.43 -47.54
C LYS B 149 12.83 -13.23 -47.74
N TYR B 150 13.22 -12.06 -47.24
CA TYR B 150 12.38 -10.87 -47.34
C TYR B 150 12.95 -9.68 -48.14
N THR B 151 13.88 -9.92 -49.06
CA THR B 151 14.44 -8.83 -49.87
C THR B 151 13.34 -7.96 -50.47
N ASN B 152 12.29 -8.63 -50.95
CA ASN B 152 11.15 -7.95 -51.57
C ASN B 152 10.24 -7.25 -50.55
N SER B 153 10.51 -7.44 -49.26
CA SER B 153 9.70 -6.80 -48.23
C SER B 153 9.82 -5.29 -48.31
N ASN B 154 8.74 -4.60 -48.03
CA ASN B 154 8.81 -3.15 -48.05
C ASN B 154 9.32 -2.62 -46.71
N VAL B 155 10.46 -3.15 -46.27
CA VAL B 155 11.12 -2.74 -45.04
C VAL B 155 12.61 -3.03 -45.22
N ASP B 156 13.46 -2.09 -44.79
CA ASP B 156 14.90 -2.28 -44.88
C ASP B 156 15.31 -2.99 -43.60
N ILE B 157 15.80 -4.22 -43.74
CA ILE B 157 16.23 -5.02 -42.60
C ILE B 157 17.73 -4.87 -42.40
N HIS B 158 18.10 -4.35 -41.24
CA HIS B 158 19.51 -4.14 -40.89
C HIS B 158 19.87 -5.18 -39.85
N THR B 159 21.15 -5.51 -39.77
CA THR B 159 21.60 -6.49 -38.79
C THR B 159 22.99 -6.16 -38.27
N PHE B 160 23.40 -6.85 -37.22
CA PHE B 160 24.74 -6.72 -36.65
C PHE B 160 24.90 -7.62 -35.42
N ASN B 161 26.09 -8.20 -35.27
CA ASN B 161 26.40 -9.08 -34.13
C ASN B 161 26.77 -8.13 -32.98
N GLN B 162 26.32 -8.42 -31.76
CA GLN B 162 26.67 -7.55 -30.63
C GLN B 162 28.10 -7.90 -30.24
N SER B 163 28.60 -7.31 -29.16
CA SER B 163 29.96 -7.59 -28.72
C SER B 163 30.11 -9.07 -28.38
N LYS B 164 31.30 -9.60 -28.59
CA LYS B 164 31.60 -10.99 -28.25
C LYS B 164 32.76 -10.94 -27.24
N TYR B 165 32.50 -11.36 -26.01
CA TYR B 165 33.54 -11.28 -24.98
C TYR B 165 33.96 -12.65 -24.48
N PRO B 166 35.23 -12.79 -24.07
CA PRO B 166 35.71 -14.09 -23.57
C PRO B 166 35.18 -14.39 -22.16
N ARG B 167 34.82 -15.66 -21.91
CA ARG B 167 34.41 -16.03 -20.57
C ARG B 167 35.68 -15.94 -19.74
N VAL B 168 35.54 -15.77 -18.42
CA VAL B 168 36.70 -15.65 -17.54
C VAL B 168 36.88 -16.82 -16.57
N VAL B 169 38.11 -17.27 -16.38
CA VAL B 169 38.37 -18.37 -15.44
C VAL B 169 38.14 -17.87 -14.01
N ALA B 170 37.06 -18.31 -13.41
CA ALA B 170 36.66 -17.92 -12.07
C ALA B 170 37.78 -17.83 -11.03
N ASP B 171 38.70 -18.81 -11.04
CA ASP B 171 39.79 -18.82 -10.07
C ASP B 171 41.04 -18.06 -10.51
N GLU B 172 41.58 -18.41 -11.67
CA GLU B 172 42.78 -17.79 -12.21
C GLU B 172 42.51 -16.33 -12.59
N PHE B 173 41.28 -16.07 -13.03
CA PHE B 173 40.83 -14.77 -13.47
C PHE B 173 41.54 -14.27 -14.71
N VAL B 174 41.66 -15.16 -15.68
CA VAL B 174 42.26 -14.82 -16.96
C VAL B 174 41.23 -15.27 -17.98
N PRO B 175 41.25 -14.68 -19.18
CA PRO B 175 40.25 -15.09 -20.18
C PRO B 175 40.41 -16.59 -20.40
N TRP B 176 39.29 -17.32 -20.42
CA TRP B 176 39.34 -18.76 -20.64
C TRP B 176 39.84 -19.11 -22.05
N PRO B 177 39.61 -18.22 -23.03
CA PRO B 177 40.11 -18.58 -24.37
C PRO B 177 41.65 -18.65 -24.34
N SER B 178 42.29 -17.61 -23.82
CA SER B 178 43.75 -17.57 -23.74
C SER B 178 44.35 -18.94 -23.38
N LYS B 179 43.54 -19.80 -22.77
CA LYS B 179 43.99 -21.13 -22.38
C LYS B 179 43.66 -22.17 -23.45
N GLY B 180 43.33 -21.70 -24.65
CA GLY B 180 43.00 -22.59 -25.75
C GLY B 180 41.53 -22.82 -26.06
N LYS B 181 40.63 -22.27 -25.24
CA LYS B 181 39.20 -22.47 -25.48
C LYS B 181 38.77 -21.33 -26.41
N THR B 182 39.13 -21.45 -27.69
CA THR B 182 38.82 -20.42 -28.69
C THR B 182 37.56 -20.67 -29.50
N ASP B 183 37.04 -21.88 -29.41
CA ASP B 183 35.82 -22.24 -30.12
C ASP B 183 34.69 -21.41 -29.53
N LYS B 184 33.54 -21.38 -30.20
CA LYS B 184 32.41 -20.59 -29.73
C LYS B 184 32.00 -20.83 -28.28
N GLU B 185 32.18 -22.07 -27.81
CA GLU B 185 31.81 -22.42 -26.45
C GLU B 185 32.60 -21.68 -25.37
N GLY B 186 33.70 -21.05 -25.78
CA GLY B 186 34.49 -20.29 -24.81
C GLY B 186 34.10 -18.83 -24.77
N TRP B 187 33.08 -18.48 -25.57
CA TRP B 187 32.64 -17.08 -25.65
C TRP B 187 31.15 -16.84 -25.40
N TYR B 188 30.69 -15.62 -25.73
CA TYR B 188 29.28 -15.24 -25.52
C TYR B 188 29.02 -13.74 -25.71
N PRO B 189 27.73 -13.35 -25.72
CA PRO B 189 27.26 -11.96 -25.85
C PRO B 189 26.97 -11.67 -24.36
N PRO B 190 27.47 -10.53 -23.82
CA PRO B 190 27.28 -10.19 -22.41
C PRO B 190 26.09 -9.31 -22.05
N GLY B 191 24.92 -9.97 -21.91
CA GLY B 191 23.68 -9.30 -21.57
C GLY B 191 23.17 -8.46 -22.71
N HIS B 192 21.97 -7.91 -22.59
CA HIS B 192 21.48 -7.06 -23.68
C HIS B 192 21.78 -5.57 -23.48
N GLY B 193 22.36 -5.21 -22.33
CA GLY B 193 22.74 -3.83 -22.09
C GLY B 193 23.81 -3.39 -23.07
N ASP B 194 24.57 -4.36 -23.55
CA ASP B 194 25.65 -4.15 -24.51
C ASP B 194 25.09 -3.61 -25.84
N VAL B 195 23.76 -3.51 -25.94
CA VAL B 195 23.12 -3.02 -27.18
C VAL B 195 23.45 -1.55 -27.50
N PHE B 196 23.58 -0.73 -26.47
CA PHE B 196 23.86 0.69 -26.71
C PHE B 196 25.22 0.93 -27.35
N PRO B 197 26.29 0.26 -26.85
CA PRO B 197 27.61 0.46 -27.46
C PRO B 197 27.74 -0.31 -28.78
N ALA B 198 27.15 -1.50 -28.86
CA ALA B 198 27.23 -2.29 -30.11
C ALA B 198 26.50 -1.56 -31.25
N LEU B 199 25.42 -0.85 -30.90
CA LEU B 199 24.68 -0.11 -31.92
C LEU B 199 25.64 0.97 -32.44
N MET B 200 26.38 1.58 -31.52
CA MET B 200 27.33 2.61 -31.91
C MET B 200 28.52 2.04 -32.70
N ASN B 201 29.19 1.00 -32.18
CA ASN B 201 30.37 0.44 -32.84
C ASN B 201 30.15 -0.08 -34.26
N SER B 202 28.94 -0.62 -34.52
CA SER B 202 28.66 -1.17 -35.84
C SER B 202 28.31 -0.09 -36.84
N GLY B 203 28.35 1.17 -36.41
CA GLY B 203 28.02 2.28 -37.28
C GLY B 203 26.54 2.44 -37.60
N LYS B 204 25.71 1.47 -37.19
CA LYS B 204 24.28 1.57 -37.51
C LYS B 204 23.65 2.80 -36.86
N LEU B 205 24.12 3.12 -35.66
CA LEU B 205 23.60 4.29 -34.96
C LEU B 205 23.87 5.54 -35.83
N ASP B 206 25.05 5.58 -36.44
CA ASP B 206 25.42 6.71 -37.27
C ASP B 206 24.52 6.90 -38.49
N THR B 207 24.21 5.80 -39.17
CA THR B 207 23.37 5.88 -40.36
C THR B 207 21.94 6.35 -40.02
N PHE B 208 21.35 5.78 -38.95
CA PHE B 208 19.99 6.16 -38.54
C PHE B 208 19.95 7.63 -38.15
N LEU B 209 20.98 8.06 -37.43
CA LEU B 209 21.06 9.47 -37.03
C LEU B 209 21.23 10.33 -38.28
N SER B 210 22.06 9.89 -39.24
CA SER B 210 22.25 10.67 -40.46
C SER B 210 20.94 10.63 -41.24
N GLN B 211 20.08 9.66 -40.92
CA GLN B 211 18.80 9.52 -41.60
C GLN B 211 17.71 10.40 -40.97
N GLY B 212 18.04 11.08 -39.89
CA GLY B 212 17.06 11.96 -39.25
C GLY B 212 16.22 11.29 -38.16
N LYS B 213 16.41 10.00 -37.93
CA LYS B 213 15.61 9.34 -36.89
C LYS B 213 15.96 9.93 -35.51
N GLU B 214 15.06 9.80 -34.53
CA GLU B 214 15.31 10.36 -33.20
C GLU B 214 15.35 9.38 -32.03
N TYR B 215 14.52 8.34 -32.14
CA TYR B 215 14.39 7.33 -31.07
C TYR B 215 14.44 5.92 -31.63
N VAL B 216 14.78 4.98 -30.74
CA VAL B 216 14.77 3.58 -31.13
C VAL B 216 13.87 2.88 -30.13
N PHE B 217 12.96 2.04 -30.63
CA PHE B 217 12.06 1.26 -29.78
C PHE B 217 12.75 -0.11 -29.76
N VAL B 218 13.22 -0.51 -28.57
CA VAL B 218 13.93 -1.77 -28.37
C VAL B 218 13.09 -2.74 -27.56
N ALA B 219 13.04 -4.00 -27.99
CA ALA B 219 12.32 -5.01 -27.23
C ALA B 219 12.82 -6.43 -27.58
N ASN B 220 12.33 -7.40 -26.82
CA ASN B 220 12.60 -8.82 -27.01
C ASN B 220 11.93 -9.29 -28.33
N SER B 221 12.67 -9.87 -29.28
CA SER B 221 12.06 -10.31 -30.56
C SER B 221 10.94 -11.37 -30.40
N ASP B 222 10.78 -11.91 -29.20
CA ASP B 222 9.72 -12.89 -29.00
C ASP B 222 8.51 -12.20 -28.37
N ASN B 223 8.60 -10.90 -28.05
CA ASN B 223 7.42 -10.24 -27.47
C ASN B 223 6.41 -9.75 -28.50
N LEU B 224 5.35 -10.55 -28.64
CA LEU B 224 4.25 -10.35 -29.57
C LEU B 224 3.50 -9.04 -29.36
N GLY B 225 3.50 -8.55 -28.12
CA GLY B 225 2.80 -7.31 -27.83
C GLY B 225 3.70 -6.10 -27.99
N ALA B 226 4.96 -6.34 -28.34
CA ALA B 226 5.89 -5.23 -28.52
C ALA B 226 5.77 -4.56 -29.90
N ILE B 227 4.63 -3.99 -30.22
CA ILE B 227 4.55 -3.34 -31.51
C ILE B 227 4.56 -1.85 -31.21
N VAL B 228 5.21 -1.10 -32.08
CA VAL B 228 5.29 0.34 -31.88
C VAL B 228 3.93 0.86 -31.44
N ASP B 229 3.92 1.74 -30.44
CA ASP B 229 2.65 2.36 -30.02
C ASP B 229 2.82 3.85 -30.27
N LEU B 230 2.08 4.35 -31.26
CA LEU B 230 2.12 5.74 -31.68
C LEU B 230 2.04 6.77 -30.56
N THR B 231 0.93 6.70 -29.83
CA THR B 231 0.72 7.61 -28.75
C THR B 231 1.95 7.60 -27.80
N ILE B 232 2.60 6.46 -27.58
CA ILE B 232 3.80 6.44 -26.75
C ILE B 232 4.83 7.25 -27.54
N LEU B 233 5.05 6.81 -28.77
CA LEU B 233 6.04 7.47 -29.62
C LEU B 233 5.83 8.97 -29.67
N LYS B 234 4.56 9.40 -29.63
CA LYS B 234 4.20 10.81 -29.64
C LYS B 234 4.76 11.49 -28.40
N HIS B 235 4.78 10.78 -27.27
CA HIS B 235 5.29 11.37 -26.02
C HIS B 235 6.79 11.72 -26.10
N LEU B 236 7.64 10.71 -26.28
CA LEU B 236 9.09 10.92 -26.30
C LEU B 236 9.49 12.24 -26.93
N ILE B 237 8.77 12.62 -27.97
CA ILE B 237 9.10 13.89 -28.63
C ILE B 237 8.35 15.09 -28.05
N GLN B 238 7.22 14.85 -27.39
CA GLN B 238 6.46 15.93 -26.81
C GLN B 238 7.13 16.42 -25.51
N ASN B 239 8.09 15.65 -25.01
CA ASN B 239 8.81 15.98 -23.80
C ASN B 239 10.33 15.95 -23.91
N LYS B 240 10.86 15.10 -24.79
CA LYS B 240 12.30 14.94 -24.99
C LYS B 240 12.98 13.96 -23.99
N ASN B 241 12.25 12.97 -23.47
CA ASN B 241 12.84 12.00 -22.55
C ASN B 241 13.96 11.30 -23.32
N GLU B 242 15.14 11.12 -22.73
CA GLU B 242 16.22 10.44 -23.48
C GLU B 242 16.02 8.93 -23.51
N TYR B 243 15.63 8.37 -22.36
CA TYR B 243 15.39 6.93 -22.14
C TYR B 243 13.99 6.73 -21.56
N CYS B 244 13.28 5.68 -22.00
CA CYS B 244 11.95 5.42 -21.47
C CYS B 244 11.74 3.91 -21.28
N MET B 245 11.21 3.53 -20.12
CA MET B 245 10.94 2.13 -19.82
C MET B 245 9.48 1.83 -19.50
N GLU B 246 8.86 0.97 -20.29
CA GLU B 246 7.49 0.57 -20.01
C GLU B 246 7.60 -0.40 -18.82
N VAL B 247 6.80 -0.14 -17.80
CA VAL B 247 6.76 -1.01 -16.64
C VAL B 247 5.35 -1.59 -16.63
N THR B 248 5.16 -2.70 -15.94
CA THR B 248 3.83 -3.31 -15.86
C THR B 248 3.60 -3.73 -14.40
N PRO B 249 2.32 -3.90 -13.99
CA PRO B 249 2.05 -4.28 -12.60
C PRO B 249 2.51 -5.68 -12.21
N LYS B 250 3.11 -5.80 -11.03
CA LYS B 250 3.59 -7.09 -10.56
C LYS B 250 2.53 -8.06 -10.07
N THR B 251 2.28 -9.14 -10.81
CA THR B 251 1.32 -10.15 -10.34
C THR B 251 2.00 -10.76 -9.12
N LEU B 252 1.45 -11.81 -8.51
CA LEU B 252 2.17 -12.35 -7.36
C LEU B 252 3.48 -12.99 -7.85
N ALA B 253 3.45 -13.65 -9.00
CA ALA B 253 4.64 -14.29 -9.55
C ALA B 253 5.62 -13.32 -10.26
N ASP B 254 5.45 -12.02 -10.02
CA ASP B 254 6.34 -11.01 -10.62
C ASP B 254 7.10 -10.29 -9.49
N VAL B 255 6.87 -10.74 -8.26
CA VAL B 255 7.46 -10.09 -7.09
C VAL B 255 9.00 -9.84 -7.08
N LYS B 256 9.75 -10.70 -7.76
CA LYS B 256 11.22 -10.56 -7.82
C LYS B 256 11.73 -9.70 -8.97
N GLY B 257 10.81 -9.15 -9.76
CA GLY B 257 11.20 -8.34 -10.92
C GLY B 257 11.87 -6.99 -10.70
N GLY B 258 12.72 -6.61 -11.65
CA GLY B 258 13.42 -5.35 -11.58
C GLY B 258 12.45 -4.21 -11.60
N THR B 259 12.64 -3.24 -10.71
CA THR B 259 11.68 -2.18 -10.62
C THR B 259 12.31 -0.82 -10.64
N LEU B 260 11.74 0.06 -11.45
CA LEU B 260 12.25 1.43 -11.54
C LEU B 260 12.04 2.02 -10.18
N ILE B 261 13.01 2.85 -9.79
CA ILE B 261 12.97 3.52 -8.52
C ILE B 261 13.71 4.83 -8.66
N SER B 262 13.32 5.79 -7.81
CA SER B 262 13.96 7.08 -7.76
C SER B 262 15.03 6.91 -6.70
N TYR B 263 16.27 7.19 -7.10
CA TYR B 263 17.39 7.07 -6.20
C TYR B 263 18.38 8.18 -6.53
N GLU B 264 18.64 9.02 -5.54
CA GLU B 264 19.55 10.14 -5.69
C GLU B 264 19.13 11.05 -6.83
N GLY B 265 17.84 11.36 -6.91
CA GLY B 265 17.36 12.24 -7.95
C GLY B 265 17.26 11.68 -9.35
N LYS B 266 17.68 10.43 -9.54
CA LYS B 266 17.57 9.84 -10.87
C LYS B 266 16.66 8.61 -10.86
N VAL B 267 16.60 7.92 -11.99
CA VAL B 267 15.78 6.73 -12.06
C VAL B 267 16.67 5.57 -12.45
N GLN B 268 16.61 4.51 -11.67
CA GLN B 268 17.43 3.36 -11.94
C GLN B 268 16.70 2.04 -11.76
N LEU B 269 17.28 0.99 -12.33
CA LEU B 269 16.69 -0.34 -12.23
C LEU B 269 17.04 -1.04 -10.90
N LEU B 270 16.05 -1.15 -10.01
CA LEU B 270 16.27 -1.84 -8.74
C LEU B 270 15.86 -3.28 -8.92
N GLU B 271 16.87 -4.14 -9.03
CA GLU B 271 16.67 -5.58 -9.18
C GLU B 271 16.87 -6.14 -7.78
N ILE B 272 16.16 -7.22 -7.49
CA ILE B 272 16.25 -7.81 -6.18
C ILE B 272 17.71 -8.20 -5.94
N ALA B 273 18.44 -8.48 -7.01
CA ALA B 273 19.86 -8.81 -6.89
C ALA B 273 20.59 -7.86 -5.94
N GLN B 274 20.26 -6.57 -6.03
CA GLN B 274 20.91 -5.56 -5.19
C GLN B 274 20.10 -5.15 -3.95
N VAL B 275 19.17 -6.00 -3.52
CA VAL B 275 18.35 -5.69 -2.34
C VAL B 275 18.80 -6.45 -1.09
N PRO B 276 19.17 -5.73 -0.01
CA PRO B 276 19.60 -6.42 1.20
C PRO B 276 18.59 -7.50 1.62
N ASP B 277 19.08 -8.65 2.06
CA ASP B 277 18.21 -9.76 2.45
C ASP B 277 17.09 -9.31 3.36
N GLU B 278 17.42 -8.40 4.26
CA GLU B 278 16.48 -7.86 5.24
C GLU B 278 15.29 -7.12 4.62
N HIS B 279 15.45 -6.64 3.38
CA HIS B 279 14.38 -5.92 2.70
C HIS B 279 13.82 -6.62 1.45
N VAL B 280 14.21 -7.87 1.22
CA VAL B 280 13.70 -8.62 0.07
C VAL B 280 12.16 -8.75 0.08
N ASN B 281 11.59 -8.90 1.27
CA ASN B 281 10.12 -9.02 1.36
C ASN B 281 9.45 -7.68 1.13
N GLU B 282 10.16 -6.60 1.43
CA GLU B 282 9.62 -5.26 1.22
C GLU B 282 9.52 -5.08 -0.29
N PHE B 283 10.50 -5.64 -0.99
CA PHE B 283 10.61 -5.56 -2.43
C PHE B 283 9.55 -6.42 -3.14
N LYS B 284 9.15 -7.51 -2.51
CA LYS B 284 8.14 -8.41 -3.09
C LYS B 284 6.70 -7.93 -2.91
N SER B 285 6.50 -6.94 -2.04
CA SER B 285 5.16 -6.42 -1.81
C SER B 285 4.69 -5.66 -3.05
N ILE B 286 3.80 -6.27 -3.83
CA ILE B 286 3.30 -5.62 -5.04
C ILE B 286 2.50 -4.39 -4.65
N GLU B 287 2.12 -4.30 -3.38
CA GLU B 287 1.42 -3.12 -2.90
C GLU B 287 2.47 -2.02 -2.75
N LYS B 288 3.69 -2.40 -2.39
CA LYS B 288 4.81 -1.46 -2.19
C LYS B 288 5.42 -1.00 -3.52
N PHE B 289 5.74 -1.98 -4.35
CA PHE B 289 6.34 -1.76 -5.67
C PHE B 289 5.33 -2.36 -6.64
N LYS B 290 4.65 -1.49 -7.37
CA LYS B 290 3.55 -1.88 -8.24
C LYS B 290 3.84 -2.09 -9.71
N ILE B 291 5.13 -2.13 -10.04
CA ILE B 291 5.58 -2.26 -11.42
C ILE B 291 6.89 -3.02 -11.58
N PHE B 292 7.03 -3.71 -12.72
CA PHE B 292 8.27 -4.41 -13.01
C PHE B 292 8.70 -4.15 -14.45
N ASN B 293 9.96 -4.46 -14.72
CA ASN B 293 10.58 -4.26 -16.05
C ASN B 293 10.11 -5.23 -17.14
N THR B 294 9.73 -4.69 -18.30
CA THR B 294 9.24 -5.48 -19.43
C THR B 294 10.26 -5.64 -20.57
N ASN B 295 11.32 -4.84 -20.52
CA ASN B 295 12.34 -4.75 -21.59
C ASN B 295 11.68 -4.12 -22.84
N ASN B 296 10.61 -3.36 -22.61
CA ASN B 296 9.94 -2.61 -23.68
C ASN B 296 10.59 -1.23 -23.44
N LEU B 297 11.51 -0.82 -24.33
CA LEU B 297 12.23 0.42 -24.10
C LEU B 297 12.29 1.39 -25.27
N TRP B 298 12.19 2.69 -24.99
CA TRP B 298 12.25 3.72 -26.03
C TRP B 298 13.41 4.62 -25.65
N VAL B 299 14.39 4.72 -26.56
CA VAL B 299 15.56 5.50 -26.24
C VAL B 299 15.93 6.50 -27.32
N ASN B 300 16.33 7.69 -26.87
CA ASN B 300 16.74 8.78 -27.74
C ASN B 300 18.11 8.45 -28.34
N LEU B 301 18.17 8.45 -29.67
CA LEU B 301 19.38 8.08 -30.41
C LEU B 301 20.55 9.04 -30.21
N LYS B 302 20.28 10.34 -30.18
CA LYS B 302 21.35 11.32 -29.97
C LYS B 302 21.91 11.17 -28.55
N ALA B 303 21.05 10.76 -27.61
CA ALA B 303 21.53 10.55 -26.24
C ALA B 303 22.40 9.28 -26.17
N ILE B 304 22.06 8.24 -26.93
CA ILE B 304 22.88 7.03 -26.93
C ILE B 304 24.26 7.32 -27.53
N LYS B 305 24.28 8.19 -28.53
CA LYS B 305 25.55 8.52 -29.18
C LYS B 305 26.55 9.19 -28.23
N LYS B 306 26.10 10.24 -27.57
CA LYS B 306 26.94 11.01 -26.64
C LYS B 306 27.39 10.15 -25.46
N LEU B 307 26.42 9.53 -24.77
CA LEU B 307 26.68 8.70 -23.61
C LEU B 307 27.66 7.56 -23.84
N VAL B 308 27.52 6.86 -24.97
CA VAL B 308 28.46 5.78 -25.29
C VAL B 308 29.84 6.42 -25.56
N GLU B 309 29.86 7.48 -26.35
CA GLU B 309 31.12 8.16 -26.66
C GLU B 309 31.76 8.84 -25.43
N ALA B 310 30.92 9.38 -24.54
CA ALA B 310 31.43 10.05 -23.35
C ALA B 310 31.75 8.98 -22.34
N ASP B 311 31.55 7.73 -22.75
CA ASP B 311 31.80 6.55 -21.93
C ASP B 311 30.86 6.61 -20.72
N ALA B 312 29.85 7.46 -20.83
CA ALA B 312 28.88 7.70 -19.76
C ALA B 312 28.14 6.50 -19.17
N LEU B 313 28.07 5.39 -19.90
CA LEU B 313 27.38 4.19 -19.41
C LEU B 313 28.20 3.50 -18.32
N LYS B 314 27.51 2.99 -17.31
CA LYS B 314 28.15 2.31 -16.18
C LYS B 314 27.11 1.44 -15.48
N MET B 315 26.25 0.80 -16.28
CA MET B 315 25.21 -0.05 -15.72
C MET B 315 25.82 -1.09 -14.80
N GLU B 316 25.07 -1.43 -13.75
CA GLU B 316 25.52 -2.40 -12.78
C GLU B 316 25.91 -3.66 -13.50
N ILE B 317 26.97 -4.30 -13.01
CA ILE B 317 27.49 -5.52 -13.60
C ILE B 317 26.89 -6.77 -12.99
N ILE B 318 26.22 -7.58 -13.81
CA ILE B 318 25.62 -8.80 -13.34
C ILE B 318 26.65 -9.89 -13.61
N PRO B 319 27.29 -10.40 -12.54
CA PRO B 319 28.29 -11.44 -12.73
C PRO B 319 27.61 -12.80 -12.71
N ASN B 320 27.26 -13.29 -13.90
CA ASN B 320 26.59 -14.56 -14.03
C ASN B 320 27.54 -15.75 -14.16
N PRO B 321 27.69 -16.51 -13.06
CA PRO B 321 28.54 -17.69 -12.98
C PRO B 321 28.00 -18.77 -13.92
N LYS B 322 28.89 -19.56 -14.50
CA LYS B 322 28.49 -20.62 -15.42
C LYS B 322 29.43 -21.81 -15.26
N GLU B 323 28.91 -23.01 -15.53
CA GLU B 323 29.68 -24.24 -15.46
C GLU B 323 29.79 -24.84 -16.85
N VAL B 324 31.01 -24.88 -17.38
CA VAL B 324 31.23 -25.45 -18.71
C VAL B 324 32.42 -26.42 -18.63
N ASP B 325 32.19 -27.65 -19.05
CA ASP B 325 33.22 -28.69 -19.01
C ASP B 325 33.79 -28.80 -17.59
N GLY B 326 32.92 -28.69 -16.59
CA GLY B 326 33.37 -28.78 -15.21
C GLY B 326 34.28 -27.63 -14.82
N VAL B 327 34.24 -26.55 -15.60
CA VAL B 327 35.06 -25.38 -15.34
C VAL B 327 34.23 -24.13 -15.02
N LYS B 328 34.35 -23.64 -13.80
CA LYS B 328 33.62 -22.45 -13.37
C LYS B 328 34.16 -21.22 -14.12
N VAL B 329 33.26 -20.54 -14.82
CA VAL B 329 33.63 -19.33 -15.55
C VAL B 329 32.77 -18.16 -15.07
N LEU B 330 33.28 -16.94 -15.24
CA LEU B 330 32.57 -15.75 -14.82
C LEU B 330 32.14 -14.91 -16.03
N GLN B 331 30.94 -14.37 -15.95
CA GLN B 331 30.35 -13.53 -17.00
C GLN B 331 29.86 -12.22 -16.39
N LEU B 332 30.29 -11.11 -16.98
CA LEU B 332 29.89 -9.81 -16.48
C LEU B 332 28.95 -9.17 -17.50
N GLU B 333 27.83 -8.63 -17.01
CA GLU B 333 26.83 -8.00 -17.87
C GLU B 333 26.23 -6.72 -17.26
N THR B 334 25.30 -6.14 -18.02
CA THR B 334 24.52 -4.91 -17.69
C THR B 334 23.18 -5.08 -18.40
N ALA B 335 22.22 -4.19 -18.15
CA ALA B 335 20.85 -4.30 -18.73
C ALA B 335 20.38 -3.08 -19.49
N ALA B 336 19.70 -3.27 -20.62
CA ALA B 336 19.19 -2.14 -21.42
C ALA B 336 18.42 -1.17 -20.51
N GLY B 337 17.46 -1.72 -19.76
CA GLY B 337 16.66 -0.90 -18.86
C GLY B 337 17.48 -0.22 -17.78
N ALA B 338 18.59 -0.82 -17.38
CA ALA B 338 19.44 -0.25 -16.31
C ALA B 338 20.11 1.05 -16.73
N ALA B 339 20.31 1.21 -18.03
CA ALA B 339 20.93 2.43 -18.53
C ALA B 339 20.05 3.67 -18.35
N ILE B 340 18.79 3.47 -17.97
CA ILE B 340 17.86 4.59 -17.83
C ILE B 340 18.37 5.75 -16.97
N ARG B 341 18.95 5.41 -15.81
CA ARG B 341 19.44 6.42 -14.86
C ARG B 341 20.40 7.47 -15.37
N PHE B 342 21.01 7.22 -16.53
CA PHE B 342 21.99 8.15 -17.10
C PHE B 342 21.34 9.19 -18.02
N PHE B 343 20.25 8.79 -18.65
CA PHE B 343 19.55 9.66 -19.59
C PHE B 343 18.80 10.78 -18.90
N ASP B 344 18.48 11.82 -19.66
CA ASP B 344 17.78 12.97 -19.10
C ASP B 344 16.27 12.94 -19.34
N ASN B 345 15.51 13.37 -18.34
CA ASN B 345 14.05 13.39 -18.40
C ASN B 345 13.55 11.98 -18.70
N ALA B 346 14.17 10.99 -18.05
CA ALA B 346 13.76 9.60 -18.26
C ALA B 346 12.45 9.37 -17.49
N ILE B 347 11.52 8.65 -18.10
CA ILE B 347 10.27 8.35 -17.45
C ILE B 347 9.84 6.97 -17.85
N GLY B 348 9.17 6.27 -16.94
CA GLY B 348 8.68 4.97 -17.32
C GLY B 348 7.23 5.13 -17.70
N VAL B 349 6.63 4.10 -18.30
CA VAL B 349 5.21 4.13 -18.61
C VAL B 349 4.61 2.85 -18.05
N ASN B 350 3.42 2.95 -17.48
CA ASN B 350 2.77 1.76 -16.92
C ASN B 350 1.70 1.38 -17.94
N VAL B 351 2.00 0.36 -18.74
CA VAL B 351 1.13 -0.10 -19.82
C VAL B 351 0.34 -1.37 -19.53
N PRO B 352 -0.79 -1.53 -20.24
CA PRO B 352 -1.68 -2.69 -20.12
C PRO B 352 -0.84 -3.92 -20.42
N ARG B 353 -1.21 -5.06 -19.82
CA ARG B 353 -0.49 -6.30 -20.00
C ARG B 353 -0.41 -6.80 -21.44
N SER B 354 -1.19 -6.21 -22.33
CA SER B 354 -1.12 -6.68 -23.72
C SER B 354 0.22 -6.44 -24.44
N ARG B 355 1.06 -5.52 -23.94
CA ARG B 355 2.37 -5.26 -24.56
C ARG B 355 3.49 -6.15 -24.03
N PHE B 356 3.18 -7.00 -23.05
CA PHE B 356 4.16 -7.94 -22.47
C PHE B 356 3.60 -9.35 -22.62
N LEU B 357 3.93 -9.99 -23.73
CA LEU B 357 3.46 -11.34 -24.02
C LEU B 357 4.69 -12.15 -24.43
N PRO B 358 5.52 -12.55 -23.45
CA PRO B 358 6.70 -13.33 -23.79
C PRO B 358 6.35 -14.80 -24.00
N VAL B 359 7.05 -15.41 -24.93
CA VAL B 359 6.89 -16.83 -25.22
C VAL B 359 8.33 -17.34 -25.14
N LYS B 360 8.75 -17.82 -23.97
CA LYS B 360 10.10 -18.37 -23.80
C LYS B 360 10.02 -19.88 -23.56
N ALA B 361 8.80 -20.39 -23.41
CA ALA B 361 8.62 -21.81 -23.16
C ALA B 361 7.37 -22.31 -23.88
N SER B 362 7.33 -23.61 -24.14
CA SER B 362 6.21 -24.22 -24.82
C SER B 362 4.86 -23.88 -24.17
N SER B 363 4.80 -23.79 -22.84
CA SER B 363 3.53 -23.42 -22.22
C SER B 363 3.01 -22.10 -22.85
N ASP B 364 3.96 -21.28 -23.31
CA ASP B 364 3.61 -20.00 -23.95
C ASP B 364 3.07 -20.25 -25.37
N LEU B 365 3.64 -21.22 -26.05
CA LEU B 365 3.17 -21.56 -27.38
C LEU B 365 1.74 -22.09 -27.30
N LEU B 366 1.42 -22.81 -26.23
CA LEU B 366 0.07 -23.35 -26.09
C LEU B 366 -0.88 -22.16 -26.11
N LEU B 367 -0.61 -21.14 -25.30
CA LEU B 367 -1.47 -19.96 -25.29
C LEU B 367 -1.61 -19.38 -26.70
N VAL B 368 -0.45 -19.05 -27.27
CA VAL B 368 -0.37 -18.40 -28.56
C VAL B 368 -0.78 -19.26 -29.76
N GLN B 369 -0.85 -20.58 -29.57
CA GLN B 369 -1.29 -21.46 -30.66
C GLN B 369 -2.68 -22.02 -30.37
N SER B 370 -3.24 -21.68 -29.21
CA SER B 370 -4.58 -22.16 -28.83
C SER B 370 -5.65 -21.34 -29.57
N ASP B 371 -6.87 -21.38 -29.03
CA ASP B 371 -7.99 -20.63 -29.60
C ASP B 371 -8.27 -19.44 -28.67
N LEU B 372 -7.27 -19.10 -27.85
CA LEU B 372 -7.35 -17.96 -26.93
C LEU B 372 -6.70 -16.80 -27.72
N TYR B 373 -6.01 -17.14 -28.81
CA TYR B 373 -5.35 -16.16 -29.67
C TYR B 373 -5.63 -16.43 -31.15
N THR B 374 -5.49 -15.39 -31.98
CA THR B 374 -5.63 -15.53 -33.42
C THR B 374 -4.76 -14.47 -34.06
N LEU B 375 -4.30 -14.72 -35.28
CA LEU B 375 -3.43 -13.77 -35.95
C LEU B 375 -4.28 -12.81 -36.77
N VAL B 376 -3.98 -11.51 -36.64
CA VAL B 376 -4.68 -10.47 -37.39
C VAL B 376 -3.59 -9.56 -38.00
N ASP B 377 -3.52 -9.54 -39.32
CA ASP B 377 -2.52 -8.73 -40.06
C ASP B 377 -1.15 -8.74 -39.40
N GLY B 378 -0.57 -9.92 -39.26
CA GLY B 378 0.75 -10.00 -38.66
C GLY B 378 0.79 -10.02 -37.15
N PHE B 379 -0.22 -9.44 -36.47
CA PHE B 379 -0.26 -9.40 -35.00
C PHE B 379 -0.94 -10.63 -34.38
N VAL B 380 -0.32 -11.23 -33.38
CA VAL B 380 -0.98 -12.33 -32.67
C VAL B 380 -1.96 -11.56 -31.77
N THR B 381 -3.17 -11.33 -32.29
CA THR B 381 -4.20 -10.57 -31.57
C THR B 381 -5.18 -11.51 -30.88
N ARG B 382 -5.37 -11.25 -29.60
CA ARG B 382 -6.23 -12.02 -28.74
C ARG B 382 -7.69 -12.11 -29.20
N ASN B 383 -8.23 -13.33 -29.12
CA ASN B 383 -9.60 -13.68 -29.50
C ASN B 383 -10.68 -12.79 -28.81
N LYS B 384 -11.70 -12.38 -29.56
CA LYS B 384 -12.81 -11.58 -29.01
C LYS B 384 -13.65 -12.32 -27.98
N ALA B 385 -13.82 -13.62 -28.16
CA ALA B 385 -14.62 -14.41 -27.21
C ALA B 385 -14.14 -14.20 -25.79
N ARG B 386 -12.82 -14.33 -25.58
CA ARG B 386 -12.27 -14.13 -24.24
C ARG B 386 -12.22 -12.62 -24.00
N THR B 387 -13.27 -12.11 -23.36
CA THR B 387 -13.37 -10.68 -23.05
C THR B 387 -12.72 -10.44 -21.71
N ASN B 388 -12.57 -11.50 -20.91
CA ASN B 388 -11.88 -11.42 -19.63
C ASN B 388 -10.39 -11.33 -19.99
N PRO B 389 -9.75 -10.16 -19.76
CA PRO B 389 -8.33 -10.01 -20.09
C PRO B 389 -7.32 -10.91 -19.38
N SER B 390 -7.68 -11.40 -18.19
CA SER B 390 -6.78 -12.28 -17.40
C SER B 390 -6.46 -13.66 -18.03
N ASN B 391 -5.43 -13.78 -18.87
CA ASN B 391 -5.11 -15.09 -19.47
C ASN B 391 -5.06 -16.24 -18.44
N PRO B 392 -5.15 -17.47 -18.92
CA PRO B 392 -5.09 -18.58 -17.96
C PRO B 392 -3.68 -18.95 -17.53
N SER B 393 -3.52 -19.50 -16.33
CA SER B 393 -2.18 -19.92 -15.91
C SER B 393 -1.95 -21.28 -16.52
N ILE B 394 -0.72 -21.51 -16.97
CA ILE B 394 -0.40 -22.81 -17.56
C ILE B 394 0.87 -23.37 -16.95
N GLU B 395 0.78 -24.55 -16.36
CA GLU B 395 2.00 -25.16 -15.80
C GLU B 395 2.17 -26.50 -16.51
N LEU B 396 3.28 -26.68 -17.23
CA LEU B 396 3.53 -27.92 -17.96
C LEU B 396 4.70 -28.65 -17.31
N GLY B 397 4.54 -29.95 -17.06
CA GLY B 397 5.63 -30.67 -16.43
C GLY B 397 6.85 -30.72 -17.34
N PRO B 398 7.95 -31.35 -16.89
CA PRO B 398 9.17 -31.46 -17.67
C PRO B 398 9.08 -32.40 -18.89
N GLU B 399 7.88 -32.92 -19.12
CA GLU B 399 7.62 -33.76 -20.29
C GLU B 399 7.30 -32.87 -21.50
N PHE B 400 6.97 -31.60 -21.22
CA PHE B 400 6.62 -30.60 -22.25
C PHE B 400 7.68 -29.52 -22.45
N LYS B 401 8.86 -29.72 -21.88
CA LYS B 401 9.95 -28.73 -21.96
C LYS B 401 10.34 -28.33 -23.37
N LYS B 402 10.84 -29.29 -24.15
CA LYS B 402 11.26 -28.99 -25.52
C LYS B 402 10.05 -28.82 -26.42
N VAL B 403 10.12 -27.87 -27.35
CA VAL B 403 8.99 -27.63 -28.23
C VAL B 403 8.62 -28.90 -28.97
N ALA B 404 9.63 -29.72 -29.28
CA ALA B 404 9.39 -30.97 -29.97
C ALA B 404 8.35 -31.80 -29.23
N THR B 405 8.68 -32.17 -27.99
CA THR B 405 7.79 -33.02 -27.22
C THR B 405 6.46 -32.36 -26.91
N PHE B 406 6.45 -31.03 -26.94
CA PHE B 406 5.23 -30.24 -26.73
C PHE B 406 4.24 -30.50 -27.89
N LEU B 407 4.69 -30.19 -29.11
CA LEU B 407 3.85 -30.36 -30.29
C LEU B 407 3.37 -31.80 -30.46
N SER B 408 4.17 -32.75 -30.01
CA SER B 408 3.76 -34.14 -30.16
C SER B 408 2.70 -34.55 -29.14
N ARG B 409 2.88 -34.10 -27.89
CA ARG B 409 1.94 -34.48 -26.83
C ARG B 409 0.54 -33.89 -26.98
N PHE B 410 0.37 -32.99 -27.96
CA PHE B 410 -0.95 -32.39 -28.23
C PHE B 410 -1.32 -32.75 -29.65
N LYS B 411 -2.24 -33.70 -29.82
CA LYS B 411 -2.61 -34.11 -31.16
C LYS B 411 -3.12 -32.85 -31.85
N SER B 412 -3.84 -32.01 -31.10
CA SER B 412 -4.28 -30.70 -31.57
C SER B 412 -4.27 -29.79 -30.34
N ILE B 413 -3.95 -28.51 -30.49
CA ILE B 413 -3.93 -27.57 -29.36
C ILE B 413 -5.39 -27.41 -28.86
N PRO B 414 -5.69 -27.92 -27.65
CA PRO B 414 -7.05 -27.82 -27.11
C PRO B 414 -7.56 -26.40 -27.01
N SER B 415 -8.86 -26.26 -26.79
CA SER B 415 -9.48 -24.95 -26.62
C SER B 415 -9.23 -24.59 -25.15
N ILE B 416 -8.91 -23.32 -24.92
CA ILE B 416 -8.64 -22.82 -23.56
C ILE B 416 -9.28 -21.45 -23.35
N VAL B 417 -10.11 -21.03 -24.30
CA VAL B 417 -10.76 -19.72 -24.22
C VAL B 417 -11.61 -19.61 -22.93
N GLU B 418 -12.07 -20.74 -22.40
CA GLU B 418 -12.83 -20.72 -21.15
C GLU B 418 -11.99 -21.30 -20.02
N LEU B 419 -10.67 -21.41 -20.26
CA LEU B 419 -9.77 -21.95 -19.26
C LEU B 419 -9.32 -20.94 -18.21
N ASP B 420 -9.23 -21.38 -16.96
CA ASP B 420 -8.73 -20.50 -15.90
C ASP B 420 -7.29 -20.90 -15.53
N SER B 421 -7.03 -22.20 -15.47
CA SER B 421 -5.69 -22.68 -15.18
C SER B 421 -5.56 -24.15 -15.55
N LEU B 422 -4.40 -24.50 -16.11
CA LEU B 422 -4.11 -25.87 -16.51
C LEU B 422 -2.78 -26.28 -15.88
N LYS B 423 -2.75 -27.50 -15.34
CA LYS B 423 -1.55 -28.03 -14.75
C LYS B 423 -1.43 -29.45 -15.27
N VAL B 424 -0.28 -29.75 -15.90
CA VAL B 424 -0.07 -31.11 -16.42
C VAL B 424 1.23 -31.62 -15.85
N SER B 425 1.17 -32.83 -15.29
CA SER B 425 2.36 -33.42 -14.71
C SER B 425 2.43 -34.92 -15.09
N GLY B 426 3.62 -35.50 -14.95
CA GLY B 426 3.78 -36.90 -15.30
C GLY B 426 3.65 -37.13 -16.79
N ASP B 427 3.30 -38.35 -17.16
CA ASP B 427 3.18 -38.70 -18.55
C ASP B 427 1.77 -38.42 -19.01
N VAL B 428 1.63 -37.36 -19.82
CA VAL B 428 0.33 -36.93 -20.35
C VAL B 428 0.32 -36.64 -21.87
N TRP B 429 -0.56 -37.34 -22.59
CA TRP B 429 -0.73 -37.18 -24.03
C TRP B 429 -2.15 -36.68 -24.35
N PHE B 430 -2.26 -35.67 -25.22
CA PHE B 430 -3.56 -35.14 -25.61
C PHE B 430 -3.91 -35.51 -27.05
N GLY B 431 -5.14 -35.97 -27.25
CA GLY B 431 -5.60 -36.28 -28.60
C GLY B 431 -6.01 -34.94 -29.21
N SER B 432 -6.81 -34.97 -30.26
CA SER B 432 -7.21 -33.73 -30.89
C SER B 432 -8.63 -33.30 -30.55
N SER B 433 -8.87 -32.00 -30.68
CA SER B 433 -10.19 -31.42 -30.43
C SER B 433 -10.65 -31.44 -28.98
N ILE B 434 -9.71 -31.32 -28.06
CA ILE B 434 -10.04 -31.33 -26.63
C ILE B 434 -10.37 -29.89 -26.21
N VAL B 435 -11.30 -29.74 -25.27
CA VAL B 435 -11.67 -28.41 -24.78
C VAL B 435 -11.45 -28.41 -23.26
N LEU B 436 -10.85 -27.33 -22.77
CA LEU B 436 -10.54 -27.19 -21.35
C LEU B 436 -11.26 -25.96 -20.79
N LYS B 437 -11.71 -26.05 -19.56
CA LYS B 437 -12.44 -24.96 -18.92
C LYS B 437 -12.19 -24.91 -17.42
N GLY B 438 -12.23 -23.70 -16.85
CA GLY B 438 -12.01 -23.56 -15.41
C GLY B 438 -10.65 -24.05 -15.01
N LYS B 439 -10.55 -24.67 -13.82
CA LYS B 439 -9.28 -25.17 -13.34
C LYS B 439 -9.14 -26.66 -13.69
N VAL B 440 -8.04 -27.01 -14.37
CA VAL B 440 -7.79 -28.39 -14.79
C VAL B 440 -6.41 -28.90 -14.41
N THR B 441 -6.39 -30.06 -13.77
CA THR B 441 -5.11 -30.66 -13.42
C THR B 441 -5.02 -32.09 -13.92
N VAL B 442 -4.03 -32.35 -14.78
CA VAL B 442 -3.81 -33.71 -15.28
C VAL B 442 -2.53 -34.16 -14.64
N ALA B 443 -2.62 -35.12 -13.73
CA ALA B 443 -1.44 -35.62 -13.06
C ALA B 443 -1.38 -37.13 -13.06
N ALA B 444 -0.44 -37.67 -13.83
CA ALA B 444 -0.26 -39.11 -13.89
C ALA B 444 1.02 -39.40 -13.10
N LYS B 445 0.86 -40.09 -11.97
CA LYS B 445 1.97 -40.43 -11.08
C LYS B 445 3.08 -41.24 -11.76
N SER B 446 4.16 -41.43 -11.02
CA SER B 446 5.31 -42.19 -11.47
C SER B 446 4.93 -43.56 -12.08
N GLY B 447 5.45 -43.85 -13.27
CA GLY B 447 5.16 -45.10 -13.94
C GLY B 447 3.81 -45.20 -14.63
N VAL B 448 3.09 -44.08 -14.70
CA VAL B 448 1.77 -44.05 -15.31
C VAL B 448 1.73 -43.20 -16.56
N LYS B 449 1.17 -43.76 -17.62
CA LYS B 449 1.02 -43.03 -18.87
C LYS B 449 -0.46 -42.69 -18.96
N LEU B 450 -0.79 -41.40 -19.10
CA LEU B 450 -2.17 -40.95 -19.20
C LEU B 450 -2.47 -40.29 -20.55
N GLU B 451 -3.50 -40.80 -21.23
CA GLU B 451 -3.89 -40.27 -22.54
C GLU B 451 -5.28 -39.65 -22.53
N ILE B 452 -5.41 -38.42 -23.04
CA ILE B 452 -6.71 -37.75 -23.09
C ILE B 452 -7.23 -37.96 -24.52
N PRO B 453 -8.11 -38.97 -24.73
CA PRO B 453 -8.62 -39.20 -26.08
C PRO B 453 -9.34 -38.00 -26.71
N ASP B 454 -9.50 -38.03 -28.03
CA ASP B 454 -10.12 -36.93 -28.73
C ASP B 454 -11.47 -36.57 -28.16
N ARG B 455 -11.83 -35.30 -28.37
CA ARG B 455 -13.11 -34.71 -27.96
C ARG B 455 -13.33 -34.64 -26.46
N ALA B 456 -12.30 -34.95 -25.69
CA ALA B 456 -12.49 -34.89 -24.26
C ALA B 456 -12.80 -33.43 -23.88
N VAL B 457 -13.68 -33.27 -22.89
CA VAL B 457 -14.03 -31.95 -22.37
C VAL B 457 -13.73 -32.03 -20.88
N VAL B 458 -12.73 -31.29 -20.40
CA VAL B 458 -12.33 -31.32 -19.00
C VAL B 458 -12.63 -29.99 -18.32
N GLU B 459 -13.48 -30.04 -17.29
CA GLU B 459 -13.89 -28.83 -16.59
C GLU B 459 -13.78 -28.92 -15.08
N ASN B 460 -13.11 -27.94 -14.48
CA ASN B 460 -12.94 -27.90 -13.02
C ASN B 460 -12.81 -29.28 -12.43
N LYS B 461 -11.70 -29.93 -12.75
CA LYS B 461 -11.47 -31.29 -12.26
C LYS B 461 -10.00 -31.65 -12.21
N ASN B 462 -9.68 -32.62 -11.34
CA ASN B 462 -8.32 -33.11 -11.19
C ASN B 462 -8.26 -34.53 -11.69
N ILE B 463 -7.55 -34.71 -12.80
CA ILE B 463 -7.40 -36.04 -13.38
C ILE B 463 -6.10 -36.57 -12.80
N ASN B 464 -6.21 -37.50 -11.85
CA ASN B 464 -5.03 -38.08 -11.20
C ASN B 464 -4.71 -39.49 -11.62
N GLY B 465 -5.19 -39.86 -12.80
CA GLY B 465 -4.96 -41.19 -13.33
C GLY B 465 -6.19 -41.57 -14.13
N PRO B 466 -6.09 -42.55 -15.05
CA PRO B 466 -7.23 -42.97 -15.88
C PRO B 466 -8.50 -43.11 -15.07
N GLU B 467 -8.33 -43.46 -13.79
CA GLU B 467 -9.43 -43.63 -12.86
C GLU B 467 -10.35 -42.42 -12.90
N ASP B 468 -9.77 -41.26 -13.21
CA ASP B 468 -10.51 -40.01 -13.31
C ASP B 468 -10.80 -39.67 -14.78
N GLU A 6 -3.47 -18.74 37.62
CA GLU A 6 -4.02 -19.13 36.29
C GLU A 6 -5.32 -19.91 36.45
N ASN A 7 -5.89 -20.34 35.32
CA ASN A 7 -7.13 -21.10 35.31
C ASN A 7 -8.32 -20.17 35.56
N LEU A 8 -9.40 -20.72 36.11
CA LEU A 8 -10.59 -19.92 36.39
C LEU A 8 -11.44 -20.41 37.55
N PRO A 9 -11.50 -21.74 37.80
CA PRO A 9 -12.31 -22.27 38.90
C PRO A 9 -12.06 -21.58 40.22
N GLN A 10 -10.79 -21.51 40.63
CA GLN A 10 -10.43 -20.86 41.89
C GLN A 10 -10.61 -19.35 41.80
N LEU A 11 -10.23 -18.77 40.66
CA LEU A 11 -10.36 -17.33 40.46
C LEU A 11 -11.80 -16.93 40.70
N LYS A 12 -12.73 -17.73 40.18
CA LYS A 12 -14.14 -17.44 40.35
C LYS A 12 -14.46 -17.42 41.84
N SER A 13 -13.87 -18.33 42.60
CA SER A 13 -14.12 -18.37 44.04
C SER A 13 -13.67 -17.07 44.73
N ALA A 14 -12.45 -16.63 44.45
CA ALA A 14 -11.93 -15.41 45.05
C ALA A 14 -12.77 -14.17 44.68
N VAL A 15 -13.05 -14.02 43.39
CA VAL A 15 -13.87 -12.90 42.93
C VAL A 15 -15.22 -12.96 43.63
N ASP A 16 -15.74 -14.19 43.73
CA ASP A 16 -17.03 -14.41 44.37
C ASP A 16 -16.99 -14.02 45.83
N GLY A 17 -15.78 -13.95 46.37
CA GLY A 17 -15.60 -13.54 47.76
C GLY A 17 -15.47 -12.04 47.91
N LEU A 18 -15.60 -11.30 46.80
CA LEU A 18 -15.50 -9.84 46.80
C LEU A 18 -16.89 -9.24 46.81
N THR A 19 -17.40 -9.05 48.02
CA THR A 19 -18.74 -8.52 48.22
C THR A 19 -18.87 -7.04 47.86
N GLU A 20 -17.76 -6.44 47.43
CA GLU A 20 -17.79 -5.04 46.99
C GLU A 20 -18.41 -5.02 45.60
N MET A 21 -18.24 -6.12 44.87
CA MET A 21 -18.74 -6.24 43.51
C MET A 21 -20.17 -6.76 43.44
N SER A 22 -20.92 -6.24 42.48
CA SER A 22 -22.29 -6.65 42.24
C SER A 22 -22.23 -8.06 41.65
N GLU A 23 -23.40 -8.63 41.44
CA GLU A 23 -23.49 -9.97 40.87
C GLU A 23 -23.06 -9.86 39.41
N SER A 24 -23.78 -9.06 38.66
CA SER A 24 -23.52 -8.83 37.25
C SER A 24 -22.05 -8.49 36.99
N GLU A 25 -21.46 -7.64 37.82
CA GLU A 25 -20.05 -7.30 37.66
C GLU A 25 -19.17 -8.56 37.84
N LYS A 26 -19.38 -9.32 38.91
CA LYS A 26 -18.57 -10.52 39.13
C LYS A 26 -18.63 -11.42 37.89
N SER A 27 -19.81 -11.51 37.29
CA SER A 27 -20.07 -12.31 36.10
C SER A 27 -19.40 -11.74 34.84
N GLY A 28 -19.38 -10.42 34.72
CA GLY A 28 -18.77 -9.79 33.57
C GLY A 28 -17.26 -9.82 33.61
N PHE A 29 -16.69 -9.91 34.82
CA PHE A 29 -15.23 -9.95 35.01
C PHE A 29 -14.65 -11.35 34.81
N ILE A 30 -15.28 -12.32 35.44
CA ILE A 30 -14.85 -13.71 35.33
C ILE A 30 -15.00 -14.11 33.87
N SER A 31 -16.06 -13.61 33.27
CA SER A 31 -16.28 -13.95 31.87
C SER A 31 -15.24 -13.25 30.99
N LEU A 32 -14.54 -12.24 31.54
CA LEU A 32 -13.51 -11.56 30.76
C LEU A 32 -12.20 -12.35 30.87
N VAL A 33 -11.86 -12.76 32.08
CA VAL A 33 -10.63 -13.53 32.34
C VAL A 33 -10.73 -14.91 31.69
N SER A 34 -11.96 -15.42 31.66
CA SER A 34 -12.25 -16.72 31.08
C SER A 34 -12.10 -16.69 29.57
N ARG A 35 -12.11 -15.50 28.97
CA ARG A 35 -11.93 -15.39 27.54
C ARG A 35 -10.48 -15.03 27.27
N TYR A 36 -9.92 -14.21 28.15
CA TYR A 36 -8.54 -13.78 28.04
C TYR A 36 -7.57 -14.96 28.18
N LEU A 37 -7.93 -15.92 29.02
CA LEU A 37 -7.07 -17.08 29.25
C LEU A 37 -7.53 -18.30 28.44
N SER A 38 -7.91 -18.04 27.18
CA SER A 38 -8.34 -19.09 26.27
C SER A 38 -8.16 -18.62 24.84
N GLY A 39 -7.95 -17.31 24.69
CA GLY A 39 -7.76 -16.74 23.37
C GLY A 39 -8.93 -15.85 22.96
N ILE A 44 -8.16 -12.59 15.36
CA ILE A 44 -8.19 -12.00 14.02
C ILE A 44 -6.92 -12.24 13.21
N GLU A 45 -7.02 -13.13 12.21
CA GLU A 45 -5.92 -13.48 11.31
C GLU A 45 -5.70 -12.38 10.26
N TRP A 46 -4.48 -11.85 10.22
CA TRP A 46 -4.14 -10.78 9.28
C TRP A 46 -4.52 -11.05 7.82
N SER A 47 -4.23 -12.26 7.35
CA SER A 47 -4.52 -12.65 5.96
C SER A 47 -5.99 -12.58 5.54
N LYS A 48 -6.90 -12.76 6.49
CA LYS A 48 -8.33 -12.72 6.20
C LYS A 48 -8.91 -11.30 6.25
N ILE A 49 -8.09 -10.35 6.71
CA ILE A 49 -8.53 -8.97 6.80
C ILE A 49 -8.74 -8.34 5.43
N GLN A 50 -9.88 -7.69 5.25
CA GLN A 50 -10.21 -7.01 4.00
C GLN A 50 -10.63 -5.56 4.29
N THR A 51 -10.26 -4.66 3.39
CA THR A 51 -10.60 -3.24 3.52
C THR A 51 -12.05 -3.06 3.13
N PRO A 52 -12.83 -2.35 3.98
CA PRO A 52 -14.24 -2.14 3.66
C PRO A 52 -14.38 -1.14 2.52
N THR A 53 -15.61 -0.84 2.15
CA THR A 53 -15.89 0.10 1.08
C THR A 53 -16.98 1.04 1.51
N ASP A 54 -17.54 1.78 0.56
CA ASP A 54 -18.62 2.72 0.85
C ASP A 54 -19.83 1.88 1.25
N GLU A 55 -19.71 0.57 1.09
CA GLU A 55 -20.78 -0.35 1.43
C GLU A 55 -20.80 -0.65 2.93
N ILE A 56 -19.70 -0.33 3.61
CA ILE A 56 -19.60 -0.55 5.04
C ILE A 56 -19.34 0.78 5.72
N VAL A 57 -18.80 1.73 4.98
CA VAL A 57 -18.52 3.04 5.54
C VAL A 57 -19.02 4.12 4.57
N VAL A 58 -20.17 4.72 4.90
CA VAL A 58 -20.82 5.76 4.08
C VAL A 58 -20.29 7.19 4.25
N PRO A 59 -19.84 7.83 3.15
CA PRO A 59 -19.32 9.20 3.24
C PRO A 59 -20.40 10.14 3.75
N TYR A 60 -20.04 10.97 4.71
CA TYR A 60 -20.99 11.93 5.26
C TYR A 60 -21.59 12.77 4.12
N GLU A 61 -20.73 13.25 3.23
CA GLU A 61 -21.11 14.08 2.10
C GLU A 61 -22.22 13.47 1.24
N LYS A 62 -22.04 12.19 0.92
CA LYS A 62 -22.99 11.44 0.09
C LYS A 62 -24.13 10.91 0.97
N MET A 63 -24.43 11.64 2.05
CA MET A 63 -25.51 11.24 2.99
C MET A 63 -26.77 12.09 2.83
N THR A 64 -27.90 11.44 2.55
CA THR A 64 -29.17 12.15 2.37
C THR A 64 -29.39 13.18 3.48
N PRO A 65 -29.59 14.45 3.10
CA PRO A 65 -29.82 15.52 4.07
C PRO A 65 -31.23 15.51 4.64
N VAL A 66 -31.42 16.21 5.76
CA VAL A 66 -32.70 16.31 6.42
C VAL A 66 -33.59 17.21 5.58
N SER A 67 -34.90 16.94 5.57
CA SER A 67 -35.84 17.73 4.80
C SER A 67 -36.31 18.96 5.55
N GLN A 68 -36.78 19.95 4.80
CA GLN A 68 -37.24 21.22 5.37
C GLN A 68 -38.18 21.10 6.56
N ASP A 69 -39.14 20.19 6.51
CA ASP A 69 -40.08 20.02 7.60
C ASP A 69 -39.34 19.97 8.94
N VAL A 70 -39.53 21.01 9.74
CA VAL A 70 -38.88 21.11 11.05
C VAL A 70 -39.44 20.15 12.11
N ALA A 71 -40.74 19.86 12.03
CA ALA A 71 -41.35 18.95 12.98
C ALA A 71 -40.57 17.64 12.96
N GLU A 72 -39.82 17.46 11.88
CA GLU A 72 -38.99 16.27 11.71
C GLU A 72 -37.85 16.29 12.72
N THR A 73 -37.20 17.45 12.86
CA THR A 73 -36.10 17.60 13.80
C THR A 73 -36.60 17.26 15.20
N LYS A 74 -37.80 17.74 15.51
CA LYS A 74 -38.39 17.49 16.82
C LYS A 74 -38.55 16.00 17.07
N ASN A 75 -39.26 15.32 16.17
CA ASN A 75 -39.50 13.89 16.29
C ASN A 75 -38.24 13.12 16.67
N LEU A 76 -37.17 13.33 15.90
CA LEU A 76 -35.90 12.66 16.13
C LEU A 76 -35.40 12.96 17.52
N LEU A 77 -35.36 14.24 17.85
CA LEU A 77 -34.87 14.69 19.15
C LEU A 77 -35.74 14.27 20.34
N ASP A 78 -36.85 13.57 20.08
CA ASP A 78 -37.73 13.12 21.15
C ASP A 78 -37.39 11.70 21.61
N LYS A 79 -36.56 11.03 20.83
CA LYS A 79 -36.14 9.67 21.13
C LYS A 79 -34.62 9.67 21.26
N LEU A 80 -34.05 10.84 21.51
CA LEU A 80 -32.60 10.94 21.62
C LEU A 80 -32.02 11.19 23.00
N VAL A 81 -31.56 10.12 23.62
CA VAL A 81 -30.90 10.29 24.90
C VAL A 81 -29.45 10.36 24.49
N VAL A 82 -28.71 11.30 25.07
CA VAL A 82 -27.30 11.49 24.73
C VAL A 82 -26.39 11.06 25.91
N LEU A 83 -25.36 10.27 25.62
CA LEU A 83 -24.45 9.79 26.67
C LEU A 83 -23.05 10.33 26.42
N LYS A 84 -22.34 10.65 27.49
CA LYS A 84 -20.97 11.13 27.41
C LYS A 84 -20.05 10.31 28.32
N LEU A 85 -18.94 9.81 27.77
CA LEU A 85 -17.95 9.03 28.52
C LEU A 85 -17.21 10.05 29.40
N ASN A 86 -16.77 9.62 30.58
CA ASN A 86 -16.14 10.57 31.48
C ASN A 86 -15.50 9.86 32.67
N GLY A 87 -15.21 8.56 32.50
CA GLY A 87 -14.62 7.81 33.60
C GLY A 87 -13.17 8.13 33.95
N GLY A 88 -12.52 8.98 33.15
CA GLY A 88 -11.12 9.28 33.43
C GLY A 88 -10.84 10.54 34.24
N LEU A 89 -9.75 10.50 35.01
CA LEU A 89 -9.34 11.65 35.81
C LEU A 89 -8.45 12.53 34.94
N GLY A 90 -8.06 13.70 35.45
CA GLY A 90 -7.21 14.59 34.67
C GLY A 90 -5.75 14.58 35.07
N THR A 91 -5.36 13.55 35.82
CA THR A 91 -3.97 13.47 36.30
C THR A 91 -2.94 13.43 35.16
N THR A 92 -3.32 12.94 33.98
CA THR A 92 -2.43 12.89 32.84
C THR A 92 -2.12 14.34 32.41
N MET A 93 -3.00 15.24 32.80
CA MET A 93 -2.86 16.67 32.48
C MET A 93 -2.52 17.48 33.74
N GLY A 94 -2.15 16.76 34.80
CA GLY A 94 -1.77 17.42 36.05
C GLY A 94 -2.93 17.90 36.89
N CYS A 95 -4.11 17.34 36.69
CA CYS A 95 -5.29 17.76 37.43
C CYS A 95 -6.01 16.60 38.11
N THR A 96 -6.45 16.83 39.35
CA THR A 96 -7.19 15.83 40.10
C THR A 96 -8.64 15.99 39.63
N GLY A 97 -9.46 15.00 39.93
CA GLY A 97 -10.86 15.04 39.51
C GLY A 97 -11.07 14.65 38.05
N PRO A 98 -12.33 14.68 37.57
CA PRO A 98 -12.59 14.31 36.18
C PRO A 98 -11.82 15.28 35.28
N LYS A 99 -11.13 14.75 34.29
CA LYS A 99 -10.37 15.61 33.38
C LYS A 99 -11.26 16.70 32.75
N SER A 100 -12.46 16.32 32.31
CA SER A 100 -13.36 17.27 31.67
C SER A 100 -13.40 18.63 32.36
N VAL A 101 -13.42 18.66 33.69
CA VAL A 101 -13.45 19.96 34.31
C VAL A 101 -12.13 20.70 34.05
N ILE A 102 -11.39 20.23 33.04
CA ILE A 102 -10.18 20.92 32.61
C ILE A 102 -10.73 22.04 31.71
N GLU A 103 -10.28 23.27 31.94
CA GLU A 103 -10.71 24.41 31.15
C GLU A 103 -10.13 24.29 29.77
N VAL A 104 -10.99 24.19 28.77
CA VAL A 104 -10.51 24.01 27.42
C VAL A 104 -10.31 25.33 26.69
N ARG A 105 -11.16 26.31 26.98
CA ARG A 105 -11.01 27.60 26.32
C ARG A 105 -11.90 28.71 26.87
N ASP A 106 -11.29 29.89 27.03
CA ASP A 106 -11.98 31.07 27.54
C ASP A 106 -12.83 30.81 28.77
N GLY A 107 -12.25 30.07 29.71
CA GLY A 107 -12.95 29.79 30.96
C GLY A 107 -13.90 28.59 30.96
N LEU A 108 -14.19 28.06 29.78
CA LEU A 108 -15.12 26.95 29.66
C LEU A 108 -14.41 25.60 29.61
N THR A 109 -14.95 24.62 30.34
CA THR A 109 -14.38 23.28 30.40
C THR A 109 -14.96 22.40 29.27
N PHE A 110 -14.46 21.19 29.13
CA PHE A 110 -15.00 20.32 28.08
C PHE A 110 -16.44 20.12 28.42
N LEU A 111 -16.70 20.13 29.72
CA LEU A 111 -18.04 19.91 30.23
C LEU A 111 -18.92 21.09 29.81
N ASP A 112 -18.55 22.30 30.24
CA ASP A 112 -19.32 23.53 29.90
C ASP A 112 -19.66 23.58 28.41
N LEU A 113 -18.73 23.15 27.59
CA LEU A 113 -18.98 23.18 26.15
C LEU A 113 -20.02 22.16 25.76
N ILE A 114 -19.93 20.98 26.36
CA ILE A 114 -20.87 19.89 26.09
C ILE A 114 -22.28 20.13 26.58
N VAL A 115 -22.42 21.04 27.55
CA VAL A 115 -23.72 21.35 28.09
C VAL A 115 -24.31 22.48 27.23
N ILE A 116 -23.51 23.52 27.01
CA ILE A 116 -23.97 24.63 26.20
C ILE A 116 -24.40 24.16 24.82
N GLN A 117 -23.61 23.27 24.21
CA GLN A 117 -23.96 22.79 22.88
C GLN A 117 -25.29 22.06 22.82
N ILE A 118 -25.63 21.34 23.88
CA ILE A 118 -26.92 20.64 23.91
C ILE A 118 -28.03 21.62 24.22
N GLU A 119 -27.80 22.47 25.21
CA GLU A 119 -28.78 23.48 25.61
C GLU A 119 -29.28 24.17 24.33
N ASN A 120 -28.36 24.56 23.45
CA ASN A 120 -28.76 25.23 22.21
C ASN A 120 -29.74 24.38 21.36
N LEU A 121 -29.64 23.06 21.47
CA LEU A 121 -30.56 22.19 20.73
C LEU A 121 -31.96 22.26 21.39
N ASN A 122 -31.97 22.10 22.71
CA ASN A 122 -33.18 22.12 23.52
C ASN A 122 -33.82 23.50 23.57
N ASN A 123 -33.23 24.41 22.80
CA ASN A 123 -33.71 25.78 22.72
C ASN A 123 -34.16 26.05 21.28
N LYS A 124 -33.25 25.81 20.34
CA LYS A 124 -33.58 26.04 18.95
C LYS A 124 -34.77 25.18 18.55
N TYR A 125 -34.82 23.95 19.07
CA TYR A 125 -35.91 23.04 18.73
C TYR A 125 -36.90 22.77 19.86
N GLY A 126 -36.74 23.46 20.98
CA GLY A 126 -37.64 23.29 22.10
C GLY A 126 -38.00 21.85 22.42
N CYS A 127 -37.03 20.96 22.32
CA CYS A 127 -37.21 19.53 22.61
C CYS A 127 -36.58 19.20 23.99
N LYS A 128 -36.63 17.92 24.40
CA LYS A 128 -36.08 17.51 25.70
C LYS A 128 -35.07 16.35 25.60
N VAL A 129 -33.94 16.62 24.96
CA VAL A 129 -32.88 15.64 24.79
C VAL A 129 -32.06 15.53 26.08
N PRO A 130 -31.95 14.31 26.62
CA PRO A 130 -31.18 14.08 27.86
C PRO A 130 -29.69 13.94 27.57
N LEU A 131 -28.89 14.23 28.59
CA LEU A 131 -27.42 14.11 28.51
C LEU A 131 -26.95 13.26 29.67
N VAL A 132 -26.64 11.98 29.41
CA VAL A 132 -26.15 11.13 30.50
C VAL A 132 -24.62 11.01 30.48
N LEU A 133 -24.04 10.90 31.66
CA LEU A 133 -22.59 10.80 31.79
C LEU A 133 -22.17 9.47 32.37
N MET A 134 -21.18 8.85 31.74
CA MET A 134 -20.60 7.60 32.23
C MET A 134 -19.22 7.96 32.77
N ASN A 135 -19.08 8.00 34.09
CA ASN A 135 -17.81 8.31 34.69
C ASN A 135 -17.30 7.01 35.37
N SER A 136 -16.26 7.08 36.20
CA SER A 136 -15.73 5.87 36.87
C SER A 136 -15.78 6.01 38.39
N PHE A 137 -15.39 4.94 39.11
CA PHE A 137 -15.44 4.99 40.55
C PHE A 137 -14.52 6.08 41.08
N ASN A 138 -13.62 6.58 40.22
CA ASN A 138 -12.74 7.68 40.62
C ASN A 138 -13.41 9.04 40.38
N THR A 139 -14.10 9.15 39.24
CA THR A 139 -14.73 10.42 38.84
C THR A 139 -16.21 10.61 39.14
N HIS A 140 -16.87 9.63 39.75
CA HIS A 140 -18.33 9.74 39.93
C HIS A 140 -18.77 10.76 40.97
N ASP A 141 -18.15 10.70 42.16
CA ASP A 141 -18.47 11.64 43.22
C ASP A 141 -18.20 13.08 42.79
N ASP A 142 -16.99 13.35 42.33
CA ASP A 142 -16.67 14.71 41.90
C ASP A 142 -17.65 15.16 40.78
N THR A 143 -17.87 14.30 39.79
CA THR A 143 -18.79 14.65 38.71
C THR A 143 -20.17 15.01 39.27
N HIS A 144 -20.67 14.16 40.17
CA HIS A 144 -21.97 14.36 40.81
C HIS A 144 -22.01 15.76 41.41
N LYS A 145 -21.23 16.00 42.46
CA LYS A 145 -21.25 17.33 43.07
C LYS A 145 -21.07 18.43 42.02
N ILE A 146 -20.29 18.18 40.97
CA ILE A 146 -20.07 19.20 39.92
C ILE A 146 -21.30 19.51 39.05
N VAL A 147 -21.87 18.49 38.42
CA VAL A 147 -23.02 18.72 37.54
C VAL A 147 -24.14 19.53 38.16
N GLU A 148 -24.15 19.65 39.49
CA GLU A 148 -25.22 20.43 40.14
C GLU A 148 -25.26 21.83 39.54
N LYS A 149 -24.10 22.31 39.13
CA LYS A 149 -24.01 23.66 38.59
C LYS A 149 -24.90 23.90 37.39
N TYR A 150 -25.33 22.83 36.73
CA TYR A 150 -26.17 22.97 35.54
C TYR A 150 -27.64 22.71 35.82
N THR A 151 -27.97 22.72 37.11
CA THR A 151 -29.32 22.47 37.60
C THR A 151 -30.44 23.19 36.83
N ASN A 152 -30.34 24.50 36.65
CA ASN A 152 -31.39 25.21 35.93
C ASN A 152 -31.16 25.27 34.42
N SER A 153 -30.21 24.49 33.93
CA SER A 153 -29.93 24.47 32.49
C SER A 153 -31.08 23.78 31.77
N ASN A 154 -31.15 24.01 30.47
CA ASN A 154 -32.24 23.45 29.69
C ASN A 154 -31.89 22.10 29.04
N VAL A 155 -31.60 21.12 29.89
CA VAL A 155 -31.27 19.77 29.46
C VAL A 155 -31.15 18.90 30.71
N ASP A 156 -31.78 17.73 30.68
CA ASP A 156 -31.74 16.83 31.83
C ASP A 156 -30.42 16.03 31.72
N ILE A 157 -29.58 16.14 32.74
CA ILE A 157 -28.27 15.47 32.73
C ILE A 157 -28.18 14.21 33.61
N HIS A 158 -28.16 13.05 32.98
CA HIS A 158 -28.09 11.80 33.71
C HIS A 158 -26.63 11.45 34.04
N THR A 159 -26.46 10.66 35.10
CA THR A 159 -25.12 10.20 35.49
C THR A 159 -25.21 8.74 35.94
N PHE A 160 -24.20 7.96 35.56
CA PHE A 160 -24.13 6.59 36.00
C PHE A 160 -22.66 6.22 36.02
N ASN A 161 -22.27 5.47 37.04
CA ASN A 161 -20.90 5.03 37.18
C ASN A 161 -20.74 3.70 36.46
N GLN A 162 -19.57 3.47 35.89
CA GLN A 162 -19.32 2.24 35.16
C GLN A 162 -18.84 1.12 36.09
N SER A 163 -18.39 0.01 35.48
CA SER A 163 -17.90 -1.15 36.21
C SER A 163 -16.65 -0.83 36.99
N LYS A 164 -16.46 -1.52 38.10
CA LYS A 164 -15.27 -1.36 38.94
C LYS A 164 -14.80 -2.79 39.23
N TYR A 165 -13.67 -3.17 38.65
CA TYR A 165 -13.10 -4.52 38.84
C TYR A 165 -11.81 -4.50 39.64
N PRO A 166 -11.37 -5.66 40.14
CA PRO A 166 -10.14 -5.67 40.92
C PRO A 166 -8.88 -5.75 40.06
N ARG A 167 -7.82 -5.07 40.48
CA ARG A 167 -6.57 -5.27 39.76
C ARG A 167 -6.22 -6.75 39.94
N VAL A 168 -5.52 -7.31 38.97
CA VAL A 168 -5.14 -8.72 39.01
C VAL A 168 -3.65 -8.78 39.14
N VAL A 169 -3.14 -9.37 40.23
CA VAL A 169 -1.69 -9.47 40.44
C VAL A 169 -1.14 -10.37 39.34
N ALA A 170 -0.22 -9.85 38.53
CA ALA A 170 0.29 -10.61 37.39
C ALA A 170 1.15 -11.81 37.73
N ASP A 171 2.00 -11.69 38.74
CA ASP A 171 2.87 -12.80 39.14
C ASP A 171 2.10 -13.95 39.79
N GLU A 172 0.91 -13.67 40.34
CA GLU A 172 0.08 -14.66 41.03
C GLU A 172 -1.24 -15.04 40.33
N PHE A 173 -1.80 -14.07 39.60
CA PHE A 173 -3.06 -14.23 38.89
C PHE A 173 -4.29 -14.47 39.76
N VAL A 174 -4.41 -13.69 40.83
CA VAL A 174 -5.57 -13.74 41.72
C VAL A 174 -5.96 -12.27 41.90
N PRO A 175 -7.26 -11.99 42.16
CA PRO A 175 -7.70 -10.60 42.35
C PRO A 175 -6.83 -9.92 43.40
N TRP A 176 -6.21 -8.80 43.06
CA TRP A 176 -5.37 -8.11 44.04
C TRP A 176 -6.18 -7.83 45.33
N PRO A 177 -7.47 -7.43 45.21
CA PRO A 177 -8.22 -7.19 46.45
C PRO A 177 -8.20 -8.45 47.34
N SER A 178 -8.31 -9.64 46.72
CA SER A 178 -8.29 -10.90 47.46
C SER A 178 -7.05 -10.98 48.38
N LYS A 179 -6.05 -10.14 48.12
CA LYS A 179 -4.85 -10.11 48.95
C LYS A 179 -4.97 -8.98 49.97
N GLY A 180 -6.12 -8.31 49.99
CA GLY A 180 -6.35 -7.24 50.92
C GLY A 180 -6.24 -5.82 50.39
N LYS A 181 -6.02 -5.66 49.09
CA LYS A 181 -5.92 -4.31 48.51
C LYS A 181 -7.33 -3.92 48.04
N THR A 182 -8.15 -3.51 48.99
CA THR A 182 -9.53 -3.17 48.71
C THR A 182 -9.81 -1.70 48.41
N ASP A 183 -8.84 -0.83 48.68
CA ASP A 183 -9.05 0.61 48.39
C ASP A 183 -8.93 0.80 46.87
N LYS A 184 -9.46 1.92 46.36
CA LYS A 184 -9.46 2.19 44.92
C LYS A 184 -8.16 1.90 44.16
N GLU A 185 -7.03 1.84 44.85
CA GLU A 185 -5.73 1.56 44.21
C GLU A 185 -5.46 0.12 43.73
N GLY A 186 -6.44 -0.77 43.92
CA GLY A 186 -6.26 -2.14 43.46
C GLY A 186 -7.43 -2.61 42.59
N TRP A 187 -8.18 -1.66 42.05
CA TRP A 187 -9.33 -1.93 41.22
C TRP A 187 -9.20 -1.09 39.94
N TYR A 188 -10.05 -1.36 38.93
CA TYR A 188 -10.04 -0.57 37.68
C TYR A 188 -11.40 -0.63 36.96
N PRO A 189 -11.78 0.47 36.27
CA PRO A 189 -13.06 0.50 35.50
C PRO A 189 -12.57 -0.03 34.14
N PRO A 190 -13.00 -1.24 33.74
CA PRO A 190 -12.66 -1.98 32.51
C PRO A 190 -12.94 -1.45 31.10
N GLY A 191 -12.38 -0.29 30.80
CA GLY A 191 -12.50 0.30 29.48
C GLY A 191 -13.85 0.92 29.19
N HIS A 192 -13.98 1.60 28.07
CA HIS A 192 -15.26 2.19 27.75
C HIS A 192 -16.20 1.26 27.02
N GLY A 193 -15.73 0.06 26.66
CA GLY A 193 -16.63 -0.87 26.00
C GLY A 193 -17.75 -1.21 26.98
N ASP A 194 -17.37 -1.25 28.26
CA ASP A 194 -18.27 -1.54 29.39
C ASP A 194 -19.49 -0.61 29.40
N VAL A 195 -19.49 0.38 28.53
CA VAL A 195 -20.63 1.31 28.47
C VAL A 195 -21.96 0.59 28.24
N PHE A 196 -21.98 -0.40 27.36
CA PHE A 196 -23.22 -1.11 27.07
C PHE A 196 -23.76 -1.93 28.24
N PRO A 197 -22.98 -2.91 28.74
CA PRO A 197 -23.57 -3.64 29.87
C PRO A 197 -23.78 -2.71 31.07
N ALA A 198 -22.96 -1.66 31.19
CA ALA A 198 -23.13 -0.72 32.31
C ALA A 198 -24.44 0.07 32.17
N LEU A 199 -24.76 0.53 30.96
CA LEU A 199 -26.01 1.27 30.79
C LEU A 199 -27.17 0.37 31.21
N MET A 200 -27.04 -0.93 30.96
CA MET A 200 -28.07 -1.89 31.35
C MET A 200 -28.09 -2.20 32.86
N ASN A 201 -26.93 -2.40 33.46
CA ASN A 201 -26.89 -2.71 34.90
C ASN A 201 -27.42 -1.52 35.69
N SER A 202 -27.02 -0.32 35.29
CA SER A 202 -27.41 0.92 35.95
C SER A 202 -28.90 1.20 35.93
N GLY A 203 -29.53 1.01 34.77
CA GLY A 203 -30.95 1.28 34.62
C GLY A 203 -31.20 2.44 33.66
N LYS A 204 -30.14 3.16 33.28
CA LYS A 204 -30.34 4.29 32.39
C LYS A 204 -30.95 3.86 31.05
N LEU A 205 -30.63 2.65 30.62
CA LEU A 205 -31.18 2.13 29.36
C LEU A 205 -32.70 1.93 29.50
N ASP A 206 -33.12 1.35 30.61
CA ASP A 206 -34.55 1.13 30.85
C ASP A 206 -35.29 2.46 30.91
N THR A 207 -34.70 3.43 31.61
CA THR A 207 -35.28 4.76 31.77
C THR A 207 -35.45 5.48 30.45
N PHE A 208 -34.48 5.34 29.55
CA PHE A 208 -34.58 6.00 28.26
C PHE A 208 -35.52 5.24 27.34
N LEU A 209 -35.60 3.92 27.52
CA LEU A 209 -36.47 3.10 26.69
C LEU A 209 -37.95 3.33 27.03
N SER A 210 -38.26 3.35 28.32
CA SER A 210 -39.64 3.58 28.75
C SER A 210 -40.10 4.94 28.24
N GLN A 211 -39.14 5.85 28.06
CA GLN A 211 -39.44 7.18 27.56
C GLN A 211 -39.68 7.15 26.05
N GLY A 212 -39.50 5.96 25.46
CA GLY A 212 -39.71 5.83 24.03
C GLY A 212 -38.47 6.11 23.20
N LYS A 213 -37.38 6.51 23.86
CA LYS A 213 -36.13 6.78 23.15
C LYS A 213 -35.68 5.53 22.40
N GLU A 214 -34.95 5.70 21.29
CA GLU A 214 -34.50 4.57 20.50
C GLU A 214 -33.01 4.61 20.21
N TYR A 215 -32.37 5.76 20.39
CA TYR A 215 -30.94 5.87 20.12
C TYR A 215 -30.16 6.56 21.24
N VAL A 216 -28.98 6.02 21.53
CA VAL A 216 -28.12 6.63 22.55
C VAL A 216 -27.04 7.32 21.71
N PHE A 217 -26.47 8.41 22.21
CA PHE A 217 -25.40 9.11 21.51
C PHE A 217 -24.18 9.08 22.44
N VAL A 218 -23.30 8.09 22.25
CA VAL A 218 -22.09 7.92 23.07
C VAL A 218 -20.96 8.75 22.48
N ALA A 219 -20.24 9.43 23.36
CA ALA A 219 -19.09 10.26 23.01
C ALA A 219 -18.33 10.56 24.31
N ASN A 220 -17.00 10.51 24.24
CA ASN A 220 -16.13 10.81 25.38
C ASN A 220 -16.36 12.26 25.76
N SER A 221 -15.31 12.92 26.27
CA SER A 221 -15.39 14.33 26.61
C SER A 221 -14.19 15.10 26.05
N ASP A 222 -13.07 14.44 25.79
CA ASP A 222 -11.91 15.19 25.24
C ASP A 222 -12.00 15.50 23.74
N ASN A 223 -12.98 14.88 23.07
CA ASN A 223 -13.17 15.16 21.65
C ASN A 223 -14.17 16.28 21.50
N LEU A 224 -13.69 17.48 21.22
CA LEU A 224 -14.56 18.64 21.08
C LEU A 224 -15.48 18.65 19.84
N GLY A 225 -15.18 17.82 18.84
CA GLY A 225 -15.97 17.82 17.63
C GLY A 225 -17.24 16.99 17.61
N ALA A 226 -17.50 16.28 18.69
CA ALA A 226 -18.69 15.42 18.79
C ALA A 226 -19.97 16.18 19.16
N ILE A 227 -20.62 16.78 18.16
CA ILE A 227 -21.87 17.50 18.40
C ILE A 227 -23.03 16.73 17.82
N VAL A 228 -24.21 16.86 18.41
CA VAL A 228 -25.35 16.13 17.86
C VAL A 228 -25.72 16.60 16.46
N ASP A 229 -25.78 15.65 15.52
CA ASP A 229 -26.15 15.96 14.15
C ASP A 229 -27.51 15.29 13.91
N LEU A 230 -28.15 15.58 12.78
CA LEU A 230 -29.45 14.97 12.47
C LEU A 230 -29.40 14.19 11.16
N THR A 231 -28.33 14.40 10.40
CA THR A 231 -28.15 13.73 9.12
C THR A 231 -27.73 12.27 9.30
N ILE A 232 -26.87 12.02 10.28
CA ILE A 232 -26.40 10.66 10.55
C ILE A 232 -27.53 9.78 11.06
N LEU A 233 -28.24 10.26 12.07
CA LEU A 233 -29.34 9.50 12.66
C LEU A 233 -30.42 9.13 11.65
N LYS A 234 -30.83 10.12 10.86
CA LYS A 234 -31.86 9.92 9.83
C LYS A 234 -31.47 8.75 8.94
N HIS A 235 -30.19 8.70 8.60
CA HIS A 235 -29.66 7.66 7.74
C HIS A 235 -29.68 6.30 8.43
N LEU A 236 -29.20 6.23 9.67
CA LEU A 236 -29.18 4.97 10.41
C LEU A 236 -30.57 4.37 10.43
N ILE A 237 -31.58 5.23 10.54
CA ILE A 237 -32.96 4.73 10.53
C ILE A 237 -33.36 4.33 9.10
N GLN A 238 -32.82 5.04 8.11
CA GLN A 238 -33.14 4.74 6.69
C GLN A 238 -32.63 3.38 6.23
N ASN A 239 -31.47 2.99 6.75
CA ASN A 239 -30.88 1.73 6.36
C ASN A 239 -30.92 0.69 7.44
N LYS A 240 -31.65 0.98 8.51
CA LYS A 240 -31.75 0.06 9.63
C LYS A 240 -30.35 -0.29 10.15
N ASN A 241 -29.53 0.73 10.35
CA ASN A 241 -28.19 0.51 10.89
C ASN A 241 -28.39 0.59 12.39
N GLU A 242 -28.14 -0.51 13.10
CA GLU A 242 -28.31 -0.49 14.54
C GLU A 242 -27.06 0.06 15.23
N TYR A 243 -25.99 0.25 14.46
CA TYR A 243 -24.74 0.79 15.01
C TYR A 243 -23.97 1.55 13.94
N CYS A 244 -23.41 2.69 14.31
CA CYS A 244 -22.63 3.46 13.35
C CYS A 244 -21.43 4.11 14.03
N MET A 245 -20.25 3.84 13.50
CA MET A 245 -19.02 4.43 14.01
C MET A 245 -18.60 5.57 13.09
N GLU A 246 -18.01 6.63 13.63
CA GLU A 246 -17.54 7.71 12.76
C GLU A 246 -16.04 7.54 12.67
N VAL A 247 -15.55 7.43 11.44
CA VAL A 247 -14.13 7.28 11.19
C VAL A 247 -13.75 8.40 10.22
N THR A 248 -13.00 9.38 10.72
CA THR A 248 -12.55 10.53 9.92
C THR A 248 -11.24 10.10 9.26
N PRO A 249 -10.87 10.71 8.11
CA PRO A 249 -9.62 10.29 7.47
C PRO A 249 -8.39 10.43 8.35
N LYS A 250 -7.49 9.44 8.23
CA LYS A 250 -6.25 9.44 8.99
C LYS A 250 -5.22 10.37 8.36
N THR A 251 -4.12 10.55 9.10
CA THR A 251 -2.97 11.36 8.70
C THR A 251 -1.76 10.69 9.33
N LEU A 252 -0.58 11.29 9.17
CA LEU A 252 0.62 10.70 9.74
C LEU A 252 0.49 10.66 11.25
N ALA A 253 -0.31 11.57 11.80
CA ALA A 253 -0.52 11.63 13.24
C ALA A 253 -1.52 10.59 13.75
N ASP A 254 -2.16 9.87 12.83
CA ASP A 254 -3.17 8.87 13.22
C ASP A 254 -2.80 7.41 12.95
N VAL A 255 -1.55 7.15 12.60
CA VAL A 255 -1.13 5.78 12.28
C VAL A 255 -1.32 4.73 13.36
N LYS A 256 -1.91 5.12 14.48
CA LYS A 256 -2.15 4.18 15.57
C LYS A 256 -3.66 4.06 15.89
N GLY A 257 -4.46 4.95 15.31
CA GLY A 257 -5.90 4.94 15.55
C GLY A 257 -6.55 3.68 14.97
N GLY A 258 -7.46 3.09 15.76
CA GLY A 258 -8.17 1.90 15.34
C GLY A 258 -8.81 2.05 13.97
N THR A 259 -8.80 0.96 13.19
CA THR A 259 -9.34 1.00 11.84
C THR A 259 -10.42 -0.05 11.58
N LEU A 260 -11.29 0.20 10.61
CA LEU A 260 -12.37 -0.77 10.31
C LEU A 260 -12.00 -1.77 9.23
N ILE A 261 -12.45 -3.02 9.40
CA ILE A 261 -12.18 -4.08 8.42
C ILE A 261 -13.29 -5.14 8.47
N SER A 262 -13.21 -6.10 7.56
CA SER A 262 -14.17 -7.20 7.58
C SER A 262 -13.32 -8.40 7.97
N TYR A 263 -13.91 -9.29 8.75
CA TYR A 263 -13.21 -10.47 9.19
C TYR A 263 -14.26 -11.54 9.44
N GLU A 264 -14.21 -12.59 8.63
CA GLU A 264 -15.18 -13.67 8.73
C GLU A 264 -16.61 -13.18 8.51
N GLY A 265 -16.76 -12.22 7.59
CA GLY A 265 -18.07 -11.71 7.22
C GLY A 265 -18.78 -10.70 8.10
N LYS A 266 -18.06 -9.71 8.63
CA LYS A 266 -18.70 -8.72 9.49
C LYS A 266 -17.82 -7.44 9.58
N VAL A 267 -18.45 -6.26 9.58
CA VAL A 267 -17.68 -5.02 9.73
C VAL A 267 -17.20 -5.01 11.21
N GLN A 268 -15.89 -4.92 11.40
CA GLN A 268 -15.33 -4.94 12.74
C GLN A 268 -14.30 -3.84 13.01
N LEU A 269 -13.85 -3.76 14.26
CA LEU A 269 -12.82 -2.81 14.66
C LEU A 269 -11.52 -3.59 14.78
N LEU A 270 -10.43 -3.02 14.27
CA LEU A 270 -9.10 -3.63 14.33
C LEU A 270 -8.18 -2.62 15.01
N GLU A 271 -7.43 -3.09 16.01
CA GLU A 271 -6.48 -2.28 16.79
C GLU A 271 -5.07 -2.86 16.69
N ILE A 272 -4.04 -2.05 16.98
CA ILE A 272 -2.65 -2.55 16.88
C ILE A 272 -2.40 -3.81 17.69
N ALA A 273 -3.06 -3.92 18.84
CA ALA A 273 -2.93 -5.07 19.72
C ALA A 273 -3.27 -6.42 19.06
N GLN A 274 -4.23 -6.43 18.15
CA GLN A 274 -4.58 -7.68 17.47
C GLN A 274 -3.68 -7.92 16.28
N VAL A 275 -2.77 -6.98 16.02
CA VAL A 275 -1.86 -7.07 14.87
C VAL A 275 -0.59 -7.88 15.14
N PRO A 276 -0.32 -8.89 14.31
CA PRO A 276 0.87 -9.74 14.46
C PRO A 276 2.20 -8.97 14.53
N ASP A 277 3.16 -9.55 15.24
CA ASP A 277 4.47 -8.96 15.42
C ASP A 277 4.98 -8.17 14.22
N GLU A 278 5.11 -8.84 13.08
CA GLU A 278 5.61 -8.17 11.87
C GLU A 278 4.55 -7.63 10.91
N HIS A 279 3.50 -7.03 11.46
CA HIS A 279 2.45 -6.48 10.62
C HIS A 279 2.03 -5.07 11.00
N VAL A 280 2.50 -4.61 12.15
CA VAL A 280 2.16 -3.28 12.64
C VAL A 280 2.46 -2.17 11.63
N ASN A 281 3.64 -2.20 11.03
CA ASN A 281 3.99 -1.17 10.06
C ASN A 281 2.97 -1.11 8.92
N GLU A 282 2.45 -2.25 8.50
CA GLU A 282 1.44 -2.30 7.43
C GLU A 282 0.14 -1.70 7.95
N PHE A 283 -0.10 -1.86 9.24
CA PHE A 283 -1.29 -1.32 9.92
C PHE A 283 -1.24 0.21 9.97
N LYS A 284 -0.04 0.73 10.25
CA LYS A 284 0.17 2.17 10.35
C LYS A 284 0.13 2.87 9.00
N SER A 285 0.41 2.13 7.93
CA SER A 285 0.38 2.68 6.59
C SER A 285 -1.01 3.20 6.28
N ILE A 286 -1.15 4.53 6.21
CA ILE A 286 -2.44 5.14 5.94
C ILE A 286 -2.81 4.98 4.48
N GLU A 287 -2.04 4.17 3.77
CA GLU A 287 -2.31 3.90 2.37
C GLU A 287 -3.12 2.59 2.31
N LYS A 288 -2.87 1.70 3.25
CA LYS A 288 -3.57 0.43 3.33
C LYS A 288 -4.87 0.63 4.11
N PHE A 289 -4.72 1.12 5.35
CA PHE A 289 -5.85 1.37 6.24
C PHE A 289 -5.94 2.89 6.32
N LYS A 290 -6.97 3.45 5.69
CA LYS A 290 -7.15 4.90 5.58
C LYS A 290 -8.14 5.62 6.47
N ILE A 291 -8.62 4.96 7.53
CA ILE A 291 -9.58 5.58 8.42
C ILE A 291 -9.31 5.17 9.84
N PHE A 292 -9.74 5.99 10.79
CA PHE A 292 -9.60 5.68 12.20
C PHE A 292 -10.88 6.05 12.96
N ASN A 293 -11.15 5.31 14.05
CA ASN A 293 -12.32 5.50 14.87
C ASN A 293 -12.27 6.77 15.71
N THR A 294 -13.36 7.54 15.69
CA THR A 294 -13.46 8.79 16.45
C THR A 294 -13.93 8.58 17.91
N ASN A 295 -14.80 7.60 18.11
CA ASN A 295 -15.44 7.24 19.37
C ASN A 295 -16.78 7.96 19.58
N ASN A 296 -17.27 8.57 18.50
CA ASN A 296 -18.58 9.18 18.48
C ASN A 296 -19.47 8.05 17.90
N LEU A 297 -20.25 7.40 18.75
CA LEU A 297 -21.09 6.28 18.33
C LEU A 297 -22.58 6.61 18.43
N TRP A 298 -23.37 5.98 17.56
CA TRP A 298 -24.80 6.20 17.52
C TRP A 298 -25.40 4.82 17.54
N VAL A 299 -25.88 4.41 18.71
CA VAL A 299 -26.43 3.08 18.94
C VAL A 299 -27.92 3.09 19.31
N ASN A 300 -28.61 2.02 18.89
CA ASN A 300 -30.03 1.78 19.13
C ASN A 300 -30.16 1.18 20.52
N LEU A 301 -30.94 1.83 21.38
CA LEU A 301 -31.13 1.39 22.78
C LEU A 301 -31.81 0.04 22.97
N LYS A 302 -32.97 -0.15 22.34
CA LYS A 302 -33.69 -1.43 22.45
C LYS A 302 -32.75 -2.54 22.09
N ALA A 303 -31.96 -2.32 21.04
CA ALA A 303 -31.00 -3.32 20.60
C ALA A 303 -30.03 -3.53 21.77
N ILE A 304 -29.27 -2.51 22.14
CA ILE A 304 -28.35 -2.70 23.27
C ILE A 304 -28.99 -3.55 24.37
N LYS A 305 -30.16 -3.12 24.85
CA LYS A 305 -30.84 -3.87 25.90
C LYS A 305 -31.04 -5.32 25.47
N LYS A 306 -31.43 -5.51 24.20
CA LYS A 306 -31.68 -6.84 23.63
C LYS A 306 -30.39 -7.65 23.53
N LEU A 307 -29.29 -6.96 23.19
CA LEU A 307 -28.02 -7.63 23.03
C LEU A 307 -27.18 -7.81 24.30
N VAL A 308 -27.43 -7.00 25.34
CA VAL A 308 -26.67 -7.14 26.59
C VAL A 308 -27.23 -8.35 27.37
N GLU A 309 -28.56 -8.46 27.44
CA GLU A 309 -29.18 -9.55 28.19
C GLU A 309 -28.99 -10.98 27.67
N ALA A 310 -28.57 -11.10 26.41
CA ALA A 310 -28.31 -12.39 25.77
C ALA A 310 -26.87 -12.83 26.01
N ASP A 311 -26.08 -11.91 26.57
CA ASP A 311 -24.66 -12.14 26.87
C ASP A 311 -23.89 -12.32 25.56
N ALA A 312 -24.21 -11.46 24.58
CA ALA A 312 -23.60 -11.53 23.26
C ALA A 312 -22.36 -10.68 23.01
N LEU A 313 -22.31 -9.50 23.60
CA LEU A 313 -21.18 -8.58 23.40
C LEU A 313 -19.83 -9.14 23.87
N LYS A 314 -19.21 -9.93 23.00
CA LYS A 314 -17.91 -10.55 23.31
C LYS A 314 -16.81 -9.71 22.72
N MET A 315 -16.69 -8.48 23.24
CA MET A 315 -15.65 -7.59 22.74
C MET A 315 -14.28 -8.18 23.02
N GLU A 316 -13.32 -7.88 22.15
CA GLU A 316 -11.97 -8.39 22.34
C GLU A 316 -11.38 -7.86 23.63
N ILE A 317 -10.66 -8.73 24.33
CA ILE A 317 -10.04 -8.36 25.60
C ILE A 317 -8.76 -7.56 25.35
N ILE A 318 -8.55 -6.55 26.20
CA ILE A 318 -7.41 -5.67 26.14
C ILE A 318 -6.67 -5.74 27.48
N PRO A 319 -5.55 -6.47 27.54
CA PRO A 319 -4.71 -6.67 28.74
C PRO A 319 -4.30 -5.46 29.58
N ASN A 320 -3.76 -4.43 28.94
CA ASN A 320 -3.31 -3.21 29.63
C ASN A 320 -2.71 -3.40 31.03
N PRO A 321 -1.63 -4.19 31.14
CA PRO A 321 -1.00 -4.41 32.45
C PRO A 321 -0.18 -3.20 32.90
N LYS A 322 -0.21 -2.91 34.20
CA LYS A 322 0.52 -1.77 34.76
C LYS A 322 1.11 -2.11 36.13
N GLU A 323 2.31 -1.61 36.42
CA GLU A 323 2.89 -1.86 37.73
C GLU A 323 2.35 -0.74 38.61
N VAL A 324 1.89 -1.10 39.81
CA VAL A 324 1.33 -0.12 40.74
C VAL A 324 2.00 -0.26 42.10
N ASP A 325 2.98 0.61 42.34
CA ASP A 325 3.71 0.61 43.60
C ASP A 325 4.56 -0.66 43.76
N GLY A 326 5.24 -1.03 42.68
CA GLY A 326 6.09 -2.20 42.72
C GLY A 326 5.36 -3.52 42.48
N VAL A 327 4.03 -3.46 42.43
CA VAL A 327 3.24 -4.65 42.20
C VAL A 327 2.74 -4.67 40.76
N LYS A 328 3.20 -5.66 39.99
CA LYS A 328 2.78 -5.78 38.62
C LYS A 328 1.37 -6.37 38.57
N VAL A 329 0.47 -5.75 37.81
CA VAL A 329 -0.90 -6.24 37.71
C VAL A 329 -1.42 -6.14 36.28
N LEU A 330 -2.59 -6.73 36.08
CA LEU A 330 -3.25 -6.75 34.78
C LEU A 330 -4.69 -6.28 34.89
N GLN A 331 -5.09 -5.40 33.97
CA GLN A 331 -6.47 -4.86 33.91
C GLN A 331 -7.03 -5.29 32.58
N LEU A 332 -8.06 -6.14 32.59
CA LEU A 332 -8.66 -6.58 31.32
C LEU A 332 -9.79 -5.61 30.97
N GLU A 333 -9.77 -5.07 29.76
CA GLU A 333 -10.78 -4.12 29.35
C GLU A 333 -11.32 -4.32 27.94
N THR A 334 -12.39 -3.61 27.62
CA THR A 334 -12.95 -3.67 26.27
C THR A 334 -13.12 -2.25 25.77
N ALA A 335 -12.67 -2.02 24.54
CA ALA A 335 -12.75 -0.69 23.91
C ALA A 335 -13.98 -0.66 23.02
N ALA A 336 -14.93 0.21 23.38
CA ALA A 336 -16.21 0.38 22.67
C ALA A 336 -16.23 0.05 21.17
N GLY A 337 -15.37 0.71 20.42
CA GLY A 337 -15.30 0.48 18.99
C GLY A 337 -15.25 -1.02 18.65
N ALA A 338 -15.03 -1.87 19.66
CA ALA A 338 -14.95 -3.30 19.39
C ALA A 338 -16.29 -4.01 19.30
N ALA A 339 -17.33 -3.39 19.86
CA ALA A 339 -18.64 -4.02 19.80
C ALA A 339 -19.23 -4.03 18.39
N ILE A 340 -18.47 -3.52 17.42
CA ILE A 340 -18.98 -3.44 16.04
C ILE A 340 -19.34 -4.75 15.34
N ARG A 341 -19.25 -5.88 16.04
CA ARG A 341 -19.60 -7.14 15.39
C ARG A 341 -20.80 -7.81 16.06
N PHE A 342 -21.77 -6.97 16.41
CA PHE A 342 -22.95 -7.50 17.09
C PHE A 342 -24.27 -6.88 16.63
N PHE A 343 -24.23 -5.64 16.15
CA PHE A 343 -25.44 -4.92 15.72
C PHE A 343 -25.84 -5.08 14.25
N ASP A 344 -27.14 -5.25 14.03
CA ASP A 344 -27.66 -5.42 12.68
C ASP A 344 -27.22 -4.28 11.79
N ASN A 345 -26.73 -4.63 10.61
CA ASN A 345 -26.24 -3.68 9.61
C ASN A 345 -25.38 -2.58 10.26
N ALA A 346 -24.13 -2.93 10.54
CA ALA A 346 -23.17 -2.01 11.16
C ALA A 346 -22.42 -1.25 10.07
N ILE A 347 -22.20 0.04 10.31
CA ILE A 347 -21.51 0.87 9.35
C ILE A 347 -20.73 1.99 10.00
N GLY A 348 -19.75 2.48 9.27
CA GLY A 348 -18.99 3.61 9.72
C GLY A 348 -19.49 4.73 8.82
N VAL A 349 -19.39 5.96 9.30
CA VAL A 349 -19.78 7.10 8.49
C VAL A 349 -18.52 7.96 8.48
N ASN A 350 -18.00 8.24 7.30
CA ASN A 350 -16.79 9.04 7.18
C ASN A 350 -17.18 10.52 7.37
N VAL A 351 -16.72 11.11 8.46
CA VAL A 351 -17.05 12.49 8.79
C VAL A 351 -15.91 13.49 8.69
N PRO A 352 -16.26 14.78 8.51
CA PRO A 352 -15.26 15.85 8.42
C PRO A 352 -14.60 15.86 9.80
N ARG A 353 -13.31 16.21 9.85
CA ARG A 353 -12.55 16.24 11.10
C ARG A 353 -13.05 17.20 12.16
N SER A 354 -13.91 18.13 11.75
CA SER A 354 -14.47 19.08 12.71
C SER A 354 -15.26 18.32 13.79
N ARG A 355 -15.61 17.06 13.51
CA ARG A 355 -16.34 16.23 14.48
C ARG A 355 -15.31 15.55 15.38
N PHE A 356 -14.03 15.81 15.13
CA PHE A 356 -12.97 15.22 15.93
C PHE A 356 -11.90 16.26 16.31
N LEU A 357 -11.97 16.73 17.56
CA LEU A 357 -11.00 17.69 18.08
C LEU A 357 -10.59 17.28 19.51
N PRO A 358 -9.65 16.32 19.60
CA PRO A 358 -9.10 15.75 20.83
C PRO A 358 -8.02 16.56 21.53
N VAL A 359 -8.09 16.53 22.85
CA VAL A 359 -7.12 17.21 23.71
C VAL A 359 -6.66 16.14 24.68
N LYS A 360 -5.39 15.77 24.60
CA LYS A 360 -4.86 14.74 25.47
C LYS A 360 -3.64 15.26 26.20
N ALA A 361 -3.13 16.37 25.69
CA ALA A 361 -1.96 17.01 26.27
C ALA A 361 -2.09 18.51 26.19
N SER A 362 -1.24 19.22 26.93
CA SER A 362 -1.26 20.66 26.92
C SER A 362 -1.06 21.19 25.50
N SER A 363 -0.42 20.38 24.66
CA SER A 363 -0.14 20.79 23.28
C SER A 363 -1.45 21.03 22.52
N ASP A 364 -2.47 20.22 22.79
CA ASP A 364 -3.75 20.39 22.13
C ASP A 364 -4.42 21.63 22.70
N LEU A 365 -4.20 21.89 23.99
CA LEU A 365 -4.79 23.08 24.60
C LEU A 365 -4.31 24.34 23.88
N LEU A 366 -3.01 24.39 23.60
CA LEU A 366 -2.42 25.52 22.88
C LEU A 366 -3.27 25.84 21.64
N LEU A 367 -3.84 24.78 21.07
CA LEU A 367 -4.69 24.91 19.88
C LEU A 367 -6.03 25.56 20.21
N VAL A 368 -6.81 24.87 21.05
CA VAL A 368 -8.13 25.33 21.43
C VAL A 368 -8.16 26.79 21.85
N GLN A 369 -7.10 27.23 22.51
CA GLN A 369 -7.03 28.59 23.01
C GLN A 369 -6.31 29.56 22.08
N SER A 370 -5.96 29.07 20.89
CA SER A 370 -5.26 29.90 19.91
C SER A 370 -6.26 30.52 18.94
N ASP A 371 -5.81 31.51 18.18
CA ASP A 371 -6.67 32.17 17.23
C ASP A 371 -7.02 31.21 16.08
N LEU A 372 -6.52 29.98 16.15
CA LEU A 372 -6.83 29.00 15.12
C LEU A 372 -8.28 28.57 15.38
N TYR A 373 -8.75 28.88 16.57
CA TYR A 373 -10.10 28.53 16.97
C TYR A 373 -10.81 29.68 17.66
N THR A 374 -12.13 29.55 17.76
CA THR A 374 -12.95 30.55 18.43
C THR A 374 -14.26 29.85 18.82
N LEU A 375 -14.86 30.28 19.92
CA LEU A 375 -16.11 29.71 20.39
C LEU A 375 -17.32 30.43 19.81
N VAL A 376 -18.22 29.66 19.21
CA VAL A 376 -19.44 30.22 18.63
C VAL A 376 -20.62 29.28 18.94
N ASP A 377 -21.56 29.78 19.74
CA ASP A 377 -22.72 28.98 20.14
C ASP A 377 -22.27 27.73 20.87
N GLY A 378 -21.26 27.86 21.72
CA GLY A 378 -20.77 26.73 22.48
C GLY A 378 -19.88 25.78 21.72
N PHE A 379 -19.69 26.03 20.43
CA PHE A 379 -18.86 25.16 19.62
C PHE A 379 -17.49 25.78 19.37
N VAL A 380 -16.46 24.99 19.67
CA VAL A 380 -15.09 25.40 19.42
C VAL A 380 -15.00 25.42 17.90
N THR A 381 -15.23 26.59 17.35
CA THR A 381 -15.27 26.79 15.91
C THR A 381 -13.98 27.27 15.27
N ARG A 382 -13.55 26.56 14.24
CA ARG A 382 -12.31 26.92 13.56
C ARG A 382 -12.47 28.18 12.69
N ASN A 383 -11.59 29.15 12.94
CA ASN A 383 -11.62 30.43 12.24
C ASN A 383 -11.49 30.29 10.73
N LYS A 384 -12.41 30.94 10.01
CA LYS A 384 -12.41 30.89 8.55
C LYS A 384 -11.18 31.57 7.97
N ALA A 385 -10.73 32.63 8.64
CA ALA A 385 -9.56 33.38 8.19
C ALA A 385 -8.35 32.45 8.14
N ARG A 386 -8.56 31.19 8.51
CA ARG A 386 -7.50 30.20 8.49
C ARG A 386 -7.11 29.90 7.05
N THR A 387 -5.85 29.51 6.87
CA THR A 387 -5.32 29.19 5.57
C THR A 387 -5.34 27.68 5.30
N ASN A 388 -4.48 26.96 6.01
CA ASN A 388 -4.39 25.51 5.87
C ASN A 388 -5.61 24.88 6.51
N PRO A 389 -6.17 23.83 5.89
CA PRO A 389 -7.35 23.12 6.42
C PRO A 389 -7.04 22.26 7.65
N SER A 390 -5.76 22.07 7.94
CA SER A 390 -5.32 21.28 9.08
C SER A 390 -4.72 22.17 10.18
N ASN A 391 -4.76 21.68 11.42
CA ASN A 391 -4.21 22.43 12.54
C ASN A 391 -2.69 22.25 12.56
N PRO A 392 -1.94 23.22 13.12
CA PRO A 392 -0.49 23.09 13.16
C PRO A 392 0.00 21.98 14.10
N SER A 393 1.24 21.56 13.92
CA SER A 393 1.84 20.51 14.74
C SER A 393 2.43 21.12 16.00
N ILE A 394 2.02 20.61 17.17
CA ILE A 394 2.47 21.13 18.45
C ILE A 394 3.25 20.13 19.29
N GLU A 395 4.52 20.47 19.55
CA GLU A 395 5.43 19.64 20.34
C GLU A 395 5.98 20.50 21.49
N LEU A 396 6.00 19.96 22.71
CA LEU A 396 6.49 20.71 23.89
C LEU A 396 7.06 19.82 25.01
N GLY A 397 8.11 20.28 25.69
CA GLY A 397 8.69 19.48 26.76
C GLY A 397 7.73 19.17 27.91
N PRO A 398 8.13 18.31 28.88
CA PRO A 398 7.27 17.96 30.02
C PRO A 398 7.00 19.18 30.90
N GLU A 399 7.87 20.18 30.77
CA GLU A 399 7.71 21.44 31.52
C GLU A 399 6.32 22.03 31.23
N PHE A 400 5.70 21.59 30.13
CA PHE A 400 4.37 22.08 29.72
C PHE A 400 3.19 21.13 30.02
N LYS A 401 3.45 19.96 30.61
CA LYS A 401 2.37 19.00 30.90
C LYS A 401 1.27 19.57 31.78
N LYS A 402 1.60 19.89 33.03
CA LYS A 402 0.63 20.46 33.97
C LYS A 402 -0.10 21.64 33.32
N VAL A 403 -1.44 21.61 33.34
CA VAL A 403 -2.23 22.68 32.73
C VAL A 403 -1.88 24.08 33.26
N ALA A 404 -1.63 24.20 34.57
CA ALA A 404 -1.33 25.51 35.14
C ALA A 404 0.07 26.02 34.77
N THR A 405 1.02 25.10 34.69
CA THR A 405 2.38 25.47 34.36
C THR A 405 2.44 25.86 32.88
N PHE A 406 1.71 25.10 32.07
CA PHE A 406 1.60 25.37 30.64
C PHE A 406 1.10 26.81 30.50
N LEU A 407 0.01 27.12 31.21
CA LEU A 407 -0.58 28.44 31.18
C LEU A 407 0.40 29.50 31.68
N SER A 408 1.14 29.18 32.73
CA SER A 408 2.11 30.12 33.28
C SER A 408 3.21 30.40 32.27
N ARG A 409 3.49 29.43 31.40
CA ARG A 409 4.55 29.63 30.41
C ARG A 409 4.08 30.41 29.18
N PHE A 410 2.81 30.77 29.15
CA PHE A 410 2.23 31.53 28.05
C PHE A 410 1.50 32.79 28.55
N LYS A 411 2.17 33.94 28.50
CA LYS A 411 1.52 35.16 28.95
C LYS A 411 0.19 35.29 28.19
N SER A 412 0.24 34.91 26.92
CA SER A 412 -0.95 34.91 26.08
C SER A 412 -0.75 33.77 25.09
N ILE A 413 -1.84 33.12 24.73
CA ILE A 413 -1.77 32.04 23.77
C ILE A 413 -1.38 32.75 22.49
N PRO A 414 -0.14 32.53 22.04
CA PRO A 414 0.41 33.14 20.83
C PRO A 414 -0.43 32.86 19.60
N SER A 415 -0.95 33.93 19.00
CA SER A 415 -1.75 33.79 17.80
C SER A 415 -0.99 32.84 16.88
N ILE A 416 -1.64 31.77 16.44
CA ILE A 416 -1.02 30.80 15.53
C ILE A 416 -1.91 30.70 14.30
N VAL A 417 -2.91 31.58 14.23
CA VAL A 417 -3.86 31.61 13.12
C VAL A 417 -3.08 31.38 11.82
N GLU A 418 -1.84 31.85 11.79
CA GLU A 418 -0.98 31.67 10.61
C GLU A 418 0.24 30.75 10.88
N LEU A 419 0.10 29.86 11.86
CA LEU A 419 1.18 28.94 12.23
C LEU A 419 1.23 27.66 11.39
N ASP A 420 2.24 26.82 11.64
CA ASP A 420 2.43 25.54 10.95
C ASP A 420 3.06 24.37 11.73
N SER A 421 3.92 24.63 12.72
CA SER A 421 4.59 23.54 13.44
C SER A 421 5.43 24.07 14.60
N LEU A 422 5.83 23.20 15.54
CA LEU A 422 6.63 23.68 16.68
C LEU A 422 7.33 22.63 17.53
N LYS A 423 8.54 22.97 17.94
CA LYS A 423 9.39 22.11 18.77
C LYS A 423 9.97 22.93 19.91
N VAL A 424 9.74 22.49 21.16
CA VAL A 424 10.25 23.20 22.33
C VAL A 424 10.71 22.27 23.44
N SER A 425 11.90 22.51 23.96
CA SER A 425 12.41 21.69 25.05
C SER A 425 13.14 22.59 26.05
N GLY A 426 13.10 22.23 27.33
CA GLY A 426 13.80 23.03 28.33
C GLY A 426 13.07 24.31 28.78
N ASP A 427 13.63 24.97 29.80
CA ASP A 427 13.03 26.18 30.36
C ASP A 427 12.68 27.22 29.29
N VAL A 428 11.38 27.47 29.13
CA VAL A 428 10.86 28.41 28.12
C VAL A 428 9.55 29.11 28.58
N TRP A 429 9.57 30.45 28.65
CA TRP A 429 8.40 31.24 29.03
C TRP A 429 8.06 32.25 27.92
N PHE A 430 6.81 32.24 27.44
CA PHE A 430 6.36 33.16 26.37
C PHE A 430 5.64 34.39 26.93
N GLY A 431 5.90 35.55 26.30
CA GLY A 431 5.26 36.80 26.70
C GLY A 431 3.82 36.96 26.22
N SER A 432 3.30 38.18 26.30
CA SER A 432 1.92 38.50 25.91
C SER A 432 1.75 39.00 24.48
N SER A 433 0.53 38.87 23.99
CA SER A 433 0.15 39.28 22.63
C SER A 433 1.21 38.89 21.63
N ILE A 434 1.79 37.70 21.80
CA ILE A 434 2.80 37.22 20.88
C ILE A 434 2.07 36.66 19.67
N VAL A 435 2.73 36.68 18.52
CA VAL A 435 2.12 36.16 17.30
C VAL A 435 3.07 35.15 16.68
N LEU A 436 2.53 33.99 16.33
CA LEU A 436 3.33 32.90 15.75
C LEU A 436 2.83 32.58 14.34
N LYS A 437 3.76 32.53 13.39
CA LYS A 437 3.41 32.23 12.00
C LYS A 437 4.36 31.22 11.36
N GLY A 438 3.82 30.41 10.46
CA GLY A 438 4.63 29.43 9.76
C GLY A 438 5.26 28.41 10.69
N LYS A 439 6.56 28.19 10.49
CA LYS A 439 7.30 27.23 11.31
C LYS A 439 8.05 28.03 12.38
N VAL A 440 8.02 27.54 13.61
CA VAL A 440 8.69 28.20 14.73
C VAL A 440 9.21 27.17 15.72
N THR A 441 10.41 27.42 16.22
CA THR A 441 11.02 26.52 17.19
C THR A 441 11.62 27.33 18.35
N VAL A 442 11.36 26.89 19.57
CA VAL A 442 11.89 27.55 20.77
C VAL A 442 12.51 26.47 21.67
N ALA A 443 13.77 26.15 21.41
CA ALA A 443 14.46 25.13 22.19
C ALA A 443 15.51 25.67 23.16
N ALA A 444 15.25 25.55 24.47
CA ALA A 444 16.18 26.02 25.49
C ALA A 444 17.07 24.88 25.98
N LYS A 445 18.38 25.07 25.89
CA LYS A 445 19.31 24.02 26.32
C LYS A 445 19.27 23.79 27.84
N SER A 446 19.92 22.71 28.28
CA SER A 446 19.95 22.35 29.69
C SER A 446 20.39 23.53 30.57
N GLY A 447 19.58 23.83 31.57
CA GLY A 447 19.87 24.92 32.50
C GLY A 447 19.84 26.31 31.87
N VAL A 448 19.00 26.47 30.85
CA VAL A 448 18.91 27.75 30.17
C VAL A 448 17.48 28.27 30.01
N LYS A 449 16.98 29.02 30.99
CA LYS A 449 15.63 29.55 30.89
C LYS A 449 15.61 30.60 29.77
N LEU A 450 14.56 30.53 28.95
CA LEU A 450 14.39 31.45 27.84
C LEU A 450 13.00 32.07 27.90
N GLU A 451 12.94 33.39 28.02
CA GLU A 451 11.67 34.08 28.10
C GLU A 451 11.46 34.86 26.81
N ILE A 452 10.30 34.67 26.17
CA ILE A 452 9.97 35.38 24.94
C ILE A 452 9.14 36.59 25.35
N PRO A 453 9.61 37.80 25.00
CA PRO A 453 8.92 39.05 25.35
C PRO A 453 7.59 39.34 24.65
N ASP A 454 6.75 40.13 25.31
CA ASP A 454 5.45 40.50 24.77
C ASP A 454 5.57 41.13 23.40
N ARG A 455 4.50 41.05 22.62
CA ARG A 455 4.42 41.59 21.26
C ARG A 455 5.37 40.93 20.28
N ALA A 456 6.11 39.93 20.73
CA ALA A 456 7.03 39.25 19.83
C ALA A 456 6.29 38.61 18.68
N VAL A 457 6.76 38.86 17.47
CA VAL A 457 6.16 38.24 16.29
C VAL A 457 7.22 37.25 15.79
N VAL A 458 7.17 36.04 16.34
CA VAL A 458 8.11 34.98 15.98
C VAL A 458 7.57 34.38 14.71
N GLU A 459 8.36 34.46 13.65
CA GLU A 459 7.94 33.97 12.33
C GLU A 459 9.05 33.29 11.52
N ASN A 460 8.88 31.99 11.26
CA ASN A 460 9.85 31.24 10.48
C ASN A 460 11.25 31.47 11.02
N LYS A 461 11.44 31.21 12.32
CA LYS A 461 12.73 31.42 12.96
C LYS A 461 13.04 30.40 14.05
N ASN A 462 14.33 30.11 14.23
CA ASN A 462 14.79 29.19 15.25
C ASN A 462 15.32 29.98 16.45
N ILE A 463 14.74 29.73 17.62
CA ILE A 463 15.15 30.41 18.83
C ILE A 463 15.75 29.40 19.81
N ASN A 464 17.07 29.35 19.85
CA ASN A 464 17.73 28.41 20.73
C ASN A 464 18.75 29.02 21.66
N GLY A 465 18.65 30.33 21.85
CA GLY A 465 19.56 31.03 22.73
C GLY A 465 19.03 32.42 23.01
N PRO A 466 19.45 33.06 24.11
CA PRO A 466 19.01 34.40 24.48
C PRO A 466 19.37 35.37 23.36
N GLU A 467 20.44 35.06 22.65
CA GLU A 467 20.91 35.89 21.56
C GLU A 467 19.84 36.05 20.49
N ASP A 468 18.93 35.07 20.40
CA ASP A 468 17.87 35.14 19.41
C ASP A 468 16.68 35.90 19.97
N LEU A 469 16.96 36.91 20.79
CA LEU A 469 15.93 37.74 21.41
C LEU A 469 14.90 36.89 22.14
N LEU B 8 44.23 -8.09 -9.97
CA LEU B 8 44.83 -8.94 -11.05
C LEU B 8 44.44 -8.50 -12.46
N PRO B 9 44.19 -7.19 -12.67
CA PRO B 9 43.80 -6.74 -14.01
C PRO B 9 44.76 -7.11 -15.16
N GLN B 10 45.82 -7.84 -14.84
CA GLN B 10 46.77 -8.26 -15.88
C GLN B 10 46.03 -9.12 -16.91
N LEU B 11 44.75 -9.38 -16.65
CA LEU B 11 43.92 -10.17 -17.58
C LEU B 11 43.91 -9.42 -18.90
N LYS B 12 44.22 -8.12 -18.84
CA LYS B 12 44.27 -7.27 -20.03
C LYS B 12 45.29 -7.80 -21.04
N SER B 13 46.21 -8.66 -20.60
CA SER B 13 47.23 -9.22 -21.49
C SER B 13 46.71 -10.36 -22.35
N ALA B 14 45.82 -11.18 -21.78
CA ALA B 14 45.22 -12.28 -22.52
C ALA B 14 44.32 -11.62 -23.57
N VAL B 15 43.57 -10.63 -23.11
CA VAL B 15 42.65 -9.93 -24.00
C VAL B 15 43.34 -9.38 -25.24
N ASP B 16 44.34 -8.52 -25.07
CA ASP B 16 45.05 -7.95 -26.23
C ASP B 16 45.59 -9.01 -27.19
N GLY B 17 45.74 -10.24 -26.69
CA GLY B 17 46.22 -11.34 -27.50
C GLY B 17 45.09 -12.12 -28.18
N LEU B 18 43.84 -11.73 -27.96
CA LEU B 18 42.70 -12.42 -28.54
C LEU B 18 42.24 -11.73 -29.84
N THR B 19 42.64 -12.30 -30.98
CA THR B 19 42.29 -11.74 -32.29
C THR B 19 40.79 -11.71 -32.65
N GLU B 20 40.01 -12.63 -32.08
CA GLU B 20 38.58 -12.69 -32.37
C GLU B 20 37.81 -11.57 -31.70
N MET B 21 38.55 -10.56 -31.24
CA MET B 21 37.96 -9.41 -30.57
C MET B 21 38.55 -8.13 -31.20
N SER B 22 37.70 -7.30 -31.81
CA SER B 22 38.22 -6.06 -32.38
C SER B 22 38.67 -5.21 -31.19
N GLU B 23 39.47 -4.19 -31.44
CA GLU B 23 39.90 -3.33 -30.33
C GLU B 23 38.65 -2.73 -29.64
N SER B 24 37.56 -2.64 -30.40
CA SER B 24 36.28 -2.13 -29.91
C SER B 24 35.84 -2.96 -28.70
N GLU B 25 35.76 -4.27 -28.91
CA GLU B 25 35.33 -5.20 -27.88
C GLU B 25 36.33 -5.25 -26.73
N LYS B 26 37.63 -5.19 -27.01
CA LYS B 26 38.63 -5.22 -25.95
C LYS B 26 38.41 -4.08 -24.96
N SER B 27 38.21 -2.87 -25.49
CA SER B 27 37.99 -1.66 -24.68
C SER B 27 36.75 -1.78 -23.78
N GLY B 28 35.64 -2.24 -24.36
CA GLY B 28 34.42 -2.40 -23.59
C GLY B 28 34.57 -3.46 -22.49
N PHE B 29 35.19 -4.58 -22.83
CA PHE B 29 35.38 -5.66 -21.87
C PHE B 29 36.29 -5.20 -20.73
N ILE B 30 37.49 -4.77 -21.06
CA ILE B 30 38.41 -4.30 -20.04
C ILE B 30 37.71 -3.34 -19.08
N SER B 31 36.94 -2.43 -19.65
CA SER B 31 36.19 -1.43 -18.90
C SER B 31 35.25 -2.12 -17.91
N LEU B 32 34.51 -3.10 -18.42
CA LEU B 32 33.54 -3.83 -17.61
C LEU B 32 34.29 -4.61 -16.52
N VAL B 33 35.49 -5.09 -16.86
CA VAL B 33 36.27 -5.83 -15.87
C VAL B 33 36.81 -4.82 -14.86
N SER B 34 37.13 -3.62 -15.34
CA SER B 34 37.65 -2.57 -14.48
C SER B 34 36.67 -2.25 -13.36
N ARG B 35 35.43 -1.92 -13.73
CA ARG B 35 34.39 -1.59 -12.77
C ARG B 35 34.11 -2.74 -11.81
N TYR B 36 34.10 -3.95 -12.36
CA TYR B 36 33.84 -5.14 -11.56
C TYR B 36 34.81 -5.26 -10.40
N LEU B 37 35.88 -4.48 -10.46
CA LEU B 37 36.92 -4.49 -9.41
C LEU B 37 37.42 -3.08 -9.10
N ILE B 44 22.30 -1.64 -3.10
CA ILE B 44 21.78 -0.27 -3.13
C ILE B 44 21.63 0.23 -1.69
N GLU B 45 21.69 1.54 -1.49
CA GLU B 45 21.50 2.07 -0.15
C GLU B 45 20.01 1.97 0.08
N TRP B 46 19.60 0.82 0.59
CA TRP B 46 18.18 0.59 0.81
C TRP B 46 17.44 1.78 1.34
N SER B 47 18.11 2.54 2.21
CA SER B 47 17.47 3.69 2.82
C SER B 47 17.35 4.92 1.92
N LYS B 48 18.17 4.97 0.87
CA LYS B 48 18.17 6.10 -0.06
C LYS B 48 17.14 5.93 -1.16
N ILE B 49 16.42 4.82 -1.12
CA ILE B 49 15.41 4.52 -2.13
C ILE B 49 14.12 5.28 -1.90
N GLN B 50 13.50 5.67 -3.01
CA GLN B 50 12.23 6.40 -3.03
C GLN B 50 11.31 5.78 -4.08
N THR B 51 10.04 5.60 -3.74
CA THR B 51 9.06 5.04 -4.68
C THR B 51 8.68 6.12 -5.70
N PRO B 52 8.70 5.81 -7.01
CA PRO B 52 8.33 6.83 -8.02
C PRO B 52 6.87 7.26 -8.01
N THR B 53 6.62 8.51 -8.44
CA THR B 53 5.26 9.05 -8.54
C THR B 53 4.78 9.03 -10.00
N ASP B 54 3.56 9.52 -10.21
CA ASP B 54 2.94 9.58 -11.54
C ASP B 54 3.72 10.45 -12.54
N GLU B 55 4.55 11.35 -12.05
CA GLU B 55 5.35 12.19 -12.94
C GLU B 55 6.65 11.47 -13.32
N ILE B 56 6.97 10.38 -12.62
CA ILE B 56 8.17 9.58 -12.89
C ILE B 56 7.70 8.31 -13.62
N VAL B 57 6.62 7.75 -13.10
CA VAL B 57 5.98 6.57 -13.68
C VAL B 57 4.68 7.12 -14.23
N VAL B 58 4.68 7.42 -15.52
CA VAL B 58 3.51 8.02 -16.17
C VAL B 58 2.45 6.97 -16.52
N PRO B 59 1.24 7.11 -15.95
CA PRO B 59 0.24 6.09 -16.32
C PRO B 59 -0.01 6.16 -17.84
N TYR B 60 -0.02 5.02 -18.50
CA TYR B 60 -0.22 4.97 -19.95
C TYR B 60 -1.53 5.62 -20.36
N GLU B 61 -2.52 5.59 -19.48
CA GLU B 61 -3.81 6.18 -19.79
C GLU B 61 -3.91 7.68 -19.55
N LYS B 62 -2.85 8.26 -18.99
CA LYS B 62 -2.83 9.68 -18.74
C LYS B 62 -2.07 10.40 -19.85
N MET B 63 -1.67 9.65 -20.88
CA MET B 63 -0.94 10.23 -22.00
C MET B 63 -1.91 10.66 -23.09
N THR B 64 -1.51 11.61 -23.92
CA THR B 64 -2.36 12.07 -25.01
C THR B 64 -2.14 11.16 -26.22
N PRO B 65 -3.14 10.35 -26.58
CA PRO B 65 -2.91 9.50 -27.74
C PRO B 65 -2.85 10.32 -29.01
N VAL B 66 -2.44 9.70 -30.11
CA VAL B 66 -2.35 10.47 -31.33
C VAL B 66 -3.77 10.86 -31.77
N SER B 67 -3.87 11.99 -32.45
CA SER B 67 -5.14 12.49 -32.96
C SER B 67 -5.62 11.53 -34.05
N GLN B 68 -6.76 11.85 -34.66
CA GLN B 68 -7.28 11.02 -35.72
C GLN B 68 -6.87 11.52 -37.09
N ASP B 69 -5.76 12.28 -37.13
CA ASP B 69 -5.25 12.81 -38.41
C ASP B 69 -4.03 11.95 -38.73
N VAL B 70 -4.13 11.14 -39.78
CA VAL B 70 -3.04 10.20 -40.12
C VAL B 70 -1.73 10.87 -40.44
N ALA B 71 -1.78 12.17 -40.71
CA ALA B 71 -0.54 12.92 -40.96
C ALA B 71 0.31 12.96 -39.65
N GLU B 72 -0.35 13.04 -38.50
CA GLU B 72 0.38 13.07 -37.23
C GLU B 72 1.06 11.71 -37.00
N THR B 73 0.34 10.64 -37.33
CA THR B 73 0.88 9.29 -37.19
C THR B 73 2.07 9.08 -38.16
N LYS B 74 1.90 9.46 -39.41
CA LYS B 74 2.98 9.30 -40.39
C LYS B 74 4.21 10.09 -39.93
N ASN B 75 4.00 11.34 -39.51
CA ASN B 75 5.10 12.19 -39.05
C ASN B 75 5.94 11.49 -37.96
N LEU B 76 5.26 10.87 -36.99
CA LEU B 76 5.96 10.16 -35.92
C LEU B 76 6.72 8.91 -36.40
N LEU B 77 6.13 8.14 -37.31
CA LEU B 77 6.81 6.93 -37.78
C LEU B 77 8.13 7.20 -38.51
N ASP B 78 8.56 8.46 -38.54
CA ASP B 78 9.84 8.70 -39.23
C ASP B 78 10.95 8.99 -38.23
N LYS B 79 10.59 9.24 -36.98
CA LYS B 79 11.62 9.60 -35.98
C LYS B 79 12.02 8.40 -35.14
N LEU B 80 11.69 7.21 -35.63
CA LEU B 80 11.93 5.97 -34.91
C LEU B 80 12.78 4.91 -35.62
N VAL B 81 13.43 4.08 -34.81
CA VAL B 81 14.20 2.92 -35.25
C VAL B 81 13.67 1.85 -34.29
N VAL B 82 13.20 0.73 -34.83
CA VAL B 82 12.73 -0.36 -33.96
C VAL B 82 13.83 -1.43 -34.07
N LEU B 83 14.28 -1.90 -32.91
CA LEU B 83 15.30 -2.93 -32.80
C LEU B 83 14.77 -4.07 -31.93
N LYS B 84 15.19 -5.29 -32.28
CA LYS B 84 14.78 -6.45 -31.51
C LYS B 84 16.03 -7.15 -30.99
N LEU B 85 16.06 -7.42 -29.70
CA LEU B 85 17.18 -8.12 -29.06
C LEU B 85 17.01 -9.59 -29.47
N ASN B 86 18.00 -10.13 -30.20
CA ASN B 86 17.88 -11.49 -30.71
C ASN B 86 19.21 -12.26 -30.51
N GLY B 87 19.78 -12.14 -29.33
CA GLY B 87 21.03 -12.83 -29.04
C GLY B 87 20.72 -14.03 -28.17
N GLY B 88 19.44 -14.20 -27.88
CA GLY B 88 18.99 -15.29 -27.05
C GLY B 88 18.71 -16.56 -27.83
N LEU B 89 19.41 -17.63 -27.45
CA LEU B 89 19.24 -18.93 -28.09
C LEU B 89 18.13 -19.64 -27.35
N GLY B 90 17.39 -20.49 -28.05
CA GLY B 90 16.30 -21.20 -27.43
C GLY B 90 16.60 -22.61 -26.94
N THR B 91 17.87 -22.91 -26.70
CA THR B 91 18.22 -24.26 -26.24
C THR B 91 17.41 -24.77 -25.01
N THR B 92 17.05 -23.89 -24.09
CA THR B 92 16.27 -24.34 -22.92
C THR B 92 14.87 -24.86 -23.30
N MET B 93 14.42 -24.49 -24.50
CA MET B 93 13.12 -24.93 -25.00
C MET B 93 13.35 -26.03 -26.04
N GLY B 94 14.50 -26.69 -25.89
CA GLY B 94 14.89 -27.80 -26.76
C GLY B 94 15.02 -27.46 -28.23
N CYS B 95 15.58 -26.28 -28.52
CA CYS B 95 15.77 -25.79 -29.89
C CYS B 95 17.20 -25.23 -30.04
N THR B 96 17.86 -25.55 -31.16
CA THR B 96 19.24 -25.13 -31.39
C THR B 96 19.46 -23.65 -31.76
N GLY B 97 19.10 -23.27 -32.99
CA GLY B 97 19.28 -21.91 -33.46
C GLY B 97 18.70 -20.76 -32.63
N PRO B 98 18.60 -19.56 -33.24
CA PRO B 98 18.06 -18.37 -32.58
C PRO B 98 16.64 -18.63 -32.05
N LYS B 99 16.30 -18.05 -30.91
CA LYS B 99 14.96 -18.23 -30.33
C LYS B 99 13.88 -17.76 -31.33
N SER B 100 14.14 -16.64 -31.99
CA SER B 100 13.21 -16.08 -32.95
C SER B 100 12.87 -17.00 -34.14
N VAL B 101 13.52 -18.16 -34.22
CA VAL B 101 13.27 -19.06 -35.34
C VAL B 101 12.24 -20.11 -34.99
N ILE B 102 11.84 -20.13 -33.73
CA ILE B 102 10.79 -21.04 -33.29
C ILE B 102 9.52 -20.52 -33.97
N GLU B 103 8.67 -21.44 -34.42
CA GLU B 103 7.43 -21.08 -35.09
C GLU B 103 6.37 -20.59 -34.12
N VAL B 104 5.82 -19.42 -34.40
CA VAL B 104 4.78 -18.82 -33.57
C VAL B 104 3.43 -19.32 -34.01
N ARG B 105 3.10 -19.10 -35.28
CA ARG B 105 1.82 -19.55 -35.82
C ARG B 105 1.88 -19.66 -37.34
N ASP B 106 1.17 -20.66 -37.87
CA ASP B 106 1.11 -20.91 -39.30
C ASP B 106 2.46 -21.12 -39.96
N GLY B 107 3.36 -21.81 -39.25
CA GLY B 107 4.69 -22.08 -39.77
C GLY B 107 5.56 -20.81 -39.84
N LEU B 108 5.03 -19.70 -39.35
CA LEU B 108 5.75 -18.42 -39.35
C LEU B 108 6.54 -18.26 -38.05
N THR B 109 7.75 -17.74 -38.17
CA THR B 109 8.64 -17.52 -37.04
C THR B 109 8.53 -16.07 -36.51
N PHE B 110 8.80 -15.88 -35.23
CA PHE B 110 8.75 -14.54 -34.64
C PHE B 110 9.34 -13.51 -35.61
N LEU B 111 10.36 -13.91 -36.37
CA LEU B 111 10.95 -13.00 -37.36
C LEU B 111 9.96 -12.64 -38.49
N ASP B 112 9.13 -13.60 -38.91
CA ASP B 112 8.14 -13.34 -39.97
C ASP B 112 7.13 -12.27 -39.54
N LEU B 113 6.65 -12.37 -38.30
CA LEU B 113 5.64 -11.45 -37.79
C LEU B 113 6.24 -10.03 -37.64
N ILE B 114 7.45 -9.97 -37.12
CA ILE B 114 8.13 -8.69 -36.96
C ILE B 114 8.19 -7.95 -38.29
N VAL B 115 8.66 -8.64 -39.33
CA VAL B 115 8.73 -8.00 -40.64
C VAL B 115 7.34 -7.74 -41.22
N ILE B 116 6.37 -8.63 -40.97
CA ILE B 116 5.04 -8.42 -41.53
C ILE B 116 4.43 -7.12 -41.04
N GLN B 117 4.57 -6.91 -39.73
CA GLN B 117 4.01 -5.71 -39.12
C GLN B 117 4.71 -4.45 -39.62
N ILE B 118 6.04 -4.44 -39.59
CA ILE B 118 6.76 -3.24 -40.02
C ILE B 118 6.56 -3.08 -41.54
N GLU B 119 6.50 -4.20 -42.25
CA GLU B 119 6.25 -4.17 -43.69
C GLU B 119 4.87 -3.53 -43.93
N ASN B 120 3.89 -3.89 -43.10
CA ASN B 120 2.54 -3.35 -43.23
C ASN B 120 2.41 -1.85 -42.91
N LEU B 121 3.17 -1.39 -41.93
CA LEU B 121 3.15 0.01 -41.53
C LEU B 121 3.60 0.97 -42.63
N ASN B 122 4.82 0.77 -43.12
CA ASN B 122 5.37 1.63 -44.16
C ASN B 122 4.45 1.66 -45.39
N ASN B 123 4.16 0.48 -45.94
CA ASN B 123 3.29 0.38 -47.11
C ASN B 123 1.93 1.03 -46.87
N LYS B 124 1.50 1.07 -45.60
CA LYS B 124 0.19 1.66 -45.28
C LYS B 124 0.20 3.15 -44.97
N TYR B 125 1.22 3.61 -44.25
CA TYR B 125 1.32 5.01 -43.85
C TYR B 125 2.30 5.87 -44.66
N GLY B 126 3.03 5.25 -45.58
CA GLY B 126 3.97 6.03 -46.38
C GLY B 126 5.33 6.22 -45.75
N CYS B 127 5.54 5.66 -44.57
CA CYS B 127 6.83 5.79 -43.91
C CYS B 127 7.70 4.63 -44.37
N LYS B 128 8.95 4.63 -43.93
CA LYS B 128 9.89 3.58 -44.26
C LYS B 128 10.64 3.22 -42.99
N VAL B 129 9.92 2.86 -41.94
CA VAL B 129 10.53 2.48 -40.68
C VAL B 129 11.48 1.30 -40.85
N PRO B 130 12.78 1.52 -40.55
CA PRO B 130 13.72 0.39 -40.71
C PRO B 130 13.63 -0.55 -39.53
N LEU B 131 14.01 -1.80 -39.78
CA LEU B 131 14.06 -2.83 -38.74
C LEU B 131 15.54 -3.12 -38.50
N VAL B 132 15.91 -3.28 -37.24
CA VAL B 132 17.28 -3.60 -36.87
C VAL B 132 17.24 -4.81 -35.96
N LEU B 133 17.91 -5.89 -36.39
CA LEU B 133 17.98 -7.11 -35.60
C LEU B 133 19.38 -7.19 -34.99
N MET B 134 19.43 -7.10 -33.67
CA MET B 134 20.69 -7.21 -32.98
C MET B 134 20.86 -8.69 -32.70
N ASN B 135 21.70 -9.34 -33.50
CA ASN B 135 21.98 -10.76 -33.28
C ASN B 135 23.34 -10.83 -32.60
N SER B 136 23.71 -12.00 -32.07
CA SER B 136 25.03 -12.20 -31.42
C SER B 136 25.90 -13.03 -32.36
N PHE B 137 27.11 -13.36 -31.95
CA PHE B 137 27.95 -14.19 -32.81
C PHE B 137 27.30 -15.55 -33.04
N ASN B 138 26.46 -16.01 -32.09
CA ASN B 138 25.82 -17.33 -32.23
C ASN B 138 24.63 -17.36 -33.16
N THR B 139 24.00 -16.21 -33.35
CA THR B 139 22.85 -16.12 -34.23
C THR B 139 23.14 -15.25 -35.45
N HIS B 140 24.33 -14.66 -35.53
CA HIS B 140 24.60 -13.72 -36.63
C HIS B 140 24.65 -14.33 -38.02
N ASP B 141 25.36 -15.44 -38.18
CA ASP B 141 25.43 -16.11 -39.49
C ASP B 141 24.09 -16.70 -39.93
N ASP B 142 23.39 -17.36 -39.02
CA ASP B 142 22.10 -17.94 -39.37
C ASP B 142 21.11 -16.85 -39.70
N THR B 143 21.12 -15.80 -38.90
CA THR B 143 20.19 -14.69 -39.14
C THR B 143 20.49 -14.01 -40.46
N HIS B 144 21.75 -13.66 -40.66
CA HIS B 144 22.16 -12.98 -41.89
C HIS B 144 21.69 -13.76 -43.12
N LYS B 145 21.72 -15.08 -43.02
CA LYS B 145 21.27 -15.94 -44.10
C LYS B 145 19.73 -16.00 -44.15
N ILE B 146 19.11 -16.16 -42.98
CA ILE B 146 17.66 -16.25 -42.89
C ILE B 146 16.94 -15.02 -43.48
N VAL B 147 17.47 -13.81 -43.24
CA VAL B 147 16.80 -12.61 -43.73
C VAL B 147 16.66 -12.51 -45.23
N GLU B 148 17.27 -13.46 -45.93
CA GLU B 148 17.20 -13.50 -47.38
C GLU B 148 15.76 -13.61 -47.87
N LYS B 149 14.94 -14.37 -47.15
CA LYS B 149 13.54 -14.56 -47.54
C LYS B 149 12.70 -13.30 -47.69
N TYR B 150 13.10 -12.22 -47.04
CA TYR B 150 12.33 -10.97 -47.12
C TYR B 150 12.94 -9.90 -48.02
N THR B 151 13.90 -10.29 -48.85
CA THR B 151 14.53 -9.33 -49.77
C THR B 151 13.49 -8.72 -50.70
N ASN B 152 12.24 -9.17 -50.56
CA ASN B 152 11.13 -8.70 -51.38
C ASN B 152 10.11 -7.92 -50.55
N SER B 153 10.52 -7.36 -49.41
CA SER B 153 9.62 -6.60 -48.54
C SER B 153 9.92 -5.11 -48.47
N ASN B 154 8.91 -4.31 -48.13
CA ASN B 154 9.09 -2.86 -48.00
C ASN B 154 9.50 -2.45 -46.59
N VAL B 155 10.77 -2.72 -46.25
CA VAL B 155 11.37 -2.38 -44.95
C VAL B 155 12.88 -2.65 -44.96
N ASP B 156 13.70 -1.66 -44.59
CA ASP B 156 15.14 -1.93 -44.52
C ASP B 156 15.27 -2.96 -43.39
N ILE B 157 16.00 -4.04 -43.65
CA ILE B 157 16.18 -5.14 -42.71
C ILE B 157 17.65 -5.28 -42.30
N HIS B 158 18.03 -4.65 -41.18
CA HIS B 158 19.42 -4.69 -40.70
C HIS B 158 19.63 -5.76 -39.65
N THR B 159 20.69 -6.53 -39.81
CA THR B 159 21.01 -7.56 -38.82
C THR B 159 22.49 -7.49 -38.55
N PHE B 160 22.87 -6.59 -37.65
CA PHE B 160 24.28 -6.45 -37.33
C PHE B 160 24.60 -7.37 -36.16
N ASN B 161 25.88 -7.64 -35.91
CA ASN B 161 26.24 -8.52 -34.82
C ASN B 161 26.56 -7.73 -33.54
N GLN B 162 26.26 -8.26 -32.36
CA GLN B 162 26.61 -7.53 -31.15
C GLN B 162 28.02 -7.94 -30.68
N SER B 163 28.42 -7.55 -29.46
CA SER B 163 29.76 -7.86 -28.96
C SER B 163 29.98 -9.33 -28.61
N LYS B 164 31.19 -9.82 -28.89
CA LYS B 164 31.58 -11.20 -28.56
C LYS B 164 32.64 -11.11 -27.45
N TYR B 165 32.35 -11.70 -26.29
CA TYR B 165 33.27 -11.59 -25.17
C TYR B 165 33.81 -12.94 -24.78
N PRO B 166 35.09 -13.01 -24.37
CA PRO B 166 35.63 -14.31 -23.98
C PRO B 166 35.13 -14.69 -22.60
N ARG B 167 34.78 -15.97 -22.41
CA ARG B 167 34.36 -16.39 -21.09
C ARG B 167 35.61 -16.39 -20.23
N VAL B 168 35.43 -16.38 -18.90
CA VAL B 168 36.57 -16.36 -17.99
C VAL B 168 36.56 -17.49 -16.95
N VAL B 169 37.66 -18.24 -16.90
CA VAL B 169 37.78 -19.34 -15.94
C VAL B 169 37.74 -18.81 -14.51
N ALA B 170 36.81 -19.35 -13.72
CA ALA B 170 36.62 -18.92 -12.34
C ALA B 170 37.78 -19.14 -11.37
N ASP B 171 38.44 -20.29 -11.44
CA ASP B 171 39.55 -20.57 -10.53
C ASP B 171 40.91 -20.10 -11.01
N GLU B 172 40.93 -19.13 -11.91
CA GLU B 172 42.20 -18.60 -12.43
C GLU B 172 42.02 -17.14 -12.82
N PHE B 173 40.82 -16.82 -13.28
CA PHE B 173 40.45 -15.49 -13.74
C PHE B 173 41.13 -15.22 -15.07
N VAL B 174 41.04 -16.19 -15.98
CA VAL B 174 41.64 -16.06 -17.30
C VAL B 174 40.74 -16.46 -18.47
N PRO B 175 40.91 -15.77 -19.61
CA PRO B 175 40.17 -15.97 -20.87
C PRO B 175 40.31 -17.39 -21.41
N TRP B 176 39.23 -18.16 -21.37
CA TRP B 176 39.25 -19.54 -21.85
C TRP B 176 39.98 -19.61 -23.21
N PRO B 177 39.55 -18.77 -24.18
CA PRO B 177 40.16 -18.73 -25.51
C PRO B 177 41.71 -18.74 -25.47
N SER B 178 42.26 -17.98 -24.51
CA SER B 178 43.71 -17.90 -24.36
C SER B 178 44.23 -19.31 -24.16
N LYS B 179 43.46 -20.11 -23.42
CA LYS B 179 43.84 -21.49 -23.14
C LYS B 179 43.50 -22.38 -24.32
N GLY B 180 43.13 -21.78 -25.44
CA GLY B 180 42.81 -22.56 -26.61
C GLY B 180 41.32 -22.84 -26.86
N LYS B 181 40.46 -22.49 -25.92
CA LYS B 181 39.03 -22.72 -26.09
C LYS B 181 38.49 -21.59 -26.94
N THR B 182 38.90 -21.54 -28.20
CA THR B 182 38.50 -20.48 -29.11
C THR B 182 37.20 -20.70 -29.87
N ASP B 183 36.68 -21.93 -29.87
CA ASP B 183 35.42 -22.20 -30.53
C ASP B 183 34.37 -21.42 -29.74
N LYS B 184 33.14 -21.37 -30.24
CA LYS B 184 32.09 -20.62 -29.56
C LYS B 184 32.00 -20.74 -28.04
N GLU B 185 32.18 -21.95 -27.50
CA GLU B 185 32.07 -22.11 -26.05
C GLU B 185 33.10 -21.30 -25.26
N GLY B 186 34.10 -20.75 -25.93
CA GLY B 186 35.11 -19.95 -25.24
C GLY B 186 34.63 -18.51 -25.10
N TRP B 187 33.39 -18.27 -25.49
CA TRP B 187 32.81 -16.93 -25.45
C TRP B 187 31.35 -16.90 -24.97
N TYR B 188 30.86 -15.71 -24.62
CA TYR B 188 29.47 -15.54 -24.16
C TYR B 188 29.03 -14.12 -24.47
N PRO B 189 27.70 -13.85 -24.41
CA PRO B 189 26.99 -12.56 -24.62
C PRO B 189 27.05 -11.81 -23.29
N PRO B 190 27.35 -10.50 -23.29
CA PRO B 190 27.42 -9.79 -22.03
C PRO B 190 26.16 -8.99 -21.70
N GLY B 191 25.03 -9.55 -22.11
CA GLY B 191 23.75 -8.93 -21.83
C GLY B 191 23.33 -7.83 -22.79
N HIS B 192 22.04 -7.53 -22.73
CA HIS B 192 21.51 -6.48 -23.60
C HIS B 192 21.88 -5.08 -23.13
N GLY B 193 22.74 -4.98 -22.12
CA GLY B 193 23.19 -3.67 -21.67
C GLY B 193 24.20 -3.20 -22.72
N ASP B 194 24.75 -4.19 -23.40
CA ASP B 194 25.73 -3.97 -24.46
C ASP B 194 25.04 -3.55 -25.78
N VAL B 195 23.73 -3.77 -25.88
CA VAL B 195 23.01 -3.40 -27.11
C VAL B 195 23.39 -1.99 -27.53
N PHE B 196 23.45 -1.07 -26.56
CA PHE B 196 23.76 0.33 -26.86
C PHE B 196 25.23 0.54 -27.29
N PRO B 197 26.20 0.29 -26.39
CA PRO B 197 27.55 0.52 -26.92
C PRO B 197 27.73 -0.15 -28.26
N ALA B 198 27.15 -1.34 -28.41
CA ALA B 198 27.26 -2.11 -29.66
C ALA B 198 26.48 -1.47 -30.82
N LEU B 199 25.33 -0.87 -30.52
CA LEU B 199 24.52 -0.23 -31.55
C LEU B 199 25.23 1.01 -32.12
N MET B 200 25.95 1.71 -31.26
CA MET B 200 26.67 2.91 -31.62
C MET B 200 27.99 2.59 -32.33
N ASN B 201 28.67 1.55 -31.85
CA ASN B 201 29.96 1.15 -32.40
C ASN B 201 29.94 0.17 -33.54
N SER B 202 28.77 -0.38 -33.85
CA SER B 202 28.65 -1.35 -34.94
C SER B 202 28.76 -0.66 -36.29
N GLY B 203 28.32 0.61 -36.31
CA GLY B 203 28.29 1.43 -37.50
C GLY B 203 26.87 1.89 -37.83
N LYS B 204 25.84 1.20 -37.33
CA LYS B 204 24.44 1.55 -37.63
C LYS B 204 23.85 2.84 -37.04
N LEU B 205 24.17 3.12 -35.78
CA LEU B 205 23.60 4.32 -35.14
C LEU B 205 23.75 5.64 -35.96
N ASP B 206 24.96 5.91 -36.44
CA ASP B 206 25.19 7.15 -37.18
C ASP B 206 24.35 7.28 -38.46
N THR B 207 24.14 6.16 -39.14
CA THR B 207 23.37 6.15 -40.39
C THR B 207 21.88 6.50 -40.14
N PHE B 208 21.24 5.84 -39.17
CA PHE B 208 19.83 6.14 -38.84
C PHE B 208 19.75 7.62 -38.57
N LEU B 209 20.60 8.10 -37.67
CA LEU B 209 20.65 9.52 -37.39
C LEU B 209 20.80 10.26 -38.74
N SER B 210 21.68 9.77 -39.60
CA SER B 210 21.85 10.42 -40.90
C SER B 210 20.49 10.65 -41.57
N GLN B 211 19.51 9.80 -41.26
CA GLN B 211 18.20 9.95 -41.90
C GLN B 211 17.12 10.76 -41.15
N GLY B 212 17.48 11.36 -40.02
CA GLY B 212 16.51 12.16 -39.29
C GLY B 212 15.69 11.37 -38.28
N LYS B 213 16.08 10.14 -37.96
CA LYS B 213 15.35 9.38 -36.97
C LYS B 213 15.74 10.01 -35.62
N GLU B 214 14.98 9.76 -34.56
CA GLU B 214 15.31 10.35 -33.25
C GLU B 214 15.30 9.41 -32.06
N TYR B 215 14.49 8.36 -32.17
CA TYR B 215 14.34 7.39 -31.09
C TYR B 215 14.39 5.97 -31.60
N VAL B 216 14.70 5.04 -30.69
CA VAL B 216 14.70 3.64 -31.04
C VAL B 216 13.78 2.94 -30.04
N PHE B 217 12.86 2.14 -30.58
CA PHE B 217 11.95 1.34 -29.75
C PHE B 217 12.64 -0.03 -29.75
N VAL B 218 13.09 -0.46 -28.58
CA VAL B 218 13.81 -1.71 -28.39
C VAL B 218 12.98 -2.75 -27.64
N ALA B 219 13.03 -3.99 -28.07
CA ALA B 219 12.32 -5.06 -27.37
C ALA B 219 12.92 -6.41 -27.75
N ASN B 220 12.76 -7.41 -26.89
CA ASN B 220 13.25 -8.74 -27.21
C ASN B 220 12.39 -9.31 -28.35
N SER B 221 12.98 -10.18 -29.17
CA SER B 221 12.21 -10.78 -30.26
C SER B 221 11.24 -11.82 -29.65
N ASP B 222 11.30 -12.03 -28.34
CA ASP B 222 10.40 -13.05 -27.79
C ASP B 222 9.18 -12.48 -27.10
N ASN B 223 9.04 -11.16 -27.09
CA ASN B 223 7.88 -10.54 -26.49
C ASN B 223 6.94 -10.14 -27.64
N LEU B 224 6.03 -11.06 -28.00
CA LEU B 224 5.07 -10.84 -29.07
C LEU B 224 4.29 -9.56 -28.88
N GLY B 225 4.06 -9.19 -27.61
CA GLY B 225 3.33 -7.98 -27.31
C GLY B 225 4.03 -6.68 -27.67
N ALA B 226 5.35 -6.73 -27.86
CA ALA B 226 6.17 -5.54 -28.16
C ALA B 226 5.85 -4.90 -29.51
N ILE B 227 4.70 -4.25 -29.60
CA ILE B 227 4.30 -3.63 -30.83
C ILE B 227 4.57 -2.14 -30.79
N VAL B 228 4.64 -1.51 -31.96
CA VAL B 228 4.88 -0.08 -32.00
C VAL B 228 3.65 0.70 -31.53
N ASP B 229 3.86 1.67 -30.65
CA ASP B 229 2.78 2.51 -30.14
C ASP B 229 3.23 3.99 -30.15
N LEU B 230 2.42 4.84 -30.76
CA LEU B 230 2.79 6.22 -30.88
C LEU B 230 2.40 7.11 -29.70
N THR B 231 1.41 6.69 -28.90
CA THR B 231 1.05 7.48 -27.72
C THR B 231 2.32 7.66 -26.86
N ILE B 232 3.09 6.59 -26.70
CA ILE B 232 4.33 6.66 -25.92
C ILE B 232 5.39 7.58 -26.58
N LEU B 233 5.50 7.48 -27.92
CA LEU B 233 6.46 8.26 -28.66
C LEU B 233 6.03 9.72 -28.74
N LYS B 234 4.72 9.95 -28.70
CA LYS B 234 4.21 11.32 -28.72
C LYS B 234 4.62 12.01 -27.42
N HIS B 235 4.79 11.21 -26.36
CA HIS B 235 5.16 11.72 -25.05
C HIS B 235 6.67 12.01 -24.89
N LEU B 236 7.51 11.10 -25.42
CA LEU B 236 8.97 11.25 -25.31
C LEU B 236 9.40 12.52 -26.00
N ILE B 237 8.73 12.80 -27.12
CA ILE B 237 9.01 14.00 -27.94
C ILE B 237 8.51 15.28 -27.31
N GLN B 238 7.20 15.36 -27.05
CA GLN B 238 6.62 16.54 -26.46
C GLN B 238 7.32 16.95 -25.16
N ASN B 239 7.76 15.94 -24.39
CA ASN B 239 8.43 16.14 -23.10
C ASN B 239 9.95 15.99 -23.22
N LYS B 240 10.43 15.74 -24.42
CA LYS B 240 11.86 15.59 -24.61
C LYS B 240 12.39 14.47 -23.69
N ASN B 241 11.57 13.44 -23.48
CA ASN B 241 11.99 12.33 -22.63
C ASN B 241 13.04 11.56 -23.42
N GLU B 242 14.26 11.46 -22.91
CA GLU B 242 15.30 10.73 -23.66
C GLU B 242 15.28 9.22 -23.51
N TYR B 243 14.40 8.72 -22.64
CA TYR B 243 14.30 7.28 -22.41
C TYR B 243 13.00 7.03 -21.67
N CYS B 244 12.33 5.93 -22.05
CA CYS B 244 11.07 5.54 -21.41
C CYS B 244 11.09 4.03 -21.26
N MET B 245 11.23 3.52 -20.05
CA MET B 245 11.22 2.07 -19.84
C MET B 245 9.79 1.56 -19.69
N GLU B 246 9.46 0.50 -20.43
CA GLU B 246 8.13 -0.09 -20.30
C GLU B 246 8.10 -1.13 -19.16
N VAL B 247 7.29 -0.86 -18.13
CA VAL B 247 7.06 -1.75 -17.02
C VAL B 247 5.56 -2.01 -17.20
N THR B 248 4.92 -2.77 -16.32
CA THR B 248 3.47 -3.03 -16.47
C THR B 248 2.93 -3.53 -15.12
N PRO B 249 1.59 -3.57 -14.92
CA PRO B 249 1.14 -4.05 -13.60
C PRO B 249 1.71 -5.38 -13.16
N LYS B 250 2.29 -5.39 -11.97
CA LYS B 250 2.88 -6.60 -11.38
C LYS B 250 1.81 -7.42 -10.61
N THR B 251 1.73 -8.72 -10.88
CA THR B 251 0.80 -9.64 -10.18
C THR B 251 1.65 -10.53 -9.28
N LEU B 252 1.02 -11.45 -8.54
CA LEU B 252 1.82 -12.32 -7.69
C LEU B 252 2.71 -13.15 -8.60
N ALA B 253 2.33 -13.22 -9.88
CA ALA B 253 3.13 -13.99 -10.83
C ALA B 253 4.39 -13.22 -11.18
N ASP B 254 4.38 -11.91 -10.91
CA ASP B 254 5.54 -11.09 -11.27
C ASP B 254 6.34 -10.62 -10.07
N VAL B 255 5.81 -10.91 -8.88
CA VAL B 255 6.38 -10.49 -7.61
C VAL B 255 7.86 -10.17 -7.70
N LYS B 256 8.62 -11.02 -8.39
CA LYS B 256 10.07 -10.80 -8.53
C LYS B 256 10.57 -9.90 -9.69
N GLY B 257 9.68 -9.32 -10.48
CA GLY B 257 10.14 -8.49 -11.58
C GLY B 257 10.92 -7.27 -11.06
N GLY B 258 11.96 -6.86 -11.78
CA GLY B 258 12.73 -5.69 -11.36
C GLY B 258 11.84 -4.46 -11.50
N THR B 259 11.89 -3.58 -10.49
CA THR B 259 11.08 -2.39 -10.48
C THR B 259 11.91 -1.13 -10.69
N LEU B 260 11.27 0.01 -10.55
CA LEU B 260 11.99 1.26 -10.72
C LEU B 260 11.75 2.12 -9.51
N ILE B 261 12.79 2.88 -9.18
CA ILE B 261 12.78 3.80 -8.06
C ILE B 261 13.37 5.07 -8.66
N SER B 262 13.11 6.22 -8.02
CA SER B 262 13.67 7.48 -8.48
C SER B 262 14.84 7.67 -7.52
N TYR B 263 16.00 7.11 -7.86
CA TYR B 263 17.14 7.21 -6.98
C TYR B 263 17.87 8.53 -7.17
N GLU B 264 17.80 9.38 -6.15
CA GLU B 264 18.49 10.66 -6.22
C GLU B 264 18.04 11.61 -7.31
N GLY B 265 16.75 11.90 -7.34
CA GLY B 265 16.23 12.85 -8.30
C GLY B 265 15.80 12.36 -9.66
N LYS B 266 16.24 11.16 -10.04
CA LYS B 266 15.92 10.59 -11.34
C LYS B 266 15.41 9.16 -11.23
N VAL B 267 14.91 8.62 -12.35
CA VAL B 267 14.40 7.26 -12.47
C VAL B 267 15.52 6.21 -12.56
N GLN B 268 15.32 5.05 -11.93
CA GLN B 268 16.35 4.01 -11.91
C GLN B 268 15.83 2.58 -11.64
N LEU B 269 16.47 1.59 -12.26
CA LEU B 269 16.12 0.17 -12.11
C LEU B 269 16.81 -0.51 -10.93
N LEU B 270 16.12 -1.49 -10.32
CA LEU B 270 16.67 -2.26 -9.22
C LEU B 270 16.28 -3.74 -9.33
N GLU B 271 17.28 -4.62 -9.34
CA GLU B 271 17.02 -6.07 -9.37
C GLU B 271 17.19 -6.50 -7.93
N ILE B 272 16.60 -7.63 -7.58
CA ILE B 272 16.70 -8.10 -6.21
C ILE B 272 18.19 -8.28 -5.84
N ALA B 273 19.05 -8.50 -6.82
CA ALA B 273 20.48 -8.66 -6.51
C ALA B 273 21.06 -7.45 -5.77
N GLN B 274 20.47 -6.29 -5.95
CA GLN B 274 20.96 -5.07 -5.30
C GLN B 274 20.31 -4.79 -3.96
N VAL B 275 19.36 -5.62 -3.56
CA VAL B 275 18.65 -5.47 -2.30
C VAL B 275 19.22 -6.37 -1.20
N PRO B 276 19.40 -5.83 0.02
CA PRO B 276 19.93 -6.67 1.12
C PRO B 276 18.90 -7.74 1.49
N ASP B 277 19.35 -8.84 2.10
CA ASP B 277 18.42 -9.92 2.46
C ASP B 277 17.24 -9.46 3.27
N GLU B 278 17.53 -8.61 4.26
CA GLU B 278 16.53 -8.08 5.18
C GLU B 278 15.44 -7.25 4.50
N HIS B 279 15.65 -6.92 3.22
CA HIS B 279 14.69 -6.12 2.46
C HIS B 279 14.02 -6.86 1.30
N VAL B 280 14.42 -8.09 1.05
CA VAL B 280 13.85 -8.88 -0.06
C VAL B 280 12.32 -9.01 -0.02
N ASN B 281 11.77 -9.34 1.15
CA ASN B 281 10.33 -9.49 1.28
C ASN B 281 9.67 -8.13 1.05
N GLU B 282 10.38 -7.06 1.41
CA GLU B 282 9.90 -5.70 1.21
C GLU B 282 9.92 -5.43 -0.29
N PHE B 283 11.06 -5.68 -0.91
CA PHE B 283 11.24 -5.50 -2.35
C PHE B 283 10.17 -6.35 -3.04
N LYS B 284 10.10 -7.62 -2.66
CA LYS B 284 9.18 -8.57 -3.25
C LYS B 284 7.71 -8.39 -2.92
N SER B 285 7.36 -7.26 -2.32
CA SER B 285 5.97 -6.99 -2.01
C SER B 285 5.36 -6.21 -3.16
N ILE B 286 4.32 -6.75 -3.77
CA ILE B 286 3.66 -6.06 -4.86
C ILE B 286 2.80 -4.93 -4.28
N GLU B 287 2.87 -4.78 -2.96
CA GLU B 287 2.15 -3.72 -2.27
C GLU B 287 2.90 -2.39 -2.39
N LYS B 288 4.21 -2.41 -2.15
CA LYS B 288 5.04 -1.20 -2.17
C LYS B 288 5.62 -0.87 -3.55
N PHE B 289 6.11 -1.92 -4.21
CA PHE B 289 6.70 -1.82 -5.55
C PHE B 289 5.69 -2.51 -6.46
N LYS B 290 4.89 -1.68 -7.13
CA LYS B 290 3.77 -2.14 -7.94
C LYS B 290 4.02 -2.47 -9.39
N ILE B 291 5.25 -2.22 -9.84
CA ILE B 291 5.61 -2.38 -11.24
C ILE B 291 6.91 -3.13 -11.55
N PHE B 292 6.95 -3.74 -12.73
CA PHE B 292 8.14 -4.44 -13.19
C PHE B 292 8.45 -4.10 -14.65
N ASN B 293 9.73 -3.96 -14.95
CA ASN B 293 10.21 -3.64 -16.31
C ASN B 293 10.10 -4.79 -17.33
N THR B 294 9.67 -4.44 -18.56
CA THR B 294 9.48 -5.40 -19.67
C THR B 294 10.68 -5.69 -20.58
N ASN B 295 11.33 -4.61 -21.00
CA ASN B 295 12.47 -4.53 -21.94
C ASN B 295 12.07 -3.94 -23.33
N ASN B 296 10.85 -3.38 -23.42
CA ASN B 296 10.36 -2.64 -24.60
C ASN B 296 10.95 -1.29 -24.19
N LEU B 297 12.10 -0.98 -24.74
CA LEU B 297 12.86 0.22 -24.40
C LEU B 297 12.87 1.22 -25.52
N TRP B 298 12.53 2.45 -25.17
CA TRP B 298 12.46 3.56 -26.11
C TRP B 298 13.65 4.42 -25.77
N VAL B 299 14.50 4.69 -26.75
CA VAL B 299 15.68 5.47 -26.46
C VAL B 299 15.98 6.50 -27.54
N ASN B 300 16.22 7.73 -27.08
CA ASN B 300 16.54 8.86 -27.95
C ASN B 300 17.93 8.65 -28.51
N LEU B 301 18.03 8.62 -29.84
CA LEU B 301 19.29 8.37 -30.54
C LEU B 301 20.42 9.30 -30.15
N LYS B 302 20.20 10.59 -30.30
CA LYS B 302 21.23 11.59 -29.94
C LYS B 302 21.68 11.42 -28.49
N ALA B 303 20.72 11.20 -27.59
CA ALA B 303 21.03 11.02 -26.16
C ALA B 303 21.87 9.78 -26.02
N ILE B 304 21.61 8.79 -26.87
CA ILE B 304 22.37 7.54 -26.83
C ILE B 304 23.82 7.90 -27.17
N LYS B 305 24.05 8.26 -28.43
CA LYS B 305 25.41 8.63 -28.88
C LYS B 305 26.16 9.50 -27.88
N LYS B 306 25.57 10.65 -27.55
CA LYS B 306 26.19 11.62 -26.63
C LYS B 306 26.53 10.99 -25.26
N LEU B 307 25.99 9.78 -25.02
CA LEU B 307 26.25 9.10 -23.77
C LEU B 307 27.25 7.98 -23.90
N VAL B 308 27.27 7.33 -25.05
CA VAL B 308 28.21 6.23 -25.29
C VAL B 308 29.62 6.79 -25.56
N GLU B 309 29.71 7.73 -26.50
CA GLU B 309 31.01 8.32 -26.81
C GLU B 309 31.67 9.07 -25.62
N ALA B 310 30.91 9.29 -24.55
CA ALA B 310 31.43 9.99 -23.38
C ALA B 310 31.76 9.00 -22.27
N ASP B 311 31.60 7.71 -22.58
CA ASP B 311 31.87 6.63 -21.63
C ASP B 311 31.06 6.87 -20.37
N ALA B 312 29.77 7.15 -20.56
CA ALA B 312 28.87 7.46 -19.46
C ALA B 312 27.98 6.32 -18.96
N LEU B 313 27.65 5.37 -19.85
CA LEU B 313 26.77 4.25 -19.47
C LEU B 313 27.49 3.19 -18.63
N LYS B 314 27.32 3.29 -17.32
CA LYS B 314 27.94 2.35 -16.39
C LYS B 314 26.87 1.58 -15.62
N MET B 315 26.27 0.60 -16.31
CA MET B 315 25.22 -0.20 -15.71
C MET B 315 25.77 -1.19 -14.70
N GLU B 316 24.93 -1.54 -13.73
CA GLU B 316 25.29 -2.49 -12.69
C GLU B 316 25.81 -3.76 -13.33
N ILE B 317 26.82 -4.36 -12.70
CA ILE B 317 27.41 -5.59 -13.20
C ILE B 317 26.58 -6.81 -12.77
N ILE B 318 26.32 -7.69 -13.73
CA ILE B 318 25.55 -8.89 -13.46
C ILE B 318 26.45 -10.10 -13.63
N PRO B 319 26.85 -10.72 -12.52
CA PRO B 319 27.69 -11.90 -12.71
C PRO B 319 26.73 -12.98 -13.18
N ASN B 320 27.19 -13.83 -14.08
CA ASN B 320 26.36 -14.89 -14.61
C ASN B 320 27.23 -16.14 -14.77
N PRO B 321 27.67 -16.70 -13.65
CA PRO B 321 28.51 -17.90 -13.60
C PRO B 321 27.81 -19.08 -14.24
N LYS B 322 28.59 -19.93 -14.90
CA LYS B 322 28.07 -21.12 -15.55
C LYS B 322 29.14 -22.21 -15.45
N GLU B 323 28.79 -23.41 -15.91
CA GLU B 323 29.72 -24.53 -15.92
C GLU B 323 29.65 -25.15 -17.31
N VAL B 324 30.78 -25.18 -18.00
CA VAL B 324 30.84 -25.73 -19.35
C VAL B 324 32.00 -26.73 -19.43
N ASP B 325 31.81 -27.84 -20.12
CA ASP B 325 32.85 -28.86 -20.26
C ASP B 325 33.48 -29.20 -18.90
N GLY B 326 32.74 -28.95 -17.82
CA GLY B 326 33.25 -29.24 -16.48
C GLY B 326 34.13 -28.14 -15.92
N VAL B 327 34.06 -26.95 -16.52
CA VAL B 327 34.86 -25.82 -16.07
C VAL B 327 33.99 -24.63 -15.65
N LYS B 328 34.12 -24.21 -14.39
CA LYS B 328 33.35 -23.10 -13.90
C LYS B 328 33.65 -21.92 -14.82
N VAL B 329 32.76 -21.67 -15.78
CA VAL B 329 32.92 -20.57 -16.70
C VAL B 329 32.18 -19.40 -16.09
N LEU B 330 32.74 -18.20 -16.21
CA LEU B 330 32.11 -17.01 -15.65
C LEU B 330 31.71 -16.05 -16.77
N GLN B 331 30.49 -15.55 -16.68
CA GLN B 331 29.98 -14.60 -17.66
C GLN B 331 29.57 -13.34 -16.90
N LEU B 332 30.15 -12.21 -17.28
CA LEU B 332 29.83 -10.94 -16.66
C LEU B 332 28.87 -10.29 -17.64
N GLU B 333 27.60 -10.21 -17.25
CA GLU B 333 26.63 -9.64 -18.14
C GLU B 333 26.11 -8.31 -17.66
N THR B 334 25.24 -7.73 -18.47
CA THR B 334 24.62 -6.46 -18.15
C THR B 334 23.22 -6.47 -18.74
N ALA B 335 22.40 -5.49 -18.38
CA ALA B 335 21.03 -5.39 -18.87
C ALA B 335 20.74 -3.98 -19.43
N ALA B 336 19.97 -3.91 -20.51
CA ALA B 336 19.67 -2.63 -21.14
C ALA B 336 18.78 -1.66 -20.33
N GLY B 337 17.73 -2.19 -19.69
CA GLY B 337 16.82 -1.33 -18.92
C GLY B 337 17.55 -0.61 -17.80
N ALA B 338 18.87 -0.67 -17.83
CA ALA B 338 19.67 -0.04 -16.82
C ALA B 338 20.20 1.34 -17.25
N ALA B 339 19.97 1.69 -18.52
CA ALA B 339 20.42 2.97 -19.06
C ALA B 339 19.42 4.13 -18.94
N ILE B 340 18.32 3.91 -18.24
CA ILE B 340 17.28 4.89 -18.10
C ILE B 340 17.64 6.18 -17.31
N ARG B 341 18.48 6.00 -16.30
CA ARG B 341 18.93 7.10 -15.45
C ARG B 341 19.94 7.99 -16.18
N PHE B 342 20.78 7.40 -17.03
CA PHE B 342 21.80 8.16 -17.76
C PHE B 342 21.21 9.17 -18.76
N PHE B 343 19.89 9.15 -18.92
CA PHE B 343 19.21 10.00 -19.88
C PHE B 343 18.36 11.13 -19.32
N ASP B 344 18.19 12.17 -20.12
CA ASP B 344 17.43 13.34 -19.70
C ASP B 344 15.90 13.10 -19.70
N ASN B 345 15.23 13.56 -18.65
CA ASN B 345 13.77 13.45 -18.45
C ASN B 345 13.24 12.06 -18.81
N ALA B 346 13.72 11.06 -18.07
CA ALA B 346 13.31 9.68 -18.30
C ALA B 346 12.12 9.34 -17.39
N ILE B 347 11.27 8.43 -17.85
CA ILE B 347 10.15 8.00 -17.04
C ILE B 347 10.19 6.49 -17.05
N GLY B 348 9.25 5.92 -16.33
CA GLY B 348 9.04 4.50 -16.27
C GLY B 348 7.53 4.50 -16.25
N VAL B 349 6.96 4.71 -17.44
CA VAL B 349 5.51 4.74 -17.64
C VAL B 349 4.93 3.44 -17.11
N ASN B 350 3.61 3.34 -17.01
CA ASN B 350 3.05 2.09 -16.49
C ASN B 350 1.98 1.65 -17.47
N VAL B 351 2.17 0.46 -18.05
CA VAL B 351 1.25 -0.01 -19.08
C VAL B 351 0.55 -1.38 -18.89
N PRO B 352 -0.53 -1.61 -19.65
CA PRO B 352 -1.29 -2.88 -19.59
C PRO B 352 -0.41 -4.02 -20.08
N ARG B 353 -0.54 -5.19 -19.42
CA ARG B 353 0.24 -6.37 -19.75
C ARG B 353 -0.03 -6.83 -21.18
N SER B 354 -1.08 -6.28 -21.79
CA SER B 354 -1.38 -6.66 -23.15
C SER B 354 -0.25 -6.25 -24.14
N ARG B 355 0.57 -5.27 -23.75
CA ARG B 355 1.68 -4.89 -24.63
C ARG B 355 2.90 -5.73 -24.27
N PHE B 356 2.71 -6.72 -23.40
CA PHE B 356 3.79 -7.61 -22.98
C PHE B 356 3.32 -9.05 -23.20
N LEU B 357 3.80 -9.65 -24.27
CA LEU B 357 3.40 -11.01 -24.61
C LEU B 357 4.63 -11.82 -25.01
N PRO B 358 5.41 -12.27 -24.00
CA PRO B 358 6.61 -13.07 -24.20
C PRO B 358 6.28 -14.57 -24.29
N VAL B 359 7.19 -15.31 -24.88
CA VAL B 359 7.07 -16.75 -25.00
C VAL B 359 8.43 -17.26 -24.48
N LYS B 360 8.46 -17.73 -23.24
CA LYS B 360 9.69 -18.23 -22.62
C LYS B 360 9.72 -19.73 -22.37
N ALA B 361 8.57 -20.39 -22.57
CA ALA B 361 8.46 -21.84 -22.36
C ALA B 361 7.41 -22.30 -23.37
N SER B 362 7.48 -23.54 -23.84
CA SER B 362 6.49 -23.92 -24.83
C SER B 362 5.05 -23.95 -24.31
N SER B 363 4.83 -23.68 -23.03
CA SER B 363 3.45 -23.62 -22.56
C SER B 363 2.92 -22.28 -23.10
N ASP B 364 3.84 -21.36 -23.35
CA ASP B 364 3.47 -20.04 -23.90
C ASP B 364 3.13 -20.21 -25.39
N LEU B 365 3.81 -21.15 -26.03
CA LEU B 365 3.53 -21.43 -27.44
C LEU B 365 2.14 -22.00 -27.61
N LEU B 366 1.69 -22.78 -26.63
CA LEU B 366 0.35 -23.37 -26.68
C LEU B 366 -0.62 -22.21 -26.55
N LEU B 367 -0.35 -21.32 -25.59
CA LEU B 367 -1.24 -20.18 -25.40
C LEU B 367 -1.55 -19.47 -26.71
N VAL B 368 -0.51 -19.17 -27.48
CA VAL B 368 -0.69 -18.43 -28.73
C VAL B 368 -1.17 -19.26 -29.92
N GLN B 369 -0.68 -20.50 -30.04
CA GLN B 369 -1.11 -21.38 -31.13
C GLN B 369 -2.52 -21.91 -30.87
N SER B 370 -3.14 -21.45 -29.80
CA SER B 370 -4.51 -21.87 -29.47
C SER B 370 -5.50 -20.82 -29.97
N ASP B 371 -6.79 -21.12 -29.82
CA ASP B 371 -7.84 -20.21 -30.26
C ASP B 371 -7.87 -18.93 -29.41
N LEU B 372 -6.99 -18.85 -28.42
CA LEU B 372 -6.93 -17.64 -27.59
C LEU B 372 -6.44 -16.50 -28.50
N TYR B 373 -5.71 -16.85 -29.56
CA TYR B 373 -5.17 -15.88 -30.54
C TYR B 373 -5.32 -16.38 -32.00
N THR B 374 -5.08 -15.49 -32.95
CA THR B 374 -5.09 -15.79 -34.39
C THR B 374 -4.13 -14.74 -34.96
N LEU B 375 -3.60 -14.99 -36.15
CA LEU B 375 -2.70 -14.00 -36.73
C LEU B 375 -3.52 -13.08 -37.61
N VAL B 376 -3.36 -11.77 -37.41
CA VAL B 376 -4.06 -10.76 -38.21
C VAL B 376 -3.06 -9.69 -38.62
N ASP B 377 -2.77 -9.64 -39.92
CA ASP B 377 -1.81 -8.71 -40.45
C ASP B 377 -0.49 -8.88 -39.68
N GLY B 378 -0.23 -10.10 -39.23
CA GLY B 378 1.00 -10.37 -38.52
C GLY B 378 1.04 -10.22 -37.01
N PHE B 379 -0.06 -9.77 -36.41
CA PHE B 379 -0.13 -9.60 -34.94
C PHE B 379 -0.71 -10.82 -34.25
N VAL B 380 -0.34 -11.01 -33.00
CA VAL B 380 -0.89 -12.08 -32.15
C VAL B 380 -2.11 -11.32 -31.62
N THR B 381 -3.30 -11.89 -31.77
CA THR B 381 -4.51 -11.20 -31.37
C THR B 381 -5.36 -12.00 -30.42
N ARG B 382 -5.61 -11.40 -29.27
CA ARG B 382 -6.41 -12.07 -28.25
C ARG B 382 -7.83 -12.34 -28.76
N ASN B 383 -8.39 -13.44 -28.29
CA ASN B 383 -9.76 -13.82 -28.70
C ASN B 383 -10.69 -12.79 -28.07
N LYS B 384 -11.42 -12.02 -28.89
CA LYS B 384 -12.36 -11.04 -28.35
C LYS B 384 -13.39 -11.83 -27.54
N ALA B 385 -13.61 -13.09 -27.91
CA ALA B 385 -14.55 -13.91 -27.15
C ALA B 385 -13.94 -14.09 -25.76
N ARG B 386 -12.69 -13.63 -25.59
CA ARG B 386 -12.03 -13.72 -24.29
C ARG B 386 -12.01 -12.33 -23.63
N THR B 387 -13.17 -11.93 -23.12
CA THR B 387 -13.35 -10.64 -22.48
C THR B 387 -12.68 -10.65 -21.12
N ASN B 388 -12.21 -11.82 -20.68
CA ASN B 388 -11.49 -11.88 -19.43
C ASN B 388 -10.08 -11.36 -19.77
N PRO B 389 -9.60 -10.37 -18.99
CA PRO B 389 -8.28 -9.74 -19.18
C PRO B 389 -7.05 -10.58 -18.87
N SER B 390 -7.20 -11.57 -18.02
CA SER B 390 -6.08 -12.43 -17.67
C SER B 390 -6.05 -13.61 -18.60
N ASN B 391 -4.87 -13.93 -19.13
CA ASN B 391 -4.78 -15.12 -19.96
C ASN B 391 -4.84 -16.30 -18.99
N PRO B 392 -5.25 -17.47 -19.49
CA PRO B 392 -5.31 -18.65 -18.62
C PRO B 392 -3.87 -19.09 -18.38
N SER B 393 -3.56 -19.64 -17.21
CA SER B 393 -2.19 -20.04 -16.90
C SER B 393 -1.87 -21.42 -17.45
N ILE B 394 -0.59 -21.67 -17.77
CA ILE B 394 -0.22 -22.97 -18.31
C ILE B 394 1.14 -23.40 -17.84
N GLU B 395 1.17 -24.54 -17.15
CA GLU B 395 2.40 -25.09 -16.59
C GLU B 395 2.46 -26.60 -16.78
N LEU B 396 3.34 -27.05 -17.67
CA LEU B 396 3.49 -28.46 -17.97
C LEU B 396 4.82 -28.93 -17.40
N GLY B 397 5.04 -30.24 -17.42
CA GLY B 397 6.30 -30.77 -16.91
C GLY B 397 7.35 -30.88 -18.00
N PRO B 398 8.61 -31.22 -17.62
CA PRO B 398 9.76 -31.39 -18.51
C PRO B 398 9.48 -32.14 -19.81
N GLU B 399 8.58 -33.12 -19.76
CA GLU B 399 8.20 -33.90 -20.96
C GLU B 399 7.64 -33.00 -22.05
N PHE B 400 7.14 -31.81 -21.65
CA PHE B 400 6.57 -30.84 -22.59
C PHE B 400 7.52 -29.72 -23.02
N LYS B 401 8.58 -29.51 -22.23
CA LYS B 401 9.60 -28.43 -22.44
C LYS B 401 10.20 -28.20 -23.83
N LYS B 402 10.46 -29.28 -24.56
CA LYS B 402 11.06 -29.15 -25.89
C LYS B 402 9.98 -28.95 -26.92
N VAL B 403 10.13 -27.88 -27.70
CA VAL B 403 9.14 -27.59 -28.74
C VAL B 403 8.88 -28.84 -29.55
N ALA B 404 9.92 -29.64 -29.73
CA ALA B 404 9.80 -30.85 -30.52
C ALA B 404 8.80 -31.81 -29.87
N THR B 405 8.96 -32.05 -28.58
CA THR B 405 8.06 -32.96 -27.87
C THR B 405 6.75 -32.27 -27.66
N PHE B 406 6.82 -30.99 -27.27
CA PHE B 406 5.62 -30.19 -27.07
C PHE B 406 4.71 -30.33 -28.29
N LEU B 407 5.28 -30.11 -29.47
CA LEU B 407 4.50 -30.20 -30.71
C LEU B 407 4.06 -31.62 -31.00
N SER B 408 4.96 -32.57 -30.78
CA SER B 408 4.57 -33.95 -31.07
C SER B 408 3.56 -34.45 -30.05
N ARG B 409 3.50 -33.77 -28.89
CA ARG B 409 2.57 -34.09 -27.81
C ARG B 409 1.23 -33.36 -27.92
N PHE B 410 1.01 -32.70 -29.06
CA PHE B 410 -0.27 -32.03 -29.32
C PHE B 410 -0.60 -32.28 -30.80
N LYS B 411 -1.58 -33.15 -31.02
CA LYS B 411 -2.02 -33.51 -32.35
C LYS B 411 -2.60 -32.21 -32.94
N SER B 412 -3.19 -31.37 -32.09
CA SER B 412 -3.72 -30.06 -32.47
C SER B 412 -3.72 -29.25 -31.15
N ILE B 413 -3.53 -27.94 -31.22
CA ILE B 413 -3.55 -27.11 -30.02
C ILE B 413 -4.99 -26.94 -29.46
N PRO B 414 -5.22 -27.44 -28.24
CA PRO B 414 -6.49 -27.42 -27.50
C PRO B 414 -7.12 -26.03 -27.41
N SER B 415 -8.45 -25.94 -27.53
CA SER B 415 -9.17 -24.66 -27.41
C SER B 415 -9.17 -24.34 -25.92
N ILE B 416 -8.53 -23.23 -25.53
CA ILE B 416 -8.46 -22.84 -24.13
C ILE B 416 -9.08 -21.46 -23.88
N VAL B 417 -9.86 -20.97 -24.83
CA VAL B 417 -10.49 -19.67 -24.69
C VAL B 417 -11.28 -19.56 -23.38
N GLU B 418 -11.97 -20.63 -22.95
CA GLU B 418 -12.72 -20.61 -21.70
C GLU B 418 -11.88 -21.25 -20.61
N LEU B 419 -10.58 -21.37 -20.87
CA LEU B 419 -9.67 -21.96 -19.91
C LEU B 419 -9.34 -21.05 -18.73
N ASP B 420 -9.30 -21.65 -17.54
CA ASP B 420 -8.95 -20.88 -16.36
C ASP B 420 -7.53 -21.19 -15.86
N SER B 421 -7.08 -22.42 -16.05
CA SER B 421 -5.73 -22.81 -15.62
C SER B 421 -5.39 -24.26 -15.94
N LEU B 422 -4.12 -24.53 -16.25
CA LEU B 422 -3.73 -25.90 -16.55
C LEU B 422 -2.48 -26.30 -15.78
N LYS B 423 -2.63 -27.36 -14.98
CA LYS B 423 -1.55 -27.94 -14.21
C LYS B 423 -1.46 -29.37 -14.72
N VAL B 424 -0.37 -29.68 -15.41
CA VAL B 424 -0.20 -31.02 -15.92
C VAL B 424 1.13 -31.49 -15.43
N SER B 425 1.15 -32.72 -14.93
CA SER B 425 2.38 -33.31 -14.46
C SER B 425 2.15 -34.78 -14.72
N GLY B 426 3.09 -35.38 -15.48
CA GLY B 426 3.00 -36.76 -15.87
C GLY B 426 3.25 -36.93 -17.36
N ASP B 427 3.47 -38.19 -17.73
CA ASP B 427 3.72 -38.60 -19.10
C ASP B 427 2.36 -38.59 -19.77
N VAL B 428 1.94 -37.40 -20.20
CA VAL B 428 0.64 -37.23 -20.83
C VAL B 428 0.75 -36.85 -22.32
N TRP B 429 -0.24 -37.34 -23.06
CA TRP B 429 -0.35 -37.09 -24.49
C TRP B 429 -1.78 -36.60 -24.77
N PHE B 430 -1.91 -35.61 -25.65
CA PHE B 430 -3.21 -35.07 -26.02
C PHE B 430 -3.55 -35.47 -27.45
N GLY B 431 -4.76 -36.00 -27.65
CA GLY B 431 -5.20 -36.36 -28.98
C GLY B 431 -5.52 -35.04 -29.67
N SER B 432 -6.66 -34.93 -30.35
CA SER B 432 -6.99 -33.67 -31.01
C SER B 432 -8.40 -33.13 -30.72
N SER B 433 -8.58 -31.83 -30.97
CA SER B 433 -9.86 -31.13 -30.76
C SER B 433 -10.40 -31.16 -29.32
N ILE B 434 -9.50 -31.27 -28.35
CA ILE B 434 -9.91 -31.29 -26.96
C ILE B 434 -10.32 -29.86 -26.54
N VAL B 435 -11.17 -29.76 -25.53
CA VAL B 435 -11.62 -28.48 -25.03
C VAL B 435 -11.38 -28.52 -23.52
N LEU B 436 -10.75 -27.48 -23.00
CA LEU B 436 -10.43 -27.42 -21.58
C LEU B 436 -11.09 -26.18 -20.99
N LYS B 437 -11.69 -26.33 -19.82
CA LYS B 437 -12.39 -25.22 -19.19
C LYS B 437 -12.17 -25.17 -17.68
N GLY B 438 -12.26 -23.95 -17.13
CA GLY B 438 -12.09 -23.78 -15.69
C GLY B 438 -10.73 -24.23 -15.23
N LYS B 439 -10.65 -24.78 -14.02
CA LYS B 439 -9.38 -25.25 -13.49
C LYS B 439 -9.20 -26.73 -13.81
N VAL B 440 -8.08 -27.07 -14.46
CA VAL B 440 -7.79 -28.47 -14.82
C VAL B 440 -6.39 -28.91 -14.45
N THR B 441 -6.32 -30.06 -13.79
CA THR B 441 -5.02 -30.63 -13.46
C THR B 441 -4.98 -32.05 -13.99
N VAL B 442 -4.03 -32.32 -14.87
CA VAL B 442 -3.88 -33.68 -15.40
C VAL B 442 -2.61 -34.21 -14.82
N ALA B 443 -2.72 -35.16 -13.89
CA ALA B 443 -1.55 -35.72 -13.26
C ALA B 443 -1.48 -37.25 -13.31
N ALA B 444 -0.36 -37.73 -13.86
CA ALA B 444 -0.11 -39.16 -13.99
C ALA B 444 1.09 -39.51 -13.10
N LYS B 445 1.14 -40.75 -12.61
CA LYS B 445 2.22 -41.20 -11.73
C LYS B 445 3.40 -41.84 -12.49
N SER B 446 4.53 -42.02 -11.80
CA SER B 446 5.72 -42.61 -12.39
C SER B 446 5.47 -43.85 -13.24
N GLY B 447 6.09 -43.88 -14.42
CA GLY B 447 5.97 -45.01 -15.31
C GLY B 447 4.61 -45.22 -15.96
N VAL B 448 3.76 -44.20 -15.94
CA VAL B 448 2.41 -44.29 -16.52
C VAL B 448 2.30 -43.45 -17.79
N LYS B 449 1.68 -43.98 -18.84
CA LYS B 449 1.47 -43.22 -20.07
C LYS B 449 -0.02 -42.92 -20.09
N LEU B 450 -0.38 -41.68 -20.39
CA LEU B 450 -1.77 -41.29 -20.37
C LEU B 450 -2.17 -40.47 -21.59
N GLU B 451 -3.29 -40.82 -22.21
CA GLU B 451 -3.75 -40.11 -23.39
C GLU B 451 -5.15 -39.56 -23.20
N ILE B 452 -5.33 -38.26 -23.47
CA ILE B 452 -6.64 -37.62 -23.33
C ILE B 452 -7.37 -37.91 -24.65
N PRO B 453 -8.62 -38.41 -24.61
CA PRO B 453 -9.42 -38.74 -25.79
C PRO B 453 -9.68 -37.66 -26.83
N ASP B 454 -9.81 -38.07 -28.08
CA ASP B 454 -10.07 -37.15 -29.16
C ASP B 454 -11.42 -36.47 -28.94
N ARG B 455 -11.42 -35.14 -29.00
CA ARG B 455 -12.63 -34.32 -28.84
C ARG B 455 -13.11 -34.20 -27.40
N ALA B 456 -12.42 -34.84 -26.46
CA ALA B 456 -12.82 -34.76 -25.05
C ALA B 456 -13.02 -33.30 -24.62
N VAL B 457 -13.98 -33.07 -23.74
CA VAL B 457 -14.24 -31.73 -23.22
C VAL B 457 -14.00 -31.79 -21.72
N VAL B 458 -12.84 -31.28 -21.31
CA VAL B 458 -12.45 -31.28 -19.90
C VAL B 458 -12.73 -29.96 -19.19
N GLU B 459 -13.68 -30.00 -18.26
CA GLU B 459 -14.08 -28.83 -17.50
C GLU B 459 -13.75 -29.09 -16.04
N ASN B 460 -13.33 -28.06 -15.32
CA ASN B 460 -12.98 -28.19 -13.91
C ASN B 460 -12.83 -29.64 -13.56
N LYS B 461 -11.62 -30.16 -13.63
CA LYS B 461 -11.46 -31.57 -13.35
C LYS B 461 -10.03 -31.80 -12.90
N ASN B 462 -9.87 -32.65 -11.88
CA ASN B 462 -8.57 -32.95 -11.33
C ASN B 462 -8.33 -34.42 -11.45
N ILE B 463 -7.56 -34.76 -12.49
CA ILE B 463 -7.19 -36.13 -12.83
C ILE B 463 -5.90 -36.55 -12.15
N ASN B 464 -5.94 -37.71 -11.49
CA ASN B 464 -4.76 -38.22 -10.82
C ASN B 464 -4.41 -39.63 -11.27
N GLY B 465 -4.88 -39.98 -12.47
CA GLY B 465 -4.60 -41.30 -13.04
C GLY B 465 -5.76 -41.78 -13.88
N PRO B 466 -5.57 -42.87 -14.64
CA PRO B 466 -6.64 -43.42 -15.50
C PRO B 466 -7.95 -43.52 -14.75
N GLU B 467 -7.81 -43.68 -13.44
CA GLU B 467 -8.94 -43.75 -12.51
C GLU B 467 -9.99 -42.74 -12.95
N ASP B 468 -9.61 -41.48 -12.94
CA ASP B 468 -10.47 -40.37 -13.32
C ASP B 468 -10.72 -40.32 -14.82
N GLU A 6 -4.05 -19.34 38.04
CA GLU A 6 -4.55 -19.75 36.70
C GLU A 6 -5.79 -20.64 36.84
N ASN A 7 -6.18 -21.28 35.75
CA ASN A 7 -7.35 -22.16 35.73
C ASN A 7 -8.58 -21.26 35.79
N LEU A 8 -9.67 -21.73 36.39
CA LEU A 8 -10.87 -20.91 36.45
C LEU A 8 -11.65 -20.92 37.77
N PRO A 9 -12.04 -22.11 38.26
CA PRO A 9 -12.79 -22.20 39.52
C PRO A 9 -12.19 -21.40 40.67
N GLN A 10 -10.89 -21.49 40.82
CA GLN A 10 -10.20 -20.78 41.89
C GLN A 10 -10.34 -19.26 41.73
N LEU A 11 -10.18 -18.79 40.49
CA LEU A 11 -10.31 -17.37 40.24
C LEU A 11 -11.73 -16.97 40.58
N LYS A 12 -12.70 -17.74 40.09
CA LYS A 12 -14.08 -17.44 40.35
C LYS A 12 -14.31 -17.45 41.86
N SER A 13 -13.67 -18.39 42.55
CA SER A 13 -13.82 -18.45 44.00
C SER A 13 -13.43 -17.11 44.62
N ALA A 14 -12.30 -16.56 44.19
CA ALA A 14 -11.86 -15.28 44.73
C ALA A 14 -12.84 -14.17 44.31
N VAL A 15 -13.25 -14.17 43.05
CA VAL A 15 -14.19 -13.14 42.59
C VAL A 15 -15.49 -13.19 43.40
N ASP A 16 -15.93 -14.40 43.74
CA ASP A 16 -17.17 -14.53 44.50
C ASP A 16 -16.99 -14.06 45.94
N GLY A 17 -15.75 -14.09 46.40
CA GLY A 17 -15.47 -13.64 47.76
C GLY A 17 -15.38 -12.12 47.88
N LEU A 18 -15.54 -11.40 46.76
CA LEU A 18 -15.46 -9.94 46.73
C LEU A 18 -16.85 -9.34 46.78
N THR A 19 -17.32 -9.16 48.01
CA THR A 19 -18.63 -8.62 48.29
C THR A 19 -18.82 -7.17 47.84
N GLU A 20 -17.75 -6.56 47.33
CA GLU A 20 -17.82 -5.20 46.83
C GLU A 20 -18.45 -5.19 45.42
N MET A 21 -18.35 -6.33 44.73
CA MET A 21 -18.87 -6.45 43.37
C MET A 21 -20.30 -7.02 43.27
N SER A 22 -21.03 -6.55 42.26
CA SER A 22 -22.38 -6.99 42.00
C SER A 22 -22.32 -8.27 41.19
N GLU A 23 -23.43 -9.00 41.16
CA GLU A 23 -23.51 -10.26 40.43
C GLU A 23 -23.24 -10.01 38.95
N SER A 24 -23.73 -8.88 38.45
CA SER A 24 -23.55 -8.54 37.05
C SER A 24 -22.08 -8.22 36.74
N GLU A 25 -21.38 -7.65 37.71
CA GLU A 25 -19.96 -7.35 37.52
C GLU A 25 -19.13 -8.63 37.63
N LYS A 26 -19.42 -9.44 38.65
CA LYS A 26 -18.69 -10.70 38.87
C LYS A 26 -18.59 -11.57 37.62
N SER A 27 -19.72 -11.81 36.97
CA SER A 27 -19.76 -12.63 35.76
C SER A 27 -19.04 -11.94 34.61
N GLY A 28 -19.24 -10.62 34.49
CA GLY A 28 -18.59 -9.87 33.43
C GLY A 28 -17.09 -9.96 33.58
N PHE A 29 -16.60 -9.90 34.81
CA PHE A 29 -15.15 -9.98 35.05
C PHE A 29 -14.66 -11.41 34.83
N ILE A 30 -15.46 -12.36 35.30
CA ILE A 30 -15.17 -13.79 35.16
C ILE A 30 -15.14 -14.18 33.68
N SER A 31 -16.15 -13.73 32.95
CA SER A 31 -16.22 -14.06 31.54
C SER A 31 -14.98 -13.50 30.83
N LEU A 32 -14.81 -12.17 30.88
CA LEU A 32 -13.65 -11.54 30.24
C LEU A 32 -12.36 -12.35 30.48
N VAL A 33 -12.09 -12.67 31.74
CA VAL A 33 -10.89 -13.43 32.12
C VAL A 33 -10.86 -14.78 31.40
N SER A 34 -11.94 -15.54 31.58
CA SER A 34 -12.05 -16.85 30.94
C SER A 34 -11.83 -16.71 29.42
N ARG A 35 -12.52 -15.75 28.82
CA ARG A 35 -12.39 -15.54 27.39
C ARG A 35 -10.98 -15.07 27.05
N TYR A 36 -10.33 -14.46 28.04
CA TYR A 36 -8.97 -13.95 27.91
C TYR A 36 -7.92 -15.06 28.01
N LEU A 37 -8.03 -15.89 29.04
CA LEU A 37 -7.09 -16.97 29.31
C LEU A 37 -7.10 -18.07 28.25
N SER A 38 -8.29 -18.44 27.77
CA SER A 38 -8.40 -19.47 26.75
C SER A 38 -8.47 -18.87 25.34
N GLY A 39 -8.30 -17.56 25.25
CA GLY A 39 -8.36 -16.89 23.96
C GLY A 39 -9.71 -17.02 23.28
N ILE A 44 -5.24 -13.09 15.18
CA ILE A 44 -5.78 -12.51 13.96
C ILE A 44 -4.88 -12.74 12.74
N GLU A 45 -5.44 -13.41 11.74
CA GLU A 45 -4.73 -13.68 10.49
C GLU A 45 -4.99 -12.51 9.54
N TRP A 46 -3.96 -11.69 9.36
CA TRP A 46 -4.00 -10.50 8.50
C TRP A 46 -4.52 -10.83 7.10
N SER A 47 -4.24 -12.06 6.65
CA SER A 47 -4.65 -12.53 5.34
C SER A 47 -6.17 -12.52 5.13
N LYS A 48 -6.93 -12.80 6.18
CA LYS A 48 -8.39 -12.82 6.10
C LYS A 48 -8.97 -11.41 6.24
N ILE A 49 -8.14 -10.44 6.63
CA ILE A 49 -8.59 -9.08 6.80
C ILE A 49 -8.77 -8.35 5.47
N GLN A 50 -9.97 -7.83 5.23
CA GLN A 50 -10.26 -7.07 4.01
C GLN A 50 -10.46 -5.60 4.38
N THR A 51 -9.96 -4.71 3.52
CA THR A 51 -10.11 -3.28 3.73
C THR A 51 -11.56 -2.94 3.46
N PRO A 52 -12.10 -1.95 4.17
CA PRO A 52 -13.50 -1.54 3.98
C PRO A 52 -13.77 -0.79 2.68
N THR A 53 -15.04 -0.70 2.32
CA THR A 53 -15.46 0.01 1.11
C THR A 53 -16.60 0.96 1.43
N ASP A 54 -17.04 1.69 0.41
CA ASP A 54 -18.13 2.65 0.57
C ASP A 54 -19.36 1.95 1.14
N GLU A 55 -19.53 0.67 0.79
CA GLU A 55 -20.65 -0.13 1.25
C GLU A 55 -20.45 -0.57 2.71
N ILE A 56 -19.28 -0.26 3.24
CA ILE A 56 -18.92 -0.65 4.59
C ILE A 56 -18.81 0.61 5.44
N VAL A 57 -18.70 1.75 4.79
CA VAL A 57 -18.60 3.04 5.47
C VAL A 57 -19.21 4.13 4.59
N VAL A 58 -20.23 4.81 5.09
CA VAL A 58 -20.95 5.86 4.33
C VAL A 58 -20.41 7.30 4.46
N PRO A 59 -19.99 7.91 3.32
CA PRO A 59 -19.47 9.28 3.40
C PRO A 59 -20.58 10.21 3.91
N TYR A 60 -20.25 11.03 4.90
CA TYR A 60 -21.24 11.97 5.41
C TYR A 60 -21.87 12.71 4.21
N GLU A 61 -21.02 13.02 3.22
CA GLU A 61 -21.43 13.73 2.01
C GLU A 61 -22.57 13.10 1.23
N LYS A 62 -22.57 11.77 1.13
CA LYS A 62 -23.59 11.02 0.40
C LYS A 62 -24.95 10.98 1.10
N MET A 63 -24.93 11.04 2.43
CA MET A 63 -26.16 10.97 3.23
C MET A 63 -27.24 12.01 2.94
N THR A 64 -28.46 11.53 2.77
CA THR A 64 -29.59 12.40 2.49
C THR A 64 -29.76 13.43 3.60
N PRO A 65 -29.77 14.72 3.25
CA PRO A 65 -29.92 15.76 4.27
C PRO A 65 -31.32 15.70 4.85
N VAL A 66 -31.51 16.35 6.00
CA VAL A 66 -32.80 16.39 6.65
C VAL A 66 -33.71 17.29 5.80
N SER A 67 -34.99 16.98 5.79
CA SER A 67 -35.94 17.76 5.01
C SER A 67 -36.35 19.04 5.75
N GLN A 68 -36.57 20.10 4.99
CA GLN A 68 -36.95 21.41 5.53
C GLN A 68 -37.96 21.35 6.67
N ASP A 69 -38.88 20.40 6.61
CA ASP A 69 -39.90 20.27 7.65
C ASP A 69 -39.24 20.10 9.03
N VAL A 70 -39.39 21.12 9.86
CA VAL A 70 -38.82 21.13 11.20
C VAL A 70 -39.41 20.10 12.15
N ALA A 71 -40.70 19.80 11.97
CA ALA A 71 -41.36 18.82 12.82
C ALA A 71 -40.54 17.53 12.81
N GLU A 72 -39.85 17.28 11.70
CA GLU A 72 -39.01 16.10 11.56
C GLU A 72 -37.79 16.26 12.43
N THR A 73 -37.03 17.33 12.20
CA THR A 73 -35.84 17.62 12.99
C THR A 73 -36.19 17.31 14.44
N LYS A 74 -37.37 17.74 14.86
CA LYS A 74 -37.86 17.53 16.21
C LYS A 74 -38.23 16.08 16.49
N ASN A 75 -38.85 15.41 15.51
CA ASN A 75 -39.23 14.02 15.68
C ASN A 75 -37.98 13.15 15.88
N LEU A 76 -36.88 13.53 15.24
CA LEU A 76 -35.63 12.79 15.34
C LEU A 76 -35.02 12.99 16.72
N LEU A 77 -35.12 14.20 17.25
CA LEU A 77 -34.57 14.52 18.56
C LEU A 77 -35.29 13.86 19.76
N ASP A 78 -36.59 13.61 19.62
CA ASP A 78 -37.33 12.96 20.71
C ASP A 78 -36.92 11.49 20.91
N LYS A 79 -36.21 10.93 19.94
CA LYS A 79 -35.78 9.54 20.00
C LYS A 79 -34.33 9.41 20.48
N LEU A 80 -33.59 10.50 20.39
CA LEU A 80 -32.17 10.50 20.76
C LEU A 80 -31.88 10.55 22.28
N VAL A 81 -30.70 10.03 22.65
CA VAL A 81 -30.23 10.08 24.02
C VAL A 81 -28.71 10.32 23.85
N VAL A 82 -28.19 11.40 24.43
CA VAL A 82 -26.76 11.74 24.31
C VAL A 82 -25.95 11.27 25.55
N LEU A 83 -24.85 10.55 25.32
CA LEU A 83 -24.03 10.05 26.43
C LEU A 83 -22.57 10.46 26.26
N LYS A 84 -21.96 10.95 27.34
CA LYS A 84 -20.55 11.33 27.33
C LYS A 84 -19.74 10.38 28.23
N LEU A 85 -18.66 9.83 27.70
CA LEU A 85 -17.77 8.91 28.46
C LEU A 85 -16.96 9.79 29.42
N ASN A 86 -17.17 9.60 30.73
CA ASN A 86 -16.52 10.45 31.72
C ASN A 86 -15.89 9.69 32.90
N GLY A 87 -15.27 8.54 32.63
CA GLY A 87 -14.66 7.80 33.72
C GLY A 87 -13.21 8.12 34.08
N GLY A 88 -12.54 8.94 33.27
CA GLY A 88 -11.13 9.24 33.54
C GLY A 88 -10.83 10.54 34.28
N LEU A 89 -9.69 10.55 34.97
CA LEU A 89 -9.25 11.75 35.69
C LEU A 89 -8.33 12.61 34.84
N GLY A 90 -8.08 13.84 35.29
CA GLY A 90 -7.21 14.74 34.53
C GLY A 90 -5.77 14.42 34.84
N THR A 91 -5.51 13.16 35.22
CA THR A 91 -4.17 12.76 35.59
C THR A 91 -3.08 13.05 34.53
N THR A 92 -3.34 12.71 33.27
CA THR A 92 -2.35 12.99 32.20
C THR A 92 -2.09 14.51 32.08
N MET A 93 -3.06 15.31 32.53
CA MET A 93 -2.95 16.77 32.45
C MET A 93 -2.48 17.41 33.75
N GLY A 94 -2.19 16.58 34.75
CA GLY A 94 -1.69 17.08 36.01
C GLY A 94 -2.72 17.87 36.80
N CYS A 95 -4.01 17.57 36.60
CA CYS A 95 -5.07 18.29 37.29
C CYS A 95 -5.85 17.34 38.18
N THR A 96 -6.59 17.91 39.15
CA THR A 96 -7.40 17.12 40.05
C THR A 96 -8.80 16.88 39.47
N GLY A 97 -9.41 15.75 39.82
CA GLY A 97 -10.74 15.43 39.33
C GLY A 97 -10.89 14.89 37.89
N PRO A 98 -12.15 14.80 37.40
CA PRO A 98 -12.47 14.30 36.06
C PRO A 98 -11.77 15.13 34.98
N LYS A 99 -11.30 14.47 33.93
CA LYS A 99 -10.62 15.14 32.82
C LYS A 99 -11.48 16.27 32.21
N SER A 100 -12.79 16.05 32.18
CA SER A 100 -13.74 17.03 31.59
C SER A 100 -13.96 18.31 32.37
N VAL A 101 -13.64 18.32 33.66
CA VAL A 101 -13.86 19.57 34.38
C VAL A 101 -12.67 20.52 34.30
N ILE A 102 -11.81 20.27 33.32
CA ILE A 102 -10.71 21.18 33.08
C ILE A 102 -11.32 22.22 32.12
N GLU A 103 -11.04 23.50 32.36
CA GLU A 103 -11.57 24.58 31.54
C GLU A 103 -11.02 24.54 30.12
N VAL A 104 -11.90 24.47 29.15
CA VAL A 104 -11.44 24.40 27.76
C VAL A 104 -11.11 25.77 27.19
N ARG A 105 -12.09 26.66 27.20
CA ARG A 105 -11.89 28.00 26.68
C ARG A 105 -12.91 28.95 27.27
N ASP A 106 -12.58 30.24 27.23
CA ASP A 106 -13.43 31.29 27.77
C ASP A 106 -14.01 30.97 29.14
N GLY A 107 -13.26 30.24 29.95
CA GLY A 107 -13.67 29.88 31.30
C GLY A 107 -14.71 28.76 31.42
N LEU A 108 -14.92 28.02 30.34
CA LEU A 108 -15.91 26.94 30.31
C LEU A 108 -15.26 25.55 30.33
N THR A 109 -15.95 24.56 30.90
CA THR A 109 -15.43 23.20 30.98
C THR A 109 -16.04 22.33 29.87
N PHE A 110 -15.44 21.17 29.65
CA PHE A 110 -15.96 20.26 28.64
C PHE A 110 -17.42 19.98 28.98
N LEU A 111 -17.66 19.77 30.26
CA LEU A 111 -19.00 19.46 30.76
C LEU A 111 -19.92 20.68 30.65
N ASP A 112 -19.44 21.84 31.07
CA ASP A 112 -20.26 23.05 30.93
C ASP A 112 -20.69 23.17 29.46
N LEU A 113 -19.74 22.99 28.54
CA LEU A 113 -20.07 23.10 27.11
C LEU A 113 -21.11 22.08 26.63
N ILE A 114 -21.05 20.87 27.16
CA ILE A 114 -21.97 19.80 26.83
C ILE A 114 -23.43 20.15 27.28
N VAL A 115 -23.57 20.64 28.51
CA VAL A 115 -24.87 20.99 29.08
C VAL A 115 -25.48 22.16 28.30
N ILE A 116 -24.69 23.18 28.09
CA ILE A 116 -25.12 24.36 27.35
C ILE A 116 -25.65 23.92 25.98
N GLN A 117 -24.90 23.06 25.28
CA GLN A 117 -25.32 22.58 23.96
C GLN A 117 -26.64 21.78 23.98
N ILE A 118 -26.84 20.95 24.99
CA ILE A 118 -28.07 20.17 25.06
C ILE A 118 -29.21 21.02 25.64
N GLU A 119 -28.90 21.91 26.56
CA GLU A 119 -29.91 22.76 27.14
C GLU A 119 -30.48 23.71 26.08
N ASN A 120 -29.62 24.17 25.18
CA ASN A 120 -30.05 25.07 24.12
C ASN A 120 -30.96 24.26 23.23
N LEU A 121 -30.49 23.06 22.86
CA LEU A 121 -31.29 22.18 22.01
C LEU A 121 -32.73 22.14 22.50
N ASN A 122 -32.93 21.69 23.74
CA ASN A 122 -34.26 21.59 24.32
C ASN A 122 -35.06 22.90 24.27
N ASN A 123 -34.49 23.95 23.70
CA ASN A 123 -35.19 25.23 23.62
C ASN A 123 -35.38 25.66 22.19
N LYS A 124 -34.41 25.31 21.34
CA LYS A 124 -34.48 25.68 19.94
C LYS A 124 -35.50 24.80 19.22
N TYR A 125 -35.67 23.57 19.70
CA TYR A 125 -36.61 22.65 19.06
C TYR A 125 -37.77 22.20 19.97
N GLY A 126 -37.69 22.54 21.25
CA GLY A 126 -38.76 22.19 22.18
C GLY A 126 -38.78 20.72 22.57
N CYS A 127 -37.81 20.31 23.37
CA CYS A 127 -37.72 18.92 23.80
C CYS A 127 -37.05 18.79 25.17
N LYS A 128 -36.65 17.58 25.52
CA LYS A 128 -35.98 17.34 26.79
C LYS A 128 -35.02 16.19 26.60
N VAL A 129 -34.36 16.19 25.45
CA VAL A 129 -33.39 15.16 25.12
C VAL A 129 -32.56 14.98 26.38
N PRO A 130 -32.46 13.74 26.86
CA PRO A 130 -31.69 13.43 28.07
C PRO A 130 -30.21 13.27 27.79
N LEU A 131 -29.38 13.82 28.66
CA LEU A 131 -27.93 13.69 28.54
C LEU A 131 -27.48 12.73 29.62
N VAL A 132 -26.59 11.80 29.29
CA VAL A 132 -26.10 10.93 30.36
C VAL A 132 -24.57 10.88 30.43
N LEU A 133 -24.04 10.85 31.64
CA LEU A 133 -22.60 10.78 31.83
C LEU A 133 -22.29 9.40 32.39
N MET A 134 -21.57 8.57 31.63
CA MET A 134 -21.18 7.26 32.16
C MET A 134 -19.98 7.56 33.10
N ASN A 135 -20.12 7.33 34.40
CA ASN A 135 -18.99 7.61 35.29
C ASN A 135 -18.27 6.35 35.71
N SER A 136 -17.15 6.54 36.39
CA SER A 136 -16.34 5.44 36.93
C SER A 136 -16.42 5.56 38.45
N PHE A 137 -15.73 4.67 39.17
CA PHE A 137 -15.75 4.77 40.62
C PHE A 137 -14.80 5.89 40.95
N ASN A 138 -13.91 6.24 40.01
CA ASN A 138 -12.95 7.32 40.23
C ASN A 138 -13.61 8.70 40.01
N THR A 139 -14.79 8.72 39.41
CA THR A 139 -15.46 10.02 39.15
C THR A 139 -16.91 10.05 39.63
N HIS A 140 -17.36 8.98 40.27
CA HIS A 140 -18.75 8.91 40.65
C HIS A 140 -19.21 10.03 41.61
N ASP A 141 -18.41 10.29 42.63
CA ASP A 141 -18.80 11.30 43.61
C ASP A 141 -18.46 12.72 43.20
N ASP A 142 -17.32 12.89 42.54
CA ASP A 142 -16.93 14.22 42.10
C ASP A 142 -17.95 14.75 41.07
N THR A 143 -18.07 14.04 39.95
CA THR A 143 -19.00 14.43 38.92
C THR A 143 -20.37 14.80 39.51
N HIS A 144 -20.84 13.97 40.46
CA HIS A 144 -22.12 14.21 41.12
C HIS A 144 -22.13 15.63 41.71
N LYS A 145 -21.11 15.97 42.49
CA LYS A 145 -21.12 17.33 43.03
C LYS A 145 -21.07 18.35 41.87
N ILE A 146 -20.37 18.01 40.79
CA ILE A 146 -20.26 18.94 39.65
C ILE A 146 -21.58 19.37 38.97
N VAL A 147 -22.31 18.39 38.43
CA VAL A 147 -23.54 18.73 37.71
C VAL A 147 -24.61 19.44 38.53
N GLU A 148 -24.40 19.63 39.82
CA GLU A 148 -25.44 20.34 40.58
C GLU A 148 -25.57 21.74 39.99
N LYS A 149 -24.49 22.24 39.41
CA LYS A 149 -24.51 23.59 38.88
C LYS A 149 -25.43 23.72 37.67
N TYR A 150 -25.97 22.59 37.21
CA TYR A 150 -26.86 22.60 36.05
C TYR A 150 -28.29 22.28 36.46
N THR A 151 -28.62 22.51 37.72
CA THR A 151 -29.96 22.19 38.20
C THR A 151 -31.04 23.00 37.47
N ASN A 152 -30.71 24.23 37.07
CA ASN A 152 -31.68 25.08 36.38
C ASN A 152 -31.57 25.08 34.86
N SER A 153 -30.70 24.24 34.30
CA SER A 153 -30.51 24.15 32.88
C SER A 153 -31.60 23.29 32.24
N ASN A 154 -32.05 23.71 31.08
CA ASN A 154 -33.09 22.98 30.38
C ASN A 154 -32.55 21.69 29.72
N VAL A 155 -32.11 20.76 30.56
CA VAL A 155 -31.61 19.47 30.11
C VAL A 155 -31.60 18.51 31.31
N ASP A 156 -32.15 17.29 31.11
CA ASP A 156 -32.18 16.31 32.19
C ASP A 156 -30.82 15.62 32.14
N ILE A 157 -30.11 15.62 33.26
CA ILE A 157 -28.79 15.02 33.34
C ILE A 157 -28.81 13.79 34.23
N HIS A 158 -28.50 12.63 33.65
CA HIS A 158 -28.46 11.40 34.42
C HIS A 158 -26.99 11.03 34.45
N THR A 159 -26.64 10.20 35.42
CA THR A 159 -25.26 9.70 35.53
C THR A 159 -25.46 8.27 35.99
N PHE A 160 -24.44 7.45 35.81
CA PHE A 160 -24.47 6.09 36.28
C PHE A 160 -23.03 5.64 36.42
N ASN A 161 -22.79 4.70 37.32
CA ASN A 161 -21.45 4.20 37.56
C ASN A 161 -21.22 2.95 36.69
N GLN A 162 -20.13 2.93 35.96
CA GLN A 162 -19.85 1.75 35.14
C GLN A 162 -19.21 0.74 36.08
N SER A 163 -18.91 -0.45 35.57
CA SER A 163 -18.31 -1.50 36.40
C SER A 163 -17.02 -1.09 37.08
N LYS A 164 -16.80 -1.63 38.27
CA LYS A 164 -15.59 -1.42 39.05
C LYS A 164 -15.08 -2.85 39.27
N TYR A 165 -13.95 -3.21 38.66
CA TYR A 165 -13.40 -4.56 38.84
C TYR A 165 -12.11 -4.47 39.62
N PRO A 166 -11.55 -5.61 40.07
CA PRO A 166 -10.31 -5.64 40.84
C PRO A 166 -9.03 -5.74 40.01
N ARG A 167 -7.98 -5.01 40.39
CA ARG A 167 -6.72 -5.24 39.68
C ARG A 167 -6.31 -6.70 39.96
N VAL A 168 -5.58 -7.29 39.02
CA VAL A 168 -5.15 -8.68 39.13
C VAL A 168 -3.63 -8.69 39.25
N VAL A 169 -3.10 -9.34 40.29
CA VAL A 169 -1.64 -9.42 40.48
C VAL A 169 -1.04 -10.13 39.27
N ALA A 170 -0.13 -9.48 38.56
CA ALA A 170 0.43 -10.03 37.32
C ALA A 170 0.86 -11.49 37.38
N ASP A 171 2.03 -11.73 37.97
CA ASP A 171 2.58 -13.08 38.06
C ASP A 171 1.81 -14.07 38.93
N GLU A 172 1.11 -13.58 39.95
CA GLU A 172 0.34 -14.47 40.84
C GLU A 172 -1.05 -14.82 40.31
N PHE A 173 -1.52 -13.97 39.38
CA PHE A 173 -2.85 -14.10 38.79
C PHE A 173 -3.90 -14.31 39.89
N VAL A 174 -3.93 -13.37 40.82
CA VAL A 174 -4.86 -13.37 41.95
C VAL A 174 -5.35 -11.92 42.05
N PRO A 175 -6.57 -11.70 42.60
CA PRO A 175 -7.04 -10.31 42.69
C PRO A 175 -6.27 -9.55 43.77
N TRP A 176 -5.88 -8.31 43.48
CA TRP A 176 -5.17 -7.54 44.50
C TRP A 176 -6.15 -7.42 45.70
N PRO A 177 -7.48 -7.24 45.43
CA PRO A 177 -8.44 -7.15 46.53
C PRO A 177 -8.50 -8.45 47.35
N SER A 178 -7.93 -9.54 46.80
CA SER A 178 -7.88 -10.85 47.46
C SER A 178 -6.62 -10.95 48.33
N LYS A 179 -5.72 -9.98 48.17
CA LYS A 179 -4.49 -9.95 48.96
C LYS A 179 -4.49 -8.78 49.97
N GLY A 180 -5.64 -8.12 50.11
CA GLY A 180 -5.75 -7.02 51.06
C GLY A 180 -5.71 -5.60 50.50
N LYS A 181 -5.51 -5.46 49.19
CA LYS A 181 -5.47 -4.12 48.58
C LYS A 181 -6.89 -3.82 48.09
N THR A 182 -7.72 -3.35 49.01
CA THR A 182 -9.13 -3.08 48.71
C THR A 182 -9.50 -1.62 48.49
N ASP A 183 -8.58 -0.71 48.83
CA ASP A 183 -8.88 0.72 48.61
C ASP A 183 -8.92 0.93 47.08
N LYS A 184 -9.40 2.09 46.63
CA LYS A 184 -9.53 2.38 45.19
C LYS A 184 -8.38 1.85 44.33
N GLU A 185 -7.19 1.74 44.92
CA GLU A 185 -6.02 1.23 44.22
C GLU A 185 -6.09 -0.23 43.76
N GLY A 186 -6.92 -1.04 44.40
CA GLY A 186 -7.01 -2.45 43.99
C GLY A 186 -8.03 -2.78 42.92
N TRP A 187 -8.56 -1.74 42.27
CA TRP A 187 -9.62 -1.90 41.27
C TRP A 187 -9.42 -1.00 40.05
N TYR A 188 -10.33 -1.14 39.07
CA TYR A 188 -10.32 -0.28 37.85
C TYR A 188 -11.62 -0.45 37.08
N PRO A 189 -12.00 0.55 36.25
CA PRO A 189 -13.22 0.52 35.43
C PRO A 189 -12.67 -0.11 34.14
N PRO A 190 -13.15 -1.30 33.77
CA PRO A 190 -12.75 -2.09 32.59
C PRO A 190 -13.05 -1.62 31.17
N GLY A 191 -12.70 -0.37 30.90
CA GLY A 191 -12.88 0.19 29.56
C GLY A 191 -14.25 0.76 29.30
N HIS A 192 -14.40 1.53 28.23
CA HIS A 192 -15.71 2.08 27.93
C HIS A 192 -16.57 1.09 27.16
N GLY A 193 -16.08 -0.13 26.96
CA GLY A 193 -16.89 -1.13 26.29
C GLY A 193 -17.95 -1.58 27.28
N ASP A 194 -17.67 -1.29 28.56
CA ASP A 194 -18.57 -1.63 29.69
C ASP A 194 -19.85 -0.78 29.63
N VAL A 195 -19.81 0.32 28.88
CA VAL A 195 -21.02 1.14 28.78
C VAL A 195 -22.26 0.26 28.62
N PHE A 196 -22.37 -0.40 27.47
CA PHE A 196 -23.51 -1.26 27.17
C PHE A 196 -23.95 -2.06 28.40
N PRO A 197 -23.14 -3.01 28.88
CA PRO A 197 -23.62 -3.73 30.06
C PRO A 197 -23.81 -2.77 31.24
N ALA A 198 -22.96 -1.74 31.34
CA ALA A 198 -23.12 -0.77 32.44
C ALA A 198 -24.43 0.02 32.34
N LEU A 199 -24.79 0.53 31.16
CA LEU A 199 -26.06 1.27 31.09
C LEU A 199 -27.17 0.32 31.55
N MET A 200 -27.14 -0.92 31.06
CA MET A 200 -28.15 -1.91 31.46
C MET A 200 -28.10 -2.22 32.95
N ASN A 201 -26.90 -2.40 33.51
CA ASN A 201 -26.80 -2.71 34.94
C ASN A 201 -27.32 -1.53 35.76
N SER A 202 -27.02 -0.32 35.29
CA SER A 202 -27.44 0.90 35.96
C SER A 202 -28.94 1.15 35.97
N GLY A 203 -29.64 0.55 35.00
CA GLY A 203 -31.07 0.76 34.89
C GLY A 203 -31.41 1.88 33.91
N LYS A 204 -30.41 2.69 33.57
CA LYS A 204 -30.60 3.82 32.66
C LYS A 204 -31.10 3.47 31.25
N LEU A 205 -30.77 2.26 30.79
CA LEU A 205 -31.21 1.81 29.47
C LEU A 205 -32.72 1.67 29.47
N ASP A 206 -33.26 1.01 30.50
CA ASP A 206 -34.70 0.84 30.61
C ASP A 206 -35.39 2.20 30.76
N THR A 207 -34.75 3.10 31.49
CA THR A 207 -35.29 4.44 31.71
C THR A 207 -35.49 5.22 30.42
N PHE A 208 -34.45 5.33 29.62
CA PHE A 208 -34.56 6.06 28.36
C PHE A 208 -35.47 5.33 27.38
N LEU A 209 -35.57 4.03 27.53
CA LEU A 209 -36.39 3.21 26.65
C LEU A 209 -37.87 3.38 26.99
N SER A 210 -38.17 3.45 28.28
CA SER A 210 -39.56 3.62 28.70
C SER A 210 -40.09 5.00 28.33
N GLN A 211 -39.45 5.65 27.35
CA GLN A 211 -39.90 6.97 26.91
C GLN A 211 -39.88 7.16 25.39
N GLY A 212 -39.51 6.13 24.65
CA GLY A 212 -39.49 6.24 23.20
C GLY A 212 -38.15 6.56 22.54
N LYS A 213 -37.06 6.48 23.29
CA LYS A 213 -35.75 6.72 22.69
C LYS A 213 -35.33 5.42 21.96
N GLU A 214 -34.57 5.54 20.88
CA GLU A 214 -34.14 4.36 20.12
C GLU A 214 -32.65 4.36 19.78
N TYR A 215 -32.02 5.54 19.88
CA TYR A 215 -30.59 5.67 19.56
C TYR A 215 -29.80 6.51 20.56
N VAL A 216 -28.75 5.94 21.13
CA VAL A 216 -27.92 6.75 22.02
C VAL A 216 -26.62 7.10 21.29
N PHE A 217 -26.28 8.39 21.29
CA PHE A 217 -25.06 8.91 20.67
C PHE A 217 -24.02 9.06 21.77
N VAL A 218 -23.04 8.16 21.78
CA VAL A 218 -21.97 8.13 22.78
C VAL A 218 -20.74 8.81 22.16
N ALA A 219 -19.97 9.50 23.00
CA ALA A 219 -18.75 10.16 22.59
C ALA A 219 -17.92 10.46 23.85
N ASN A 220 -16.64 10.75 23.67
CA ASN A 220 -15.80 11.07 24.84
C ASN A 220 -16.15 12.47 25.35
N SER A 221 -16.03 12.68 26.66
CA SER A 221 -16.35 13.98 27.23
C SER A 221 -15.35 15.03 26.72
N ASP A 222 -14.16 14.59 26.30
CA ASP A 222 -13.16 15.54 25.81
C ASP A 222 -13.08 15.78 24.31
N ASN A 223 -14.07 15.28 23.54
CA ASN A 223 -14.08 15.55 22.11
C ASN A 223 -15.04 16.70 21.94
N LEU A 224 -14.51 17.86 21.56
CA LEU A 224 -15.34 19.05 21.44
C LEU A 224 -16.13 19.11 20.14
N GLY A 225 -15.80 18.26 19.17
CA GLY A 225 -16.51 18.28 17.90
C GLY A 225 -17.60 17.26 17.78
N ALA A 226 -18.00 16.67 18.91
CA ALA A 226 -19.05 15.66 18.91
C ALA A 226 -20.36 16.21 19.46
N ILE A 227 -21.09 16.97 18.65
CA ILE A 227 -22.37 17.52 19.10
C ILE A 227 -23.47 16.87 18.29
N VAL A 228 -24.70 16.90 18.78
CA VAL A 228 -25.80 16.28 18.03
C VAL A 228 -25.80 16.54 16.53
N ASP A 229 -25.88 15.47 15.73
CA ASP A 229 -25.97 15.58 14.28
C ASP A 229 -27.21 14.82 13.77
N LEU A 230 -28.32 15.53 13.59
CA LEU A 230 -29.54 14.90 13.13
C LEU A 230 -29.51 14.33 11.72
N THR A 231 -28.42 14.60 10.99
CA THR A 231 -28.24 14.09 9.63
C THR A 231 -27.93 12.61 9.71
N ILE A 232 -27.04 12.29 10.64
CA ILE A 232 -26.58 10.93 10.89
C ILE A 232 -27.73 10.14 11.46
N LEU A 233 -28.41 10.71 12.44
CA LEU A 233 -29.54 10.02 13.07
C LEU A 233 -30.63 9.73 12.04
N LYS A 234 -31.06 10.75 11.31
CA LYS A 234 -32.10 10.53 10.30
C LYS A 234 -31.76 9.30 9.46
N HIS A 235 -30.53 9.24 8.96
CA HIS A 235 -30.09 8.13 8.15
C HIS A 235 -30.11 6.79 8.87
N LEU A 236 -29.62 6.75 10.10
CA LEU A 236 -29.59 5.49 10.83
C LEU A 236 -30.90 4.74 10.69
N ILE A 237 -32.00 5.46 10.85
CA ILE A 237 -33.31 4.85 10.72
C ILE A 237 -33.53 4.35 9.29
N GLN A 238 -32.78 4.90 8.33
CA GLN A 238 -32.91 4.49 6.92
C GLN A 238 -32.47 3.04 6.69
N ASN A 239 -31.17 2.86 6.50
CA ASN A 239 -30.59 1.55 6.24
C ASN A 239 -30.71 0.59 7.40
N LYS A 240 -31.52 0.95 8.39
CA LYS A 240 -31.70 0.12 9.57
C LYS A 240 -30.37 -0.31 10.21
N ASN A 241 -29.46 0.64 10.38
CA ASN A 241 -28.18 0.35 11.01
C ASN A 241 -28.43 0.65 12.48
N GLU A 242 -28.36 -0.37 13.33
CA GLU A 242 -28.60 -0.21 14.76
C GLU A 242 -27.39 0.32 15.52
N TYR A 243 -26.30 0.57 14.81
CA TYR A 243 -25.10 1.07 15.47
C TYR A 243 -24.18 1.62 14.38
N CYS A 244 -23.78 2.86 14.54
CA CYS A 244 -22.93 3.48 13.55
C CYS A 244 -21.73 4.17 14.20
N MET A 245 -20.55 3.88 13.67
CA MET A 245 -19.33 4.46 14.16
C MET A 245 -18.84 5.60 13.28
N GLU A 246 -18.76 6.80 13.83
CA GLU A 246 -18.24 7.93 13.05
C GLU A 246 -16.75 7.66 12.91
N VAL A 247 -16.25 7.82 11.69
CA VAL A 247 -14.83 7.63 11.43
C VAL A 247 -14.38 8.89 10.70
N THR A 248 -13.07 9.12 10.64
CA THR A 248 -12.54 10.33 9.96
C THR A 248 -11.14 10.02 9.36
N PRO A 249 -10.75 10.76 8.31
CA PRO A 249 -9.47 10.58 7.62
C PRO A 249 -8.24 10.44 8.48
N LYS A 250 -7.45 9.40 8.21
CA LYS A 250 -6.20 9.16 8.93
C LYS A 250 -5.05 10.00 8.36
N THR A 251 -4.43 10.79 9.23
CA THR A 251 -3.28 11.60 8.85
C THR A 251 -2.07 10.98 9.54
N LEU A 252 -0.89 11.51 9.27
CA LEU A 252 0.33 10.98 9.88
C LEU A 252 0.24 10.97 11.39
N ALA A 253 -0.57 11.87 11.94
CA ALA A 253 -0.73 11.95 13.38
C ALA A 253 -1.70 10.87 13.89
N ASP A 254 -2.36 10.18 12.97
CA ASP A 254 -3.35 9.16 13.35
C ASP A 254 -2.96 7.71 12.99
N VAL A 255 -1.68 7.47 12.71
CA VAL A 255 -1.23 6.14 12.32
C VAL A 255 -1.57 4.98 13.24
N LYS A 256 -1.91 5.28 14.48
CA LYS A 256 -2.23 4.24 15.46
C LYS A 256 -3.74 4.18 15.80
N GLY A 257 -4.53 5.08 15.21
CA GLY A 257 -5.96 5.12 15.48
C GLY A 257 -6.74 3.91 14.97
N GLY A 258 -7.77 3.55 15.73
CA GLY A 258 -8.64 2.43 15.39
C GLY A 258 -9.12 2.52 13.96
N THR A 259 -9.44 1.37 13.37
CA THR A 259 -9.86 1.41 11.97
C THR A 259 -10.78 0.24 11.70
N LEU A 260 -11.46 0.26 10.55
CA LEU A 260 -12.39 -0.84 10.25
C LEU A 260 -11.93 -1.78 9.16
N ILE A 261 -12.27 -3.06 9.32
CA ILE A 261 -11.90 -4.10 8.35
C ILE A 261 -13.06 -5.09 8.22
N SER A 262 -12.94 -6.00 7.25
CA SER A 262 -13.95 -7.03 7.11
C SER A 262 -13.27 -8.28 7.65
N TYR A 263 -14.00 -9.03 8.48
CA TYR A 263 -13.46 -10.24 9.07
C TYR A 263 -14.67 -11.12 9.30
N GLU A 264 -14.56 -12.38 8.89
CA GLU A 264 -15.67 -13.31 9.00
C GLU A 264 -16.91 -12.76 8.31
N GLY A 265 -16.70 -11.92 7.30
CA GLY A 265 -17.79 -11.32 6.55
C GLY A 265 -18.55 -10.25 7.30
N LYS A 266 -17.96 -9.77 8.41
CA LYS A 266 -18.60 -8.75 9.26
C LYS A 266 -17.71 -7.51 9.47
N VAL A 267 -18.32 -6.35 9.69
CA VAL A 267 -17.57 -5.12 9.98
C VAL A 267 -16.86 -5.43 11.30
N GLN A 268 -15.67 -4.88 11.51
CA GLN A 268 -14.95 -5.16 12.73
C GLN A 268 -13.79 -4.18 12.98
N LEU A 269 -13.66 -3.76 14.24
CA LEU A 269 -12.57 -2.86 14.62
C LEU A 269 -11.32 -3.74 14.85
N LEU A 270 -10.17 -3.30 14.36
CA LEU A 270 -8.90 -4.02 14.53
C LEU A 270 -7.87 -3.04 15.09
N GLU A 271 -7.09 -3.49 16.07
CA GLU A 271 -6.05 -2.65 16.68
C GLU A 271 -4.66 -3.25 16.53
N ILE A 272 -3.62 -2.42 16.63
CA ILE A 272 -2.24 -2.91 16.47
C ILE A 272 -1.98 -4.11 17.37
N ALA A 273 -2.62 -4.13 18.52
CA ALA A 273 -2.50 -5.23 19.49
C ALA A 273 -2.79 -6.61 18.90
N GLN A 274 -3.81 -6.71 18.05
CA GLN A 274 -4.13 -8.01 17.42
C GLN A 274 -3.46 -8.10 16.07
N VAL A 275 -2.43 -7.29 15.85
CA VAL A 275 -1.73 -7.27 14.56
C VAL A 275 -0.33 -7.84 14.62
N PRO A 276 -0.04 -8.86 13.78
CA PRO A 276 1.28 -9.49 13.73
C PRO A 276 2.37 -8.46 13.43
N ASP A 277 3.47 -8.49 14.17
CA ASP A 277 4.57 -7.55 13.99
C ASP A 277 4.93 -7.37 12.52
N GLU A 278 4.96 -8.47 11.78
CA GLU A 278 5.30 -8.45 10.37
C GLU A 278 4.41 -7.50 9.59
N HIS A 279 3.28 -7.11 10.19
CA HIS A 279 2.32 -6.24 9.51
C HIS A 279 1.93 -4.95 10.24
N VAL A 280 2.43 -4.78 11.46
CA VAL A 280 2.12 -3.59 12.24
C VAL A 280 2.35 -2.27 11.50
N ASN A 281 3.50 -2.13 10.86
CA ASN A 281 3.78 -0.89 10.14
C ASN A 281 2.79 -0.66 9.00
N GLU A 282 2.24 -1.74 8.45
CA GLU A 282 1.25 -1.65 7.35
C GLU A 282 -0.06 -1.07 7.86
N PHE A 283 -0.31 -1.27 9.16
CA PHE A 283 -1.51 -0.80 9.85
C PHE A 283 -1.49 0.74 9.93
N LYS A 284 -0.31 1.30 10.24
CA LYS A 284 -0.16 2.75 10.35
C LYS A 284 -0.41 3.45 9.01
N SER A 285 0.06 2.83 7.93
CA SER A 285 -0.09 3.33 6.57
C SER A 285 -1.47 3.96 6.34
N ILE A 286 -1.49 5.27 6.16
CA ILE A 286 -2.73 6.00 5.96
C ILE A 286 -3.28 5.84 4.56
N GLU A 287 -2.66 4.98 3.77
CA GLU A 287 -3.08 4.75 2.40
C GLU A 287 -3.69 3.35 2.28
N LYS A 288 -3.40 2.51 3.27
CA LYS A 288 -3.94 1.16 3.32
C LYS A 288 -5.29 1.31 4.02
N PHE A 289 -5.23 1.93 5.19
CA PHE A 289 -6.40 2.20 6.03
C PHE A 289 -6.59 3.72 6.01
N LYS A 290 -7.65 4.17 5.36
CA LYS A 290 -7.92 5.59 5.22
C LYS A 290 -8.52 6.38 6.38
N ILE A 291 -9.43 5.78 7.14
CA ILE A 291 -10.10 6.46 8.24
C ILE A 291 -9.83 5.84 9.59
N PHE A 292 -10.21 6.53 10.66
CA PHE A 292 -10.02 5.96 11.98
C PHE A 292 -11.22 6.08 12.93
N ASN A 293 -11.18 5.30 14.00
CA ASN A 293 -12.22 5.28 15.01
C ASN A 293 -12.14 6.57 15.83
N THR A 294 -13.10 7.46 15.64
CA THR A 294 -13.14 8.74 16.34
C THR A 294 -13.65 8.60 17.77
N ASN A 295 -14.23 7.44 18.05
CA ASN A 295 -14.89 7.10 19.29
C ASN A 295 -16.21 7.85 19.36
N ASN A 296 -16.62 8.40 18.20
CA ASN A 296 -17.93 9.03 18.02
C ASN A 296 -18.86 7.88 17.55
N LEU A 297 -19.85 7.49 18.39
CA LEU A 297 -20.73 6.34 18.07
C LEU A 297 -22.25 6.56 18.22
N TRP A 298 -23.02 5.75 17.50
CA TRP A 298 -24.49 5.80 17.54
C TRP A 298 -24.99 4.38 17.73
N VAL A 299 -25.94 4.18 18.64
CA VAL A 299 -26.41 2.83 18.94
C VAL A 299 -27.89 2.71 19.33
N ASN A 300 -28.50 1.60 18.93
CA ASN A 300 -29.89 1.26 19.22
C ASN A 300 -30.03 0.54 20.55
N LEU A 301 -30.57 1.26 21.53
CA LEU A 301 -30.81 0.78 22.88
C LEU A 301 -31.37 -0.65 22.97
N LYS A 302 -32.49 -0.91 22.32
CA LYS A 302 -33.07 -2.26 22.37
C LYS A 302 -32.05 -3.35 21.95
N ALA A 303 -31.23 -3.05 20.94
CA ALA A 303 -30.21 -3.99 20.46
C ALA A 303 -29.14 -4.27 21.51
N ILE A 304 -28.79 -3.26 22.29
CA ILE A 304 -27.77 -3.41 23.33
C ILE A 304 -28.33 -4.35 24.41
N LYS A 305 -29.53 -4.03 24.89
CA LYS A 305 -30.20 -4.84 25.90
C LYS A 305 -30.28 -6.28 25.42
N LYS A 306 -30.49 -6.42 24.12
CA LYS A 306 -30.60 -7.72 23.49
C LYS A 306 -29.29 -8.52 23.50
N LEU A 307 -28.16 -7.88 23.14
CA LEU A 307 -26.87 -8.57 23.12
C LEU A 307 -26.19 -8.73 24.48
N VAL A 308 -26.26 -7.68 25.30
CA VAL A 308 -25.67 -7.68 26.64
C VAL A 308 -26.34 -8.74 27.53
N GLU A 309 -27.68 -8.77 27.54
CA GLU A 309 -28.41 -9.73 28.37
C GLU A 309 -28.25 -11.17 27.86
N ALA A 310 -28.03 -11.32 26.56
CA ALA A 310 -27.82 -12.62 25.90
C ALA A 310 -26.35 -13.03 26.08
N ASP A 311 -25.58 -12.08 26.59
CA ASP A 311 -24.15 -12.27 26.85
C ASP A 311 -23.43 -12.50 25.53
N ALA A 312 -23.76 -11.68 24.54
CA ALA A 312 -23.17 -11.80 23.22
C ALA A 312 -22.07 -10.79 22.90
N LEU A 313 -21.70 -9.94 23.86
CA LEU A 313 -20.69 -8.93 23.56
C LEU A 313 -19.30 -9.06 24.19
N LYS A 314 -18.65 -10.22 24.06
CA LYS A 314 -17.31 -10.31 24.59
C LYS A 314 -16.38 -9.85 23.46
N MET A 315 -16.02 -8.57 23.53
CA MET A 315 -15.13 -7.96 22.55
C MET A 315 -13.69 -8.29 22.91
N GLU A 316 -12.75 -7.86 22.08
CA GLU A 316 -11.35 -8.13 22.32
C GLU A 316 -11.00 -7.63 23.70
N ILE A 317 -10.16 -8.40 24.38
CA ILE A 317 -9.72 -8.05 25.71
C ILE A 317 -8.27 -7.60 25.66
N ILE A 318 -8.02 -6.45 26.26
CA ILE A 318 -6.70 -5.88 26.35
C ILE A 318 -6.32 -5.91 27.82
N PRO A 319 -5.13 -6.43 28.12
CA PRO A 319 -4.61 -6.53 29.48
C PRO A 319 -4.39 -5.21 30.22
N ASN A 320 -3.85 -4.23 29.50
CA ASN A 320 -3.54 -2.89 30.02
C ASN A 320 -2.77 -3.04 31.33
N PRO A 321 -1.49 -3.45 31.23
CA PRO A 321 -0.62 -3.63 32.40
C PRO A 321 -0.30 -2.31 33.08
N LYS A 322 -0.09 -2.34 34.39
CA LYS A 322 0.21 -1.14 35.16
C LYS A 322 1.07 -1.57 36.34
N GLU A 323 1.87 -0.65 36.85
CA GLU A 323 2.72 -0.92 38.01
C GLU A 323 2.21 0.00 39.11
N VAL A 324 1.44 -0.56 40.03
CA VAL A 324 0.85 0.23 41.11
C VAL A 324 1.40 -0.17 42.48
N ASP A 325 1.88 0.81 43.22
CA ASP A 325 2.41 0.54 44.55
C ASP A 325 3.48 -0.55 44.48
N GLY A 326 4.37 -0.44 43.50
CA GLY A 326 5.43 -1.43 43.36
C GLY A 326 4.91 -2.82 43.08
N VAL A 327 3.84 -2.91 42.30
CA VAL A 327 3.25 -4.20 41.96
C VAL A 327 2.70 -4.12 40.54
N LYS A 328 3.05 -5.10 39.72
CA LYS A 328 2.56 -5.11 38.35
C LYS A 328 1.22 -5.83 38.35
N VAL A 329 0.20 -5.19 37.76
CA VAL A 329 -1.12 -5.80 37.70
C VAL A 329 -1.72 -5.58 36.32
N LEU A 330 -2.71 -6.41 35.99
CA LEU A 330 -3.43 -6.32 34.73
C LEU A 330 -4.74 -5.62 35.02
N GLN A 331 -5.33 -5.05 33.97
CA GLN A 331 -6.61 -4.34 34.06
C GLN A 331 -7.50 -4.78 32.93
N LEU A 332 -8.02 -6.01 32.95
CA LEU A 332 -8.81 -6.49 31.80
C LEU A 332 -9.93 -5.53 31.41
N GLU A 333 -9.94 -5.16 30.13
CA GLU A 333 -10.91 -4.21 29.60
C GLU A 333 -11.42 -4.48 28.17
N THR A 334 -12.45 -3.72 27.77
CA THR A 334 -13.00 -3.78 26.41
C THR A 334 -13.27 -2.38 25.87
N ALA A 335 -13.54 -2.27 24.58
CA ALA A 335 -13.78 -0.98 23.92
C ALA A 335 -15.13 -0.84 23.23
N ALA A 336 -15.88 0.20 23.57
CA ALA A 336 -17.19 0.45 22.95
C ALA A 336 -17.10 0.38 21.41
N GLY A 337 -16.03 0.91 20.85
CA GLY A 337 -15.86 0.85 19.41
C GLY A 337 -16.03 -0.56 18.85
N ALA A 338 -15.39 -1.55 19.49
CA ALA A 338 -15.45 -2.94 19.01
C ALA A 338 -16.80 -3.63 19.13
N ALA A 339 -17.74 -3.01 19.83
CA ALA A 339 -19.07 -3.61 19.97
C ALA A 339 -19.78 -3.72 18.61
N ILE A 340 -19.44 -2.82 17.69
CA ILE A 340 -20.05 -2.75 16.37
C ILE A 340 -20.26 -4.09 15.65
N ARG A 341 -19.39 -5.07 15.93
CA ARG A 341 -19.44 -6.36 15.24
C ARG A 341 -20.66 -7.23 15.55
N PHE A 342 -21.34 -6.92 16.64
CA PHE A 342 -22.50 -7.71 17.05
C PHE A 342 -23.78 -7.01 16.66
N PHE A 343 -23.69 -6.01 15.80
CA PHE A 343 -24.89 -5.26 15.41
C PHE A 343 -25.38 -5.40 13.98
N ASP A 344 -26.70 -5.51 13.83
CA ASP A 344 -27.29 -5.65 12.51
C ASP A 344 -27.15 -4.36 11.73
N ASN A 345 -26.79 -4.50 10.45
CA ASN A 345 -26.63 -3.38 9.54
C ASN A 345 -25.61 -2.34 10.04
N ALA A 346 -24.73 -2.79 10.94
CA ALA A 346 -23.69 -1.94 11.50
C ALA A 346 -22.95 -1.19 10.38
N ILE A 347 -22.69 0.10 10.59
CA ILE A 347 -21.98 0.90 9.60
C ILE A 347 -21.11 1.96 10.28
N GLY A 348 -20.25 2.56 9.47
CA GLY A 348 -19.40 3.63 9.90
C GLY A 348 -19.80 4.74 8.97
N VAL A 349 -19.69 5.99 9.43
CA VAL A 349 -20.03 7.13 8.58
C VAL A 349 -18.80 8.02 8.65
N ASN A 350 -18.30 8.44 7.49
CA ASN A 350 -17.12 9.29 7.43
C ASN A 350 -17.43 10.77 7.72
N VAL A 351 -16.91 11.27 8.83
CA VAL A 351 -17.20 12.64 9.19
C VAL A 351 -16.05 13.61 8.95
N PRO A 352 -16.37 14.91 8.87
CA PRO A 352 -15.32 15.91 8.65
C PRO A 352 -14.33 15.80 9.82
N ARG A 353 -13.34 16.68 9.84
CA ARG A 353 -12.32 16.69 10.89
C ARG A 353 -12.81 17.47 12.10
N SER A 354 -13.71 18.42 11.85
CA SER A 354 -14.25 19.23 12.93
C SER A 354 -15.01 18.43 14.00
N ARG A 355 -15.45 17.22 13.68
CA ARG A 355 -16.19 16.39 14.64
C ARG A 355 -15.28 15.59 15.57
N PHE A 356 -13.97 15.79 15.43
CA PHE A 356 -13.02 15.09 16.30
C PHE A 356 -12.06 16.15 16.87
N LEU A 357 -12.45 16.84 17.95
CA LEU A 357 -11.58 17.85 18.53
C LEU A 357 -11.04 17.29 19.85
N PRO A 358 -10.08 16.35 19.77
CA PRO A 358 -9.50 15.74 20.95
C PRO A 358 -8.61 16.70 21.72
N VAL A 359 -8.80 16.70 23.03
CA VAL A 359 -7.99 17.50 23.95
C VAL A 359 -7.55 16.44 24.98
N LYS A 360 -6.27 16.08 25.01
CA LYS A 360 -5.77 15.07 25.98
C LYS A 360 -4.59 15.56 26.82
N ALA A 361 -3.95 16.63 26.36
CA ALA A 361 -2.79 17.21 27.05
C ALA A 361 -2.57 18.70 26.70
N SER A 362 -1.40 19.24 27.05
CA SER A 362 -1.10 20.63 26.76
C SER A 362 -0.70 20.96 25.31
N SER A 363 -0.03 20.03 24.64
CA SER A 363 0.41 20.23 23.25
C SER A 363 -0.80 20.63 22.44
N ASP A 364 -1.91 19.98 22.77
CA ASP A 364 -3.16 20.19 22.11
C ASP A 364 -3.91 21.33 22.75
N LEU A 365 -3.59 21.61 24.01
CA LEU A 365 -4.23 22.76 24.62
C LEU A 365 -3.73 24.05 23.92
N LEU A 366 -2.47 24.03 23.52
CA LEU A 366 -1.88 25.17 22.82
C LEU A 366 -2.59 25.43 21.47
N LEU A 367 -2.88 24.35 20.74
CA LEU A 367 -3.53 24.46 19.43
C LEU A 367 -4.88 25.12 19.55
N VAL A 368 -5.70 24.53 20.42
CA VAL A 368 -7.04 25.00 20.68
C VAL A 368 -7.22 26.35 21.34
N GLN A 369 -6.26 26.79 22.16
CA GLN A 369 -6.40 28.10 22.80
C GLN A 369 -5.90 29.28 21.96
N SER A 370 -5.30 28.99 20.82
CA SER A 370 -4.76 30.07 20.00
C SER A 370 -5.68 30.55 18.87
N ASP A 371 -5.12 31.41 18.02
CA ASP A 371 -5.91 31.99 16.95
C ASP A 371 -6.40 31.03 15.89
N LEU A 372 -6.02 29.77 15.98
CA LEU A 372 -6.46 28.78 15.01
C LEU A 372 -7.92 28.42 15.24
N TYR A 373 -8.41 28.70 16.43
CA TYR A 373 -9.79 28.38 16.80
C TYR A 373 -10.51 29.52 17.48
N THR A 374 -11.83 29.48 17.44
CA THR A 374 -12.66 30.48 18.11
C THR A 374 -13.96 29.82 18.57
N LEU A 375 -14.47 30.25 19.71
CA LEU A 375 -15.70 29.70 20.23
C LEU A 375 -16.91 30.38 19.60
N VAL A 376 -17.65 29.63 18.79
CA VAL A 376 -18.84 30.18 18.16
C VAL A 376 -20.06 29.35 18.53
N ASP A 377 -20.97 29.99 19.28
CA ASP A 377 -22.19 29.33 19.73
C ASP A 377 -21.91 27.99 20.43
N GLY A 378 -21.00 28.03 21.41
CA GLY A 378 -20.68 26.84 22.17
C GLY A 378 -19.82 25.82 21.46
N PHE A 379 -19.40 26.15 20.24
CA PHE A 379 -18.58 25.22 19.48
C PHE A 379 -17.20 25.81 19.18
N VAL A 380 -16.17 25.02 19.48
CA VAL A 380 -14.80 25.40 19.20
C VAL A 380 -14.77 25.31 17.67
N THR A 381 -14.64 26.48 17.05
CA THR A 381 -14.68 26.61 15.60
C THR A 381 -13.34 27.00 14.99
N ARG A 382 -12.96 26.30 13.93
CA ARG A 382 -11.68 26.57 13.27
C ARG A 382 -11.68 27.87 12.47
N ASN A 383 -10.53 28.52 12.42
CA ASN A 383 -10.37 29.80 11.72
C ASN A 383 -10.19 29.57 10.23
N LYS A 384 -10.83 30.43 9.42
CA LYS A 384 -10.77 30.34 7.97
C LYS A 384 -9.38 30.64 7.40
N ALA A 385 -8.71 31.65 7.96
CA ALA A 385 -7.38 32.04 7.50
C ALA A 385 -6.45 30.85 7.23
N ARG A 386 -6.49 29.84 8.10
CA ARG A 386 -5.67 28.64 7.95
C ARG A 386 -6.27 27.77 6.85
N THR A 387 -6.08 28.17 5.60
CA THR A 387 -6.60 27.41 4.48
C THR A 387 -6.02 26.01 4.55
N ASN A 388 -4.88 25.88 5.23
CA ASN A 388 -4.25 24.59 5.39
C ASN A 388 -5.29 23.72 6.10
N PRO A 389 -5.51 22.48 5.62
CA PRO A 389 -6.49 21.56 6.21
C PRO A 389 -6.14 20.99 7.59
N SER A 390 -4.95 20.40 7.71
CA SER A 390 -4.51 19.80 8.98
C SER A 390 -3.91 20.83 9.93
N ASN A 391 -3.53 20.40 11.13
CA ASN A 391 -2.93 21.30 12.11
C ASN A 391 -1.42 21.11 12.22
N PRO A 392 -0.71 22.12 12.75
CA PRO A 392 0.75 22.12 12.94
C PRO A 392 1.29 21.11 13.94
N SER A 393 2.60 20.86 13.86
CA SER A 393 3.30 19.89 14.71
C SER A 393 3.93 20.51 15.97
N ILE A 394 3.13 20.56 17.03
CA ILE A 394 3.52 21.15 18.32
C ILE A 394 3.78 20.12 19.42
N GLU A 395 5.05 19.98 19.81
CA GLU A 395 5.42 19.06 20.89
C GLU A 395 6.22 19.88 21.92
N LEU A 396 5.91 19.70 23.20
CA LEU A 396 6.58 20.47 24.27
C LEU A 396 7.19 19.59 25.36
N GLY A 397 8.33 20.00 25.93
CA GLY A 397 8.96 19.22 26.98
C GLY A 397 8.06 18.95 28.21
N PRO A 398 8.56 18.21 29.24
CA PRO A 398 7.77 17.92 30.43
C PRO A 398 7.35 19.20 31.16
N GLU A 399 8.10 20.28 30.91
CA GLU A 399 7.81 21.58 31.53
C GLU A 399 6.38 22.10 31.23
N PHE A 400 5.77 21.61 30.15
CA PHE A 400 4.42 22.05 29.75
C PHE A 400 3.26 21.09 30.03
N LYS A 401 3.48 19.96 30.70
CA LYS A 401 2.40 18.99 30.95
C LYS A 401 1.30 19.38 31.93
N LYS A 402 1.64 20.08 33.00
CA LYS A 402 0.66 20.50 34.01
C LYS A 402 -0.04 21.81 33.62
N VAL A 403 -1.16 21.68 32.92
CA VAL A 403 -1.97 22.81 32.45
C VAL A 403 -1.66 24.17 33.10
N ALA A 404 -1.62 24.25 34.42
CA ALA A 404 -1.33 25.55 35.06
C ALA A 404 0.09 26.02 34.71
N THR A 405 0.99 25.07 34.56
CA THR A 405 2.38 25.32 34.22
C THR A 405 2.45 25.83 32.79
N PHE A 406 1.83 25.08 31.89
CA PHE A 406 1.75 25.46 30.47
C PHE A 406 1.21 26.89 30.36
N LEU A 407 0.11 27.16 31.04
CA LEU A 407 -0.51 28.49 31.01
C LEU A 407 0.45 29.57 31.50
N SER A 408 1.16 29.28 32.58
CA SER A 408 2.10 30.26 33.13
C SER A 408 3.29 30.42 32.19
N ARG A 409 3.60 29.38 31.44
CA ARG A 409 4.72 29.48 30.50
C ARG A 409 4.32 30.18 29.20
N PHE A 410 3.05 30.58 29.14
CA PHE A 410 2.54 31.30 27.98
C PHE A 410 1.80 32.57 28.42
N LYS A 411 2.48 33.71 28.31
CA LYS A 411 1.86 34.97 28.67
C LYS A 411 0.56 35.11 27.89
N SER A 412 0.55 34.54 26.70
CA SER A 412 -0.63 34.50 25.84
C SER A 412 -0.24 33.46 24.82
N ILE A 413 -1.21 32.70 24.33
CA ILE A 413 -0.90 31.68 23.34
C ILE A 413 -0.40 32.38 22.08
N PRO A 414 0.75 31.96 21.56
CA PRO A 414 1.28 32.61 20.36
C PRO A 414 0.39 32.32 19.15
N SER A 415 0.43 33.22 18.18
CA SER A 415 -0.36 33.00 17.00
C SER A 415 0.23 31.84 16.18
N ILE A 416 -0.63 30.96 15.67
CA ILE A 416 -0.17 29.81 14.90
C ILE A 416 -1.00 29.56 13.63
N VAL A 417 -1.43 30.65 13.01
CA VAL A 417 -2.23 30.61 11.79
C VAL A 417 -1.38 30.04 10.65
N GLU A 418 -0.37 30.81 10.29
CA GLU A 418 0.54 30.45 9.21
C GLU A 418 1.58 29.52 9.76
N LEU A 419 1.33 29.02 10.96
CA LEU A 419 2.27 28.13 11.59
C LEU A 419 2.11 26.68 11.12
N ASP A 420 3.15 26.11 10.56
CA ASP A 420 3.05 24.73 10.15
C ASP A 420 3.48 23.90 11.34
N SER A 421 3.89 24.59 12.40
CA SER A 421 4.35 23.91 13.60
C SER A 421 5.06 24.77 14.62
N LEU A 422 5.18 24.18 15.81
CA LEU A 422 5.83 24.79 16.93
C LEU A 422 6.35 23.69 17.85
N LYS A 423 7.66 23.55 17.97
CA LYS A 423 8.18 22.58 18.95
C LYS A 423 8.85 23.41 20.04
N VAL A 424 8.99 22.85 21.24
CA VAL A 424 9.60 23.56 22.36
C VAL A 424 10.28 22.58 23.33
N SER A 425 11.53 22.85 23.70
CA SER A 425 12.19 21.94 24.63
C SER A 425 12.95 22.66 25.74
N GLY A 426 13.10 21.99 26.87
CA GLY A 426 13.82 22.59 27.97
C GLY A 426 13.05 23.71 28.64
N ASP A 427 13.68 24.36 29.60
CA ASP A 427 13.07 25.43 30.36
C ASP A 427 12.86 26.70 29.52
N VAL A 428 11.87 26.64 28.63
CA VAL A 428 11.56 27.75 27.77
C VAL A 428 10.34 28.48 28.25
N TRP A 429 10.36 29.80 28.07
CA TRP A 429 9.25 30.65 28.46
C TRP A 429 8.94 31.59 27.30
N PHE A 430 7.66 31.64 26.92
CA PHE A 430 7.15 32.46 25.82
C PHE A 430 6.55 33.76 26.30
N GLY A 431 6.78 34.83 25.53
CA GLY A 431 6.24 36.12 25.88
C GLY A 431 4.75 36.28 25.57
N SER A 432 4.33 37.51 25.32
CA SER A 432 2.93 37.78 25.09
C SER A 432 2.51 38.27 23.71
N SER A 433 1.18 38.26 23.52
CA SER A 433 0.53 38.68 22.28
C SER A 433 1.50 38.48 21.18
N ILE A 434 2.15 37.34 21.23
CA ILE A 434 3.09 36.98 20.22
C ILE A 434 2.18 36.55 19.10
N VAL A 435 2.77 36.32 17.93
CA VAL A 435 1.99 35.92 16.76
C VAL A 435 2.90 35.17 15.81
N LEU A 436 3.38 34.01 16.25
CA LEU A 436 4.26 33.19 15.44
C LEU A 436 3.57 32.92 14.12
N LYS A 437 4.37 32.60 13.12
CA LYS A 437 3.89 32.28 11.79
C LYS A 437 4.86 31.20 11.30
N GLY A 438 4.43 30.41 10.31
CA GLY A 438 5.27 29.37 9.76
C GLY A 438 5.85 28.39 10.75
N LYS A 439 6.98 27.81 10.37
CA LYS A 439 7.67 26.84 11.22
C LYS A 439 8.36 27.60 12.35
N VAL A 440 7.99 27.31 13.60
CA VAL A 440 8.60 27.97 14.74
C VAL A 440 9.16 26.95 15.72
N THR A 441 10.42 27.16 16.07
CA THR A 441 11.09 26.27 17.01
C THR A 441 11.76 27.06 18.12
N VAL A 442 11.52 26.63 19.36
CA VAL A 442 12.11 27.26 20.52
C VAL A 442 12.67 26.14 21.40
N ALA A 443 13.99 26.13 21.55
CA ALA A 443 14.62 25.08 22.35
C ALA A 443 15.68 25.63 23.31
N ALA A 444 15.36 25.68 24.60
CA ALA A 444 16.30 26.17 25.59
C ALA A 444 17.22 25.04 26.05
N LYS A 445 18.52 25.22 25.87
CA LYS A 445 19.46 24.18 26.29
C LYS A 445 19.34 24.06 27.80
N SER A 446 19.49 22.86 28.33
CA SER A 446 19.37 22.66 29.78
C SER A 446 20.27 23.62 30.55
N GLY A 447 19.79 24.07 31.70
CA GLY A 447 20.52 24.99 32.55
C GLY A 447 20.05 26.43 32.42
N VAL A 448 19.86 26.86 31.18
CA VAL A 448 19.41 28.20 30.91
C VAL A 448 17.90 28.29 30.96
N LYS A 449 17.38 29.47 31.32
CA LYS A 449 15.94 29.72 31.33
C LYS A 449 15.70 30.69 30.17
N LEU A 450 15.28 30.15 29.04
CA LEU A 450 15.02 30.93 27.84
C LEU A 450 13.66 31.59 27.82
N GLU A 451 13.62 32.85 27.44
CA GLU A 451 12.34 33.54 27.36
C GLU A 451 12.19 34.25 26.01
N ILE A 452 11.07 34.00 25.35
CA ILE A 452 10.79 34.66 24.07
C ILE A 452 10.01 35.91 24.43
N PRO A 453 10.62 37.10 24.24
CA PRO A 453 10.09 38.45 24.51
C PRO A 453 8.62 38.76 24.28
N ASP A 454 7.99 39.37 25.30
CA ASP A 454 6.57 39.76 25.28
C ASP A 454 6.22 40.66 24.09
N ARG A 455 4.97 40.55 23.65
CA ARG A 455 4.46 41.31 22.51
C ARG A 455 5.39 41.36 21.30
N ALA A 456 5.88 40.20 20.87
CA ALA A 456 6.75 40.16 19.70
C ALA A 456 6.22 39.16 18.66
N VAL A 457 6.78 39.23 17.47
CA VAL A 457 6.38 38.30 16.41
C VAL A 457 7.54 37.35 16.20
N VAL A 458 7.23 36.10 15.86
CA VAL A 458 8.26 35.08 15.63
C VAL A 458 7.79 34.26 14.45
N GLU A 459 8.43 34.46 13.30
CA GLU A 459 8.06 33.75 12.06
C GLU A 459 9.18 32.82 11.58
N ASN A 460 8.81 31.65 11.05
CA ASN A 460 9.77 30.65 10.56
C ASN A 460 11.15 30.97 11.07
N LYS A 461 11.35 30.77 12.37
CA LYS A 461 12.62 31.08 13.02
C LYS A 461 13.00 30.10 14.11
N ASN A 462 14.31 29.94 14.29
CA ASN A 462 14.85 29.06 15.32
C ASN A 462 15.38 29.89 16.48
N ILE A 463 14.88 29.59 17.67
CA ILE A 463 15.30 30.32 18.87
C ILE A 463 15.91 29.32 19.85
N ASN A 464 17.23 29.25 19.85
CA ASN A 464 17.93 28.33 20.73
C ASN A 464 18.83 29.02 21.74
N GLY A 465 18.62 30.32 21.91
CA GLY A 465 19.41 31.08 22.85
C GLY A 465 18.89 32.49 22.95
N PRO A 466 19.26 33.25 24.01
CA PRO A 466 18.82 34.62 24.20
C PRO A 466 19.24 35.47 23.00
N GLU A 467 20.37 35.06 22.40
CA GLU A 467 20.91 35.76 21.24
C GLU A 467 20.07 35.56 19.99
N ASP A 468 18.76 35.76 20.11
CA ASP A 468 17.87 35.61 18.95
C ASP A 468 16.70 36.59 18.95
N LEU A 469 16.74 37.59 19.83
CA LEU A 469 15.70 38.62 19.95
C LEU A 469 14.27 38.17 19.63
N LEU B 8 43.72 -5.56 -11.65
CA LEU B 8 45.00 -6.31 -11.72
C LEU B 8 45.34 -6.67 -13.17
N PRO B 9 46.26 -5.91 -13.78
CA PRO B 9 46.80 -6.00 -15.14
C PRO B 9 47.09 -7.41 -15.68
N GLN B 10 46.93 -8.41 -14.82
CA GLN B 10 47.18 -9.79 -15.20
C GLN B 10 46.14 -10.30 -16.21
N LEU B 11 45.08 -9.52 -16.41
CA LEU B 11 44.01 -9.89 -17.35
C LEU B 11 43.87 -8.88 -18.50
N LYS B 12 44.24 -7.63 -18.24
CA LYS B 12 44.18 -6.57 -19.25
C LYS B 12 45.21 -6.90 -20.31
N SER B 13 46.39 -7.27 -19.85
CA SER B 13 47.44 -7.64 -20.76
C SER B 13 46.94 -8.83 -21.54
N ALA B 14 46.29 -9.75 -20.83
CA ALA B 14 45.74 -10.96 -21.42
C ALA B 14 44.68 -10.53 -22.45
N VAL B 15 43.87 -9.54 -22.07
CA VAL B 15 42.86 -9.07 -22.98
C VAL B 15 43.47 -8.48 -24.24
N ASP B 16 44.57 -7.74 -24.13
CA ASP B 16 45.17 -7.18 -25.34
C ASP B 16 45.74 -8.31 -26.17
N GLY B 17 46.01 -9.44 -25.52
CA GLY B 17 46.55 -10.59 -26.23
C GLY B 17 45.53 -11.29 -27.11
N LEU B 18 44.24 -11.11 -26.80
CA LEU B 18 43.19 -11.75 -27.60
C LEU B 18 42.92 -10.83 -28.79
N THR B 19 43.72 -11.00 -29.85
CA THR B 19 43.61 -10.16 -31.04
C THR B 19 42.22 -10.27 -31.64
N GLU B 20 41.49 -11.28 -31.18
CA GLU B 20 40.13 -11.55 -31.62
C GLU B 20 39.12 -10.54 -31.05
N MET B 21 39.57 -9.68 -30.14
CA MET B 21 38.70 -8.66 -29.53
C MET B 21 39.01 -7.26 -30.10
N SER B 22 37.97 -6.45 -30.31
CA SER B 22 38.16 -5.10 -30.82
C SER B 22 38.61 -4.19 -29.68
N GLU B 23 39.23 -3.06 -29.99
CA GLU B 23 39.69 -2.14 -28.96
C GLU B 23 38.51 -1.79 -28.04
N SER B 24 37.41 -1.28 -28.62
CA SER B 24 36.21 -0.94 -27.85
C SER B 24 35.74 -2.07 -26.94
N GLU B 25 36.00 -3.31 -27.34
CA GLU B 25 35.62 -4.47 -26.53
C GLU B 25 36.63 -4.64 -25.42
N LYS B 26 37.91 -4.45 -25.75
CA LYS B 26 38.92 -4.58 -24.71
C LYS B 26 38.50 -3.58 -23.60
N SER B 27 38.40 -2.28 -23.93
CA SER B 27 37.98 -1.24 -22.97
C SER B 27 36.78 -1.66 -22.13
N GLY B 28 35.57 -1.49 -22.66
CA GLY B 28 34.38 -1.90 -21.92
C GLY B 28 34.46 -3.22 -21.14
N PHE B 29 35.05 -4.25 -21.74
CA PHE B 29 35.16 -5.53 -21.05
C PHE B 29 35.99 -5.43 -19.77
N ILE B 30 37.08 -4.68 -19.85
CA ILE B 30 37.95 -4.47 -18.70
C ILE B 30 37.24 -3.45 -17.81
N SER B 31 36.67 -2.43 -18.41
CA SER B 31 35.96 -1.41 -17.64
C SER B 31 34.87 -2.13 -16.85
N LEU B 32 34.46 -3.30 -17.35
CA LEU B 32 33.45 -4.10 -16.70
C LEU B 32 34.11 -5.08 -15.73
N VAL B 33 35.16 -5.75 -16.18
CA VAL B 33 35.86 -6.70 -15.31
C VAL B 33 36.35 -5.91 -14.12
N SER B 34 36.71 -4.66 -14.38
CA SER B 34 37.17 -3.76 -13.34
C SER B 34 36.10 -3.65 -12.28
N ARG B 35 34.97 -3.05 -12.66
CA ARG B 35 33.86 -2.85 -11.75
C ARG B 35 33.56 -4.07 -10.88
N TYR B 36 33.57 -5.25 -11.48
CA TYR B 36 33.30 -6.46 -10.73
C TYR B 36 34.27 -6.60 -9.55
N LEU B 37 35.47 -6.05 -9.71
CA LEU B 37 36.52 -6.10 -8.69
C LEU B 37 36.55 -4.84 -7.82
N ILE B 44 23.38 0.84 -2.86
CA ILE B 44 21.94 1.07 -2.69
C ILE B 44 21.54 1.10 -1.22
N GLU B 45 20.95 2.21 -0.79
CA GLU B 45 20.51 2.36 0.60
C GLU B 45 18.98 2.49 0.65
N TRP B 46 18.35 1.50 1.28
CA TRP B 46 16.90 1.45 1.39
C TRP B 46 16.23 2.75 1.82
N SER B 47 16.86 3.46 2.76
CA SER B 47 16.28 4.71 3.25
C SER B 47 16.31 5.81 2.18
N LYS B 48 17.07 5.60 1.11
CA LYS B 48 17.14 6.63 0.07
C LYS B 48 16.22 6.34 -1.12
N ILE B 49 15.47 5.25 -1.02
CA ILE B 49 14.52 4.84 -2.06
C ILE B 49 13.16 5.53 -1.95
N GLN B 50 12.70 6.12 -3.05
CA GLN B 50 11.36 6.72 -3.07
C GLN B 50 10.52 6.03 -4.14
N THR B 51 9.23 5.87 -3.86
CA THR B 51 8.29 5.26 -4.81
C THR B 51 8.06 6.25 -5.94
N PRO B 52 7.89 5.74 -7.18
CA PRO B 52 7.65 6.70 -8.26
C PRO B 52 6.28 7.38 -8.21
N THR B 53 6.27 8.66 -8.56
CA THR B 53 5.02 9.43 -8.63
C THR B 53 4.62 9.27 -10.10
N ASP B 54 3.47 9.80 -10.47
CA ASP B 54 3.04 9.73 -11.86
C ASP B 54 4.06 10.42 -12.77
N GLU B 55 5.15 10.91 -12.19
CA GLU B 55 6.22 11.54 -12.96
C GLU B 55 7.37 10.54 -13.15
N ILE B 56 7.70 9.78 -12.11
CA ILE B 56 8.81 8.83 -12.23
C ILE B 56 8.32 7.60 -13.03
N VAL B 57 7.04 7.29 -12.85
CA VAL B 57 6.44 6.19 -13.57
C VAL B 57 5.16 6.75 -14.12
N VAL B 58 5.14 7.00 -15.43
CA VAL B 58 3.94 7.57 -16.04
C VAL B 58 3.00 6.45 -16.44
N PRO B 59 1.84 6.31 -15.76
CA PRO B 59 0.98 5.20 -16.19
C PRO B 59 0.38 5.62 -17.54
N TYR B 60 0.27 4.65 -18.46
CA TYR B 60 -0.18 4.91 -19.80
C TYR B 60 -1.43 5.77 -19.98
N GLU B 61 -2.35 5.68 -19.03
CA GLU B 61 -3.61 6.42 -19.10
C GLU B 61 -3.59 7.94 -19.01
N LYS B 62 -2.44 8.52 -18.71
CA LYS B 62 -2.38 9.96 -18.64
C LYS B 62 -1.62 10.58 -19.82
N MET B 63 -1.37 9.78 -20.86
CA MET B 63 -0.67 10.31 -22.02
C MET B 63 -1.66 10.79 -23.06
N THR B 64 -1.28 11.82 -23.81
CA THR B 64 -2.14 12.37 -24.86
C THR B 64 -2.02 11.46 -26.10
N PRO B 65 -3.14 10.95 -26.60
CA PRO B 65 -3.16 10.07 -27.78
C PRO B 65 -2.96 10.76 -29.11
N VAL B 66 -2.59 9.95 -30.10
CA VAL B 66 -2.41 10.46 -31.44
C VAL B 66 -3.84 10.56 -32.01
N SER B 67 -4.08 11.56 -32.84
CA SER B 67 -5.39 11.78 -33.47
C SER B 67 -5.65 10.72 -34.53
N GLN B 68 -6.77 10.87 -35.23
CA GLN B 68 -7.18 9.97 -36.29
C GLN B 68 -6.66 10.31 -37.69
N ASP B 69 -5.89 11.40 -37.82
CA ASP B 69 -5.31 11.84 -39.12
C ASP B 69 -3.97 11.13 -39.32
N VAL B 70 -3.88 10.39 -40.43
CA VAL B 70 -2.68 9.62 -40.78
C VAL B 70 -1.41 10.44 -40.64
N ALA B 71 -1.46 11.68 -41.11
CA ALA B 71 -0.29 12.59 -41.01
C ALA B 71 0.40 12.71 -39.64
N GLU B 72 -0.36 12.89 -38.57
CA GLU B 72 0.27 12.99 -37.25
C GLU B 72 0.99 11.67 -36.96
N THR B 73 0.35 10.57 -37.32
CA THR B 73 0.93 9.25 -37.14
C THR B 73 2.09 9.00 -38.13
N LYS B 74 1.85 9.26 -39.41
CA LYS B 74 2.89 9.05 -40.42
C LYS B 74 4.12 9.85 -39.98
N ASN B 75 3.90 11.05 -39.43
CA ASN B 75 5.01 11.86 -38.96
C ASN B 75 5.72 11.22 -37.75
N LEU B 76 5.01 10.98 -36.65
CA LEU B 76 5.68 10.36 -35.49
C LEU B 76 6.53 9.14 -35.88
N LEU B 77 6.04 8.35 -36.84
CA LEU B 77 6.75 7.16 -37.32
C LEU B 77 7.90 7.53 -38.29
N ASP B 78 7.89 8.77 -38.78
CA ASP B 78 8.92 9.28 -39.72
C ASP B 78 10.37 9.16 -39.18
N LYS B 79 10.55 9.20 -37.85
CA LYS B 79 11.90 9.16 -37.26
C LYS B 79 12.05 8.10 -36.17
N LEU B 80 11.57 6.90 -36.44
CA LEU B 80 11.63 5.84 -35.43
C LEU B 80 12.37 4.60 -35.92
N VAL B 81 13.21 4.00 -35.06
CA VAL B 81 13.89 2.73 -35.36
C VAL B 81 13.28 1.67 -34.42
N VAL B 82 13.03 0.47 -34.94
CA VAL B 82 12.47 -0.62 -34.11
C VAL B 82 13.52 -1.55 -33.50
N LEU B 83 14.19 -2.34 -34.33
CA LEU B 83 15.19 -3.26 -33.81
C LEU B 83 14.57 -4.30 -32.87
N LYS B 84 15.22 -5.47 -32.81
CA LYS B 84 14.79 -6.56 -31.95
C LYS B 84 16.04 -7.30 -31.44
N LEU B 85 16.02 -7.61 -30.15
CA LEU B 85 17.13 -8.33 -29.51
C LEU B 85 17.05 -9.78 -30.03
N ASN B 86 18.06 -10.20 -30.78
CA ASN B 86 18.08 -11.52 -31.42
C ASN B 86 19.42 -12.27 -31.22
N GLY B 87 20.02 -12.10 -30.05
CA GLY B 87 21.31 -12.72 -29.80
C GLY B 87 21.22 -14.08 -29.13
N GLY B 88 19.99 -14.47 -28.78
CA GLY B 88 19.79 -15.75 -28.12
C GLY B 88 19.30 -16.88 -29.02
N LEU B 89 19.64 -18.12 -28.65
CA LEU B 89 19.22 -19.32 -29.40
C LEU B 89 18.02 -19.99 -28.75
N GLY B 90 17.41 -20.95 -29.45
CA GLY B 90 16.26 -21.63 -28.89
C GLY B 90 16.61 -22.86 -28.10
N THR B 91 17.86 -22.95 -27.65
CA THR B 91 18.32 -24.10 -26.88
C THR B 91 17.37 -24.65 -25.80
N THR B 92 17.21 -23.94 -24.69
CA THR B 92 16.34 -24.37 -23.58
C THR B 92 14.95 -24.89 -24.00
N MET B 93 14.48 -24.49 -25.18
CA MET B 93 13.17 -24.96 -25.63
C MET B 93 13.37 -26.02 -26.72
N GLY B 94 14.53 -26.70 -26.65
CA GLY B 94 14.84 -27.76 -27.60
C GLY B 94 14.97 -27.39 -29.07
N CYS B 95 15.26 -26.13 -29.37
CA CYS B 95 15.40 -25.70 -30.74
C CYS B 95 16.82 -25.23 -31.02
N THR B 96 17.34 -25.62 -32.18
CA THR B 96 18.68 -25.26 -32.58
C THR B 96 18.77 -23.87 -33.21
N GLY B 97 17.71 -23.41 -33.86
CA GLY B 97 17.86 -22.10 -34.49
C GLY B 97 17.96 -20.92 -33.54
N PRO B 98 18.03 -19.68 -34.08
CA PRO B 98 18.09 -18.52 -33.19
C PRO B 98 16.76 -18.62 -32.42
N LYS B 99 16.65 -17.98 -31.27
CA LYS B 99 15.36 -18.06 -30.55
C LYS B 99 14.23 -17.50 -31.42
N SER B 100 14.58 -16.56 -32.31
CA SER B 100 13.57 -15.95 -33.16
C SER B 100 12.99 -16.83 -34.31
N VAL B 101 13.62 -17.95 -34.66
CA VAL B 101 13.05 -18.74 -35.75
C VAL B 101 12.15 -19.88 -35.33
N ILE B 102 11.79 -19.90 -34.06
CA ILE B 102 10.84 -20.88 -33.59
C ILE B 102 9.49 -20.44 -34.18
N GLU B 103 8.68 -21.39 -34.68
CA GLU B 103 7.36 -21.02 -35.20
C GLU B 103 6.44 -20.75 -34.04
N VAL B 104 6.03 -19.49 -33.93
CA VAL B 104 5.13 -19.00 -32.90
C VAL B 104 3.72 -19.56 -33.10
N ARG B 105 3.27 -19.56 -34.35
CA ARG B 105 1.93 -20.05 -34.65
C ARG B 105 1.58 -19.84 -36.12
N ASP B 106 0.49 -20.48 -36.55
CA ASP B 106 0.04 -20.38 -37.94
C ASP B 106 1.20 -20.74 -38.85
N GLY B 107 2.19 -21.43 -38.29
CA GLY B 107 3.36 -21.81 -39.07
C GLY B 107 4.44 -20.75 -39.27
N LEU B 108 4.22 -19.53 -38.75
CA LEU B 108 5.22 -18.45 -38.90
C LEU B 108 6.20 -18.34 -37.73
N THR B 109 7.35 -17.72 -38.01
CA THR B 109 8.39 -17.50 -37.00
C THR B 109 8.29 -16.08 -36.42
N PHE B 110 9.00 -15.84 -35.33
CA PHE B 110 8.99 -14.51 -34.73
C PHE B 110 9.48 -13.48 -35.75
N LEU B 111 10.45 -13.89 -36.59
CA LEU B 111 10.96 -12.99 -37.64
C LEU B 111 9.92 -12.55 -38.68
N ASP B 112 9.32 -13.52 -39.37
CA ASP B 112 8.29 -13.25 -40.39
C ASP B 112 7.37 -12.17 -39.84
N LEU B 113 6.89 -12.41 -38.63
CA LEU B 113 5.95 -11.50 -37.97
C LEU B 113 6.53 -10.08 -37.78
N ILE B 114 7.66 -9.99 -37.10
CA ILE B 114 8.26 -8.68 -36.91
C ILE B 114 8.52 -8.00 -38.26
N VAL B 115 9.00 -8.78 -39.23
CA VAL B 115 9.26 -8.20 -40.56
C VAL B 115 7.92 -7.84 -41.23
N ILE B 116 6.96 -8.75 -41.15
CA ILE B 116 5.65 -8.50 -41.77
C ILE B 116 4.96 -7.33 -41.10
N GLN B 117 5.20 -7.18 -39.80
CA GLN B 117 4.62 -6.10 -39.03
C GLN B 117 5.11 -4.73 -39.46
N ILE B 118 6.43 -4.59 -39.59
CA ILE B 118 6.98 -3.28 -39.99
C ILE B 118 6.53 -2.95 -41.44
N GLU B 119 6.47 -3.96 -42.32
CA GLU B 119 6.01 -3.74 -43.68
C GLU B 119 4.53 -3.27 -43.66
N ASN B 120 3.70 -3.87 -42.82
CA ASN B 120 2.30 -3.43 -42.77
C ASN B 120 2.21 -1.95 -42.36
N LEU B 121 3.06 -1.54 -41.44
CA LEU B 121 3.12 -0.15 -41.04
C LEU B 121 3.52 0.69 -42.26
N ASN B 122 4.59 0.25 -42.93
CA ASN B 122 5.11 0.97 -44.09
C ASN B 122 4.13 1.05 -45.26
N ASN B 123 3.40 -0.03 -45.50
CA ASN B 123 2.44 -0.03 -46.59
C ASN B 123 1.23 0.83 -46.21
N LYS B 124 0.83 0.76 -44.97
CA LYS B 124 -0.35 1.53 -44.53
C LYS B 124 -0.18 3.03 -44.50
N TYR B 125 0.98 3.50 -44.03
CA TYR B 125 1.24 4.92 -43.91
C TYR B 125 2.21 5.50 -44.96
N GLY B 126 2.80 4.65 -45.79
CA GLY B 126 3.72 5.13 -46.80
C GLY B 126 5.05 5.54 -46.15
N CYS B 127 5.45 4.77 -45.15
CA CYS B 127 6.67 5.00 -44.41
C CYS B 127 7.70 3.89 -44.71
N LYS B 128 8.87 4.02 -44.12
CA LYS B 128 9.94 3.05 -44.28
C LYS B 128 10.71 3.05 -42.96
N VAL B 129 9.99 2.88 -41.85
CA VAL B 129 10.62 2.83 -40.54
C VAL B 129 11.63 1.69 -40.66
N PRO B 130 12.79 1.81 -39.99
CA PRO B 130 13.76 0.71 -40.09
C PRO B 130 13.52 -0.41 -39.11
N LEU B 131 13.78 -1.63 -39.57
CA LEU B 131 13.70 -2.81 -38.73
C LEU B 131 15.11 -3.42 -38.67
N VAL B 132 15.84 -3.24 -37.57
CA VAL B 132 17.19 -3.82 -37.42
C VAL B 132 17.18 -4.91 -36.38
N LEU B 133 18.14 -5.83 -36.44
CA LEU B 133 18.23 -6.94 -35.47
C LEU B 133 19.61 -6.93 -34.80
N MET B 134 19.63 -7.13 -33.48
CA MET B 134 20.87 -7.22 -32.73
C MET B 134 21.14 -8.70 -32.53
N ASN B 135 22.17 -9.21 -33.20
CA ASN B 135 22.52 -10.63 -33.08
C ASN B 135 23.73 -10.84 -32.16
N SER B 136 24.17 -12.09 -32.06
CA SER B 136 25.36 -12.50 -31.29
C SER B 136 26.06 -13.62 -32.04
N PHE B 137 27.31 -13.93 -31.68
CA PHE B 137 28.02 -15.00 -32.39
C PHE B 137 27.20 -16.31 -32.43
N ASN B 138 26.24 -16.43 -31.52
CA ASN B 138 25.45 -17.67 -31.53
C ASN B 138 24.40 -17.62 -32.62
N THR B 139 23.91 -16.41 -32.92
CA THR B 139 22.85 -16.26 -33.92
C THR B 139 23.10 -15.52 -35.23
N HIS B 140 24.21 -14.78 -35.39
CA HIS B 140 24.35 -13.99 -36.62
C HIS B 140 24.33 -14.84 -37.86
N ASP B 141 25.26 -15.78 -37.91
CA ASP B 141 25.36 -16.74 -39.00
C ASP B 141 23.96 -17.16 -39.52
N ASP B 142 23.20 -17.86 -38.69
CA ASP B 142 21.89 -18.29 -39.14
C ASP B 142 21.05 -17.10 -39.59
N THR B 143 20.90 -16.11 -38.71
CA THR B 143 20.11 -14.93 -39.03
C THR B 143 20.53 -14.24 -40.32
N HIS B 144 21.77 -13.74 -40.38
CA HIS B 144 22.25 -13.02 -41.55
C HIS B 144 21.82 -13.60 -42.90
N LYS B 145 21.67 -14.92 -42.95
CA LYS B 145 21.24 -15.59 -44.16
C LYS B 145 19.72 -15.82 -44.11
N ILE B 146 19.18 -16.00 -42.91
CA ILE B 146 17.75 -16.23 -42.74
C ILE B 146 16.93 -15.08 -43.35
N VAL B 147 17.38 -13.84 -43.16
CA VAL B 147 16.61 -12.69 -43.66
C VAL B 147 16.47 -12.64 -45.17
N GLU B 148 17.31 -13.40 -45.86
CA GLU B 148 17.26 -13.48 -47.31
C GLU B 148 15.85 -13.74 -47.80
N LYS B 149 15.07 -14.47 -47.00
CA LYS B 149 13.70 -14.79 -47.38
C LYS B 149 12.75 -13.61 -47.51
N TYR B 150 13.23 -12.40 -47.19
CA TYR B 150 12.37 -11.22 -47.29
C TYR B 150 12.91 -10.07 -48.13
N THR B 151 13.83 -10.36 -49.04
CA THR B 151 14.40 -9.32 -49.91
C THR B 151 13.30 -8.50 -50.58
N ASN B 152 12.16 -9.15 -50.83
CA ASN B 152 11.01 -8.53 -51.47
C ASN B 152 10.20 -7.67 -50.49
N SER B 153 10.46 -7.82 -49.19
CA SER B 153 9.74 -7.05 -48.18
C SER B 153 9.91 -5.55 -48.30
N ASN B 154 8.85 -4.81 -48.00
CA ASN B 154 8.93 -3.37 -48.05
C ASN B 154 9.38 -2.79 -46.71
N VAL B 155 10.60 -3.13 -46.31
CA VAL B 155 11.23 -2.67 -45.07
C VAL B 155 12.75 -2.88 -45.18
N ASP B 156 13.55 -1.89 -44.80
CA ASP B 156 14.99 -2.06 -44.82
C ASP B 156 15.31 -2.80 -43.54
N ILE B 157 15.84 -4.02 -43.68
CA ILE B 157 16.18 -4.85 -42.53
C ILE B 157 17.69 -4.91 -42.36
N HIS B 158 18.16 -4.61 -41.15
CA HIS B 158 19.58 -4.59 -40.84
C HIS B 158 19.86 -5.59 -39.73
N THR B 159 21.04 -6.21 -39.76
CA THR B 159 21.44 -7.17 -38.71
C THR B 159 22.86 -6.83 -38.32
N PHE B 160 23.15 -6.72 -37.01
CA PHE B 160 24.51 -6.47 -36.53
C PHE B 160 24.81 -7.38 -35.33
N ASN B 161 26.10 -7.62 -35.04
CA ASN B 161 26.51 -8.48 -33.92
C ASN B 161 26.85 -7.59 -32.70
N GLN B 162 26.68 -8.09 -31.48
CA GLN B 162 26.99 -7.28 -30.28
C GLN B 162 28.37 -7.71 -29.73
N SER B 163 28.85 -7.00 -28.72
CA SER B 163 30.15 -7.35 -28.12
C SER B 163 30.29 -8.84 -27.95
N LYS B 164 31.50 -9.34 -28.16
CA LYS B 164 31.79 -10.76 -27.96
C LYS B 164 32.95 -10.81 -26.98
N TYR B 165 32.63 -10.88 -25.69
CA TYR B 165 33.61 -10.91 -24.63
C TYR B 165 34.00 -12.35 -24.31
N PRO B 166 35.16 -12.55 -23.66
CA PRO B 166 35.62 -13.90 -23.31
C PRO B 166 35.07 -14.37 -21.97
N ARG B 167 34.73 -15.66 -21.87
CA ARG B 167 34.29 -16.21 -20.61
C ARG B 167 35.57 -16.18 -19.77
N VAL B 168 35.43 -15.93 -18.46
CA VAL B 168 36.59 -15.86 -17.58
C VAL B 168 36.67 -17.05 -16.61
N VAL B 169 37.82 -17.72 -16.58
CA VAL B 169 37.98 -18.87 -15.66
C VAL B 169 37.86 -18.38 -14.21
N ALA B 170 36.79 -18.79 -13.55
CA ALA B 170 36.47 -18.41 -12.17
C ALA B 170 37.61 -18.25 -11.14
N ASP B 171 38.38 -19.31 -10.91
CA ASP B 171 39.46 -19.27 -9.93
C ASP B 171 40.73 -18.54 -10.38
N GLU B 172 41.21 -18.88 -11.57
CA GLU B 172 42.40 -18.26 -12.13
C GLU B 172 42.17 -16.79 -12.44
N PHE B 173 40.98 -16.52 -12.97
CA PHE B 173 40.55 -15.20 -13.39
C PHE B 173 41.27 -14.75 -14.65
N VAL B 174 41.38 -15.68 -15.60
CA VAL B 174 42.02 -15.39 -16.86
C VAL B 174 40.99 -15.70 -17.95
N PRO B 175 41.08 -15.01 -19.08
CA PRO B 175 40.12 -15.30 -20.14
C PRO B 175 40.32 -16.75 -20.54
N TRP B 176 39.24 -17.52 -20.65
CA TRP B 176 39.36 -18.91 -21.03
C TRP B 176 40.04 -19.03 -22.40
N PRO B 177 39.65 -18.18 -23.37
CA PRO B 177 40.31 -18.29 -24.68
C PRO B 177 41.84 -18.18 -24.53
N SER B 178 42.30 -17.47 -23.50
CA SER B 178 43.73 -17.33 -23.27
C SER B 178 44.32 -18.72 -23.01
N LYS B 179 43.67 -19.47 -22.11
CA LYS B 179 44.10 -20.82 -21.78
C LYS B 179 44.00 -21.73 -23.00
N GLY B 180 43.32 -21.26 -24.04
CA GLY B 180 43.17 -22.05 -25.25
C GLY B 180 41.75 -22.43 -25.66
N LYS B 181 40.77 -22.08 -24.84
CA LYS B 181 39.37 -22.40 -25.14
C LYS B 181 38.93 -21.37 -26.16
N THR B 182 39.31 -21.58 -27.42
CA THR B 182 39.01 -20.66 -28.52
C THR B 182 37.69 -20.88 -29.25
N ASP B 183 37.14 -22.07 -29.11
CA ASP B 183 35.87 -22.40 -29.75
C ASP B 183 34.75 -21.51 -29.18
N LYS B 184 33.55 -21.57 -29.76
CA LYS B 184 32.46 -20.73 -29.29
C LYS B 184 32.19 -20.78 -27.78
N GLU B 185 32.44 -21.92 -27.15
CA GLU B 185 32.20 -22.01 -25.70
C GLU B 185 33.19 -21.20 -24.86
N GLY B 186 34.19 -20.60 -25.52
CA GLY B 186 35.17 -19.80 -24.80
C GLY B 186 34.70 -18.35 -24.65
N TRP B 187 33.56 -18.06 -25.26
CA TRP B 187 33.02 -16.70 -25.23
C TRP B 187 31.54 -16.54 -24.84
N TYR B 188 31.08 -15.28 -24.84
CA TYR B 188 29.66 -14.99 -24.51
C TYR B 188 29.25 -13.59 -24.90
N PRO B 189 27.93 -13.39 -25.17
CA PRO B 189 27.39 -12.07 -25.54
C PRO B 189 27.08 -11.49 -24.14
N PRO B 190 27.68 -10.34 -23.79
CA PRO B 190 27.47 -9.72 -22.49
C PRO B 190 26.11 -9.15 -22.09
N GLY B 191 25.04 -9.79 -22.58
CA GLY B 191 23.69 -9.36 -22.22
C GLY B 191 23.16 -8.27 -23.10
N HIS B 192 21.89 -7.94 -22.94
CA HIS B 192 21.33 -6.87 -23.77
C HIS B 192 21.76 -5.44 -23.40
N GLY B 193 22.35 -5.25 -22.22
CA GLY B 193 22.82 -3.92 -21.86
C GLY B 193 23.85 -3.46 -22.89
N ASP B 194 24.51 -4.44 -23.48
CA ASP B 194 25.54 -4.25 -24.51
C ASP B 194 24.94 -3.69 -25.82
N VAL B 195 23.61 -3.56 -25.89
CA VAL B 195 22.98 -3.05 -27.12
C VAL B 195 23.39 -1.62 -27.47
N PHE B 196 23.59 -0.78 -26.46
CA PHE B 196 23.95 0.61 -26.73
C PHE B 196 25.35 0.79 -27.34
N PRO B 197 26.39 0.18 -26.74
CA PRO B 197 27.70 0.36 -27.36
C PRO B 197 27.80 -0.39 -28.71
N ALA B 198 27.18 -1.57 -28.80
CA ALA B 198 27.25 -2.32 -30.05
C ALA B 198 26.50 -1.61 -31.20
N LEU B 199 25.43 -0.88 -30.88
CA LEU B 199 24.72 -0.14 -31.92
C LEU B 199 25.68 0.91 -32.48
N MET B 200 26.46 1.53 -31.60
CA MET B 200 27.42 2.53 -32.06
C MET B 200 28.60 1.90 -32.83
N ASN B 201 29.25 0.88 -32.26
CA ASN B 201 30.41 0.26 -32.93
C ASN B 201 30.07 -0.28 -34.32
N SER B 202 28.79 -0.64 -34.49
CA SER B 202 28.31 -1.21 -35.75
C SER B 202 28.19 -0.17 -36.86
N GLY B 203 28.15 1.11 -36.48
CA GLY B 203 27.99 2.18 -37.45
C GLY B 203 26.50 2.43 -37.72
N LYS B 204 25.63 1.59 -37.16
CA LYS B 204 24.18 1.76 -37.39
C LYS B 204 23.59 3.00 -36.76
N LEU B 205 24.01 3.32 -35.53
CA LEU B 205 23.50 4.50 -34.84
C LEU B 205 23.77 5.77 -35.70
N ASP B 206 24.94 5.84 -36.35
CA ASP B 206 25.27 7.00 -37.15
C ASP B 206 24.46 7.02 -38.44
N THR B 207 24.19 5.84 -38.98
CA THR B 207 23.41 5.73 -40.21
C THR B 207 21.93 6.13 -39.96
N PHE B 208 21.51 6.29 -38.68
CA PHE B 208 20.10 6.65 -38.43
C PHE B 208 19.97 8.11 -37.96
N LEU B 209 20.94 8.59 -37.20
CA LEU B 209 20.94 9.97 -36.75
C LEU B 209 20.99 10.86 -38.01
N SER B 210 21.92 10.55 -38.89
CA SER B 210 22.04 11.31 -40.12
C SER B 210 20.92 10.90 -41.09
N GLN B 211 20.48 9.64 -41.04
CA GLN B 211 19.41 9.20 -41.93
C GLN B 211 18.20 9.95 -41.43
N GLY B 212 18.35 10.60 -40.27
CA GLY B 212 17.26 11.38 -39.76
C GLY B 212 16.35 10.63 -38.81
N LYS B 213 16.89 9.69 -38.04
CA LYS B 213 16.08 8.95 -37.07
C LYS B 213 16.41 9.51 -35.68
N GLU B 214 15.46 9.49 -34.76
CA GLU B 214 15.70 10.08 -33.43
C GLU B 214 15.58 9.20 -32.19
N TYR B 215 14.97 8.03 -32.33
CA TYR B 215 14.72 7.13 -31.18
C TYR B 215 14.78 5.66 -31.64
N VAL B 216 15.17 4.76 -30.73
CA VAL B 216 15.17 3.32 -31.01
C VAL B 216 14.18 2.73 -29.99
N PHE B 217 13.42 1.73 -30.41
CA PHE B 217 12.48 1.08 -29.50
C PHE B 217 13.09 -0.32 -29.28
N VAL B 218 13.73 -0.51 -28.14
CA VAL B 218 14.36 -1.79 -27.81
C VAL B 218 13.35 -2.67 -27.14
N ALA B 219 13.55 -3.97 -27.31
CA ALA B 219 12.66 -4.96 -26.71
C ALA B 219 13.16 -6.35 -27.12
N ASN B 220 12.71 -7.36 -26.39
CA ASN B 220 13.07 -8.72 -26.72
C ASN B 220 12.32 -9.17 -27.98
N SER B 221 12.95 -10.05 -28.77
CA SER B 221 12.29 -10.57 -29.97
C SER B 221 11.12 -11.48 -29.56
N ASP B 222 11.23 -12.14 -28.41
CA ASP B 222 10.15 -13.08 -28.04
C ASP B 222 9.01 -12.49 -27.21
N ASN B 223 8.90 -11.15 -27.16
CA ASN B 223 7.80 -10.55 -26.44
C ASN B 223 6.77 -10.18 -27.54
N LEU B 224 5.75 -11.04 -27.68
CA LEU B 224 4.72 -10.85 -28.71
C LEU B 224 3.81 -9.64 -28.57
N GLY B 225 3.90 -8.95 -27.44
CA GLY B 225 3.09 -7.76 -27.23
C GLY B 225 3.86 -6.48 -27.50
N ALA B 226 5.19 -6.57 -27.60
CA ALA B 226 6.05 -5.40 -27.82
C ALA B 226 5.89 -4.86 -29.24
N ILE B 227 4.75 -4.22 -29.47
CA ILE B 227 4.44 -3.64 -30.77
C ILE B 227 4.64 -2.13 -30.71
N VAL B 228 4.70 -1.51 -31.89
CA VAL B 228 4.86 -0.05 -31.91
C VAL B 228 3.62 0.68 -31.43
N ASP B 229 3.82 1.66 -30.54
CA ASP B 229 2.73 2.48 -30.02
C ASP B 229 3.14 3.96 -30.09
N LEU B 230 2.34 4.76 -30.79
CA LEU B 230 2.69 6.14 -30.98
C LEU B 230 2.34 7.13 -29.87
N THR B 231 1.41 6.77 -28.98
CA THR B 231 1.09 7.67 -27.87
C THR B 231 2.31 7.73 -26.93
N ILE B 232 3.05 6.63 -26.81
CA ILE B 232 4.24 6.64 -25.95
C ILE B 232 5.29 7.56 -26.60
N LEU B 233 5.42 7.44 -27.93
CA LEU B 233 6.39 8.23 -28.66
C LEU B 233 5.92 9.66 -28.78
N LYS B 234 4.60 9.86 -28.73
CA LYS B 234 4.05 11.21 -28.78
C LYS B 234 4.48 11.91 -27.48
N HIS B 235 4.36 11.20 -26.37
CA HIS B 235 4.70 11.78 -25.09
C HIS B 235 6.20 12.16 -25.03
N LEU B 236 7.07 11.23 -25.47
CA LEU B 236 8.51 11.47 -25.45
C LEU B 236 8.83 12.67 -26.33
N ILE B 237 8.17 12.77 -27.47
CA ILE B 237 8.42 13.92 -28.35
C ILE B 237 7.93 15.20 -27.68
N GLN B 238 6.69 15.15 -27.20
CA GLN B 238 6.10 16.31 -26.56
C GLN B 238 6.71 16.75 -25.22
N ASN B 239 7.56 15.89 -24.64
CA ASN B 239 8.15 16.18 -23.35
C ASN B 239 9.66 16.04 -23.25
N LYS B 240 10.31 15.67 -24.36
CA LYS B 240 11.76 15.49 -24.39
C LYS B 240 12.32 14.46 -23.39
N ASN B 241 11.66 13.33 -23.25
CA ASN B 241 12.17 12.29 -22.36
C ASN B 241 13.26 11.67 -23.22
N GLU B 242 14.41 11.34 -22.65
CA GLU B 242 15.46 10.71 -23.46
C GLU B 242 15.43 9.17 -23.48
N TYR B 243 14.96 8.58 -22.38
CA TYR B 243 14.92 7.13 -22.19
C TYR B 243 13.68 6.77 -21.39
N CYS B 244 12.86 5.85 -21.91
CA CYS B 244 11.70 5.45 -21.15
C CYS B 244 11.42 3.99 -21.39
N MET B 245 11.52 3.22 -20.33
CA MET B 245 11.25 1.79 -20.41
C MET B 245 9.83 1.58 -19.89
N GLU B 246 9.06 0.79 -20.62
CA GLU B 246 7.68 0.48 -20.20
C GLU B 246 7.66 -0.52 -19.02
N VAL B 247 6.77 -0.26 -18.07
CA VAL B 247 6.57 -1.16 -16.93
C VAL B 247 5.08 -1.53 -17.01
N THR B 248 4.64 -2.50 -16.23
CA THR B 248 3.24 -2.92 -16.23
C THR B 248 2.98 -3.35 -14.78
N PRO B 249 1.70 -3.32 -14.29
CA PRO B 249 1.60 -3.73 -12.88
C PRO B 249 1.99 -5.16 -12.62
N LYS B 250 2.66 -5.37 -11.49
CA LYS B 250 3.07 -6.72 -11.08
C LYS B 250 1.86 -7.58 -10.70
N THR B 251 1.82 -8.82 -11.17
CA THR B 251 0.75 -9.76 -10.82
C THR B 251 1.43 -10.64 -9.79
N LEU B 252 1.15 -11.94 -9.74
CA LEU B 252 1.83 -12.77 -8.74
C LEU B 252 2.97 -13.58 -9.36
N ALA B 253 3.08 -13.53 -10.69
CA ALA B 253 4.11 -14.26 -11.40
C ALA B 253 5.37 -13.45 -11.71
N ASP B 254 5.51 -12.28 -11.08
CA ASP B 254 6.63 -11.36 -11.36
C ASP B 254 7.34 -10.83 -10.11
N VAL B 255 7.28 -11.59 -9.04
CA VAL B 255 7.89 -11.25 -7.79
C VAL B 255 9.36 -10.83 -7.87
N LYS B 256 10.16 -11.45 -8.73
CA LYS B 256 11.56 -11.06 -8.78
C LYS B 256 11.93 -10.15 -9.99
N GLY B 257 10.90 -9.62 -10.67
CA GLY B 257 11.14 -8.74 -11.81
C GLY B 257 11.72 -7.36 -11.46
N GLY B 258 12.51 -6.79 -12.37
CA GLY B 258 13.09 -5.46 -12.15
C GLY B 258 12.02 -4.41 -11.98
N THR B 259 12.28 -3.43 -11.11
CA THR B 259 11.28 -2.41 -10.82
C THR B 259 11.91 -1.02 -10.87
N LEU B 260 11.09 0.01 -11.03
CA LEU B 260 11.63 1.38 -11.10
C LEU B 260 11.45 2.10 -9.79
N ILE B 261 12.41 2.98 -9.51
CA ILE B 261 12.36 3.77 -8.28
C ILE B 261 12.99 5.13 -8.52
N SER B 262 12.88 5.99 -7.51
CA SER B 262 13.51 7.30 -7.52
C SER B 262 14.66 7.12 -6.55
N TYR B 263 15.88 7.40 -7.00
CA TYR B 263 17.04 7.25 -6.14
C TYR B 263 18.11 8.29 -6.52
N GLU B 264 18.58 8.99 -5.49
CA GLU B 264 19.59 10.04 -5.65
C GLU B 264 19.27 10.94 -6.83
N GLY B 265 18.01 11.37 -6.95
CA GLY B 265 17.63 12.27 -8.03
C GLY B 265 17.50 11.69 -9.43
N LYS B 266 17.06 10.44 -9.51
CA LYS B 266 16.88 9.83 -10.80
C LYS B 266 16.10 8.52 -10.73
N VAL B 267 15.45 8.17 -11.83
CA VAL B 267 14.68 6.93 -11.86
C VAL B 267 15.73 5.85 -12.09
N GLN B 268 15.67 4.79 -11.27
CA GLN B 268 16.64 3.73 -11.35
C GLN B 268 15.96 2.36 -11.42
N LEU B 269 16.58 1.43 -12.14
CA LEU B 269 16.08 0.08 -12.25
C LEU B 269 16.52 -0.64 -10.99
N LEU B 270 15.57 -0.98 -10.11
CA LEU B 270 15.86 -1.71 -8.88
C LEU B 270 15.56 -3.19 -9.10
N GLU B 271 16.61 -3.98 -9.04
CA GLU B 271 16.53 -5.42 -9.21
C GLU B 271 16.77 -6.03 -7.83
N ILE B 272 16.06 -7.12 -7.56
CA ILE B 272 16.16 -7.77 -6.27
C ILE B 272 17.62 -8.14 -6.00
N ALA B 273 18.36 -8.46 -7.06
CA ALA B 273 19.77 -8.79 -6.93
C ALA B 273 20.48 -7.86 -5.93
N GLN B 274 20.09 -6.59 -5.93
CA GLN B 274 20.71 -5.62 -5.04
C GLN B 274 19.90 -5.26 -3.78
N VAL B 275 18.92 -6.07 -3.40
CA VAL B 275 18.14 -5.75 -2.20
C VAL B 275 18.56 -6.52 -0.95
N PRO B 276 19.08 -5.81 0.07
CA PRO B 276 19.49 -6.55 1.28
C PRO B 276 18.42 -7.57 1.69
N ASP B 277 18.87 -8.72 2.21
CA ASP B 277 17.94 -9.79 2.60
C ASP B 277 16.78 -9.30 3.41
N GLU B 278 17.10 -8.43 4.38
CA GLU B 278 16.12 -7.86 5.29
C GLU B 278 15.05 -7.01 4.62
N HIS B 279 15.29 -6.63 3.35
CA HIS B 279 14.36 -5.78 2.59
C HIS B 279 13.71 -6.46 1.36
N VAL B 280 14.04 -7.72 1.10
CA VAL B 280 13.45 -8.42 -0.07
C VAL B 280 11.93 -8.59 -0.01
N ASN B 281 11.38 -8.97 1.15
CA ASN B 281 9.93 -9.15 1.27
C ASN B 281 9.19 -7.85 0.97
N GLU B 282 9.79 -6.75 1.39
CA GLU B 282 9.22 -5.42 1.19
C GLU B 282 9.22 -5.11 -0.30
N PHE B 283 10.27 -5.59 -0.97
CA PHE B 283 10.45 -5.37 -2.40
C PHE B 283 9.46 -6.26 -3.16
N LYS B 284 9.27 -7.48 -2.65
CA LYS B 284 8.33 -8.42 -3.27
C LYS B 284 6.87 -8.06 -2.99
N SER B 285 6.67 -7.00 -2.23
CA SER B 285 5.32 -6.54 -1.91
C SER B 285 4.77 -5.72 -3.09
N ILE B 286 3.86 -6.30 -3.85
CA ILE B 286 3.28 -5.62 -5.00
C ILE B 286 2.39 -4.46 -4.58
N GLU B 287 1.97 -4.46 -3.31
CA GLU B 287 1.17 -3.36 -2.81
C GLU B 287 2.06 -2.12 -2.94
N LYS B 288 3.34 -2.26 -2.57
CA LYS B 288 4.33 -1.18 -2.64
C LYS B 288 4.93 -1.10 -4.05
N PHE B 289 6.04 -1.78 -4.27
CA PHE B 289 6.68 -1.80 -5.60
C PHE B 289 5.65 -2.50 -6.50
N LYS B 290 4.88 -1.68 -7.20
CA LYS B 290 3.74 -2.15 -8.00
C LYS B 290 3.97 -2.51 -9.44
N ILE B 291 5.20 -2.27 -9.91
CA ILE B 291 5.55 -2.44 -11.32
C ILE B 291 6.85 -3.18 -11.63
N PHE B 292 6.90 -3.76 -12.83
CA PHE B 292 8.13 -4.44 -13.28
C PHE B 292 8.50 -4.09 -14.73
N ASN B 293 9.79 -4.21 -15.00
CA ASN B 293 10.38 -3.93 -16.33
C ASN B 293 10.04 -4.97 -17.40
N THR B 294 9.40 -4.53 -18.48
CA THR B 294 8.99 -5.41 -19.58
C THR B 294 10.09 -5.57 -20.64
N ASN B 295 11.10 -4.72 -20.53
CA ASN B 295 12.18 -4.63 -21.51
C ASN B 295 11.74 -4.11 -22.90
N ASN B 296 10.60 -3.40 -22.93
CA ASN B 296 10.14 -2.74 -24.17
C ASN B 296 10.61 -1.32 -23.81
N LEU B 297 11.33 -0.65 -24.69
CA LEU B 297 11.80 0.67 -24.31
C LEU B 297 12.06 1.54 -25.52
N TRP B 298 11.97 2.86 -25.33
CA TRP B 298 12.18 3.79 -26.44
C TRP B 298 13.34 4.70 -26.07
N VAL B 299 14.31 4.82 -26.97
CA VAL B 299 15.47 5.61 -26.61
C VAL B 299 15.91 6.61 -27.66
N ASN B 300 16.02 7.87 -27.20
CA ASN B 300 16.43 8.99 -28.04
C ASN B 300 17.85 8.69 -28.51
N LEU B 301 17.99 8.58 -29.84
CA LEU B 301 19.26 8.23 -30.47
C LEU B 301 20.31 9.31 -30.33
N LYS B 302 20.01 10.52 -30.79
CA LYS B 302 20.96 11.64 -30.64
C LYS B 302 21.64 11.45 -29.27
N ALA B 303 20.84 11.25 -28.22
CA ALA B 303 21.35 11.03 -26.88
C ALA B 303 22.14 9.73 -26.75
N ILE B 304 21.68 8.63 -27.35
CA ILE B 304 22.48 7.41 -27.23
C ILE B 304 23.89 7.68 -27.74
N LYS B 305 24.02 8.26 -28.92
CA LYS B 305 25.37 8.50 -29.42
C LYS B 305 26.18 9.48 -28.56
N LYS B 306 25.51 10.12 -27.61
CA LYS B 306 26.14 11.11 -26.73
C LYS B 306 26.86 10.41 -25.57
N LEU B 307 26.10 9.59 -24.85
CA LEU B 307 26.57 8.85 -23.68
C LEU B 307 27.55 7.76 -24.04
N VAL B 308 27.40 7.19 -25.23
CA VAL B 308 28.35 6.16 -25.64
C VAL B 308 29.72 6.81 -25.86
N GLU B 309 29.75 7.88 -26.64
CA GLU B 309 31.02 8.59 -26.90
C GLU B 309 31.75 8.94 -25.58
N ALA B 310 30.99 9.31 -24.55
CA ALA B 310 31.57 9.69 -23.27
C ALA B 310 31.95 8.48 -22.41
N ASP B 311 31.57 7.29 -22.87
CA ASP B 311 31.87 6.06 -22.14
C ASP B 311 31.23 6.09 -20.76
N ALA B 312 30.05 6.69 -20.68
CA ALA B 312 29.35 6.85 -19.42
C ALA B 312 28.43 5.71 -18.98
N LEU B 313 27.76 5.05 -19.93
CA LEU B 313 26.84 3.97 -19.59
C LEU B 313 27.53 2.87 -18.80
N LYS B 314 27.59 3.09 -17.48
CA LYS B 314 28.20 2.16 -16.54
C LYS B 314 27.10 1.47 -15.75
N MET B 315 26.29 0.70 -16.48
CA MET B 315 25.17 -0.01 -15.88
C MET B 315 25.66 -0.94 -14.77
N GLU B 316 24.75 -1.26 -13.86
CA GLU B 316 25.05 -2.15 -12.77
C GLU B 316 25.65 -3.40 -13.39
N ILE B 317 26.76 -3.88 -12.81
CA ILE B 317 27.39 -5.08 -13.36
C ILE B 317 26.67 -6.34 -12.90
N ILE B 318 26.49 -7.27 -13.83
CA ILE B 318 25.81 -8.52 -13.56
C ILE B 318 26.75 -9.72 -13.69
N PRO B 319 27.18 -10.29 -12.55
CA PRO B 319 28.07 -11.44 -12.62
C PRO B 319 27.25 -12.68 -12.94
N ASN B 320 27.47 -13.27 -14.10
CA ASN B 320 26.72 -14.44 -14.50
C ASN B 320 27.59 -15.70 -14.43
N PRO B 321 27.74 -16.28 -13.23
CA PRO B 321 28.55 -17.49 -13.05
C PRO B 321 28.02 -18.62 -13.93
N LYS B 322 28.95 -19.34 -14.55
CA LYS B 322 28.60 -20.45 -15.43
C LYS B 322 29.62 -21.58 -15.24
N GLU B 323 29.23 -22.79 -15.61
CA GLU B 323 30.09 -23.96 -15.51
C GLU B 323 29.80 -24.90 -16.68
N VAL B 324 30.76 -25.03 -17.60
CA VAL B 324 30.60 -25.91 -18.76
C VAL B 324 31.77 -26.90 -18.83
N ASP B 325 31.48 -28.14 -19.19
CA ASP B 325 32.51 -29.18 -19.27
C ASP B 325 33.28 -29.22 -17.95
N GLY B 326 32.55 -29.03 -16.84
CA GLY B 326 33.17 -29.06 -15.53
C GLY B 326 34.16 -27.93 -15.29
N VAL B 327 33.93 -26.79 -15.92
CA VAL B 327 34.81 -25.63 -15.77
C VAL B 327 34.04 -24.36 -15.38
N LYS B 328 34.18 -23.96 -14.13
CA LYS B 328 33.51 -22.76 -13.64
C LYS B 328 34.08 -21.52 -14.33
N VAL B 329 33.18 -20.75 -14.94
CA VAL B 329 33.56 -19.52 -15.61
C VAL B 329 32.59 -18.41 -15.23
N LEU B 330 32.94 -17.19 -15.59
CA LEU B 330 32.11 -16.04 -15.31
C LEU B 330 31.79 -15.34 -16.65
N GLN B 331 30.67 -14.62 -16.69
CA GLN B 331 30.24 -13.89 -17.89
C GLN B 331 29.66 -12.51 -17.51
N LEU B 332 30.51 -11.54 -17.19
CA LEU B 332 30.02 -10.22 -16.80
C LEU B 332 29.11 -9.65 -17.90
N GLU B 333 27.89 -9.31 -17.50
CA GLU B 333 26.89 -8.82 -18.44
C GLU B 333 26.24 -7.56 -17.92
N THR B 334 25.48 -6.91 -18.81
CA THR B 334 24.73 -5.72 -18.44
C THR B 334 23.34 -5.81 -19.07
N ALA B 335 22.38 -5.15 -18.44
CA ALA B 335 20.99 -5.17 -18.91
C ALA B 335 20.59 -3.83 -19.50
N ALA B 336 19.89 -3.87 -20.64
CA ALA B 336 19.49 -2.64 -21.31
C ALA B 336 18.68 -1.73 -20.38
N GLY B 337 17.85 -2.33 -19.53
CA GLY B 337 17.02 -1.52 -18.64
C GLY B 337 17.77 -0.70 -17.60
N ALA B 338 18.89 -1.23 -17.11
CA ALA B 338 19.68 -0.54 -16.09
C ALA B 338 20.24 0.77 -16.64
N ALA B 339 20.28 0.87 -17.97
CA ALA B 339 20.79 2.10 -18.57
C ALA B 339 19.94 3.33 -18.28
N ILE B 340 18.72 3.15 -17.77
CA ILE B 340 17.83 4.29 -17.57
C ILE B 340 18.35 5.45 -16.71
N ARG B 341 19.17 5.15 -15.71
CA ARG B 341 19.63 6.23 -14.82
C ARG B 341 20.67 7.20 -15.39
N PHE B 342 21.19 6.91 -16.59
CA PHE B 342 22.20 7.78 -17.18
C PHE B 342 21.67 8.79 -18.22
N PHE B 343 20.38 8.67 -18.51
CA PHE B 343 19.73 9.54 -19.50
C PHE B 343 18.97 10.68 -18.82
N ASP B 344 18.80 11.79 -19.53
CA ASP B 344 18.09 12.96 -19.01
C ASP B 344 16.59 12.85 -19.20
N ASN B 345 15.84 13.34 -18.23
CA ASN B 345 14.38 13.31 -18.29
C ASN B 345 13.89 11.91 -18.61
N ALA B 346 14.63 10.90 -18.16
CA ALA B 346 14.24 9.51 -18.40
C ALA B 346 12.92 9.32 -17.69
N ILE B 347 12.07 8.47 -18.23
CA ILE B 347 10.79 8.24 -17.62
C ILE B 347 10.30 6.83 -17.89
N GLY B 348 9.08 6.58 -17.44
CA GLY B 348 8.49 5.28 -17.67
C GLY B 348 7.06 5.46 -18.06
N VAL B 349 6.48 4.39 -18.63
CA VAL B 349 5.09 4.40 -19.03
C VAL B 349 4.55 3.03 -18.56
N ASN B 350 3.52 3.05 -17.70
CA ASN B 350 2.94 1.81 -17.16
C ASN B 350 1.88 1.36 -18.17
N VAL B 351 2.21 0.30 -18.91
CA VAL B 351 1.33 -0.21 -19.96
C VAL B 351 0.56 -1.50 -19.64
N PRO B 352 -0.58 -1.68 -20.30
CA PRO B 352 -1.44 -2.87 -20.14
C PRO B 352 -0.53 -4.06 -20.46
N ARG B 353 -0.82 -5.21 -19.84
CA ARG B 353 -0.03 -6.41 -20.01
C ARG B 353 -0.09 -6.97 -21.44
N SER B 354 -1.00 -6.45 -22.24
CA SER B 354 -1.11 -6.93 -23.61
C SER B 354 0.12 -6.60 -24.49
N ARG B 355 1.09 -5.88 -23.94
CA ARG B 355 2.28 -5.52 -24.70
C ARG B 355 3.53 -6.24 -24.17
N PHE B 356 3.31 -7.13 -23.18
CA PHE B 356 4.37 -7.96 -22.58
C PHE B 356 3.83 -9.39 -22.69
N LEU B 357 4.15 -10.02 -23.83
CA LEU B 357 3.69 -11.37 -24.11
C LEU B 357 4.93 -12.17 -24.56
N PRO B 358 5.89 -12.38 -23.64
CA PRO B 358 7.13 -13.12 -23.88
C PRO B 358 6.89 -14.62 -23.99
N VAL B 359 7.49 -15.25 -25.00
CA VAL B 359 7.37 -16.69 -25.13
C VAL B 359 8.68 -17.24 -24.56
N LYS B 360 8.61 -17.73 -23.33
CA LYS B 360 9.81 -18.27 -22.65
C LYS B 360 9.76 -19.75 -22.33
N ALA B 361 8.58 -20.36 -22.50
CA ALA B 361 8.42 -21.79 -22.23
C ALA B 361 7.33 -22.32 -23.16
N SER B 362 7.28 -23.63 -23.33
CA SER B 362 6.28 -24.22 -24.23
C SER B 362 4.86 -23.90 -23.78
N SER B 363 4.67 -23.66 -22.47
CA SER B 363 3.34 -23.31 -21.99
C SER B 363 2.91 -22.00 -22.65
N ASP B 364 3.88 -21.19 -23.11
CA ASP B 364 3.52 -19.93 -23.76
C ASP B 364 3.03 -20.20 -25.20
N LEU B 365 3.62 -21.20 -25.85
CA LEU B 365 3.18 -21.58 -27.19
C LEU B 365 1.74 -22.07 -27.10
N LEU B 366 1.41 -22.81 -26.03
CA LEU B 366 0.05 -23.32 -25.87
C LEU B 366 -0.90 -22.12 -25.94
N LEU B 367 -0.63 -21.08 -25.16
CA LEU B 367 -1.51 -19.90 -25.20
C LEU B 367 -1.64 -19.40 -26.64
N VAL B 368 -0.46 -19.12 -27.23
CA VAL B 368 -0.36 -18.55 -28.55
C VAL B 368 -0.77 -19.50 -29.69
N GLN B 369 -1.05 -20.75 -29.35
CA GLN B 369 -1.51 -21.73 -30.33
C GLN B 369 -2.84 -22.34 -29.90
N SER B 370 -3.53 -21.67 -28.99
CA SER B 370 -4.84 -22.16 -28.52
C SER B 370 -5.92 -21.30 -29.18
N ASP B 371 -7.07 -21.18 -28.52
CA ASP B 371 -8.17 -20.34 -29.03
C ASP B 371 -8.19 -18.99 -28.32
N LEU B 372 -7.29 -18.79 -27.38
CA LEU B 372 -7.20 -17.54 -26.66
C LEU B 372 -6.79 -16.39 -27.58
N TYR B 373 -6.00 -16.73 -28.61
CA TYR B 373 -5.56 -15.71 -29.54
C TYR B 373 -5.80 -16.16 -30.98
N THR B 374 -5.66 -15.22 -31.90
CA THR B 374 -5.79 -15.50 -33.32
C THR B 374 -4.79 -14.58 -34.00
N LEU B 375 -4.35 -14.97 -35.19
CA LEU B 375 -3.38 -14.17 -35.91
C LEU B 375 -4.11 -13.25 -36.89
N VAL B 376 -3.95 -11.94 -36.70
CA VAL B 376 -4.58 -10.94 -37.58
C VAL B 376 -3.60 -9.83 -37.94
N ASP B 377 -3.34 -9.68 -39.24
CA ASP B 377 -2.40 -8.68 -39.76
C ASP B 377 -0.97 -8.82 -39.19
N GLY B 378 -0.53 -10.05 -39.01
CA GLY B 378 0.82 -10.26 -38.48
C GLY B 378 0.97 -10.18 -36.98
N PHE B 379 -0.05 -9.62 -36.29
CA PHE B 379 -0.01 -9.51 -34.83
C PHE B 379 -0.80 -10.65 -34.17
N VAL B 380 -0.21 -11.32 -33.18
CA VAL B 380 -0.96 -12.36 -32.45
C VAL B 380 -2.06 -11.52 -31.74
N THR B 381 -3.31 -11.90 -31.95
CA THR B 381 -4.43 -11.17 -31.39
C THR B 381 -5.35 -12.00 -30.52
N ARG B 382 -5.82 -11.39 -29.45
CA ARG B 382 -6.71 -12.07 -28.51
C ARG B 382 -8.09 -12.42 -29.11
N ASN B 383 -8.62 -13.60 -28.77
CA ASN B 383 -9.95 -14.03 -29.24
C ASN B 383 -10.87 -12.90 -28.76
N LYS B 384 -11.46 -12.13 -29.67
CA LYS B 384 -12.35 -11.05 -29.25
C LYS B 384 -13.36 -11.54 -28.20
N ALA B 385 -13.68 -12.82 -28.21
CA ALA B 385 -14.62 -13.31 -27.20
C ALA B 385 -13.97 -13.76 -25.90
N ARG B 386 -12.67 -13.51 -25.74
CA ARG B 386 -11.97 -13.87 -24.49
C ARG B 386 -12.21 -12.69 -23.51
N THR B 387 -13.48 -12.41 -23.21
CA THR B 387 -13.86 -11.29 -22.33
C THR B 387 -12.81 -10.92 -21.29
N ASN B 388 -12.43 -11.88 -20.44
CA ASN B 388 -11.43 -11.69 -19.41
C ASN B 388 -10.03 -11.50 -20.06
N PRO B 389 -9.39 -10.34 -19.83
CA PRO B 389 -8.07 -9.91 -20.37
C PRO B 389 -6.78 -10.65 -20.00
N SER B 390 -6.64 -11.09 -18.75
CA SER B 390 -5.41 -11.80 -18.36
C SER B 390 -5.46 -13.18 -18.95
N ASN B 391 -4.45 -13.99 -18.63
CA ASN B 391 -4.41 -15.37 -19.11
C ASN B 391 -4.57 -16.38 -17.99
N PRO B 392 -4.89 -17.63 -18.34
CA PRO B 392 -5.05 -18.62 -17.27
C PRO B 392 -3.73 -18.85 -16.56
N SER B 393 -3.72 -19.86 -15.71
CA SER B 393 -2.49 -20.23 -15.02
C SER B 393 -2.06 -21.47 -15.80
N ILE B 394 -0.77 -21.57 -16.13
CA ILE B 394 -0.33 -22.74 -16.88
C ILE B 394 0.91 -23.36 -16.34
N GLU B 395 0.84 -24.63 -15.99
CA GLU B 395 2.00 -25.34 -15.48
C GLU B 395 2.03 -26.71 -16.18
N LEU B 396 3.19 -27.08 -16.73
CA LEU B 396 3.36 -28.35 -17.46
C LEU B 396 4.69 -28.98 -17.08
N GLY B 397 4.94 -30.20 -17.56
CA GLY B 397 6.20 -30.87 -17.25
C GLY B 397 7.40 -30.62 -18.14
N PRO B 398 8.58 -31.20 -17.83
CA PRO B 398 9.76 -30.97 -18.67
C PRO B 398 9.70 -31.81 -19.95
N GLU B 399 8.82 -32.81 -19.95
CA GLU B 399 8.64 -33.66 -21.14
C GLU B 399 8.23 -32.78 -22.34
N PHE B 400 7.58 -31.64 -22.01
CA PHE B 400 7.08 -30.65 -22.98
C PHE B 400 8.02 -29.47 -23.20
N LYS B 401 9.25 -29.58 -22.69
CA LYS B 401 10.21 -28.49 -22.80
C LYS B 401 10.57 -28.07 -24.25
N LYS B 402 10.91 -29.07 -25.06
CA LYS B 402 11.31 -28.88 -26.44
C LYS B 402 10.10 -28.77 -27.34
N VAL B 403 10.09 -27.74 -28.17
CA VAL B 403 8.98 -27.50 -29.08
C VAL B 403 8.56 -28.77 -29.82
N ALA B 404 9.54 -29.46 -30.41
CA ALA B 404 9.28 -30.70 -31.16
C ALA B 404 8.41 -31.67 -30.37
N THR B 405 8.83 -31.98 -29.14
CA THR B 405 8.07 -32.93 -28.32
C THR B 405 6.76 -32.29 -27.93
N PHE B 406 6.81 -30.99 -27.62
CA PHE B 406 5.60 -30.25 -27.27
C PHE B 406 4.61 -30.35 -28.43
N LEU B 407 5.11 -30.13 -29.64
CA LEU B 407 4.28 -30.15 -30.84
C LEU B 407 3.65 -31.51 -31.13
N SER B 408 4.36 -32.59 -30.84
CA SER B 408 3.71 -33.86 -31.17
C SER B 408 2.91 -34.46 -30.03
N ARG B 409 3.01 -33.88 -28.82
CA ARG B 409 2.24 -34.34 -27.68
C ARG B 409 0.83 -33.76 -27.76
N PHE B 410 0.65 -32.71 -28.55
CA PHE B 410 -0.70 -32.13 -28.76
C PHE B 410 -1.10 -32.45 -30.19
N LYS B 411 -1.84 -33.55 -30.37
CA LYS B 411 -2.26 -33.95 -31.71
C LYS B 411 -2.85 -32.69 -32.35
N SER B 412 -3.44 -31.83 -31.51
CA SER B 412 -3.95 -30.52 -31.91
C SER B 412 -3.95 -29.71 -30.61
N ILE B 413 -3.62 -28.43 -30.66
CA ILE B 413 -3.63 -27.62 -29.44
C ILE B 413 -5.08 -27.62 -28.91
N PRO B 414 -5.26 -27.56 -27.58
CA PRO B 414 -6.62 -27.56 -27.03
C PRO B 414 -7.34 -26.22 -27.19
N SER B 415 -8.65 -26.24 -26.96
CA SER B 415 -9.47 -25.04 -27.00
C SER B 415 -9.50 -24.64 -25.51
N ILE B 416 -8.94 -23.48 -25.18
CA ILE B 416 -8.90 -23.04 -23.79
C ILE B 416 -9.44 -21.61 -23.66
N VAL B 417 -10.45 -21.28 -24.44
CA VAL B 417 -10.98 -19.92 -24.36
C VAL B 417 -11.73 -19.70 -23.03
N GLU B 418 -12.09 -20.79 -22.35
CA GLU B 418 -12.72 -20.67 -21.04
C GLU B 418 -11.92 -21.45 -20.01
N LEU B 419 -10.62 -21.16 -19.93
CA LEU B 419 -9.73 -21.80 -18.98
C LEU B 419 -9.25 -20.84 -17.89
N ASP B 420 -9.13 -21.31 -16.65
CA ASP B 420 -8.63 -20.46 -15.58
C ASP B 420 -7.19 -20.85 -15.21
N SER B 421 -6.98 -22.13 -14.91
CA SER B 421 -5.65 -22.58 -14.54
C SER B 421 -5.55 -24.06 -14.89
N LEU B 422 -4.43 -24.42 -15.53
CA LEU B 422 -4.14 -25.78 -15.94
C LEU B 422 -2.75 -26.20 -15.47
N LYS B 423 -2.58 -27.50 -15.22
CA LYS B 423 -1.29 -28.05 -14.84
C LYS B 423 -1.24 -29.48 -15.38
N VAL B 424 -0.18 -29.79 -16.13
CA VAL B 424 0.00 -31.13 -16.71
C VAL B 424 1.40 -31.61 -16.34
N SER B 425 1.50 -32.78 -15.73
CA SER B 425 2.80 -33.30 -15.32
C SER B 425 2.92 -34.81 -15.57
N GLY B 426 4.07 -35.25 -16.06
CA GLY B 426 4.28 -36.65 -16.34
C GLY B 426 4.23 -36.98 -17.83
N ASP B 427 3.90 -38.23 -18.14
CA ASP B 427 3.82 -38.69 -19.52
C ASP B 427 2.41 -38.45 -20.04
N VAL B 428 2.16 -37.21 -20.48
CA VAL B 428 0.85 -36.81 -20.97
C VAL B 428 0.85 -36.49 -22.47
N TRP B 429 -0.21 -36.98 -23.13
CA TRP B 429 -0.41 -36.79 -24.56
C TRP B 429 -1.79 -36.16 -24.78
N PHE B 430 -2.02 -35.57 -25.92
CA PHE B 430 -3.29 -34.94 -26.22
C PHE B 430 -3.73 -35.20 -27.66
N GLY B 431 -4.92 -35.75 -27.82
CA GLY B 431 -5.45 -36.01 -29.15
C GLY B 431 -5.87 -34.67 -29.76
N SER B 432 -6.48 -34.69 -30.94
CA SER B 432 -6.87 -33.42 -31.56
C SER B 432 -8.23 -32.88 -31.12
N SER B 433 -8.43 -31.57 -31.34
CA SER B 433 -9.69 -30.86 -31.01
C SER B 433 -10.20 -30.88 -29.57
N ILE B 434 -9.38 -31.25 -28.61
CA ILE B 434 -9.82 -31.28 -27.23
C ILE B 434 -10.25 -29.87 -26.78
N VAL B 435 -11.11 -29.83 -25.77
CA VAL B 435 -11.59 -28.57 -25.20
C VAL B 435 -11.31 -28.68 -23.71
N LEU B 436 -10.58 -27.70 -23.18
CA LEU B 436 -10.22 -27.71 -21.77
C LEU B 436 -10.86 -26.43 -21.18
N LYS B 437 -11.74 -26.60 -20.21
CA LYS B 437 -12.42 -25.47 -19.60
C LYS B 437 -12.25 -25.37 -18.08
N GLY B 438 -12.38 -24.13 -17.59
CA GLY B 438 -12.28 -23.87 -16.17
C GLY B 438 -10.96 -24.21 -15.53
N LYS B 439 -10.99 -24.96 -14.43
CA LYS B 439 -9.75 -25.33 -13.77
C LYS B 439 -9.41 -26.79 -14.09
N VAL B 440 -8.28 -27.01 -14.76
CA VAL B 440 -7.87 -28.38 -15.12
C VAL B 440 -6.48 -28.74 -14.65
N THR B 441 -6.31 -30.02 -14.34
CA THR B 441 -5.03 -30.53 -13.90
C THR B 441 -4.94 -32.01 -14.19
N VAL B 442 -3.95 -32.39 -15.00
CA VAL B 442 -3.72 -33.78 -15.36
C VAL B 442 -2.42 -34.17 -14.71
N ALA B 443 -2.46 -35.15 -13.81
CA ALA B 443 -1.25 -35.55 -13.12
C ALA B 443 -1.02 -37.04 -13.25
N ALA B 444 0.02 -37.41 -14.01
CA ALA B 444 0.34 -38.81 -14.20
C ALA B 444 1.32 -39.26 -13.11
N LYS B 445 0.95 -40.33 -12.42
CA LYS B 445 1.77 -40.88 -11.35
C LYS B 445 2.98 -41.64 -11.88
N SER B 446 3.82 -42.09 -10.97
CA SER B 446 5.00 -42.85 -11.33
C SER B 446 4.65 -44.07 -12.19
N GLY B 447 5.26 -44.14 -13.38
CA GLY B 447 5.01 -45.24 -14.29
C GLY B 447 3.69 -45.29 -15.06
N VAL B 448 2.97 -44.18 -15.10
CA VAL B 448 1.70 -44.13 -15.81
C VAL B 448 1.72 -43.29 -17.08
N LYS B 449 1.24 -43.86 -18.18
CA LYS B 449 1.14 -43.13 -19.43
C LYS B 449 -0.34 -42.79 -19.57
N LEU B 450 -0.65 -41.49 -19.71
CA LEU B 450 -2.04 -41.06 -19.83
C LEU B 450 -2.29 -40.36 -21.17
N GLU B 451 -3.37 -40.75 -21.84
CA GLU B 451 -3.72 -40.17 -23.14
C GLU B 451 -5.13 -39.62 -23.09
N ILE B 452 -5.30 -38.32 -23.37
CA ILE B 452 -6.63 -37.72 -23.36
C ILE B 452 -7.19 -38.01 -24.76
N PRO B 453 -8.26 -38.82 -24.86
CA PRO B 453 -8.83 -39.13 -26.17
C PRO B 453 -9.36 -37.94 -26.93
N ASP B 454 -9.45 -38.11 -28.25
CA ASP B 454 -9.94 -37.04 -29.10
C ASP B 454 -11.28 -36.54 -28.66
N ARG B 455 -11.50 -35.24 -28.92
CA ARG B 455 -12.72 -34.50 -28.62
C ARG B 455 -13.13 -34.44 -27.16
N ALA B 456 -12.29 -34.97 -26.27
CA ALA B 456 -12.62 -34.92 -24.86
C ALA B 456 -12.85 -33.48 -24.42
N VAL B 457 -13.73 -33.31 -23.43
CA VAL B 457 -14.02 -32.01 -22.86
C VAL B 457 -13.64 -32.14 -21.39
N VAL B 458 -12.80 -31.24 -20.87
CA VAL B 458 -12.36 -31.29 -19.48
C VAL B 458 -12.65 -29.97 -18.77
N GLU B 459 -13.54 -30.04 -17.80
CA GLU B 459 -13.97 -28.86 -17.05
C GLU B 459 -13.84 -29.03 -15.55
N ASN B 460 -13.07 -28.15 -14.90
CA ASN B 460 -12.88 -28.23 -13.46
C ASN B 460 -12.73 -29.69 -13.08
N LYS B 461 -11.60 -30.29 -13.44
CA LYS B 461 -11.43 -31.70 -13.14
C LYS B 461 -9.96 -32.00 -12.91
N ASN B 462 -9.69 -33.07 -12.14
CA ASN B 462 -8.32 -33.48 -11.83
C ASN B 462 -8.06 -34.91 -12.30
N ILE B 463 -7.67 -35.03 -13.57
CA ILE B 463 -7.39 -36.34 -14.12
C ILE B 463 -6.11 -36.86 -13.53
N ASN B 464 -6.26 -37.64 -12.45
CA ASN B 464 -5.12 -38.22 -11.73
C ASN B 464 -4.83 -39.65 -12.08
N GLY B 465 -5.78 -40.29 -12.75
CA GLY B 465 -5.60 -41.68 -13.14
C GLY B 465 -6.29 -42.01 -14.45
N PRO B 466 -6.04 -43.20 -14.99
CA PRO B 466 -6.68 -43.60 -16.24
C PRO B 466 -8.20 -43.70 -16.07
N GLU B 467 -8.62 -44.01 -14.85
CA GLU B 467 -10.04 -44.16 -14.53
C GLU B 467 -10.76 -42.85 -14.87
N ASP B 468 -9.95 -41.79 -15.00
CA ASP B 468 -10.43 -40.44 -15.28
C ASP B 468 -10.77 -40.19 -16.76
N GLU A 6 -5.92 -22.87 33.45
CA GLU A 6 -6.09 -21.98 34.64
C GLU A 6 -7.36 -22.31 35.41
N ASN A 7 -8.36 -22.82 34.69
CA ASN A 7 -9.66 -23.17 35.25
C ASN A 7 -10.49 -21.94 35.62
N LEU A 8 -11.73 -22.15 36.10
CA LEU A 8 -12.59 -21.02 36.43
C LEU A 8 -13.13 -20.93 37.87
N PRO A 9 -13.16 -22.05 38.61
CA PRO A 9 -13.67 -21.98 39.98
C PRO A 9 -12.75 -21.29 40.99
N GLN A 10 -11.45 -21.53 40.85
CA GLN A 10 -10.46 -20.94 41.76
C GLN A 10 -10.52 -19.41 41.71
N LEU A 11 -10.45 -18.86 40.50
CA LEU A 11 -10.51 -17.41 40.34
C LEU A 11 -11.92 -17.00 40.74
N LYS A 12 -12.87 -17.90 40.55
CA LYS A 12 -14.23 -17.61 40.90
C LYS A 12 -14.38 -17.35 42.40
N SER A 13 -14.13 -18.38 43.20
CA SER A 13 -14.23 -18.23 44.66
C SER A 13 -13.53 -16.94 45.15
N ALA A 14 -12.39 -16.62 44.54
CA ALA A 14 -11.68 -15.42 44.94
C ALA A 14 -12.52 -14.18 44.63
N VAL A 15 -13.06 -14.12 43.42
CA VAL A 15 -13.89 -12.98 43.02
C VAL A 15 -15.21 -12.97 43.80
N ASP A 16 -15.96 -14.07 43.70
CA ASP A 16 -17.23 -14.20 44.40
C ASP A 16 -17.01 -13.91 45.87
N GLY A 17 -15.77 -14.08 46.31
CA GLY A 17 -15.42 -13.81 47.69
C GLY A 17 -15.18 -12.32 47.95
N LEU A 18 -15.13 -11.50 46.89
CA LEU A 18 -14.89 -10.07 47.03
C LEU A 18 -16.25 -9.37 47.19
N THR A 19 -16.60 -9.06 48.43
CA THR A 19 -17.88 -8.45 48.74
C THR A 19 -18.06 -6.99 48.35
N GLU A 20 -17.12 -6.44 47.58
CA GLU A 20 -17.20 -5.06 47.12
C GLU A 20 -17.85 -5.03 45.71
N MET A 21 -18.14 -6.20 45.17
CA MET A 21 -18.70 -6.28 43.81
C MET A 21 -20.12 -6.83 43.71
N SER A 22 -20.91 -6.26 42.79
CA SER A 22 -22.27 -6.70 42.54
C SER A 22 -22.23 -8.06 41.82
N GLU A 23 -23.40 -8.67 41.66
CA GLU A 23 -23.48 -9.97 40.99
C GLU A 23 -23.14 -9.78 39.53
N SER A 24 -23.81 -8.85 38.88
CA SER A 24 -23.58 -8.56 37.47
C SER A 24 -22.11 -8.22 37.24
N GLU A 25 -21.52 -7.38 38.09
CA GLU A 25 -20.10 -7.08 37.93
C GLU A 25 -19.26 -8.35 38.10
N LYS A 26 -19.46 -9.09 39.20
CA LYS A 26 -18.69 -10.31 39.41
C LYS A 26 -18.78 -11.24 38.18
N SER A 27 -19.98 -11.39 37.65
CA SER A 27 -20.21 -12.23 36.48
C SER A 27 -19.46 -11.67 35.24
N GLY A 28 -19.56 -10.36 35.06
CA GLY A 28 -18.89 -9.72 33.93
C GLY A 28 -17.38 -9.94 33.98
N PHE A 29 -16.77 -9.67 35.12
CA PHE A 29 -15.32 -9.85 35.26
C PHE A 29 -14.91 -11.29 34.97
N ILE A 30 -15.65 -12.24 35.52
CA ILE A 30 -15.35 -13.65 35.30
C ILE A 30 -15.47 -13.98 33.81
N SER A 31 -16.42 -13.34 33.14
CA SER A 31 -16.58 -13.59 31.71
C SER A 31 -15.34 -13.14 30.93
N LEU A 32 -14.85 -11.93 31.21
CA LEU A 32 -13.66 -11.44 30.49
C LEU A 32 -12.45 -12.34 30.75
N VAL A 33 -12.27 -12.73 32.00
CA VAL A 33 -11.17 -13.58 32.42
C VAL A 33 -11.21 -14.91 31.67
N SER A 34 -12.41 -15.49 31.57
CA SER A 34 -12.60 -16.75 30.85
C SER A 34 -11.98 -16.63 29.47
N ARG A 35 -12.60 -15.78 28.65
CA ARG A 35 -12.15 -15.56 27.29
C ARG A 35 -10.69 -15.19 27.22
N TYR A 36 -10.25 -14.33 28.13
CA TYR A 36 -8.85 -13.93 28.13
C TYR A 36 -7.97 -15.17 28.31
N LEU A 37 -8.39 -16.06 29.20
CA LEU A 37 -7.63 -17.28 29.47
C LEU A 37 -7.86 -18.37 28.39
N SER A 38 -9.06 -18.40 27.83
CA SER A 38 -9.42 -19.36 26.77
C SER A 38 -8.87 -18.93 25.41
N GLY A 39 -9.48 -17.89 24.85
CA GLY A 39 -9.07 -17.38 23.56
C GLY A 39 -10.26 -16.86 22.79
N ILE A 44 -6.97 -12.60 15.61
CA ILE A 44 -7.28 -12.16 14.25
C ILE A 44 -6.20 -12.59 13.27
N GLU A 45 -6.57 -13.46 12.33
CA GLU A 45 -5.64 -13.93 11.30
C GLU A 45 -5.48 -12.78 10.31
N TRP A 46 -4.27 -12.20 10.28
CA TRP A 46 -3.99 -11.08 9.40
C TRP A 46 -4.41 -11.32 7.94
N SER A 47 -4.19 -12.54 7.46
CA SER A 47 -4.52 -12.89 6.07
C SER A 47 -6.02 -12.94 5.74
N LYS A 48 -6.88 -12.95 6.75
CA LYS A 48 -8.33 -12.99 6.52
C LYS A 48 -8.97 -11.61 6.65
N ILE A 49 -8.14 -10.57 6.62
CA ILE A 49 -8.61 -9.18 6.72
C ILE A 49 -8.92 -8.59 5.35
N GLN A 50 -10.02 -7.84 5.26
CA GLN A 50 -10.41 -7.17 4.02
C GLN A 50 -10.72 -5.70 4.30
N THR A 51 -10.46 -4.85 3.31
CA THR A 51 -10.71 -3.41 3.43
C THR A 51 -12.16 -3.11 3.13
N PRO A 52 -12.81 -2.30 3.97
CA PRO A 52 -14.21 -1.98 3.75
C PRO A 52 -14.37 -1.07 2.54
N THR A 53 -15.62 -0.82 2.15
CA THR A 53 -15.92 0.04 1.02
C THR A 53 -17.01 1.00 1.43
N ASP A 54 -17.58 1.69 0.45
CA ASP A 54 -18.66 2.63 0.74
C ASP A 54 -19.86 1.82 1.23
N GLU A 55 -19.77 0.50 1.10
CA GLU A 55 -20.85 -0.38 1.53
C GLU A 55 -20.88 -0.52 3.05
N ILE A 56 -19.70 -0.52 3.66
CA ILE A 56 -19.58 -0.64 5.10
C ILE A 56 -19.23 0.73 5.65
N VAL A 57 -18.23 1.34 5.03
CA VAL A 57 -17.78 2.66 5.43
C VAL A 57 -18.31 3.69 4.43
N VAL A 58 -19.46 4.29 4.76
CA VAL A 58 -20.11 5.29 3.91
C VAL A 58 -19.55 6.70 4.05
N PRO A 59 -19.17 7.35 2.92
CA PRO A 59 -18.64 8.71 3.03
C PRO A 59 -19.78 9.60 3.50
N TYR A 60 -19.50 10.48 4.45
CA TYR A 60 -20.52 11.36 4.99
C TYR A 60 -21.26 12.10 3.86
N GLU A 61 -20.51 12.47 2.83
CA GLU A 61 -21.06 13.19 1.69
C GLU A 61 -22.12 12.37 0.94
N LYS A 62 -21.92 11.06 0.86
CA LYS A 62 -22.85 10.16 0.17
C LYS A 62 -24.12 9.89 0.96
N MET A 63 -24.30 10.60 2.06
CA MET A 63 -25.50 10.43 2.89
C MET A 63 -26.55 11.46 2.52
N THR A 64 -27.82 11.09 2.72
CA THR A 64 -28.95 11.96 2.40
C THR A 64 -29.15 13.03 3.47
N PRO A 65 -29.05 14.31 3.10
CA PRO A 65 -29.24 15.39 4.08
C PRO A 65 -30.66 15.56 4.57
N VAL A 66 -30.82 16.26 5.70
CA VAL A 66 -32.12 16.53 6.27
C VAL A 66 -32.73 17.63 5.41
N SER A 67 -34.04 17.63 5.24
CA SER A 67 -34.70 18.63 4.43
C SER A 67 -34.86 19.96 5.17
N GLN A 68 -35.51 20.91 4.50
CA GLN A 68 -35.72 22.24 5.08
C GLN A 68 -36.86 22.23 6.09
N ASP A 69 -37.54 21.09 6.23
CA ASP A 69 -38.66 20.98 7.15
C ASP A 69 -38.24 20.67 8.59
N VAL A 70 -38.38 21.67 9.45
CA VAL A 70 -38.02 21.54 10.86
C VAL A 70 -38.64 20.36 11.57
N ALA A 71 -39.94 20.15 11.37
CA ALA A 71 -40.64 19.06 12.04
C ALA A 71 -39.91 17.73 11.90
N GLU A 72 -39.09 17.60 10.85
CA GLU A 72 -38.31 16.39 10.62
C GLU A 72 -37.24 16.28 11.69
N THR A 73 -36.42 17.32 11.80
CA THR A 73 -35.38 17.37 12.81
C THR A 73 -35.98 17.04 14.17
N LYS A 74 -37.08 17.72 14.51
CA LYS A 74 -37.76 17.52 15.78
C LYS A 74 -38.11 16.06 16.11
N ASN A 75 -38.72 15.36 15.16
CA ASN A 75 -39.07 13.96 15.40
C ASN A 75 -37.81 13.11 15.62
N LEU A 76 -36.70 13.57 15.05
CA LEU A 76 -35.42 12.86 15.17
C LEU A 76 -34.87 13.06 16.58
N LEU A 77 -34.75 14.33 16.99
CA LEU A 77 -34.22 14.65 18.32
C LEU A 77 -35.00 14.01 19.49
N ASP A 78 -36.29 13.77 19.30
CA ASP A 78 -37.08 13.15 20.38
C ASP A 78 -36.75 11.67 20.66
N LYS A 79 -36.06 11.02 19.72
CA LYS A 79 -35.70 9.61 19.91
C LYS A 79 -34.25 9.48 20.38
N LEU A 80 -33.63 10.62 20.67
CA LEU A 80 -32.22 10.62 21.05
C LEU A 80 -31.82 10.87 22.53
N VAL A 81 -30.84 10.10 23.02
CA VAL A 81 -30.32 10.34 24.36
C VAL A 81 -28.80 10.43 24.10
N VAL A 82 -28.15 11.50 24.54
CA VAL A 82 -26.72 11.69 24.30
C VAL A 82 -25.88 11.17 25.49
N LEU A 83 -24.69 10.62 25.20
CA LEU A 83 -23.83 10.09 26.26
C LEU A 83 -22.38 10.51 26.12
N LYS A 84 -21.79 10.97 27.23
CA LYS A 84 -20.38 11.37 27.26
C LYS A 84 -19.61 10.42 28.18
N LEU A 85 -18.50 9.87 27.68
CA LEU A 85 -17.65 8.94 28.45
C LEU A 85 -16.77 9.75 29.43
N ASN A 86 -17.23 9.81 30.68
CA ASN A 86 -16.57 10.58 31.75
C ASN A 86 -15.83 9.67 32.70
N GLY A 87 -14.74 9.07 32.21
CA GLY A 87 -13.97 8.16 33.04
C GLY A 87 -12.50 8.47 33.32
N GLY A 88 -11.89 9.30 32.49
CA GLY A 88 -10.50 9.60 32.72
C GLY A 88 -10.29 10.75 33.68
N LEU A 89 -9.21 10.65 34.45
CA LEU A 89 -8.85 11.70 35.40
C LEU A 89 -8.01 12.78 34.72
N GLY A 90 -7.97 13.98 35.31
CA GLY A 90 -7.19 15.07 34.72
C GLY A 90 -5.74 14.61 34.59
N THR A 91 -5.48 13.46 35.22
CA THR A 91 -4.18 12.80 35.27
C THR A 91 -3.15 13.06 34.15
N THR A 92 -3.49 12.65 32.94
CA THR A 92 -2.61 12.82 31.78
C THR A 92 -2.06 14.24 31.65
N MET A 93 -2.84 15.20 32.12
CA MET A 93 -2.51 16.62 32.04
C MET A 93 -2.17 17.27 33.38
N GLY A 94 -1.65 16.47 34.31
CA GLY A 94 -1.26 16.98 35.61
C GLY A 94 -2.35 17.74 36.36
N CYS A 95 -3.60 17.31 36.23
CA CYS A 95 -4.71 17.97 36.90
C CYS A 95 -5.49 16.99 37.76
N THR A 96 -5.99 17.46 38.91
CA THR A 96 -6.78 16.61 39.79
C THR A 96 -8.25 16.70 39.34
N GLY A 97 -9.05 15.70 39.71
CA GLY A 97 -10.46 15.70 39.32
C GLY A 97 -10.80 15.04 37.97
N PRO A 98 -12.11 14.85 37.69
CA PRO A 98 -12.53 14.22 36.43
C PRO A 98 -11.98 15.02 35.26
N LYS A 99 -11.69 14.34 34.17
CA LYS A 99 -11.18 15.01 33.00
C LYS A 99 -12.28 15.97 32.55
N SER A 100 -13.55 15.57 32.73
CA SER A 100 -14.69 16.37 32.29
C SER A 100 -14.90 17.72 32.99
N VAL A 101 -14.37 17.88 34.20
CA VAL A 101 -14.54 19.15 34.90
C VAL A 101 -13.33 20.04 34.85
N ILE A 102 -12.47 19.84 33.84
CA ILE A 102 -11.30 20.71 33.71
C ILE A 102 -11.78 21.91 32.88
N GLU A 103 -11.27 23.09 33.16
CA GLU A 103 -11.70 24.23 32.35
C GLU A 103 -11.03 24.15 30.99
N VAL A 104 -11.76 24.42 29.91
CA VAL A 104 -11.16 24.33 28.58
C VAL A 104 -11.22 25.61 27.75
N ARG A 105 -12.24 26.44 27.97
CA ARG A 105 -12.32 27.70 27.23
C ARG A 105 -13.19 28.75 27.94
N ASP A 106 -12.59 29.91 28.19
CA ASP A 106 -13.29 31.01 28.83
C ASP A 106 -13.95 30.63 30.17
N GLY A 107 -13.22 29.94 31.03
CA GLY A 107 -13.73 29.53 32.34
C GLY A 107 -14.70 28.35 32.37
N LEU A 108 -15.20 27.96 31.20
CA LEU A 108 -16.15 26.85 31.09
C LEU A 108 -15.43 25.51 30.93
N THR A 109 -15.93 24.47 31.60
CA THR A 109 -15.29 23.15 31.52
C THR A 109 -15.85 22.41 30.33
N PHE A 110 -15.21 21.30 29.95
CA PHE A 110 -15.71 20.52 28.85
C PHE A 110 -17.20 20.34 29.08
N LEU A 111 -17.52 19.85 30.27
CA LEU A 111 -18.89 19.58 30.64
C LEU A 111 -19.81 20.79 30.47
N ASP A 112 -19.29 22.00 30.76
CA ASP A 112 -20.11 23.22 30.56
C ASP A 112 -20.54 23.27 29.08
N LEU A 113 -19.61 22.95 28.19
CA LEU A 113 -19.88 22.96 26.74
C LEU A 113 -21.01 22.01 26.31
N ILE A 114 -20.93 20.77 26.80
CA ILE A 114 -21.91 19.74 26.52
C ILE A 114 -23.34 20.12 26.98
N VAL A 115 -23.46 20.68 28.19
CA VAL A 115 -24.74 21.07 28.77
C VAL A 115 -25.39 22.20 27.97
N ILE A 116 -24.55 23.15 27.56
CA ILE A 116 -25.02 24.30 26.79
C ILE A 116 -25.35 23.86 25.37
N GLN A 117 -24.45 23.09 24.74
CA GLN A 117 -24.68 22.59 23.39
C GLN A 117 -26.05 21.94 23.29
N ILE A 118 -26.36 21.11 24.29
CA ILE A 118 -27.62 20.39 24.34
C ILE A 118 -28.75 21.35 24.66
N GLU A 119 -28.51 22.24 25.63
CA GLU A 119 -29.51 23.23 26.00
C GLU A 119 -29.91 24.07 24.78
N ASN A 120 -28.93 24.54 24.00
CA ASN A 120 -29.23 25.34 22.80
C ASN A 120 -29.89 24.48 21.72
N LEU A 121 -29.59 23.19 21.75
CA LEU A 121 -30.18 22.27 20.81
C LEU A 121 -31.67 22.14 21.13
N ASN A 122 -31.99 21.99 22.41
CA ASN A 122 -33.37 21.84 22.88
C ASN A 122 -34.16 23.13 22.72
N ASN A 123 -33.48 24.26 22.82
CA ASN A 123 -34.14 25.55 22.67
C ASN A 123 -34.37 25.88 21.20
N LYS A 124 -33.56 25.27 20.34
CA LYS A 124 -33.67 25.51 18.91
C LYS A 124 -34.74 24.59 18.32
N TYR A 125 -35.08 23.50 19.00
CA TYR A 125 -36.06 22.59 18.46
C TYR A 125 -37.27 22.19 19.31
N GLY A 126 -37.30 22.63 20.56
CA GLY A 126 -38.43 22.32 21.42
C GLY A 126 -38.45 20.89 21.91
N CYS A 127 -37.33 20.20 21.75
CA CYS A 127 -37.21 18.82 22.19
C CYS A 127 -36.63 18.75 23.61
N LYS A 128 -36.53 17.55 24.16
CA LYS A 128 -35.99 17.35 25.50
C LYS A 128 -34.90 16.26 25.47
N VAL A 129 -33.81 16.59 24.78
CA VAL A 129 -32.68 15.69 24.63
C VAL A 129 -31.90 15.61 25.95
N PRO A 130 -31.91 14.42 26.57
CA PRO A 130 -31.22 14.16 27.85
C PRO A 130 -29.73 13.89 27.60
N LEU A 131 -28.90 14.25 28.57
CA LEU A 131 -27.45 14.01 28.49
C LEU A 131 -27.13 12.96 29.54
N VAL A 132 -26.25 12.02 29.21
CA VAL A 132 -25.84 11.04 30.22
C VAL A 132 -24.32 10.97 30.29
N LEU A 133 -23.80 10.93 31.52
CA LEU A 133 -22.36 10.84 31.72
C LEU A 133 -21.98 9.50 32.33
N MET A 134 -21.22 8.69 31.60
CA MET A 134 -20.76 7.43 32.19
C MET A 134 -19.50 7.75 33.02
N ASN A 135 -19.61 7.64 34.33
CA ASN A 135 -18.49 7.94 35.22
C ASN A 135 -17.74 6.67 35.62
N SER A 136 -16.76 6.81 36.51
CA SER A 136 -16.02 5.67 37.05
C SER A 136 -15.72 6.00 38.52
N PHE A 137 -15.38 4.96 39.31
CA PHE A 137 -15.10 5.19 40.72
C PHE A 137 -14.05 6.29 40.86
N ASN A 138 -13.32 6.53 39.78
CA ASN A 138 -12.31 7.57 39.75
C ASN A 138 -12.92 8.97 39.57
N THR A 139 -14.13 9.04 39.00
CA THR A 139 -14.76 10.35 38.74
C THR A 139 -16.23 10.56 39.10
N HIS A 140 -16.90 9.56 39.69
CA HIS A 140 -18.35 9.67 39.90
C HIS A 140 -18.85 10.68 40.94
N ASP A 141 -18.32 10.59 42.16
CA ASP A 141 -18.73 11.53 43.19
C ASP A 141 -18.26 12.90 42.82
N ASP A 142 -17.07 12.99 42.25
CA ASP A 142 -16.54 14.29 41.84
C ASP A 142 -17.48 14.95 40.79
N THR A 143 -17.96 14.17 39.83
CA THR A 143 -18.84 14.79 38.85
C THR A 143 -20.24 15.05 39.40
N HIS A 144 -20.68 14.17 40.31
CA HIS A 144 -22.00 14.31 40.92
C HIS A 144 -22.04 15.72 41.53
N LYS A 145 -21.01 16.08 42.27
CA LYS A 145 -21.01 17.42 42.83
C LYS A 145 -20.93 18.49 41.72
N ILE A 146 -20.03 18.30 40.74
CA ILE A 146 -19.88 19.30 39.65
C ILE A 146 -21.17 19.59 38.85
N VAL A 147 -21.76 18.54 38.29
CA VAL A 147 -22.98 18.73 37.49
C VAL A 147 -24.08 19.55 38.14
N GLU A 148 -24.03 19.69 39.47
CA GLU A 148 -25.08 20.47 40.12
C GLU A 148 -25.14 21.86 39.51
N LYS A 149 -24.01 22.30 39.01
CA LYS A 149 -23.92 23.64 38.44
C LYS A 149 -24.87 23.89 37.28
N TYR A 150 -25.47 22.83 36.75
CA TYR A 150 -26.37 22.99 35.60
C TYR A 150 -27.84 22.75 35.92
N THR A 151 -28.13 22.69 37.22
CA THR A 151 -29.45 22.43 37.74
C THR A 151 -30.60 23.18 37.01
N ASN A 152 -30.41 24.47 36.74
CA ASN A 152 -31.45 25.23 36.06
C ASN A 152 -31.31 25.22 34.55
N SER A 153 -30.38 24.43 34.04
CA SER A 153 -30.16 24.35 32.60
C SER A 153 -31.30 23.60 31.93
N ASN A 154 -31.53 23.90 30.67
CA ASN A 154 -32.62 23.28 29.95
C ASN A 154 -32.23 21.95 29.29
N VAL A 155 -31.75 21.02 30.13
CA VAL A 155 -31.37 19.69 29.67
C VAL A 155 -31.30 18.81 30.91
N ASP A 156 -31.87 17.60 30.81
CA ASP A 156 -31.85 16.68 31.94
C ASP A 156 -30.53 15.91 31.83
N ILE A 157 -29.71 15.98 32.88
CA ILE A 157 -28.39 15.34 32.88
C ILE A 157 -28.31 14.08 33.74
N HIS A 158 -28.16 12.93 33.08
CA HIS A 158 -28.09 11.67 33.77
C HIS A 158 -26.62 11.27 33.96
N THR A 159 -26.37 10.43 34.96
CA THR A 159 -25.01 9.90 35.20
C THR A 159 -25.19 8.45 35.62
N PHE A 160 -24.11 7.70 35.61
CA PHE A 160 -24.15 6.33 36.09
C PHE A 160 -22.72 5.83 36.21
N ASN A 161 -22.46 5.02 37.23
CA ASN A 161 -21.12 4.51 37.42
C ASN A 161 -20.93 3.23 36.60
N GLN A 162 -19.80 3.11 35.94
CA GLN A 162 -19.55 1.92 35.15
C GLN A 162 -18.95 0.86 36.09
N SER A 163 -18.62 -0.31 35.54
CA SER A 163 -18.06 -1.40 36.34
C SER A 163 -16.80 -1.03 37.10
N LYS A 164 -16.55 -1.79 38.16
CA LYS A 164 -15.36 -1.65 39.00
C LYS A 164 -14.84 -3.08 39.11
N TYR A 165 -13.71 -3.36 38.47
CA TYR A 165 -13.13 -4.71 38.51
C TYR A 165 -11.82 -4.82 39.28
N PRO A 166 -11.42 -6.05 39.63
CA PRO A 166 -10.17 -6.18 40.37
C PRO A 166 -8.98 -6.22 39.43
N ARG A 167 -8.00 -5.38 39.72
CA ARG A 167 -6.75 -5.45 38.97
C ARG A 167 -6.25 -6.82 39.43
N VAL A 168 -5.81 -7.65 38.50
CA VAL A 168 -5.35 -9.00 38.83
C VAL A 168 -3.84 -9.04 39.06
N VAL A 169 -3.41 -9.76 40.09
CA VAL A 169 -1.98 -9.91 40.36
C VAL A 169 -1.52 -10.95 39.33
N ALA A 170 -0.73 -10.52 38.35
CA ALA A 170 -0.28 -11.38 37.25
C ALA A 170 0.44 -12.68 37.65
N ASP A 171 1.39 -12.54 38.56
CA ASP A 171 2.16 -13.68 39.04
C ASP A 171 1.27 -14.84 39.50
N GLU A 172 0.49 -14.62 40.56
CA GLU A 172 -0.39 -15.66 41.10
C GLU A 172 -1.78 -15.64 40.47
N PHE A 173 -2.03 -14.63 39.64
CA PHE A 173 -3.33 -14.45 38.99
C PHE A 173 -4.51 -14.59 39.97
N VAL A 174 -4.49 -13.78 41.02
CA VAL A 174 -5.56 -13.75 42.01
C VAL A 174 -5.92 -12.26 42.11
N PRO A 175 -7.16 -11.94 42.51
CA PRO A 175 -7.54 -10.54 42.61
C PRO A 175 -6.64 -9.81 43.60
N TRP A 176 -6.10 -8.66 43.21
CA TRP A 176 -5.23 -7.95 44.14
C TRP A 176 -6.04 -7.63 45.43
N PRO A 177 -7.35 -7.32 45.30
CA PRO A 177 -8.08 -7.08 46.56
C PRO A 177 -8.00 -8.37 47.41
N SER A 178 -8.25 -9.52 46.78
CA SER A 178 -8.20 -10.83 47.46
C SER A 178 -6.93 -10.96 48.33
N LYS A 179 -5.97 -10.06 48.13
CA LYS A 179 -4.73 -10.06 48.91
C LYS A 179 -4.65 -8.84 49.85
N GLY A 180 -5.78 -8.19 50.09
CA GLY A 180 -5.79 -7.05 51.01
C GLY A 180 -5.78 -5.66 50.41
N LYS A 181 -5.47 -5.52 49.12
CA LYS A 181 -5.46 -4.20 48.48
C LYS A 181 -6.89 -3.90 48.02
N THR A 182 -7.70 -3.42 48.96
CA THR A 182 -9.12 -3.16 48.68
C THR A 182 -9.48 -1.69 48.61
N ASP A 183 -8.52 -0.81 48.92
CA ASP A 183 -8.78 0.63 48.82
C ASP A 183 -9.01 0.91 47.32
N LYS A 184 -9.21 2.17 46.94
CA LYS A 184 -9.46 2.48 45.53
C LYS A 184 -8.42 1.95 44.53
N GLU A 185 -7.15 1.95 44.88
CA GLU A 185 -6.12 1.45 43.95
C GLU A 185 -6.15 -0.07 43.70
N GLY A 186 -7.06 -0.78 44.34
CA GLY A 186 -7.12 -2.22 44.10
C GLY A 186 -8.00 -2.63 42.92
N TRP A 187 -8.69 -1.65 42.34
CA TRP A 187 -9.62 -1.88 41.25
C TRP A 187 -9.39 -0.95 40.07
N TYR A 188 -10.14 -1.14 38.97
CA TYR A 188 -10.06 -0.26 37.78
C TYR A 188 -11.40 -0.25 37.02
N PRO A 189 -11.60 0.74 36.10
CA PRO A 189 -12.84 0.82 35.30
C PRO A 189 -12.46 -0.08 34.12
N PRO A 190 -13.34 -0.97 33.65
CA PRO A 190 -12.88 -1.81 32.55
C PRO A 190 -13.09 -1.40 31.09
N GLY A 191 -12.75 -0.15 30.79
CA GLY A 191 -12.84 0.34 29.42
C GLY A 191 -14.19 0.89 29.01
N HIS A 192 -14.24 1.55 27.87
CA HIS A 192 -15.53 2.07 27.45
C HIS A 192 -16.43 0.97 26.91
N GLY A 193 -15.86 -0.18 26.50
CA GLY A 193 -16.71 -1.27 26.04
C GLY A 193 -17.74 -1.59 27.12
N ASP A 194 -17.37 -1.23 28.35
CA ASP A 194 -18.21 -1.43 29.54
C ASP A 194 -19.48 -0.56 29.48
N VAL A 195 -19.44 0.49 28.66
CA VAL A 195 -20.63 1.34 28.54
C VAL A 195 -21.84 0.46 28.25
N PHE A 196 -21.64 -0.60 27.47
CA PHE A 196 -22.73 -1.49 27.14
C PHE A 196 -23.28 -2.29 28.35
N PRO A 197 -22.43 -3.09 29.00
CA PRO A 197 -23.00 -3.80 30.15
C PRO A 197 -23.30 -2.88 31.34
N ALA A 198 -22.72 -1.68 31.36
CA ALA A 198 -23.00 -0.77 32.46
C ALA A 198 -24.32 0.01 32.23
N LEU A 199 -24.66 0.29 30.97
CA LEU A 199 -25.91 1.01 30.71
C LEU A 199 -27.09 0.16 31.23
N MET A 200 -27.02 -1.15 31.00
CA MET A 200 -28.08 -2.05 31.50
C MET A 200 -27.96 -2.27 33.01
N ASN A 201 -26.74 -2.31 33.52
CA ASN A 201 -26.57 -2.51 34.97
C ASN A 201 -26.99 -1.27 35.75
N SER A 202 -27.21 -0.17 35.04
CA SER A 202 -27.61 1.06 35.71
C SER A 202 -29.12 1.20 35.83
N GLY A 203 -29.84 0.44 35.01
CA GLY A 203 -31.30 0.52 35.01
C GLY A 203 -31.73 1.60 34.03
N LYS A 204 -30.77 2.45 33.64
CA LYS A 204 -31.04 3.54 32.72
C LYS A 204 -31.49 3.10 31.33
N LEU A 205 -30.85 2.07 30.79
CA LEU A 205 -31.22 1.57 29.46
C LEU A 205 -32.74 1.36 29.34
N ASP A 206 -33.29 0.52 30.22
CA ASP A 206 -34.73 0.25 30.18
C ASP A 206 -35.50 1.57 30.36
N THR A 207 -35.04 2.40 31.28
CA THR A 207 -35.69 3.68 31.53
C THR A 207 -35.92 4.41 30.21
N PHE A 208 -34.84 4.88 29.59
CA PHE A 208 -34.92 5.60 28.33
C PHE A 208 -35.78 4.86 27.31
N LEU A 209 -35.59 3.56 27.23
CA LEU A 209 -36.35 2.74 26.30
C LEU A 209 -37.84 2.97 26.46
N SER A 210 -38.32 2.80 27.70
CA SER A 210 -39.74 2.99 28.00
C SER A 210 -40.18 4.45 27.79
N GLN A 211 -39.23 5.36 27.94
CA GLN A 211 -39.51 6.79 27.79
C GLN A 211 -39.57 7.25 26.35
N GLY A 212 -39.75 6.29 25.44
CA GLY A 212 -39.83 6.62 24.02
C GLY A 212 -38.45 6.72 23.38
N LYS A 213 -37.43 6.79 24.21
CA LYS A 213 -36.06 6.88 23.70
C LYS A 213 -35.74 5.65 22.85
N GLU A 214 -35.07 5.90 21.73
CA GLU A 214 -34.74 4.84 20.80
C GLU A 214 -33.29 4.89 20.34
N TYR A 215 -32.64 6.05 20.48
CA TYR A 215 -31.26 6.19 20.04
C TYR A 215 -30.33 6.96 20.95
N VAL A 216 -29.18 6.37 21.23
CA VAL A 216 -28.22 7.07 22.06
C VAL A 216 -26.97 7.41 21.25
N PHE A 217 -26.47 8.62 21.48
CA PHE A 217 -25.27 9.17 20.85
C PHE A 217 -24.18 9.03 21.91
N VAL A 218 -23.00 8.58 21.50
CA VAL A 218 -21.88 8.37 22.42
C VAL A 218 -20.64 9.11 21.98
N ALA A 219 -19.91 9.66 22.95
CA ALA A 219 -18.67 10.36 22.69
C ALA A 219 -17.87 10.52 23.97
N ASN A 220 -16.56 10.63 23.84
CA ASN A 220 -15.73 10.86 25.03
C ASN A 220 -15.98 12.32 25.43
N SER A 221 -15.96 12.61 26.74
CA SER A 221 -16.23 13.97 27.19
C SER A 221 -15.20 14.99 26.66
N ASP A 222 -14.03 14.53 26.21
CA ASP A 222 -13.04 15.48 25.71
C ASP A 222 -13.00 15.73 24.20
N ASN A 223 -14.01 15.27 23.46
CA ASN A 223 -14.04 15.55 22.03
C ASN A 223 -14.99 16.73 21.92
N LEU A 224 -14.45 17.92 21.67
CA LEU A 224 -15.28 19.11 21.61
C LEU A 224 -16.16 19.14 20.39
N GLY A 225 -15.91 18.27 19.42
CA GLY A 225 -16.73 18.26 18.23
C GLY A 225 -17.86 17.28 18.28
N ALA A 226 -17.94 16.49 19.35
CA ALA A 226 -19.01 15.51 19.45
C ALA A 226 -20.37 16.18 19.58
N ILE A 227 -20.82 16.83 18.50
CA ILE A 227 -22.12 17.49 18.53
C ILE A 227 -23.14 16.70 17.75
N VAL A 228 -24.41 16.81 18.14
CA VAL A 228 -25.45 16.08 17.44
C VAL A 228 -25.49 16.42 15.96
N ASP A 229 -25.47 15.39 15.12
CA ASP A 229 -25.53 15.59 13.67
C ASP A 229 -26.80 14.93 13.13
N LEU A 230 -27.76 15.77 12.79
CA LEU A 230 -29.06 15.34 12.28
C LEU A 230 -28.99 14.49 11.01
N THR A 231 -28.04 14.78 10.14
CA THR A 231 -27.88 14.01 8.91
C THR A 231 -27.64 12.55 9.30
N ILE A 232 -26.90 12.39 10.39
CA ILE A 232 -26.57 11.07 10.93
C ILE A 232 -27.74 10.52 11.67
N LEU A 233 -28.31 11.29 12.61
CA LEU A 233 -29.45 10.79 13.36
C LEU A 233 -30.60 10.49 12.40
N LYS A 234 -30.86 11.37 11.43
CA LYS A 234 -31.94 11.06 10.50
C LYS A 234 -31.64 9.75 9.75
N HIS A 235 -30.44 9.65 9.18
CA HIS A 235 -30.01 8.49 8.42
C HIS A 235 -30.22 7.13 9.11
N LEU A 236 -29.88 7.05 10.39
CA LEU A 236 -30.04 5.80 11.12
C LEU A 236 -31.50 5.41 11.30
N ILE A 237 -32.32 6.43 11.55
CA ILE A 237 -33.74 6.24 11.77
C ILE A 237 -34.49 5.79 10.52
N GLN A 238 -34.04 6.25 9.36
CA GLN A 238 -34.69 5.82 8.13
C GLN A 238 -34.06 4.55 7.53
N ASN A 239 -32.83 4.21 7.95
CA ASN A 239 -32.18 3.01 7.41
C ASN A 239 -32.04 1.84 8.38
N LYS A 240 -32.57 2.03 9.57
CA LYS A 240 -32.54 1.02 10.61
C LYS A 240 -31.12 0.60 10.95
N ASN A 241 -30.23 1.58 11.07
CA ASN A 241 -28.88 1.26 11.46
C ASN A 241 -29.01 1.13 12.95
N GLU A 242 -28.48 0.04 13.50
CA GLU A 242 -28.53 -0.19 14.91
C GLU A 242 -27.23 0.30 15.54
N TYR A 243 -26.22 0.49 14.71
CA TYR A 243 -24.91 0.97 15.17
C TYR A 243 -24.23 1.72 14.03
N CYS A 244 -23.78 2.93 14.32
CA CYS A 244 -23.12 3.72 13.31
C CYS A 244 -21.89 4.36 13.96
N MET A 245 -20.72 4.05 13.42
CA MET A 245 -19.46 4.58 13.93
C MET A 245 -19.02 5.79 13.12
N GLU A 246 -18.76 6.90 13.81
CA GLU A 246 -18.30 8.11 13.12
C GLU A 246 -16.80 8.01 13.02
N VAL A 247 -16.32 7.77 11.81
CA VAL A 247 -14.89 7.69 11.56
C VAL A 247 -14.53 8.91 10.72
N THR A 248 -13.24 9.29 10.73
CA THR A 248 -12.75 10.45 9.98
C THR A 248 -11.41 10.07 9.30
N PRO A 249 -11.01 10.78 8.23
CA PRO A 249 -9.75 10.44 7.56
C PRO A 249 -8.51 10.48 8.43
N LYS A 250 -7.67 9.46 8.28
CA LYS A 250 -6.42 9.35 9.03
C LYS A 250 -5.35 10.32 8.54
N THR A 251 -4.65 10.94 9.47
CA THR A 251 -3.57 11.84 9.14
C THR A 251 -2.32 11.27 9.81
N LEU A 252 -1.16 11.86 9.50
CA LEU A 252 0.08 11.40 10.08
C LEU A 252 0.02 11.34 11.59
N ALA A 253 -0.82 12.18 12.19
CA ALA A 253 -0.96 12.18 13.64
C ALA A 253 -1.86 11.05 14.12
N ASP A 254 -2.55 10.40 13.17
CA ASP A 254 -3.49 9.34 13.49
C ASP A 254 -3.08 7.97 12.94
N VAL A 255 -1.78 7.64 12.96
CA VAL A 255 -1.32 6.37 12.40
C VAL A 255 -1.73 5.07 13.10
N LYS A 256 -1.65 5.04 14.43
CA LYS A 256 -1.98 3.84 15.19
C LYS A 256 -3.41 3.77 15.75
N GLY A 257 -4.28 4.69 15.32
CA GLY A 257 -5.66 4.67 15.81
C GLY A 257 -6.38 3.40 15.42
N GLY A 258 -7.60 3.23 15.93
CA GLY A 258 -8.40 2.05 15.62
C GLY A 258 -9.04 2.15 14.24
N THR A 259 -9.18 1.02 13.55
CA THR A 259 -9.73 1.08 12.20
C THR A 259 -10.82 0.07 11.92
N LEU A 260 -11.77 0.48 11.06
CA LEU A 260 -12.88 -0.39 10.67
C LEU A 260 -12.59 -1.16 9.39
N ILE A 261 -12.81 -2.48 9.45
CA ILE A 261 -12.58 -3.38 8.33
C ILE A 261 -13.66 -4.46 8.39
N SER A 262 -13.55 -5.44 7.50
CA SER A 262 -14.46 -6.59 7.46
C SER A 262 -13.61 -7.81 7.83
N TYR A 263 -14.21 -8.81 8.47
CA TYR A 263 -13.44 -9.97 8.90
C TYR A 263 -14.36 -11.14 9.16
N GLU A 264 -14.03 -12.29 8.56
CA GLU A 264 -14.85 -13.49 8.66
C GLU A 264 -16.31 -13.16 8.40
N GLY A 265 -16.53 -12.23 7.47
CA GLY A 265 -17.86 -11.84 7.07
C GLY A 265 -18.48 -10.66 7.78
N LYS A 266 -17.82 -10.19 8.85
CA LYS A 266 -18.36 -9.09 9.63
C LYS A 266 -17.35 -7.92 9.76
N VAL A 267 -17.87 -6.70 9.70
CA VAL A 267 -17.00 -5.53 9.87
C VAL A 267 -16.54 -5.61 11.33
N GLN A 268 -15.25 -5.38 11.57
CA GLN A 268 -14.73 -5.45 12.93
C GLN A 268 -13.70 -4.34 13.15
N LEU A 269 -13.71 -3.79 14.37
CA LEU A 269 -12.75 -2.74 14.74
C LEU A 269 -11.37 -3.37 15.00
N LEU A 270 -10.42 -3.13 14.11
CA LEU A 270 -9.07 -3.64 14.27
C LEU A 270 -8.19 -2.58 14.93
N GLU A 271 -7.45 -3.00 15.95
CA GLU A 271 -6.53 -2.16 16.74
C GLU A 271 -5.10 -2.73 16.62
N ILE A 272 -4.07 -1.89 16.79
CA ILE A 272 -2.69 -2.38 16.67
C ILE A 272 -2.36 -3.59 17.51
N ALA A 273 -2.98 -3.68 18.70
CA ALA A 273 -2.77 -4.79 19.63
C ALA A 273 -3.20 -6.16 19.07
N GLN A 274 -4.18 -6.17 18.17
CA GLN A 274 -4.62 -7.44 17.58
C GLN A 274 -3.76 -7.77 16.36
N VAL A 275 -2.80 -6.90 16.06
CA VAL A 275 -1.92 -7.06 14.90
C VAL A 275 -0.53 -7.63 15.19
N PRO A 276 -0.18 -8.78 14.57
CA PRO A 276 1.13 -9.39 14.80
C PRO A 276 2.27 -8.43 14.42
N ASP A 277 3.21 -8.27 15.34
CA ASP A 277 4.36 -7.37 15.17
C ASP A 277 4.86 -7.20 13.73
N GLU A 278 4.78 -8.27 12.94
CA GLU A 278 5.25 -8.25 11.56
C GLU A 278 4.39 -7.41 10.63
N HIS A 279 3.21 -6.99 11.08
CA HIS A 279 2.34 -6.22 10.21
C HIS A 279 1.88 -4.87 10.75
N VAL A 280 2.34 -4.53 11.95
CA VAL A 280 1.98 -3.26 12.57
C VAL A 280 2.30 -2.09 11.64
N ASN A 281 3.31 -2.27 10.79
CA ASN A 281 3.72 -1.22 9.87
C ASN A 281 2.64 -0.93 8.83
N GLU A 282 2.06 -1.99 8.25
CA GLU A 282 1.00 -1.85 7.25
C GLU A 282 -0.21 -1.15 7.84
N PHE A 283 -0.47 -1.43 9.11
CA PHE A 283 -1.58 -0.86 9.88
C PHE A 283 -1.54 0.68 9.93
N LYS A 284 -0.44 1.22 10.44
CA LYS A 284 -0.29 2.67 10.54
C LYS A 284 -0.44 3.37 9.18
N SER A 285 0.07 2.72 8.14
CA SER A 285 0.01 3.22 6.78
C SER A 285 -1.39 3.68 6.35
N ILE A 286 -1.47 4.90 5.82
CA ILE A 286 -2.75 5.44 5.40
C ILE A 286 -3.06 5.14 3.94
N GLU A 287 -2.59 3.97 3.50
CA GLU A 287 -2.85 3.51 2.13
C GLU A 287 -3.55 2.15 2.20
N LYS A 288 -3.10 1.31 3.14
CA LYS A 288 -3.71 0.00 3.32
C LYS A 288 -4.94 0.13 4.23
N PHE A 289 -4.83 1.01 5.22
CA PHE A 289 -5.90 1.27 6.18
C PHE A 289 -5.98 2.80 6.26
N LYS A 290 -7.08 3.37 5.76
CA LYS A 290 -7.22 4.83 5.66
C LYS A 290 -8.27 5.57 6.47
N ILE A 291 -8.73 5.01 7.59
CA ILE A 291 -9.76 5.67 8.38
C ILE A 291 -9.59 5.33 9.84
N PHE A 292 -10.14 6.17 10.72
CA PHE A 292 -10.07 5.89 12.15
C PHE A 292 -11.28 6.44 12.94
N ASN A 293 -11.78 5.59 13.82
CA ASN A 293 -12.92 5.87 14.69
C ASN A 293 -12.74 7.16 15.47
N THR A 294 -13.81 7.92 15.63
CA THR A 294 -13.74 9.17 16.38
C THR A 294 -14.18 8.99 17.83
N ASN A 295 -14.72 7.82 18.15
CA ASN A 295 -15.23 7.51 19.49
C ASN A 295 -16.65 8.08 19.60
N ASN A 296 -17.12 8.68 18.50
CA ASN A 296 -18.49 9.18 18.38
C ASN A 296 -19.27 7.95 17.89
N LEU A 297 -20.16 7.40 18.71
CA LEU A 297 -20.89 6.18 18.37
C LEU A 297 -22.39 6.29 18.53
N TRP A 298 -23.12 5.88 17.49
CA TRP A 298 -24.57 5.92 17.50
C TRP A 298 -25.02 4.48 17.60
N VAL A 299 -25.90 4.19 18.54
CA VAL A 299 -26.33 2.82 18.76
C VAL A 299 -27.81 2.69 19.15
N ASN A 300 -28.57 2.00 18.31
CA ASN A 300 -29.99 1.73 18.54
C ASN A 300 -30.11 1.17 19.97
N LEU A 301 -31.02 1.74 20.78
CA LEU A 301 -31.17 1.32 22.18
C LEU A 301 -31.78 -0.06 22.47
N LYS A 302 -32.69 -0.50 21.61
CA LYS A 302 -33.34 -1.81 21.79
C LYS A 302 -32.32 -2.93 21.49
N ALA A 303 -31.42 -2.66 20.55
CA ALA A 303 -30.39 -3.63 20.18
C ALA A 303 -29.37 -3.82 21.31
N ILE A 304 -29.09 -2.77 22.06
CA ILE A 304 -28.14 -2.92 23.17
C ILE A 304 -28.73 -3.90 24.18
N LYS A 305 -29.97 -3.65 24.58
CA LYS A 305 -30.66 -4.49 25.55
C LYS A 305 -30.59 -5.96 25.18
N LYS A 306 -30.94 -6.24 23.94
CA LYS A 306 -30.94 -7.63 23.48
C LYS A 306 -29.58 -8.29 23.75
N LEU A 307 -28.53 -7.76 23.11
CA LEU A 307 -27.19 -8.33 23.25
C LEU A 307 -26.67 -8.42 24.68
N VAL A 308 -26.92 -7.41 25.52
CA VAL A 308 -26.47 -7.50 26.90
C VAL A 308 -27.24 -8.67 27.55
N GLU A 309 -28.56 -8.70 27.37
CA GLU A 309 -29.37 -9.78 27.96
C GLU A 309 -28.83 -11.17 27.65
N ALA A 310 -28.37 -11.34 26.42
CA ALA A 310 -27.81 -12.61 25.91
C ALA A 310 -26.29 -12.73 26.05
N ASP A 311 -25.69 -11.73 26.71
CA ASP A 311 -24.24 -11.66 26.91
C ASP A 311 -23.59 -11.97 25.58
N ALA A 312 -24.08 -11.31 24.54
CA ALA A 312 -23.58 -11.52 23.19
C ALA A 312 -22.36 -10.67 22.82
N LEU A 313 -21.75 -9.99 23.79
CA LEU A 313 -20.59 -9.15 23.45
C LEU A 313 -19.29 -9.59 24.14
N LYS A 314 -18.38 -10.20 23.37
CA LYS A 314 -17.10 -10.58 23.91
C LYS A 314 -16.14 -9.86 22.98
N MET A 315 -16.01 -8.56 23.23
CA MET A 315 -15.15 -7.71 22.44
C MET A 315 -13.71 -8.06 22.70
N GLU A 316 -12.82 -7.59 21.82
CA GLU A 316 -11.41 -7.86 22.00
C GLU A 316 -11.09 -7.51 23.43
N ILE A 317 -10.30 -8.36 24.07
CA ILE A 317 -9.95 -8.14 25.44
C ILE A 317 -8.48 -7.73 25.56
N ILE A 318 -8.26 -6.51 26.04
CA ILE A 318 -6.93 -5.96 26.23
C ILE A 318 -6.50 -6.24 27.66
N PRO A 319 -5.35 -6.87 27.84
CA PRO A 319 -4.86 -7.17 29.19
C PRO A 319 -4.52 -5.96 30.05
N ASN A 320 -3.92 -4.94 29.43
CA ASN A 320 -3.52 -3.73 30.13
C ASN A 320 -2.69 -3.91 31.40
N PRO A 321 -1.38 -3.67 31.30
CA PRO A 321 -0.43 -3.80 32.40
C PRO A 321 -0.19 -2.45 33.10
N LYS A 322 0.09 -2.50 34.40
CA LYS A 322 0.34 -1.31 35.20
C LYS A 322 1.06 -1.77 36.46
N GLU A 323 2.17 -1.11 36.81
CA GLU A 323 2.90 -1.47 38.01
C GLU A 323 2.54 -0.42 39.06
N VAL A 324 1.57 -0.77 39.90
CA VAL A 324 1.06 0.12 40.95
C VAL A 324 1.64 -0.23 42.32
N ASP A 325 2.38 0.70 42.91
CA ASP A 325 2.96 0.46 44.23
C ASP A 325 4.04 -0.63 44.14
N GLY A 326 4.78 -0.62 43.04
CA GLY A 326 5.82 -1.63 42.86
C GLY A 326 5.24 -3.02 42.69
N VAL A 327 3.95 -3.06 42.35
CA VAL A 327 3.27 -4.32 42.14
C VAL A 327 2.76 -4.41 40.72
N LYS A 328 3.18 -5.45 40.01
CA LYS A 328 2.74 -5.65 38.65
C LYS A 328 1.36 -6.32 38.64
N VAL A 329 0.46 -5.85 37.79
CA VAL A 329 -0.88 -6.43 37.72
C VAL A 329 -1.44 -6.38 36.31
N LEU A 330 -2.71 -6.72 36.21
CA LEU A 330 -3.44 -6.76 34.94
C LEU A 330 -4.82 -6.10 35.04
N GLN A 331 -5.13 -5.26 34.04
CA GLN A 331 -6.43 -4.57 33.95
C GLN A 331 -7.06 -5.06 32.66
N LEU A 332 -7.89 -6.10 32.72
CA LEU A 332 -8.48 -6.60 31.47
C LEU A 332 -9.59 -5.65 31.05
N GLU A 333 -9.45 -5.10 29.87
CA GLU A 333 -10.45 -4.16 29.39
C GLU A 333 -10.90 -4.43 27.96
N THR A 334 -11.91 -3.66 27.54
CA THR A 334 -12.47 -3.74 26.20
C THR A 334 -12.80 -2.34 25.69
N ALA A 335 -13.25 -2.26 24.45
CA ALA A 335 -13.57 -0.96 23.81
C ALA A 335 -14.99 -0.94 23.28
N ALA A 336 -15.66 0.20 23.40
CA ALA A 336 -17.04 0.35 22.92
C ALA A 336 -17.19 0.15 21.40
N GLY A 337 -16.15 0.48 20.64
CA GLY A 337 -16.22 0.30 19.20
C GLY A 337 -15.96 -1.13 18.75
N ALA A 338 -15.31 -1.92 19.59
CA ALA A 338 -15.02 -3.30 19.18
C ALA A 338 -16.30 -4.12 19.20
N ALA A 339 -17.34 -3.59 19.84
CA ALA A 339 -18.60 -4.34 19.87
C ALA A 339 -19.36 -4.16 18.56
N ILE A 340 -18.80 -3.37 17.63
CA ILE A 340 -19.49 -3.11 16.38
C ILE A 340 -19.87 -4.36 15.60
N ARG A 341 -18.97 -5.35 15.59
CA ARG A 341 -19.18 -6.59 14.85
C ARG A 341 -20.36 -7.42 15.32
N PHE A 342 -21.11 -6.91 16.28
CA PHE A 342 -22.24 -7.67 16.82
C PHE A 342 -23.59 -7.05 16.53
N PHE A 343 -23.59 -5.91 15.85
CA PHE A 343 -24.85 -5.23 15.56
C PHE A 343 -25.35 -5.39 14.12
N ASP A 344 -26.67 -5.49 13.97
CA ASP A 344 -27.26 -5.64 12.66
C ASP A 344 -27.26 -4.31 11.92
N ASN A 345 -26.88 -4.38 10.66
CA ASN A 345 -26.81 -3.20 9.80
C ASN A 345 -25.97 -2.07 10.40
N ALA A 346 -24.66 -2.32 10.54
CA ALA A 346 -23.70 -1.34 11.08
C ALA A 346 -22.95 -0.71 9.92
N ILE A 347 -22.22 0.37 10.18
CA ILE A 347 -21.45 1.06 9.15
C ILE A 347 -20.44 1.97 9.82
N GLY A 348 -19.60 2.58 9.00
CA GLY A 348 -18.63 3.55 9.46
C GLY A 348 -18.90 4.82 8.67
N VAL A 349 -19.50 5.82 9.30
CA VAL A 349 -19.75 7.04 8.54
C VAL A 349 -18.44 7.82 8.54
N ASN A 350 -17.92 8.08 7.35
CA ASN A 350 -16.67 8.83 7.24
C ASN A 350 -17.01 10.33 7.29
N VAL A 351 -16.60 10.97 8.39
CA VAL A 351 -16.88 12.37 8.63
C VAL A 351 -15.68 13.33 8.50
N PRO A 352 -15.98 14.64 8.31
CA PRO A 352 -14.93 15.65 8.18
C PRO A 352 -14.17 15.65 9.51
N ARG A 353 -12.85 15.87 9.47
CA ARG A 353 -12.04 15.85 10.70
C ARG A 353 -12.54 16.86 11.72
N SER A 354 -13.36 17.80 11.29
CA SER A 354 -13.90 18.76 12.23
C SER A 354 -14.62 17.98 13.35
N ARG A 355 -14.96 16.71 13.10
CA ARG A 355 -15.66 15.90 14.12
C ARG A 355 -14.68 15.17 15.04
N PHE A 356 -13.41 15.45 14.88
CA PHE A 356 -12.40 14.84 15.74
C PHE A 356 -11.45 15.93 16.17
N LEU A 357 -11.75 16.53 17.32
CA LEU A 357 -10.93 17.57 17.90
C LEU A 357 -10.89 17.29 19.41
N PRO A 358 -10.05 16.33 19.81
CA PRO A 358 -9.90 15.91 21.21
C PRO A 358 -8.88 16.76 21.95
N VAL A 359 -9.02 16.80 23.27
CA VAL A 359 -8.08 17.50 24.14
C VAL A 359 -7.34 16.38 24.90
N LYS A 360 -6.16 16.00 24.40
CA LYS A 360 -5.41 14.93 25.05
C LYS A 360 -4.28 15.45 25.90
N ALA A 361 -3.72 16.59 25.48
CA ALA A 361 -2.62 17.23 26.19
C ALA A 361 -2.74 18.76 26.16
N SER A 362 -1.95 19.39 27.01
CA SER A 362 -1.94 20.84 27.12
C SER A 362 -1.70 21.50 25.77
N SER A 363 -1.01 20.81 24.88
CA SER A 363 -0.74 21.38 23.57
C SER A 363 -2.08 21.56 22.85
N ASP A 364 -3.06 20.71 23.16
CA ASP A 364 -4.37 20.84 22.49
C ASP A 364 -5.16 22.00 23.12
N LEU A 365 -4.87 22.30 24.38
CA LEU A 365 -5.51 23.42 25.06
C LEU A 365 -5.01 24.73 24.46
N LEU A 366 -3.77 24.74 23.95
CA LEU A 366 -3.23 25.94 23.36
C LEU A 366 -4.09 26.24 22.15
N LEU A 367 -4.45 25.17 21.45
CA LEU A 367 -5.29 25.26 20.26
C LEU A 367 -6.61 25.98 20.49
N VAL A 368 -7.47 25.37 21.30
CA VAL A 368 -8.80 25.90 21.57
C VAL A 368 -8.86 27.19 22.42
N GLN A 369 -7.73 27.58 22.99
CA GLN A 369 -7.67 28.78 23.80
C GLN A 369 -7.13 29.98 23.02
N SER A 370 -6.54 29.71 21.86
CA SER A 370 -5.97 30.75 21.03
C SER A 370 -7.01 31.28 20.04
N ASP A 371 -6.64 32.32 19.28
CA ASP A 371 -7.56 32.92 18.30
C ASP A 371 -7.95 31.97 17.16
N LEU A 372 -7.48 30.72 17.22
CA LEU A 372 -7.83 29.75 16.19
C LEU A 372 -9.28 29.30 16.34
N TYR A 373 -9.84 29.54 17.52
CA TYR A 373 -11.22 29.16 17.86
C TYR A 373 -11.89 30.20 18.78
N THR A 374 -13.21 30.15 18.82
CA THR A 374 -14.01 31.02 19.67
C THR A 374 -15.22 30.24 20.17
N LEU A 375 -15.80 30.69 21.26
CA LEU A 375 -16.98 30.07 21.80
C LEU A 375 -18.21 30.82 21.24
N VAL A 376 -19.07 30.07 20.57
CA VAL A 376 -20.29 30.62 19.97
C VAL A 376 -21.50 29.82 20.44
N ASP A 377 -22.13 30.27 21.53
CA ASP A 377 -23.29 29.59 22.08
C ASP A 377 -23.04 28.11 22.33
N GLY A 378 -22.20 27.81 23.31
CA GLY A 378 -21.88 26.42 23.62
C GLY A 378 -21.45 25.67 22.39
N PHE A 379 -20.38 26.16 21.75
CA PHE A 379 -19.90 25.52 20.55
C PHE A 379 -18.51 26.02 20.19
N VAL A 380 -17.50 25.19 20.41
CA VAL A 380 -16.13 25.56 20.09
C VAL A 380 -16.08 25.69 18.57
N THR A 381 -15.93 26.94 18.11
CA THR A 381 -15.96 27.27 16.69
C THR A 381 -14.64 27.78 16.11
N ARG A 382 -14.20 27.17 15.02
CA ARG A 382 -12.95 27.50 14.37
C ARG A 382 -12.95 28.87 13.68
N ASN A 383 -11.83 29.58 13.76
CA ASN A 383 -11.68 30.90 13.16
C ASN A 383 -11.81 30.84 11.64
N LYS A 384 -12.66 31.70 11.08
CA LYS A 384 -12.90 31.75 9.64
C LYS A 384 -11.70 32.22 8.83
N ALA A 385 -10.87 33.07 9.43
CA ALA A 385 -9.69 33.60 8.76
C ALA A 385 -8.76 32.45 8.37
N ARG A 386 -8.61 31.46 9.24
CA ARG A 386 -7.74 30.32 8.94
C ARG A 386 -8.32 29.57 7.74
N THR A 387 -7.81 29.87 6.56
CA THR A 387 -8.27 29.22 5.34
C THR A 387 -7.88 27.76 5.35
N ASN A 388 -6.65 27.48 5.73
CA ASN A 388 -6.17 26.11 5.76
C ASN A 388 -7.04 25.32 6.72
N PRO A 389 -7.60 24.20 6.25
CA PRO A 389 -8.46 23.33 7.05
C PRO A 389 -7.72 22.77 8.26
N SER A 390 -6.68 21.97 8.00
CA SER A 390 -5.87 21.36 9.04
C SER A 390 -5.49 22.36 10.12
N ASN A 391 -5.16 21.84 11.31
CA ASN A 391 -4.74 22.71 12.40
C ASN A 391 -3.23 22.70 12.54
N PRO A 392 -2.66 23.76 13.11
CA PRO A 392 -1.20 23.77 13.26
C PRO A 392 -0.75 22.64 14.17
N SER A 393 0.43 22.10 13.89
CA SER A 393 0.96 21.02 14.69
C SER A 393 1.63 21.70 15.89
N ILE A 394 1.35 21.22 17.11
CA ILE A 394 1.92 21.81 18.31
C ILE A 394 2.52 20.77 19.24
N GLU A 395 3.81 20.91 19.52
CA GLU A 395 4.56 20.00 20.39
C GLU A 395 5.26 20.81 21.49
N LEU A 396 5.00 20.43 22.75
CA LEU A 396 5.59 21.10 23.92
C LEU A 396 6.36 20.06 24.73
N GLY A 397 7.30 20.50 25.56
CA GLY A 397 8.06 19.57 26.39
C GLY A 397 7.45 19.31 27.77
N PRO A 398 8.12 18.49 28.62
CA PRO A 398 7.71 18.11 29.97
C PRO A 398 7.33 19.32 30.83
N GLU A 399 7.99 20.45 30.57
CA GLU A 399 7.70 21.70 31.29
C GLU A 399 6.21 22.05 31.27
N PHE A 400 5.55 21.83 30.13
CA PHE A 400 4.13 22.17 29.97
C PHE A 400 3.14 21.01 30.13
N LYS A 401 3.56 19.92 30.75
CA LYS A 401 2.66 18.77 30.90
C LYS A 401 1.41 19.10 31.72
N LYS A 402 1.61 19.69 32.89
CA LYS A 402 0.49 20.04 33.77
C LYS A 402 -0.18 21.33 33.32
N VAL A 403 -1.50 21.34 33.30
CA VAL A 403 -2.23 22.52 32.88
C VAL A 403 -1.82 23.72 33.74
N ALA A 404 -1.48 23.48 35.00
CA ALA A 404 -1.09 24.58 35.87
C ALA A 404 0.19 25.24 35.33
N THR A 405 1.24 24.46 35.14
CA THR A 405 2.48 25.08 34.66
C THR A 405 2.25 25.66 33.27
N PHE A 406 1.43 24.97 32.49
CA PHE A 406 1.07 25.42 31.15
C PHE A 406 0.52 26.84 31.18
N LEU A 407 -0.43 27.04 32.08
CA LEU A 407 -1.10 28.32 32.25
C LEU A 407 -0.09 29.42 32.51
N SER A 408 0.57 29.31 33.65
CA SER A 408 1.56 30.29 34.05
C SER A 408 2.65 30.48 32.99
N ARG A 409 3.06 29.40 32.30
CA ARG A 409 4.09 29.57 31.27
C ARG A 409 3.57 30.32 30.04
N PHE A 410 2.28 30.68 30.04
CA PHE A 410 1.68 31.45 28.95
C PHE A 410 0.94 32.65 29.51
N LYS A 411 1.68 33.59 30.12
CA LYS A 411 1.09 34.79 30.70
C LYS A 411 -0.21 35.08 29.93
N SER A 412 -0.13 35.02 28.61
CA SER A 412 -1.29 35.16 27.74
C SER A 412 -1.07 34.21 26.55
N ILE A 413 -2.13 33.52 26.12
CA ILE A 413 -2.05 32.58 24.99
C ILE A 413 -1.75 33.35 23.71
N PRO A 414 -0.72 32.93 22.95
CA PRO A 414 -0.35 33.60 21.70
C PRO A 414 -1.29 33.36 20.53
N SER A 415 -1.25 34.27 19.55
CA SER A 415 -2.06 34.13 18.35
C SER A 415 -1.33 33.06 17.50
N ILE A 416 -2.09 32.15 16.89
CA ILE A 416 -1.52 31.07 16.08
C ILE A 416 -2.29 30.91 14.76
N VAL A 417 -3.32 31.74 14.58
CA VAL A 417 -4.14 31.68 13.38
C VAL A 417 -3.30 31.47 12.12
N GLU A 418 -2.12 32.09 12.06
CA GLU A 418 -1.26 31.91 10.90
C GLU A 418 -0.05 31.00 11.15
N LEU A 419 -0.19 30.13 12.16
CA LEU A 419 0.88 29.23 12.50
C LEU A 419 0.82 27.95 11.70
N ASP A 420 1.99 27.45 11.28
CA ASP A 420 2.05 26.20 10.54
C ASP A 420 2.28 25.09 11.53
N SER A 421 3.31 25.28 12.36
CA SER A 421 3.69 24.28 13.33
C SER A 421 4.54 24.92 14.44
N LEU A 422 4.43 24.37 15.65
CA LEU A 422 5.19 24.85 16.80
C LEU A 422 5.81 23.70 17.62
N LYS A 423 7.11 23.82 17.91
CA LYS A 423 7.78 22.85 18.76
C LYS A 423 8.55 23.59 19.87
N VAL A 424 8.25 23.27 21.12
CA VAL A 424 8.91 23.90 22.27
C VAL A 424 9.56 22.91 23.23
N SER A 425 10.86 23.09 23.47
CA SER A 425 11.59 22.22 24.39
C SER A 425 12.34 23.03 25.44
N GLY A 426 12.47 22.48 26.64
CA GLY A 426 13.18 23.17 27.70
C GLY A 426 12.36 24.15 28.53
N ASP A 427 13.07 24.90 29.37
CA ASP A 427 12.45 25.85 30.28
C ASP A 427 12.01 27.15 29.60
N VAL A 428 10.83 27.12 28.99
CA VAL A 428 10.29 28.30 28.29
C VAL A 428 9.03 28.88 28.96
N TRP A 429 8.93 30.22 28.94
CA TRP A 429 7.81 30.98 29.49
C TRP A 429 7.53 32.09 28.48
N PHE A 430 6.28 32.20 28.05
CA PHE A 430 5.83 33.21 27.08
C PHE A 430 5.26 34.46 27.73
N GLY A 431 5.67 35.63 27.23
CA GLY A 431 5.17 36.89 27.73
C GLY A 431 3.68 37.04 27.53
N SER A 432 3.23 38.25 27.19
CA SER A 432 1.83 38.54 26.96
C SER A 432 1.55 38.90 25.50
N SER A 433 0.39 38.48 25.02
CA SER A 433 -0.08 38.73 23.65
C SER A 433 0.91 38.40 22.52
N ILE A 434 1.90 37.57 22.81
CA ILE A 434 2.90 37.19 21.80
C ILE A 434 2.19 36.70 20.56
N VAL A 435 2.81 36.91 19.42
CA VAL A 435 2.22 36.41 18.18
C VAL A 435 3.21 35.42 17.58
N LEU A 436 2.68 34.23 17.24
CA LEU A 436 3.50 33.15 16.66
C LEU A 436 3.12 32.84 15.22
N LYS A 437 4.11 32.95 14.31
CA LYS A 437 3.86 32.72 12.89
C LYS A 437 4.83 31.75 12.16
N GLY A 438 4.57 31.56 10.87
CA GLY A 438 5.37 30.70 10.01
C GLY A 438 5.80 29.37 10.59
N LYS A 439 7.10 29.23 10.83
CA LYS A 439 7.65 28.02 11.41
C LYS A 439 8.46 28.44 12.64
N VAL A 440 8.04 28.00 13.82
CA VAL A 440 8.70 28.37 15.05
C VAL A 440 9.19 27.17 15.87
N THR A 441 10.44 27.22 16.28
CA THR A 441 11.03 26.15 17.08
C THR A 441 11.91 26.72 18.21
N VAL A 442 11.32 26.85 19.39
CA VAL A 442 12.05 27.37 20.56
C VAL A 442 12.61 26.19 21.35
N ALA A 443 13.92 26.22 21.58
CA ALA A 443 14.57 25.14 22.31
C ALA A 443 15.62 25.65 23.29
N ALA A 444 15.28 25.67 24.58
CA ALA A 444 16.21 26.12 25.62
C ALA A 444 17.12 24.97 26.04
N LYS A 445 18.43 25.14 25.88
CA LYS A 445 19.37 24.08 26.26
C LYS A 445 19.36 23.80 27.75
N SER A 446 19.98 22.68 28.14
CA SER A 446 20.06 22.30 29.54
C SER A 446 20.69 23.42 30.36
N GLY A 447 20.08 23.70 31.51
CA GLY A 447 20.56 24.76 32.40
C GLY A 447 20.18 26.15 31.97
N VAL A 448 19.41 26.24 30.89
CA VAL A 448 18.99 27.53 30.37
C VAL A 448 17.49 27.76 30.47
N LYS A 449 17.11 29.01 30.69
CA LYS A 449 15.72 29.43 30.73
C LYS A 449 15.59 30.53 29.67
N LEU A 450 14.56 30.43 28.84
CA LEU A 450 14.32 31.41 27.78
C LEU A 450 12.94 32.00 27.92
N GLU A 451 12.86 33.33 27.98
CA GLU A 451 11.57 33.98 28.12
C GLU A 451 11.30 34.82 26.87
N ILE A 452 10.17 34.57 26.20
CA ILE A 452 9.78 35.32 25.00
C ILE A 452 9.15 36.62 25.49
N PRO A 453 9.49 37.75 24.86
CA PRO A 453 8.92 39.04 25.28
C PRO A 453 7.47 39.33 24.89
N ASP A 454 6.80 40.11 25.74
CA ASP A 454 5.43 40.51 25.51
C ASP A 454 5.34 41.04 24.08
N ARG A 455 4.20 40.83 23.44
CA ARG A 455 3.97 41.24 22.05
C ARG A 455 5.10 40.82 21.11
N ALA A 456 5.96 39.93 21.58
CA ALA A 456 7.04 39.45 20.73
C ALA A 456 6.47 38.90 19.44
N VAL A 457 7.23 39.03 18.36
CA VAL A 457 6.76 38.47 17.10
C VAL A 457 7.76 37.42 16.64
N VAL A 458 7.29 36.18 16.55
CA VAL A 458 8.14 35.06 16.10
C VAL A 458 7.51 34.47 14.86
N GLU A 459 8.25 34.56 13.75
CA GLU A 459 7.75 34.08 12.46
C GLU A 459 8.81 33.35 11.61
N ASN A 460 8.52 32.12 11.23
CA ASN A 460 9.45 31.35 10.42
C ASN A 460 10.83 31.35 11.07
N LYS A 461 10.85 31.50 12.39
CA LYS A 461 12.10 31.56 13.16
C LYS A 461 12.35 30.43 14.16
N ASN A 462 13.62 30.04 14.27
CA ASN A 462 14.04 29.00 15.21
C ASN A 462 14.85 29.65 16.35
N ILE A 463 14.33 29.52 17.56
CA ILE A 463 14.96 30.08 18.75
C ILE A 463 15.72 28.99 19.50
N ASN A 464 17.01 28.88 19.18
CA ASN A 464 17.87 27.86 19.76
C ASN A 464 18.67 28.33 20.98
N GLY A 465 18.59 29.63 21.26
CA GLY A 465 19.32 30.16 22.40
C GLY A 465 18.99 31.62 22.64
N PRO A 466 19.46 32.19 23.75
CA PRO A 466 19.19 33.60 24.07
C PRO A 466 19.76 34.48 22.96
N GLU A 467 20.71 33.91 22.22
CA GLU A 467 21.35 34.62 21.12
C GLU A 467 20.44 34.77 19.90
N ASP A 468 19.13 34.75 20.13
CA ASP A 468 18.17 34.91 19.04
C ASP A 468 17.07 35.90 19.41
N LEU A 469 17.48 37.14 19.66
CA LEU A 469 16.56 38.21 20.03
C LEU A 469 15.41 37.72 20.91
N LEU B 8 42.71 -5.91 -13.61
CA LEU B 8 44.15 -6.26 -13.48
C LEU B 8 44.91 -6.05 -14.79
N PRO B 9 46.20 -5.71 -14.71
CA PRO B 9 47.06 -5.47 -15.87
C PRO B 9 47.26 -6.75 -16.67
N GLN B 10 47.26 -7.88 -15.97
CA GLN B 10 47.45 -9.18 -16.62
C GLN B 10 46.17 -9.68 -17.31
N LEU B 11 45.01 -9.32 -16.77
CA LEU B 11 43.77 -9.74 -17.39
C LEU B 11 43.75 -9.08 -18.77
N LYS B 12 44.30 -7.86 -18.82
CA LYS B 12 44.37 -7.09 -20.06
C LYS B 12 45.36 -7.63 -21.12
N SER B 13 46.42 -8.32 -20.71
CA SER B 13 47.38 -8.83 -21.69
C SER B 13 46.81 -9.95 -22.53
N ALA B 14 46.22 -10.94 -21.87
CA ALA B 14 45.58 -12.07 -22.54
C ALA B 14 44.56 -11.52 -23.52
N VAL B 15 43.70 -10.63 -23.01
CA VAL B 15 42.69 -10.05 -23.87
C VAL B 15 43.33 -9.46 -25.12
N ASP B 16 44.30 -8.55 -24.96
CA ASP B 16 44.97 -7.95 -26.12
C ASP B 16 45.53 -8.98 -27.11
N GLY B 17 45.72 -10.20 -26.63
CA GLY B 17 46.21 -11.28 -27.48
C GLY B 17 45.11 -12.05 -28.21
N LEU B 18 43.85 -11.70 -27.94
CA LEU B 18 42.72 -12.40 -28.56
C LEU B 18 42.30 -11.73 -29.87
N THR B 19 42.79 -12.27 -30.99
CA THR B 19 42.51 -11.72 -32.32
C THR B 19 41.02 -11.51 -32.64
N GLU B 20 40.15 -12.33 -32.07
CA GLU B 20 38.72 -12.17 -32.33
C GLU B 20 38.24 -10.77 -31.93
N MET B 21 38.49 -10.39 -30.68
CA MET B 21 38.05 -9.09 -30.17
C MET B 21 38.60 -7.85 -30.90
N SER B 22 37.74 -6.85 -31.09
CA SER B 22 38.15 -5.59 -31.72
C SER B 22 38.63 -4.66 -30.58
N GLU B 23 39.30 -3.56 -30.94
CA GLU B 23 39.77 -2.64 -29.90
C GLU B 23 38.61 -2.17 -29.00
N SER B 24 37.45 -1.87 -29.61
CA SER B 24 36.30 -1.44 -28.82
C SER B 24 35.86 -2.57 -27.88
N GLU B 25 35.87 -3.80 -28.40
CA GLU B 25 35.46 -4.96 -27.62
C GLU B 25 36.42 -5.32 -26.51
N LYS B 26 37.73 -5.15 -26.74
CA LYS B 26 38.70 -5.45 -25.69
C LYS B 26 38.54 -4.42 -24.57
N SER B 27 38.43 -3.15 -24.98
CA SER B 27 38.27 -2.03 -24.05
C SER B 27 36.96 -2.14 -23.25
N GLY B 28 35.89 -2.55 -23.94
CA GLY B 28 34.61 -2.69 -23.25
C GLY B 28 34.65 -3.78 -22.19
N PHE B 29 35.25 -4.92 -22.52
CA PHE B 29 35.34 -6.03 -21.57
C PHE B 29 36.16 -5.64 -20.33
N ILE B 30 37.07 -4.70 -20.54
CA ILE B 30 37.92 -4.20 -19.46
C ILE B 30 37.17 -3.07 -18.74
N SER B 31 36.64 -2.14 -19.52
CA SER B 31 35.88 -1.00 -19.00
C SER B 31 34.69 -1.55 -18.23
N LEU B 32 34.73 -2.87 -18.01
CA LEU B 32 33.69 -3.61 -17.31
C LEU B 32 34.24 -4.43 -16.13
N VAL B 33 35.20 -5.31 -16.39
CA VAL B 33 35.79 -6.14 -15.33
C VAL B 33 36.19 -5.30 -14.11
N SER B 34 36.60 -4.05 -14.38
CA SER B 34 36.99 -3.13 -13.33
C SER B 34 35.73 -2.69 -12.59
N ARG B 35 34.60 -2.88 -13.26
CA ARG B 35 33.29 -2.54 -12.70
C ARG B 35 32.68 -3.85 -12.24
N TYR B 36 33.35 -4.49 -11.31
CA TYR B 36 32.92 -5.75 -10.72
C TYR B 36 33.50 -5.77 -9.30
N LEU B 37 34.26 -4.73 -9.00
CA LEU B 37 34.90 -4.56 -7.69
C LEU B 37 33.90 -4.76 -6.57
N ILE B 44 22.00 -1.39 -2.66
CA ILE B 44 21.34 -0.08 -2.68
C ILE B 44 21.13 0.39 -1.23
N GLU B 45 20.87 1.69 -1.07
CA GLU B 45 20.61 2.24 0.26
C GLU B 45 19.11 2.38 0.45
N TRP B 46 18.50 1.35 1.00
CA TRP B 46 17.06 1.31 1.24
C TRP B 46 16.53 2.61 1.78
N SER B 47 17.30 3.26 2.65
CA SER B 47 16.85 4.51 3.24
C SER B 47 16.64 5.63 2.22
N LYS B 48 17.31 5.56 1.07
CA LYS B 48 17.16 6.61 0.06
C LYS B 48 16.10 6.36 -1.00
N ILE B 49 15.72 5.09 -1.15
CA ILE B 49 14.70 4.72 -2.14
C ILE B 49 13.37 5.46 -1.97
N GLN B 50 12.79 5.90 -3.07
CA GLN B 50 11.49 6.58 -3.07
C GLN B 50 10.60 5.99 -4.16
N THR B 51 9.28 5.97 -3.92
CA THR B 51 8.33 5.48 -4.92
C THR B 51 8.23 6.54 -6.02
N PRO B 52 8.11 6.12 -7.29
CA PRO B 52 8.00 7.16 -8.31
C PRO B 52 6.63 7.82 -8.37
N THR B 53 6.61 9.10 -8.67
CA THR B 53 5.34 9.81 -8.81
C THR B 53 4.80 9.52 -10.21
N ASP B 54 3.55 9.89 -10.44
CA ASP B 54 2.93 9.70 -11.75
C ASP B 54 3.69 10.51 -12.80
N GLU B 55 4.55 11.42 -12.36
CA GLU B 55 5.38 12.22 -13.24
C GLU B 55 6.62 11.46 -13.70
N ILE B 56 7.08 10.49 -12.90
CA ILE B 56 8.27 9.70 -13.27
C ILE B 56 7.85 8.41 -14.00
N VAL B 57 6.70 7.88 -13.62
CA VAL B 57 6.13 6.69 -14.26
C VAL B 57 4.71 7.11 -14.58
N VAL B 58 4.53 7.50 -15.84
CA VAL B 58 3.27 8.02 -16.37
C VAL B 58 2.26 6.94 -16.78
N PRO B 59 1.02 7.01 -16.28
CA PRO B 59 0.04 5.98 -16.67
C PRO B 59 -0.28 6.12 -18.16
N TYR B 60 -0.25 5.02 -18.90
CA TYR B 60 -0.53 5.06 -20.34
C TYR B 60 -1.82 5.84 -20.65
N GLU B 61 -2.90 5.50 -19.95
CA GLU B 61 -4.21 6.13 -20.18
C GLU B 61 -4.23 7.64 -20.01
N LYS B 62 -3.18 8.19 -19.39
CA LYS B 62 -3.11 9.62 -19.19
C LYS B 62 -2.34 10.31 -20.31
N MET B 63 -1.68 9.51 -21.15
CA MET B 63 -0.91 10.06 -22.26
C MET B 63 -1.84 10.50 -23.38
N THR B 64 -1.50 11.64 -23.99
CA THR B 64 -2.28 12.20 -25.10
C THR B 64 -2.09 11.34 -26.36
N PRO B 65 -3.19 10.80 -26.91
CA PRO B 65 -3.15 9.96 -28.12
C PRO B 65 -2.99 10.80 -29.39
N VAL B 66 -2.71 10.11 -30.49
CA VAL B 66 -2.56 10.81 -31.76
C VAL B 66 -3.97 10.93 -32.37
N SER B 67 -4.28 12.08 -32.97
CA SER B 67 -5.59 12.28 -33.59
C SER B 67 -5.88 11.16 -34.60
N GLN B 68 -6.96 11.35 -35.36
CA GLN B 68 -7.36 10.42 -36.40
C GLN B 68 -6.81 10.88 -37.75
N ASP B 69 -5.99 11.94 -37.75
CA ASP B 69 -5.37 12.48 -38.97
C ASP B 69 -4.02 11.78 -39.16
N VAL B 70 -3.97 10.85 -40.12
CA VAL B 70 -2.75 10.06 -40.35
C VAL B 70 -1.49 10.91 -40.46
N ALA B 71 -1.63 12.15 -40.92
CA ALA B 71 -0.45 13.02 -41.00
C ALA B 71 0.34 13.04 -39.66
N GLU B 72 -0.35 13.19 -38.53
CA GLU B 72 0.35 13.19 -37.26
C GLU B 72 0.99 11.82 -37.02
N THR B 73 0.34 10.79 -37.54
CA THR B 73 0.83 9.41 -37.45
C THR B 73 2.15 9.21 -38.23
N LYS B 74 2.17 9.57 -39.51
CA LYS B 74 3.39 9.39 -40.29
C LYS B 74 4.56 10.21 -39.71
N ASN B 75 4.24 11.43 -39.25
CA ASN B 75 5.23 12.35 -38.67
C ASN B 75 6.01 11.60 -37.57
N LEU B 76 5.28 10.91 -36.70
CA LEU B 76 5.93 10.16 -35.62
C LEU B 76 6.69 8.94 -36.16
N LEU B 77 6.02 8.10 -36.94
CA LEU B 77 6.68 6.92 -37.49
C LEU B 77 7.93 7.31 -38.26
N ASP B 78 7.91 8.48 -38.92
CA ASP B 78 9.08 8.92 -39.70
C ASP B 78 10.27 9.25 -38.75
N LYS B 79 10.04 9.17 -37.44
CA LYS B 79 11.09 9.46 -36.47
C LYS B 79 11.60 8.17 -35.85
N LEU B 80 10.96 7.07 -36.25
CA LEU B 80 11.27 5.78 -35.65
C LEU B 80 11.98 4.72 -36.48
N VAL B 81 12.76 3.91 -35.77
CA VAL B 81 13.41 2.74 -36.31
C VAL B 81 12.85 1.75 -35.33
N VAL B 82 12.85 0.47 -35.72
CA VAL B 82 12.36 -0.62 -34.86
C VAL B 82 13.54 -1.55 -34.63
N LEU B 83 13.94 -1.68 -33.37
CA LEU B 83 15.03 -2.57 -32.97
C LEU B 83 14.53 -3.79 -32.22
N LYS B 84 14.94 -4.97 -32.69
CA LYS B 84 14.57 -6.18 -31.99
C LYS B 84 15.84 -6.87 -31.57
N LEU B 85 15.94 -7.23 -30.30
CA LEU B 85 17.13 -7.95 -29.81
C LEU B 85 17.03 -9.32 -30.45
N ASN B 86 18.15 -9.94 -30.84
CA ASN B 86 18.08 -11.24 -31.52
C ASN B 86 19.29 -12.15 -31.23
N GLY B 87 19.74 -12.15 -29.99
CA GLY B 87 20.90 -12.96 -29.65
C GLY B 87 20.53 -14.33 -29.12
N GLY B 88 19.25 -14.50 -28.79
CA GLY B 88 18.81 -15.77 -28.25
C GLY B 88 18.84 -17.02 -29.11
N LEU B 89 19.44 -18.08 -28.57
CA LEU B 89 19.50 -19.37 -29.25
C LEU B 89 18.18 -20.10 -29.01
N GLY B 90 17.71 -20.82 -30.02
CA GLY B 90 16.46 -21.53 -29.85
C GLY B 90 16.62 -22.75 -28.98
N THR B 91 17.83 -22.95 -28.46
CA THR B 91 18.13 -24.10 -27.62
C THR B 91 17.45 -24.07 -26.24
N THR B 92 16.73 -22.99 -25.95
CA THR B 92 16.06 -22.94 -24.65
C THR B 92 14.69 -23.62 -24.72
N MET B 93 14.34 -24.08 -25.91
CA MET B 93 13.06 -24.78 -26.11
C MET B 93 13.15 -25.88 -27.21
N GLY B 94 14.23 -26.68 -27.16
CA GLY B 94 14.38 -27.77 -28.14
C GLY B 94 14.87 -27.47 -29.56
N CYS B 95 15.21 -26.22 -29.86
CA CYS B 95 15.68 -25.88 -31.21
C CYS B 95 17.10 -25.31 -31.25
N THR B 96 17.68 -25.32 -32.45
CA THR B 96 19.04 -24.86 -32.68
C THR B 96 19.27 -23.37 -32.99
N GLY B 97 19.25 -23.02 -34.28
CA GLY B 97 19.44 -21.66 -34.69
C GLY B 97 18.68 -20.62 -33.86
N PRO B 98 18.51 -19.41 -34.41
CA PRO B 98 17.82 -18.28 -33.78
C PRO B 98 16.41 -18.61 -33.28
N LYS B 99 16.19 -18.52 -31.97
CA LYS B 99 14.88 -18.81 -31.44
C LYS B 99 13.82 -17.93 -32.13
N SER B 100 14.22 -16.73 -32.53
CA SER B 100 13.32 -15.84 -33.23
C SER B 100 12.73 -16.52 -34.49
N VAL B 101 13.35 -17.61 -34.95
CA VAL B 101 12.82 -18.26 -36.16
C VAL B 101 11.79 -19.29 -35.86
N ILE B 102 11.74 -19.76 -34.61
CA ILE B 102 10.74 -20.75 -34.26
C ILE B 102 9.35 -20.26 -34.70
N GLU B 103 8.47 -21.20 -35.10
CA GLU B 103 7.12 -20.87 -35.50
C GLU B 103 6.26 -20.75 -34.27
N VAL B 104 5.53 -19.63 -34.22
CA VAL B 104 4.65 -19.24 -33.14
C VAL B 104 3.21 -19.66 -33.39
N ARG B 105 2.64 -19.17 -34.49
CA ARG B 105 1.26 -19.48 -34.91
C ARG B 105 1.20 -19.64 -36.41
N ASP B 106 0.37 -20.58 -36.85
CA ASP B 106 0.18 -20.86 -38.27
C ASP B 106 1.53 -21.04 -38.91
N GLY B 107 2.43 -21.69 -38.20
CA GLY B 107 3.76 -21.93 -38.70
C GLY B 107 4.63 -20.69 -38.85
N LEU B 108 4.12 -19.50 -38.53
CA LEU B 108 4.96 -18.30 -38.71
C LEU B 108 5.98 -18.13 -37.58
N THR B 109 7.09 -17.46 -37.91
CA THR B 109 8.16 -17.22 -36.93
C THR B 109 8.06 -15.82 -36.31
N PHE B 110 8.53 -15.69 -35.07
CA PHE B 110 8.50 -14.39 -34.38
C PHE B 110 9.11 -13.33 -35.29
N LEU B 111 10.23 -13.65 -35.93
CA LEU B 111 10.89 -12.70 -36.82
C LEU B 111 10.03 -12.42 -38.06
N ASP B 112 9.60 -13.48 -38.77
CA ASP B 112 8.78 -13.30 -39.96
C ASP B 112 7.70 -12.31 -39.51
N LEU B 113 7.05 -12.67 -38.41
CA LEU B 113 5.96 -11.88 -37.84
C LEU B 113 6.29 -10.41 -37.60
N ILE B 114 7.50 -10.13 -37.12
CA ILE B 114 7.92 -8.74 -36.87
C ILE B 114 8.22 -8.02 -38.17
N VAL B 115 8.84 -8.73 -39.12
CA VAL B 115 9.14 -8.08 -40.39
C VAL B 115 7.83 -7.81 -41.14
N ILE B 116 6.87 -8.74 -41.00
CA ILE B 116 5.58 -8.56 -41.66
C ILE B 116 4.84 -7.41 -41.02
N GLN B 117 5.12 -7.20 -39.73
CA GLN B 117 4.50 -6.13 -38.95
C GLN B 117 4.99 -4.75 -39.37
N ILE B 118 6.28 -4.61 -39.65
CA ILE B 118 6.82 -3.31 -40.03
C ILE B 118 6.36 -2.91 -41.46
N GLU B 119 6.33 -3.88 -42.38
CA GLU B 119 5.87 -3.60 -43.74
C GLU B 119 4.41 -3.09 -43.71
N ASN B 120 3.56 -3.67 -42.89
CA ASN B 120 2.18 -3.20 -42.85
C ASN B 120 2.13 -1.71 -42.50
N LEU B 121 2.90 -1.28 -41.51
CA LEU B 121 2.97 0.13 -41.17
C LEU B 121 3.45 0.91 -42.40
N ASN B 122 4.57 0.47 -42.94
CA ASN B 122 5.18 1.12 -44.11
C ASN B 122 4.21 1.27 -45.29
N ASN B 123 3.74 0.14 -45.82
CA ASN B 123 2.81 0.18 -46.94
C ASN B 123 1.52 0.94 -46.60
N LYS B 124 1.16 0.96 -45.32
CA LYS B 124 -0.09 1.64 -44.90
C LYS B 124 0.00 3.15 -44.70
N TYR B 125 1.03 3.60 -43.97
CA TYR B 125 1.19 5.01 -43.64
C TYR B 125 2.18 5.83 -44.49
N GLY B 126 2.84 5.20 -45.45
CA GLY B 126 3.76 5.96 -46.29
C GLY B 126 5.18 6.11 -45.77
N CYS B 127 5.48 5.53 -44.62
CA CYS B 127 6.82 5.62 -44.06
C CYS B 127 7.58 4.34 -44.39
N LYS B 128 8.83 4.29 -43.93
CA LYS B 128 9.70 3.14 -44.16
C LYS B 128 10.59 3.01 -42.93
N VAL B 129 10.00 2.66 -41.79
CA VAL B 129 10.75 2.50 -40.55
C VAL B 129 11.78 1.37 -40.70
N PRO B 130 13.00 1.55 -40.18
CA PRO B 130 13.99 0.48 -40.31
C PRO B 130 14.04 -0.59 -39.21
N LEU B 131 13.99 -1.85 -39.64
CA LEU B 131 14.10 -2.97 -38.70
C LEU B 131 15.58 -3.31 -38.55
N VAL B 132 16.03 -3.58 -37.32
CA VAL B 132 17.41 -3.98 -37.04
C VAL B 132 17.41 -5.00 -35.92
N LEU B 133 18.23 -6.04 -36.09
CA LEU B 133 18.37 -7.12 -35.12
C LEU B 133 19.76 -7.01 -34.47
N MET B 134 19.86 -7.38 -33.21
CA MET B 134 21.13 -7.39 -32.50
C MET B 134 21.46 -8.85 -32.29
N ASN B 135 22.44 -9.32 -33.04
CA ASN B 135 22.82 -10.71 -32.95
C ASN B 135 23.94 -10.85 -31.95
N SER B 136 24.12 -12.06 -31.42
CA SER B 136 25.26 -12.30 -30.52
C SER B 136 26.17 -12.98 -31.51
N PHE B 137 27.24 -13.61 -31.05
CA PHE B 137 28.09 -14.30 -31.98
C PHE B 137 27.44 -15.64 -32.35
N ASN B 138 26.30 -15.95 -31.72
CA ASN B 138 25.59 -17.20 -32.02
C ASN B 138 24.55 -17.12 -33.13
N THR B 139 24.19 -15.90 -33.56
CA THR B 139 23.17 -15.75 -34.60
C THR B 139 23.53 -14.81 -35.78
N HIS B 140 24.81 -14.57 -36.01
CA HIS B 140 25.19 -13.65 -37.09
C HIS B 140 24.77 -14.17 -38.45
N ASP B 141 25.50 -15.16 -38.90
CA ASP B 141 25.26 -15.83 -40.18
C ASP B 141 23.96 -16.65 -40.09
N ASP B 142 23.65 -17.11 -38.89
CA ASP B 142 22.46 -17.90 -38.66
C ASP B 142 21.29 -17.07 -39.12
N THR B 143 21.29 -15.80 -38.71
CA THR B 143 20.21 -14.91 -39.09
C THR B 143 20.50 -14.20 -40.41
N HIS B 144 21.68 -13.59 -40.51
CA HIS B 144 22.08 -12.84 -41.71
C HIS B 144 21.66 -13.52 -43.02
N LYS B 145 21.57 -14.84 -42.97
CA LYS B 145 21.16 -15.64 -44.12
C LYS B 145 19.62 -15.74 -44.20
N ILE B 146 18.99 -16.15 -43.10
CA ILE B 146 17.53 -16.31 -43.08
C ILE B 146 16.75 -15.09 -43.60
N VAL B 147 17.17 -13.88 -43.24
CA VAL B 147 16.42 -12.72 -43.68
C VAL B 147 16.39 -12.48 -45.18
N GLU B 148 17.25 -13.20 -45.92
CA GLU B 148 17.27 -13.05 -47.36
C GLU B 148 15.86 -13.27 -47.89
N LYS B 149 15.08 -14.08 -47.19
CA LYS B 149 13.70 -14.36 -47.60
C LYS B 149 12.89 -13.08 -47.83
N TYR B 150 13.00 -12.12 -46.92
CA TYR B 150 12.25 -10.89 -47.03
C TYR B 150 12.75 -9.93 -48.11
N THR B 151 13.47 -10.49 -49.09
CA THR B 151 14.01 -9.73 -50.23
C THR B 151 12.91 -8.87 -50.86
N ASN B 152 11.75 -9.47 -51.04
CA ASN B 152 10.61 -8.80 -51.67
C ASN B 152 9.78 -7.98 -50.71
N SER B 153 9.99 -8.15 -49.41
CA SER B 153 9.20 -7.40 -48.46
C SER B 153 9.61 -5.93 -48.40
N ASN B 154 8.62 -5.08 -48.26
CA ASN B 154 8.89 -3.66 -48.20
C ASN B 154 9.36 -3.20 -46.82
N VAL B 155 10.60 -3.53 -46.50
CA VAL B 155 11.24 -3.19 -45.25
C VAL B 155 12.76 -3.17 -45.44
N ASP B 156 13.41 -2.19 -44.84
CA ASP B 156 14.87 -2.03 -44.88
C ASP B 156 15.34 -2.65 -43.58
N ILE B 157 16.01 -3.81 -43.66
CA ILE B 157 16.48 -4.53 -42.49
C ILE B 157 17.98 -4.38 -42.28
N HIS B 158 18.35 -4.23 -41.02
CA HIS B 158 19.74 -4.07 -40.65
C HIS B 158 20.05 -5.10 -39.59
N THR B 159 21.25 -5.65 -39.65
CA THR B 159 21.69 -6.62 -38.63
C THR B 159 22.94 -6.01 -38.05
N PHE B 160 23.18 -6.25 -36.76
CA PHE B 160 24.40 -5.77 -36.16
C PHE B 160 24.76 -6.69 -35.01
N ASN B 161 25.60 -7.66 -35.36
CA ASN B 161 26.05 -8.65 -34.41
C ASN B 161 26.61 -7.92 -33.22
N GLN B 162 26.09 -8.22 -32.03
CA GLN B 162 26.58 -7.57 -30.82
C GLN B 162 27.99 -8.05 -30.47
N SER B 163 28.47 -7.69 -29.27
CA SER B 163 29.82 -8.06 -28.83
C SER B 163 30.05 -9.49 -28.41
N LYS B 164 31.28 -9.94 -28.59
CA LYS B 164 31.68 -11.28 -28.16
C LYS B 164 32.74 -11.05 -27.09
N TYR B 165 32.38 -11.30 -25.83
CA TYR B 165 33.28 -11.09 -24.68
C TYR B 165 33.86 -12.44 -24.29
N PRO B 166 35.00 -12.46 -23.56
CA PRO B 166 35.53 -13.79 -23.21
C PRO B 166 35.05 -14.29 -21.85
N ARG B 167 34.68 -15.57 -21.80
CA ARG B 167 34.30 -16.17 -20.54
C ARG B 167 35.57 -16.16 -19.73
N VAL B 168 35.47 -15.87 -18.43
CA VAL B 168 36.64 -15.80 -17.58
C VAL B 168 36.73 -16.99 -16.60
N VAL B 169 37.81 -17.75 -16.69
CA VAL B 169 37.97 -18.90 -15.79
C VAL B 169 38.04 -18.38 -14.36
N ALA B 170 37.03 -18.73 -13.57
CA ALA B 170 36.91 -18.28 -12.19
C ALA B 170 38.13 -18.43 -11.27
N ASP B 171 39.01 -19.37 -11.55
CA ASP B 171 40.19 -19.56 -10.69
C ASP B 171 41.34 -18.60 -10.99
N GLU B 172 42.02 -18.83 -12.12
CA GLU B 172 43.15 -18.01 -12.54
C GLU B 172 42.73 -16.55 -12.74
N PHE B 173 41.50 -16.39 -13.23
CA PHE B 173 40.93 -15.07 -13.52
C PHE B 173 41.55 -14.46 -14.77
N VAL B 174 41.76 -15.31 -15.77
CA VAL B 174 42.30 -14.85 -17.04
C VAL B 174 41.22 -15.30 -18.02
N PRO B 175 41.19 -14.69 -19.21
CA PRO B 175 40.16 -15.11 -20.17
C PRO B 175 40.40 -16.58 -20.47
N TRP B 176 39.32 -17.35 -20.63
CA TRP B 176 39.45 -18.76 -20.93
C TRP B 176 40.15 -18.91 -22.30
N PRO B 177 39.65 -18.19 -23.33
CA PRO B 177 40.32 -18.32 -24.65
C PRO B 177 41.85 -18.15 -24.53
N SER B 178 42.30 -17.47 -23.49
CA SER B 178 43.73 -17.26 -23.30
C SER B 178 44.39 -18.52 -22.72
N LYS B 179 43.55 -19.51 -22.38
CA LYS B 179 44.00 -20.79 -21.85
C LYS B 179 43.73 -21.90 -22.86
N GLY B 180 43.37 -21.50 -24.08
CA GLY B 180 43.10 -22.46 -25.13
C GLY B 180 41.64 -22.74 -25.49
N LYS B 181 40.71 -22.19 -24.71
CA LYS B 181 39.29 -22.42 -25.00
C LYS B 181 38.91 -21.39 -26.06
N THR B 182 39.32 -21.67 -27.30
CA THR B 182 39.08 -20.76 -28.43
C THR B 182 37.74 -20.95 -29.14
N ASP B 183 37.16 -22.13 -28.99
CA ASP B 183 35.88 -22.44 -29.61
C ASP B 183 34.77 -21.52 -29.03
N LYS B 184 33.56 -21.61 -29.59
CA LYS B 184 32.48 -20.74 -29.12
C LYS B 184 32.21 -20.76 -27.61
N GLU B 185 32.48 -21.89 -26.95
CA GLU B 185 32.23 -21.96 -25.51
C GLU B 185 33.21 -21.15 -24.64
N GLY B 186 34.19 -20.51 -25.27
CA GLY B 186 35.15 -19.72 -24.52
C GLY B 186 34.71 -18.27 -24.40
N TRP B 187 33.55 -17.97 -24.97
CA TRP B 187 33.04 -16.61 -24.97
C TRP B 187 31.55 -16.42 -24.61
N TYR B 188 31.09 -15.17 -24.73
CA TYR B 188 29.66 -14.83 -24.44
C TYR B 188 29.21 -13.46 -24.93
N PRO B 189 27.87 -13.24 -25.05
CA PRO B 189 27.32 -11.96 -25.49
C PRO B 189 27.10 -11.19 -24.18
N PRO B 190 27.68 -9.98 -24.06
CA PRO B 190 27.54 -9.19 -22.84
C PRO B 190 26.16 -8.81 -22.29
N GLY B 191 25.11 -9.43 -22.82
CA GLY B 191 23.75 -9.17 -22.34
C GLY B 191 23.09 -8.03 -23.07
N HIS B 192 21.79 -7.80 -22.80
CA HIS B 192 21.15 -6.69 -23.51
C HIS B 192 21.79 -5.34 -23.24
N GLY B 193 22.59 -5.22 -22.17
CA GLY B 193 23.26 -3.96 -21.90
C GLY B 193 24.18 -3.61 -23.07
N ASP B 194 24.57 -4.61 -23.84
CA ASP B 194 25.44 -4.41 -24.99
C ASP B 194 24.73 -3.71 -26.18
N VAL B 195 23.39 -3.76 -26.21
CA VAL B 195 22.72 -3.12 -27.33
C VAL B 195 23.26 -1.70 -27.52
N PHE B 196 23.59 -1.04 -26.41
CA PHE B 196 24.11 0.31 -26.48
C PHE B 196 25.54 0.38 -27.05
N PRO B 197 26.57 0.09 -26.23
CA PRO B 197 27.86 0.21 -26.93
C PRO B 197 27.88 -0.43 -28.33
N ALA B 198 27.21 -1.56 -28.49
CA ALA B 198 27.19 -2.26 -29.79
C ALA B 198 26.50 -1.51 -30.94
N LEU B 199 25.37 -0.85 -30.66
CA LEU B 199 24.70 -0.10 -31.72
C LEU B 199 25.71 0.93 -32.27
N MET B 200 26.46 1.54 -31.37
CA MET B 200 27.44 2.51 -31.80
C MET B 200 28.60 1.90 -32.64
N ASN B 201 29.32 0.95 -32.05
CA ASN B 201 30.50 0.34 -32.71
C ASN B 201 30.20 -0.27 -34.08
N SER B 202 28.96 -0.75 -34.25
CA SER B 202 28.55 -1.39 -35.50
C SER B 202 28.40 -0.39 -36.62
N GLY B 203 28.41 0.91 -36.28
CA GLY B 203 28.22 1.95 -37.27
C GLY B 203 26.74 2.25 -37.47
N LYS B 204 25.86 1.40 -36.92
CA LYS B 204 24.43 1.65 -37.12
C LYS B 204 23.87 2.88 -36.44
N LEU B 205 24.46 3.29 -35.31
CA LEU B 205 23.96 4.49 -34.65
C LEU B 205 24.06 5.71 -35.61
N ASP B 206 25.18 5.83 -36.32
CA ASP B 206 25.34 6.95 -37.24
C ASP B 206 24.53 6.71 -38.49
N THR B 207 24.39 5.45 -38.88
CA THR B 207 23.59 5.16 -40.05
C THR B 207 22.25 5.80 -39.79
N PHE B 208 21.54 5.34 -38.77
CA PHE B 208 20.22 5.91 -38.49
C PHE B 208 20.26 7.35 -38.03
N LEU B 209 21.40 7.78 -37.47
CA LEU B 209 21.51 9.18 -37.05
C LEU B 209 21.56 10.13 -38.25
N SER B 210 22.22 9.74 -39.34
CA SER B 210 22.27 10.69 -40.47
C SER B 210 20.86 10.89 -41.03
N GLN B 211 20.08 9.82 -40.97
CA GLN B 211 18.71 9.80 -41.45
C GLN B 211 17.74 10.68 -40.65
N GLY B 212 18.25 11.34 -39.62
CA GLY B 212 17.38 12.20 -38.82
C GLY B 212 16.53 11.39 -37.83
N LYS B 213 16.65 10.07 -37.82
CA LYS B 213 15.82 9.33 -36.87
C LYS B 213 16.23 9.76 -35.45
N GLU B 214 15.26 9.91 -34.58
CA GLU B 214 15.59 10.33 -33.22
C GLU B 214 15.08 9.43 -32.13
N TYR B 215 14.47 8.30 -32.51
CA TYR B 215 13.95 7.35 -31.53
C TYR B 215 13.98 5.89 -31.98
N VAL B 216 14.62 5.03 -31.19
CA VAL B 216 14.61 3.62 -31.53
C VAL B 216 13.82 2.92 -30.42
N PHE B 217 13.03 1.92 -30.80
CA PHE B 217 12.23 1.13 -29.85
C PHE B 217 12.90 -0.25 -29.78
N VAL B 218 13.30 -0.63 -28.56
CA VAL B 218 13.99 -1.89 -28.28
C VAL B 218 13.11 -2.88 -27.53
N ALA B 219 13.17 -4.14 -27.94
CA ALA B 219 12.43 -5.19 -27.23
C ALA B 219 13.00 -6.56 -27.62
N ASN B 220 12.75 -7.57 -26.78
CA ASN B 220 13.19 -8.93 -27.08
C ASN B 220 12.52 -9.34 -28.40
N SER B 221 13.23 -10.13 -29.22
CA SER B 221 12.64 -10.57 -30.49
C SER B 221 11.55 -11.64 -30.28
N ASP B 222 11.29 -12.00 -29.01
CA ASP B 222 10.26 -13.00 -28.74
C ASP B 222 9.12 -12.50 -27.85
N ASN B 223 8.97 -11.18 -27.67
CA ASN B 223 7.85 -10.68 -26.88
C ASN B 223 6.77 -10.30 -27.93
N LEU B 224 5.68 -11.07 -27.93
CA LEU B 224 4.60 -10.86 -28.90
C LEU B 224 3.74 -9.62 -28.73
N GLY B 225 3.89 -8.92 -27.60
CA GLY B 225 3.12 -7.71 -27.37
C GLY B 225 3.87 -6.40 -27.60
N ALA B 226 5.16 -6.47 -27.92
CA ALA B 226 5.95 -5.23 -28.12
C ALA B 226 5.67 -4.63 -29.49
N ILE B 227 4.54 -3.98 -29.64
CA ILE B 227 4.20 -3.42 -30.92
C ILE B 227 4.30 -1.90 -30.98
N VAL B 228 4.63 -1.41 -32.16
CA VAL B 228 4.72 0.03 -32.35
C VAL B 228 3.57 0.73 -31.66
N ASP B 229 3.90 1.56 -30.67
CA ASP B 229 2.90 2.32 -29.90
C ASP B 229 3.16 3.84 -30.07
N LEU B 230 2.24 4.52 -30.74
CA LEU B 230 2.45 5.93 -31.00
C LEU B 230 2.00 6.89 -29.89
N THR B 231 1.39 6.35 -28.83
CA THR B 231 1.02 7.20 -27.70
C THR B 231 2.30 7.38 -26.84
N ILE B 232 3.15 6.36 -26.78
CA ILE B 232 4.39 6.48 -26.01
C ILE B 232 5.40 7.43 -26.68
N LEU B 233 5.59 7.25 -27.98
CA LEU B 233 6.53 8.05 -28.74
C LEU B 233 6.12 9.51 -28.71
N LYS B 234 4.84 9.79 -28.99
CA LYS B 234 4.34 11.17 -28.95
C LYS B 234 4.75 11.82 -27.62
N HIS B 235 4.68 11.07 -26.52
CA HIS B 235 5.03 11.60 -25.22
C HIS B 235 6.53 11.97 -25.06
N LEU B 236 7.41 11.09 -25.53
CA LEU B 236 8.85 11.31 -25.42
C LEU B 236 9.19 12.57 -26.19
N ILE B 237 8.39 12.82 -27.23
CA ILE B 237 8.58 14.00 -28.09
C ILE B 237 8.10 15.30 -27.47
N GLN B 238 6.82 15.35 -27.12
CA GLN B 238 6.25 16.54 -26.52
C GLN B 238 6.94 16.96 -25.22
N ASN B 239 7.38 15.96 -24.45
CA ASN B 239 8.02 16.16 -23.15
C ASN B 239 9.54 16.06 -23.14
N LYS B 240 10.14 15.70 -24.28
CA LYS B 240 11.59 15.57 -24.39
C LYS B 240 12.26 14.55 -23.46
N ASN B 241 11.77 13.31 -23.48
CA ASN B 241 12.34 12.25 -22.65
C ASN B 241 13.38 11.51 -23.48
N GLU B 242 14.61 11.37 -22.98
CA GLU B 242 15.65 10.64 -23.76
C GLU B 242 15.56 9.13 -23.53
N TYR B 243 14.62 8.72 -22.69
CA TYR B 243 14.44 7.30 -22.39
C TYR B 243 13.07 7.06 -21.76
N CYS B 244 12.43 5.96 -22.15
CA CYS B 244 11.16 5.59 -21.55
C CYS B 244 11.10 4.08 -21.37
N MET B 245 10.90 3.64 -20.14
CA MET B 245 10.78 2.21 -19.88
C MET B 245 9.32 1.84 -19.78
N GLU B 246 8.88 0.91 -20.61
CA GLU B 246 7.51 0.42 -20.48
C GLU B 246 7.52 -0.55 -19.29
N VAL B 247 6.70 -0.27 -18.27
CA VAL B 247 6.57 -1.15 -17.12
C VAL B 247 5.09 -1.57 -17.12
N THR B 248 4.75 -2.65 -16.41
CA THR B 248 3.36 -3.08 -16.40
C THR B 248 3.02 -3.47 -14.94
N PRO B 249 1.72 -3.52 -14.57
CA PRO B 249 1.40 -3.87 -13.19
C PRO B 249 1.84 -5.23 -12.69
N LYS B 250 2.32 -5.26 -11.45
CA LYS B 250 2.73 -6.51 -10.81
C LYS B 250 1.54 -7.25 -10.20
N THR B 251 1.39 -8.53 -10.54
CA THR B 251 0.37 -9.39 -9.93
C THR B 251 1.25 -10.14 -8.92
N LEU B 252 0.72 -11.11 -8.18
CA LEU B 252 1.56 -11.78 -7.19
C LEU B 252 2.67 -12.65 -7.75
N ALA B 253 2.55 -13.03 -9.02
CA ALA B 253 3.54 -13.86 -9.70
C ALA B 253 4.74 -13.03 -10.19
N ASP B 254 4.62 -11.71 -10.12
CA ASP B 254 5.67 -10.80 -10.56
C ASP B 254 6.59 -10.22 -9.46
N VAL B 255 6.39 -10.67 -8.22
CA VAL B 255 7.14 -10.15 -7.08
C VAL B 255 8.68 -9.95 -7.25
N LYS B 256 9.36 -10.85 -7.97
CA LYS B 256 10.81 -10.72 -8.17
C LYS B 256 11.22 -9.88 -9.40
N GLY B 257 10.23 -9.35 -10.13
CA GLY B 257 10.55 -8.55 -11.31
C GLY B 257 11.14 -7.17 -11.01
N GLY B 258 12.11 -6.73 -11.83
CA GLY B 258 12.69 -5.41 -11.67
C GLY B 258 11.62 -4.34 -11.91
N THR B 259 11.63 -3.29 -11.08
CA THR B 259 10.64 -2.20 -11.12
C THR B 259 11.34 -0.82 -11.11
N LEU B 260 10.54 0.25 -11.06
CA LEU B 260 11.06 1.62 -11.05
C LEU B 260 10.84 2.41 -9.77
N ILE B 261 11.91 3.09 -9.35
CA ILE B 261 11.85 3.89 -8.14
C ILE B 261 12.38 5.28 -8.44
N SER B 262 12.55 6.06 -7.37
CA SER B 262 13.14 7.39 -7.44
C SER B 262 14.35 7.26 -6.53
N TYR B 263 15.53 7.58 -7.04
CA TYR B 263 16.76 7.47 -6.26
C TYR B 263 17.76 8.54 -6.70
N GLU B 264 18.09 9.43 -5.77
CA GLU B 264 18.99 10.54 -6.02
C GLU B 264 18.35 11.48 -7.03
N GLY B 265 17.05 11.57 -6.90
CA GLY B 265 16.23 12.46 -7.71
C GLY B 265 15.97 12.04 -9.13
N LYS B 266 16.32 10.80 -9.46
CA LYS B 266 16.14 10.32 -10.82
C LYS B 266 15.54 8.93 -10.85
N VAL B 267 14.99 8.59 -12.01
CA VAL B 267 14.39 7.29 -12.25
C VAL B 267 15.47 6.22 -12.44
N GLN B 268 15.30 5.07 -11.79
CA GLN B 268 16.31 4.01 -11.83
C GLN B 268 15.69 2.62 -11.66
N LEU B 269 16.24 1.64 -12.35
CA LEU B 269 15.77 0.25 -12.24
C LEU B 269 16.50 -0.39 -11.07
N LEU B 270 15.80 -1.25 -10.31
CA LEU B 270 16.44 -1.98 -9.22
C LEU B 270 16.29 -3.47 -9.50
N GLU B 271 17.24 -4.26 -8.99
CA GLU B 271 17.19 -5.70 -9.17
C GLU B 271 17.50 -6.35 -7.83
N ILE B 272 16.77 -7.43 -7.53
CA ILE B 272 16.94 -8.12 -6.26
C ILE B 272 18.42 -8.41 -5.99
N ALA B 273 19.26 -8.45 -7.02
CA ALA B 273 20.69 -8.69 -6.78
C ALA B 273 21.32 -7.52 -6.00
N GLN B 274 20.61 -6.40 -5.90
CA GLN B 274 21.16 -5.25 -5.20
C GLN B 274 20.27 -4.81 -4.04
N VAL B 275 19.34 -5.68 -3.66
CA VAL B 275 18.39 -5.41 -2.58
C VAL B 275 18.85 -5.94 -1.21
N PRO B 276 18.94 -5.04 -0.20
CA PRO B 276 19.35 -5.44 1.15
C PRO B 276 18.70 -6.75 1.57
N ASP B 277 19.51 -7.78 1.68
CA ASP B 277 19.06 -9.11 2.06
C ASP B 277 17.94 -9.07 3.09
N GLU B 278 18.02 -8.13 4.04
CA GLU B 278 17.01 -7.96 5.07
C GLU B 278 15.72 -7.27 4.58
N HIS B 279 15.76 -6.67 3.37
CA HIS B 279 14.62 -5.95 2.79
C HIS B 279 13.99 -6.58 1.53
N VAL B 280 14.43 -7.76 1.12
CA VAL B 280 13.84 -8.38 -0.08
C VAL B 280 12.35 -8.62 0.12
N ASN B 281 11.96 -8.82 1.37
CA ASN B 281 10.57 -9.07 1.70
C ASN B 281 9.65 -8.01 1.09
N GLU B 282 9.89 -6.75 1.43
CA GLU B 282 9.08 -5.65 0.92
C GLU B 282 9.29 -5.52 -0.58
N PHE B 283 10.52 -5.69 -1.02
CA PHE B 283 10.86 -5.59 -2.44
C PHE B 283 9.90 -6.48 -3.22
N LYS B 284 9.70 -7.70 -2.74
CA LYS B 284 8.81 -8.67 -3.41
C LYS B 284 7.32 -8.47 -3.19
N SER B 285 6.95 -7.36 -2.55
CA SER B 285 5.53 -7.09 -2.31
C SER B 285 4.95 -6.17 -3.38
N ILE B 286 3.85 -6.60 -4.00
CA ILE B 286 3.21 -5.78 -5.03
C ILE B 286 2.63 -4.55 -4.36
N GLU B 287 2.61 -4.57 -3.03
CA GLU B 287 2.15 -3.42 -2.27
C GLU B 287 3.25 -2.36 -2.35
N LYS B 288 4.46 -2.75 -1.97
CA LYS B 288 5.61 -1.83 -1.94
C LYS B 288 6.17 -1.38 -3.30
N PHE B 289 6.24 -2.31 -4.25
CA PHE B 289 6.76 -2.03 -5.58
C PHE B 289 5.62 -2.44 -6.55
N LYS B 290 5.04 -1.43 -7.21
CA LYS B 290 3.85 -1.61 -8.05
C LYS B 290 3.86 -2.22 -9.45
N ILE B 291 4.85 -1.85 -10.26
CA ILE B 291 4.95 -2.32 -11.63
C ILE B 291 6.31 -2.94 -11.90
N PHE B 292 6.45 -3.66 -13.02
CA PHE B 292 7.78 -4.16 -13.38
C PHE B 292 8.02 -3.87 -14.86
N ASN B 293 9.27 -3.85 -15.30
CA ASN B 293 9.52 -3.54 -16.71
C ASN B 293 9.30 -4.66 -17.72
N THR B 294 8.99 -4.22 -18.93
CA THR B 294 8.70 -5.13 -20.02
C THR B 294 9.89 -5.36 -20.95
N ASN B 295 10.99 -4.70 -20.64
CA ASN B 295 12.17 -4.72 -21.52
C ASN B 295 11.79 -4.11 -22.88
N ASN B 296 10.67 -3.38 -22.93
CA ASN B 296 10.24 -2.65 -24.14
C ASN B 296 10.80 -1.25 -23.83
N LEU B 297 11.72 -0.79 -24.67
CA LEU B 297 12.42 0.48 -24.47
C LEU B 297 12.19 1.50 -25.57
N TRP B 298 12.13 2.78 -25.20
CA TRP B 298 11.96 3.83 -26.21
C TRP B 298 13.06 4.82 -25.89
N VAL B 299 13.95 5.02 -26.85
CA VAL B 299 15.09 5.86 -26.53
C VAL B 299 15.55 6.71 -27.72
N ASN B 300 15.95 7.95 -27.40
CA ASN B 300 16.41 8.95 -28.36
C ASN B 300 17.81 8.59 -28.89
N LEU B 301 17.99 8.61 -30.21
CA LEU B 301 19.30 8.24 -30.75
C LEU B 301 20.45 9.17 -30.38
N LYS B 302 20.18 10.47 -30.32
CA LYS B 302 21.22 11.45 -29.95
C LYS B 302 21.71 11.25 -28.52
N ALA B 303 20.80 10.84 -27.63
CA ALA B 303 21.18 10.57 -26.24
C ALA B 303 22.14 9.38 -26.16
N ILE B 304 21.87 8.32 -26.91
CA ILE B 304 22.76 7.15 -26.89
C ILE B 304 24.15 7.59 -27.32
N LYS B 305 24.22 8.22 -28.48
CA LYS B 305 25.52 8.66 -28.98
C LYS B 305 26.30 9.39 -27.92
N LYS B 306 25.64 10.33 -27.24
CA LYS B 306 26.30 11.16 -26.22
C LYS B 306 26.95 10.38 -25.07
N LEU B 307 26.20 9.46 -24.48
CA LEU B 307 26.71 8.66 -23.38
C LEU B 307 27.83 7.75 -23.88
N VAL B 308 27.53 6.91 -24.87
CA VAL B 308 28.55 6.02 -25.43
C VAL B 308 29.73 6.85 -26.00
N GLU B 309 29.43 7.98 -26.61
CA GLU B 309 30.50 8.82 -27.14
C GLU B 309 31.37 9.38 -26.00
N ALA B 310 30.73 9.68 -24.86
CA ALA B 310 31.45 10.23 -23.71
C ALA B 310 31.78 9.12 -22.74
N ASP B 311 31.55 7.88 -23.17
CA ASP B 311 31.82 6.69 -22.35
C ASP B 311 31.29 6.92 -20.95
N ALA B 312 30.14 6.34 -20.60
CA ALA B 312 29.63 6.55 -19.27
C ALA B 312 28.50 5.63 -18.84
N LEU B 313 28.15 4.66 -19.68
CA LEU B 313 27.07 3.72 -19.34
C LEU B 313 27.60 2.50 -18.56
N LYS B 314 27.76 2.69 -17.26
CA LYS B 314 28.26 1.64 -16.38
C LYS B 314 27.12 1.11 -15.49
N MET B 315 26.29 0.22 -16.05
CA MET B 315 25.17 -0.35 -15.31
C MET B 315 25.70 -1.42 -14.38
N GLU B 316 24.81 -1.97 -13.55
CA GLU B 316 25.18 -3.05 -12.64
C GLU B 316 25.73 -4.17 -13.47
N ILE B 317 26.68 -4.90 -12.92
CA ILE B 317 27.28 -6.01 -13.64
C ILE B 317 26.78 -7.36 -13.12
N ILE B 318 26.03 -8.06 -13.96
CA ILE B 318 25.50 -9.37 -13.60
C ILE B 318 26.68 -10.31 -13.86
N PRO B 319 27.17 -11.03 -12.83
CA PRO B 319 28.29 -11.96 -12.97
C PRO B 319 27.95 -13.34 -13.51
N ASN B 320 26.71 -13.47 -13.97
CA ASN B 320 26.17 -14.69 -14.56
C ASN B 320 27.21 -15.82 -14.65
N PRO B 321 27.09 -16.81 -13.76
CA PRO B 321 27.99 -17.94 -13.72
C PRO B 321 28.00 -18.72 -15.03
N LYS B 322 28.22 -20.02 -14.90
CA LYS B 322 28.25 -20.94 -16.02
C LYS B 322 29.20 -22.06 -15.68
N GLU B 323 28.76 -23.28 -15.97
CA GLU B 323 29.59 -24.45 -15.73
C GLU B 323 29.72 -25.10 -17.08
N VAL B 324 30.91 -25.01 -17.66
CA VAL B 324 31.17 -25.58 -18.97
C VAL B 324 32.41 -26.47 -18.82
N ASP B 325 32.28 -27.73 -19.20
CA ASP B 325 33.38 -28.68 -19.09
C ASP B 325 33.89 -28.75 -17.66
N GLY B 326 32.96 -28.70 -16.70
CA GLY B 326 33.36 -28.76 -15.30
C GLY B 326 34.28 -27.62 -14.88
N VAL B 327 34.25 -26.52 -15.61
CA VAL B 327 35.09 -25.36 -15.32
C VAL B 327 34.26 -24.12 -14.96
N LYS B 328 34.43 -23.65 -13.73
CA LYS B 328 33.72 -22.45 -13.28
C LYS B 328 34.24 -21.24 -14.04
N VAL B 329 33.34 -20.53 -14.69
CA VAL B 329 33.68 -19.33 -15.43
C VAL B 329 32.65 -18.24 -15.11
N LEU B 330 33.00 -17.00 -15.43
CA LEU B 330 32.11 -15.87 -15.19
C LEU B 330 31.82 -15.20 -16.54
N GLN B 331 30.67 -14.54 -16.65
CA GLN B 331 30.25 -13.82 -17.87
C GLN B 331 29.69 -12.45 -17.51
N LEU B 332 30.53 -11.49 -17.16
CA LEU B 332 30.04 -10.16 -16.78
C LEU B 332 29.14 -9.60 -17.89
N GLU B 333 27.92 -9.24 -17.49
CA GLU B 333 26.92 -8.75 -18.44
C GLU B 333 26.26 -7.50 -17.93
N THR B 334 25.52 -6.83 -18.83
CA THR B 334 24.75 -5.64 -18.46
C THR B 334 23.34 -5.74 -19.03
N ALA B 335 22.42 -5.03 -18.39
CA ALA B 335 21.00 -5.04 -18.80
C ALA B 335 20.58 -3.73 -19.45
N ALA B 336 19.88 -3.82 -20.59
CA ALA B 336 19.45 -2.62 -21.30
C ALA B 336 18.61 -1.69 -20.41
N GLY B 337 17.77 -2.28 -19.56
CA GLY B 337 16.92 -1.45 -18.71
C GLY B 337 17.68 -0.65 -17.64
N ALA B 338 18.77 -1.22 -17.13
CA ALA B 338 19.55 -0.54 -16.09
C ALA B 338 20.14 0.75 -16.65
N ALA B 339 20.19 0.83 -17.98
CA ALA B 339 20.73 2.04 -18.58
C ALA B 339 19.89 3.29 -18.28
N ILE B 340 18.68 3.12 -17.73
CA ILE B 340 17.81 4.27 -17.52
C ILE B 340 18.32 5.39 -16.60
N ARG B 341 19.24 5.06 -15.69
CA ARG B 341 19.72 6.10 -14.78
C ARG B 341 20.66 7.14 -15.39
N PHE B 342 21.35 6.75 -16.46
CA PHE B 342 22.34 7.62 -17.12
C PHE B 342 21.76 8.70 -18.03
N PHE B 343 20.56 8.44 -18.56
CA PHE B 343 19.93 9.41 -19.43
C PHE B 343 19.26 10.40 -18.52
N ASP B 344 18.79 11.50 -19.08
CA ASP B 344 18.11 12.49 -18.28
C ASP B 344 16.71 12.68 -18.85
N ASN B 345 15.79 13.22 -18.06
CA ASN B 345 14.41 13.42 -18.51
C ASN B 345 13.74 12.10 -18.95
N ALA B 346 14.30 10.99 -18.51
CA ALA B 346 13.74 9.67 -18.86
C ALA B 346 12.54 9.42 -17.94
N ILE B 347 11.67 8.48 -18.32
CA ILE B 347 10.55 8.16 -17.48
C ILE B 347 10.11 6.73 -17.71
N GLY B 348 9.10 6.36 -16.94
CA GLY B 348 8.49 5.06 -17.08
C GLY B 348 7.07 5.35 -17.56
N VAL B 349 6.46 4.40 -18.25
CA VAL B 349 5.08 4.55 -18.67
C VAL B 349 4.41 3.21 -18.30
N ASN B 350 3.22 3.28 -17.70
CA ASN B 350 2.49 2.07 -17.29
C ASN B 350 1.66 1.52 -18.48
N VAL B 351 2.03 0.33 -18.97
CA VAL B 351 1.35 -0.29 -20.10
C VAL B 351 0.62 -1.60 -19.76
N PRO B 352 -0.32 -2.00 -20.63
CA PRO B 352 -1.18 -3.20 -20.60
C PRO B 352 -0.30 -4.48 -20.49
N ARG B 353 -0.82 -5.54 -19.86
CA ARG B 353 -0.06 -6.78 -19.72
C ARG B 353 0.11 -7.40 -21.11
N SER B 354 -0.81 -7.03 -21.99
CA SER B 354 -0.78 -7.51 -23.37
C SER B 354 0.51 -7.07 -24.06
N ARG B 355 1.15 -6.00 -23.55
CA ARG B 355 2.39 -5.53 -24.17
C ARG B 355 3.54 -6.37 -23.65
N PHE B 356 3.26 -7.31 -22.74
CA PHE B 356 4.29 -8.21 -22.18
C PHE B 356 3.78 -9.64 -22.39
N LEU B 357 3.94 -10.15 -23.62
CA LEU B 357 3.50 -11.50 -23.99
C LEU B 357 4.68 -12.27 -24.61
N PRO B 358 5.83 -12.34 -23.90
CA PRO B 358 6.95 -13.09 -24.46
C PRO B 358 6.69 -14.60 -24.45
N VAL B 359 7.38 -15.33 -25.31
CA VAL B 359 7.25 -16.79 -25.30
C VAL B 359 8.59 -17.28 -24.71
N LYS B 360 8.55 -17.75 -23.47
CA LYS B 360 9.77 -18.23 -22.80
C LYS B 360 9.82 -19.73 -22.49
N ALA B 361 8.72 -20.45 -22.77
CA ALA B 361 8.68 -21.90 -22.51
C ALA B 361 7.43 -22.52 -23.14
N SER B 362 7.30 -23.85 -23.09
CA SER B 362 6.15 -24.50 -23.73
C SER B 362 4.83 -24.02 -23.15
N SER B 363 4.88 -23.57 -21.90
CA SER B 363 3.69 -23.08 -21.23
C SER B 363 3.16 -21.85 -21.95
N ASP B 364 4.05 -20.91 -22.32
CA ASP B 364 3.58 -19.71 -23.01
C ASP B 364 3.10 -20.06 -24.43
N LEU B 365 3.73 -21.05 -25.04
CA LEU B 365 3.34 -21.55 -26.36
C LEU B 365 1.90 -22.07 -26.32
N LEU B 366 1.59 -22.90 -25.33
CA LEU B 366 0.23 -23.44 -25.20
C LEU B 366 -0.77 -22.27 -25.22
N LEU B 367 -0.57 -21.33 -24.29
CA LEU B 367 -1.45 -20.17 -24.19
C LEU B 367 -1.62 -19.51 -25.54
N VAL B 368 -0.45 -19.28 -26.15
CA VAL B 368 -0.25 -18.58 -27.42
C VAL B 368 -0.79 -19.21 -28.68
N GLN B 369 -0.80 -20.53 -28.69
CA GLN B 369 -1.31 -21.26 -29.83
C GLN B 369 -2.77 -21.68 -29.64
N SER B 370 -3.34 -21.46 -28.44
CA SER B 370 -4.75 -21.86 -28.20
C SER B 370 -5.76 -20.77 -28.61
N ASP B 371 -7.05 -21.03 -28.42
CA ASP B 371 -8.09 -20.05 -28.78
C ASP B 371 -8.11 -18.74 -27.99
N LEU B 372 -7.13 -18.52 -27.14
CA LEU B 372 -7.09 -17.25 -26.41
C LEU B 372 -6.74 -16.13 -27.37
N TYR B 373 -5.96 -16.47 -28.39
CA TYR B 373 -5.55 -15.49 -29.36
C TYR B 373 -5.80 -16.02 -30.75
N THR B 374 -5.58 -15.13 -31.73
CA THR B 374 -5.68 -15.48 -33.13
C THR B 374 -4.68 -14.60 -33.87
N LEU B 375 -4.48 -14.87 -35.14
CA LEU B 375 -3.53 -14.08 -35.89
C LEU B 375 -4.26 -13.10 -36.82
N VAL B 376 -4.00 -11.80 -36.62
CA VAL B 376 -4.61 -10.74 -37.43
C VAL B 376 -3.52 -9.79 -37.93
N ASP B 377 -3.29 -9.77 -39.24
CA ASP B 377 -2.25 -8.93 -39.88
C ASP B 377 -0.83 -9.29 -39.39
N GLY B 378 -0.61 -10.53 -38.98
CA GLY B 378 0.72 -10.92 -38.53
C GLY B 378 1.01 -10.58 -37.08
N PHE B 379 -0.01 -10.05 -36.39
CA PHE B 379 0.10 -9.69 -34.97
C PHE B 379 -0.69 -10.71 -34.15
N VAL B 380 -0.04 -11.38 -33.22
CA VAL B 380 -0.81 -12.29 -32.36
C VAL B 380 -1.84 -11.32 -31.77
N THR B 381 -3.10 -11.74 -31.77
CA THR B 381 -4.18 -10.87 -31.33
C THR B 381 -5.13 -11.51 -30.33
N ARG B 382 -5.84 -10.68 -29.60
CA ARG B 382 -6.78 -11.17 -28.62
C ARG B 382 -8.03 -11.61 -29.36
N ASN B 383 -8.44 -12.85 -29.14
CA ASN B 383 -9.67 -13.33 -29.77
C ASN B 383 -10.78 -12.61 -28.98
N LYS B 384 -11.75 -12.03 -29.68
CA LYS B 384 -12.86 -11.33 -28.98
C LYS B 384 -13.67 -12.20 -28.01
N ALA B 385 -13.57 -13.52 -28.13
CA ALA B 385 -14.32 -14.43 -27.25
C ALA B 385 -14.16 -14.30 -25.72
N ARG B 386 -12.92 -14.22 -25.23
CA ARG B 386 -12.66 -14.12 -23.77
C ARG B 386 -12.41 -12.67 -23.33
N THR B 387 -13.48 -11.98 -22.91
CA THR B 387 -13.39 -10.59 -22.51
C THR B 387 -12.75 -10.36 -21.14
N ASN B 388 -12.31 -11.46 -20.50
CA ASN B 388 -11.59 -11.39 -19.23
C ASN B 388 -10.14 -11.23 -19.75
N PRO B 389 -9.52 -10.05 -19.54
CA PRO B 389 -8.15 -9.79 -20.02
C PRO B 389 -7.05 -10.64 -19.42
N SER B 390 -7.37 -11.37 -18.36
CA SER B 390 -6.38 -12.21 -17.69
C SER B 390 -6.14 -13.51 -18.46
N ASN B 391 -4.88 -13.91 -18.64
CA ASN B 391 -4.62 -15.18 -19.32
C ASN B 391 -4.59 -16.33 -18.32
N PRO B 392 -5.26 -17.45 -18.63
CA PRO B 392 -5.17 -18.53 -17.63
C PRO B 392 -3.71 -18.94 -17.48
N SER B 393 -3.29 -19.32 -16.28
CA SER B 393 -1.90 -19.75 -16.13
C SER B 393 -1.82 -21.20 -16.59
N ILE B 394 -0.69 -21.55 -17.19
CA ILE B 394 -0.52 -22.93 -17.67
C ILE B 394 0.89 -23.35 -17.38
N GLU B 395 1.03 -24.56 -16.85
CA GLU B 395 2.36 -25.07 -16.50
C GLU B 395 2.46 -26.52 -16.94
N LEU B 396 3.51 -26.84 -17.71
CA LEU B 396 3.71 -28.20 -18.22
C LEU B 396 5.00 -28.78 -17.67
N GLY B 397 4.92 -30.01 -17.17
CA GLY B 397 6.13 -30.63 -16.61
C GLY B 397 7.22 -30.74 -17.66
N PRO B 398 8.38 -31.36 -17.31
CA PRO B 398 9.51 -31.52 -18.23
C PRO B 398 9.18 -32.16 -19.57
N GLU B 399 8.27 -33.13 -19.55
CA GLU B 399 7.81 -33.83 -20.77
C GLU B 399 7.48 -32.87 -21.94
N PHE B 400 7.08 -31.64 -21.60
CA PHE B 400 6.70 -30.61 -22.59
C PHE B 400 7.74 -29.51 -22.82
N LYS B 401 8.96 -29.70 -22.33
CA LYS B 401 10.03 -28.67 -22.45
C LYS B 401 10.48 -28.31 -23.86
N LYS B 402 10.68 -29.31 -24.70
CA LYS B 402 11.15 -29.11 -26.07
C LYS B 402 10.00 -28.91 -27.04
N VAL B 403 10.15 -27.90 -27.89
CA VAL B 403 9.12 -27.59 -28.88
C VAL B 403 8.40 -28.82 -29.43
N ALA B 404 9.11 -29.59 -30.28
CA ALA B 404 8.50 -30.77 -30.90
C ALA B 404 7.89 -31.76 -29.90
N THR B 405 8.45 -31.84 -28.70
CA THR B 405 7.90 -32.80 -27.76
C THR B 405 6.58 -32.25 -27.32
N PHE B 406 6.62 -31.01 -26.84
CA PHE B 406 5.41 -30.28 -26.45
C PHE B 406 4.35 -30.50 -27.55
N LEU B 407 4.74 -30.27 -28.81
CA LEU B 407 3.78 -30.44 -29.88
C LEU B 407 3.27 -31.90 -30.07
N SER B 408 4.15 -32.88 -29.98
CA SER B 408 3.65 -34.25 -30.17
C SER B 408 2.64 -34.65 -29.08
N ARG B 409 2.78 -34.07 -27.89
CA ARG B 409 1.90 -34.44 -26.80
C ARG B 409 0.49 -33.83 -26.84
N PHE B 410 0.27 -32.91 -27.78
CA PHE B 410 -1.07 -32.30 -27.98
C PHE B 410 -1.50 -32.57 -29.39
N LYS B 411 -2.41 -33.52 -29.57
CA LYS B 411 -2.85 -33.87 -30.91
C LYS B 411 -3.51 -32.63 -31.53
N SER B 412 -4.00 -31.76 -30.67
CA SER B 412 -4.56 -30.47 -31.07
C SER B 412 -4.45 -29.65 -29.79
N ILE B 413 -4.29 -28.34 -29.90
CA ILE B 413 -4.22 -27.54 -28.66
C ILE B 413 -5.63 -27.55 -28.05
N PRO B 414 -5.74 -27.74 -26.72
CA PRO B 414 -7.08 -27.76 -26.12
C PRO B 414 -7.70 -26.39 -26.01
N SER B 415 -9.03 -26.34 -25.98
CA SER B 415 -9.73 -25.05 -25.87
C SER B 415 -9.58 -24.67 -24.41
N ILE B 416 -9.14 -23.44 -24.18
CA ILE B 416 -8.88 -22.94 -22.85
C ILE B 416 -9.43 -21.53 -22.58
N VAL B 417 -10.19 -20.98 -23.53
CA VAL B 417 -10.77 -19.64 -23.37
C VAL B 417 -11.56 -19.50 -22.06
N GLU B 418 -12.09 -20.60 -21.55
CA GLU B 418 -12.80 -20.56 -20.28
C GLU B 418 -11.96 -21.17 -19.15
N LEU B 419 -10.67 -21.41 -19.42
CA LEU B 419 -9.74 -21.97 -18.43
C LEU B 419 -9.33 -20.95 -17.37
N ASP B 420 -9.04 -21.44 -16.17
CA ASP B 420 -8.55 -20.56 -15.11
C ASP B 420 -7.13 -20.99 -14.69
N SER B 421 -6.85 -22.28 -14.84
CA SER B 421 -5.52 -22.78 -14.55
C SER B 421 -5.44 -24.17 -15.16
N LEU B 422 -4.26 -24.53 -15.66
CA LEU B 422 -4.05 -25.84 -16.26
C LEU B 422 -2.60 -26.21 -15.98
N LYS B 423 -2.40 -27.32 -15.28
CA LYS B 423 -1.06 -27.78 -14.97
C LYS B 423 -0.96 -29.20 -15.52
N VAL B 424 0.21 -29.58 -16.02
CA VAL B 424 0.35 -30.94 -16.55
C VAL B 424 1.68 -31.56 -16.08
N SER B 425 1.57 -32.74 -15.48
CA SER B 425 2.75 -33.42 -14.97
C SER B 425 2.77 -34.91 -15.35
N GLY B 426 3.96 -35.49 -15.32
CA GLY B 426 4.11 -36.88 -15.69
C GLY B 426 3.98 -37.08 -17.18
N ASP B 427 4.08 -38.35 -17.59
CA ASP B 427 3.99 -38.72 -18.98
C ASP B 427 2.54 -38.66 -19.42
N VAL B 428 2.04 -37.44 -19.59
CA VAL B 428 0.66 -37.17 -20.02
C VAL B 428 0.55 -36.86 -21.51
N TRP B 429 -0.50 -37.39 -22.14
CA TRP B 429 -0.80 -37.19 -23.57
C TRP B 429 -2.24 -36.70 -23.79
N PHE B 430 -2.42 -35.81 -24.78
CA PHE B 430 -3.75 -35.28 -25.09
C PHE B 430 -4.20 -35.63 -26.51
N GLY B 431 -5.47 -35.97 -26.63
CA GLY B 431 -6.08 -36.26 -27.91
C GLY B 431 -6.49 -34.94 -28.54
N SER B 432 -7.25 -35.03 -29.64
CA SER B 432 -7.73 -33.87 -30.38
C SER B 432 -9.06 -33.35 -29.87
N SER B 433 -9.37 -32.11 -30.22
CA SER B 433 -10.62 -31.45 -29.86
C SER B 433 -11.00 -31.46 -28.39
N ILE B 434 -10.02 -31.34 -27.51
CA ILE B 434 -10.31 -31.34 -26.07
C ILE B 434 -10.67 -29.95 -25.56
N VAL B 435 -11.58 -29.87 -24.58
CA VAL B 435 -11.97 -28.60 -23.97
C VAL B 435 -11.51 -28.57 -22.52
N LEU B 436 -11.03 -27.41 -22.06
CA LEU B 436 -10.54 -27.18 -20.70
C LEU B 436 -11.16 -25.91 -20.12
N LYS B 437 -11.82 -26.03 -18.97
CA LYS B 437 -12.48 -24.92 -18.30
C LYS B 437 -12.17 -24.86 -16.78
N GLY B 438 -12.11 -23.65 -16.24
CA GLY B 438 -11.86 -23.50 -14.81
C GLY B 438 -10.51 -23.99 -14.37
N LYS B 439 -10.42 -24.43 -13.12
CA LYS B 439 -9.16 -24.93 -12.59
C LYS B 439 -9.08 -26.43 -12.90
N VAL B 440 -7.97 -26.81 -13.52
CA VAL B 440 -7.76 -28.19 -13.94
C VAL B 440 -6.38 -28.69 -13.59
N THR B 441 -6.32 -29.88 -13.01
CA THR B 441 -5.02 -30.45 -12.70
C THR B 441 -4.97 -31.84 -13.29
N VAL B 442 -3.77 -32.25 -13.69
CA VAL B 442 -3.56 -33.56 -14.27
C VAL B 442 -2.21 -34.06 -13.83
N ALA B 443 -2.20 -35.14 -13.06
CA ALA B 443 -0.94 -35.69 -12.57
C ALA B 443 -0.73 -37.15 -12.95
N ALA B 444 0.19 -37.40 -13.87
CA ALA B 444 0.48 -38.78 -14.25
C ALA B 444 1.46 -39.33 -13.21
N LYS B 445 1.39 -40.63 -12.95
CA LYS B 445 2.29 -41.24 -11.96
C LYS B 445 3.50 -41.90 -12.64
N SER B 446 4.59 -42.00 -11.91
CA SER B 446 5.80 -42.62 -12.44
C SER B 446 5.43 -43.88 -13.20
N GLY B 447 5.93 -43.99 -14.43
CA GLY B 447 5.68 -45.16 -15.24
C GLY B 447 4.33 -45.29 -15.93
N VAL B 448 3.50 -44.25 -15.86
CA VAL B 448 2.18 -44.29 -16.53
C VAL B 448 2.17 -43.39 -17.77
N LYS B 449 1.40 -43.77 -18.78
CA LYS B 449 1.23 -42.94 -19.98
C LYS B 449 -0.25 -42.57 -19.98
N LEU B 450 -0.58 -41.47 -19.29
CA LEU B 450 -1.96 -41.02 -19.18
C LEU B 450 -2.43 -40.27 -20.43
N GLU B 451 -3.48 -40.78 -21.07
CA GLU B 451 -3.99 -40.16 -22.29
C GLU B 451 -5.41 -39.60 -22.16
N ILE B 452 -5.56 -38.32 -22.49
CA ILE B 452 -6.86 -37.66 -22.47
C ILE B 452 -7.41 -37.92 -23.87
N PRO B 453 -8.50 -38.71 -23.95
CA PRO B 453 -9.02 -38.98 -25.29
C PRO B 453 -9.68 -37.82 -26.05
N ASP B 454 -9.72 -37.94 -27.38
CA ASP B 454 -10.32 -36.93 -28.22
C ASP B 454 -11.69 -36.48 -27.73
N ARG B 455 -11.97 -35.20 -27.95
CA ARG B 455 -13.23 -34.56 -27.60
C ARG B 455 -13.54 -34.49 -26.12
N ALA B 456 -12.60 -34.82 -25.26
CA ALA B 456 -12.86 -34.74 -23.85
C ALA B 456 -13.11 -33.28 -23.44
N VAL B 457 -14.05 -33.07 -22.51
CA VAL B 457 -14.29 -31.73 -21.98
C VAL B 457 -13.90 -31.85 -20.50
N VAL B 458 -12.83 -31.19 -20.10
CA VAL B 458 -12.38 -31.25 -18.71
C VAL B 458 -12.61 -29.91 -18.04
N GLU B 459 -13.48 -29.91 -17.02
CA GLU B 459 -13.83 -28.68 -16.34
C GLU B 459 -13.77 -28.78 -14.82
N ASN B 460 -13.03 -27.85 -14.20
CA ASN B 460 -12.90 -27.84 -12.75
C ASN B 460 -12.84 -29.28 -12.29
N LYS B 461 -11.83 -29.98 -12.82
CA LYS B 461 -11.67 -31.39 -12.53
C LYS B 461 -10.20 -31.76 -12.45
N ASN B 462 -9.93 -32.85 -11.74
CA ASN B 462 -8.58 -33.37 -11.59
C ASN B 462 -8.59 -34.67 -12.37
N ILE B 463 -7.43 -35.05 -12.87
CA ILE B 463 -7.29 -36.30 -13.60
C ILE B 463 -5.96 -36.87 -13.15
N ASN B 464 -6.02 -37.79 -12.19
CA ASN B 464 -4.82 -38.40 -11.62
C ASN B 464 -4.42 -39.73 -12.20
N GLY B 465 -5.18 -40.18 -13.19
CA GLY B 465 -4.87 -41.46 -13.81
C GLY B 465 -5.98 -41.88 -14.76
N PRO B 466 -5.78 -42.98 -15.48
CA PRO B 466 -6.79 -43.45 -16.43
C PRO B 466 -8.14 -43.58 -15.74
N GLU B 467 -8.07 -43.75 -14.42
CA GLU B 467 -9.24 -43.89 -13.56
C GLU B 467 -10.22 -42.72 -13.72
N ASP B 468 -9.66 -41.52 -13.94
CA ASP B 468 -10.44 -40.30 -14.11
C ASP B 468 -10.83 -39.95 -15.56
N GLU A 6 -4.19 -21.06 36.59
CA GLU A 6 -5.14 -21.16 35.45
C GLU A 6 -6.49 -21.70 35.90
N ASN A 7 -7.13 -22.46 35.00
CA ASN A 7 -8.43 -23.08 35.22
C ASN A 7 -9.53 -22.02 35.43
N LEU A 8 -10.36 -22.16 36.46
CA LEU A 8 -11.42 -21.18 36.67
C LEU A 8 -12.02 -21.07 38.06
N PRO A 9 -12.36 -22.20 38.70
CA PRO A 9 -12.95 -22.16 40.04
C PRO A 9 -12.19 -21.32 41.05
N GLN A 10 -10.86 -21.44 41.05
CA GLN A 10 -10.01 -20.69 41.98
C GLN A 10 -10.22 -19.18 41.83
N LEU A 11 -10.06 -18.68 40.60
CA LEU A 11 -10.25 -17.26 40.35
C LEU A 11 -11.69 -16.89 40.63
N LYS A 12 -12.61 -17.66 40.04
CA LYS A 12 -14.02 -17.39 40.24
C LYS A 12 -14.31 -17.42 41.74
N SER A 13 -13.59 -18.28 42.46
CA SER A 13 -13.79 -18.38 43.90
C SER A 13 -13.42 -17.07 44.60
N ALA A 14 -12.26 -16.52 44.26
CA ALA A 14 -11.83 -15.25 44.86
C ALA A 14 -12.80 -14.12 44.51
N VAL A 15 -13.26 -14.09 43.26
CA VAL A 15 -14.20 -13.04 42.84
C VAL A 15 -15.42 -13.09 43.74
N ASP A 16 -15.74 -14.29 44.25
CA ASP A 16 -16.89 -14.46 45.13
C ASP A 16 -16.61 -14.01 46.56
N GLY A 17 -15.33 -13.97 46.93
CA GLY A 17 -14.94 -13.52 48.25
C GLY A 17 -15.06 -12.00 48.38
N LEU A 18 -14.43 -11.27 47.47
CA LEU A 18 -14.46 -9.82 47.46
C LEU A 18 -15.91 -9.37 47.57
N THR A 19 -16.26 -8.79 48.71
CA THR A 19 -17.63 -8.38 48.95
C THR A 19 -18.05 -7.01 48.43
N GLU A 20 -17.12 -6.26 47.84
CA GLU A 20 -17.43 -4.93 47.31
C GLU A 20 -18.12 -4.98 45.92
N MET A 21 -18.06 -6.13 45.28
CA MET A 21 -18.61 -6.30 43.94
C MET A 21 -20.05 -6.80 43.85
N SER A 22 -20.88 -6.09 43.09
CA SER A 22 -22.25 -6.50 42.87
C SER A 22 -22.18 -7.84 42.14
N GLU A 23 -23.29 -8.58 42.11
CA GLU A 23 -23.29 -9.87 41.45
C GLU A 23 -23.10 -9.69 39.95
N SER A 24 -23.54 -8.54 39.45
CA SER A 24 -23.38 -8.22 38.02
C SER A 24 -21.89 -8.06 37.72
N GLU A 25 -21.16 -7.31 38.56
CA GLU A 25 -19.72 -7.11 38.36
C GLU A 25 -18.97 -8.43 38.38
N LYS A 26 -19.47 -9.41 39.12
CA LYS A 26 -18.78 -10.69 39.12
C LYS A 26 -19.10 -11.36 37.79
N SER A 27 -20.36 -11.37 37.40
CA SER A 27 -20.75 -11.98 36.13
C SER A 27 -19.98 -11.37 34.94
N GLY A 28 -19.76 -10.05 35.00
CA GLY A 28 -19.03 -9.35 33.97
C GLY A 28 -17.53 -9.65 33.99
N PHE A 29 -16.92 -9.54 35.16
CA PHE A 29 -15.48 -9.81 35.31
C PHE A 29 -15.15 -11.27 35.03
N ILE A 30 -15.90 -12.17 35.66
CA ILE A 30 -15.64 -13.59 35.43
C ILE A 30 -15.78 -13.90 33.93
N SER A 31 -16.66 -13.18 33.25
CA SER A 31 -16.87 -13.39 31.81
C SER A 31 -15.66 -12.92 31.00
N LEU A 32 -14.99 -11.85 31.44
CA LEU A 32 -13.83 -11.38 30.70
C LEU A 32 -12.60 -12.26 30.96
N VAL A 33 -12.46 -12.74 32.19
CA VAL A 33 -11.32 -13.60 32.56
C VAL A 33 -11.33 -14.90 31.74
N SER A 34 -12.53 -15.39 31.41
CA SER A 34 -12.64 -16.62 30.64
C SER A 34 -12.13 -16.47 29.21
N ARG A 35 -12.35 -15.31 28.59
CA ARG A 35 -11.85 -15.11 27.24
C ARG A 35 -10.34 -14.93 27.22
N TYR A 36 -9.85 -13.96 27.99
CA TYR A 36 -8.41 -13.69 28.04
C TYR A 36 -7.62 -14.98 28.26
N LEU A 37 -8.19 -15.88 29.06
CA LEU A 37 -7.55 -17.15 29.35
C LEU A 37 -7.70 -18.04 28.10
N SER A 38 -8.84 -17.91 27.43
CA SER A 38 -9.09 -18.63 26.18
C SER A 38 -8.10 -18.09 25.16
N GLY A 39 -8.59 -17.23 24.28
CA GLY A 39 -7.78 -16.63 23.24
C GLY A 39 -8.61 -15.73 22.34
N ILE A 44 -7.58 -12.58 15.71
CA ILE A 44 -7.70 -12.10 14.34
C ILE A 44 -6.51 -12.50 13.47
N GLU A 45 -6.75 -13.49 12.62
CA GLU A 45 -5.72 -14.00 11.70
C GLU A 45 -5.45 -12.96 10.62
N TRP A 46 -4.24 -12.42 10.59
CA TRP A 46 -3.91 -11.41 9.60
C TRP A 46 -4.23 -11.86 8.17
N SER A 47 -3.94 -13.12 7.84
CA SER A 47 -4.21 -13.61 6.50
C SER A 47 -5.70 -13.74 6.19
N LYS A 48 -6.51 -13.86 7.22
CA LYS A 48 -7.95 -13.97 7.03
C LYS A 48 -8.61 -12.58 6.94
N ILE A 49 -7.83 -11.54 7.28
CA ILE A 49 -8.31 -10.15 7.27
C ILE A 49 -8.55 -9.55 5.89
N GLN A 50 -9.67 -8.86 5.73
CA GLN A 50 -10.02 -8.21 4.46
C GLN A 50 -10.09 -6.68 4.62
N THR A 51 -9.67 -5.96 3.58
CA THR A 51 -9.68 -4.49 3.58
C THR A 51 -11.10 -3.95 3.55
N PRO A 52 -11.27 -2.69 3.99
CA PRO A 52 -12.58 -2.03 4.03
C PRO A 52 -13.11 -1.63 2.66
N THR A 53 -14.43 -1.59 2.54
CA THR A 53 -15.07 -1.22 1.29
C THR A 53 -16.04 -0.05 1.47
N ASP A 54 -16.41 0.58 0.36
CA ASP A 54 -17.32 1.71 0.39
C ASP A 54 -18.71 1.23 0.83
N GLU A 55 -18.88 -0.09 0.93
CA GLU A 55 -20.16 -0.66 1.33
C GLU A 55 -20.30 -0.80 2.85
N ILE A 56 -19.18 -0.66 3.56
CA ILE A 56 -19.17 -0.77 5.01
C ILE A 56 -18.96 0.61 5.61
N VAL A 57 -18.05 1.35 4.99
CA VAL A 57 -17.76 2.71 5.43
C VAL A 57 -18.42 3.69 4.45
N VAL A 58 -19.54 4.26 4.86
CA VAL A 58 -20.30 5.20 4.04
C VAL A 58 -19.73 6.63 4.04
N PRO A 59 -19.42 7.18 2.85
CA PRO A 59 -18.88 8.54 2.79
C PRO A 59 -19.94 9.47 3.35
N TYR A 60 -19.55 10.33 4.28
CA TYR A 60 -20.47 11.25 4.91
C TYR A 60 -21.22 12.06 3.84
N GLU A 61 -20.52 12.39 2.76
CA GLU A 61 -21.09 13.17 1.67
C GLU A 61 -22.25 12.47 0.94
N LYS A 62 -22.18 11.16 0.81
CA LYS A 62 -23.23 10.38 0.12
C LYS A 62 -24.55 10.28 0.87
N MET A 63 -24.49 10.25 2.20
CA MET A 63 -25.72 10.16 2.99
C MET A 63 -26.67 11.29 2.63
N THR A 64 -27.97 11.02 2.77
CA THR A 64 -29.03 11.96 2.46
C THR A 64 -29.23 13.04 3.53
N PRO A 65 -28.95 14.30 3.19
CA PRO A 65 -29.11 15.38 4.18
C PRO A 65 -30.56 15.60 4.61
N VAL A 66 -30.74 16.28 5.74
CA VAL A 66 -32.06 16.58 6.26
C VAL A 66 -32.62 17.70 5.39
N SER A 67 -33.92 17.67 5.14
CA SER A 67 -34.55 18.69 4.31
C SER A 67 -34.76 20.02 5.04
N GLN A 68 -35.33 20.99 4.33
CA GLN A 68 -35.59 22.31 4.88
C GLN A 68 -36.72 22.27 5.92
N ASP A 69 -37.43 21.14 5.99
CA ASP A 69 -38.52 21.00 6.94
C ASP A 69 -38.04 20.77 8.36
N VAL A 70 -38.12 21.81 9.17
CA VAL A 70 -37.69 21.76 10.56
C VAL A 70 -38.31 20.59 11.32
N ALA A 71 -39.57 20.30 11.02
CA ALA A 71 -40.26 19.21 11.70
C ALA A 71 -39.54 17.87 11.58
N GLU A 72 -38.72 17.70 10.55
CA GLU A 72 -37.97 16.45 10.36
C GLU A 72 -36.88 16.36 11.42
N THR A 73 -36.23 17.49 11.67
CA THR A 73 -35.17 17.55 12.66
C THR A 73 -35.73 17.20 14.04
N LYS A 74 -36.77 17.94 14.45
CA LYS A 74 -37.42 17.73 15.74
C LYS A 74 -37.83 16.28 15.97
N ASN A 75 -38.30 15.60 14.94
CA ASN A 75 -38.68 14.20 15.09
C ASN A 75 -37.44 13.31 15.25
N LEU A 76 -36.33 13.71 14.63
CA LEU A 76 -35.09 12.95 14.73
C LEU A 76 -34.55 13.14 16.15
N LEU A 77 -34.38 14.39 16.56
CA LEU A 77 -33.87 14.72 17.88
C LEU A 77 -34.65 14.05 19.01
N ASP A 78 -35.97 13.98 18.89
CA ASP A 78 -36.77 13.33 19.93
C ASP A 78 -36.42 11.84 20.10
N LYS A 79 -35.65 11.29 19.17
CA LYS A 79 -35.28 9.87 19.26
C LYS A 79 -33.84 9.69 19.76
N LEU A 80 -33.16 10.80 20.05
CA LEU A 80 -31.74 10.76 20.47
C LEU A 80 -31.35 10.97 21.94
N VAL A 81 -30.15 10.45 22.27
CA VAL A 81 -29.53 10.57 23.60
C VAL A 81 -28.03 10.68 23.31
N VAL A 82 -27.36 11.66 23.93
CA VAL A 82 -25.94 11.85 23.69
C VAL A 82 -25.12 11.42 24.90
N LEU A 83 -24.15 10.53 24.65
CA LEU A 83 -23.29 9.98 25.69
C LEU A 83 -21.79 10.24 25.48
N LYS A 84 -21.14 10.77 26.51
CA LYS A 84 -19.72 11.07 26.46
C LYS A 84 -18.97 10.21 27.47
N LEU A 85 -17.76 9.79 27.11
CA LEU A 85 -16.90 9.01 28.00
C LEU A 85 -16.39 10.00 29.08
N ASN A 86 -16.47 9.62 30.36
CA ASN A 86 -16.11 10.55 31.44
C ASN A 86 -15.65 9.79 32.66
N GLY A 87 -15.58 8.47 32.51
CA GLY A 87 -15.17 7.64 33.63
C GLY A 87 -13.74 7.94 34.02
N GLY A 88 -13.15 8.97 33.41
CA GLY A 88 -11.78 9.29 33.70
C GLY A 88 -11.57 10.55 34.54
N LEU A 89 -10.36 10.64 35.10
CA LEU A 89 -9.86 11.74 35.93
C LEU A 89 -8.90 12.55 35.04
N GLY A 90 -8.39 13.67 35.54
CA GLY A 90 -7.50 14.48 34.71
C GLY A 90 -6.04 14.52 35.12
N THR A 91 -5.63 13.50 35.88
CA THR A 91 -4.27 13.44 36.40
C THR A 91 -3.09 13.51 35.40
N THR A 92 -3.23 12.94 34.20
CA THR A 92 -2.15 13.00 33.20
C THR A 92 -1.94 14.48 32.80
N MET A 93 -3.00 15.27 32.90
CA MET A 93 -2.93 16.69 32.55
C MET A 93 -2.60 17.53 33.80
N GLY A 94 -2.26 16.84 34.89
CA GLY A 94 -1.88 17.53 36.12
C GLY A 94 -3.02 18.13 36.92
N CYS A 95 -4.21 17.54 36.81
CA CYS A 95 -5.39 18.05 37.51
C CYS A 95 -6.07 16.97 38.33
N THR A 96 -6.79 17.40 39.36
CA THR A 96 -7.52 16.49 40.24
C THR A 96 -8.98 16.41 39.78
N GLY A 97 -9.62 15.27 40.01
CA GLY A 97 -10.99 15.07 39.61
C GLY A 97 -11.19 14.57 38.17
N PRO A 98 -12.46 14.42 37.73
CA PRO A 98 -12.71 13.95 36.36
C PRO A 98 -12.06 14.91 35.41
N LYS A 99 -11.63 14.40 34.26
CA LYS A 99 -11.00 15.24 33.27
C LYS A 99 -12.06 16.18 32.69
N SER A 100 -13.32 15.75 32.70
CA SER A 100 -14.40 16.57 32.12
C SER A 100 -14.61 17.90 32.83
N VAL A 101 -14.10 18.04 34.05
CA VAL A 101 -14.29 19.31 34.74
C VAL A 101 -13.11 20.25 34.68
N ILE A 102 -12.24 20.04 33.69
CA ILE A 102 -11.12 20.97 33.50
C ILE A 102 -11.69 22.05 32.58
N GLU A 103 -11.31 23.30 32.81
CA GLU A 103 -11.81 24.37 31.96
C GLU A 103 -11.12 24.31 30.62
N VAL A 104 -11.85 24.48 29.51
CA VAL A 104 -11.20 24.41 28.20
C VAL A 104 -11.09 25.78 27.57
N ARG A 105 -12.05 26.65 27.85
CA ARG A 105 -12.01 27.99 27.29
C ARG A 105 -12.99 28.92 27.97
N ASP A 106 -12.54 30.15 28.25
CA ASP A 106 -13.38 31.15 28.88
C ASP A 106 -14.05 30.70 30.18
N GLY A 107 -13.28 30.09 31.08
CA GLY A 107 -13.78 29.65 32.37
C GLY A 107 -14.71 28.44 32.37
N LEU A 108 -15.21 28.06 31.21
CA LEU A 108 -16.12 26.94 31.10
C LEU A 108 -15.32 25.62 31.03
N THR A 109 -15.94 24.52 31.43
CA THR A 109 -15.28 23.21 31.42
C THR A 109 -15.70 22.42 30.20
N PHE A 110 -14.99 21.33 29.94
CA PHE A 110 -15.32 20.50 28.80
C PHE A 110 -16.77 20.21 28.85
N LEU A 111 -17.25 19.99 30.06
CA LEU A 111 -18.66 19.67 30.25
C LEU A 111 -19.51 20.89 29.95
N ASP A 112 -19.16 22.04 30.54
CA ASP A 112 -19.93 23.28 30.29
C ASP A 112 -20.29 23.43 28.82
N LEU A 113 -19.30 23.19 27.96
CA LEU A 113 -19.51 23.27 26.51
C LEU A 113 -20.56 22.27 26.02
N ILE A 114 -20.45 21.04 26.49
CA ILE A 114 -21.39 20.00 26.15
C ILE A 114 -22.85 20.41 26.51
N VAL A 115 -23.10 20.60 27.81
CA VAL A 115 -24.42 20.95 28.29
C VAL A 115 -24.95 22.19 27.57
N ILE A 116 -24.05 23.10 27.21
CA ILE A 116 -24.48 24.31 26.54
C ILE A 116 -24.76 24.05 25.07
N GLN A 117 -23.95 23.24 24.41
CA GLN A 117 -24.23 22.93 23.00
C GLN A 117 -25.59 22.26 22.94
N ILE A 118 -25.85 21.39 23.92
CA ILE A 118 -27.12 20.69 23.98
C ILE A 118 -28.25 21.65 24.28
N GLU A 119 -28.06 22.52 25.27
CA GLU A 119 -29.09 23.49 25.62
C GLU A 119 -29.50 24.22 24.33
N ASN A 120 -28.53 24.57 23.48
CA ASN A 120 -28.85 25.26 22.23
C ASN A 120 -29.77 24.41 21.33
N LEU A 121 -29.58 23.08 21.36
CA LEU A 121 -30.45 22.21 20.57
C LEU A 121 -31.88 22.29 21.10
N ASN A 122 -32.03 21.99 22.39
CA ASN A 122 -33.32 21.99 23.07
C ASN A 122 -34.06 23.32 22.96
N ASN A 123 -33.31 24.40 23.01
CA ASN A 123 -33.88 25.74 22.92
C ASN A 123 -34.30 26.07 21.49
N LYS A 124 -33.51 25.59 20.52
CA LYS A 124 -33.79 25.85 19.13
C LYS A 124 -34.90 24.97 18.59
N TYR A 125 -34.73 23.66 18.71
CA TYR A 125 -35.71 22.72 18.19
C TYR A 125 -36.85 22.30 19.10
N GLY A 126 -36.91 22.85 20.30
CA GLY A 126 -37.99 22.49 21.20
C GLY A 126 -37.87 21.03 21.57
N CYS A 127 -36.73 20.45 21.23
CA CYS A 127 -36.44 19.05 21.53
C CYS A 127 -35.89 18.97 22.97
N LYS A 128 -35.99 17.78 23.56
CA LYS A 128 -35.50 17.61 24.93
C LYS A 128 -34.34 16.60 24.98
N VAL A 129 -33.31 16.84 24.15
CA VAL A 129 -32.13 15.97 24.09
C VAL A 129 -31.41 15.85 25.44
N PRO A 130 -31.33 14.61 25.98
CA PRO A 130 -30.68 14.39 27.27
C PRO A 130 -29.20 14.12 27.15
N LEU A 131 -28.45 14.45 28.21
CA LEU A 131 -27.01 14.18 28.20
C LEU A 131 -26.80 13.04 29.17
N VAL A 132 -25.88 12.15 28.84
CA VAL A 132 -25.54 11.03 29.71
C VAL A 132 -24.02 10.91 29.75
N LEU A 133 -23.44 11.08 30.93
CA LEU A 133 -21.98 10.94 31.06
C LEU A 133 -21.66 9.63 31.70
N MET A 134 -20.75 8.88 31.09
CA MET A 134 -20.32 7.63 31.71
C MET A 134 -19.15 7.92 32.64
N ASN A 135 -19.32 7.61 33.92
CA ASN A 135 -18.31 7.81 34.94
C ASN A 135 -17.72 6.47 35.35
N SER A 136 -16.75 6.52 36.25
CA SER A 136 -16.13 5.32 36.82
C SER A 136 -16.24 5.55 38.33
N PHE A 137 -15.91 4.55 39.15
CA PHE A 137 -16.00 4.75 40.57
C PHE A 137 -15.11 5.92 40.89
N ASN A 138 -14.05 6.11 40.10
CA ASN A 138 -13.12 7.23 40.35
C ASN A 138 -13.71 8.64 40.10
N THR A 139 -14.78 8.74 39.31
CA THR A 139 -15.32 10.09 39.02
C THR A 139 -16.80 10.36 39.35
N HIS A 140 -17.52 9.33 39.75
CA HIS A 140 -18.95 9.45 39.96
C HIS A 140 -19.35 10.53 40.99
N ASP A 141 -18.72 10.48 42.17
CA ASP A 141 -19.06 11.41 43.24
C ASP A 141 -18.65 12.84 42.99
N ASP A 142 -17.46 13.06 42.44
CA ASP A 142 -17.05 14.42 42.16
C ASP A 142 -18.02 14.96 41.08
N THR A 143 -18.52 14.05 40.24
CA THR A 143 -19.44 14.44 39.21
C THR A 143 -20.84 14.73 39.79
N HIS A 144 -21.29 13.85 40.69
CA HIS A 144 -22.59 13.99 41.33
C HIS A 144 -22.71 15.37 41.98
N LYS A 145 -21.65 15.82 42.66
CA LYS A 145 -21.72 17.14 43.29
C LYS A 145 -21.65 18.25 42.24
N ILE A 146 -20.74 18.13 41.28
CA ILE A 146 -20.59 19.16 40.24
C ILE A 146 -21.82 19.42 39.34
N VAL A 147 -22.48 18.35 38.88
CA VAL A 147 -23.58 18.58 37.95
C VAL A 147 -24.73 19.42 38.50
N GLU A 148 -24.91 19.46 39.81
CA GLU A 148 -25.99 20.28 40.37
C GLU A 148 -25.87 21.69 39.78
N LYS A 149 -24.65 22.08 39.39
CA LYS A 149 -24.47 23.44 38.88
C LYS A 149 -25.37 23.74 37.71
N TYR A 150 -25.84 22.69 37.03
CA TYR A 150 -26.74 22.86 35.88
C TYR A 150 -28.12 22.39 36.30
N THR A 151 -28.50 22.71 37.53
CA THR A 151 -29.81 22.33 38.03
C THR A 151 -30.88 23.09 37.26
N ASN A 152 -30.55 24.30 36.80
CA ASN A 152 -31.53 25.10 36.05
C ASN A 152 -31.23 25.21 34.56
N SER A 153 -30.26 24.44 34.07
CA SER A 153 -29.92 24.47 32.65
C SER A 153 -31.01 23.81 31.82
N ASN A 154 -30.97 24.02 30.52
CA ASN A 154 -32.01 23.50 29.66
C ASN A 154 -31.70 22.13 29.03
N VAL A 155 -31.50 21.15 29.89
CA VAL A 155 -31.22 19.78 29.47
C VAL A 155 -31.17 18.91 30.71
N ASP A 156 -31.81 17.75 30.65
CA ASP A 156 -31.83 16.86 31.80
C ASP A 156 -30.53 16.06 31.76
N ILE A 157 -29.81 16.06 32.88
CA ILE A 157 -28.52 15.37 32.94
C ILE A 157 -28.61 14.02 33.65
N HIS A 158 -28.02 13.01 33.01
CA HIS A 158 -28.01 11.65 33.51
C HIS A 158 -26.59 11.11 33.55
N THR A 159 -26.05 10.94 34.76
CA THR A 159 -24.70 10.36 34.94
C THR A 159 -24.81 9.00 35.63
N PHE A 160 -23.96 8.06 35.25
CA PHE A 160 -23.95 6.75 35.86
C PHE A 160 -22.51 6.32 36.08
N ASN A 161 -22.32 5.48 37.08
CA ASN A 161 -21.00 4.93 37.39
C ASN A 161 -20.83 3.53 36.80
N GLN A 162 -19.86 3.36 35.93
CA GLN A 162 -19.64 2.06 35.28
C GLN A 162 -19.14 0.97 36.24
N SER A 163 -18.83 -0.21 35.67
CA SER A 163 -18.36 -1.35 36.45
C SER A 163 -17.01 -1.09 37.13
N LYS A 164 -16.80 -1.74 38.27
CA LYS A 164 -15.54 -1.64 38.99
C LYS A 164 -15.03 -3.08 39.11
N TYR A 165 -14.02 -3.44 38.34
CA TYR A 165 -13.46 -4.80 38.39
C TYR A 165 -12.22 -4.79 39.26
N PRO A 166 -11.82 -5.95 39.80
CA PRO A 166 -10.62 -5.99 40.64
C PRO A 166 -9.33 -6.10 39.81
N ARG A 167 -8.31 -5.33 40.17
CA ARG A 167 -7.04 -5.49 39.51
C ARG A 167 -6.51 -6.88 39.91
N VAL A 168 -5.70 -7.47 39.05
CA VAL A 168 -5.15 -8.80 39.30
C VAL A 168 -3.63 -8.66 39.30
N VAL A 169 -2.98 -9.20 40.33
CA VAL A 169 -1.50 -9.16 40.46
C VAL A 169 -0.97 -10.06 39.35
N ALA A 170 -0.16 -9.51 38.45
CA ALA A 170 0.32 -10.24 37.27
C ALA A 170 1.04 -11.58 37.44
N ASP A 171 2.18 -11.58 38.12
CA ASP A 171 2.92 -12.81 38.31
C ASP A 171 2.10 -13.93 38.95
N GLU A 172 1.36 -13.60 40.02
CA GLU A 172 0.54 -14.59 40.71
C GLU A 172 -0.80 -14.76 39.99
N PHE A 173 -1.10 -13.78 39.14
CA PHE A 173 -2.35 -13.71 38.39
C PHE A 173 -3.53 -13.91 39.32
N VAL A 174 -3.63 -13.06 40.34
CA VAL A 174 -4.72 -13.13 41.32
C VAL A 174 -5.31 -11.73 41.55
N PRO A 175 -6.63 -11.63 41.80
CA PRO A 175 -7.24 -10.32 42.05
C PRO A 175 -6.50 -9.66 43.20
N TRP A 176 -6.00 -8.44 43.01
CA TRP A 176 -5.29 -7.77 44.09
C TRP A 176 -6.22 -7.72 45.33
N PRO A 177 -7.53 -7.48 45.12
CA PRO A 177 -8.46 -7.45 46.25
C PRO A 177 -8.41 -8.73 47.10
N SER A 178 -7.55 -9.67 46.69
CA SER A 178 -7.36 -10.96 47.38
C SER A 178 -6.20 -10.87 48.36
N LYS A 179 -5.36 -9.87 48.16
CA LYS A 179 -4.22 -9.69 49.02
C LYS A 179 -4.35 -8.39 49.86
N GLY A 180 -5.57 -8.06 50.27
CA GLY A 180 -5.81 -6.89 51.09
C GLY A 180 -5.67 -5.55 50.37
N LYS A 181 -5.95 -5.55 49.06
CA LYS A 181 -5.85 -4.30 48.29
C LYS A 181 -7.25 -3.69 48.16
N THR A 182 -7.66 -2.94 49.16
CA THR A 182 -9.00 -2.37 49.11
C THR A 182 -9.07 -0.88 48.77
N ASP A 183 -7.99 -0.13 48.98
CA ASP A 183 -8.04 1.27 48.57
C ASP A 183 -8.30 1.26 47.04
N LYS A 184 -8.54 2.43 46.47
CA LYS A 184 -8.84 2.57 45.04
C LYS A 184 -7.87 1.84 44.11
N GLU A 185 -6.60 1.80 44.49
CA GLU A 185 -5.61 1.16 43.65
C GLU A 185 -5.85 -0.35 43.43
N GLY A 186 -6.73 -0.96 44.23
CA GLY A 186 -6.98 -2.37 44.02
C GLY A 186 -7.99 -2.68 42.91
N TRP A 187 -8.61 -1.63 42.38
CA TRP A 187 -9.67 -1.74 41.38
C TRP A 187 -9.43 -0.86 40.14
N TYR A 188 -10.32 -0.98 39.15
CA TYR A 188 -10.24 -0.13 37.93
C TYR A 188 -11.54 -0.19 37.13
N PRO A 189 -11.75 0.76 36.18
CA PRO A 189 -12.97 0.79 35.34
C PRO A 189 -12.52 -0.07 34.15
N PRO A 190 -13.38 -0.98 33.66
CA PRO A 190 -12.89 -1.80 32.55
C PRO A 190 -13.01 -1.32 31.11
N GLY A 191 -12.55 -0.08 30.90
CA GLY A 191 -12.54 0.50 29.56
C GLY A 191 -13.88 1.00 29.07
N HIS A 192 -13.86 1.72 27.97
CA HIS A 192 -15.12 2.21 27.47
C HIS A 192 -15.88 1.12 26.73
N GLY A 193 -15.23 -0.05 26.59
CA GLY A 193 -15.92 -1.15 25.96
C GLY A 193 -17.03 -1.53 26.91
N ASP A 194 -16.75 -1.31 28.20
CA ASP A 194 -17.67 -1.57 29.32
C ASP A 194 -18.86 -0.58 29.43
N VAL A 195 -19.06 0.29 28.44
CA VAL A 195 -20.20 1.20 28.56
C VAL A 195 -21.56 0.57 28.20
N PHE A 196 -21.61 -0.28 27.18
CA PHE A 196 -22.90 -0.85 26.81
C PHE A 196 -23.62 -1.61 27.91
N PRO A 197 -22.92 -2.50 28.61
CA PRO A 197 -23.73 -3.16 29.65
C PRO A 197 -24.12 -2.18 30.76
N ALA A 198 -23.13 -1.59 31.44
CA ALA A 198 -23.46 -0.68 32.54
C ALA A 198 -24.72 0.14 32.19
N LEU A 199 -24.69 0.79 31.03
CA LEU A 199 -25.83 1.58 30.59
C LEU A 199 -27.14 0.78 30.69
N MET A 200 -27.11 -0.44 30.14
CA MET A 200 -28.29 -1.30 30.14
C MET A 200 -28.72 -1.58 31.56
N ASN A 201 -27.80 -2.07 32.40
CA ASN A 201 -28.18 -2.32 33.78
C ASN A 201 -28.22 -0.95 34.46
N SER A 202 -29.41 -0.35 34.50
CA SER A 202 -29.57 0.95 35.15
C SER A 202 -31.03 1.41 35.11
N GLY A 203 -31.85 0.68 34.36
CA GLY A 203 -33.25 1.07 34.24
C GLY A 203 -33.44 2.22 33.26
N LYS A 204 -32.42 3.06 33.16
CA LYS A 204 -32.44 4.23 32.29
C LYS A 204 -32.74 3.90 30.82
N LEU A 205 -32.03 2.91 30.28
CA LEU A 205 -32.21 2.51 28.89
C LEU A 205 -33.66 2.14 28.61
N ASP A 206 -34.18 1.17 29.36
CA ASP A 206 -35.58 0.74 29.20
C ASP A 206 -36.52 1.96 29.28
N THR A 207 -36.22 2.88 30.19
CA THR A 207 -37.05 4.07 30.35
C THR A 207 -36.95 4.93 29.09
N PHE A 208 -35.72 5.14 28.61
CA PHE A 208 -35.51 5.91 27.40
C PHE A 208 -36.28 5.21 26.30
N LEU A 209 -36.14 3.89 26.27
CA LEU A 209 -36.81 3.09 25.28
C LEU A 209 -38.31 3.42 25.24
N SER A 210 -38.96 3.35 26.40
CA SER A 210 -40.38 3.61 26.49
C SER A 210 -40.77 5.08 26.33
N GLN A 211 -39.78 5.95 26.14
CA GLN A 211 -40.04 7.39 25.97
C GLN A 211 -39.83 7.80 24.52
N GLY A 212 -39.80 6.83 23.62
CA GLY A 212 -39.59 7.14 22.22
C GLY A 212 -38.14 7.26 21.79
N LYS A 213 -37.22 7.45 22.74
CA LYS A 213 -35.79 7.55 22.42
C LYS A 213 -35.37 6.24 21.73
N GLU A 214 -34.62 6.35 20.63
CA GLU A 214 -34.22 5.16 19.90
C GLU A 214 -32.74 4.86 19.79
N TYR A 215 -31.90 5.89 19.88
CA TYR A 215 -30.46 5.71 19.73
C TYR A 215 -29.69 6.45 20.81
N VAL A 216 -28.35 6.32 20.72
CA VAL A 216 -27.40 7.00 21.60
C VAL A 216 -26.19 7.39 20.76
N PHE A 217 -25.65 8.58 20.99
CA PHE A 217 -24.47 9.08 20.28
C PHE A 217 -23.34 9.09 21.29
N VAL A 218 -22.31 8.28 21.07
CA VAL A 218 -21.22 8.15 22.01
C VAL A 218 -19.87 8.65 21.54
N ALA A 219 -19.18 9.42 22.38
CA ALA A 219 -17.86 9.93 22.03
C ALA A 219 -17.05 10.37 23.26
N ASN A 220 -15.71 10.44 23.14
CA ASN A 220 -14.84 10.88 24.28
C ASN A 220 -15.26 12.29 24.74
N SER A 221 -15.38 12.51 26.05
CA SER A 221 -15.81 13.82 26.55
C SER A 221 -14.78 14.89 26.21
N ASP A 222 -13.59 14.46 25.79
CA ASP A 222 -12.55 15.42 25.44
C ASP A 222 -12.34 15.52 23.92
N ASN A 223 -13.36 15.10 23.15
CA ASN A 223 -13.28 15.24 21.70
C ASN A 223 -14.11 16.48 21.37
N LEU A 224 -13.45 17.59 21.09
CA LEU A 224 -14.16 18.83 20.77
C LEU A 224 -14.95 18.78 19.46
N GLY A 225 -14.76 17.73 18.67
CA GLY A 225 -15.44 17.63 17.38
C GLY A 225 -16.67 16.73 17.31
N ALA A 226 -16.99 16.06 18.42
CA ALA A 226 -18.13 15.12 18.48
C ALA A 226 -19.48 15.79 18.69
N ILE A 227 -19.86 16.64 17.76
CA ILE A 227 -21.12 17.35 17.82
C ILE A 227 -22.16 16.56 17.02
N VAL A 228 -23.36 16.45 17.57
CA VAL A 228 -24.46 15.73 16.93
C VAL A 228 -24.58 16.13 15.46
N ASP A 229 -24.82 15.14 14.62
CA ASP A 229 -24.96 15.37 13.19
C ASP A 229 -26.09 14.45 12.73
N LEU A 230 -27.23 15.04 12.38
CA LEU A 230 -28.38 14.22 12.00
C LEU A 230 -28.34 13.50 10.64
N THR A 231 -27.51 13.97 9.71
CA THR A 231 -27.36 13.30 8.41
C THR A 231 -26.95 11.86 8.72
N ILE A 232 -25.94 11.75 9.58
CA ILE A 232 -25.48 10.42 9.97
C ILE A 232 -26.63 9.67 10.64
N LEU A 233 -27.36 10.36 11.50
CA LEU A 233 -28.46 9.72 12.22
C LEU A 233 -29.55 9.24 11.27
N LYS A 234 -29.99 10.18 10.44
CA LYS A 234 -31.03 9.93 9.45
C LYS A 234 -30.65 8.71 8.63
N HIS A 235 -29.37 8.56 8.36
CA HIS A 235 -28.86 7.46 7.57
C HIS A 235 -29.05 6.08 8.23
N LEU A 236 -28.78 6.00 9.53
CA LEU A 236 -28.94 4.74 10.26
C LEU A 236 -30.43 4.41 10.36
N ILE A 237 -31.24 5.44 10.50
CA ILE A 237 -32.69 5.29 10.58
C ILE A 237 -33.28 4.71 9.30
N GLN A 238 -32.99 5.34 8.17
CA GLN A 238 -33.54 4.91 6.87
C GLN A 238 -32.85 3.69 6.28
N ASN A 239 -31.82 3.21 6.94
CA ASN A 239 -31.10 2.05 6.44
C ASN A 239 -31.03 0.93 7.45
N LYS A 240 -31.73 1.07 8.57
CA LYS A 240 -31.73 0.06 9.62
C LYS A 240 -30.31 -0.34 10.09
N ASN A 241 -29.44 0.66 10.21
CA ASN A 241 -28.08 0.44 10.67
C ASN A 241 -28.15 0.39 12.20
N GLU A 242 -27.82 -0.75 12.83
CA GLU A 242 -27.88 -0.83 14.30
C GLU A 242 -26.65 -0.27 14.98
N TYR A 243 -25.57 -0.04 14.23
CA TYR A 243 -24.34 0.53 14.82
C TYR A 243 -23.37 1.13 13.78
N CYS A 244 -23.06 2.41 13.92
CA CYS A 244 -22.11 3.07 13.01
C CYS A 244 -20.96 3.69 13.81
N MET A 245 -19.76 3.41 13.35
CA MET A 245 -18.56 3.95 13.93
C MET A 245 -18.08 5.08 13.02
N GLU A 246 -18.13 6.32 13.48
CA GLU A 246 -17.63 7.42 12.65
C GLU A 246 -16.13 7.29 12.63
N VAL A 247 -15.58 7.10 11.45
CA VAL A 247 -14.13 7.01 11.30
C VAL A 247 -13.70 8.26 10.56
N THR A 248 -12.41 8.42 10.37
CA THR A 248 -11.88 9.60 9.68
C THR A 248 -10.57 9.22 9.02
N PRO A 249 -10.15 9.98 7.99
CA PRO A 249 -8.90 9.63 7.32
C PRO A 249 -7.67 9.67 8.15
N LYS A 250 -6.86 8.64 8.01
CA LYS A 250 -5.61 8.59 8.73
C LYS A 250 -4.54 9.50 8.10
N THR A 251 -3.95 10.36 8.94
CA THR A 251 -2.85 11.21 8.52
C THR A 251 -1.64 10.55 9.14
N LEU A 252 -0.48 11.16 9.04
CA LEU A 252 0.71 10.56 9.62
C LEU A 252 0.57 10.51 11.14
N ALA A 253 -0.21 11.43 11.69
CA ALA A 253 -0.42 11.50 13.13
C ALA A 253 -1.40 10.44 13.67
N ASP A 254 -1.88 9.54 12.80
CA ASP A 254 -2.84 8.52 13.21
C ASP A 254 -2.43 7.09 12.90
N VAL A 255 -1.18 6.90 12.53
CA VAL A 255 -0.65 5.60 12.15
C VAL A 255 -1.12 4.37 12.95
N LYS A 256 -0.83 4.34 14.25
CA LYS A 256 -1.21 3.21 15.08
C LYS A 256 -2.70 3.16 15.40
N GLY A 257 -3.46 4.06 14.80
CA GLY A 257 -4.89 4.13 15.05
C GLY A 257 -5.73 2.92 14.64
N GLY A 258 -6.72 2.61 15.48
CA GLY A 258 -7.63 1.49 15.27
C GLY A 258 -8.52 1.74 14.06
N THR A 259 -8.56 0.78 13.13
CA THR A 259 -9.34 0.97 11.91
C THR A 259 -10.50 0.00 11.69
N LEU A 260 -11.39 0.33 10.75
CA LEU A 260 -12.53 -0.54 10.45
C LEU A 260 -12.19 -1.44 9.27
N ILE A 261 -12.48 -2.73 9.42
CA ILE A 261 -12.21 -3.71 8.38
C ILE A 261 -13.39 -4.67 8.31
N SER A 262 -13.30 -5.58 7.33
CA SER A 262 -14.31 -6.62 7.16
C SER A 262 -13.54 -7.89 7.52
N TYR A 263 -14.10 -8.70 8.41
CA TYR A 263 -13.46 -9.91 8.88
C TYR A 263 -14.51 -10.99 9.09
N GLU A 264 -14.35 -12.10 8.39
CA GLU A 264 -15.31 -13.21 8.46
C GLU A 264 -16.75 -12.72 8.29
N GLY A 265 -16.98 -11.95 7.22
CA GLY A 265 -18.30 -11.45 6.89
C GLY A 265 -18.84 -10.28 7.69
N LYS A 266 -18.14 -9.91 8.76
CA LYS A 266 -18.59 -8.83 9.63
C LYS A 266 -17.65 -7.60 9.66
N VAL A 267 -18.23 -6.41 9.82
CA VAL A 267 -17.42 -5.20 9.94
C VAL A 267 -16.87 -5.29 11.37
N GLN A 268 -15.56 -5.13 11.52
CA GLN A 268 -14.96 -5.22 12.83
C GLN A 268 -13.94 -4.12 13.02
N LEU A 269 -13.93 -3.56 14.23
CA LEU A 269 -12.94 -2.54 14.56
C LEU A 269 -11.63 -3.33 14.72
N LEU A 270 -10.57 -2.82 14.12
CA LEU A 270 -9.25 -3.43 14.19
C LEU A 270 -8.35 -2.41 14.88
N GLU A 271 -7.71 -2.82 15.97
CA GLU A 271 -6.80 -2.00 16.79
C GLU A 271 -5.38 -2.60 16.88
N ILE A 272 -4.37 -1.81 17.26
CA ILE A 272 -3.02 -2.36 17.35
C ILE A 272 -2.92 -3.42 18.43
N ALA A 273 -3.84 -3.38 19.38
CA ALA A 273 -3.83 -4.38 20.45
C ALA A 273 -3.85 -5.78 19.85
N GLN A 274 -4.52 -5.94 18.71
CA GLN A 274 -4.62 -7.24 18.07
C GLN A 274 -3.61 -7.52 16.95
N VAL A 275 -2.90 -6.48 16.51
CA VAL A 275 -1.95 -6.64 15.42
C VAL A 275 -0.57 -7.11 15.88
N PRO A 276 -0.11 -8.27 15.36
CA PRO A 276 1.19 -8.86 15.69
C PRO A 276 2.33 -7.94 15.27
N ASP A 277 3.44 -7.99 16.00
CA ASP A 277 4.58 -7.14 15.69
C ASP A 277 5.03 -7.32 14.24
N GLU A 278 4.99 -8.56 13.75
CA GLU A 278 5.41 -8.84 12.39
C GLU A 278 4.50 -8.21 11.35
N HIS A 279 3.43 -7.56 11.79
CA HIS A 279 2.50 -6.94 10.87
C HIS A 279 2.17 -5.49 11.10
N VAL A 280 2.56 -4.97 12.27
CA VAL A 280 2.29 -3.58 12.63
C VAL A 280 2.69 -2.62 11.50
N ASN A 281 3.70 -3.00 10.74
CA ASN A 281 4.17 -2.18 9.64
C ASN A 281 3.07 -1.88 8.61
N GLU A 282 2.51 -2.91 7.98
CA GLU A 282 1.44 -2.71 7.00
C GLU A 282 0.26 -2.06 7.72
N PHE A 283 0.03 -2.46 8.97
CA PHE A 283 -1.07 -1.89 9.75
C PHE A 283 -0.95 -0.37 9.79
N LYS A 284 0.24 0.12 10.11
CA LYS A 284 0.47 1.56 10.21
C LYS A 284 0.57 2.31 8.88
N SER A 285 0.22 1.63 7.79
CA SER A 285 0.24 2.27 6.46
C SER A 285 -1.09 2.96 6.27
N ILE A 286 -1.08 4.29 6.28
CA ILE A 286 -2.30 5.06 6.14
C ILE A 286 -2.77 5.15 4.71
N GLU A 287 -2.15 4.34 3.86
CA GLU A 287 -2.51 4.29 2.44
C GLU A 287 -3.20 2.94 2.25
N LYS A 288 -2.98 2.03 3.20
CA LYS A 288 -3.59 0.71 3.18
C LYS A 288 -4.84 0.81 4.05
N PHE A 289 -4.64 1.28 5.27
CA PHE A 289 -5.71 1.46 6.25
C PHE A 289 -5.71 2.97 6.46
N LYS A 290 -6.45 3.67 5.60
CA LYS A 290 -6.52 5.11 5.59
C LYS A 290 -7.59 5.71 6.48
N ILE A 291 -8.15 4.92 7.39
CA ILE A 291 -9.18 5.44 8.27
C ILE A 291 -8.96 4.92 9.68
N PHE A 292 -9.40 5.70 10.67
CA PHE A 292 -9.28 5.26 12.06
C PHE A 292 -10.49 5.73 12.85
N ASN A 293 -10.82 4.92 13.87
CA ASN A 293 -11.95 5.15 14.77
C ASN A 293 -11.78 6.42 15.63
N THR A 294 -12.78 7.31 15.60
CA THR A 294 -12.75 8.57 16.36
C THR A 294 -13.38 8.41 17.74
N ASN A 295 -13.98 7.25 17.95
CA ASN A 295 -14.76 6.90 19.12
C ASN A 295 -16.03 7.75 19.19
N ASN A 296 -16.46 8.28 18.03
CA ASN A 296 -17.76 8.95 17.86
C ASN A 296 -18.62 7.77 17.35
N LEU A 297 -19.46 7.19 18.21
CA LEU A 297 -20.25 6.00 17.87
C LEU A 297 -21.77 6.10 18.02
N TRP A 298 -22.52 5.64 17.02
CA TRP A 298 -23.98 5.67 17.06
C TRP A 298 -24.45 4.24 17.10
N VAL A 299 -25.21 3.89 18.14
CA VAL A 299 -25.69 2.54 18.29
C VAL A 299 -27.17 2.49 18.58
N ASN A 300 -27.85 1.44 18.09
CA ASN A 300 -29.29 1.26 18.30
C ASN A 300 -29.66 0.90 19.75
N LEU A 301 -30.66 1.58 20.32
CA LEU A 301 -31.05 1.32 21.73
C LEU A 301 -31.64 -0.06 22.07
N LYS A 302 -32.63 -0.51 21.30
CA LYS A 302 -33.25 -1.82 21.55
C LYS A 302 -32.20 -2.93 21.31
N ALA A 303 -31.29 -2.69 20.37
CA ALA A 303 -30.23 -3.65 20.08
C ALA A 303 -29.29 -3.79 21.29
N ILE A 304 -28.87 -2.66 21.87
CA ILE A 304 -27.99 -2.79 23.04
C ILE A 304 -28.77 -3.55 24.12
N LYS A 305 -30.05 -3.24 24.24
CA LYS A 305 -30.89 -3.90 25.25
C LYS A 305 -30.99 -5.40 24.98
N LYS A 306 -31.27 -5.76 23.73
CA LYS A 306 -31.42 -7.18 23.38
C LYS A 306 -30.06 -7.90 23.46
N LEU A 307 -29.00 -7.22 23.05
CA LEU A 307 -27.67 -7.85 23.07
C LEU A 307 -27.05 -8.00 24.47
N VAL A 308 -27.16 -6.97 25.33
CA VAL A 308 -26.61 -7.09 26.68
C VAL A 308 -27.28 -8.30 27.34
N GLU A 309 -28.61 -8.34 27.31
CA GLU A 309 -29.34 -9.44 27.96
C GLU A 309 -29.13 -10.86 27.42
N ALA A 310 -28.70 -10.98 26.17
CA ALA A 310 -28.44 -12.28 25.55
C ALA A 310 -27.00 -12.72 25.82
N ASP A 311 -26.27 -11.91 26.59
CA ASP A 311 -24.87 -12.18 26.93
C ASP A 311 -24.08 -12.36 25.63
N ALA A 312 -24.38 -11.52 24.65
CA ALA A 312 -23.76 -11.59 23.33
C ALA A 312 -22.58 -10.65 23.11
N LEU A 313 -22.62 -9.48 23.72
CA LEU A 313 -21.56 -8.48 23.56
C LEU A 313 -20.24 -8.95 24.15
N LYS A 314 -19.53 -9.76 23.39
CA LYS A 314 -18.26 -10.31 23.87
C LYS A 314 -17.08 -9.77 23.11
N MET A 315 -16.63 -8.59 23.52
CA MET A 315 -15.49 -7.93 22.90
C MET A 315 -14.13 -8.50 23.32
N GLU A 316 -13.14 -8.32 22.45
CA GLU A 316 -11.81 -8.81 22.73
C GLU A 316 -11.19 -8.01 23.85
N ILE A 317 -10.54 -8.72 24.76
CA ILE A 317 -9.88 -8.12 25.92
C ILE A 317 -8.73 -7.22 25.47
N ILE A 318 -8.29 -6.38 26.39
CA ILE A 318 -7.21 -5.43 26.18
C ILE A 318 -6.43 -5.37 27.50
N PRO A 319 -5.19 -5.90 27.52
CA PRO A 319 -4.26 -5.96 28.65
C PRO A 319 -4.10 -4.70 29.52
N ASN A 320 -3.60 -3.62 28.91
CA ASN A 320 -3.38 -2.36 29.62
C ASN A 320 -2.75 -2.55 30.99
N PRO A 321 -1.55 -3.16 31.04
CA PRO A 321 -0.81 -3.43 32.28
C PRO A 321 -0.37 -2.16 33.05
N LYS A 322 -0.05 -2.33 34.33
CA LYS A 322 0.38 -1.23 35.17
C LYS A 322 1.23 -1.81 36.29
N GLU A 323 2.03 -0.97 36.95
CA GLU A 323 2.86 -1.40 38.07
C GLU A 323 2.62 -0.41 39.21
N VAL A 324 1.57 -0.69 39.98
CA VAL A 324 1.12 0.14 41.10
C VAL A 324 1.76 -0.29 42.43
N ASP A 325 2.10 0.68 43.29
CA ASP A 325 2.72 0.38 44.57
C ASP A 325 3.84 -0.66 44.38
N GLY A 326 4.50 -0.64 43.24
CA GLY A 326 5.58 -1.59 42.98
C GLY A 326 5.09 -3.01 42.73
N VAL A 327 3.81 -3.13 42.40
CA VAL A 327 3.21 -4.41 42.12
C VAL A 327 2.74 -4.45 40.68
N LYS A 328 3.16 -5.47 39.95
CA LYS A 328 2.78 -5.62 38.56
C LYS A 328 1.32 -6.13 38.49
N VAL A 329 0.40 -5.30 38.02
CA VAL A 329 -1.00 -5.71 37.91
C VAL A 329 -1.48 -5.86 36.46
N LEU A 330 -2.47 -6.74 36.30
CA LEU A 330 -3.08 -7.01 35.01
C LEU A 330 -4.51 -6.48 35.07
N GLN A 331 -4.89 -5.63 34.12
CA GLN A 331 -6.24 -5.09 34.08
C GLN A 331 -6.94 -5.75 32.93
N LEU A 332 -8.26 -5.95 33.05
CA LEU A 332 -9.06 -6.55 31.96
C LEU A 332 -10.06 -5.49 31.47
N GLU A 333 -9.94 -5.09 30.21
CA GLU A 333 -10.79 -4.03 29.66
C GLU A 333 -11.06 -4.10 28.14
N THR A 334 -12.29 -3.78 27.72
CA THR A 334 -12.58 -3.80 26.28
C THR A 334 -12.75 -2.39 25.73
N ALA A 335 -13.06 -2.30 24.44
CA ALA A 335 -13.23 -1.02 23.74
C ALA A 335 -14.65 -0.91 23.19
N ALA A 336 -15.21 0.29 23.26
CA ALA A 336 -16.57 0.54 22.77
C ALA A 336 -16.67 0.23 21.28
N GLY A 337 -15.89 0.94 20.47
CA GLY A 337 -15.90 0.72 19.04
C GLY A 337 -15.96 -0.76 18.66
N ALA A 338 -15.50 -1.63 19.57
CA ALA A 338 -15.50 -3.06 19.29
C ALA A 338 -16.87 -3.73 19.27
N ALA A 339 -17.87 -3.09 19.88
CA ALA A 339 -19.21 -3.65 19.90
C ALA A 339 -19.88 -3.66 18.51
N ILE A 340 -19.33 -2.87 17.58
CA ILE A 340 -19.91 -2.74 16.25
C ILE A 340 -20.18 -4.05 15.50
N ARG A 341 -19.41 -5.10 15.80
CA ARG A 341 -19.57 -6.37 15.08
C ARG A 341 -20.75 -7.23 15.50
N PHE A 342 -21.43 -6.85 16.57
CA PHE A 342 -22.55 -7.65 17.07
C PHE A 342 -23.90 -7.04 16.73
N PHE A 343 -23.90 -5.92 16.00
CA PHE A 343 -25.15 -5.25 15.65
C PHE A 343 -25.53 -5.40 14.17
N ASP A 344 -26.83 -5.42 13.91
CA ASP A 344 -27.32 -5.58 12.53
C ASP A 344 -26.98 -4.37 11.67
N ASN A 345 -26.65 -4.62 10.41
CA ASN A 345 -26.34 -3.56 9.45
C ASN A 345 -25.23 -2.60 9.89
N ALA A 346 -24.44 -3.01 10.87
CA ALA A 346 -23.33 -2.21 11.39
C ALA A 346 -22.51 -1.60 10.24
N ILE A 347 -22.02 -0.39 10.43
CA ILE A 347 -21.22 0.25 9.41
C ILE A 347 -20.35 1.32 9.99
N GLY A 348 -19.46 1.82 9.13
CA GLY A 348 -18.62 2.92 9.53
C GLY A 348 -19.00 4.04 8.60
N VAL A 349 -18.75 5.27 9.03
CA VAL A 349 -18.99 6.42 8.17
C VAL A 349 -17.72 7.23 8.26
N ASN A 350 -17.06 7.43 7.12
CA ASN A 350 -15.82 8.19 7.09
C ASN A 350 -16.12 9.68 7.05
N VAL A 351 -15.89 10.33 8.20
CA VAL A 351 -16.18 11.75 8.37
C VAL A 351 -14.99 12.73 8.28
N PRO A 352 -15.28 14.02 8.07
CA PRO A 352 -14.20 15.02 7.98
C PRO A 352 -13.50 15.13 9.33
N ARG A 353 -12.19 15.35 9.33
CA ARG A 353 -11.42 15.47 10.57
C ARG A 353 -11.90 16.55 11.49
N SER A 354 -12.85 17.34 11.03
CA SER A 354 -13.39 18.38 11.88
C SER A 354 -14.11 17.68 13.04
N ARG A 355 -14.55 16.43 12.83
CA ARG A 355 -15.23 15.68 13.90
C ARG A 355 -14.29 15.02 14.92
N PHE A 356 -12.98 15.16 14.70
CA PHE A 356 -11.99 14.59 15.62
C PHE A 356 -10.95 15.64 15.99
N LEU A 357 -11.10 16.24 17.16
CA LEU A 357 -10.19 17.25 17.69
C LEU A 357 -10.04 17.02 19.20
N PRO A 358 -9.28 15.99 19.58
CA PRO A 358 -9.09 15.70 21.01
C PRO A 358 -8.08 16.59 21.71
N VAL A 359 -8.34 16.80 22.99
CA VAL A 359 -7.49 17.57 23.88
C VAL A 359 -6.80 16.49 24.73
N LYS A 360 -5.77 15.88 24.17
CA LYS A 360 -5.07 14.81 24.88
C LYS A 360 -4.01 15.37 25.79
N ALA A 361 -3.52 16.55 25.44
CA ALA A 361 -2.49 17.24 26.21
C ALA A 361 -2.67 18.75 26.17
N SER A 362 -1.92 19.43 27.04
CA SER A 362 -1.98 20.86 27.15
C SER A 362 -1.76 21.56 25.82
N SER A 363 -1.06 20.89 24.92
CA SER A 363 -0.80 21.50 23.62
C SER A 363 -2.13 21.63 22.87
N ASP A 364 -3.14 20.82 23.24
CA ASP A 364 -4.42 20.92 22.53
C ASP A 364 -5.24 22.11 23.02
N LEU A 365 -5.05 22.50 24.28
CA LEU A 365 -5.72 23.69 24.82
C LEU A 365 -5.22 24.90 24.01
N LEU A 366 -3.90 25.07 23.98
CA LEU A 366 -3.27 26.17 23.26
C LEU A 366 -3.86 26.21 21.86
N LEU A 367 -4.05 25.03 21.29
CA LEU A 367 -4.66 24.94 19.97
C LEU A 367 -6.02 25.60 20.01
N VAL A 368 -6.80 25.27 21.04
CA VAL A 368 -8.18 25.78 21.12
C VAL A 368 -8.47 27.02 21.98
N GLN A 369 -7.50 27.43 22.80
CA GLN A 369 -7.72 28.60 23.65
C GLN A 369 -7.17 29.88 23.01
N SER A 370 -6.57 29.72 21.82
CA SER A 370 -6.01 30.84 21.10
C SER A 370 -7.04 31.32 20.08
N ASP A 371 -6.70 32.35 19.31
CA ASP A 371 -7.63 32.88 18.30
C ASP A 371 -7.96 31.93 17.15
N LEU A 372 -7.49 30.68 17.24
CA LEU A 372 -7.78 29.70 16.21
C LEU A 372 -9.23 29.26 16.31
N TYR A 373 -9.81 29.48 17.49
CA TYR A 373 -11.19 29.12 17.81
C TYR A 373 -11.86 30.17 18.72
N THR A 374 -13.17 30.11 18.80
CA THR A 374 -13.95 30.99 19.65
C THR A 374 -15.19 30.23 20.13
N LEU A 375 -15.76 30.69 21.23
CA LEU A 375 -16.96 30.08 21.77
C LEU A 375 -18.17 30.78 21.13
N VAL A 376 -19.00 29.99 20.43
CA VAL A 376 -20.20 30.49 19.78
C VAL A 376 -21.38 29.62 20.20
N ASP A 377 -22.14 30.09 21.18
CA ASP A 377 -23.29 29.36 21.69
C ASP A 377 -22.90 27.98 22.20
N GLY A 378 -21.89 27.94 23.07
CA GLY A 378 -21.43 26.68 23.64
C GLY A 378 -20.60 25.82 22.71
N PHE A 379 -20.58 26.16 21.43
CA PHE A 379 -19.82 25.38 20.46
C PHE A 379 -18.42 25.95 20.22
N VAL A 380 -17.41 25.09 20.23
CA VAL A 380 -16.03 25.52 19.99
C VAL A 380 -15.89 25.68 18.49
N THR A 381 -16.03 26.92 18.06
CA THR A 381 -16.03 27.33 16.66
C THR A 381 -14.68 27.82 16.12
N ARG A 382 -14.25 27.22 15.01
CA ARG A 382 -12.97 27.52 14.39
C ARG A 382 -12.96 28.90 13.70
N ASN A 383 -11.81 29.56 13.74
CA ASN A 383 -11.59 30.88 13.14
C ASN A 383 -11.76 30.83 11.61
N LYS A 384 -12.61 31.69 11.08
CA LYS A 384 -12.87 31.76 9.64
C LYS A 384 -11.66 32.19 8.79
N ALA A 385 -10.81 33.02 9.37
CA ALA A 385 -9.62 33.50 8.68
C ALA A 385 -8.73 32.33 8.26
N ARG A 386 -8.54 31.37 9.15
CA ARG A 386 -7.71 30.20 8.82
C ARG A 386 -8.37 29.43 7.69
N THR A 387 -7.89 29.65 6.47
CA THR A 387 -8.44 28.97 5.30
C THR A 387 -7.92 27.55 5.22
N ASN A 388 -6.77 27.31 5.85
CA ASN A 388 -6.22 25.96 5.83
C ASN A 388 -7.09 25.06 6.69
N PRO A 389 -7.50 23.90 6.17
CA PRO A 389 -8.34 22.93 6.88
C PRO A 389 -7.59 22.32 8.07
N SER A 390 -6.32 22.00 7.86
CA SER A 390 -5.47 21.40 8.88
C SER A 390 -5.09 22.38 9.98
N ASN A 391 -5.15 21.91 11.23
CA ASN A 391 -4.77 22.77 12.35
C ASN A 391 -3.26 22.75 12.54
N PRO A 392 -2.72 23.82 13.11
CA PRO A 392 -1.27 23.84 13.34
C PRO A 392 -0.86 22.70 14.27
N SER A 393 0.24 22.06 13.94
CA SER A 393 0.74 20.97 14.75
C SER A 393 1.46 21.63 15.93
N ILE A 394 1.27 21.11 17.14
CA ILE A 394 1.89 21.69 18.33
C ILE A 394 2.60 20.66 19.19
N GLU A 395 3.85 20.98 19.52
CA GLU A 395 4.71 20.12 20.32
C GLU A 395 5.32 20.88 21.50
N LEU A 396 5.07 20.42 22.72
CA LEU A 396 5.57 21.06 23.96
C LEU A 396 6.24 20.05 24.92
N GLY A 397 7.36 20.43 25.53
CA GLY A 397 8.02 19.54 26.48
C GLY A 397 7.18 19.25 27.72
N PRO A 398 7.61 18.34 28.63
CA PRO A 398 6.86 18.00 29.85
C PRO A 398 6.49 19.20 30.70
N GLU A 399 7.42 20.15 30.81
CA GLU A 399 7.25 21.41 31.56
C GLU A 399 5.81 21.94 31.45
N PHE A 400 5.18 21.72 30.30
CA PHE A 400 3.80 22.18 30.03
C PHE A 400 2.66 21.16 30.30
N LYS A 401 3.02 19.90 30.53
CA LYS A 401 2.08 18.83 30.76
C LYS A 401 0.96 19.14 31.76
N LYS A 402 1.35 19.63 32.93
CA LYS A 402 0.40 19.98 34.00
C LYS A 402 -0.39 21.23 33.63
N VAL A 403 -1.71 21.18 33.79
CA VAL A 403 -2.53 22.34 33.45
C VAL A 403 -2.14 23.60 34.25
N ALA A 404 -1.92 23.45 35.54
CA ALA A 404 -1.57 24.62 36.34
C ALA A 404 -0.31 25.31 35.81
N THR A 405 0.69 24.51 35.49
CA THR A 405 1.95 25.05 35.02
C THR A 405 1.82 25.62 33.63
N PHE A 406 1.08 24.90 32.79
CA PHE A 406 0.84 25.32 31.42
C PHE A 406 0.37 26.77 31.36
N LEU A 407 -0.64 27.09 32.16
CA LEU A 407 -1.17 28.43 32.17
C LEU A 407 -0.25 29.36 32.94
N SER A 408 0.54 28.79 33.86
CA SER A 408 1.45 29.62 34.65
C SER A 408 2.62 30.00 33.77
N ARG A 409 2.79 29.28 32.65
CA ARG A 409 3.85 29.60 31.73
C ARG A 409 3.39 30.44 30.55
N PHE A 410 2.12 30.85 30.56
CA PHE A 410 1.57 31.71 29.49
C PHE A 410 0.85 32.96 30.05
N LYS A 411 1.43 34.14 29.85
CA LYS A 411 0.78 35.37 30.31
C LYS A 411 -0.54 35.43 29.56
N SER A 412 -0.47 35.29 28.23
CA SER A 412 -1.67 35.25 27.40
C SER A 412 -1.45 34.14 26.37
N ILE A 413 -2.54 33.53 25.90
CA ILE A 413 -2.40 32.45 24.93
C ILE A 413 -1.94 33.00 23.60
N PRO A 414 -0.81 32.48 23.06
CA PRO A 414 -0.24 32.90 21.78
C PRO A 414 -1.22 33.02 20.62
N SER A 415 -0.98 34.01 19.75
CA SER A 415 -1.83 34.16 18.57
C SER A 415 -1.24 33.11 17.61
N ILE A 416 -2.09 32.23 17.08
CA ILE A 416 -1.65 31.17 16.16
C ILE A 416 -2.45 31.06 14.87
N VAL A 417 -3.00 32.19 14.43
CA VAL A 417 -3.79 32.24 13.20
C VAL A 417 -3.04 31.68 12.01
N GLU A 418 -1.86 32.23 11.74
CA GLU A 418 -1.06 31.78 10.60
C GLU A 418 0.08 30.84 10.97
N LEU A 419 -0.13 30.13 12.07
CA LEU A 419 0.86 29.18 12.55
C LEU A 419 0.87 27.93 11.69
N ASP A 420 2.07 27.46 11.36
CA ASP A 420 2.20 26.24 10.56
C ASP A 420 2.33 25.09 11.52
N SER A 421 3.35 25.17 12.38
CA SER A 421 3.63 24.11 13.32
C SER A 421 4.56 24.63 14.44
N LEU A 422 4.18 24.38 15.70
CA LEU A 422 5.00 24.81 16.85
C LEU A 422 5.68 23.68 17.62
N LYS A 423 6.96 23.88 17.91
CA LYS A 423 7.73 22.93 18.74
C LYS A 423 8.49 23.73 19.83
N VAL A 424 8.41 23.26 21.07
CA VAL A 424 9.09 23.91 22.20
C VAL A 424 9.87 22.94 23.08
N SER A 425 11.12 23.28 23.42
CA SER A 425 11.91 22.40 24.27
C SER A 425 12.53 23.15 25.47
N GLY A 426 12.85 22.40 26.51
CA GLY A 426 13.47 22.98 27.69
C GLY A 426 12.64 24.01 28.47
N ASP A 427 13.34 24.80 29.27
CA ASP A 427 12.68 25.78 30.12
C ASP A 427 12.34 27.11 29.44
N VAL A 428 11.21 27.13 28.73
CA VAL A 428 10.74 28.30 28.01
C VAL A 428 9.50 28.96 28.65
N TRP A 429 9.46 30.30 28.61
CA TRP A 429 8.34 31.10 29.13
C TRP A 429 7.94 32.11 28.07
N PHE A 430 6.64 32.24 27.81
CA PHE A 430 6.10 33.17 26.79
C PHE A 430 5.34 34.36 27.39
N GLY A 431 5.71 35.58 26.98
CA GLY A 431 5.01 36.76 27.45
C GLY A 431 3.60 36.80 26.86
N SER A 432 2.94 37.95 26.95
CA SER A 432 1.59 38.09 26.41
C SER A 432 1.60 38.90 25.12
N SER A 433 0.55 38.73 24.33
CA SER A 433 0.38 39.43 23.05
C SER A 433 1.37 38.99 21.95
N ILE A 434 1.87 37.76 22.05
CA ILE A 434 2.81 37.24 21.06
C ILE A 434 2.06 36.67 19.88
N VAL A 435 2.66 36.74 18.70
CA VAL A 435 2.02 36.19 17.50
C VAL A 435 2.96 35.16 16.88
N LEU A 436 2.40 34.01 16.51
CA LEU A 436 3.16 32.91 15.94
C LEU A 436 2.71 32.55 14.52
N LYS A 437 3.67 32.34 13.63
CA LYS A 437 3.37 32.01 12.24
C LYS A 437 4.42 31.09 11.61
N GLY A 438 4.01 30.36 10.57
CA GLY A 438 4.92 29.47 9.88
C GLY A 438 5.43 28.36 10.78
N LYS A 439 6.67 27.96 10.55
CA LYS A 439 7.30 26.91 11.36
C LYS A 439 7.94 27.61 12.57
N VAL A 440 7.56 27.21 13.77
CA VAL A 440 8.09 27.82 14.98
C VAL A 440 8.76 26.83 15.92
N THR A 441 9.89 27.26 16.47
CA THR A 441 10.63 26.41 17.38
C THR A 441 11.50 27.19 18.37
N VAL A 442 11.42 26.79 19.64
CA VAL A 442 12.21 27.41 20.71
C VAL A 442 12.90 26.25 21.44
N ALA A 443 14.23 26.31 21.56
CA ALA A 443 14.96 25.23 22.20
C ALA A 443 15.92 25.65 23.33
N ALA A 444 15.48 25.48 24.58
CA ALA A 444 16.30 25.83 25.73
C ALA A 444 17.14 24.65 26.22
N LYS A 445 18.45 24.70 26.03
CA LYS A 445 19.32 23.62 26.45
C LYS A 445 19.26 23.37 27.96
N SER A 446 20.18 22.56 28.46
CA SER A 446 20.21 22.25 29.88
C SER A 446 20.77 23.44 30.67
N GLY A 447 20.13 23.72 31.81
CA GLY A 447 20.56 24.82 32.66
C GLY A 447 20.20 26.19 32.09
N VAL A 448 19.61 26.18 30.91
CA VAL A 448 19.21 27.44 30.29
C VAL A 448 17.72 27.66 30.45
N LYS A 449 17.33 28.92 30.51
CA LYS A 449 15.93 29.32 30.62
C LYS A 449 15.76 30.34 29.49
N LEU A 450 15.10 29.93 28.40
CA LEU A 450 14.88 30.81 27.26
C LEU A 450 13.46 31.36 27.22
N GLU A 451 13.32 32.60 26.76
CA GLU A 451 11.99 33.20 26.68
C GLU A 451 11.88 34.15 25.50
N ILE A 452 10.65 34.35 25.04
CA ILE A 452 10.34 35.28 23.94
C ILE A 452 9.52 36.37 24.60
N PRO A 453 9.92 37.64 24.45
CA PRO A 453 9.23 38.80 25.04
C PRO A 453 7.84 39.18 24.57
N ASP A 454 7.13 39.91 25.41
CA ASP A 454 5.78 40.37 25.14
C ASP A 454 5.65 41.08 23.79
N ARG A 455 4.60 40.70 23.05
CA ARG A 455 4.26 41.24 21.73
C ARG A 455 5.23 40.95 20.57
N ALA A 456 5.97 39.85 20.67
CA ALA A 456 6.89 39.49 19.58
C ALA A 456 6.11 38.80 18.47
N VAL A 457 6.64 38.87 17.25
CA VAL A 457 6.01 38.21 16.12
C VAL A 457 6.95 37.12 15.62
N VAL A 458 6.46 35.89 15.59
CA VAL A 458 7.25 34.74 15.18
C VAL A 458 6.79 34.26 13.79
N GLU A 459 7.76 34.15 12.87
CA GLU A 459 7.54 33.71 11.49
C GLU A 459 8.65 32.69 11.13
N ASN A 460 8.25 31.45 10.80
CA ASN A 460 9.20 30.38 10.45
C ASN A 460 10.58 30.66 11.04
N LYS A 461 10.61 30.95 12.34
CA LYS A 461 11.83 31.29 13.07
C LYS A 461 12.25 30.13 14.00
N ASN A 462 13.55 29.83 14.04
CA ASN A 462 14.07 28.76 14.89
C ASN A 462 14.98 29.27 16.00
N ILE A 463 14.40 29.57 17.15
CA ILE A 463 15.14 30.09 18.31
C ILE A 463 15.72 28.97 19.16
N ASN A 464 16.99 28.68 18.90
CA ASN A 464 17.71 27.62 19.57
C ASN A 464 18.54 28.08 20.77
N GLY A 465 18.43 29.35 21.12
CA GLY A 465 19.18 29.86 22.26
C GLY A 465 19.15 31.36 22.37
N PRO A 466 19.91 31.93 23.31
CA PRO A 466 19.95 33.38 23.51
C PRO A 466 20.45 34.10 22.25
N GLU A 467 21.34 33.43 21.51
CA GLU A 467 21.90 34.00 20.29
C GLU A 467 20.83 34.32 19.25
N ASP A 468 19.67 33.69 19.40
CA ASP A 468 18.59 33.89 18.45
C ASP A 468 17.56 34.88 18.98
N LEU A 469 18.01 35.78 19.85
CA LEU A 469 17.17 36.81 20.45
C LEU A 469 16.08 36.16 21.27
N LEU B 8 42.73 -5.37 -13.02
CA LEU B 8 44.17 -5.70 -12.98
C LEU B 8 44.82 -5.61 -14.37
N PRO B 9 46.14 -5.34 -14.42
CA PRO B 9 46.95 -5.22 -15.64
C PRO B 9 47.15 -6.54 -16.37
N GLN B 10 47.15 -7.64 -15.62
CA GLN B 10 47.33 -8.96 -16.19
C GLN B 10 46.10 -9.38 -17.00
N LEU B 11 44.94 -8.85 -16.60
CA LEU B 11 43.70 -9.15 -17.31
C LEU B 11 43.71 -8.42 -18.65
N LYS B 12 44.07 -7.14 -18.61
CA LYS B 12 44.14 -6.34 -19.83
C LYS B 12 45.25 -6.94 -20.66
N SER B 13 46.25 -7.46 -19.96
CA SER B 13 47.39 -8.09 -20.59
C SER B 13 46.89 -9.19 -21.53
N ALA B 14 46.18 -10.15 -20.95
CA ALA B 14 45.62 -11.29 -21.67
C ALA B 14 44.60 -10.85 -22.74
N VAL B 15 43.58 -10.11 -22.32
CA VAL B 15 42.58 -9.68 -23.28
C VAL B 15 43.24 -8.97 -24.46
N ASP B 16 44.21 -8.09 -24.21
CA ASP B 16 44.86 -7.39 -25.31
C ASP B 16 45.51 -8.36 -26.28
N GLY B 17 45.80 -9.57 -25.81
CA GLY B 17 46.37 -10.58 -26.68
C GLY B 17 45.33 -11.31 -27.50
N LEU B 18 44.06 -11.15 -27.13
CA LEU B 18 42.98 -11.82 -27.85
C LEU B 18 42.68 -11.11 -29.15
N THR B 19 43.40 -11.53 -30.20
CA THR B 19 43.25 -10.94 -31.52
C THR B 19 41.90 -11.21 -32.16
N GLU B 20 41.14 -12.15 -31.60
CA GLU B 20 39.81 -12.49 -32.12
C GLU B 20 38.80 -11.38 -31.87
N MET B 21 38.99 -10.65 -30.78
CA MET B 21 38.10 -9.53 -30.47
C MET B 21 38.50 -8.35 -31.34
N SER B 22 37.55 -7.44 -31.57
CA SER B 22 37.81 -6.24 -32.33
C SER B 22 38.40 -5.25 -31.33
N GLU B 23 38.96 -4.15 -31.84
CA GLU B 23 39.53 -3.14 -30.96
C GLU B 23 38.46 -2.66 -29.99
N SER B 24 37.29 -2.41 -30.54
CA SER B 24 36.16 -1.95 -29.78
C SER B 24 35.76 -2.92 -28.66
N GLU B 25 35.70 -4.21 -28.94
CA GLU B 25 35.33 -5.18 -27.92
C GLU B 25 36.31 -5.10 -26.77
N LYS B 26 37.61 -5.11 -27.08
CA LYS B 26 38.62 -5.03 -26.03
C LYS B 26 38.36 -3.86 -25.07
N SER B 27 38.14 -2.67 -25.64
CA SER B 27 37.86 -1.46 -24.85
C SER B 27 36.60 -1.64 -23.99
N GLY B 28 35.55 -2.19 -24.59
CA GLY B 28 34.32 -2.41 -23.86
C GLY B 28 34.58 -3.30 -22.64
N PHE B 29 35.11 -4.49 -22.91
CA PHE B 29 35.39 -5.46 -21.86
C PHE B 29 36.29 -4.91 -20.76
N ILE B 30 37.47 -4.43 -21.13
CA ILE B 30 38.37 -3.88 -20.13
C ILE B 30 37.59 -2.92 -19.24
N SER B 31 36.90 -1.98 -19.88
CA SER B 31 36.09 -0.99 -19.18
C SER B 31 35.20 -1.71 -18.19
N LEU B 32 34.48 -2.71 -18.68
CA LEU B 32 33.58 -3.49 -17.85
C LEU B 32 34.32 -3.99 -16.61
N VAL B 33 35.23 -4.94 -16.82
CA VAL B 33 36.01 -5.50 -15.72
C VAL B 33 36.58 -4.39 -14.83
N SER B 34 37.10 -3.34 -15.45
CA SER B 34 37.65 -2.22 -14.69
C SER B 34 36.66 -1.84 -13.59
N ARG B 35 35.43 -1.56 -14.00
CA ARG B 35 34.35 -1.20 -13.07
C ARG B 35 34.12 -2.34 -12.10
N TYR B 36 34.19 -3.56 -12.62
CA TYR B 36 33.96 -4.75 -11.82
C TYR B 36 34.98 -4.90 -10.69
N LEU B 37 36.25 -4.89 -11.05
CA LEU B 37 37.32 -5.02 -10.05
C LEU B 37 37.58 -3.69 -9.36
N ILE B 44 23.66 0.23 -2.10
CA ILE B 44 22.43 1.01 -2.20
C ILE B 44 21.73 1.12 -0.85
N GLU B 45 21.56 2.35 -0.38
CA GLU B 45 20.89 2.60 0.90
C GLU B 45 19.41 2.40 0.69
N TRP B 46 18.79 1.60 1.55
CA TRP B 46 17.38 1.30 1.45
C TRP B 46 16.48 2.47 1.86
N SER B 47 16.90 3.24 2.87
CA SER B 47 16.09 4.35 3.35
C SER B 47 15.91 5.46 2.30
N LYS B 48 16.89 5.61 1.40
CA LYS B 48 16.85 6.66 0.36
C LYS B 48 15.93 6.38 -0.83
N ILE B 49 15.41 5.15 -0.89
CA ILE B 49 14.51 4.74 -1.96
C ILE B 49 13.15 5.42 -1.93
N GLN B 50 12.82 6.15 -2.97
CA GLN B 50 11.50 6.76 -3.06
C GLN B 50 10.64 5.98 -4.03
N THR B 51 9.34 5.95 -3.74
CA THR B 51 8.39 5.27 -4.60
C THR B 51 8.17 6.14 -5.81
N PRO B 52 7.96 5.50 -6.98
CA PRO B 52 7.73 6.24 -8.22
C PRO B 52 6.51 7.14 -8.14
N THR B 53 6.69 8.42 -8.49
CA THR B 53 5.56 9.35 -8.54
C THR B 53 5.00 9.26 -9.97
N ASP B 54 3.71 9.58 -10.12
CA ASP B 54 3.05 9.55 -11.42
C ASP B 54 3.65 10.45 -12.49
N GLU B 55 4.53 11.37 -12.11
CA GLU B 55 5.17 12.24 -13.09
C GLU B 55 6.52 11.62 -13.54
N ILE B 56 6.92 10.52 -12.91
CA ILE B 56 8.18 9.85 -13.29
C ILE B 56 7.88 8.50 -13.98
N VAL B 57 6.88 7.79 -13.45
CA VAL B 57 6.44 6.53 -14.05
C VAL B 57 5.04 6.91 -14.46
N VAL B 58 4.91 7.32 -15.72
CA VAL B 58 3.64 7.82 -16.25
C VAL B 58 2.56 6.77 -16.57
N PRO B 59 1.37 6.87 -15.93
CA PRO B 59 0.35 5.88 -16.26
C PRO B 59 0.00 6.04 -17.74
N TYR B 60 -0.32 4.95 -18.42
CA TYR B 60 -0.62 5.03 -19.85
C TYR B 60 -1.75 6.00 -20.15
N GLU B 61 -2.80 5.93 -19.33
CA GLU B 61 -3.96 6.79 -19.51
C GLU B 61 -3.66 8.25 -19.17
N LYS B 62 -2.49 8.51 -18.61
CA LYS B 62 -2.15 9.88 -18.30
C LYS B 62 -1.57 10.56 -19.52
N MET B 63 -0.92 9.79 -20.39
CA MET B 63 -0.36 10.43 -21.57
C MET B 63 -1.44 11.02 -22.48
N THR B 64 -1.03 11.87 -23.41
CA THR B 64 -1.94 12.50 -24.36
C THR B 64 -1.92 11.62 -25.61
N PRO B 65 -3.09 11.21 -26.09
CA PRO B 65 -3.17 10.35 -27.29
C PRO B 65 -2.92 10.99 -28.66
N VAL B 66 -2.55 10.12 -29.60
CA VAL B 66 -2.33 10.59 -30.96
C VAL B 66 -3.75 10.88 -31.48
N SER B 67 -3.88 11.94 -32.27
CA SER B 67 -5.16 12.33 -32.86
C SER B 67 -5.52 11.36 -33.97
N GLN B 68 -6.63 11.65 -34.64
CA GLN B 68 -7.10 10.84 -35.74
C GLN B 68 -6.50 11.24 -37.09
N ASP B 69 -5.47 12.08 -37.10
CA ASP B 69 -4.86 12.51 -38.39
C ASP B 69 -3.79 11.52 -38.85
N VAL B 70 -3.95 10.96 -40.06
CA VAL B 70 -3.02 9.94 -40.59
C VAL B 70 -1.61 10.45 -40.75
N ALA B 71 -1.51 11.72 -41.11
CA ALA B 71 -0.19 12.35 -41.24
C ALA B 71 0.47 12.53 -39.85
N GLU B 72 -0.30 12.35 -38.76
CA GLU B 72 0.30 12.47 -37.43
C GLU B 72 1.17 11.23 -37.23
N THR B 73 0.53 10.06 -37.18
CA THR B 73 1.29 8.82 -37.04
C THR B 73 2.49 8.79 -38.01
N LYS B 74 2.23 9.10 -39.27
CA LYS B 74 3.28 9.12 -40.29
C LYS B 74 4.46 9.98 -39.80
N ASN B 75 4.15 11.21 -39.37
CA ASN B 75 5.16 12.13 -38.87
C ASN B 75 5.94 11.48 -37.71
N LEU B 76 5.21 10.91 -36.74
CA LEU B 76 5.86 10.24 -35.61
C LEU B 76 6.70 9.04 -36.07
N LEU B 77 6.11 8.19 -36.89
CA LEU B 77 6.82 7.00 -37.39
C LEU B 77 8.08 7.35 -38.19
N ASP B 78 8.09 8.51 -38.86
CA ASP B 78 9.26 8.89 -39.66
C ASP B 78 10.50 9.11 -38.75
N LYS B 79 10.30 9.09 -37.44
CA LYS B 79 11.43 9.33 -36.54
C LYS B 79 11.87 8.04 -35.86
N LEU B 80 11.38 6.92 -36.36
CA LEU B 80 11.63 5.65 -35.71
C LEU B 80 12.45 4.53 -36.36
N VAL B 81 13.17 3.79 -35.51
CA VAL B 81 13.94 2.61 -35.88
C VAL B 81 13.42 1.55 -34.90
N VAL B 82 13.00 0.40 -35.42
CA VAL B 82 12.55 -0.66 -34.52
C VAL B 82 13.71 -1.64 -34.39
N LEU B 83 14.05 -1.97 -33.13
CA LEU B 83 15.12 -2.88 -32.79
C LEU B 83 14.58 -4.07 -31.99
N LYS B 84 15.14 -5.26 -32.29
CA LYS B 84 14.76 -6.46 -31.57
C LYS B 84 16.02 -7.14 -31.07
N LEU B 85 16.03 -7.51 -29.79
CA LEU B 85 17.18 -8.20 -29.18
C LEU B 85 17.05 -9.65 -29.68
N ASN B 86 18.04 -10.08 -30.47
CA ASN B 86 17.99 -11.39 -31.12
C ASN B 86 19.31 -12.16 -31.03
N GLY B 87 19.96 -12.12 -29.89
CA GLY B 87 21.24 -12.80 -29.76
C GLY B 87 21.18 -14.11 -29.02
N GLY B 88 19.96 -14.48 -28.61
CA GLY B 88 19.78 -15.72 -27.88
C GLY B 88 19.35 -16.93 -28.69
N LEU B 89 19.69 -18.13 -28.18
CA LEU B 89 19.36 -19.40 -28.81
C LEU B 89 18.06 -20.02 -28.28
N GLY B 90 17.52 -20.98 -29.01
CA GLY B 90 16.29 -21.63 -28.56
C GLY B 90 16.61 -22.84 -27.70
N THR B 91 17.86 -22.95 -27.26
CA THR B 91 18.25 -24.09 -26.44
C THR B 91 17.36 -24.37 -25.20
N THR B 92 16.85 -23.32 -24.57
CA THR B 92 16.00 -23.54 -23.39
C THR B 92 14.67 -24.19 -23.75
N MET B 93 14.30 -24.13 -25.03
CA MET B 93 13.05 -24.76 -25.47
C MET B 93 13.38 -25.85 -26.49
N GLY B 94 14.60 -26.38 -26.36
CA GLY B 94 15.06 -27.44 -27.25
C GLY B 94 15.06 -27.20 -28.75
N CYS B 95 15.43 -26.00 -29.17
CA CYS B 95 15.48 -25.66 -30.59
C CYS B 95 16.90 -25.22 -30.97
N THR B 96 17.40 -25.78 -32.07
CA THR B 96 18.75 -25.52 -32.56
C THR B 96 19.30 -24.12 -32.70
N GLY B 97 18.69 -23.32 -33.57
CA GLY B 97 19.19 -21.98 -33.81
C GLY B 97 18.68 -20.83 -32.95
N PRO B 98 18.60 -19.61 -33.51
CA PRO B 98 18.13 -18.43 -32.79
C PRO B 98 16.74 -18.66 -32.20
N LYS B 99 16.46 -18.06 -31.05
CA LYS B 99 15.14 -18.18 -30.43
C LYS B 99 14.08 -17.66 -31.42
N SER B 100 14.45 -16.60 -32.15
CA SER B 100 13.54 -16.00 -33.10
C SER B 100 13.09 -16.92 -34.26
N VAL B 101 13.70 -18.10 -34.40
CA VAL B 101 13.34 -19.00 -35.49
C VAL B 101 12.25 -20.01 -35.15
N ILE B 102 11.80 -19.99 -33.91
CA ILE B 102 10.71 -20.86 -33.50
C ILE B 102 9.42 -20.33 -34.20
N GLU B 103 8.55 -21.24 -34.65
CA GLU B 103 7.31 -20.84 -35.30
C GLU B 103 6.26 -20.50 -34.26
N VAL B 104 5.61 -19.35 -34.45
CA VAL B 104 4.59 -18.85 -33.54
C VAL B 104 3.29 -19.59 -33.73
N ARG B 105 2.63 -19.35 -34.87
CA ARG B 105 1.38 -20.03 -35.23
C ARG B 105 1.20 -19.85 -36.73
N ASP B 106 0.72 -20.88 -37.40
CA ASP B 106 0.48 -20.82 -38.84
C ASP B 106 1.77 -20.88 -39.67
N GLY B 107 2.80 -21.50 -39.13
CA GLY B 107 4.07 -21.63 -39.83
C GLY B 107 4.88 -20.34 -39.91
N LEU B 108 4.47 -19.31 -39.17
CA LEU B 108 5.19 -18.03 -39.17
C LEU B 108 5.90 -17.83 -37.84
N THR B 109 7.23 -17.73 -37.90
CA THR B 109 8.03 -17.55 -36.70
C THR B 109 7.88 -16.14 -36.12
N PHE B 110 8.75 -15.85 -35.16
CA PHE B 110 8.79 -14.54 -34.51
C PHE B 110 9.38 -13.58 -35.53
N LEU B 111 10.50 -13.98 -36.15
CA LEU B 111 11.12 -13.11 -37.16
C LEU B 111 10.14 -12.86 -38.33
N ASP B 112 9.35 -13.86 -38.71
CA ASP B 112 8.39 -13.64 -39.80
C ASP B 112 7.36 -12.58 -39.36
N LEU B 113 6.84 -12.74 -38.14
CA LEU B 113 5.82 -11.80 -37.66
C LEU B 113 6.41 -10.41 -37.57
N ILE B 114 7.64 -10.34 -37.06
CA ILE B 114 8.31 -9.06 -36.95
C ILE B 114 8.42 -8.41 -38.32
N VAL B 115 8.86 -9.18 -39.31
CA VAL B 115 8.99 -8.65 -40.67
C VAL B 115 7.64 -8.21 -41.22
N ILE B 116 6.65 -9.09 -41.08
CA ILE B 116 5.32 -8.83 -41.59
C ILE B 116 4.72 -7.54 -41.06
N GLN B 117 5.00 -7.22 -39.79
CA GLN B 117 4.47 -6.01 -39.17
C GLN B 117 5.12 -4.72 -39.66
N ILE B 118 6.45 -4.66 -39.61
CA ILE B 118 7.12 -3.43 -40.05
C ILE B 118 6.69 -3.12 -41.50
N GLU B 119 6.60 -4.14 -42.35
CA GLU B 119 6.15 -3.94 -43.72
C GLU B 119 4.67 -3.49 -43.73
N ASN B 120 3.84 -4.07 -42.85
CA ASN B 120 2.42 -3.69 -42.79
C ASN B 120 2.21 -2.27 -42.24
N LEU B 121 3.20 -1.80 -41.49
CA LEU B 121 3.18 -0.45 -40.96
C LEU B 121 3.59 0.50 -42.09
N ASN B 122 4.56 0.08 -42.90
CA ASN B 122 5.06 0.90 -43.98
C ASN B 122 4.21 0.90 -45.26
N ASN B 123 3.31 -0.07 -45.37
CA ASN B 123 2.43 -0.10 -46.52
C ASN B 123 1.23 0.77 -46.19
N LYS B 124 0.81 0.70 -44.92
CA LYS B 124 -0.36 1.47 -44.48
C LYS B 124 -0.17 2.98 -44.51
N TYR B 125 1.03 3.44 -44.15
CA TYR B 125 1.31 4.88 -44.10
C TYR B 125 2.25 5.40 -45.17
N GLY B 126 3.02 4.52 -45.80
CA GLY B 126 3.95 4.97 -46.82
C GLY B 126 5.24 5.47 -46.21
N CYS B 127 5.48 5.10 -44.95
CA CYS B 127 6.69 5.49 -44.26
C CYS B 127 7.73 4.40 -44.56
N LYS B 128 8.94 4.58 -44.03
CA LYS B 128 10.01 3.63 -44.25
C LYS B 128 10.69 3.32 -42.91
N VAL B 129 9.94 2.70 -42.00
CA VAL B 129 10.48 2.35 -40.70
C VAL B 129 11.46 1.18 -40.83
N PRO B 130 12.75 1.42 -40.51
CA PRO B 130 13.70 0.30 -40.61
C PRO B 130 13.64 -0.63 -39.41
N LEU B 131 14.00 -1.88 -39.66
CA LEU B 131 14.12 -2.90 -38.62
C LEU B 131 15.62 -3.13 -38.47
N VAL B 132 16.05 -3.36 -37.24
CA VAL B 132 17.46 -3.64 -36.95
C VAL B 132 17.48 -4.75 -35.93
N LEU B 133 18.13 -5.86 -36.27
CA LEU B 133 18.22 -7.01 -35.36
C LEU B 133 19.61 -7.01 -34.72
N MET B 134 19.64 -7.11 -33.39
CA MET B 134 20.90 -7.21 -32.68
C MET B 134 21.06 -8.70 -32.46
N ASN B 135 22.07 -9.30 -33.11
CA ASN B 135 22.31 -10.73 -32.98
C ASN B 135 23.60 -10.92 -32.16
N SER B 136 23.98 -12.19 -31.92
CA SER B 136 25.22 -12.52 -31.22
C SER B 136 25.99 -13.52 -32.08
N PHE B 137 27.18 -13.95 -31.64
CA PHE B 137 27.91 -14.92 -32.44
C PHE B 137 27.17 -16.26 -32.60
N ASN B 138 26.16 -16.51 -31.77
CA ASN B 138 25.44 -17.78 -31.93
C ASN B 138 24.20 -17.60 -32.78
N THR B 139 24.00 -16.40 -33.33
CA THR B 139 22.85 -16.14 -34.18
C THR B 139 23.04 -15.31 -35.47
N HIS B 140 24.04 -14.44 -35.52
CA HIS B 140 24.20 -13.54 -36.69
C HIS B 140 24.31 -14.32 -37.97
N ASP B 141 25.38 -15.11 -38.00
CA ASP B 141 25.66 -16.02 -39.09
C ASP B 141 24.37 -16.48 -39.77
N ASP B 142 23.58 -17.26 -39.03
CA ASP B 142 22.31 -17.80 -39.51
C ASP B 142 21.33 -16.72 -39.90
N THR B 143 21.18 -15.73 -39.02
CA THR B 143 20.23 -14.65 -39.28
C THR B 143 20.42 -14.03 -40.65
N HIS B 144 21.68 -13.94 -41.07
CA HIS B 144 21.98 -13.35 -42.36
C HIS B 144 21.48 -14.30 -43.46
N LYS B 145 21.67 -15.60 -43.24
CA LYS B 145 21.22 -16.59 -44.21
C LYS B 145 19.69 -16.66 -44.18
N ILE B 146 19.09 -16.19 -43.09
CA ILE B 146 17.64 -16.24 -42.94
C ILE B 146 16.93 -15.00 -43.51
N VAL B 147 17.50 -13.81 -43.31
CA VAL B 147 16.82 -12.59 -43.78
C VAL B 147 16.64 -12.40 -45.29
N GLU B 148 17.38 -13.15 -46.09
CA GLU B 148 17.23 -13.01 -47.54
C GLU B 148 15.77 -13.16 -47.95
N LYS B 149 15.06 -14.04 -47.25
CA LYS B 149 13.64 -14.29 -47.55
C LYS B 149 12.84 -13.01 -47.79
N TYR B 150 13.21 -11.93 -47.11
CA TYR B 150 12.48 -10.67 -47.26
C TYR B 150 13.23 -9.52 -47.94
N THR B 151 14.20 -9.82 -48.80
CA THR B 151 14.96 -8.76 -49.50
C THR B 151 14.04 -7.74 -50.17
N ASN B 152 13.15 -8.26 -51.02
CA ASN B 152 12.20 -7.45 -51.78
C ASN B 152 11.03 -6.87 -51.00
N SER B 153 10.92 -7.19 -49.72
CA SER B 153 9.80 -6.69 -48.95
C SER B 153 10.00 -5.23 -48.54
N ASN B 154 8.93 -4.44 -48.61
CA ASN B 154 9.00 -3.03 -48.22
C ASN B 154 9.18 -3.05 -46.72
N VAL B 155 10.37 -3.47 -46.30
CA VAL B 155 10.68 -3.60 -44.90
C VAL B 155 12.19 -3.70 -44.69
N ASP B 156 12.89 -2.60 -45.03
CA ASP B 156 14.34 -2.51 -44.90
C ASP B 156 14.80 -3.18 -43.60
N ILE B 157 15.80 -4.05 -43.71
CA ILE B 157 16.33 -4.77 -42.56
C ILE B 157 17.82 -4.56 -42.38
N HIS B 158 18.20 -4.24 -41.15
CA HIS B 158 19.60 -4.02 -40.79
C HIS B 158 19.91 -5.08 -39.76
N THR B 159 21.12 -5.62 -39.82
CA THR B 159 21.52 -6.62 -38.82
C THR B 159 22.91 -6.29 -38.38
N PHE B 160 23.18 -6.35 -37.08
CA PHE B 160 24.53 -6.11 -36.57
C PHE B 160 24.86 -7.10 -35.48
N ASN B 161 26.15 -7.22 -35.16
CA ASN B 161 26.57 -8.17 -34.15
C ASN B 161 27.02 -7.50 -32.85
N GLN B 162 26.49 -7.96 -31.71
CA GLN B 162 26.88 -7.39 -30.42
C GLN B 162 28.25 -7.96 -30.01
N SER B 163 28.69 -7.64 -28.80
CA SER B 163 29.97 -8.08 -28.26
C SER B 163 30.08 -9.59 -27.99
N LYS B 164 31.29 -10.13 -28.05
CA LYS B 164 31.54 -11.56 -27.78
C LYS B 164 32.73 -11.61 -26.81
N TYR B 165 32.52 -11.05 -25.61
CA TYR B 165 33.59 -10.96 -24.63
C TYR B 165 34.02 -12.33 -24.11
N PRO B 166 35.15 -12.39 -23.38
CA PRO B 166 35.61 -13.68 -22.85
C PRO B 166 35.17 -14.04 -21.43
N ARG B 167 34.76 -15.29 -21.27
CA ARG B 167 34.38 -15.80 -19.97
C ARG B 167 35.65 -15.67 -19.15
N VAL B 168 35.50 -15.41 -17.86
CA VAL B 168 36.65 -15.19 -17.01
C VAL B 168 36.91 -16.30 -16.00
N VAL B 169 38.07 -16.94 -16.09
CA VAL B 169 38.41 -18.01 -15.14
C VAL B 169 38.37 -17.37 -13.74
N ALA B 170 37.30 -17.63 -13.02
CA ALA B 170 37.10 -17.06 -11.69
C ALA B 170 38.27 -17.19 -10.73
N ASP B 171 38.95 -18.33 -10.76
CA ASP B 171 40.08 -18.56 -9.86
C ASP B 171 41.19 -17.50 -9.94
N GLU B 172 41.95 -17.51 -11.03
CA GLU B 172 43.05 -16.56 -11.21
C GLU B 172 42.58 -15.25 -11.84
N PHE B 173 41.45 -15.33 -12.53
CA PHE B 173 40.84 -14.21 -13.23
C PHE B 173 41.61 -13.81 -14.48
N VAL B 174 41.65 -14.73 -15.44
CA VAL B 174 42.30 -14.50 -16.71
C VAL B 174 41.30 -14.96 -17.75
N PRO B 175 41.31 -14.35 -18.93
CA PRO B 175 40.33 -14.80 -19.92
C PRO B 175 40.52 -16.28 -20.16
N TRP B 176 39.52 -17.08 -19.86
CA TRP B 176 39.61 -18.52 -20.08
C TRP B 176 40.33 -18.68 -21.42
N PRO B 177 39.93 -17.91 -22.44
CA PRO B 177 40.55 -17.98 -23.77
C PRO B 177 42.06 -18.07 -23.63
N SER B 178 42.61 -17.20 -22.81
CA SER B 178 44.04 -17.15 -22.55
C SER B 178 44.53 -18.52 -22.06
N LYS B 179 43.60 -19.35 -21.59
CA LYS B 179 43.91 -20.69 -21.12
C LYS B 179 43.57 -21.73 -22.19
N GLY B 180 43.72 -21.32 -23.45
CA GLY B 180 43.45 -22.21 -24.57
C GLY B 180 41.99 -22.39 -24.97
N LYS B 181 41.06 -21.98 -24.12
CA LYS B 181 39.64 -22.13 -24.42
C LYS B 181 39.22 -21.13 -25.50
N THR B 182 39.66 -21.38 -26.73
CA THR B 182 39.33 -20.50 -27.84
C THR B 182 38.03 -20.84 -28.56
N ASP B 183 37.46 -21.99 -28.23
CA ASP B 183 36.20 -22.42 -28.84
C ASP B 183 35.05 -21.50 -28.36
N LYS B 184 33.84 -21.69 -28.88
CA LYS B 184 32.70 -20.83 -28.50
C LYS B 184 32.40 -20.71 -26.99
N GLU B 185 32.45 -21.83 -26.27
CA GLU B 185 32.15 -21.76 -24.84
C GLU B 185 33.20 -21.04 -23.96
N GLY B 186 34.16 -20.38 -24.59
CA GLY B 186 35.17 -19.64 -23.84
C GLY B 186 34.84 -18.16 -23.87
N TRP B 187 33.72 -17.86 -24.49
CA TRP B 187 33.27 -16.48 -24.62
C TRP B 187 31.82 -16.33 -24.19
N TYR B 188 31.25 -15.13 -24.41
CA TYR B 188 29.84 -14.86 -24.08
C TYR B 188 29.47 -13.43 -24.44
N PRO B 189 28.18 -13.20 -24.82
CA PRO B 189 27.59 -11.90 -25.20
C PRO B 189 27.21 -11.26 -23.85
N PRO B 190 27.82 -10.11 -23.52
CA PRO B 190 27.62 -9.36 -22.29
C PRO B 190 26.26 -8.77 -21.95
N GLY B 191 25.19 -9.38 -22.47
CA GLY B 191 23.85 -8.92 -22.15
C GLY B 191 23.27 -7.86 -23.06
N HIS B 192 21.95 -7.65 -22.93
CA HIS B 192 21.29 -6.67 -23.78
C HIS B 192 21.65 -5.19 -23.56
N GLY B 193 22.26 -4.85 -22.42
CA GLY B 193 22.68 -3.47 -22.20
C GLY B 193 23.75 -3.09 -23.19
N ASP B 194 24.36 -4.11 -23.78
CA ASP B 194 25.42 -3.99 -24.79
C ASP B 194 24.80 -3.37 -26.09
N VAL B 195 23.46 -3.24 -26.13
CA VAL B 195 22.84 -2.70 -27.32
C VAL B 195 23.38 -1.28 -27.65
N PHE B 196 23.74 -0.54 -26.62
CA PHE B 196 24.21 0.83 -26.81
C PHE B 196 25.60 0.95 -27.46
N PRO B 197 26.63 0.29 -26.89
CA PRO B 197 27.92 0.44 -27.58
C PRO B 197 27.93 -0.41 -28.87
N ALA B 198 27.19 -1.51 -28.83
CA ALA B 198 27.12 -2.41 -29.99
C ALA B 198 26.58 -1.74 -31.26
N LEU B 199 25.51 -0.96 -31.12
CA LEU B 199 24.97 -0.27 -32.29
C LEU B 199 26.09 0.60 -32.91
N MET B 200 26.71 1.46 -32.11
CA MET B 200 27.80 2.31 -32.60
C MET B 200 28.86 1.47 -33.35
N ASN B 201 29.28 0.36 -32.75
CA ASN B 201 30.27 -0.56 -33.35
C ASN B 201 29.86 -1.11 -34.72
N SER B 202 28.58 -1.33 -34.92
CA SER B 202 28.08 -1.83 -36.20
C SER B 202 28.11 -0.71 -37.25
N GLY B 203 28.19 0.54 -36.81
CA GLY B 203 28.15 1.65 -37.74
C GLY B 203 26.70 2.07 -37.86
N LYS B 204 25.79 1.18 -37.45
CA LYS B 204 24.35 1.45 -37.55
C LYS B 204 23.91 2.71 -36.83
N LEU B 205 24.50 2.99 -35.66
CA LEU B 205 24.09 4.20 -34.96
C LEU B 205 24.17 5.40 -35.90
N ASP B 206 25.37 5.75 -36.34
CA ASP B 206 25.52 6.89 -37.23
C ASP B 206 24.68 6.75 -38.50
N THR B 207 24.42 5.51 -38.91
CA THR B 207 23.60 5.36 -40.10
C THR B 207 22.22 5.94 -39.80
N PHE B 208 21.62 5.53 -38.68
CA PHE B 208 20.28 6.05 -38.36
C PHE B 208 20.27 7.50 -37.87
N LEU B 209 21.35 7.93 -37.24
CA LEU B 209 21.41 9.31 -36.79
C LEU B 209 21.49 10.29 -37.97
N SER B 210 22.17 9.90 -39.04
CA SER B 210 22.32 10.81 -40.19
C SER B 210 20.98 10.94 -40.93
N GLN B 211 20.27 9.82 -41.12
CA GLN B 211 19.00 9.80 -41.84
C GLN B 211 17.83 10.42 -41.10
N GLY B 212 18.11 11.15 -40.03
CA GLY B 212 17.02 11.82 -39.34
C GLY B 212 16.26 10.97 -38.35
N LYS B 213 16.66 9.72 -38.13
CA LYS B 213 15.94 8.91 -37.14
C LYS B 213 16.18 9.53 -35.77
N GLU B 214 15.13 9.59 -34.96
CA GLU B 214 15.21 10.20 -33.63
C GLU B 214 15.16 9.24 -32.46
N TYR B 215 14.33 8.22 -32.59
CA TYR B 215 14.12 7.23 -31.53
C TYR B 215 14.19 5.80 -32.06
N VAL B 216 14.57 4.86 -31.21
CA VAL B 216 14.54 3.47 -31.62
C VAL B 216 13.49 2.90 -30.70
N PHE B 217 12.93 1.78 -31.11
CA PHE B 217 11.92 1.01 -30.37
C PHE B 217 12.63 -0.34 -30.22
N VAL B 218 13.09 -0.62 -29.00
CA VAL B 218 13.83 -1.81 -28.61
C VAL B 218 12.97 -2.81 -27.86
N ALA B 219 13.00 -4.07 -28.28
CA ALA B 219 12.26 -5.07 -27.53
C ALA B 219 12.79 -6.48 -27.76
N ASN B 220 12.37 -7.39 -26.87
CA ASN B 220 12.70 -8.81 -26.91
C ASN B 220 12.11 -9.39 -28.23
N SER B 221 12.91 -10.09 -29.04
CA SER B 221 12.37 -10.67 -30.27
C SER B 221 11.21 -11.63 -29.94
N ASP B 222 11.17 -12.13 -28.71
CA ASP B 222 10.11 -13.07 -28.33
C ASP B 222 8.90 -12.44 -27.65
N ASN B 223 8.86 -11.10 -27.54
CA ASN B 223 7.68 -10.48 -26.96
C ASN B 223 6.73 -10.08 -28.12
N LEU B 224 5.64 -10.82 -28.25
CA LEU B 224 4.71 -10.60 -29.33
C LEU B 224 3.72 -9.48 -29.06
N GLY B 225 3.86 -8.80 -27.92
CA GLY B 225 2.96 -7.71 -27.60
C GLY B 225 3.58 -6.33 -27.72
N ALA B 226 4.87 -6.25 -28.06
CA ALA B 226 5.52 -4.94 -28.17
C ALA B 226 5.49 -4.43 -29.60
N ILE B 227 4.35 -3.87 -30.01
CA ILE B 227 4.28 -3.34 -31.34
C ILE B 227 4.40 -1.86 -31.11
N VAL B 228 5.07 -1.18 -32.03
CA VAL B 228 5.25 0.27 -31.87
C VAL B 228 3.97 0.83 -31.27
N ASP B 229 4.09 1.70 -30.27
CA ASP B 229 2.90 2.32 -29.69
C ASP B 229 2.97 3.85 -29.94
N LEU B 230 2.01 4.35 -30.71
CA LEU B 230 1.99 5.76 -31.08
C LEU B 230 1.63 6.68 -29.92
N THR B 231 0.94 6.16 -28.92
CA THR B 231 0.64 6.99 -27.78
C THR B 231 2.01 7.31 -27.18
N ILE B 232 2.79 6.29 -26.81
CA ILE B 232 4.13 6.51 -26.25
C ILE B 232 5.05 7.38 -27.12
N LEU B 233 5.17 7.03 -28.39
CA LEU B 233 6.08 7.79 -29.25
C LEU B 233 5.72 9.27 -29.23
N LYS B 234 4.43 9.57 -29.41
CA LYS B 234 3.98 10.95 -29.37
C LYS B 234 4.36 11.54 -28.02
N HIS B 235 4.12 10.82 -26.92
CA HIS B 235 4.46 11.40 -25.62
C HIS B 235 5.94 11.81 -25.60
N LEU B 236 6.78 10.93 -26.14
CA LEU B 236 8.23 11.14 -26.20
C LEU B 236 8.61 12.34 -27.03
N ILE B 237 8.13 12.41 -28.26
CA ILE B 237 8.47 13.54 -29.13
C ILE B 237 7.95 14.86 -28.58
N GLN B 238 6.68 14.88 -28.18
CA GLN B 238 6.12 16.12 -27.65
C GLN B 238 6.83 16.57 -26.39
N ASN B 239 7.38 15.60 -25.67
CA ASN B 239 8.00 15.87 -24.41
C ASN B 239 9.51 15.88 -24.40
N LYS B 240 10.13 15.45 -25.48
CA LYS B 240 11.58 15.40 -25.45
C LYS B 240 11.89 14.55 -24.21
N ASN B 241 11.81 13.24 -24.39
CA ASN B 241 12.13 12.28 -23.36
C ASN B 241 13.27 11.49 -24.00
N GLU B 242 14.38 11.30 -23.28
CA GLU B 242 15.52 10.56 -23.85
C GLU B 242 15.50 9.06 -23.55
N TYR B 243 14.63 8.65 -22.63
CA TYR B 243 14.55 7.24 -22.27
C TYR B 243 13.26 6.95 -21.54
N CYS B 244 12.57 5.91 -21.98
CA CYS B 244 11.35 5.55 -21.28
C CYS B 244 11.21 4.05 -21.22
N MET B 245 11.10 3.53 -20.02
CA MET B 245 10.93 2.11 -19.84
C MET B 245 9.45 1.77 -19.71
N GLU B 246 8.95 0.92 -20.60
CA GLU B 246 7.57 0.49 -20.47
C GLU B 246 7.53 -0.47 -19.27
N VAL B 247 6.64 -0.17 -18.32
CA VAL B 247 6.49 -1.03 -17.16
C VAL B 247 5.02 -1.50 -17.12
N THR B 248 4.75 -2.57 -16.40
CA THR B 248 3.37 -3.08 -16.31
C THR B 248 3.24 -3.67 -14.87
N PRO B 249 2.03 -3.59 -14.28
CA PRO B 249 1.75 -4.07 -12.91
C PRO B 249 2.33 -5.40 -12.43
N LYS B 250 3.09 -5.33 -11.35
CA LYS B 250 3.68 -6.54 -10.77
C LYS B 250 2.62 -7.44 -10.12
N THR B 251 2.66 -8.74 -10.42
CA THR B 251 1.72 -9.74 -9.82
C THR B 251 2.50 -10.82 -9.04
N LEU B 252 1.82 -11.78 -8.38
CA LEU B 252 2.59 -12.80 -7.64
C LEU B 252 3.69 -13.47 -8.48
N ALA B 253 3.36 -13.77 -9.73
CA ALA B 253 4.26 -14.38 -10.71
C ALA B 253 5.44 -13.47 -11.08
N ASP B 254 5.23 -12.18 -10.91
CA ASP B 254 6.24 -11.18 -11.26
C ASP B 254 6.94 -10.71 -10.00
N VAL B 255 6.55 -11.28 -8.87
CA VAL B 255 7.09 -10.92 -7.58
C VAL B 255 8.53 -10.39 -7.60
N LYS B 256 9.43 -11.05 -8.33
CA LYS B 256 10.82 -10.59 -8.40
C LYS B 256 11.19 -9.78 -9.67
N GLY B 257 10.20 -9.16 -10.32
CA GLY B 257 10.48 -8.39 -11.53
C GLY B 257 11.21 -7.06 -11.21
N GLY B 258 11.82 -6.45 -12.23
CA GLY B 258 12.52 -5.17 -12.05
C GLY B 258 11.53 -4.06 -11.74
N THR B 259 11.87 -3.10 -10.87
CA THR B 259 10.89 -2.06 -10.55
C THR B 259 11.48 -0.67 -10.49
N LEU B 260 10.98 0.24 -11.33
CA LEU B 260 11.53 1.60 -11.35
C LEU B 260 11.33 2.30 -10.04
N ILE B 261 12.34 3.09 -9.67
CA ILE B 261 12.28 3.84 -8.43
C ILE B 261 12.93 5.18 -8.60
N SER B 262 12.90 5.98 -7.54
CA SER B 262 13.57 7.27 -7.50
C SER B 262 14.72 7.04 -6.54
N TYR B 263 15.91 7.45 -6.94
CA TYR B 263 17.06 7.24 -6.09
C TYR B 263 18.14 8.28 -6.40
N GLU B 264 18.54 9.00 -5.35
CA GLU B 264 19.54 10.05 -5.45
C GLU B 264 19.21 10.89 -6.67
N GLY B 265 17.93 11.28 -6.76
CA GLY B 265 17.47 12.12 -7.85
C GLY B 265 17.55 11.59 -9.26
N LYS B 266 16.47 10.89 -9.66
CA LYS B 266 16.32 10.33 -10.99
C LYS B 266 15.62 8.97 -10.90
N VAL B 267 14.97 8.57 -11.98
CA VAL B 267 14.29 7.28 -12.03
C VAL B 267 15.36 6.20 -12.29
N GLN B 268 15.26 5.08 -11.59
CA GLN B 268 16.24 4.01 -11.70
C GLN B 268 15.63 2.61 -11.56
N LEU B 269 16.24 1.64 -12.24
CA LEU B 269 15.79 0.25 -12.17
C LEU B 269 16.49 -0.41 -10.98
N LEU B 270 15.72 -1.03 -10.08
CA LEU B 270 16.29 -1.74 -8.93
C LEU B 270 16.01 -3.22 -9.12
N GLU B 271 17.07 -4.03 -8.94
CA GLU B 271 16.98 -5.48 -9.10
C GLU B 271 17.35 -6.22 -7.80
N ILE B 272 16.85 -7.44 -7.68
CA ILE B 272 17.08 -8.26 -6.51
C ILE B 272 18.56 -8.38 -6.11
N ALA B 273 19.45 -8.57 -7.08
CA ALA B 273 20.87 -8.69 -6.71
C ALA B 273 21.35 -7.50 -5.87
N GLN B 274 20.97 -6.29 -6.28
CA GLN B 274 21.39 -5.07 -5.57
C GLN B 274 20.73 -4.83 -4.23
N VAL B 275 19.71 -5.61 -3.92
CA VAL B 275 18.97 -5.48 -2.67
C VAL B 275 19.68 -6.08 -1.45
N PRO B 276 19.79 -5.31 -0.35
CA PRO B 276 20.45 -5.81 0.85
C PRO B 276 19.72 -7.09 1.24
N ASP B 277 20.44 -8.20 1.34
CA ASP B 277 19.81 -9.47 1.70
C ASP B 277 18.72 -9.25 2.77
N GLU B 278 19.07 -8.46 3.79
CA GLU B 278 18.17 -8.17 4.89
C GLU B 278 16.83 -7.57 4.45
N HIS B 279 16.81 -6.99 3.25
CA HIS B 279 15.61 -6.36 2.71
C HIS B 279 14.96 -7.13 1.54
N VAL B 280 15.47 -8.31 1.25
CA VAL B 280 14.95 -9.13 0.17
C VAL B 280 13.44 -9.25 0.21
N ASN B 281 12.92 -9.55 1.40
CA ASN B 281 11.50 -9.74 1.61
C ASN B 281 10.66 -8.53 1.19
N GLU B 282 11.13 -7.33 1.53
CA GLU B 282 10.41 -6.12 1.17
C GLU B 282 10.45 -5.89 -0.35
N PHE B 283 11.60 -6.14 -0.97
CA PHE B 283 11.76 -5.97 -2.42
C PHE B 283 10.63 -6.71 -3.14
N LYS B 284 10.52 -8.01 -2.90
CA LYS B 284 9.49 -8.77 -3.60
C LYS B 284 8.13 -8.65 -2.97
N SER B 285 7.83 -7.47 -2.47
CA SER B 285 6.55 -7.17 -1.86
C SER B 285 5.87 -6.16 -2.78
N ILE B 286 4.57 -6.34 -3.03
CA ILE B 286 3.82 -5.43 -3.88
C ILE B 286 3.11 -4.33 -3.08
N GLU B 287 3.88 -3.60 -2.25
CA GLU B 287 3.35 -2.51 -1.43
C GLU B 287 4.23 -1.30 -1.73
N LYS B 288 5.53 -1.54 -1.76
CA LYS B 288 6.45 -0.46 -2.04
C LYS B 288 7.12 -0.57 -3.41
N PHE B 289 6.83 -1.66 -4.12
CA PHE B 289 7.37 -1.90 -5.47
C PHE B 289 6.19 -2.47 -6.30
N LYS B 290 5.52 -1.58 -7.03
CA LYS B 290 4.31 -1.95 -7.76
C LYS B 290 4.24 -2.44 -9.20
N ILE B 291 5.23 -2.09 -10.01
CA ILE B 291 5.21 -2.41 -11.42
C ILE B 291 6.51 -3.05 -11.88
N PHE B 292 6.51 -3.60 -13.11
CA PHE B 292 7.77 -4.19 -13.60
C PHE B 292 8.21 -3.85 -15.03
N ASN B 293 9.52 -4.00 -15.23
CA ASN B 293 10.20 -3.77 -16.52
C ASN B 293 9.86 -4.87 -17.53
N THR B 294 9.02 -4.53 -18.50
CA THR B 294 8.58 -5.49 -19.52
C THR B 294 9.74 -5.70 -20.48
N ASN B 295 10.65 -4.74 -20.46
CA ASN B 295 11.78 -4.72 -21.38
C ASN B 295 11.39 -4.09 -22.74
N ASN B 296 10.35 -3.27 -22.74
CA ASN B 296 9.97 -2.51 -23.95
C ASN B 296 10.62 -1.16 -23.54
N LEU B 297 11.62 -0.72 -24.30
CA LEU B 297 12.34 0.50 -23.96
C LEU B 297 12.32 1.49 -25.10
N TRP B 298 12.25 2.78 -24.79
CA TRP B 298 12.24 3.79 -25.84
C TRP B 298 13.42 4.68 -25.53
N VAL B 299 14.32 4.85 -26.51
CA VAL B 299 15.52 5.61 -26.27
C VAL B 299 15.91 6.52 -27.43
N ASN B 300 16.50 7.67 -27.08
CA ASN B 300 16.94 8.68 -28.04
C ASN B 300 18.28 8.29 -28.72
N LEU B 301 18.29 8.34 -30.04
CA LEU B 301 19.50 7.95 -30.78
C LEU B 301 20.72 8.85 -30.53
N LYS B 302 20.56 10.17 -30.60
CA LYS B 302 21.69 11.08 -30.32
C LYS B 302 22.10 10.93 -28.83
N ALA B 303 21.12 10.75 -27.95
CA ALA B 303 21.44 10.55 -26.53
C ALA B 303 22.35 9.34 -26.33
N ILE B 304 22.03 8.22 -26.97
CA ILE B 304 22.86 7.03 -26.85
C ILE B 304 24.29 7.33 -27.29
N LYS B 305 24.40 7.95 -28.46
CA LYS B 305 25.73 8.28 -29.00
C LYS B 305 26.54 9.15 -28.04
N LYS B 306 25.85 10.03 -27.31
CA LYS B 306 26.52 10.95 -26.37
C LYS B 306 27.09 10.23 -25.15
N LEU B 307 26.36 9.21 -24.67
CA LEU B 307 26.78 8.48 -23.50
C LEU B 307 27.79 7.39 -23.87
N VAL B 308 27.55 6.65 -24.95
CA VAL B 308 28.52 5.65 -25.37
C VAL B 308 29.89 6.34 -25.60
N GLU B 309 29.88 7.42 -26.38
CA GLU B 309 31.12 8.15 -26.66
C GLU B 309 31.84 8.59 -25.35
N ALA B 310 31.07 9.14 -24.42
CA ALA B 310 31.64 9.60 -23.16
C ALA B 310 31.95 8.45 -22.22
N ASP B 311 31.65 7.22 -22.66
CA ASP B 311 31.89 6.03 -21.84
C ASP B 311 31.17 6.25 -20.51
N ALA B 312 29.96 6.81 -20.62
CA ALA B 312 29.13 7.16 -19.47
C ALA B 312 28.16 6.07 -18.99
N LEU B 313 27.67 5.24 -19.91
CA LEU B 313 26.72 4.20 -19.54
C LEU B 313 27.42 3.19 -18.63
N LYS B 314 27.26 3.37 -17.32
CA LYS B 314 27.89 2.50 -16.35
C LYS B 314 26.84 1.64 -15.64
N MET B 315 26.22 0.74 -16.39
CA MET B 315 25.21 -0.14 -15.83
C MET B 315 25.85 -1.08 -14.84
N GLU B 316 25.11 -1.38 -13.76
CA GLU B 316 25.61 -2.26 -12.73
C GLU B 316 25.95 -3.56 -13.43
N ILE B 317 27.06 -4.17 -13.05
CA ILE B 317 27.52 -5.41 -13.66
C ILE B 317 26.92 -6.64 -13.01
N ILE B 318 26.29 -7.47 -13.82
CA ILE B 318 25.68 -8.70 -13.36
C ILE B 318 26.73 -9.78 -13.64
N PRO B 319 27.47 -10.19 -12.60
CA PRO B 319 28.49 -11.21 -12.79
C PRO B 319 27.87 -12.58 -12.68
N ASN B 320 27.38 -13.12 -13.80
CA ASN B 320 26.74 -14.41 -13.77
C ASN B 320 27.65 -15.61 -13.80
N PRO B 321 27.74 -16.31 -12.65
CA PRO B 321 28.56 -17.50 -12.49
C PRO B 321 28.11 -18.53 -13.52
N LYS B 322 29.07 -19.27 -14.07
CA LYS B 322 28.77 -20.29 -15.08
C LYS B 322 29.83 -21.37 -14.97
N GLU B 323 29.40 -22.63 -14.89
CA GLU B 323 30.33 -23.73 -14.81
C GLU B 323 30.22 -24.58 -16.07
N VAL B 324 31.24 -24.49 -16.92
CA VAL B 324 31.26 -25.23 -18.17
C VAL B 324 32.52 -26.14 -18.18
N ASP B 325 32.35 -27.37 -18.63
CA ASP B 325 33.45 -28.33 -18.66
C ASP B 325 34.11 -28.41 -17.28
N GLY B 326 33.28 -28.48 -16.24
CA GLY B 326 33.79 -28.57 -14.88
C GLY B 326 34.54 -27.33 -14.39
N VAL B 327 34.63 -26.33 -15.26
CA VAL B 327 35.33 -25.09 -14.94
C VAL B 327 34.39 -23.94 -14.54
N LYS B 328 34.69 -23.31 -13.41
CA LYS B 328 33.87 -22.19 -12.95
C LYS B 328 34.29 -20.93 -13.70
N VAL B 329 33.47 -20.49 -14.64
CA VAL B 329 33.75 -19.29 -15.40
C VAL B 329 32.84 -18.15 -14.96
N LEU B 330 33.31 -16.93 -15.15
CA LEU B 330 32.56 -15.75 -14.77
C LEU B 330 32.17 -14.94 -15.99
N GLN B 331 30.86 -14.74 -16.16
CA GLN B 331 30.32 -13.94 -17.26
C GLN B 331 29.80 -12.64 -16.66
N LEU B 332 30.26 -11.52 -17.20
CA LEU B 332 29.83 -10.23 -16.68
C LEU B 332 28.96 -9.61 -17.77
N GLU B 333 27.71 -9.37 -17.40
CA GLU B 333 26.72 -8.84 -18.34
C GLU B 333 26.10 -7.58 -17.79
N THR B 334 25.31 -6.91 -18.63
CA THR B 334 24.56 -5.72 -18.23
C THR B 334 23.21 -5.72 -18.90
N ALA B 335 22.27 -5.01 -18.29
CA ALA B 335 20.87 -4.92 -18.76
C ALA B 335 20.55 -3.57 -19.40
N ALA B 336 19.89 -3.61 -20.56
CA ALA B 336 19.54 -2.38 -21.28
C ALA B 336 18.66 -1.43 -20.45
N GLY B 337 17.79 -2.00 -19.61
CA GLY B 337 16.90 -1.14 -18.81
C GLY B 337 17.58 -0.40 -17.66
N ALA B 338 18.63 -0.98 -17.07
CA ALA B 338 19.31 -0.35 -15.93
C ALA B 338 20.06 0.92 -16.33
N ALA B 339 20.36 1.04 -17.62
CA ALA B 339 21.05 2.23 -18.11
C ALA B 339 20.16 3.46 -18.04
N ILE B 340 18.87 3.26 -17.72
CA ILE B 340 17.93 4.37 -17.69
C ILE B 340 18.43 5.55 -16.84
N ARG B 341 19.05 5.24 -15.71
CA ARG B 341 19.50 6.28 -14.78
C ARG B 341 20.48 7.33 -15.29
N PHE B 342 21.07 7.07 -16.46
CA PHE B 342 22.06 8.00 -17.04
C PHE B 342 21.44 8.96 -18.06
N PHE B 343 20.22 8.65 -18.47
CA PHE B 343 19.53 9.44 -19.48
C PHE B 343 18.75 10.60 -18.91
N ASP B 344 18.76 11.72 -19.64
CA ASP B 344 18.07 12.93 -19.20
C ASP B 344 16.57 12.80 -19.36
N ASN B 345 15.84 13.27 -18.35
CA ASN B 345 14.40 13.17 -18.37
C ASN B 345 14.01 11.73 -18.63
N ALA B 346 14.61 10.82 -17.87
CA ALA B 346 14.33 9.38 -18.00
C ALA B 346 13.12 9.03 -17.13
N ILE B 347 12.34 8.05 -17.59
CA ILE B 347 11.15 7.68 -16.86
C ILE B 347 10.59 6.35 -17.33
N GLY B 348 9.60 5.88 -16.57
CA GLY B 348 8.88 4.69 -16.97
C GLY B 348 7.53 5.14 -17.53
N VAL B 349 6.78 4.21 -18.12
CA VAL B 349 5.41 4.51 -18.53
C VAL B 349 4.60 3.26 -18.16
N ASN B 350 3.44 3.43 -17.50
CA ASN B 350 2.63 2.28 -17.10
C ASN B 350 1.65 1.88 -18.20
N VAL B 351 1.77 0.61 -18.63
CA VAL B 351 1.00 0.01 -19.73
C VAL B 351 0.30 -1.32 -19.39
N PRO B 352 -0.64 -1.73 -20.25
CA PRO B 352 -1.42 -2.99 -20.14
C PRO B 352 -0.46 -4.17 -20.34
N ARG B 353 -0.72 -5.29 -19.66
CA ARG B 353 0.13 -6.47 -19.73
C ARG B 353 0.12 -7.06 -21.13
N SER B 354 -0.85 -6.66 -21.94
CA SER B 354 -0.90 -7.15 -23.31
C SER B 354 0.40 -6.79 -24.03
N ARG B 355 1.18 -5.89 -23.44
CA ARG B 355 2.46 -5.51 -24.04
C ARG B 355 3.58 -6.38 -23.47
N PHE B 356 3.25 -7.29 -22.54
CA PHE B 356 4.25 -8.20 -21.93
C PHE B 356 3.89 -9.65 -22.19
N LEU B 357 4.44 -10.24 -23.26
CA LEU B 357 4.14 -11.63 -23.62
C LEU B 357 5.34 -12.35 -24.23
N PRO B 358 6.44 -12.46 -23.48
CA PRO B 358 7.65 -13.15 -23.92
C PRO B 358 7.29 -14.62 -24.03
N VAL B 359 7.62 -15.25 -25.15
CA VAL B 359 7.38 -16.67 -25.23
C VAL B 359 8.60 -17.17 -24.48
N LYS B 360 8.39 -17.58 -23.24
CA LYS B 360 9.48 -18.06 -22.40
C LYS B 360 9.45 -19.57 -22.13
N ALA B 361 8.42 -20.24 -22.64
CA ALA B 361 8.31 -21.70 -22.43
C ALA B 361 7.23 -22.23 -23.37
N SER B 362 7.24 -23.54 -23.58
CA SER B 362 6.26 -24.14 -24.48
C SER B 362 4.85 -23.85 -23.95
N SER B 363 4.71 -23.69 -22.63
CA SER B 363 3.39 -23.36 -22.08
C SER B 363 2.93 -22.04 -22.73
N ASP B 364 3.89 -21.21 -23.17
CA ASP B 364 3.52 -19.94 -23.81
C ASP B 364 3.08 -20.19 -25.27
N LEU B 365 3.68 -21.18 -25.91
CA LEU B 365 3.27 -21.54 -27.27
C LEU B 365 1.84 -22.05 -27.23
N LEU B 366 1.52 -22.84 -26.20
CA LEU B 366 0.18 -23.38 -26.06
C LEU B 366 -0.79 -22.20 -26.02
N LEU B 367 -0.47 -21.17 -25.24
CA LEU B 367 -1.37 -20.01 -25.16
C LEU B 367 -1.55 -19.34 -26.52
N VAL B 368 -0.44 -19.12 -27.22
CA VAL B 368 -0.48 -18.39 -28.48
C VAL B 368 -0.93 -19.16 -29.73
N GLN B 369 -0.79 -20.49 -29.72
CA GLN B 369 -1.24 -21.30 -30.86
C GLN B 369 -2.65 -21.84 -30.61
N SER B 370 -3.27 -21.41 -29.51
CA SER B 370 -4.63 -21.86 -29.18
C SER B 370 -5.67 -20.84 -29.66
N ASP B 371 -6.95 -21.20 -29.54
CA ASP B 371 -8.06 -20.33 -29.96
C ASP B 371 -8.08 -19.07 -29.09
N LEU B 372 -7.20 -19.04 -28.10
CA LEU B 372 -7.09 -17.88 -27.23
C LEU B 372 -6.43 -16.75 -28.08
N TYR B 373 -5.82 -17.11 -29.21
CA TYR B 373 -5.18 -16.17 -30.15
C TYR B 373 -5.28 -16.67 -31.60
N THR B 374 -5.03 -15.79 -32.56
CA THR B 374 -4.99 -16.10 -34.00
C THR B 374 -4.25 -14.91 -34.59
N LEU B 375 -3.72 -15.04 -35.80
CA LEU B 375 -3.01 -13.92 -36.38
C LEU B 375 -3.96 -13.03 -37.16
N VAL B 376 -3.75 -11.72 -37.03
CA VAL B 376 -4.52 -10.70 -37.75
C VAL B 376 -3.53 -9.60 -38.10
N ASP B 377 -3.30 -9.42 -39.41
CA ASP B 377 -2.34 -8.43 -39.92
C ASP B 377 -0.96 -8.60 -39.28
N GLY B 378 -0.51 -9.84 -39.14
CA GLY B 378 0.79 -10.07 -38.55
C GLY B 378 0.88 -10.02 -37.04
N PHE B 379 -0.19 -9.60 -36.35
CA PHE B 379 -0.19 -9.53 -34.88
C PHE B 379 -0.88 -10.74 -34.24
N VAL B 380 -0.24 -11.35 -33.25
CA VAL B 380 -0.88 -12.44 -32.50
C VAL B 380 -1.92 -11.65 -31.69
N THR B 381 -3.20 -11.78 -32.07
CA THR B 381 -4.25 -11.00 -31.43
C THR B 381 -5.23 -11.81 -30.59
N ARG B 382 -5.60 -11.23 -29.47
CA ARG B 382 -6.52 -11.87 -28.56
C ARG B 382 -7.91 -12.08 -29.17
N ASN B 383 -8.36 -13.31 -29.18
CA ASN B 383 -9.68 -13.67 -29.69
C ASN B 383 -10.73 -12.83 -28.94
N LYS B 384 -11.67 -12.22 -29.67
CA LYS B 384 -12.74 -11.41 -29.02
C LYS B 384 -13.58 -12.19 -28.02
N ALA B 385 -13.59 -13.52 -28.14
CA ALA B 385 -14.38 -14.33 -27.21
C ALA B 385 -13.89 -14.31 -25.76
N ARG B 386 -12.79 -13.60 -25.46
CA ARG B 386 -12.31 -13.56 -24.05
C ARG B 386 -12.14 -12.13 -23.49
N THR B 387 -13.13 -11.72 -22.71
CA THR B 387 -13.17 -10.38 -22.10
C THR B 387 -12.43 -10.38 -20.76
N ASN B 388 -12.15 -11.56 -20.23
CA ASN B 388 -11.38 -11.67 -19.00
C ASN B 388 -10.00 -11.32 -19.57
N PRO B 389 -9.43 -10.18 -19.14
CA PRO B 389 -8.12 -9.72 -19.63
C PRO B 389 -6.89 -10.50 -19.18
N SER B 390 -7.06 -11.41 -18.23
CA SER B 390 -5.94 -12.21 -17.75
C SER B 390 -5.84 -13.44 -18.62
N ASN B 391 -4.68 -14.08 -18.61
CA ASN B 391 -4.50 -15.31 -19.38
C ASN B 391 -4.51 -16.50 -18.41
N PRO B 392 -4.90 -17.68 -18.89
CA PRO B 392 -4.87 -18.78 -17.92
C PRO B 392 -3.41 -19.22 -17.68
N SER B 393 -3.08 -19.62 -16.45
CA SER B 393 -1.73 -20.07 -16.12
C SER B 393 -1.50 -21.44 -16.74
N ILE B 394 -0.37 -21.62 -17.42
CA ILE B 394 -0.13 -22.92 -18.02
C ILE B 394 1.14 -23.47 -17.39
N GLU B 395 1.00 -24.55 -16.63
CA GLU B 395 2.16 -25.14 -15.98
C GLU B 395 2.30 -26.61 -16.48
N LEU B 396 3.45 -26.94 -17.07
CA LEU B 396 3.70 -28.29 -17.61
C LEU B 396 5.12 -28.74 -17.23
N GLY B 397 5.44 -30.01 -17.47
CA GLY B 397 6.78 -30.50 -17.13
C GLY B 397 7.75 -30.63 -18.30
N PRO B 398 8.99 -31.16 -18.08
CA PRO B 398 10.08 -31.35 -19.06
C PRO B 398 9.67 -32.16 -20.28
N GLU B 399 8.63 -32.99 -20.12
CA GLU B 399 8.09 -33.82 -21.21
C GLU B 399 7.76 -32.93 -22.42
N PHE B 400 7.44 -31.65 -22.12
CA PHE B 400 7.06 -30.65 -23.12
C PHE B 400 8.13 -29.59 -23.39
N LYS B 401 9.39 -29.95 -23.21
CA LYS B 401 10.48 -29.00 -23.42
C LYS B 401 10.86 -28.66 -24.89
N LYS B 402 11.11 -29.64 -25.74
CA LYS B 402 11.48 -29.35 -27.13
C LYS B 402 10.26 -29.05 -28.03
N VAL B 403 10.10 -27.79 -28.44
CA VAL B 403 8.95 -27.42 -29.28
C VAL B 403 8.36 -28.59 -30.10
N ALA B 404 9.24 -29.43 -30.66
CA ALA B 404 8.80 -30.60 -31.43
C ALA B 404 8.00 -31.53 -30.53
N THR B 405 8.60 -31.86 -29.38
CA THR B 405 7.99 -32.77 -28.42
C THR B 405 6.66 -32.25 -27.94
N PHE B 406 6.61 -30.94 -27.67
CA PHE B 406 5.38 -30.27 -27.24
C PHE B 406 4.25 -30.52 -28.26
N LEU B 407 4.56 -30.28 -29.53
CA LEU B 407 3.62 -30.44 -30.62
C LEU B 407 2.99 -31.85 -30.69
N SER B 408 3.81 -32.87 -30.49
CA SER B 408 3.30 -34.23 -30.58
C SER B 408 2.35 -34.61 -29.44
N ARG B 409 2.69 -34.21 -28.21
CA ARG B 409 1.84 -34.58 -27.09
C ARG B 409 0.43 -34.01 -27.19
N PHE B 410 0.28 -32.88 -27.90
CA PHE B 410 -1.05 -32.28 -28.10
C PHE B 410 -1.50 -32.58 -29.50
N LYS B 411 -2.45 -33.50 -29.67
CA LYS B 411 -2.88 -33.86 -31.02
C LYS B 411 -3.38 -32.59 -31.72
N SER B 412 -4.17 -31.79 -31.01
CA SER B 412 -4.59 -30.49 -31.52
C SER B 412 -4.73 -29.55 -30.31
N ILE B 413 -3.91 -28.51 -30.22
CA ILE B 413 -3.97 -27.61 -29.05
C ILE B 413 -5.43 -27.48 -28.57
N PRO B 414 -5.67 -27.75 -27.28
CA PRO B 414 -7.05 -27.65 -26.78
C PRO B 414 -7.55 -26.24 -26.67
N SER B 415 -8.86 -26.08 -26.81
CA SER B 415 -9.50 -24.78 -26.67
C SER B 415 -9.29 -24.47 -25.19
N ILE B 416 -8.96 -23.20 -24.91
CA ILE B 416 -8.72 -22.76 -23.54
C ILE B 416 -9.34 -21.37 -23.32
N VAL B 417 -10.30 -21.01 -24.17
CA VAL B 417 -10.94 -19.70 -24.05
C VAL B 417 -11.70 -19.58 -22.70
N GLU B 418 -12.13 -20.71 -22.13
CA GLU B 418 -12.80 -20.64 -20.82
C GLU B 418 -11.96 -21.34 -19.74
N LEU B 419 -10.68 -21.57 -20.03
CA LEU B 419 -9.75 -22.22 -19.12
C LEU B 419 -9.11 -21.25 -18.12
N ASP B 420 -9.28 -21.49 -16.81
CA ASP B 420 -8.64 -20.61 -15.83
C ASP B 420 -7.15 -20.93 -15.59
N SER B 421 -6.82 -22.20 -15.41
CA SER B 421 -5.40 -22.58 -15.21
C SER B 421 -5.21 -24.03 -15.61
N LEU B 422 -3.96 -24.41 -15.88
CA LEU B 422 -3.69 -25.78 -16.24
C LEU B 422 -2.43 -26.23 -15.54
N LYS B 423 -2.57 -27.35 -14.83
CA LYS B 423 -1.48 -27.98 -14.10
C LYS B 423 -1.36 -29.40 -14.64
N VAL B 424 -0.17 -29.75 -15.12
CA VAL B 424 0.04 -31.09 -15.66
C VAL B 424 1.44 -31.55 -15.34
N SER B 425 1.55 -32.78 -14.84
CA SER B 425 2.86 -33.34 -14.55
C SER B 425 2.75 -34.83 -14.84
N GLY B 426 3.89 -35.48 -15.07
CA GLY B 426 3.86 -36.87 -15.39
C GLY B 426 3.73 -37.10 -16.89
N ASP B 427 3.58 -38.36 -17.26
CA ASP B 427 3.50 -38.76 -18.65
C ASP B 427 2.12 -38.55 -19.24
N VAL B 428 1.82 -37.30 -19.57
CA VAL B 428 0.52 -36.93 -20.15
C VAL B 428 0.52 -36.71 -21.66
N TRP B 429 -0.53 -37.22 -22.31
CA TRP B 429 -0.76 -37.12 -23.75
C TRP B 429 -2.19 -36.64 -24.02
N PHE B 430 -2.36 -35.69 -24.95
CA PHE B 430 -3.68 -35.17 -25.28
C PHE B 430 -4.13 -35.60 -26.68
N GLY B 431 -5.37 -36.05 -26.77
CA GLY B 431 -5.96 -36.38 -28.05
C GLY B 431 -6.28 -35.05 -28.72
N SER B 432 -6.94 -35.10 -29.88
CA SER B 432 -7.25 -33.88 -30.59
C SER B 432 -8.68 -33.39 -30.37
N SER B 433 -8.88 -32.08 -30.54
CA SER B 433 -10.20 -31.47 -30.39
C SER B 433 -10.71 -31.43 -28.96
N ILE B 434 -9.78 -31.35 -28.01
CA ILE B 434 -10.14 -31.31 -26.60
C ILE B 434 -10.37 -29.86 -26.17
N VAL B 435 -11.41 -29.64 -25.36
CA VAL B 435 -11.73 -28.30 -24.85
C VAL B 435 -11.49 -28.34 -23.35
N LEU B 436 -10.84 -27.30 -22.83
CA LEU B 436 -10.52 -27.20 -21.40
C LEU B 436 -11.23 -25.97 -20.86
N LYS B 437 -11.72 -26.06 -19.63
CA LYS B 437 -12.45 -24.95 -19.04
C LYS B 437 -12.23 -24.83 -17.53
N GLY B 438 -12.32 -23.61 -17.02
CA GLY B 438 -12.13 -23.38 -15.60
C GLY B 438 -10.81 -23.91 -15.12
N LYS B 439 -10.80 -24.65 -14.01
CA LYS B 439 -9.55 -25.18 -13.48
C LYS B 439 -9.34 -26.62 -13.98
N VAL B 440 -8.10 -26.95 -14.36
CA VAL B 440 -7.76 -28.27 -14.92
C VAL B 440 -6.35 -28.81 -14.66
N THR B 441 -6.27 -29.99 -14.04
CA THR B 441 -4.96 -30.62 -13.83
C THR B 441 -4.92 -31.98 -14.49
N VAL B 442 -3.72 -32.46 -14.78
CA VAL B 442 -3.51 -33.79 -15.37
C VAL B 442 -2.13 -34.27 -15.00
N ALA B 443 -2.06 -35.27 -14.12
CA ALA B 443 -0.76 -35.74 -13.66
C ALA B 443 -0.64 -37.25 -13.74
N ALA B 444 0.24 -37.71 -14.62
CA ALA B 444 0.46 -39.14 -14.80
C ALA B 444 1.48 -39.58 -13.74
N LYS B 445 1.20 -40.69 -13.06
CA LYS B 445 2.07 -41.20 -12.00
C LYS B 445 3.31 -41.95 -12.51
N SER B 446 4.15 -42.36 -11.56
CA SER B 446 5.36 -43.11 -11.89
C SER B 446 4.98 -44.21 -12.87
N GLY B 447 5.67 -44.23 -14.00
CA GLY B 447 5.44 -45.23 -15.02
C GLY B 447 4.04 -45.27 -15.62
N VAL B 448 3.29 -44.18 -15.51
CA VAL B 448 1.95 -44.12 -16.07
C VAL B 448 1.89 -43.29 -17.34
N LYS B 449 1.48 -43.91 -18.46
CA LYS B 449 1.30 -43.14 -19.69
C LYS B 449 -0.19 -42.79 -19.67
N LEU B 450 -0.49 -41.50 -19.55
CA LEU B 450 -1.89 -41.08 -19.48
C LEU B 450 -2.35 -40.31 -20.73
N GLU B 451 -3.42 -40.80 -21.34
CA GLU B 451 -3.96 -40.16 -22.54
C GLU B 451 -5.36 -39.59 -22.33
N ILE B 452 -5.48 -38.27 -22.48
CA ILE B 452 -6.77 -37.63 -22.36
C ILE B 452 -7.44 -37.93 -23.69
N PRO B 453 -8.62 -38.56 -23.64
CA PRO B 453 -9.32 -38.91 -24.87
C PRO B 453 -9.88 -37.78 -25.75
N ASP B 454 -9.90 -38.06 -27.04
CA ASP B 454 -10.43 -37.15 -28.04
C ASP B 454 -11.76 -36.59 -27.55
N ARG B 455 -11.93 -35.27 -27.71
CA ARG B 455 -13.13 -34.55 -27.32
C ARG B 455 -13.45 -34.57 -25.83
N ALA B 456 -12.44 -34.73 -24.98
CA ALA B 456 -12.72 -34.74 -23.56
C ALA B 456 -12.94 -33.34 -22.97
N VAL B 457 -14.01 -33.16 -22.18
CA VAL B 457 -14.22 -31.87 -21.53
C VAL B 457 -13.68 -32.09 -20.12
N VAL B 458 -13.13 -31.05 -19.51
CA VAL B 458 -12.58 -31.14 -18.17
C VAL B 458 -12.68 -29.78 -17.49
N GLU B 459 -13.45 -29.68 -16.40
CA GLU B 459 -13.62 -28.40 -15.72
C GLU B 459 -13.64 -28.48 -14.20
N ASN B 460 -12.81 -27.66 -13.57
CA ASN B 460 -12.72 -27.60 -12.12
C ASN B 460 -12.71 -29.04 -11.63
N LYS B 461 -11.72 -29.77 -12.13
CA LYS B 461 -11.56 -31.17 -11.80
C LYS B 461 -10.08 -31.55 -11.81
N ASN B 462 -9.73 -32.62 -11.10
CA ASN B 462 -8.37 -33.10 -11.07
C ASN B 462 -8.37 -34.50 -11.63
N ILE B 463 -7.52 -34.72 -12.62
CA ILE B 463 -7.39 -36.02 -13.25
C ILE B 463 -6.07 -36.59 -12.76
N ASN B 464 -6.15 -37.58 -11.86
CA ASN B 464 -4.94 -38.18 -11.30
C ASN B 464 -4.62 -39.55 -11.82
N GLY B 465 -5.45 -40.04 -12.72
CA GLY B 465 -5.23 -41.36 -13.29
C GLY B 465 -6.33 -41.66 -14.28
N PRO B 466 -6.21 -42.75 -15.04
CA PRO B 466 -7.20 -43.15 -16.04
C PRO B 466 -8.61 -43.21 -15.45
N GLU B 467 -8.70 -43.58 -14.19
CA GLU B 467 -9.98 -43.68 -13.49
C GLU B 467 -10.72 -42.34 -13.47
N ASP B 468 -9.99 -41.25 -13.27
CA ASP B 468 -10.56 -39.92 -13.25
C ASP B 468 -10.91 -39.48 -14.68
N GLU A 6 -4.38 -18.56 34.65
CA GLU A 6 -4.60 -20.00 34.36
C GLU A 6 -5.72 -20.53 35.25
N ASN A 7 -6.65 -21.27 34.65
CA ASN A 7 -7.79 -21.83 35.38
C ASN A 7 -8.80 -20.75 35.76
N LEU A 8 -9.92 -21.15 36.36
CA LEU A 8 -10.95 -20.18 36.74
C LEU A 8 -11.76 -20.49 38.00
N PRO A 9 -11.87 -21.77 38.40
CA PRO A 9 -12.64 -22.12 39.60
C PRO A 9 -12.27 -21.31 40.84
N GLN A 10 -11.01 -21.40 41.25
CA GLN A 10 -10.53 -20.67 42.43
C GLN A 10 -10.53 -19.16 42.14
N LEU A 11 -10.63 -18.82 40.87
CA LEU A 11 -10.64 -17.41 40.46
C LEU A 11 -12.05 -16.89 40.70
N LYS A 12 -13.05 -17.65 40.29
CA LYS A 12 -14.43 -17.21 40.46
C LYS A 12 -14.88 -17.23 41.92
N SER A 13 -14.41 -18.19 42.70
CA SER A 13 -14.82 -18.24 44.11
C SER A 13 -14.32 -16.99 44.87
N ALA A 14 -13.06 -16.61 44.67
CA ALA A 14 -12.50 -15.43 45.35
C ALA A 14 -13.18 -14.12 44.92
N VAL A 15 -13.41 -13.95 43.63
CA VAL A 15 -14.10 -12.74 43.17
C VAL A 15 -15.46 -12.65 43.89
N ASP A 16 -16.13 -13.79 44.08
CA ASP A 16 -17.43 -13.80 44.76
C ASP A 16 -17.31 -13.39 46.23
N GLY A 17 -16.07 -13.43 46.73
CA GLY A 17 -15.80 -13.03 48.10
C GLY A 17 -15.73 -11.51 48.27
N LEU A 18 -15.24 -10.80 47.25
CA LEU A 18 -15.14 -9.34 47.30
C LEU A 18 -16.54 -8.78 47.53
N THR A 19 -16.80 -8.33 48.76
CA THR A 19 -18.12 -7.80 49.10
C THR A 19 -18.42 -6.47 48.39
N GLU A 20 -17.37 -5.74 48.04
CA GLU A 20 -17.54 -4.45 47.36
C GLU A 20 -18.19 -4.61 45.98
N MET A 21 -17.98 -5.76 45.38
CA MET A 21 -18.50 -6.05 44.05
C MET A 21 -19.95 -6.51 44.06
N SER A 22 -20.78 -5.85 43.27
CA SER A 22 -22.19 -6.24 43.14
C SER A 22 -22.16 -7.59 42.42
N GLU A 23 -23.27 -8.35 42.51
CA GLU A 23 -23.34 -9.65 41.87
C GLU A 23 -23.20 -9.53 40.35
N SER A 24 -23.54 -8.36 39.83
CA SER A 24 -23.42 -8.10 38.39
C SER A 24 -21.95 -7.95 37.96
N GLU A 25 -21.17 -7.25 38.78
CA GLU A 25 -19.76 -7.05 38.47
C GLU A 25 -18.98 -8.34 38.60
N LYS A 26 -19.30 -9.13 39.60
CA LYS A 26 -18.57 -10.38 39.79
C LYS A 26 -18.76 -11.30 38.59
N SER A 27 -20.01 -11.55 38.22
CA SER A 27 -20.29 -12.42 37.09
C SER A 27 -19.59 -11.83 35.85
N GLY A 28 -19.93 -10.58 35.52
CA GLY A 28 -19.33 -9.92 34.37
C GLY A 28 -17.81 -10.05 34.32
N PHE A 29 -17.14 -9.70 35.41
CA PHE A 29 -15.69 -9.83 35.45
C PHE A 29 -15.33 -11.30 35.22
N ILE A 30 -15.90 -12.17 36.03
CA ILE A 30 -15.59 -13.59 35.87
C ILE A 30 -15.87 -14.01 34.42
N SER A 31 -16.99 -13.54 33.86
CA SER A 31 -17.34 -13.89 32.49
C SER A 31 -16.35 -13.24 31.55
N LEU A 32 -15.54 -12.33 32.09
CA LEU A 32 -14.52 -11.67 31.29
C LEU A 32 -13.23 -12.50 31.35
N VAL A 33 -12.61 -12.63 32.51
CA VAL A 33 -11.38 -13.44 32.59
C VAL A 33 -11.59 -14.73 31.79
N SER A 34 -12.77 -15.34 31.97
CA SER A 34 -13.09 -16.59 31.28
C SER A 34 -12.72 -16.62 29.80
N ARG A 35 -13.27 -15.71 29.00
CA ARG A 35 -12.99 -15.68 27.58
C ARG A 35 -11.53 -15.34 27.33
N TYR A 36 -10.89 -14.76 28.34
CA TYR A 36 -9.49 -14.39 28.25
C TYR A 36 -8.63 -15.62 28.32
N LEU A 37 -8.60 -16.24 29.50
CA LEU A 37 -7.79 -17.43 29.71
C LEU A 37 -8.08 -18.56 28.68
N SER A 38 -9.13 -18.39 27.88
CA SER A 38 -9.50 -19.35 26.84
C SER A 38 -8.95 -18.96 25.48
N GLY A 39 -9.56 -17.93 24.89
CA GLY A 39 -9.14 -17.45 23.59
C GLY A 39 -10.33 -16.88 22.82
N ILE A 44 -7.09 -14.31 15.24
CA ILE A 44 -7.12 -13.22 14.28
C ILE A 44 -6.05 -13.41 13.21
N GLU A 45 -6.40 -14.11 12.15
CA GLU A 45 -5.47 -14.33 11.05
C GLU A 45 -5.36 -13.06 10.22
N TRP A 46 -4.18 -12.48 10.19
CA TRP A 46 -3.97 -11.26 9.40
C TRP A 46 -4.40 -11.49 7.96
N SER A 47 -4.21 -12.71 7.50
CA SER A 47 -4.54 -13.10 6.13
C SER A 47 -6.03 -13.10 5.77
N LYS A 48 -6.90 -13.20 6.78
CA LYS A 48 -8.34 -13.19 6.54
C LYS A 48 -8.93 -11.78 6.67
N ILE A 49 -8.05 -10.79 6.71
CA ILE A 49 -8.44 -9.39 6.85
C ILE A 49 -8.65 -8.68 5.52
N GLN A 50 -9.77 -7.99 5.37
CA GLN A 50 -10.06 -7.23 4.15
C GLN A 50 -10.29 -5.76 4.43
N THR A 51 -9.60 -4.89 3.69
CA THR A 51 -9.74 -3.45 3.84
C THR A 51 -11.16 -3.12 3.43
N PRO A 52 -11.80 -2.16 4.10
CA PRO A 52 -13.17 -1.78 3.77
C PRO A 52 -13.33 -0.98 2.49
N THR A 53 -14.59 -0.72 2.15
CA THR A 53 -14.97 0.05 0.96
C THR A 53 -16.26 0.79 1.29
N ASP A 54 -16.89 1.36 0.27
CA ASP A 54 -18.15 2.06 0.50
C ASP A 54 -19.18 0.98 0.83
N GLU A 55 -18.74 -0.28 0.75
CA GLU A 55 -19.60 -1.41 1.06
C GLU A 55 -19.56 -1.66 2.58
N ILE A 56 -18.63 -0.98 3.25
CA ILE A 56 -18.45 -1.09 4.71
C ILE A 56 -18.49 0.29 5.38
N VAL A 57 -17.76 1.22 4.81
CA VAL A 57 -17.72 2.56 5.37
C VAL A 57 -18.28 3.58 4.38
N VAL A 58 -19.40 4.17 4.73
CA VAL A 58 -20.06 5.16 3.90
C VAL A 58 -19.34 6.51 3.96
N PRO A 59 -18.87 7.03 2.81
CA PRO A 59 -18.20 8.34 2.88
C PRO A 59 -19.30 9.22 3.43
N TYR A 60 -18.96 10.35 4.06
CA TYR A 60 -19.96 11.24 4.61
C TYR A 60 -20.53 12.18 3.55
N GLU A 61 -19.66 12.70 2.69
CA GLU A 61 -20.05 13.61 1.62
C GLU A 61 -21.22 13.02 0.82
N LYS A 62 -21.08 11.75 0.45
CA LYS A 62 -22.09 11.05 -0.32
C LYS A 62 -23.30 10.65 0.55
N MET A 63 -23.34 11.14 1.79
CA MET A 63 -24.48 10.81 2.65
C MET A 63 -25.54 11.88 2.39
N THR A 64 -26.81 11.50 2.48
CA THR A 64 -27.92 12.42 2.21
C THR A 64 -28.39 13.21 3.43
N PRO A 65 -28.19 14.54 3.41
CA PRO A 65 -28.57 15.45 4.49
C PRO A 65 -30.06 15.62 4.75
N VAL A 66 -30.38 16.31 5.84
CA VAL A 66 -31.76 16.59 6.23
C VAL A 66 -32.24 17.78 5.41
N SER A 67 -33.53 17.81 5.10
CA SER A 67 -34.09 18.91 4.32
C SER A 67 -34.44 20.10 5.20
N GLN A 68 -35.08 21.10 4.61
CA GLN A 68 -35.50 22.31 5.30
C GLN A 68 -36.89 22.10 5.92
N ASP A 69 -37.05 21.03 6.69
CA ASP A 69 -38.32 20.73 7.33
C ASP A 69 -38.16 20.43 8.82
N VAL A 70 -38.36 21.46 9.65
CA VAL A 70 -38.21 21.34 11.10
C VAL A 70 -38.74 20.07 11.72
N ALA A 71 -39.99 19.73 11.40
CA ALA A 71 -40.58 18.52 11.95
C ALA A 71 -39.67 17.30 11.73
N GLU A 72 -38.82 17.38 10.71
CA GLU A 72 -37.89 16.29 10.40
C GLU A 72 -36.79 16.28 11.45
N THR A 73 -36.33 17.46 11.84
CA THR A 73 -35.30 17.57 12.87
C THR A 73 -35.94 17.08 14.17
N LYS A 74 -37.11 17.61 14.49
CA LYS A 74 -37.84 17.25 15.70
C LYS A 74 -38.13 15.76 15.86
N ASN A 75 -38.25 15.03 14.73
CA ASN A 75 -38.49 13.60 14.85
C ASN A 75 -37.15 12.89 15.11
N LEU A 76 -36.07 13.48 14.61
CA LEU A 76 -34.74 12.92 14.79
C LEU A 76 -34.16 13.29 16.16
N LEU A 77 -34.89 14.08 16.95
CA LEU A 77 -34.38 14.48 18.26
C LEU A 77 -35.12 13.92 19.49
N ASP A 78 -36.43 13.71 19.38
CA ASP A 78 -37.19 13.16 20.51
C ASP A 78 -36.86 11.70 20.86
N LYS A 79 -36.17 11.02 19.94
CA LYS A 79 -35.78 9.62 20.15
C LYS A 79 -34.32 9.52 20.56
N LEU A 80 -33.62 10.64 20.51
CA LEU A 80 -32.19 10.66 20.83
C LEU A 80 -31.82 10.71 22.32
N VAL A 81 -30.66 10.14 22.64
CA VAL A 81 -30.11 10.18 23.98
C VAL A 81 -28.63 10.50 23.75
N VAL A 82 -28.09 11.51 24.42
CA VAL A 82 -26.69 11.89 24.24
C VAL A 82 -25.85 11.47 25.47
N LEU A 83 -24.86 10.59 25.28
CA LEU A 83 -24.03 10.11 26.39
C LEU A 83 -22.57 10.51 26.23
N LYS A 84 -21.96 10.96 27.34
CA LYS A 84 -20.54 11.33 27.34
C LYS A 84 -19.77 10.40 28.29
N LEU A 85 -18.68 9.80 27.78
CA LEU A 85 -17.82 8.90 28.57
C LEU A 85 -17.03 9.81 29.52
N ASN A 86 -17.27 9.65 30.82
CA ASN A 86 -16.63 10.51 31.83
C ASN A 86 -15.97 9.74 32.97
N GLY A 87 -15.34 8.61 32.65
CA GLY A 87 -14.70 7.84 33.69
C GLY A 87 -13.21 8.13 33.87
N GLY A 88 -12.67 9.09 33.11
CA GLY A 88 -11.25 9.38 33.22
C GLY A 88 -10.88 10.59 34.07
N LEU A 89 -9.76 10.47 34.78
CA LEU A 89 -9.25 11.58 35.59
C LEU A 89 -8.35 12.47 34.73
N GLY A 90 -7.99 13.65 35.22
CA GLY A 90 -7.15 14.54 34.43
C GLY A 90 -5.73 14.60 34.96
N THR A 91 -5.34 13.56 35.70
CA THR A 91 -4.02 13.52 36.30
C THR A 91 -2.83 13.51 35.30
N THR A 92 -3.01 12.97 34.10
CA THR A 92 -1.91 12.97 33.12
C THR A 92 -1.60 14.41 32.72
N MET A 93 -2.58 15.29 32.92
CA MET A 93 -2.40 16.70 32.58
C MET A 93 -2.30 17.55 33.86
N GLY A 94 -1.95 16.86 34.94
CA GLY A 94 -1.76 17.52 36.23
C GLY A 94 -3.03 17.93 36.96
N CYS A 95 -4.12 17.22 36.71
CA CYS A 95 -5.40 17.56 37.35
C CYS A 95 -6.13 16.40 38.01
N THR A 96 -6.54 16.63 39.26
CA THR A 96 -7.30 15.64 40.01
C THR A 96 -8.73 15.97 39.58
N GLY A 97 -9.71 15.32 40.19
CA GLY A 97 -11.09 15.56 39.82
C GLY A 97 -11.42 15.02 38.42
N PRO A 98 -12.70 15.03 38.02
CA PRO A 98 -13.10 14.53 36.69
C PRO A 98 -12.41 15.37 35.63
N LYS A 99 -11.62 14.75 34.76
CA LYS A 99 -10.95 15.55 33.75
C LYS A 99 -11.98 16.33 32.92
N SER A 100 -13.22 15.87 32.90
CA SER A 100 -14.26 16.56 32.12
C SER A 100 -14.42 18.01 32.57
N VAL A 101 -13.70 18.40 33.63
CA VAL A 101 -13.80 19.79 34.08
C VAL A 101 -12.54 20.62 33.89
N ILE A 102 -11.61 20.12 33.08
CA ILE A 102 -10.44 20.94 32.79
C ILE A 102 -10.93 22.05 31.85
N GLU A 103 -10.43 23.27 32.03
CA GLU A 103 -10.81 24.40 31.19
C GLU A 103 -10.18 24.20 29.84
N VAL A 104 -10.98 24.26 28.79
CA VAL A 104 -10.45 24.04 27.47
C VAL A 104 -10.26 25.32 26.67
N ARG A 105 -10.99 26.36 27.01
CA ARG A 105 -10.87 27.65 26.32
C ARG A 105 -11.97 28.63 26.73
N ASP A 106 -11.59 29.89 26.90
CA ASP A 106 -12.54 30.94 27.30
C ASP A 106 -13.04 30.73 28.72
N GLY A 107 -12.27 29.98 29.50
CA GLY A 107 -12.67 29.70 30.86
C GLY A 107 -13.66 28.56 31.00
N LEU A 108 -14.13 28.04 29.87
CA LEU A 108 -15.12 26.97 29.90
C LEU A 108 -14.48 25.57 29.83
N THR A 109 -15.07 24.63 30.57
CA THR A 109 -14.56 23.25 30.61
C THR A 109 -15.28 22.40 29.55
N PHE A 110 -14.88 21.14 29.41
CA PHE A 110 -15.56 20.30 28.46
C PHE A 110 -16.95 20.11 29.01
N LEU A 111 -17.01 19.93 30.33
CA LEU A 111 -18.28 19.70 30.96
C LEU A 111 -19.24 20.82 30.57
N ASP A 112 -18.68 22.02 30.47
CA ASP A 112 -19.49 23.20 30.09
C ASP A 112 -19.83 23.22 28.61
N LEU A 113 -18.80 23.16 27.77
CA LEU A 113 -19.05 23.19 26.33
C LEU A 113 -20.05 22.16 25.82
N ILE A 114 -20.28 21.12 26.61
CA ILE A 114 -21.24 20.07 26.27
C ILE A 114 -22.69 20.42 26.69
N VAL A 115 -22.87 20.94 27.89
CA VAL A 115 -24.18 21.27 28.39
C VAL A 115 -24.82 22.40 27.59
N ILE A 116 -24.03 23.44 27.29
CA ILE A 116 -24.56 24.55 26.53
C ILE A 116 -25.26 24.00 25.29
N GLN A 117 -24.71 22.93 24.74
CA GLN A 117 -25.27 22.29 23.56
C GLN A 117 -26.65 21.63 23.75
N ILE A 118 -26.77 20.73 24.72
CA ILE A 118 -28.05 20.05 24.94
C ILE A 118 -29.10 21.05 25.43
N GLU A 119 -28.65 22.03 26.18
CA GLU A 119 -29.57 23.03 26.67
C GLU A 119 -30.10 23.87 25.49
N ASN A 120 -29.20 24.29 24.59
CA ASN A 120 -29.61 25.09 23.44
C ASN A 120 -30.50 24.26 22.52
N LEU A 121 -30.29 22.95 22.51
CA LEU A 121 -31.13 22.09 21.68
C LEU A 121 -32.54 22.07 22.26
N ASN A 122 -32.63 21.82 23.56
CA ASN A 122 -33.93 21.77 24.22
C ASN A 122 -34.70 23.08 24.16
N ASN A 123 -34.12 24.10 23.53
CA ASN A 123 -34.80 25.39 23.42
C ASN A 123 -35.13 25.69 21.98
N LYS A 124 -34.13 25.51 21.14
CA LYS A 124 -34.26 25.78 19.73
C LYS A 124 -35.37 24.92 19.14
N TYR A 125 -35.55 23.73 19.72
CA TYR A 125 -36.57 22.83 19.20
C TYR A 125 -37.67 22.39 20.18
N GLY A 126 -37.60 22.88 21.41
CA GLY A 126 -38.60 22.52 22.40
C GLY A 126 -38.62 21.05 22.73
N CYS A 127 -37.57 20.34 22.31
CA CYS A 127 -37.46 18.91 22.61
C CYS A 127 -36.91 18.74 24.04
N LYS A 128 -36.82 17.50 24.51
CA LYS A 128 -36.31 17.22 25.86
C LYS A 128 -35.30 16.05 25.79
N VAL A 129 -34.14 16.37 25.27
CA VAL A 129 -33.07 15.40 25.10
C VAL A 129 -32.32 15.31 26.43
N PRO A 130 -32.23 14.09 26.99
CA PRO A 130 -31.55 13.82 28.27
C PRO A 130 -30.02 13.73 28.17
N LEU A 131 -29.32 14.15 29.23
CA LEU A 131 -27.85 14.04 29.24
C LEU A 131 -27.53 12.88 30.16
N VAL A 132 -26.63 12.00 29.73
CA VAL A 132 -26.22 10.90 30.60
C VAL A 132 -24.69 10.84 30.60
N LEU A 133 -24.12 10.78 31.80
CA LEU A 133 -22.66 10.73 31.94
C LEU A 133 -22.26 9.39 32.55
N MET A 134 -21.25 8.75 31.95
CA MET A 134 -20.72 7.48 32.48
C MET A 134 -19.40 7.80 33.16
N ASN A 135 -19.38 7.69 34.47
CA ASN A 135 -18.20 7.95 35.24
C ASN A 135 -17.53 6.62 35.59
N SER A 136 -16.28 6.66 36.05
CA SER A 136 -15.52 5.47 36.48
C SER A 136 -15.49 5.67 37.99
N PHE A 137 -14.82 4.79 38.74
CA PHE A 137 -14.81 5.01 40.18
C PHE A 137 -13.90 6.19 40.60
N ASN A 138 -13.09 6.64 39.66
CA ASN A 138 -12.18 7.76 39.91
C ASN A 138 -12.90 9.09 39.74
N THR A 139 -13.98 9.10 38.97
CA THR A 139 -14.69 10.35 38.70
C THR A 139 -16.09 10.46 39.29
N HIS A 140 -16.60 9.38 39.89
CA HIS A 140 -17.98 9.38 40.34
C HIS A 140 -18.33 10.38 41.43
N ASP A 141 -17.71 10.26 42.60
CA ASP A 141 -17.97 11.18 43.71
C ASP A 141 -18.15 12.64 43.31
N ASP A 142 -17.17 13.22 42.62
CA ASP A 142 -17.26 14.65 42.21
C ASP A 142 -18.34 14.95 41.16
N THR A 143 -18.51 14.05 40.21
CA THR A 143 -19.50 14.30 39.18
C THR A 143 -20.87 14.63 39.79
N HIS A 144 -21.32 13.82 40.73
CA HIS A 144 -22.58 14.03 41.41
C HIS A 144 -22.54 15.46 42.00
N LYS A 145 -21.40 15.85 42.56
CA LYS A 145 -21.32 17.19 43.11
C LYS A 145 -21.27 18.24 41.99
N ILE A 146 -20.53 17.97 40.92
CA ILE A 146 -20.44 18.95 39.83
C ILE A 146 -21.79 19.31 39.17
N VAL A 147 -22.56 18.27 38.82
CA VAL A 147 -23.81 18.55 38.14
C VAL A 147 -24.87 19.24 38.97
N GLU A 148 -24.63 19.42 40.27
CA GLU A 148 -25.65 20.13 41.04
C GLU A 148 -25.65 21.58 40.61
N LYS A 149 -24.71 21.99 39.77
CA LYS A 149 -24.69 23.40 39.36
C LYS A 149 -25.59 23.63 38.16
N TYR A 150 -26.05 22.52 37.56
CA TYR A 150 -26.91 22.56 36.39
C TYR A 150 -28.40 22.45 36.74
N THR A 151 -28.68 22.31 38.03
CA THR A 151 -30.04 22.12 38.52
C THR A 151 -31.12 22.92 37.79
N ASN A 152 -30.88 24.21 37.54
CA ASN A 152 -31.88 25.04 36.86
C ASN A 152 -31.78 25.05 35.34
N SER A 153 -30.85 24.26 34.82
CA SER A 153 -30.65 24.14 33.39
C SER A 153 -31.73 23.27 32.75
N ASN A 154 -32.08 23.58 31.50
CA ASN A 154 -33.12 22.82 30.82
C ASN A 154 -32.62 21.53 30.13
N VAL A 155 -32.26 20.55 30.97
CA VAL A 155 -31.80 19.24 30.51
C VAL A 155 -31.80 18.27 31.70
N ASP A 156 -32.37 17.08 31.50
CA ASP A 156 -32.44 16.06 32.55
C ASP A 156 -31.00 15.56 32.71
N ILE A 157 -30.52 15.43 33.93
CA ILE A 157 -29.16 14.95 34.12
C ILE A 157 -29.20 13.56 34.72
N HIS A 158 -28.72 12.59 33.95
CA HIS A 158 -28.69 11.19 34.37
C HIS A 158 -27.25 10.79 34.66
N THR A 159 -27.06 9.83 35.53
CA THR A 159 -25.71 9.33 35.84
C THR A 159 -25.74 7.83 36.04
N PHE A 160 -24.56 7.22 36.06
CA PHE A 160 -24.40 5.81 36.29
C PHE A 160 -22.91 5.54 36.15
N ASN A 161 -22.30 4.96 37.17
CA ASN A 161 -20.87 4.68 37.09
C ASN A 161 -20.64 3.42 36.28
N GLN A 162 -19.41 3.22 35.84
CA GLN A 162 -19.15 2.02 35.08
C GLN A 162 -18.72 0.94 36.07
N SER A 163 -18.49 -0.28 35.57
CA SER A 163 -18.09 -1.39 36.44
C SER A 163 -16.78 -1.10 37.14
N LYS A 164 -16.58 -1.77 38.27
CA LYS A 164 -15.33 -1.66 39.02
C LYS A 164 -14.83 -3.09 39.12
N TYR A 165 -13.74 -3.39 38.43
CA TYR A 165 -13.17 -4.75 38.45
C TYR A 165 -11.90 -4.84 39.28
N PRO A 166 -11.57 -6.05 39.79
CA PRO A 166 -10.35 -6.16 40.58
C PRO A 166 -9.17 -6.35 39.63
N ARG A 167 -8.11 -5.60 39.89
CA ARG A 167 -6.89 -5.82 39.14
C ARG A 167 -6.47 -7.24 39.59
N VAL A 168 -5.90 -8.00 38.66
CA VAL A 168 -5.49 -9.36 38.91
C VAL A 168 -3.99 -9.52 39.12
N VAL A 169 -3.59 -9.95 40.32
CA VAL A 169 -2.18 -10.17 40.62
C VAL A 169 -1.75 -11.22 39.57
N ALA A 170 -1.02 -10.76 38.54
CA ALA A 170 -0.61 -11.63 37.43
C ALA A 170 0.14 -12.91 37.82
N ASP A 171 0.78 -12.89 38.98
CA ASP A 171 1.54 -14.04 39.46
C ASP A 171 0.63 -15.22 39.84
N GLU A 172 -0.07 -15.08 40.95
CA GLU A 172 -0.97 -16.12 41.43
C GLU A 172 -2.28 -16.02 40.66
N PHE A 173 -2.34 -15.00 39.80
CA PHE A 173 -3.52 -14.70 38.98
C PHE A 173 -4.82 -14.79 39.77
N VAL A 174 -4.86 -14.09 40.89
CA VAL A 174 -6.06 -14.02 41.71
C VAL A 174 -6.39 -12.53 41.75
N PRO A 175 -7.46 -12.15 42.45
CA PRO A 175 -7.80 -10.72 42.51
C PRO A 175 -6.92 -10.01 43.53
N TRP A 176 -6.44 -8.82 43.20
CA TRP A 176 -5.62 -8.10 44.15
C TRP A 176 -6.40 -7.87 45.48
N PRO A 177 -7.60 -7.23 45.43
CA PRO A 177 -8.38 -6.98 46.66
C PRO A 177 -8.42 -8.17 47.67
N SER A 178 -8.34 -9.39 47.15
CA SER A 178 -8.37 -10.60 48.00
C SER A 178 -7.10 -10.68 48.84
N LYS A 179 -6.00 -10.20 48.27
CA LYS A 179 -4.73 -10.16 48.98
C LYS A 179 -4.67 -8.86 49.77
N GLY A 180 -5.84 -8.26 49.99
CA GLY A 180 -5.92 -7.05 50.77
C GLY A 180 -5.85 -5.68 50.09
N LYS A 181 -5.40 -5.60 48.83
CA LYS A 181 -5.31 -4.29 48.17
C LYS A 181 -6.77 -3.86 47.93
N THR A 182 -7.33 -3.17 48.91
CA THR A 182 -8.74 -2.79 48.81
C THR A 182 -9.05 -1.32 48.68
N ASP A 183 -8.02 -0.48 48.65
CA ASP A 183 -8.30 0.95 48.44
C ASP A 183 -8.69 1.04 46.96
N LYS A 184 -8.62 2.24 46.37
CA LYS A 184 -8.99 2.41 44.97
C LYS A 184 -7.99 1.75 44.03
N GLU A 185 -6.72 1.71 44.45
CA GLU A 185 -5.68 1.11 43.60
C GLU A 185 -5.86 -0.40 43.36
N GLY A 186 -6.70 -1.06 44.14
CA GLY A 186 -6.89 -2.50 43.89
C GLY A 186 -7.91 -2.84 42.80
N TRP A 187 -8.44 -1.82 42.14
CA TRP A 187 -9.48 -1.99 41.13
C TRP A 187 -9.26 -1.09 39.90
N TYR A 188 -10.09 -1.25 38.89
CA TYR A 188 -10.06 -0.41 37.67
C TYR A 188 -11.37 -0.49 36.89
N PRO A 189 -11.65 0.53 36.03
CA PRO A 189 -12.86 0.57 35.19
C PRO A 189 -12.32 -0.07 33.91
N PRO A 190 -12.84 -1.24 33.52
CA PRO A 190 -12.46 -2.06 32.37
C PRO A 190 -12.82 -1.58 30.96
N GLY A 191 -12.33 -0.38 30.62
CA GLY A 191 -12.55 0.20 29.30
C GLY A 191 -13.94 0.80 29.18
N HIS A 192 -14.22 1.45 28.05
CA HIS A 192 -15.54 2.01 27.86
C HIS A 192 -16.47 1.06 27.13
N GLY A 193 -16.03 -0.19 26.95
CA GLY A 193 -16.89 -1.18 26.30
C GLY A 193 -17.90 -1.68 27.34
N ASP A 194 -17.74 -1.19 28.57
CA ASP A 194 -18.60 -1.53 29.72
C ASP A 194 -19.86 -0.67 29.66
N VAL A 195 -19.82 0.39 28.86
CA VAL A 195 -21.00 1.24 28.73
C VAL A 195 -22.21 0.35 28.51
N PHE A 196 -22.02 -0.75 27.78
CA PHE A 196 -23.09 -1.69 27.44
C PHE A 196 -23.71 -2.39 28.67
N PRO A 197 -22.90 -3.16 29.42
CA PRO A 197 -23.43 -3.84 30.60
C PRO A 197 -23.89 -2.81 31.63
N ALA A 198 -23.02 -1.82 31.90
CA ALA A 198 -23.37 -0.78 32.88
C ALA A 198 -24.66 -0.02 32.45
N LEU A 199 -24.82 0.32 31.18
CA LEU A 199 -26.05 1.02 30.79
C LEU A 199 -27.27 0.15 31.16
N MET A 200 -27.12 -1.18 31.07
CA MET A 200 -28.21 -2.07 31.47
C MET A 200 -28.15 -2.30 32.98
N ASN A 201 -26.94 -2.41 33.54
CA ASN A 201 -26.80 -2.64 34.98
C ASN A 201 -27.24 -1.39 35.75
N SER A 202 -27.29 -0.25 35.06
CA SER A 202 -27.67 0.99 35.71
C SER A 202 -29.18 1.15 35.80
N GLY A 203 -29.91 0.43 34.96
CA GLY A 203 -31.36 0.55 34.92
C GLY A 203 -31.77 1.64 33.94
N LYS A 204 -30.82 2.49 33.56
CA LYS A 204 -31.07 3.59 32.65
C LYS A 204 -31.55 3.16 31.25
N LEU A 205 -30.88 2.16 30.68
CA LEU A 205 -31.26 1.67 29.35
C LEU A 205 -32.78 1.45 29.23
N ASP A 206 -33.31 0.56 30.05
CA ASP A 206 -34.75 0.27 30.01
C ASP A 206 -35.56 1.56 30.17
N THR A 207 -35.10 2.45 31.05
CA THR A 207 -35.78 3.72 31.28
C THR A 207 -36.00 4.45 29.96
N PHE A 208 -34.89 4.80 29.29
CA PHE A 208 -34.95 5.51 28.03
C PHE A 208 -35.88 4.84 27.04
N LEU A 209 -35.88 3.51 27.04
CA LEU A 209 -36.75 2.77 26.15
C LEU A 209 -38.21 3.06 26.48
N SER A 210 -38.58 2.80 27.73
CA SER A 210 -39.95 3.03 28.18
C SER A 210 -40.44 4.38 27.68
N GLN A 211 -39.55 5.37 27.66
CA GLN A 211 -39.94 6.71 27.21
C GLN A 211 -40.07 6.75 25.69
N GLY A 212 -39.11 6.19 24.98
CA GLY A 212 -39.19 6.21 23.53
C GLY A 212 -37.95 6.69 22.79
N LYS A 213 -36.78 6.49 23.36
CA LYS A 213 -35.56 6.88 22.66
C LYS A 213 -35.16 5.64 21.84
N GLU A 214 -34.43 5.83 20.75
CA GLU A 214 -34.04 4.70 19.91
C GLU A 214 -32.55 4.63 19.59
N TYR A 215 -31.83 5.74 19.81
CA TYR A 215 -30.40 5.78 19.51
C TYR A 215 -29.58 6.60 20.49
N VAL A 216 -28.45 6.05 20.92
CA VAL A 216 -27.53 6.80 21.79
C VAL A 216 -26.30 7.17 20.96
N PHE A 217 -25.88 8.43 21.08
CA PHE A 217 -24.70 8.95 20.38
C PHE A 217 -23.62 9.04 21.44
N VAL A 218 -22.66 8.13 21.39
CA VAL A 218 -21.57 8.04 22.36
C VAL A 218 -20.35 8.79 21.83
N ALA A 219 -19.64 9.48 22.73
CA ALA A 219 -18.42 10.21 22.37
C ALA A 219 -17.54 10.52 23.58
N ASN A 220 -16.24 10.67 23.35
CA ASN A 220 -15.33 11.02 24.48
C ASN A 220 -15.72 12.42 24.97
N SER A 221 -15.73 12.66 26.29
CA SER A 221 -16.12 13.97 26.80
C SER A 221 -15.10 15.01 26.37
N ASP A 222 -13.91 14.54 25.98
CA ASP A 222 -12.85 15.46 25.55
C ASP A 222 -12.60 15.47 24.04
N ASN A 223 -13.67 15.22 23.26
CA ASN A 223 -13.56 15.32 21.80
C ASN A 223 -14.30 16.58 21.41
N LEU A 224 -13.56 17.64 21.12
CA LEU A 224 -14.18 18.89 20.73
C LEU A 224 -14.97 18.84 19.42
N GLY A 225 -14.78 17.75 18.65
CA GLY A 225 -15.45 17.63 17.37
C GLY A 225 -16.68 16.74 17.31
N ALA A 226 -16.97 16.04 18.41
CA ALA A 226 -18.11 15.10 18.48
C ALA A 226 -19.47 15.77 18.69
N ILE A 227 -19.83 16.64 17.77
CA ILE A 227 -21.09 17.35 17.81
C ILE A 227 -22.13 16.57 17.00
N VAL A 228 -23.33 16.44 17.57
CA VAL A 228 -24.43 15.73 16.91
C VAL A 228 -24.55 16.14 15.45
N ASP A 229 -24.80 15.15 14.60
CA ASP A 229 -24.94 15.40 13.17
C ASP A 229 -26.13 14.55 12.71
N LEU A 230 -27.24 15.21 12.40
CA LEU A 230 -28.45 14.49 12.01
C LEU A 230 -28.47 13.82 10.63
N THR A 231 -27.48 14.11 9.79
CA THR A 231 -27.37 13.47 8.47
C THR A 231 -27.04 12.01 8.78
N ILE A 232 -26.01 11.83 9.60
CA ILE A 232 -25.58 10.49 9.99
C ILE A 232 -26.74 9.75 10.66
N LEU A 233 -27.47 10.44 11.53
CA LEU A 233 -28.57 9.80 12.24
C LEU A 233 -29.72 9.36 11.34
N LYS A 234 -30.16 10.27 10.48
CA LYS A 234 -31.26 9.98 9.56
C LYS A 234 -30.93 8.75 8.75
N HIS A 235 -29.66 8.62 8.40
CA HIS A 235 -29.19 7.52 7.60
C HIS A 235 -29.38 6.18 8.32
N LEU A 236 -29.31 6.21 9.65
CA LEU A 236 -29.49 4.98 10.45
C LEU A 236 -30.97 4.68 10.65
N ILE A 237 -31.75 5.72 10.92
CA ILE A 237 -33.18 5.50 11.11
C ILE A 237 -33.83 5.02 9.83
N GLN A 238 -33.44 5.60 8.70
CA GLN A 238 -34.00 5.21 7.40
C GLN A 238 -33.45 3.90 6.88
N ASN A 239 -32.20 3.59 7.21
CA ASN A 239 -31.59 2.37 6.73
C ASN A 239 -31.51 1.26 7.79
N LYS A 240 -32.17 1.47 8.93
CA LYS A 240 -32.17 0.50 10.04
C LYS A 240 -30.77 -0.01 10.45
N ASN A 241 -29.81 0.88 10.56
CA ASN A 241 -28.45 0.48 10.96
C ASN A 241 -28.42 0.35 12.48
N GLU A 242 -27.87 -0.75 12.99
CA GLU A 242 -27.80 -0.89 14.46
C GLU A 242 -26.52 -0.29 15.03
N TYR A 243 -25.54 0.05 14.17
CA TYR A 243 -24.27 0.66 14.64
C TYR A 243 -23.52 1.41 13.52
N CYS A 244 -23.03 2.62 13.81
CA CYS A 244 -22.29 3.42 12.82
C CYS A 244 -21.02 4.07 13.39
N MET A 245 -19.94 3.30 13.48
CA MET A 245 -18.69 3.88 13.96
C MET A 245 -18.18 4.97 13.00
N GLU A 246 -18.04 6.19 13.48
CA GLU A 246 -17.51 7.28 12.63
C GLU A 246 -16.01 7.15 12.60
N VAL A 247 -15.45 7.06 11.41
CA VAL A 247 -13.98 6.99 11.26
C VAL A 247 -13.56 8.20 10.47
N THR A 248 -12.25 8.42 10.39
CA THR A 248 -11.72 9.57 9.67
C THR A 248 -10.40 9.18 9.02
N PRO A 249 -9.98 9.91 7.98
CA PRO A 249 -8.73 9.56 7.31
C PRO A 249 -7.48 9.55 8.13
N LYS A 250 -6.72 8.49 7.97
CA LYS A 250 -5.45 8.39 8.66
C LYS A 250 -4.35 9.18 7.93
N THR A 251 -3.56 9.92 8.70
CA THR A 251 -2.44 10.67 8.18
C THR A 251 -1.25 9.92 8.76
N LEU A 252 -0.05 10.46 8.61
CA LEU A 252 1.10 9.77 9.17
C LEU A 252 1.14 9.93 10.69
N ALA A 253 0.22 10.76 11.22
CA ALA A 253 0.15 10.98 12.66
C ALA A 253 -0.84 10.03 13.39
N ASP A 254 -1.72 9.39 12.64
CA ASP A 254 -2.73 8.49 13.22
C ASP A 254 -2.49 7.01 12.94
N VAL A 255 -1.36 6.69 12.35
CA VAL A 255 -1.02 5.32 11.98
C VAL A 255 -1.28 4.26 13.04
N LYS A 256 -1.31 4.66 14.31
CA LYS A 256 -1.55 3.72 15.41
C LYS A 256 -3.01 3.40 15.70
N GLY A 257 -3.91 4.34 15.41
CA GLY A 257 -5.32 4.16 15.66
C GLY A 257 -5.90 2.83 15.20
N GLY A 258 -6.90 2.34 15.93
CA GLY A 258 -7.56 1.07 15.62
C GLY A 258 -8.23 1.22 14.28
N THR A 259 -8.46 0.13 13.55
CA THR A 259 -9.05 0.29 12.23
C THR A 259 -10.13 -0.76 11.95
N LEU A 260 -10.90 -0.56 10.89
CA LEU A 260 -11.95 -1.52 10.56
C LEU A 260 -11.45 -2.44 9.48
N ILE A 261 -11.79 -3.72 9.60
CA ILE A 261 -11.38 -4.70 8.60
C ILE A 261 -12.52 -5.69 8.45
N SER A 262 -12.60 -6.33 7.28
CA SER A 262 -13.63 -7.33 7.09
C SER A 262 -12.95 -8.59 7.60
N TYR A 263 -13.59 -9.27 8.55
CA TYR A 263 -13.06 -10.49 9.11
C TYR A 263 -14.20 -11.45 9.36
N GLU A 264 -14.07 -12.66 8.82
CA GLU A 264 -15.12 -13.67 8.94
C GLU A 264 -16.50 -13.12 8.58
N GLY A 265 -16.53 -12.32 7.51
CA GLY A 265 -17.75 -11.77 7.00
C GLY A 265 -18.40 -10.63 7.75
N LYS A 266 -17.76 -10.20 8.85
CA LYS A 266 -18.27 -9.12 9.68
C LYS A 266 -17.27 -7.96 9.72
N VAL A 267 -17.77 -6.76 9.97
CA VAL A 267 -16.89 -5.61 10.07
C VAL A 267 -16.39 -5.67 11.52
N GLN A 268 -15.07 -5.64 11.70
CA GLN A 268 -14.46 -5.72 13.02
C GLN A 268 -13.43 -4.64 13.24
N LEU A 269 -13.14 -4.36 14.52
CA LEU A 269 -12.14 -3.38 14.86
C LEU A 269 -10.84 -4.16 14.98
N LEU A 270 -9.78 -3.63 14.40
CA LEU A 270 -8.47 -4.29 14.47
C LEU A 270 -7.43 -3.36 15.10
N GLU A 271 -6.89 -3.78 16.23
CA GLU A 271 -5.87 -3.01 16.96
C GLU A 271 -4.47 -3.47 16.60
N ILE A 272 -3.46 -2.64 16.91
CA ILE A 272 -2.07 -3.02 16.61
C ILE A 272 -1.81 -4.25 17.45
N ALA A 273 -2.41 -4.27 18.63
CA ALA A 273 -2.30 -5.38 19.57
C ALA A 273 -2.86 -6.67 18.97
N GLN A 274 -3.73 -6.53 17.97
CA GLN A 274 -4.33 -7.68 17.31
C GLN A 274 -3.56 -8.02 16.05
N VAL A 275 -2.43 -7.34 15.83
CA VAL A 275 -1.64 -7.56 14.62
C VAL A 275 -0.30 -8.27 14.84
N PRO A 276 -0.02 -9.29 14.02
CA PRO A 276 1.23 -10.06 14.10
C PRO A 276 2.44 -9.18 13.80
N ASP A 277 3.57 -9.48 14.44
CA ASP A 277 4.79 -8.69 14.23
C ASP A 277 5.11 -8.50 12.74
N GLU A 278 5.23 -9.61 12.01
CA GLU A 278 5.56 -9.55 10.59
C GLU A 278 4.57 -8.69 9.80
N HIS A 279 3.55 -8.17 10.49
CA HIS A 279 2.56 -7.34 9.81
C HIS A 279 2.30 -6.01 10.49
N VAL A 280 2.87 -5.78 11.66
CA VAL A 280 2.64 -4.52 12.34
C VAL A 280 3.03 -3.30 11.51
N ASN A 281 4.09 -3.40 10.73
CA ASN A 281 4.46 -2.27 9.88
C ASN A 281 3.37 -2.02 8.83
N GLU A 282 2.63 -3.07 8.46
CA GLU A 282 1.55 -2.94 7.48
C GLU A 282 0.36 -2.24 8.12
N PHE A 283 0.04 -2.61 9.36
CA PHE A 283 -1.07 -1.96 10.07
C PHE A 283 -0.91 -0.44 10.07
N LYS A 284 0.25 0.03 10.51
CA LYS A 284 0.53 1.47 10.58
C LYS A 284 0.78 2.08 9.22
N SER A 285 0.74 1.25 8.19
CA SER A 285 0.93 1.74 6.82
C SER A 285 -0.41 2.34 6.40
N ILE A 286 -0.46 3.67 6.31
CA ILE A 286 -1.71 4.34 5.95
C ILE A 286 -2.07 4.10 4.50
N GLU A 287 -1.36 3.14 3.92
CA GLU A 287 -1.58 2.72 2.55
C GLU A 287 -2.15 1.28 2.65
N LYS A 288 -2.30 0.83 3.89
CA LYS A 288 -2.83 -0.49 4.19
C LYS A 288 -4.21 -0.29 4.80
N PHE A 289 -4.26 0.51 5.85
CA PHE A 289 -5.52 0.82 6.53
C PHE A 289 -5.71 2.31 6.35
N LYS A 290 -6.81 2.69 5.70
CA LYS A 290 -7.02 4.10 5.36
C LYS A 290 -7.57 5.06 6.38
N ILE A 291 -8.21 4.54 7.41
CA ILE A 291 -8.79 5.43 8.39
C ILE A 291 -8.71 4.86 9.80
N PHE A 292 -9.20 5.63 10.77
CA PHE A 292 -9.19 5.17 12.14
C PHE A 292 -10.43 5.64 12.88
N ASN A 293 -10.80 4.84 13.89
CA ASN A 293 -11.95 5.08 14.75
C ASN A 293 -11.80 6.33 15.63
N THR A 294 -12.86 7.14 15.70
CA THR A 294 -12.86 8.38 16.49
C THR A 294 -13.51 8.25 17.87
N ASN A 295 -14.11 7.09 18.12
CA ASN A 295 -14.91 6.80 19.31
C ASN A 295 -16.16 7.69 19.30
N ASN A 296 -16.47 8.26 18.13
CA ASN A 296 -17.75 8.98 17.90
C ASN A 296 -18.62 7.80 17.39
N LEU A 297 -19.47 7.24 18.26
CA LEU A 297 -20.27 6.06 17.92
C LEU A 297 -21.79 6.18 18.06
N TRP A 298 -22.52 5.63 17.08
CA TRP A 298 -23.99 5.66 17.10
C TRP A 298 -24.44 4.22 17.16
N VAL A 299 -25.18 3.89 18.23
CA VAL A 299 -25.64 2.53 18.44
C VAL A 299 -27.13 2.47 18.68
N ASN A 300 -27.82 1.47 18.12
CA ASN A 300 -29.27 1.33 18.30
C ASN A 300 -29.64 0.94 19.76
N LEU A 301 -30.57 1.67 20.36
CA LEU A 301 -30.95 1.40 21.75
C LEU A 301 -31.67 0.09 22.06
N LYS A 302 -32.59 -0.33 21.19
CA LYS A 302 -33.33 -1.59 21.39
C LYS A 302 -32.35 -2.75 21.21
N ALA A 303 -31.35 -2.55 20.35
CA ALA A 303 -30.34 -3.58 20.12
C ALA A 303 -29.44 -3.70 21.36
N ILE A 304 -28.90 -2.58 21.84
CA ILE A 304 -28.04 -2.72 23.04
C ILE A 304 -28.82 -3.52 24.08
N LYS A 305 -30.12 -3.28 24.16
CA LYS A 305 -30.96 -3.99 25.11
C LYS A 305 -30.96 -5.48 24.86
N LYS A 306 -31.22 -5.88 23.61
CA LYS A 306 -31.27 -7.31 23.30
C LYS A 306 -29.91 -7.96 23.55
N LEU A 307 -28.86 -7.42 22.94
CA LEU A 307 -27.54 -8.03 23.12
C LEU A 307 -27.21 -8.19 24.59
N VAL A 308 -27.31 -7.11 25.38
CA VAL A 308 -27.01 -7.25 26.79
C VAL A 308 -27.91 -8.32 27.42
N GLU A 309 -29.21 -8.26 27.19
CA GLU A 309 -30.07 -9.27 27.80
C GLU A 309 -29.76 -10.69 27.36
N ALA A 310 -29.20 -10.84 26.16
CA ALA A 310 -28.84 -12.15 25.63
C ALA A 310 -27.42 -12.56 26.00
N ASP A 311 -26.69 -11.62 26.62
CA ASP A 311 -25.30 -11.84 27.02
C ASP A 311 -24.49 -12.23 25.77
N ALA A 312 -24.43 -11.32 24.80
CA ALA A 312 -23.75 -11.59 23.53
C ALA A 312 -22.53 -10.72 23.23
N LEU A 313 -22.52 -9.50 23.74
CA LEU A 313 -21.41 -8.56 23.50
C LEU A 313 -20.09 -9.02 24.07
N LYS A 314 -19.36 -9.83 23.30
CA LYS A 314 -18.07 -10.34 23.77
C LYS A 314 -16.93 -9.65 23.07
N MET A 315 -16.80 -8.36 23.33
CA MET A 315 -15.73 -7.58 22.70
C MET A 315 -14.38 -8.23 23.02
N GLU A 316 -13.37 -7.98 22.19
CA GLU A 316 -12.05 -8.57 22.46
C GLU A 316 -11.46 -7.95 23.71
N ILE A 317 -10.74 -8.78 24.47
CA ILE A 317 -10.11 -8.34 25.69
C ILE A 317 -8.88 -7.50 25.35
N ILE A 318 -8.61 -6.51 26.20
CA ILE A 318 -7.49 -5.60 26.06
C ILE A 318 -6.69 -5.74 27.35
N PRO A 319 -5.54 -6.40 27.31
CA PRO A 319 -4.66 -6.61 28.49
C PRO A 319 -4.16 -5.42 29.32
N ASN A 320 -4.02 -4.24 28.74
CA ASN A 320 -3.51 -3.04 29.45
C ASN A 320 -2.82 -3.26 30.81
N PRO A 321 -1.61 -3.85 30.81
CA PRO A 321 -0.83 -4.12 32.04
C PRO A 321 -0.33 -2.85 32.76
N LYS A 322 -0.16 -2.93 34.07
CA LYS A 322 0.30 -1.80 34.88
C LYS A 322 1.22 -2.30 35.99
N GLU A 323 1.91 -1.36 36.65
CA GLU A 323 2.80 -1.72 37.76
C GLU A 323 2.45 -0.80 38.93
N VAL A 324 2.14 -1.39 40.07
CA VAL A 324 1.79 -0.61 41.26
C VAL A 324 2.58 -1.03 42.50
N ASP A 325 3.47 -0.15 42.95
CA ASP A 325 4.31 -0.39 44.13
C ASP A 325 5.29 -1.53 43.90
N GLY A 326 5.40 -1.93 42.63
CA GLY A 326 6.29 -3.02 42.27
C GLY A 326 5.47 -4.27 42.02
N VAL A 327 4.17 -4.17 42.23
CA VAL A 327 3.27 -5.28 42.01
C VAL A 327 2.79 -5.18 40.56
N LYS A 328 3.11 -6.20 39.76
CA LYS A 328 2.69 -6.24 38.37
C LYS A 328 1.23 -6.73 38.29
N VAL A 329 0.33 -5.83 37.94
CA VAL A 329 -1.09 -6.16 37.85
C VAL A 329 -1.52 -6.29 36.39
N LEU A 330 -2.66 -6.94 36.20
CA LEU A 330 -3.24 -7.17 34.87
C LEU A 330 -4.70 -6.67 34.83
N GLN A 331 -5.09 -6.03 33.72
CA GLN A 331 -6.44 -5.52 33.53
C GLN A 331 -6.98 -6.03 32.21
N LEU A 332 -8.24 -6.46 32.21
CA LEU A 332 -8.88 -6.93 31.01
C LEU A 332 -9.89 -5.85 30.61
N GLU A 333 -9.52 -5.01 29.67
CA GLU A 333 -10.41 -3.96 29.23
C GLU A 333 -11.01 -4.20 27.85
N THR A 334 -12.08 -3.46 27.55
CA THR A 334 -12.73 -3.55 26.25
C THR A 334 -13.15 -2.17 25.77
N ALA A 335 -13.17 -2.02 24.45
CA ALA A 335 -13.50 -0.77 23.78
C ALA A 335 -14.93 -0.81 23.23
N ALA A 336 -15.64 0.30 23.37
CA ALA A 336 -17.03 0.40 22.89
C ALA A 336 -17.13 0.27 21.36
N GLY A 337 -16.11 0.74 20.65
CA GLY A 337 -16.13 0.65 19.20
C GLY A 337 -15.92 -0.75 18.64
N ALA A 338 -15.16 -1.58 19.35
CA ALA A 338 -14.89 -2.94 18.86
C ALA A 338 -16.17 -3.74 18.87
N ALA A 339 -17.12 -3.35 19.70
CA ALA A 339 -18.38 -4.09 19.75
C ALA A 339 -19.07 -4.18 18.39
N ILE A 340 -18.86 -3.16 17.57
CA ILE A 340 -19.52 -3.04 16.26
C ILE A 340 -19.95 -4.33 15.54
N ARG A 341 -19.11 -5.37 15.59
CA ARG A 341 -19.42 -6.64 14.89
C ARG A 341 -20.64 -7.38 15.39
N PHE A 342 -20.83 -7.37 16.71
CA PHE A 342 -21.94 -8.09 17.31
C PHE A 342 -23.25 -7.50 16.90
N PHE A 343 -23.19 -6.39 16.19
CA PHE A 343 -24.40 -5.75 15.73
C PHE A 343 -24.59 -6.09 14.28
N ASP A 344 -25.81 -5.91 13.80
CA ASP A 344 -26.13 -6.20 12.41
C ASP A 344 -26.34 -4.92 11.61
N ASN A 345 -26.13 -4.98 10.30
CA ASN A 345 -26.26 -3.80 9.43
C ASN A 345 -25.34 -2.67 9.96
N ALA A 346 -24.26 -3.09 10.61
CA ALA A 346 -23.26 -2.18 11.18
C ALA A 346 -22.41 -1.52 10.09
N ILE A 347 -22.05 -0.26 10.30
CA ILE A 347 -21.26 0.42 9.32
C ILE A 347 -20.34 1.42 9.93
N GLY A 348 -19.32 1.74 9.17
CA GLY A 348 -18.40 2.78 9.59
C GLY A 348 -18.79 3.88 8.63
N VAL A 349 -18.67 5.11 9.07
CA VAL A 349 -18.92 6.24 8.17
C VAL A 349 -17.64 7.05 8.24
N ASN A 350 -17.06 7.35 7.10
CA ASN A 350 -15.82 8.12 7.07
C ASN A 350 -16.09 9.62 7.04
N VAL A 351 -15.84 10.27 8.17
CA VAL A 351 -16.10 11.70 8.34
C VAL A 351 -14.88 12.64 8.25
N PRO A 352 -15.14 13.93 8.03
CA PRO A 352 -14.03 14.90 7.94
C PRO A 352 -13.36 15.02 9.32
N ARG A 353 -12.05 15.27 9.32
CA ARG A 353 -11.28 15.41 10.57
C ARG A 353 -11.78 16.51 11.49
N SER A 354 -12.71 17.30 11.00
CA SER A 354 -13.27 18.34 11.85
C SER A 354 -13.97 17.65 13.03
N ARG A 355 -14.45 16.42 12.81
CA ARG A 355 -15.13 15.68 13.89
C ARG A 355 -14.20 15.01 14.90
N PHE A 356 -12.90 15.11 14.69
CA PHE A 356 -11.93 14.54 15.61
C PHE A 356 -10.87 15.57 16.01
N LEU A 357 -11.11 16.26 17.11
CA LEU A 357 -10.20 17.28 17.64
C LEU A 357 -10.08 17.04 19.16
N PRO A 358 -9.36 15.98 19.56
CA PRO A 358 -9.19 15.68 20.98
C PRO A 358 -8.18 16.55 21.70
N VAL A 359 -8.44 16.72 22.99
CA VAL A 359 -7.56 17.47 23.90
C VAL A 359 -6.98 16.35 24.78
N LYS A 360 -5.75 15.95 24.51
CA LYS A 360 -5.12 14.89 25.29
C LYS A 360 -3.91 15.36 26.06
N ALA A 361 -3.33 16.47 25.61
CA ALA A 361 -2.15 17.04 26.26
C ALA A 361 -2.14 18.54 26.14
N SER A 362 -1.16 19.16 26.81
CA SER A 362 -1.03 20.60 26.76
C SER A 362 -0.97 21.20 25.36
N SER A 363 -0.34 20.50 24.42
CA SER A 363 -0.24 21.05 23.08
C SER A 363 -1.56 21.06 22.31
N ASP A 364 -2.61 20.46 22.87
CA ASP A 364 -3.92 20.51 22.22
C ASP A 364 -4.63 21.77 22.69
N LEU A 365 -4.57 22.05 24.00
CA LEU A 365 -5.20 23.26 24.53
C LEU A 365 -4.69 24.50 23.75
N LEU A 366 -3.36 24.60 23.65
CA LEU A 366 -2.75 25.71 22.94
C LEU A 366 -3.35 25.84 21.55
N LEU A 367 -3.57 24.70 20.92
CA LEU A 367 -4.17 24.70 19.58
C LEU A 367 -5.53 25.36 19.66
N VAL A 368 -6.33 24.92 20.63
CA VAL A 368 -7.69 25.42 20.75
C VAL A 368 -7.95 26.70 21.54
N GLN A 369 -7.00 27.12 22.38
CA GLN A 369 -7.22 28.35 23.15
C GLN A 369 -6.78 29.58 22.40
N SER A 370 -6.01 29.38 21.33
CA SER A 370 -5.55 30.48 20.51
C SER A 370 -6.84 31.08 19.94
N ASP A 371 -6.79 32.33 19.52
CA ASP A 371 -7.98 32.95 18.95
C ASP A 371 -8.35 32.20 17.66
N LEU A 372 -7.77 31.00 17.50
CA LEU A 372 -8.05 30.17 16.33
C LEU A 372 -9.44 29.53 16.47
N TYR A 373 -10.07 29.76 17.62
CA TYR A 373 -11.39 29.23 17.94
C TYR A 373 -12.25 30.21 18.74
N THR A 374 -13.55 29.94 18.74
CA THR A 374 -14.51 30.74 19.46
C THR A 374 -15.54 29.81 20.09
N LEU A 375 -16.33 30.34 21.02
CA LEU A 375 -17.35 29.57 21.72
C LEU A 375 -18.78 29.99 21.35
N VAL A 376 -19.06 29.99 20.05
CA VAL A 376 -20.37 30.36 19.52
C VAL A 376 -21.47 29.43 20.04
N ASP A 377 -22.35 29.96 20.89
CA ASP A 377 -23.44 29.18 21.47
C ASP A 377 -22.97 27.91 22.17
N GLY A 378 -21.75 27.94 22.70
CA GLY A 378 -21.21 26.78 23.39
C GLY A 378 -20.41 25.86 22.48
N PHE A 379 -20.40 26.16 21.20
CA PHE A 379 -19.65 25.34 20.25
C PHE A 379 -18.26 25.91 19.98
N VAL A 380 -17.24 25.06 20.06
CA VAL A 380 -15.87 25.48 19.80
C VAL A 380 -15.69 25.52 18.29
N THR A 381 -15.73 26.74 17.75
CA THR A 381 -15.69 26.96 16.30
C THR A 381 -14.42 27.54 15.68
N ARG A 382 -13.95 26.87 14.62
CA ARG A 382 -12.74 27.28 13.94
C ARG A 382 -12.90 28.54 13.05
N ASN A 383 -12.24 29.61 13.46
CA ASN A 383 -12.25 30.90 12.76
C ASN A 383 -12.03 30.73 11.25
N LYS A 384 -12.84 31.43 10.45
CA LYS A 384 -12.75 31.36 8.98
C LYS A 384 -11.45 31.91 8.40
N ALA A 385 -10.89 32.92 9.06
CA ALA A 385 -9.65 33.53 8.59
C ALA A 385 -8.58 32.46 8.36
N ARG A 386 -8.66 31.36 9.11
CA ARG A 386 -7.70 30.27 8.97
C ARG A 386 -7.78 29.69 7.56
N THR A 387 -6.84 30.07 6.71
CA THR A 387 -6.78 29.60 5.33
C THR A 387 -6.34 28.14 5.28
N ASN A 388 -5.53 27.74 6.26
CA ASN A 388 -5.03 26.38 6.32
C ASN A 388 -6.11 25.46 6.87
N PRO A 389 -6.53 24.47 6.08
CA PRO A 389 -7.56 23.52 6.52
C PRO A 389 -7.05 22.63 7.66
N SER A 390 -5.73 22.59 7.81
CA SER A 390 -5.09 21.78 8.84
C SER A 390 -4.61 22.56 10.08
N ASN A 391 -4.36 21.82 11.15
CA ASN A 391 -3.88 22.38 12.41
C ASN A 391 -2.38 22.14 12.52
N PRO A 392 -1.63 23.11 13.08
CA PRO A 392 -0.18 23.00 13.24
C PRO A 392 0.30 21.86 14.13
N SER A 393 1.59 21.54 14.02
CA SER A 393 2.19 20.47 14.79
C SER A 393 2.73 20.98 16.13
N ILE A 394 1.83 21.22 17.08
CA ILE A 394 2.23 21.74 18.39
C ILE A 394 2.72 20.64 19.32
N GLU A 395 3.99 20.72 19.69
CA GLU A 395 4.63 19.77 20.59
C GLU A 395 5.37 20.60 21.65
N LEU A 396 5.21 20.23 22.93
CA LEU A 396 5.84 20.95 24.04
C LEU A 396 6.65 20.00 24.96
N GLY A 397 7.65 20.52 25.64
CA GLY A 397 8.43 19.69 26.54
C GLY A 397 7.76 19.38 27.87
N PRO A 398 8.41 18.58 28.76
CA PRO A 398 7.96 18.16 30.08
C PRO A 398 7.48 19.30 31.00
N GLU A 399 8.17 20.44 30.92
CA GLU A 399 7.79 21.62 31.74
C GLU A 399 6.31 21.98 31.57
N PHE A 400 5.80 21.83 30.34
CA PHE A 400 4.40 22.16 30.02
C PHE A 400 3.44 20.98 30.21
N LYS A 401 3.84 19.95 30.94
CA LYS A 401 2.95 18.81 31.13
C LYS A 401 1.64 19.15 31.87
N LYS A 402 1.76 19.80 33.02
CA LYS A 402 0.59 20.17 33.83
C LYS A 402 -0.11 21.44 33.36
N VAL A 403 -1.45 21.43 33.43
CA VAL A 403 -2.25 22.57 33.02
C VAL A 403 -1.79 23.92 33.64
N ALA A 404 -1.97 24.03 34.95
CA ALA A 404 -1.60 25.27 35.64
C ALA A 404 -0.21 25.75 35.23
N THR A 405 0.71 24.80 35.11
CA THR A 405 2.09 25.14 34.74
C THR A 405 2.12 25.67 33.32
N PHE A 406 1.37 25.00 32.44
CA PHE A 406 1.26 25.39 31.04
C PHE A 406 0.70 26.82 30.95
N LEU A 407 -0.36 27.08 31.70
CA LEU A 407 -1.03 28.37 31.71
C LEU A 407 -0.09 29.51 32.07
N SER A 408 0.70 29.31 33.12
CA SER A 408 1.63 30.35 33.55
C SER A 408 2.75 30.52 32.50
N ARG A 409 3.09 29.46 31.77
CA ARG A 409 4.16 29.61 30.77
C ARG A 409 3.70 30.39 29.52
N PHE A 410 2.45 30.87 29.55
CA PHE A 410 1.86 31.70 28.48
C PHE A 410 1.12 32.85 29.15
N LYS A 411 1.79 33.98 29.39
CA LYS A 411 1.10 35.08 30.06
C LYS A 411 -0.26 35.30 29.39
N SER A 412 -0.30 35.09 28.08
CA SER A 412 -1.53 35.15 27.29
C SER A 412 -1.29 34.13 26.18
N ILE A 413 -2.35 33.50 25.67
CA ILE A 413 -2.15 32.52 24.60
C ILE A 413 -1.87 33.25 23.29
N PRO A 414 -0.77 32.90 22.61
CA PRO A 414 -0.43 33.56 21.34
C PRO A 414 -1.42 33.24 20.23
N SER A 415 -1.59 34.19 19.30
CA SER A 415 -2.48 33.94 18.17
C SER A 415 -1.66 32.93 17.33
N ILE A 416 -2.31 31.92 16.77
CA ILE A 416 -1.64 30.90 15.95
C ILE A 416 -2.44 30.69 14.67
N VAL A 417 -3.49 31.47 14.52
CA VAL A 417 -4.36 31.35 13.35
C VAL A 417 -3.56 31.27 12.05
N GLU A 418 -2.38 31.88 12.05
CA GLU A 418 -1.53 31.80 10.86
C GLU A 418 -0.59 30.59 11.00
N LEU A 419 -0.04 30.42 12.19
CA LEU A 419 0.87 29.33 12.52
C LEU A 419 0.68 28.03 11.75
N ASP A 420 1.79 27.42 11.35
CA ASP A 420 1.75 26.14 10.65
C ASP A 420 2.46 25.12 11.50
N SER A 421 3.35 25.58 12.36
CA SER A 421 4.07 24.65 13.19
C SER A 421 4.87 25.30 14.32
N LEU A 422 4.76 24.69 15.50
CA LEU A 422 5.44 25.12 16.72
C LEU A 422 5.91 23.95 17.58
N LYS A 423 7.21 23.96 17.92
CA LYS A 423 7.75 22.97 18.85
C LYS A 423 8.57 23.68 19.92
N VAL A 424 8.34 23.35 21.19
CA VAL A 424 9.06 23.97 22.30
C VAL A 424 9.82 22.97 23.18
N SER A 425 11.10 23.27 23.44
CA SER A 425 11.91 22.39 24.28
C SER A 425 12.54 23.13 25.46
N GLY A 426 12.82 22.39 26.54
CA GLY A 426 13.44 22.99 27.70
C GLY A 426 12.63 24.02 28.49
N ASP A 427 13.33 24.81 29.27
CA ASP A 427 12.69 25.80 30.13
C ASP A 427 12.35 27.14 29.45
N VAL A 428 11.24 27.14 28.72
CA VAL A 428 10.76 28.31 27.99
C VAL A 428 9.53 28.97 28.66
N TRP A 429 9.47 30.31 28.62
CA TRP A 429 8.36 31.09 29.16
C TRP A 429 7.85 32.04 28.08
N PHE A 430 6.53 32.26 28.06
CA PHE A 430 5.89 33.14 27.07
C PHE A 430 5.19 34.36 27.65
N GLY A 431 5.65 35.55 27.27
CA GLY A 431 5.01 36.77 27.74
C GLY A 431 3.59 36.83 27.21
N SER A 432 2.94 37.98 27.37
CA SER A 432 1.58 38.17 26.87
C SER A 432 1.62 38.92 25.55
N SER A 433 0.56 38.74 24.76
CA SER A 433 0.43 39.40 23.45
C SER A 433 1.38 38.92 22.35
N ILE A 434 1.92 37.72 22.53
CA ILE A 434 2.86 37.15 21.56
C ILE A 434 2.14 36.69 20.31
N VAL A 435 2.80 36.88 19.18
CA VAL A 435 2.24 36.44 17.91
C VAL A 435 3.19 35.41 17.33
N LEU A 436 2.63 34.28 16.88
CA LEU A 436 3.43 33.19 16.31
C LEU A 436 3.04 32.88 14.87
N LYS A 437 4.02 32.92 13.97
CA LYS A 437 3.78 32.66 12.55
C LYS A 437 4.67 31.59 11.91
N GLY A 438 4.30 31.23 10.68
CA GLY A 438 5.02 30.23 9.90
C GLY A 438 5.41 29.00 10.69
N LYS A 439 6.69 28.70 10.70
CA LYS A 439 7.18 27.55 11.44
C LYS A 439 8.13 28.10 12.50
N VAL A 440 7.76 27.94 13.76
CA VAL A 440 8.54 28.45 14.88
C VAL A 440 9.05 27.32 15.76
N THR A 441 10.27 27.50 16.27
CA THR A 441 10.86 26.51 17.15
C THR A 441 11.66 27.20 18.25
N VAL A 442 11.22 26.98 19.50
CA VAL A 442 11.89 27.53 20.67
C VAL A 442 12.60 26.36 21.35
N ALA A 443 13.92 26.46 21.47
CA ALA A 443 14.69 25.39 22.07
C ALA A 443 15.68 25.85 23.15
N ALA A 444 15.28 25.79 24.42
CA ALA A 444 16.16 26.21 25.51
C ALA A 444 17.08 25.06 25.92
N LYS A 445 18.39 25.30 25.90
CA LYS A 445 19.34 24.26 26.27
C LYS A 445 19.36 24.04 27.78
N SER A 446 19.85 22.88 28.20
CA SER A 446 19.92 22.55 29.61
C SER A 446 20.67 23.65 30.38
N GLY A 447 20.10 24.05 31.52
CA GLY A 447 20.71 25.08 32.36
C GLY A 447 20.28 26.50 32.09
N VAL A 448 19.55 26.69 31.00
CA VAL A 448 19.10 28.02 30.64
C VAL A 448 17.59 28.16 30.74
N LYS A 449 17.13 29.38 31.03
CA LYS A 449 15.71 29.70 31.08
C LYS A 449 15.49 30.82 30.04
N LEU A 450 14.61 30.55 29.07
CA LEU A 450 14.31 31.52 28.03
C LEU A 450 12.94 32.12 28.22
N GLU A 451 12.76 33.33 27.68
CA GLU A 451 11.47 34.00 27.80
C GLU A 451 11.16 34.81 26.53
N ILE A 452 10.05 34.50 25.89
CA ILE A 452 9.64 35.23 24.68
C ILE A 452 9.01 36.52 25.20
N PRO A 453 9.45 37.67 24.66
CA PRO A 453 8.92 38.96 25.11
C PRO A 453 7.49 39.31 24.75
N ASP A 454 6.85 40.06 25.64
CA ASP A 454 5.48 40.51 25.43
C ASP A 454 5.39 41.11 24.03
N ARG A 455 4.27 40.84 23.35
CA ARG A 455 4.02 41.29 21.99
C ARG A 455 5.10 40.89 20.99
N ALA A 456 5.96 39.96 21.38
CA ALA A 456 7.00 39.49 20.48
C ALA A 456 6.39 38.87 19.25
N VAL A 457 7.09 38.97 18.13
CA VAL A 457 6.61 38.35 16.91
C VAL A 457 7.66 37.34 16.49
N VAL A 458 7.25 36.08 16.32
CA VAL A 458 8.17 35.01 15.94
C VAL A 458 7.61 34.35 14.69
N GLU A 459 8.39 34.42 13.60
CA GLU A 459 7.95 33.87 12.31
C GLU A 459 9.04 33.15 11.51
N ASN A 460 8.83 31.86 11.24
CA ASN A 460 9.80 31.07 10.49
C ASN A 460 11.19 31.31 11.04
N LYS A 461 11.38 31.02 12.33
CA LYS A 461 12.66 31.25 12.98
C LYS A 461 13.01 30.24 14.06
N ASN A 462 14.32 30.04 14.27
CA ASN A 462 14.82 29.13 15.29
C ASN A 462 15.37 29.95 16.45
N ILE A 463 14.85 29.66 17.65
CA ILE A 463 15.29 30.36 18.84
C ILE A 463 15.95 29.35 19.77
N ASN A 464 17.25 29.21 19.64
CA ASN A 464 18.00 28.26 20.44
C ASN A 464 18.78 28.88 21.59
N GLY A 465 18.55 30.17 21.82
CA GLY A 465 19.23 30.86 22.91
C GLY A 465 18.83 32.32 22.95
N PRO A 466 19.26 33.06 23.99
CA PRO A 466 18.92 34.48 24.12
C PRO A 466 19.46 35.20 22.90
N GLU A 467 20.59 34.72 22.40
CA GLU A 467 21.25 35.28 21.23
C GLU A 467 20.26 35.54 20.11
N ASP A 468 19.30 34.64 19.95
CA ASP A 468 18.29 34.79 18.90
C ASP A 468 17.22 35.77 19.36
N LEU A 469 17.65 36.91 19.86
CA LEU A 469 16.74 37.95 20.34
C LEU A 469 15.65 37.34 21.22
N LEU B 8 43.24 -5.67 -13.65
CA LEU B 8 44.57 -6.35 -13.51
C LEU B 8 45.21 -6.60 -14.88
N PRO B 9 46.49 -6.21 -15.03
CA PRO B 9 47.25 -6.37 -16.28
C PRO B 9 47.32 -7.84 -16.69
N GLN B 10 47.18 -8.71 -15.70
CA GLN B 10 47.21 -10.16 -15.89
C GLN B 10 46.14 -10.64 -16.89
N LEU B 11 45.04 -9.90 -17.01
CA LEU B 11 43.97 -10.28 -17.93
C LEU B 11 43.90 -9.21 -19.03
N LYS B 12 44.40 -8.03 -18.71
CA LYS B 12 44.43 -6.92 -19.68
C LYS B 12 45.36 -7.27 -20.85
N SER B 13 46.48 -7.93 -20.56
CA SER B 13 47.42 -8.30 -21.63
C SER B 13 46.88 -9.56 -22.29
N ALA B 14 46.12 -10.34 -21.52
CA ALA B 14 45.49 -11.58 -22.00
C ALA B 14 44.49 -11.12 -23.06
N VAL B 15 43.72 -10.10 -22.71
CA VAL B 15 42.72 -9.58 -23.64
C VAL B 15 43.38 -9.08 -24.92
N ASP B 16 44.39 -8.22 -24.81
CA ASP B 16 45.06 -7.69 -26.00
C ASP B 16 45.60 -8.79 -26.91
N GLY B 17 45.83 -9.97 -26.32
CA GLY B 17 46.31 -11.09 -27.10
C GLY B 17 45.21 -11.83 -27.86
N LEU B 18 43.95 -11.43 -27.69
CA LEU B 18 42.85 -12.10 -28.37
C LEU B 18 42.42 -11.38 -29.65
N THR B 19 43.19 -11.58 -30.72
CA THR B 19 42.89 -10.95 -32.01
C THR B 19 41.46 -11.20 -32.47
N GLU B 20 40.78 -12.17 -31.86
CA GLU B 20 39.41 -12.49 -32.23
C GLU B 20 38.44 -11.36 -31.85
N MET B 21 38.91 -10.44 -31.02
CA MET B 21 38.08 -9.30 -30.59
C MET B 21 38.54 -7.99 -31.24
N SER B 22 37.59 -7.10 -31.54
CA SER B 22 37.93 -5.79 -32.11
C SER B 22 38.51 -4.95 -30.98
N GLU B 23 39.12 -3.82 -31.31
CA GLU B 23 39.67 -2.97 -30.26
C GLU B 23 38.60 -2.42 -29.29
N SER B 24 37.42 -2.11 -29.83
CA SER B 24 36.34 -1.62 -28.98
C SER B 24 35.87 -2.75 -28.07
N GLU B 25 35.83 -3.97 -28.62
CA GLU B 25 35.39 -5.15 -27.86
C GLU B 25 36.38 -5.61 -26.80
N LYS B 26 37.65 -5.24 -26.95
CA LYS B 26 38.65 -5.61 -25.96
C LYS B 26 38.56 -4.63 -24.80
N SER B 27 38.41 -3.35 -25.16
CA SER B 27 38.32 -2.26 -24.18
C SER B 27 37.04 -2.40 -23.36
N GLY B 28 35.92 -2.63 -24.04
CA GLY B 28 34.64 -2.80 -23.36
C GLY B 28 34.66 -3.90 -22.30
N PHE B 29 35.31 -5.02 -22.61
CA PHE B 29 35.37 -6.13 -21.66
C PHE B 29 36.24 -5.77 -20.46
N ILE B 30 37.38 -5.14 -20.73
CA ILE B 30 38.28 -4.73 -19.66
C ILE B 30 37.61 -3.65 -18.81
N SER B 31 36.94 -2.73 -19.48
CA SER B 31 36.23 -1.64 -18.83
C SER B 31 35.25 -2.21 -17.81
N LEU B 32 34.54 -3.25 -18.23
CA LEU B 32 33.56 -3.93 -17.39
C LEU B 32 34.28 -4.75 -16.32
N VAL B 33 35.42 -5.32 -16.69
CA VAL B 33 36.18 -6.12 -15.72
C VAL B 33 36.71 -5.16 -14.65
N SER B 34 37.14 -3.98 -15.10
CA SER B 34 37.66 -2.95 -14.21
C SER B 34 36.65 -2.56 -13.16
N ARG B 35 35.38 -2.42 -13.57
CA ARG B 35 34.31 -2.05 -12.66
C ARG B 35 33.99 -3.19 -11.71
N TYR B 36 34.01 -4.41 -12.22
CA TYR B 36 33.70 -5.57 -11.40
C TYR B 36 34.64 -5.69 -10.21
N LEU B 37 35.69 -4.87 -10.21
CA LEU B 37 36.68 -4.90 -9.14
C LEU B 37 36.97 -3.50 -8.59
N ILE B 44 21.93 -1.02 -2.12
CA ILE B 44 21.04 0.13 -2.30
C ILE B 44 20.66 0.67 -0.91
N GLU B 45 20.67 2.00 -0.76
CA GLU B 45 20.33 2.62 0.51
C GLU B 45 18.80 2.69 0.66
N TRP B 46 18.22 1.61 1.17
CA TRP B 46 16.77 1.49 1.36
C TRP B 46 16.05 2.74 1.84
N SER B 47 16.63 3.44 2.82
CA SER B 47 15.98 4.65 3.34
C SER B 47 15.96 5.78 2.31
N LYS B 48 16.75 5.65 1.24
CA LYS B 48 16.78 6.71 0.22
C LYS B 48 15.84 6.46 -0.96
N ILE B 49 15.26 5.27 -1.02
CA ILE B 49 14.34 4.90 -2.08
C ILE B 49 13.03 5.70 -2.07
N GLN B 50 12.62 6.23 -3.21
CA GLN B 50 11.35 6.94 -3.28
C GLN B 50 10.45 6.30 -4.36
N THR B 51 9.46 5.54 -3.91
CA THR B 51 8.51 4.89 -4.80
C THR B 51 7.98 5.92 -5.79
N PRO B 52 8.35 5.80 -7.07
CA PRO B 52 7.88 6.77 -8.06
C PRO B 52 6.39 7.07 -7.97
N THR B 53 6.02 8.23 -8.47
CA THR B 53 4.62 8.65 -8.49
C THR B 53 4.31 8.86 -9.98
N ASP B 54 3.09 9.27 -10.28
CA ASP B 54 2.71 9.47 -11.66
C ASP B 54 3.66 10.40 -12.42
N GLU B 55 4.58 11.05 -11.71
CA GLU B 55 5.55 11.92 -12.36
C GLU B 55 6.72 11.12 -12.91
N ILE B 56 7.14 10.10 -12.19
CA ILE B 56 8.27 9.26 -12.62
C ILE B 56 7.77 8.08 -13.50
N VAL B 57 6.60 7.57 -13.16
CA VAL B 57 6.00 6.50 -13.94
C VAL B 57 4.74 7.11 -14.51
N VAL B 58 4.76 7.40 -15.80
CA VAL B 58 3.62 8.04 -16.46
C VAL B 58 2.52 7.04 -16.79
N PRO B 59 1.34 7.18 -16.15
CA PRO B 59 0.30 6.18 -16.50
C PRO B 59 -0.01 6.30 -18.01
N TYR B 60 -0.11 5.17 -18.70
CA TYR B 60 -0.36 5.16 -20.14
C TYR B 60 -1.67 5.88 -20.49
N GLU B 61 -2.74 5.53 -19.77
CA GLU B 61 -4.07 6.10 -20.02
C GLU B 61 -4.14 7.60 -19.82
N LYS B 62 -3.10 8.17 -19.23
CA LYS B 62 -3.05 9.60 -18.99
C LYS B 62 -2.32 10.29 -20.14
N MET B 63 -1.71 9.50 -21.03
CA MET B 63 -0.97 10.07 -22.15
C MET B 63 -1.90 10.48 -23.28
N THR B 64 -1.57 11.62 -23.91
CA THR B 64 -2.37 12.12 -25.03
C THR B 64 -2.13 11.22 -26.24
N PRO B 65 -3.15 10.46 -26.67
CA PRO B 65 -2.90 9.61 -27.83
C PRO B 65 -2.87 10.44 -29.10
N VAL B 66 -2.49 9.83 -30.21
CA VAL B 66 -2.48 10.62 -31.42
C VAL B 66 -3.92 10.91 -31.83
N SER B 67 -4.11 11.95 -32.62
CA SER B 67 -5.43 12.35 -33.12
C SER B 67 -5.82 11.42 -34.28
N GLN B 68 -6.94 11.72 -34.92
CA GLN B 68 -7.41 10.91 -36.06
C GLN B 68 -6.87 11.42 -37.40
N ASP B 69 -5.90 12.32 -37.37
CA ASP B 69 -5.34 12.87 -38.62
C ASP B 69 -4.12 12.01 -38.99
N VAL B 70 -4.22 11.27 -40.09
CA VAL B 70 -3.14 10.35 -40.51
C VAL B 70 -1.81 11.03 -40.70
N ALA B 71 -1.82 12.32 -41.02
CA ALA B 71 -0.55 13.04 -41.15
C ALA B 71 0.25 12.96 -39.83
N GLU B 72 -0.44 12.76 -38.70
CA GLU B 72 0.25 12.67 -37.41
C GLU B 72 0.94 11.30 -37.26
N THR B 73 0.23 10.22 -37.54
CA THR B 73 0.84 8.89 -37.47
C THR B 73 2.16 8.88 -38.28
N LYS B 74 2.20 9.67 -39.35
CA LYS B 74 3.41 9.71 -40.19
C LYS B 74 4.63 10.45 -39.58
N ASN B 75 4.41 11.62 -38.98
CA ASN B 75 5.50 12.42 -38.36
C ASN B 75 6.21 11.62 -37.25
N LEU B 76 5.44 10.76 -36.58
CA LEU B 76 6.01 9.92 -35.52
C LEU B 76 6.74 8.74 -36.15
N LEU B 77 6.06 7.98 -37.01
CA LEU B 77 6.70 6.82 -37.65
C LEU B 77 7.99 7.19 -38.39
N ASP B 78 8.07 8.39 -38.98
CA ASP B 78 9.29 8.78 -39.71
C ASP B 78 10.51 8.96 -38.75
N LYS B 79 10.24 9.16 -37.46
CA LYS B 79 11.33 9.39 -36.50
C LYS B 79 11.83 8.11 -35.87
N LEU B 80 11.13 7.03 -36.17
CA LEU B 80 11.41 5.75 -35.53
C LEU B 80 12.27 4.69 -36.18
N VAL B 81 13.01 3.99 -35.32
CA VAL B 81 13.82 2.83 -35.67
C VAL B 81 13.43 1.78 -34.63
N VAL B 82 13.08 0.58 -35.08
CA VAL B 82 12.75 -0.46 -34.11
C VAL B 82 13.91 -1.46 -34.13
N LEU B 83 14.28 -1.94 -32.94
CA LEU B 83 15.33 -2.89 -32.75
C LEU B 83 14.79 -4.10 -31.94
N LYS B 84 15.22 -5.31 -32.33
CA LYS B 84 14.81 -6.52 -31.64
C LYS B 84 16.06 -7.27 -31.18
N LEU B 85 16.05 -7.71 -29.93
CA LEU B 85 17.16 -8.47 -29.34
C LEU B 85 17.06 -9.91 -29.89
N ASN B 86 18.03 -10.28 -30.73
CA ASN B 86 18.04 -11.58 -31.41
C ASN B 86 19.39 -12.30 -31.23
N GLY B 87 20.01 -12.13 -30.06
CA GLY B 87 21.30 -12.73 -29.82
C GLY B 87 21.21 -14.09 -29.15
N GLY B 88 19.98 -14.48 -28.80
CA GLY B 88 19.76 -15.75 -28.14
C GLY B 88 19.28 -16.89 -29.02
N LEU B 89 19.64 -18.12 -28.64
CA LEU B 89 19.26 -19.34 -29.37
C LEU B 89 18.03 -20.01 -28.71
N GLY B 90 17.44 -20.98 -29.40
CA GLY B 90 16.28 -21.66 -28.85
C GLY B 90 16.61 -22.90 -28.03
N THR B 91 17.82 -22.95 -27.49
CA THR B 91 18.26 -24.10 -26.71
C THR B 91 17.40 -24.48 -25.47
N THR B 92 16.97 -23.49 -24.70
CA THR B 92 16.15 -23.77 -23.51
C THR B 92 14.83 -24.45 -23.87
N MET B 93 14.34 -24.18 -25.07
CA MET B 93 13.09 -24.80 -25.53
C MET B 93 13.43 -25.88 -26.56
N GLY B 94 14.67 -26.39 -26.42
CA GLY B 94 15.16 -27.44 -27.29
C GLY B 94 15.09 -27.31 -28.79
N CYS B 95 15.45 -26.14 -29.33
CA CYS B 95 15.43 -25.93 -30.79
C CYS B 95 16.72 -25.28 -31.29
N THR B 96 17.06 -25.60 -32.55
CA THR B 96 18.26 -25.06 -33.19
C THR B 96 18.16 -23.56 -33.37
N GLY B 97 19.25 -22.92 -33.80
CA GLY B 97 19.29 -21.48 -34.03
C GLY B 97 18.67 -20.47 -33.08
N PRO B 98 18.49 -19.23 -33.55
CA PRO B 98 17.91 -18.13 -32.76
C PRO B 98 16.53 -18.55 -32.24
N LYS B 99 16.19 -18.12 -31.04
CA LYS B 99 14.87 -18.43 -30.47
C LYS B 99 13.76 -17.87 -31.38
N SER B 100 14.05 -16.71 -31.97
CA SER B 100 13.12 -16.04 -32.87
C SER B 100 12.81 -16.85 -34.13
N VAL B 101 13.58 -17.92 -34.39
CA VAL B 101 13.33 -18.68 -35.60
C VAL B 101 12.36 -19.81 -35.37
N ILE B 102 11.78 -19.83 -34.17
CA ILE B 102 10.74 -20.79 -33.82
C ILE B 102 9.43 -20.26 -34.46
N GLU B 103 8.54 -21.16 -34.93
CA GLU B 103 7.27 -20.71 -35.50
C GLU B 103 6.26 -20.47 -34.40
N VAL B 104 5.56 -19.35 -34.51
CA VAL B 104 4.56 -18.92 -33.54
C VAL B 104 3.26 -19.69 -33.72
N ARG B 105 2.60 -19.44 -34.84
CA ARG B 105 1.36 -20.14 -35.21
C ARG B 105 1.13 -19.86 -36.69
N ASP B 106 0.67 -20.88 -37.42
CA ASP B 106 0.38 -20.71 -38.84
C ASP B 106 1.59 -20.59 -39.77
N GLY B 107 2.70 -21.23 -39.40
CA GLY B 107 3.89 -21.21 -40.26
C GLY B 107 4.81 -20.00 -40.24
N LEU B 108 4.49 -19.01 -39.41
CA LEU B 108 5.28 -17.79 -39.32
C LEU B 108 6.09 -17.74 -38.04
N THR B 109 7.39 -17.50 -38.18
CA THR B 109 8.30 -17.45 -37.04
C THR B 109 8.22 -16.11 -36.28
N PHE B 110 8.88 -16.04 -35.13
CA PHE B 110 8.91 -14.80 -34.36
C PHE B 110 9.29 -13.69 -35.33
N LEU B 111 10.41 -13.90 -36.04
CA LEU B 111 10.91 -12.91 -37.01
C LEU B 111 9.84 -12.62 -38.09
N ASP B 112 8.99 -13.60 -38.40
CA ASP B 112 7.96 -13.41 -39.43
C ASP B 112 6.89 -12.38 -39.08
N LEU B 113 6.38 -12.40 -37.86
CA LEU B 113 5.34 -11.47 -37.48
C LEU B 113 5.97 -10.06 -37.43
N ILE B 114 7.23 -10.02 -37.06
CA ILE B 114 7.97 -8.75 -37.00
C ILE B 114 8.00 -8.03 -38.36
N VAL B 115 8.51 -8.71 -39.38
CA VAL B 115 8.58 -8.09 -40.70
C VAL B 115 7.20 -7.71 -41.25
N ILE B 116 6.18 -8.52 -40.96
CA ILE B 116 4.83 -8.23 -41.48
C ILE B 116 4.28 -6.96 -40.86
N GLN B 117 4.30 -6.93 -39.54
CA GLN B 117 3.80 -5.77 -38.80
C GLN B 117 4.51 -4.55 -39.37
N ILE B 118 5.83 -4.65 -39.50
CA ILE B 118 6.55 -3.49 -40.00
C ILE B 118 6.20 -3.26 -41.46
N GLU B 119 6.25 -4.33 -42.26
CA GLU B 119 5.87 -4.23 -43.66
C GLU B 119 4.51 -3.51 -43.76
N ASN B 120 3.60 -3.79 -42.83
CA ASN B 120 2.27 -3.16 -42.86
C ASN B 120 2.25 -1.66 -42.54
N LEU B 121 3.02 -1.21 -41.54
CA LEU B 121 3.08 0.22 -41.24
C LEU B 121 3.53 0.95 -42.52
N ASN B 122 4.63 0.46 -43.09
CA ASN B 122 5.21 1.06 -44.29
C ASN B 122 4.24 1.06 -45.48
N ASN B 123 3.52 -0.03 -45.66
CA ASN B 123 2.56 -0.10 -46.75
C ASN B 123 1.34 0.77 -46.43
N LYS B 124 1.00 0.87 -45.14
CA LYS B 124 -0.18 1.65 -44.74
C LYS B 124 -0.01 3.16 -44.77
N TYR B 125 1.08 3.65 -44.17
CA TYR B 125 1.34 5.08 -44.09
C TYR B 125 2.35 5.64 -45.09
N GLY B 126 3.04 4.76 -45.82
CA GLY B 126 4.01 5.22 -46.80
C GLY B 126 5.31 5.66 -46.14
N CYS B 127 5.43 5.40 -44.84
CA CYS B 127 6.65 5.73 -44.10
C CYS B 127 7.64 4.62 -44.40
N LYS B 128 8.89 4.81 -43.97
CA LYS B 128 9.94 3.83 -44.19
C LYS B 128 10.62 3.49 -42.85
N VAL B 129 9.91 2.76 -42.00
CA VAL B 129 10.46 2.37 -40.71
C VAL B 129 11.43 1.21 -40.83
N PRO B 130 12.72 1.43 -40.50
CA PRO B 130 13.67 0.32 -40.61
C PRO B 130 13.60 -0.63 -39.43
N LEU B 131 13.90 -1.89 -39.71
CA LEU B 131 14.00 -2.92 -38.69
C LEU B 131 15.51 -3.14 -38.55
N VAL B 132 15.98 -3.29 -37.31
CA VAL B 132 17.39 -3.53 -37.05
C VAL B 132 17.47 -4.63 -36.00
N LEU B 133 18.13 -5.75 -36.32
CA LEU B 133 18.25 -6.87 -35.38
C LEU B 133 19.63 -6.91 -34.72
N MET B 134 19.65 -7.08 -33.41
CA MET B 134 20.91 -7.22 -32.71
C MET B 134 21.12 -8.70 -32.50
N ASN B 135 22.11 -9.27 -33.18
CA ASN B 135 22.39 -10.70 -33.05
C ASN B 135 23.63 -10.87 -32.16
N SER B 136 24.01 -12.11 -31.91
CA SER B 136 25.23 -12.43 -31.14
C SER B 136 26.03 -13.38 -32.01
N PHE B 137 27.28 -13.66 -31.64
CA PHE B 137 28.08 -14.58 -32.44
C PHE B 137 27.35 -15.91 -32.59
N ASN B 138 26.38 -16.20 -31.71
CA ASN B 138 25.65 -17.47 -31.82
C ASN B 138 24.58 -17.39 -32.88
N THR B 139 24.10 -16.19 -33.15
CA THR B 139 23.05 -16.01 -34.13
C THR B 139 23.34 -15.18 -35.39
N HIS B 140 24.32 -14.28 -35.34
CA HIS B 140 24.54 -13.36 -36.49
C HIS B 140 24.62 -14.09 -37.81
N ASP B 141 25.48 -15.09 -37.82
CA ASP B 141 25.71 -15.98 -38.95
C ASP B 141 24.43 -16.33 -39.73
N ASP B 142 23.58 -17.12 -39.10
CA ASP B 142 22.32 -17.61 -39.64
C ASP B 142 21.27 -16.54 -39.91
N THR B 143 21.33 -15.46 -39.15
CA THR B 143 20.35 -14.40 -39.34
C THR B 143 20.50 -13.81 -40.74
N HIS B 144 21.74 -13.77 -41.21
CA HIS B 144 22.02 -13.24 -42.53
C HIS B 144 21.40 -14.19 -43.56
N LYS B 145 21.49 -15.48 -43.31
CA LYS B 145 20.89 -16.47 -44.19
C LYS B 145 19.36 -16.43 -44.07
N ILE B 146 18.88 -16.38 -42.83
CA ILE B 146 17.45 -16.36 -42.56
C ILE B 146 16.63 -15.26 -43.25
N VAL B 147 16.92 -13.99 -42.95
CA VAL B 147 16.14 -12.88 -43.50
C VAL B 147 16.19 -12.78 -45.04
N GLU B 148 16.85 -13.75 -45.64
CA GLU B 148 16.97 -13.85 -47.08
C GLU B 148 15.58 -13.88 -47.69
N LYS B 149 14.62 -14.42 -46.93
CA LYS B 149 13.23 -14.54 -47.36
C LYS B 149 12.40 -13.26 -47.17
N TYR B 150 13.03 -12.10 -47.35
CA TYR B 150 12.31 -10.84 -47.22
C TYR B 150 12.93 -9.74 -48.06
N THR B 151 13.85 -10.13 -48.94
CA THR B 151 14.51 -9.18 -49.85
C THR B 151 13.53 -8.68 -50.92
N ASN B 152 12.24 -8.65 -50.56
CA ASN B 152 11.17 -8.19 -51.45
C ASN B 152 10.09 -7.44 -50.67
N SER B 153 10.29 -7.26 -49.36
CA SER B 153 9.31 -6.57 -48.51
C SER B 153 9.54 -5.06 -48.44
N ASN B 154 8.52 -4.30 -48.07
CA ASN B 154 8.67 -2.86 -47.93
C ASN B 154 9.18 -2.46 -46.56
N VAL B 155 10.36 -2.97 -46.22
CA VAL B 155 11.08 -2.68 -44.98
C VAL B 155 12.53 -3.08 -45.21
N ASP B 156 13.46 -2.19 -44.84
CA ASP B 156 14.88 -2.50 -44.99
C ASP B 156 15.27 -3.17 -43.68
N ILE B 157 15.69 -4.43 -43.76
CA ILE B 157 16.10 -5.18 -42.58
C ILE B 157 17.60 -5.02 -42.38
N HIS B 158 17.98 -4.41 -41.25
CA HIS B 158 19.38 -4.18 -40.92
C HIS B 158 19.77 -5.19 -39.87
N THR B 159 21.05 -5.50 -39.78
CA THR B 159 21.51 -6.44 -38.76
C THR B 159 22.91 -6.08 -38.31
N PHE B 160 23.22 -6.36 -37.04
CA PHE B 160 24.57 -6.11 -36.53
C PHE B 160 24.88 -7.13 -35.44
N ASN B 161 26.16 -7.30 -35.14
CA ASN B 161 26.57 -8.26 -34.13
C ASN B 161 27.00 -7.53 -32.84
N GLN B 162 26.44 -7.92 -31.71
CA GLN B 162 26.79 -7.27 -30.43
C GLN B 162 28.20 -7.70 -30.06
N SER B 163 28.76 -7.05 -29.04
CA SER B 163 30.12 -7.35 -28.59
C SER B 163 30.32 -8.81 -28.26
N LYS B 164 31.59 -9.22 -28.19
CA LYS B 164 31.96 -10.60 -27.83
C LYS B 164 32.98 -10.47 -26.71
N TYR B 165 32.73 -11.14 -25.57
CA TYR B 165 33.61 -11.06 -24.42
C TYR B 165 34.09 -12.43 -23.90
N PRO B 166 35.39 -12.55 -23.59
CA PRO B 166 35.86 -13.86 -23.10
C PRO B 166 35.22 -14.29 -21.78
N ARG B 167 34.89 -15.58 -21.69
CA ARG B 167 34.34 -16.20 -20.50
C ARG B 167 35.49 -16.35 -19.49
N VAL B 168 35.31 -15.80 -18.29
CA VAL B 168 36.37 -15.89 -17.30
C VAL B 168 36.44 -17.29 -16.69
N VAL B 169 37.65 -17.77 -16.40
CA VAL B 169 37.81 -19.09 -15.80
C VAL B 169 37.81 -18.99 -14.26
N ALA B 170 37.25 -20.00 -13.61
CA ALA B 170 37.18 -20.10 -12.15
C ALA B 170 37.91 -19.02 -11.32
N ASP B 171 38.94 -19.43 -10.58
CA ASP B 171 39.68 -18.50 -9.74
C ASP B 171 40.97 -17.92 -10.33
N GLU B 172 41.36 -18.41 -11.50
CA GLU B 172 42.55 -17.93 -12.18
C GLU B 172 42.32 -16.50 -12.63
N PHE B 173 41.07 -16.26 -13.02
CA PHE B 173 40.60 -14.97 -13.54
C PHE B 173 41.30 -14.66 -14.84
N VAL B 174 41.32 -15.64 -15.74
CA VAL B 174 41.92 -15.47 -17.04
C VAL B 174 40.93 -15.89 -18.12
N PRO B 175 41.05 -15.31 -19.32
CA PRO B 175 40.16 -15.62 -20.43
C PRO B 175 40.33 -17.09 -20.82
N TRP B 176 39.22 -17.79 -21.04
CA TRP B 176 39.27 -19.20 -21.42
C TRP B 176 39.95 -19.36 -22.80
N PRO B 177 39.54 -18.53 -23.78
CA PRO B 177 40.17 -18.63 -25.10
C PRO B 177 41.71 -18.62 -25.03
N SER B 178 42.27 -17.82 -24.10
CA SER B 178 43.71 -17.73 -23.95
C SER B 178 44.29 -19.07 -23.51
N LYS B 179 43.48 -19.86 -22.78
CA LYS B 179 43.91 -21.17 -22.33
C LYS B 179 43.73 -22.14 -23.49
N GLY B 180 43.16 -21.64 -24.58
CA GLY B 180 42.94 -22.46 -25.75
C GLY B 180 41.49 -22.78 -26.11
N LYS B 181 40.54 -22.30 -25.30
CA LYS B 181 39.14 -22.58 -25.58
C LYS B 181 38.68 -21.47 -26.52
N THR B 182 39.02 -21.61 -27.81
CA THR B 182 38.70 -20.60 -28.82
C THR B 182 37.40 -20.81 -29.61
N ASP B 183 36.87 -22.02 -29.56
CA ASP B 183 35.63 -22.33 -30.24
C ASP B 183 34.55 -21.46 -29.58
N LYS B 184 33.32 -21.51 -30.10
CA LYS B 184 32.25 -20.69 -29.55
C LYS B 184 32.06 -20.78 -28.04
N GLU B 185 32.19 -21.97 -27.47
CA GLU B 185 32.01 -22.12 -26.02
C GLU B 185 33.03 -21.33 -25.20
N GLY B 186 34.04 -20.77 -25.86
CA GLY B 186 35.04 -19.99 -25.15
C GLY B 186 34.61 -18.52 -25.03
N TRP B 187 33.42 -18.24 -25.55
CA TRP B 187 32.88 -16.88 -25.55
C TRP B 187 31.42 -16.73 -25.15
N TYR B 188 30.96 -15.47 -25.14
CA TYR B 188 29.56 -15.19 -24.82
C TYR B 188 29.19 -13.77 -25.12
N PRO B 189 27.93 -13.53 -25.54
CA PRO B 189 27.51 -12.15 -25.82
C PRO B 189 27.13 -11.74 -24.39
N PRO B 190 27.66 -10.61 -23.87
CA PRO B 190 27.40 -10.15 -22.51
C PRO B 190 26.04 -9.57 -22.11
N GLY B 191 24.94 -10.22 -22.52
CA GLY B 191 23.62 -9.75 -22.14
C GLY B 191 23.15 -8.62 -23.03
N HIS B 192 21.88 -8.29 -22.97
CA HIS B 192 21.43 -7.21 -23.84
C HIS B 192 21.82 -5.78 -23.42
N GLY B 193 22.45 -5.62 -22.26
CA GLY B 193 22.88 -4.29 -21.85
C GLY B 193 23.89 -3.75 -22.85
N ASP B 194 24.59 -4.67 -23.50
CA ASP B 194 25.62 -4.38 -24.48
C ASP B 194 25.02 -3.83 -25.80
N VAL B 195 23.68 -3.74 -25.89
CA VAL B 195 23.06 -3.24 -27.12
C VAL B 195 23.43 -1.80 -27.48
N PHE B 196 23.56 -0.93 -26.49
CA PHE B 196 23.86 0.48 -26.76
C PHE B 196 25.27 0.68 -27.38
N PRO B 197 26.31 0.08 -26.77
CA PRO B 197 27.64 0.28 -27.39
C PRO B 197 27.76 -0.42 -28.75
N ALA B 198 27.20 -1.62 -28.89
CA ALA B 198 27.29 -2.32 -30.18
C ALA B 198 26.52 -1.55 -31.27
N LEU B 199 25.42 -0.90 -30.88
CA LEU B 199 24.64 -0.12 -31.83
C LEU B 199 25.54 1.02 -32.32
N MET B 200 26.13 1.74 -31.37
CA MET B 200 26.98 2.84 -31.73
C MET B 200 28.25 2.38 -32.44
N ASN B 201 28.94 1.37 -31.90
CA ASN B 201 30.19 0.93 -32.50
C ASN B 201 30.10 0.36 -33.91
N SER B 202 29.08 -0.47 -34.16
CA SER B 202 28.96 -1.05 -35.49
C SER B 202 28.54 -0.01 -36.51
N GLY B 203 28.58 1.26 -36.09
CA GLY B 203 28.20 2.35 -36.98
C GLY B 203 26.70 2.39 -37.21
N LYS B 204 25.97 1.43 -36.65
CA LYS B 204 24.53 1.43 -36.83
C LYS B 204 23.90 2.72 -36.32
N LEU B 205 24.38 3.23 -35.18
CA LEU B 205 23.80 4.45 -34.63
C LEU B 205 24.09 5.66 -35.55
N ASP B 206 25.27 5.67 -36.18
CA ASP B 206 25.61 6.77 -37.06
C ASP B 206 24.67 6.83 -38.26
N THR B 207 24.44 5.69 -38.91
CA THR B 207 23.55 5.68 -40.07
C THR B 207 22.19 6.27 -39.64
N PHE B 208 21.69 5.79 -38.49
CA PHE B 208 20.37 6.23 -38.02
C PHE B 208 20.25 7.70 -37.80
N LEU B 209 21.32 8.29 -37.30
CA LEU B 209 21.32 9.72 -37.14
C LEU B 209 21.36 10.32 -38.54
N SER B 210 22.23 9.77 -39.39
CA SER B 210 22.35 10.34 -40.74
C SER B 210 20.99 10.35 -41.44
N GLN B 211 20.15 9.34 -41.18
CA GLN B 211 18.83 9.32 -41.79
C GLN B 211 17.83 10.26 -41.09
N GLY B 212 18.22 10.86 -39.98
CA GLY B 212 17.33 11.80 -39.29
C GLY B 212 16.42 11.19 -38.20
N LYS B 213 16.69 9.98 -37.76
CA LYS B 213 15.82 9.39 -36.72
C LYS B 213 16.13 9.93 -35.30
N GLU B 214 15.15 9.88 -34.40
CA GLU B 214 15.36 10.39 -33.03
C GLU B 214 15.43 9.38 -31.90
N TYR B 215 14.58 8.35 -32.00
CA TYR B 215 14.47 7.31 -30.98
C TYR B 215 14.51 5.90 -31.54
N VAL B 216 14.87 4.95 -30.69
CA VAL B 216 14.84 3.56 -31.07
C VAL B 216 13.93 2.89 -30.05
N PHE B 217 12.94 2.14 -30.53
CA PHE B 217 12.04 1.40 -29.64
C PHE B 217 12.70 0.01 -29.64
N VAL B 218 13.11 -0.44 -28.45
CA VAL B 218 13.81 -1.70 -28.26
C VAL B 218 12.98 -2.74 -27.51
N ALA B 219 12.98 -3.98 -28.00
CA ALA B 219 12.29 -5.06 -27.31
C ALA B 219 12.88 -6.42 -27.70
N ASN B 220 12.68 -7.43 -26.86
CA ASN B 220 13.15 -8.78 -27.17
C ASN B 220 12.38 -9.31 -28.40
N SER B 221 13.02 -10.18 -29.18
CA SER B 221 12.36 -10.75 -30.37
C SER B 221 11.25 -11.75 -30.01
N ASP B 222 11.24 -12.23 -28.77
CA ASP B 222 10.25 -13.23 -28.37
C ASP B 222 9.11 -12.68 -27.54
N ASN B 223 9.03 -11.35 -27.40
CA ASN B 223 7.94 -10.77 -26.64
C ASN B 223 6.81 -10.38 -27.63
N LEU B 224 5.68 -11.08 -27.50
CA LEU B 224 4.55 -10.84 -28.41
C LEU B 224 3.70 -9.59 -28.15
N GLY B 225 3.97 -8.88 -27.05
CA GLY B 225 3.23 -7.67 -26.73
C GLY B 225 3.91 -6.39 -27.22
N ALA B 226 4.99 -6.52 -28.01
CA ALA B 226 5.70 -5.33 -28.48
C ALA B 226 5.32 -4.87 -29.90
N ILE B 227 4.45 -3.88 -30.00
CA ILE B 227 4.09 -3.40 -31.31
C ILE B 227 4.19 -1.88 -31.27
N VAL B 228 4.55 -1.31 -32.41
CA VAL B 228 4.66 0.14 -32.46
C VAL B 228 3.43 0.85 -31.87
N ASP B 229 3.63 1.53 -30.74
CA ASP B 229 2.57 2.28 -30.05
C ASP B 229 2.91 3.77 -30.14
N LEU B 230 2.16 4.50 -30.96
CA LEU B 230 2.45 5.90 -31.15
C LEU B 230 1.99 6.81 -30.01
N THR B 231 1.25 6.25 -29.05
CA THR B 231 0.84 7.05 -27.92
C THR B 231 2.13 7.31 -27.10
N ILE B 232 2.93 6.27 -26.88
CA ILE B 232 4.20 6.43 -26.14
C ILE B 232 5.21 7.35 -26.83
N LEU B 233 5.52 7.06 -28.09
CA LEU B 233 6.49 7.84 -28.84
C LEU B 233 6.10 9.31 -28.81
N LYS B 234 4.84 9.62 -29.11
CA LYS B 234 4.36 10.99 -29.08
C LYS B 234 4.78 11.64 -27.75
N HIS B 235 4.39 11.04 -26.62
CA HIS B 235 4.71 11.64 -25.34
C HIS B 235 6.23 11.96 -25.25
N LEU B 236 7.06 11.06 -25.77
CA LEU B 236 8.52 11.24 -25.76
C LEU B 236 8.87 12.51 -26.49
N ILE B 237 8.29 12.70 -27.65
CA ILE B 237 8.56 13.89 -28.45
C ILE B 237 8.14 15.18 -27.74
N GLN B 238 6.92 15.17 -27.19
CA GLN B 238 6.42 16.36 -26.52
C GLN B 238 7.17 16.80 -25.25
N ASN B 239 7.83 15.84 -24.59
CA ASN B 239 8.56 16.09 -23.35
C ASN B 239 10.07 15.88 -23.40
N LYS B 240 10.59 15.52 -24.57
CA LYS B 240 12.01 15.31 -24.70
C LYS B 240 12.59 14.30 -23.68
N ASN B 241 11.80 13.33 -23.23
CA ASN B 241 12.34 12.33 -22.30
C ASN B 241 13.40 11.60 -23.09
N GLU B 242 14.62 11.45 -22.57
CA GLU B 242 15.65 10.74 -23.34
C GLU B 242 15.54 9.21 -23.31
N TYR B 243 14.77 8.70 -22.35
CA TYR B 243 14.65 7.25 -22.16
C TYR B 243 13.27 7.00 -21.55
N CYS B 244 12.53 6.07 -22.16
CA CYS B 244 11.22 5.73 -21.65
C CYS B 244 11.12 4.22 -21.67
N MET B 245 11.14 3.60 -20.49
CA MET B 245 11.02 2.16 -20.34
C MET B 245 9.56 1.81 -20.15
N GLU B 246 9.13 0.73 -20.81
CA GLU B 246 7.75 0.24 -20.60
C GLU B 246 7.77 -0.74 -19.40
N VAL B 247 6.97 -0.46 -18.35
CA VAL B 247 6.88 -1.33 -17.18
C VAL B 247 5.40 -1.68 -16.98
N THR B 248 5.11 -2.65 -16.11
CA THR B 248 3.71 -3.01 -15.88
C THR B 248 3.46 -3.41 -14.40
N PRO B 249 2.18 -3.44 -13.96
CA PRO B 249 1.94 -3.80 -12.56
C PRO B 249 2.41 -5.16 -12.10
N LYS B 250 2.56 -5.28 -10.80
CA LYS B 250 2.95 -6.57 -10.25
C LYS B 250 1.73 -7.35 -9.77
N THR B 251 1.39 -8.42 -10.49
CA THR B 251 0.30 -9.30 -10.05
C THR B 251 1.15 -10.25 -9.23
N LEU B 252 0.55 -11.05 -8.36
CA LEU B 252 1.35 -11.95 -7.52
C LEU B 252 2.34 -12.84 -8.25
N ALA B 253 2.24 -12.91 -9.57
CA ALA B 253 3.17 -13.73 -10.34
C ALA B 253 4.46 -13.00 -10.69
N ASP B 254 4.54 -11.71 -10.37
CA ASP B 254 5.71 -10.88 -10.73
C ASP B 254 6.57 -10.26 -9.62
N VAL B 255 6.75 -10.95 -8.50
CA VAL B 255 7.51 -10.35 -7.40
C VAL B 255 9.05 -10.22 -7.55
N LYS B 256 9.65 -11.08 -8.35
CA LYS B 256 11.11 -11.04 -8.55
C LYS B 256 11.58 -10.01 -9.60
N GLY B 257 10.65 -9.55 -10.45
CA GLY B 257 11.00 -8.59 -11.50
C GLY B 257 11.55 -7.25 -10.99
N GLY B 258 12.55 -6.71 -11.68
CA GLY B 258 13.15 -5.43 -11.30
C GLY B 258 12.17 -4.27 -11.47
N THR B 259 12.17 -3.35 -10.51
CA THR B 259 11.22 -2.26 -10.51
C THR B 259 11.86 -0.92 -10.78
N LEU B 260 11.04 0.11 -10.88
CA LEU B 260 11.52 1.46 -11.13
C LEU B 260 11.36 2.23 -9.85
N ILE B 261 12.45 2.86 -9.42
CA ILE B 261 12.41 3.66 -8.22
C ILE B 261 12.96 5.02 -8.55
N SER B 262 12.63 6.00 -7.72
CA SER B 262 13.21 7.33 -7.87
C SER B 262 14.16 7.30 -6.69
N TYR B 263 15.44 7.47 -7.01
CA TYR B 263 16.53 7.43 -6.05
C TYR B 263 17.40 8.61 -6.49
N GLU B 264 18.24 9.09 -5.58
CA GLU B 264 19.15 10.23 -5.79
C GLU B 264 18.67 11.20 -6.88
N GLY B 265 17.37 11.38 -6.92
CA GLY B 265 16.77 12.29 -7.90
C GLY B 265 16.74 11.76 -9.30
N LYS B 266 16.95 10.45 -9.44
CA LYS B 266 16.96 9.86 -10.77
C LYS B 266 16.26 8.51 -10.86
N VAL B 267 15.32 8.44 -11.80
CA VAL B 267 14.56 7.23 -12.07
C VAL B 267 15.58 6.13 -12.36
N GLN B 268 15.44 5.00 -11.67
CA GLN B 268 16.41 3.91 -11.79
C GLN B 268 15.74 2.56 -11.62
N LEU B 269 16.30 1.54 -12.25
CA LEU B 269 15.78 0.17 -12.12
C LEU B 269 16.48 -0.41 -10.91
N LEU B 270 15.82 -1.35 -10.23
CA LEU B 270 16.40 -2.05 -9.08
C LEU B 270 16.00 -3.52 -9.13
N GLU B 271 17.01 -4.40 -9.20
CA GLU B 271 16.81 -5.85 -9.21
C GLU B 271 16.93 -6.25 -7.74
N ILE B 272 16.06 -7.16 -7.32
CA ILE B 272 16.00 -7.61 -5.93
C ILE B 272 17.29 -8.20 -5.39
N ALA B 273 18.37 -8.13 -6.16
CA ALA B 273 19.68 -8.64 -5.73
C ALA B 273 20.60 -7.47 -5.34
N GLN B 274 20.17 -6.26 -5.69
CA GLN B 274 20.92 -5.05 -5.35
C GLN B 274 20.45 -4.66 -3.96
N VAL B 275 19.45 -5.39 -3.48
CA VAL B 275 18.85 -5.18 -2.17
C VAL B 275 19.38 -6.20 -1.15
N PRO B 276 19.57 -5.78 0.11
CA PRO B 276 20.06 -6.70 1.15
C PRO B 276 18.97 -7.73 1.52
N ASP B 277 19.36 -8.88 2.04
CA ASP B 277 18.38 -9.92 2.39
C ASP B 277 17.27 -9.41 3.25
N GLU B 278 17.65 -8.55 4.20
CA GLU B 278 16.75 -7.94 5.16
C GLU B 278 15.53 -7.22 4.56
N HIS B 279 15.69 -6.73 3.33
CA HIS B 279 14.62 -6.01 2.64
C HIS B 279 14.05 -6.77 1.43
N VAL B 280 14.50 -8.01 1.24
CA VAL B 280 14.04 -8.86 0.12
C VAL B 280 12.53 -9.10 0.06
N ASN B 281 11.99 -9.70 1.12
CA ASN B 281 10.56 -9.99 1.20
C ASN B 281 9.80 -8.71 0.81
N GLU B 282 10.29 -7.59 1.34
CA GLU B 282 9.75 -6.27 1.12
C GLU B 282 9.74 -5.85 -0.35
N PHE B 283 10.86 -6.05 -1.02
CA PHE B 283 11.00 -5.70 -2.41
C PHE B 283 9.88 -6.45 -3.15
N LYS B 284 9.55 -7.64 -2.67
CA LYS B 284 8.52 -8.47 -3.30
C LYS B 284 7.05 -8.16 -3.01
N SER B 285 6.80 -7.05 -2.33
CA SER B 285 5.42 -6.67 -2.04
C SER B 285 4.86 -5.83 -3.18
N ILE B 286 3.87 -6.38 -3.89
CA ILE B 286 3.27 -5.65 -5.01
C ILE B 286 2.52 -4.44 -4.48
N GLU B 287 2.36 -4.40 -3.16
CA GLU B 287 1.74 -3.26 -2.51
C GLU B 287 2.84 -2.21 -2.29
N LYS B 288 4.10 -2.64 -2.31
CA LYS B 288 5.23 -1.72 -2.08
C LYS B 288 5.85 -1.26 -3.41
N PHE B 289 6.38 -2.24 -4.13
CA PHE B 289 7.00 -2.02 -5.45
C PHE B 289 5.98 -2.64 -6.40
N LYS B 290 5.22 -1.76 -7.04
CA LYS B 290 4.11 -2.18 -7.90
C LYS B 290 4.43 -2.62 -9.31
N ILE B 291 5.63 -2.27 -9.78
CA ILE B 291 6.07 -2.53 -11.15
C ILE B 291 7.36 -3.37 -11.34
N PHE B 292 7.64 -3.65 -12.62
CA PHE B 292 8.81 -4.39 -13.09
C PHE B 292 9.00 -4.08 -14.59
N ASN B 293 10.22 -4.30 -15.11
CA ASN B 293 10.55 -4.00 -16.52
C ASN B 293 10.07 -5.07 -17.52
N THR B 294 9.52 -4.61 -18.64
CA THR B 294 9.04 -5.48 -19.72
C THR B 294 10.10 -5.60 -20.82
N ASN B 295 11.16 -4.80 -20.67
CA ASN B 295 12.23 -4.70 -21.68
C ASN B 295 11.72 -4.04 -22.99
N ASN B 296 10.64 -3.26 -22.90
CA ASN B 296 10.16 -2.49 -24.07
C ASN B 296 10.73 -1.10 -23.67
N LEU B 297 11.91 -0.81 -24.20
CA LEU B 297 12.66 0.39 -23.88
C LEU B 297 12.72 1.44 -25.00
N TRP B 298 12.40 2.69 -24.65
CA TRP B 298 12.40 3.77 -25.65
C TRP B 298 13.50 4.72 -25.23
N VAL B 299 14.34 5.09 -26.20
CA VAL B 299 15.45 5.92 -25.85
C VAL B 299 15.88 6.81 -27.00
N ASN B 300 16.47 7.95 -26.62
CA ASN B 300 16.98 8.94 -27.57
C ASN B 300 18.33 8.48 -28.13
N LEU B 301 18.42 8.42 -29.47
CA LEU B 301 19.63 7.95 -30.18
C LEU B 301 20.88 8.81 -30.00
N LYS B 302 20.72 10.13 -30.01
CA LYS B 302 21.88 11.00 -29.81
C LYS B 302 22.40 10.78 -28.38
N ALA B 303 21.50 10.72 -27.40
CA ALA B 303 21.93 10.51 -26.01
C ALA B 303 22.66 9.17 -25.77
N ILE B 304 22.43 8.14 -26.59
CA ILE B 304 23.11 6.87 -26.42
C ILE B 304 24.55 6.97 -26.97
N LYS B 305 24.73 7.69 -28.07
CA LYS B 305 26.10 7.85 -28.64
C LYS B 305 27.04 8.64 -27.71
N LYS B 306 26.51 9.64 -27.03
CA LYS B 306 27.34 10.45 -26.11
C LYS B 306 27.77 9.56 -24.93
N LEU B 307 26.81 8.81 -24.39
CA LEU B 307 27.09 7.96 -23.25
C LEU B 307 28.02 6.84 -23.71
N VAL B 308 27.78 6.26 -24.88
CA VAL B 308 28.70 5.23 -25.35
C VAL B 308 30.06 5.94 -25.60
N GLU B 309 30.04 7.04 -26.35
CA GLU B 309 31.28 7.75 -26.67
C GLU B 309 31.99 8.42 -25.47
N ALA B 310 31.26 8.66 -24.38
CA ALA B 310 31.89 9.28 -23.22
C ALA B 310 32.05 8.33 -22.03
N ASP B 311 31.82 7.04 -22.28
CA ASP B 311 31.96 6.02 -21.24
C ASP B 311 31.15 6.39 -20.02
N ALA B 312 29.89 6.76 -20.26
CA ALA B 312 29.02 7.17 -19.18
C ALA B 312 28.10 6.07 -18.67
N LEU B 313 27.98 4.96 -19.41
CA LEU B 313 27.11 3.86 -19.00
C LEU B 313 27.80 2.76 -18.17
N LYS B 314 27.65 2.80 -16.86
CA LYS B 314 28.28 1.79 -16.01
C LYS B 314 27.19 0.99 -15.29
N MET B 315 26.52 0.11 -16.03
CA MET B 315 25.45 -0.69 -15.46
C MET B 315 25.93 -1.71 -14.47
N GLU B 316 25.02 -2.06 -13.56
CA GLU B 316 25.29 -3.07 -12.54
C GLU B 316 25.84 -4.30 -13.21
N ILE B 317 26.85 -4.89 -12.59
CA ILE B 317 27.44 -6.08 -13.16
C ILE B 317 26.56 -7.28 -12.77
N ILE B 318 26.19 -8.06 -13.77
CA ILE B 318 25.38 -9.24 -13.51
C ILE B 318 26.27 -10.43 -13.73
N PRO B 319 26.71 -11.08 -12.65
CA PRO B 319 27.57 -12.25 -12.86
C PRO B 319 26.61 -13.31 -13.34
N ASN B 320 27.07 -14.15 -14.23
CA ASN B 320 26.22 -15.19 -14.79
C ASN B 320 27.11 -16.42 -15.02
N PRO B 321 27.72 -16.92 -13.94
CA PRO B 321 28.59 -18.10 -13.99
C PRO B 321 27.81 -19.30 -14.49
N LYS B 322 28.52 -20.27 -15.04
CA LYS B 322 27.91 -21.48 -15.55
C LYS B 322 29.02 -22.51 -15.73
N GLU B 323 28.67 -23.76 -16.00
CA GLU B 323 29.67 -24.79 -16.20
C GLU B 323 29.64 -25.29 -17.64
N VAL B 324 30.78 -25.18 -18.33
CA VAL B 324 30.87 -25.63 -19.71
C VAL B 324 31.98 -26.68 -19.82
N ASP B 325 31.70 -27.78 -20.51
CA ASP B 325 32.69 -28.85 -20.66
C ASP B 325 33.29 -29.25 -19.31
N GLY B 326 32.57 -28.96 -18.23
CA GLY B 326 33.04 -29.27 -16.89
C GLY B 326 33.94 -28.21 -16.27
N VAL B 327 33.90 -27.00 -16.86
CA VAL B 327 34.71 -25.90 -16.36
C VAL B 327 33.87 -24.70 -15.92
N LYS B 328 33.95 -24.37 -14.64
CA LYS B 328 33.20 -23.25 -14.12
C LYS B 328 33.75 -21.98 -14.75
N VAL B 329 32.88 -21.23 -15.41
CA VAL B 329 33.28 -19.98 -16.03
C VAL B 329 32.45 -18.85 -15.48
N LEU B 330 32.97 -17.64 -15.63
CA LEU B 330 32.29 -16.46 -15.14
C LEU B 330 31.88 -15.51 -16.26
N GLN B 331 30.58 -15.46 -16.52
CA GLN B 331 30.04 -14.55 -17.54
C GLN B 331 29.58 -13.32 -16.79
N LEU B 332 30.08 -12.16 -17.21
CA LEU B 332 29.70 -10.89 -16.61
C LEU B 332 28.77 -10.37 -17.69
N GLU B 333 27.71 -9.66 -17.27
CA GLU B 333 26.74 -9.13 -18.22
C GLU B 333 25.99 -7.97 -17.58
N THR B 334 25.47 -7.05 -18.39
CA THR B 334 24.65 -5.97 -17.83
C THR B 334 23.41 -5.98 -18.69
N ALA B 335 22.27 -5.64 -18.10
CA ALA B 335 21.02 -5.64 -18.83
C ALA B 335 20.86 -4.25 -19.45
N ALA B 336 20.10 -4.17 -20.54
CA ALA B 336 19.91 -2.86 -21.13
C ALA B 336 19.05 -2.05 -20.14
N GLY B 337 18.05 -2.70 -19.54
CA GLY B 337 17.20 -2.00 -18.59
C GLY B 337 17.91 -1.17 -17.54
N ALA B 338 19.05 -1.65 -17.08
CA ALA B 338 19.82 -0.96 -16.04
C ALA B 338 20.55 0.31 -16.47
N ALA B 339 20.73 0.53 -17.78
CA ALA B 339 21.43 1.73 -18.22
C ALA B 339 20.59 2.98 -18.02
N ILE B 340 19.36 2.81 -17.55
CA ILE B 340 18.44 3.92 -17.36
C ILE B 340 18.88 5.10 -16.50
N ARG B 341 19.46 4.82 -15.35
CA ARG B 341 19.91 5.90 -14.43
C ARG B 341 21.09 6.67 -15.00
N PHE B 342 21.36 6.48 -16.28
CA PHE B 342 22.48 7.17 -16.91
C PHE B 342 22.03 8.23 -17.91
N PHE B 343 20.81 8.10 -18.41
CA PHE B 343 20.30 9.08 -19.38
C PHE B 343 19.64 10.22 -18.64
N ASP B 344 19.37 11.31 -19.35
CA ASP B 344 18.73 12.46 -18.72
C ASP B 344 17.24 12.48 -18.94
N ASN B 345 16.52 13.08 -18.00
CA ASN B 345 15.07 13.16 -18.14
C ASN B 345 14.43 11.83 -18.55
N ALA B 346 14.44 10.87 -17.64
CA ALA B 346 13.86 9.56 -17.94
C ALA B 346 12.54 9.28 -17.20
N ILE B 347 11.68 8.48 -17.83
CA ILE B 347 10.42 8.09 -17.22
C ILE B 347 10.17 6.63 -17.49
N GLY B 348 9.16 6.13 -16.78
CA GLY B 348 8.69 4.80 -17.01
C GLY B 348 7.24 5.03 -17.42
N VAL B 349 6.67 4.19 -18.27
CA VAL B 349 5.25 4.33 -18.58
C VAL B 349 4.63 3.04 -18.04
N ASN B 350 3.54 3.18 -17.30
CA ASN B 350 2.90 1.98 -16.72
C ASN B 350 1.82 1.54 -17.70
N VAL B 351 2.09 0.39 -18.33
CA VAL B 351 1.20 -0.15 -19.35
C VAL B 351 0.41 -1.40 -18.95
N PRO B 352 -0.70 -1.63 -19.65
CA PRO B 352 -1.55 -2.81 -19.41
C PRO B 352 -0.61 -3.99 -19.51
N ARG B 353 -0.93 -5.11 -18.88
CA ARG B 353 -0.03 -6.24 -18.98
C ARG B 353 0.07 -6.78 -20.40
N SER B 354 -0.90 -6.45 -21.27
CA SER B 354 -0.84 -6.95 -22.64
C SER B 354 0.43 -6.57 -23.38
N ARG B 355 1.07 -5.48 -22.98
CA ARG B 355 2.32 -5.13 -23.67
C ARG B 355 3.38 -6.15 -23.31
N PHE B 356 3.04 -7.11 -22.45
CA PHE B 356 4.01 -8.15 -22.05
C PHE B 356 3.46 -9.57 -22.29
N LEU B 357 3.73 -10.10 -23.49
CA LEU B 357 3.31 -11.45 -23.91
C LEU B 357 4.53 -12.16 -24.55
N PRO B 358 5.66 -12.23 -23.81
CA PRO B 358 6.84 -12.90 -24.37
C PRO B 358 6.77 -14.45 -24.33
N VAL B 359 7.39 -15.11 -25.31
CA VAL B 359 7.43 -16.56 -25.28
C VAL B 359 8.63 -16.98 -24.42
N LYS B 360 8.33 -17.65 -23.32
CA LYS B 360 9.38 -18.10 -22.41
C LYS B 360 9.56 -19.63 -22.42
N ALA B 361 8.62 -20.34 -23.05
CA ALA B 361 8.71 -21.80 -23.10
C ALA B 361 7.47 -22.40 -23.81
N SER B 362 7.17 -23.66 -23.56
CA SER B 362 6.02 -24.30 -24.20
C SER B 362 4.73 -23.78 -23.62
N SER B 363 4.75 -23.52 -22.31
CA SER B 363 3.59 -22.98 -21.64
C SER B 363 3.09 -21.72 -22.35
N ASP B 364 4.01 -20.82 -22.71
CA ASP B 364 3.55 -19.61 -23.41
C ASP B 364 3.12 -19.99 -24.85
N LEU B 365 3.84 -20.92 -25.46
CA LEU B 365 3.48 -21.43 -26.78
C LEU B 365 2.06 -21.95 -26.82
N LEU B 366 1.73 -22.83 -25.87
CA LEU B 366 0.38 -23.39 -25.78
C LEU B 366 -0.63 -22.24 -25.71
N LEU B 367 -0.31 -21.18 -24.98
CA LEU B 367 -1.23 -20.05 -24.87
C LEU B 367 -1.58 -19.40 -26.21
N VAL B 368 -0.57 -19.21 -27.06
CA VAL B 368 -0.80 -18.49 -28.30
C VAL B 368 -1.19 -19.28 -29.55
N GLN B 369 -0.89 -20.57 -29.57
CA GLN B 369 -1.26 -21.40 -30.73
C GLN B 369 -2.69 -21.88 -30.56
N SER B 370 -3.33 -21.49 -29.46
CA SER B 370 -4.72 -21.91 -29.20
C SER B 370 -5.70 -20.82 -29.63
N ASP B 371 -7.00 -21.16 -29.61
CA ASP B 371 -8.07 -20.23 -29.99
C ASP B 371 -8.06 -18.99 -29.10
N LEU B 372 -7.24 -19.02 -28.06
CA LEU B 372 -7.11 -17.90 -27.16
C LEU B 372 -6.46 -16.74 -27.98
N TYR B 373 -5.95 -17.02 -29.17
CA TYR B 373 -5.33 -15.99 -30.03
C TYR B 373 -5.53 -16.21 -31.55
N THR B 374 -5.49 -15.13 -32.32
CA THR B 374 -5.57 -15.22 -33.78
C THR B 374 -4.38 -14.44 -34.32
N LEU B 375 -4.24 -14.43 -35.63
CA LEU B 375 -3.16 -13.73 -36.31
C LEU B 375 -3.79 -12.66 -37.23
N VAL B 376 -3.79 -11.42 -36.79
CA VAL B 376 -4.34 -10.35 -37.63
C VAL B 376 -3.22 -9.60 -38.31
N ASP B 377 -3.06 -9.86 -39.60
CA ASP B 377 -2.02 -9.23 -40.40
C ASP B 377 -0.75 -9.00 -39.57
N GLY B 378 -0.12 -10.09 -39.16
CA GLY B 378 1.11 -9.98 -38.40
C GLY B 378 0.98 -9.71 -36.90
N PHE B 379 -0.25 -9.70 -36.40
CA PHE B 379 -0.48 -9.45 -34.97
C PHE B 379 -1.07 -10.65 -34.21
N VAL B 380 -0.41 -11.07 -33.15
CA VAL B 380 -0.95 -12.12 -32.29
C VAL B 380 -1.89 -11.26 -31.44
N THR B 381 -3.19 -11.35 -31.70
CA THR B 381 -4.17 -10.52 -30.99
C THR B 381 -5.11 -11.40 -30.21
N ARG B 382 -5.22 -11.13 -28.92
CA ARG B 382 -6.05 -11.91 -28.01
C ARG B 382 -7.48 -12.08 -28.54
N ASN B 383 -8.09 -13.20 -28.17
CA ASN B 383 -9.45 -13.53 -28.62
C ASN B 383 -10.48 -12.57 -28.04
N LYS B 384 -11.25 -11.91 -28.92
CA LYS B 384 -12.29 -10.97 -28.47
C LYS B 384 -13.32 -11.69 -27.56
N ALA B 385 -13.53 -12.97 -27.78
CA ALA B 385 -14.46 -13.68 -26.89
C ALA B 385 -13.83 -13.71 -25.49
N ARG B 386 -12.50 -13.59 -25.43
CA ARG B 386 -11.85 -13.61 -24.11
C ARG B 386 -11.87 -12.20 -23.50
N THR B 387 -12.96 -11.95 -22.79
CA THR B 387 -13.23 -10.67 -22.16
C THR B 387 -12.55 -10.50 -20.80
N ASN B 388 -12.08 -11.62 -20.23
CA ASN B 388 -11.32 -11.55 -18.98
C ASN B 388 -9.97 -11.12 -19.58
N PRO B 389 -9.36 -10.05 -19.07
CA PRO B 389 -8.08 -9.60 -19.63
C PRO B 389 -6.85 -10.42 -19.20
N SER B 390 -7.04 -11.34 -18.27
CA SER B 390 -5.94 -12.17 -17.80
C SER B 390 -5.92 -13.43 -18.64
N ASN B 391 -4.73 -13.92 -18.97
CA ASN B 391 -4.65 -15.19 -19.71
C ASN B 391 -4.76 -16.33 -18.68
N PRO B 392 -5.13 -17.52 -19.14
CA PRO B 392 -5.21 -18.60 -18.15
C PRO B 392 -3.85 -18.99 -17.56
N SER B 393 -3.87 -19.62 -16.39
CA SER B 393 -2.65 -20.09 -15.72
C SER B 393 -2.30 -21.44 -16.35
N ILE B 394 -1.04 -21.60 -16.78
CA ILE B 394 -0.59 -22.86 -17.39
C ILE B 394 0.73 -23.29 -16.77
N GLU B 395 0.79 -24.48 -16.21
CA GLU B 395 2.06 -24.96 -15.65
C GLU B 395 2.36 -26.36 -16.22
N LEU B 396 3.43 -26.49 -17.00
CA LEU B 396 3.78 -27.76 -17.64
C LEU B 396 5.09 -28.39 -17.15
N GLY B 397 5.04 -29.64 -16.71
CA GLY B 397 6.25 -30.30 -16.25
C GLY B 397 7.25 -30.56 -17.36
N PRO B 398 8.32 -31.33 -17.07
CA PRO B 398 9.40 -31.67 -18.01
C PRO B 398 9.00 -32.33 -19.31
N GLU B 399 7.96 -33.15 -19.28
CA GLU B 399 7.45 -33.84 -20.49
C GLU B 399 7.16 -32.96 -21.70
N PHE B 400 6.85 -31.68 -21.43
CA PHE B 400 6.54 -30.71 -22.50
C PHE B 400 7.65 -29.70 -22.76
N LYS B 401 8.86 -29.97 -22.25
CA LYS B 401 10.01 -29.06 -22.41
C LYS B 401 10.28 -28.50 -23.79
N LYS B 402 10.88 -29.32 -24.66
CA LYS B 402 11.22 -28.91 -26.01
C LYS B 402 9.96 -28.86 -26.85
N VAL B 403 9.87 -27.86 -27.71
CA VAL B 403 8.68 -27.71 -28.54
C VAL B 403 8.39 -28.99 -29.31
N ALA B 404 9.43 -29.81 -29.53
CA ALA B 404 9.24 -31.07 -30.25
C ALA B 404 8.42 -32.05 -29.41
N THR B 405 8.54 -31.95 -28.09
CA THR B 405 7.81 -32.89 -27.23
C THR B 405 6.48 -32.30 -26.82
N PHE B 406 6.49 -31.00 -26.54
CA PHE B 406 5.24 -30.29 -26.22
C PHE B 406 4.31 -30.48 -27.44
N LEU B 407 4.83 -30.21 -28.63
CA LEU B 407 3.98 -30.34 -29.80
C LEU B 407 3.58 -31.77 -30.16
N SER B 408 4.51 -32.72 -30.17
CA SER B 408 4.03 -34.04 -30.59
C SER B 408 2.98 -34.60 -29.63
N ARG B 409 2.96 -34.10 -28.39
CA ARG B 409 2.00 -34.58 -27.40
C ARG B 409 0.60 -33.97 -27.55
N PHE B 410 0.49 -32.85 -28.26
CA PHE B 410 -0.84 -32.26 -28.49
C PHE B 410 -1.24 -32.57 -29.91
N LYS B 411 -2.08 -33.59 -30.10
CA LYS B 411 -2.52 -33.93 -31.44
C LYS B 411 -2.91 -32.56 -31.95
N SER B 412 -3.95 -31.95 -31.37
CA SER B 412 -4.27 -30.57 -31.75
C SER B 412 -4.18 -29.72 -30.46
N ILE B 413 -4.01 -28.41 -30.59
CA ILE B 413 -3.96 -27.54 -29.40
C ILE B 413 -5.40 -27.37 -28.88
N PRO B 414 -5.69 -27.88 -27.67
CA PRO B 414 -7.04 -27.76 -27.12
C PRO B 414 -7.51 -26.33 -26.98
N SER B 415 -8.82 -26.15 -27.00
CA SER B 415 -9.42 -24.83 -26.81
C SER B 415 -9.16 -24.50 -25.33
N ILE B 416 -8.74 -23.26 -25.06
CA ILE B 416 -8.45 -22.82 -23.69
C ILE B 416 -9.11 -21.47 -23.45
N VAL B 417 -9.73 -20.93 -24.49
CA VAL B 417 -10.42 -19.65 -24.43
C VAL B 417 -11.40 -19.59 -23.23
N GLU B 418 -11.85 -20.75 -22.74
CA GLU B 418 -12.74 -20.80 -21.60
C GLU B 418 -11.99 -21.28 -20.37
N LEU B 419 -10.66 -21.39 -20.48
CA LEU B 419 -9.85 -21.85 -19.36
C LEU B 419 -9.48 -20.77 -18.34
N ASP B 420 -9.10 -21.20 -17.15
CA ASP B 420 -8.64 -20.29 -16.11
C ASP B 420 -7.29 -20.77 -15.56
N SER B 421 -7.13 -22.09 -15.40
CA SER B 421 -5.88 -22.63 -14.91
C SER B 421 -5.70 -24.11 -15.23
N LEU B 422 -4.50 -24.46 -15.72
CA LEU B 422 -4.13 -25.83 -16.05
C LEU B 422 -2.72 -26.15 -15.56
N LYS B 423 -2.46 -27.44 -15.34
CA LYS B 423 -1.13 -27.89 -14.92
C LYS B 423 -0.95 -29.31 -15.44
N VAL B 424 0.18 -29.60 -16.09
CA VAL B 424 0.39 -30.95 -16.62
C VAL B 424 1.77 -31.50 -16.23
N SER B 425 1.76 -32.71 -15.67
CA SER B 425 2.98 -33.37 -15.25
C SER B 425 2.91 -34.86 -15.60
N GLY B 426 4.07 -35.49 -15.66
CA GLY B 426 4.12 -36.88 -16.03
C GLY B 426 3.98 -37.03 -17.54
N ASP B 427 4.25 -38.24 -18.01
CA ASP B 427 4.18 -38.61 -19.42
C ASP B 427 2.71 -38.58 -19.77
N VAL B 428 2.29 -37.45 -20.37
CA VAL B 428 0.91 -37.19 -20.74
C VAL B 428 0.73 -36.81 -22.23
N TRP B 429 -0.33 -37.36 -22.83
CA TRP B 429 -0.70 -37.16 -24.23
C TRP B 429 -2.15 -36.64 -24.40
N PHE B 430 -2.33 -35.64 -25.26
CA PHE B 430 -3.65 -35.06 -25.53
C PHE B 430 -4.13 -35.41 -26.94
N GLY B 431 -5.33 -35.97 -27.04
CA GLY B 431 -5.92 -36.25 -28.33
C GLY B 431 -6.33 -34.91 -28.93
N SER B 432 -7.11 -34.93 -30.02
CA SER B 432 -7.55 -33.70 -30.65
C SER B 432 -8.94 -33.28 -30.19
N SER B 433 -9.20 -31.98 -30.29
CA SER B 433 -10.51 -31.42 -29.94
C SER B 433 -10.91 -31.42 -28.49
N ILE B 434 -9.96 -31.29 -27.57
CA ILE B 434 -10.27 -31.28 -26.14
C ILE B 434 -10.60 -29.86 -25.64
N VAL B 435 -11.45 -29.74 -24.61
CA VAL B 435 -11.83 -28.45 -24.03
C VAL B 435 -11.65 -28.42 -22.50
N LEU B 436 -10.73 -27.58 -22.02
CA LEU B 436 -10.43 -27.39 -20.59
C LEU B 436 -11.16 -26.18 -19.99
N LYS B 437 -11.82 -26.41 -18.85
CA LYS B 437 -12.60 -25.40 -18.16
C LYS B 437 -12.21 -25.22 -16.67
N GLY B 438 -12.11 -23.97 -16.23
CA GLY B 438 -11.78 -23.68 -14.84
C GLY B 438 -10.45 -24.23 -14.39
N LYS B 439 -10.33 -24.56 -13.10
CA LYS B 439 -9.08 -25.09 -12.59
C LYS B 439 -8.99 -26.57 -12.99
N VAL B 440 -7.88 -26.91 -13.63
CA VAL B 440 -7.67 -28.27 -14.13
C VAL B 440 -6.25 -28.76 -13.99
N THR B 441 -6.12 -30.01 -13.59
CA THR B 441 -4.79 -30.62 -13.52
C THR B 441 -4.87 -31.92 -14.31
N VAL B 442 -3.72 -32.41 -14.74
CA VAL B 442 -3.62 -33.69 -15.48
C VAL B 442 -2.25 -34.26 -15.24
N ALA B 443 -2.16 -35.21 -14.30
CA ALA B 443 -0.86 -35.76 -13.97
C ALA B 443 -0.82 -37.27 -13.84
N ALA B 444 0.07 -37.85 -14.62
CA ALA B 444 0.26 -39.30 -14.67
C ALA B 444 1.35 -39.72 -13.67
N LYS B 445 0.96 -40.50 -12.66
CA LYS B 445 1.91 -40.95 -11.64
C LYS B 445 3.15 -41.61 -12.25
N SER B 446 4.19 -41.67 -11.44
CA SER B 446 5.45 -42.28 -11.84
C SER B 446 5.14 -43.62 -12.52
N GLY B 447 5.57 -43.79 -13.76
CA GLY B 447 5.33 -45.02 -14.48
C GLY B 447 4.02 -45.11 -15.27
N VAL B 448 3.13 -44.14 -15.09
CA VAL B 448 1.85 -44.14 -15.78
C VAL B 448 1.84 -43.31 -17.06
N LYS B 449 1.29 -43.88 -18.13
CA LYS B 449 1.14 -43.15 -19.38
C LYS B 449 -0.34 -42.78 -19.40
N LEU B 450 -0.64 -41.49 -19.54
CA LEU B 450 -2.02 -41.04 -19.54
C LEU B 450 -2.40 -40.28 -20.83
N GLU B 451 -3.44 -40.76 -21.50
CA GLU B 451 -3.89 -40.13 -22.74
C GLU B 451 -5.30 -39.54 -22.63
N ILE B 452 -5.44 -38.27 -22.99
CA ILE B 452 -6.74 -37.62 -22.94
C ILE B 452 -7.38 -37.87 -24.32
N PRO B 453 -8.56 -38.52 -24.34
CA PRO B 453 -9.26 -38.83 -25.59
C PRO B 453 -9.69 -37.68 -26.47
N ASP B 454 -9.74 -37.93 -27.78
CA ASP B 454 -10.18 -36.90 -28.71
C ASP B 454 -11.53 -36.39 -28.28
N ARG B 455 -11.74 -35.09 -28.50
CA ARG B 455 -12.98 -34.40 -28.18
C ARG B 455 -13.35 -34.43 -26.70
N ALA B 456 -12.41 -34.82 -25.86
CA ALA B 456 -12.71 -34.84 -24.44
C ALA B 456 -13.01 -33.39 -24.02
N VAL B 457 -13.84 -33.21 -23.00
CA VAL B 457 -14.14 -31.88 -22.47
C VAL B 457 -13.82 -31.97 -20.96
N VAL B 458 -12.72 -31.35 -20.54
CA VAL B 458 -12.30 -31.40 -19.12
C VAL B 458 -12.62 -30.07 -18.43
N GLU B 459 -13.49 -30.15 -17.43
CA GLU B 459 -13.95 -28.96 -16.73
C GLU B 459 -13.84 -29.04 -15.21
N ASN B 460 -13.06 -28.14 -14.62
CA ASN B 460 -12.91 -28.10 -13.16
C ASN B 460 -12.71 -29.48 -12.57
N LYS B 461 -11.50 -29.98 -12.63
CA LYS B 461 -11.22 -31.32 -12.11
C LYS B 461 -9.75 -31.50 -11.72
N ASN B 462 -9.48 -32.47 -10.84
CA ASN B 462 -8.11 -32.76 -10.40
C ASN B 462 -7.80 -34.20 -10.74
N ILE B 463 -7.63 -34.45 -12.03
CA ILE B 463 -7.36 -35.78 -12.55
C ILE B 463 -6.02 -36.39 -12.14
N ASN B 464 -6.06 -37.55 -11.49
CA ASN B 464 -4.85 -38.23 -11.03
C ASN B 464 -4.50 -39.56 -11.66
N GLY B 465 -5.25 -39.96 -12.68
CA GLY B 465 -4.97 -41.23 -13.34
C GLY B 465 -6.08 -41.64 -14.29
N PRO B 466 -5.87 -42.67 -15.13
CA PRO B 466 -6.86 -43.14 -16.10
C PRO B 466 -8.20 -43.38 -15.43
N GLU B 467 -8.13 -43.62 -14.12
CA GLU B 467 -9.30 -43.84 -13.29
C GLU B 467 -10.27 -42.67 -13.47
N ASP B 468 -9.71 -41.48 -13.69
CA ASP B 468 -10.48 -40.26 -13.89
C ASP B 468 -10.83 -39.97 -15.37
#